data_7WJZ
#
_entry.id   7WJZ
#
_cell.length_a   1.00
_cell.length_b   1.00
_cell.length_c   1.00
_cell.angle_alpha   90.00
_cell.angle_beta   90.00
_cell.angle_gamma   90.00
#
_symmetry.space_group_name_H-M   'P 1'
#
loop_
_entity.id
_entity.type
_entity.pdbx_description
1 polymer 'Spike glycoprotein'
2 polymer '6m6 heavy chain'
3 polymer '6m6 light chain'
4 non-polymer 2-acetamido-2-deoxy-beta-D-glucopyranose
#
loop_
_entity_poly.entity_id
_entity_poly.type
_entity_poly.pdbx_seq_one_letter_code
_entity_poly.pdbx_strand_id
1 'polypeptide(L)'
;MFVFLVLLPLVSSQCVNLTTRTQLPPAYTNSFTRGVYYPDKVFRSSVLHSTQDLFLPFFSNVTWFHVISGTNGTKRFDNP
VLPFNDGVYFASIEKSNIIRGWIFGTTLDSKTQSLLIVNNATNVVIKVCEFQFCNDPFLDHKNNKSWMESEFRVYSSANN
CTFEYVSQPFLMDLEGKQGNFKNLREFVFKNIDGYFKIYSKHTPIIVREPEDLPQGFSALEPLVDLPIGINITRFQTLLA
LHRSYLTPGDSSSGWTAGAAAYYVGYLQPRTFLLKYNENGTITDAVDCALDPLSETKCTLKSFTVEKGIYQTSNFRVQPT
ESIVRFPNITNLCPFDEVFNATRFASVYAWNRKRISNCVADYSVLYNLAPFFTFKCYGVSPTKLNDLCFTNVYADSFVIR
GDEVRQIAPGQTGNIADYNYKLPDDFTGCVIAWNSNKLDSKVSGNYNYLYRLFRKSNLKPFERDISTEIYQAGNKPCNGV
AGFNCYFPLRSYSFRPTYGVGHQPYRVVVLSFELLHAPATVCGPKKSTNLVKNKCVNFNFNGLKGTGVLTESNKKFLPFQ
QFGRDIADTTDAVRDPQTLEILDITPCSFGGVSVITPGTNTSNQVAVLYQGVNCTEVPVAIHADQLTPTWRVYSTGSNVF
QTRAGCLIGAEYVNNSYECDIPIGAGICASYQTQTKSHGSASSVASQSIIAYTMSLGAENSVAYSNNSIAIPTNFTISVT
TEILPVSMTKTSVDCTMYICGDSTECSNLLLQYGSFCTQLKRALTGIAVEQDKNTQEVFAQVKQIYKTPPIKYFGGFNFS
QILPDPSKPSKRSPIEDLLFNKVTLADAGFIKQYGDCLGDIAARDLICAQKFKGLTVLPPLLTDEMIAQYTSALLAGTIT
SGWTFGAGPALQIPFPMQMAYRFNGIGVTQNVLYENQKLIANQFNSAIGKIQDSLSSTPSALGKLQDVVNHNAQALNTLV
KQLSSKFGAISSVLNDIFSRLDPPEAEVQIDRLITGRLQSLQTYVTQQLIRAAEIRASANLAATKMSECVLGQSKRVDFC
GKGYHLMSFPQSAPHGVVFLHVTYVPAQEKNFTTAPAICHDGKAHFPREGVFVSNGTHWFVTQRNFYEPQIITTDNTFVS
GNCDVVIGIVNNTVYDPLQPELDSFKEELDKYFKNHTSPDVDLGDISGINASVVNIQKEIDRLNEVAKNLNESLIDLQEL
GKYEQGSGYIPEAPRDGQAYVRKDGEWVFLSTFLSGLEVLFQGPGGWSHPQFEKGGGSGGGSGGSAWSHPQFEKGGSHHH
HHHHH
;
B,I,J,K,L,M
2 'polypeptide(L)'
;EVQLVESGGGLVQPGRSLRLSCAASGFTFDDYAIHWVRQAPGKGLEWVSGITWNSGTIGYADSVKGRFTISRDNAKNSLY
LQMNSLRAEDTALYYCAKHHQIAVAGDAEDYYFDYWGQGTLVTVSSASTKGPSVFPLAPSSKSTSGGTAALGCLVKDYFP
EPVTVSWNSGALTSGVHTFPAVLQSSGLYSLSSVVTVPSSSLGTQTYICNVNHKPSNTKVDKKVEPK
;
A,D,E,F,G,H
3 'polypeptide(L)'
;SYELTQPPSVSVAPGQTARITCGGNNIGSKSVHWYQQKPGQAPVLVVYDDSDRPSGIPERFSGSNSGNTATLTISRVEAG
DEADYYCQVWDSRSDRVVFGGGTKLTALGQPKAAPSVTLFPPSSEELQANKATLVCLISDFYPGAVTVAWKADSSPVKAG
VETTTPSKQSNNKYAASSYLSLTPEQWKSHRSYSCQVTHEGSTVEKTVAPTECS
;
C,N,O,P,Q,R
#
loop_
_chem_comp.id
_chem_comp.type
_chem_comp.name
_chem_comp.formula
NAG D-saccharide, beta linking 2-acetamido-2-deoxy-beta-D-glucopyranose 'C8 H15 N O6'
#
# COMPACT_ATOMS: atom_id res chain seq x y z
N GLN A 14 -42.27 -51.92 17.42
CA GLN A 14 -42.89 -50.94 18.33
C GLN A 14 -42.96 -51.50 19.74
N CYS A 15 -43.07 -50.59 20.72
CA CYS A 15 -43.13 -51.00 22.12
C CYS A 15 -44.50 -51.62 22.43
N VAL A 16 -44.47 -52.81 23.02
CA VAL A 16 -45.69 -53.53 23.40
C VAL A 16 -45.60 -53.89 24.88
N ASN A 17 -46.74 -54.31 25.43
CA ASN A 17 -46.82 -54.69 26.84
C ASN A 17 -47.96 -55.69 26.99
N LEU A 18 -47.61 -56.92 27.35
CA LEU A 18 -48.62 -57.96 27.53
C LEU A 18 -49.43 -57.73 28.80
N THR A 19 -50.51 -58.49 28.95
CA THR A 19 -51.37 -58.39 30.10
C THR A 19 -50.82 -59.24 31.25
N THR A 20 -51.58 -59.35 32.33
CA THR A 20 -51.22 -60.12 33.52
C THR A 20 -49.89 -59.68 34.13
N ARG A 21 -49.44 -58.48 33.82
CA ARG A 21 -48.19 -57.94 34.37
C ARG A 21 -48.51 -57.04 35.56
N THR A 22 -48.94 -57.68 36.65
CA THR A 22 -49.41 -56.96 37.84
C THR A 22 -48.31 -56.14 38.49
N GLN A 23 -47.28 -56.81 39.03
CA GLN A 23 -46.23 -56.12 39.76
C GLN A 23 -45.11 -57.11 40.07
N LEU A 24 -43.87 -56.61 40.06
CA LEU A 24 -42.71 -57.40 40.44
C LEU A 24 -41.65 -56.46 40.98
N PRO A 25 -41.68 -56.15 42.27
CA PRO A 25 -40.67 -55.28 42.85
C PRO A 25 -39.35 -56.00 43.02
N PRO A 26 -38.22 -55.29 42.86
CA PRO A 26 -36.91 -55.93 43.08
C PRO A 26 -36.80 -56.61 44.43
N ALA A 27 -35.95 -57.64 44.50
CA ALA A 27 -35.74 -58.37 45.74
C ALA A 27 -34.23 -58.47 45.97
N TYR A 28 -33.86 -59.23 47.01
CA TYR A 28 -32.46 -59.38 47.35
C TYR A 28 -32.16 -60.80 47.83
N THR A 29 -30.97 -61.30 47.52
CA THR A 29 -30.55 -62.65 47.89
C THR A 29 -29.15 -62.58 48.49
N ASN A 30 -28.73 -63.71 49.06
CA ASN A 30 -27.42 -63.84 49.70
C ASN A 30 -26.56 -64.74 48.82
N SER A 31 -25.79 -64.12 47.93
CA SER A 31 -24.92 -64.89 47.05
C SER A 31 -23.77 -65.50 47.84
N PHE A 32 -23.56 -66.80 47.64
CA PHE A 32 -22.50 -67.52 48.35
C PHE A 32 -21.15 -67.27 47.67
N THR A 33 -20.16 -68.08 48.01
CA THR A 33 -18.82 -67.92 47.44
C THR A 33 -18.86 -68.35 45.97
N ARG A 34 -18.96 -67.36 45.08
CA ARG A 34 -19.05 -67.62 43.65
C ARG A 34 -18.85 -66.30 42.90
N GLY A 35 -18.11 -66.36 41.80
CA GLY A 35 -17.87 -65.17 41.01
C GLY A 35 -16.40 -64.81 40.86
N VAL A 36 -15.54 -65.81 40.98
CA VAL A 36 -14.10 -65.62 40.85
C VAL A 36 -13.68 -65.92 39.42
N TYR A 37 -12.98 -64.97 38.80
CA TYR A 37 -12.52 -65.10 37.43
C TYR A 37 -11.00 -65.02 37.38
N TYR A 38 -10.45 -65.51 36.28
CA TYR A 38 -9.00 -65.44 36.07
C TYR A 38 -8.60 -64.01 35.74
N PRO A 39 -7.79 -63.35 36.58
CA PRO A 39 -7.43 -61.96 36.32
C PRO A 39 -6.37 -61.78 35.25
N ASP A 40 -5.72 -62.84 34.79
CA ASP A 40 -4.66 -62.73 33.81
C ASP A 40 -4.48 -64.06 33.10
N LYS A 41 -3.80 -64.01 31.95
CA LYS A 41 -3.55 -65.19 31.14
C LYS A 41 -2.20 -65.80 31.51
N VAL A 42 -2.12 -66.27 32.75
CA VAL A 42 -0.89 -66.83 33.31
C VAL A 42 -1.20 -68.19 33.92
N PHE A 43 -0.40 -69.20 33.57
CA PHE A 43 -0.58 -70.53 34.11
C PHE A 43 0.13 -70.66 35.45
N ARG A 44 -0.55 -71.27 36.42
CA ARG A 44 0.01 -71.51 37.74
C ARG A 44 -0.39 -72.90 38.19
N SER A 45 0.58 -73.68 38.67
CA SER A 45 0.38 -75.08 39.02
C SER A 45 0.64 -75.28 40.51
N SER A 46 -0.40 -75.64 41.25
CA SER A 46 -0.30 -76.02 42.66
C SER A 46 0.36 -74.92 43.50
N VAL A 47 0.04 -73.67 43.18
CA VAL A 47 0.58 -72.52 43.90
C VAL A 47 -0.54 -71.52 44.15
N LEU A 48 -0.41 -70.76 45.24
CA LEU A 48 -1.35 -69.71 45.57
C LEU A 48 -0.90 -68.38 44.96
N HIS A 49 -1.84 -67.44 44.86
CA HIS A 49 -1.56 -66.16 44.25
C HIS A 49 -2.55 -65.13 44.77
N SER A 50 -2.05 -63.93 45.05
CA SER A 50 -2.87 -62.81 45.50
C SER A 50 -2.89 -61.74 44.42
N THR A 51 -4.08 -61.24 44.11
CA THR A 51 -4.23 -60.23 43.06
C THR A 51 -5.21 -59.15 43.54
N GLN A 52 -5.05 -57.96 42.99
CA GLN A 52 -5.90 -56.81 43.29
C GLN A 52 -6.62 -56.41 42.00
N ASP A 53 -7.89 -56.75 41.90
CA ASP A 53 -8.70 -56.42 40.73
C ASP A 53 -10.14 -56.19 41.19
N LEU A 54 -11.05 -56.08 40.23
CA LEU A 54 -12.46 -55.84 40.51
C LEU A 54 -13.18 -57.18 40.57
N PHE A 55 -13.26 -57.74 41.78
CA PHE A 55 -13.92 -59.01 42.02
C PHE A 55 -15.28 -58.79 42.65
N LEU A 56 -15.99 -59.90 42.90
CA LEU A 56 -17.29 -59.86 43.54
C LEU A 56 -17.14 -60.25 45.00
N PRO A 57 -17.53 -59.41 45.96
CA PRO A 57 -17.39 -59.78 47.37
C PRO A 57 -18.26 -60.98 47.73
N PHE A 58 -17.69 -61.88 48.52
CA PHE A 58 -18.43 -63.05 48.97
C PHE A 58 -19.45 -62.67 50.04
N PHE A 59 -20.57 -63.41 50.05
CA PHE A 59 -21.67 -63.16 50.98
C PHE A 59 -22.17 -61.72 50.86
N SER A 60 -22.28 -61.23 49.64
CA SER A 60 -22.72 -59.87 49.39
C SER A 60 -24.24 -59.86 49.19
N ASN A 61 -24.77 -58.72 48.77
CA ASN A 61 -26.21 -58.57 48.55
C ASN A 61 -26.48 -58.33 47.07
N VAL A 62 -26.85 -59.37 46.35
CA VAL A 62 -27.11 -59.30 44.91
C VAL A 62 -28.62 -59.23 44.69
N THR A 63 -29.02 -58.48 43.67
CA THR A 63 -30.44 -58.32 43.37
C THR A 63 -31.05 -59.64 42.93
N TRP A 64 -32.37 -59.72 43.03
CA TRP A 64 -33.10 -60.97 42.76
C TRP A 64 -34.20 -60.75 41.73
N PHE A 65 -33.86 -60.18 40.58
CA PHE A 65 -34.84 -59.99 39.51
C PHE A 65 -35.24 -61.35 38.95
N HIS A 66 -36.46 -61.79 39.28
CA HIS A 66 -36.98 -63.05 38.78
C HIS A 66 -37.66 -62.81 37.44
N VAL A 67 -37.25 -63.56 36.42
CA VAL A 67 -37.80 -63.39 35.06
C VAL A 67 -39.02 -64.31 34.99
N ILE A 68 -40.12 -63.82 35.57
CA ILE A 68 -41.43 -64.46 35.46
C ILE A 68 -42.45 -63.50 34.87
N ASP A 78 -40.42 -57.32 33.33
CA ASP A 78 -39.75 -56.21 34.02
C ASP A 78 -38.27 -56.28 33.67
N ASN A 79 -37.74 -55.20 33.11
CA ASN A 79 -36.31 -55.10 32.76
C ASN A 79 -35.84 -53.68 33.03
N PRO A 80 -35.57 -53.35 34.29
CA PRO A 80 -35.15 -51.98 34.61
C PRO A 80 -33.76 -51.67 34.05
N VAL A 81 -33.45 -50.38 34.01
CA VAL A 81 -32.16 -49.89 33.54
C VAL A 81 -31.26 -49.74 34.75
N LEU A 82 -30.40 -50.73 34.99
CA LEU A 82 -29.53 -50.64 36.15
C LEU A 82 -28.18 -50.04 35.76
N PRO A 83 -27.57 -49.26 36.66
CA PRO A 83 -26.29 -48.63 36.32
C PRO A 83 -25.15 -49.63 36.27
N PHE A 84 -24.10 -49.25 35.56
CA PHE A 84 -22.89 -50.06 35.40
C PHE A 84 -21.73 -49.29 36.01
N ASN A 85 -21.51 -49.49 37.30
CA ASN A 85 -20.46 -48.75 37.99
C ASN A 85 -19.08 -49.31 37.69
N ASP A 86 -18.86 -50.59 38.00
CA ASP A 86 -17.56 -51.21 37.75
C ASP A 86 -17.72 -52.54 37.02
N GLY A 87 -18.86 -53.19 37.21
CA GLY A 87 -19.10 -54.47 36.57
C GLY A 87 -20.30 -55.16 37.16
N VAL A 88 -20.75 -56.21 36.46
CA VAL A 88 -21.89 -57.01 36.88
C VAL A 88 -21.52 -58.47 36.77
N TYR A 89 -22.32 -59.32 37.43
CA TYR A 89 -22.13 -60.76 37.41
C TYR A 89 -23.12 -61.49 36.53
N PHE A 90 -24.40 -61.11 36.59
CA PHE A 90 -25.44 -61.63 35.70
C PHE A 90 -25.52 -63.15 35.74
N ALA A 91 -25.89 -63.66 36.91
CA ALA A 91 -26.14 -65.10 37.06
C ALA A 91 -27.55 -65.43 36.57
N SER A 92 -27.66 -66.49 35.79
CA SER A 92 -28.93 -66.88 35.19
C SER A 92 -29.14 -68.37 35.31
N ILE A 93 -30.36 -68.76 35.68
CA ILE A 93 -30.77 -70.16 35.78
C ILE A 93 -32.13 -70.30 35.13
N GLU A 94 -32.20 -71.05 34.04
CA GLU A 94 -33.44 -71.22 33.30
C GLU A 94 -33.40 -72.54 32.55
N LYS A 95 -34.55 -72.91 31.98
CA LYS A 95 -34.69 -74.12 31.18
C LYS A 95 -34.99 -73.80 29.72
N SER A 96 -34.62 -72.62 29.26
CA SER A 96 -34.87 -72.20 27.89
C SER A 96 -33.77 -71.25 27.46
N ASN A 97 -33.99 -70.54 26.36
CA ASN A 97 -33.05 -69.57 25.83
C ASN A 97 -33.71 -68.20 25.68
N ILE A 98 -34.46 -67.79 26.70
CA ILE A 98 -35.17 -66.52 26.63
C ILE A 98 -34.19 -65.35 26.78
N ILE A 99 -33.22 -65.48 27.66
CA ILE A 99 -32.20 -64.45 27.85
C ILE A 99 -31.10 -64.67 26.83
N ARG A 100 -31.08 -63.84 25.78
CA ARG A 100 -30.10 -64.00 24.71
C ARG A 100 -29.58 -62.66 24.22
N GLY A 101 -29.47 -61.66 25.10
CA GLY A 101 -28.98 -60.37 24.68
C GLY A 101 -28.71 -59.45 25.84
N TRP A 102 -27.87 -58.44 25.57
CA TRP A 102 -27.57 -57.39 26.53
C TRP A 102 -27.49 -56.07 25.77
N ILE A 103 -27.62 -54.97 26.51
CA ILE A 103 -27.55 -53.63 25.96
C ILE A 103 -26.67 -52.79 26.89
N PHE A 104 -25.62 -52.20 26.32
CA PHE A 104 -24.70 -51.35 27.07
C PHE A 104 -24.71 -49.94 26.46
N GLY A 105 -24.34 -48.98 27.28
CA GLY A 105 -24.27 -47.60 26.84
C GLY A 105 -24.34 -46.65 28.01
N THR A 106 -24.13 -45.37 27.70
CA THR A 106 -24.18 -44.31 28.69
C THR A 106 -25.50 -43.54 28.68
N THR A 107 -26.18 -43.46 27.54
CA THR A 107 -27.46 -42.79 27.43
C THR A 107 -28.57 -43.67 26.85
N LEU A 108 -28.22 -44.75 26.15
CA LEU A 108 -29.19 -45.67 25.57
C LEU A 108 -30.13 -44.95 24.59
N ASP A 109 -29.54 -44.11 23.75
CA ASP A 109 -30.29 -43.40 22.73
C ASP A 109 -29.33 -43.04 21.59
N SER A 110 -29.85 -42.31 20.61
CA SER A 110 -29.07 -41.95 19.43
C SER A 110 -28.17 -40.75 19.66
N LYS A 111 -28.13 -40.19 20.86
CA LYS A 111 -27.29 -39.04 21.12
C LYS A 111 -25.82 -39.44 21.27
N THR A 112 -25.56 -40.47 22.05
CA THR A 112 -24.21 -40.95 22.30
C THR A 112 -24.05 -42.39 21.78
N GLN A 113 -22.86 -42.94 21.96
CA GLN A 113 -22.56 -44.27 21.49
C GLN A 113 -23.27 -45.32 22.35
N SER A 114 -23.46 -46.50 21.78
CA SER A 114 -24.13 -47.60 22.47
C SER A 114 -23.46 -48.91 22.07
N LEU A 115 -23.97 -50.00 22.64
CA LEU A 115 -23.42 -51.32 22.38
C LEU A 115 -24.45 -52.37 22.75
N LEU A 116 -24.54 -53.43 21.94
CA LEU A 116 -25.45 -54.53 22.21
C LEU A 116 -24.76 -55.85 21.86
N ILE A 117 -25.11 -56.89 22.60
CA ILE A 117 -24.54 -58.23 22.42
C ILE A 117 -25.71 -59.18 22.23
N VAL A 118 -26.09 -59.42 20.97
CA VAL A 118 -27.20 -60.31 20.65
C VAL A 118 -26.66 -61.71 20.43
N ASN A 119 -27.29 -62.70 21.06
CA ASN A 119 -26.89 -64.10 20.98
C ASN A 119 -27.99 -64.87 20.25
N ASN A 120 -27.89 -64.93 18.93
CA ASN A 120 -28.83 -65.68 18.11
C ASN A 120 -28.67 -67.18 18.27
N ALA A 121 -29.68 -67.93 17.85
CA ALA A 121 -29.71 -69.37 18.06
C ALA A 121 -28.55 -70.11 17.39
N THR A 122 -27.78 -69.44 16.51
CA THR A 122 -26.66 -70.11 15.84
C THR A 122 -25.35 -69.34 15.89
N ASN A 123 -25.41 -68.07 16.30
CA ASN A 123 -24.21 -67.23 16.34
C ASN A 123 -24.40 -66.03 17.23
N VAL A 124 -23.32 -65.34 17.57
CA VAL A 124 -23.37 -64.14 18.40
C VAL A 124 -22.91 -62.95 17.56
N VAL A 125 -23.60 -61.83 17.69
CA VAL A 125 -23.25 -60.61 16.99
C VAL A 125 -23.09 -59.47 17.98
N ILE A 126 -22.18 -58.55 17.66
CA ILE A 126 -21.92 -57.38 18.48
C ILE A 126 -21.72 -56.19 17.56
N LYS A 127 -22.45 -55.11 17.81
CA LYS A 127 -22.40 -53.92 16.96
C LYS A 127 -22.35 -52.68 17.83
N VAL A 128 -21.47 -51.75 17.48
CA VAL A 128 -21.32 -50.49 18.20
C VAL A 128 -21.94 -49.32 17.43
N CYS A 129 -22.85 -49.59 16.50
CA CYS A 129 -23.58 -48.54 15.83
C CYS A 129 -24.29 -47.64 16.85
N GLU A 130 -24.43 -46.37 16.51
CA GLU A 130 -25.11 -45.42 17.40
C GLU A 130 -26.61 -45.69 17.33
N PHE A 131 -27.06 -46.71 18.04
CA PHE A 131 -28.45 -47.13 18.00
C PHE A 131 -29.34 -46.16 18.78
N GLN A 132 -30.65 -46.36 18.65
CA GLN A 132 -31.65 -45.58 19.37
C GLN A 132 -32.66 -46.57 19.93
N PHE A 133 -32.56 -46.87 21.22
CA PHE A 133 -33.43 -47.83 21.86
C PHE A 133 -34.69 -47.14 22.38
N CYS A 134 -35.79 -47.90 22.39
CA CYS A 134 -37.07 -47.37 22.87
C CYS A 134 -37.09 -47.44 24.39
N ASN A 135 -38.26 -47.18 24.99
CA ASN A 135 -38.41 -47.21 26.43
C ASN A 135 -38.54 -48.62 26.99
N ASP A 136 -38.58 -49.64 26.13
CA ASP A 136 -38.70 -51.02 26.58
C ASP A 136 -38.21 -51.96 25.49
N PRO A 137 -36.91 -52.15 25.35
CA PRO A 137 -36.41 -53.10 24.34
C PRO A 137 -36.81 -54.53 24.67
N PHE A 138 -37.09 -55.30 23.62
CA PHE A 138 -37.51 -56.68 23.79
C PHE A 138 -37.23 -57.45 22.51
N LEU A 139 -36.96 -58.74 22.66
CA LEU A 139 -36.69 -59.61 21.52
C LEU A 139 -37.56 -60.85 21.56
N GLU A 151 -34.94 -61.49 15.77
CA GLU A 151 -35.34 -60.27 15.08
C GLU A 151 -34.49 -59.08 15.51
N PHE A 152 -34.78 -57.91 14.95
CA PHE A 152 -34.05 -56.70 15.27
C PHE A 152 -34.99 -55.57 15.69
N ARG A 153 -36.13 -55.92 16.28
CA ARG A 153 -37.11 -54.91 16.70
C ARG A 153 -36.77 -54.38 18.09
N VAL A 154 -35.53 -53.94 18.28
CA VAL A 154 -35.08 -53.36 19.53
C VAL A 154 -34.72 -51.89 19.39
N TYR A 155 -34.15 -51.51 18.25
CA TYR A 155 -33.79 -50.12 17.97
C TYR A 155 -34.61 -49.62 16.79
N SER A 156 -34.93 -48.32 16.80
CA SER A 156 -35.71 -47.70 15.74
C SER A 156 -34.83 -47.27 14.57
N SER A 157 -33.84 -46.42 14.86
CA SER A 157 -32.93 -45.90 13.84
C SER A 157 -31.50 -46.23 14.24
N ALA A 158 -30.77 -46.89 13.34
CA ALA A 158 -29.38 -47.24 13.58
C ALA A 158 -28.47 -46.13 13.06
N ASN A 159 -27.17 -46.37 13.06
CA ASN A 159 -26.19 -45.40 12.59
C ASN A 159 -24.92 -46.16 12.21
N ASN A 160 -23.82 -45.42 12.04
CA ASN A 160 -22.58 -46.03 11.60
C ASN A 160 -21.91 -46.77 12.76
N CYS A 161 -21.47 -48.00 12.48
CA CYS A 161 -20.70 -48.77 13.44
C CYS A 161 -19.21 -48.48 13.28
N THR A 162 -18.46 -48.74 14.35
CA THR A 162 -17.01 -48.61 14.34
C THR A 162 -16.31 -49.93 14.64
N PHE A 163 -17.05 -50.99 14.96
CA PHE A 163 -16.45 -52.27 15.30
C PHE A 163 -17.51 -53.36 15.15
N GLU A 164 -17.08 -54.53 14.70
CA GLU A 164 -17.95 -55.69 14.58
C GLU A 164 -17.11 -56.95 14.68
N TYR A 165 -17.72 -58.02 15.17
CA TYR A 165 -17.04 -59.30 15.33
C TYR A 165 -17.99 -60.43 14.94
N VAL A 166 -17.41 -61.52 14.45
CA VAL A 166 -18.20 -62.62 13.91
C VAL A 166 -18.72 -63.52 15.03
N SER A 167 -17.87 -63.89 15.99
CA SER A 167 -18.23 -64.76 17.10
C SER A 167 -18.81 -66.08 16.60
N GLN A 168 -17.94 -66.84 15.92
CA GLN A 168 -18.29 -68.14 15.34
C GLN A 168 -19.09 -69.05 16.28
N PRO A 169 -18.71 -69.26 17.54
CA PRO A 169 -19.53 -70.08 18.42
C PRO A 169 -20.53 -69.23 19.21
N PHE A 170 -21.47 -69.92 19.83
CA PHE A 170 -22.52 -69.27 20.62
C PHE A 170 -22.08 -69.17 22.07
N LEU A 171 -22.38 -68.03 22.69
CA LEU A 171 -21.99 -67.81 24.09
C LEU A 171 -23.01 -68.43 25.05
N MET A 172 -24.26 -68.01 24.94
CA MET A 172 -25.30 -68.50 25.83
C MET A 172 -25.96 -69.76 25.29
N GLN A 178 -33.01 -81.10 28.61
CA GLN A 178 -32.34 -82.30 29.08
C GLN A 178 -33.21 -83.01 30.11
N GLY A 179 -34.02 -82.25 30.84
CA GLY A 179 -34.89 -82.81 31.85
C GLY A 179 -34.74 -82.17 33.21
N ASN A 180 -34.28 -82.94 34.19
CA ASN A 180 -34.14 -82.40 35.54
C ASN A 180 -33.00 -81.39 35.62
N PHE A 181 -31.92 -81.62 34.87
CA PHE A 181 -30.76 -80.73 34.93
C PHE A 181 -31.07 -79.43 34.17
N LYS A 182 -31.04 -78.31 34.89
CA LYS A 182 -31.28 -77.01 34.28
C LYS A 182 -29.96 -76.43 33.77
N ASN A 183 -29.99 -75.17 33.36
CA ASN A 183 -28.82 -74.49 32.80
C ASN A 183 -28.45 -73.32 33.69
N LEU A 184 -27.19 -73.29 34.14
CA LEU A 184 -26.66 -72.18 34.93
C LEU A 184 -25.59 -71.47 34.12
N ARG A 185 -25.71 -70.15 34.02
CA ARG A 185 -24.76 -69.35 33.26
C ARG A 185 -24.55 -68.01 33.95
N GLU A 186 -23.32 -67.51 33.89
CA GLU A 186 -22.95 -66.23 34.47
C GLU A 186 -21.94 -65.54 33.56
N PHE A 187 -22.08 -64.22 33.43
CA PHE A 187 -21.25 -63.45 32.50
C PHE A 187 -20.77 -62.19 33.20
N VAL A 188 -19.46 -62.08 33.39
CA VAL A 188 -18.86 -60.92 34.04
C VAL A 188 -18.42 -59.94 32.97
N PHE A 189 -18.73 -58.65 33.17
CA PHE A 189 -18.39 -57.59 32.22
C PHE A 189 -17.62 -56.50 32.96
N LYS A 190 -16.51 -56.05 32.37
CA LYS A 190 -15.69 -55.01 32.96
C LYS A 190 -15.26 -54.04 31.86
N ASN A 191 -14.57 -52.98 32.28
CA ASN A 191 -14.04 -51.99 31.33
C ASN A 191 -12.89 -51.26 32.04
N ILE A 192 -11.65 -51.64 31.69
CA ILE A 192 -10.48 -51.07 32.36
C ILE A 192 -10.10 -49.75 31.69
N ASP A 193 -9.61 -49.83 30.45
CA ASP A 193 -9.34 -48.64 29.65
C ASP A 193 -10.19 -48.59 28.39
N GLY A 194 -10.14 -49.62 27.55
CA GLY A 194 -11.01 -49.71 26.39
C GLY A 194 -11.58 -51.09 26.19
N TYR A 195 -11.06 -52.06 26.93
CA TYR A 195 -11.40 -53.45 26.73
C TYR A 195 -12.60 -53.86 27.58
N PHE A 196 -13.39 -54.80 27.05
CA PHE A 196 -14.55 -55.31 27.76
C PHE A 196 -14.21 -56.57 28.56
N LYS A 197 -13.49 -57.51 27.96
CA LYS A 197 -12.99 -58.70 28.65
C LYS A 197 -14.14 -59.50 29.26
N ILE A 198 -15.00 -60.01 28.38
CA ILE A 198 -16.18 -60.76 28.82
C ILE A 198 -15.77 -62.12 29.34
N TYR A 199 -16.30 -62.49 30.50
CA TYR A 199 -16.10 -63.81 31.09
C TYR A 199 -17.39 -64.61 31.00
N SER A 200 -17.25 -65.93 31.05
CA SER A 200 -18.41 -66.80 30.93
C SER A 200 -18.06 -68.19 31.44
N LYS A 201 -19.07 -68.86 32.01
CA LYS A 201 -18.94 -70.23 32.49
C LYS A 201 -20.33 -70.83 32.60
N HIS A 202 -20.54 -71.97 31.93
CA HIS A 202 -21.82 -72.66 31.93
C HIS A 202 -21.63 -74.05 32.54
N THR A 203 -22.46 -74.37 33.54
CA THR A 203 -22.40 -75.67 34.21
C THR A 203 -23.83 -76.12 34.51
N PRO A 204 -24.18 -77.35 34.20
CA PRO A 204 -25.55 -77.83 34.46
C PRO A 204 -25.78 -78.00 35.97
N ILE A 205 -26.83 -77.37 36.47
CA ILE A 205 -27.22 -77.49 37.87
C ILE A 205 -28.11 -78.71 38.01
N ILE A 206 -27.82 -79.56 39.01
CA ILE A 206 -28.54 -80.81 39.17
C ILE A 206 -29.66 -80.73 40.20
N VAL A 207 -29.65 -79.72 41.06
CA VAL A 207 -30.64 -79.59 42.12
C VAL A 207 -31.59 -78.45 41.79
N ARG A 208 -32.79 -78.51 42.37
CA ARG A 208 -33.80 -77.49 42.20
C ARG A 208 -33.96 -76.70 43.50
N GLU A 209 -34.05 -75.39 43.37
CA GLU A 209 -34.17 -74.50 44.51
C GLU A 209 -35.08 -73.34 44.13
N PRO A 210 -35.76 -72.72 45.10
CA PRO A 210 -36.65 -71.59 44.78
C PRO A 210 -35.89 -70.34 44.36
N GLU A 211 -35.26 -70.39 43.19
CA GLU A 211 -34.52 -69.26 42.62
C GLU A 211 -33.44 -68.77 43.58
N ASP A 212 -32.47 -69.66 43.84
CA ASP A 212 -31.34 -69.36 44.72
C ASP A 212 -30.05 -69.79 44.05
N LEU A 213 -28.97 -69.09 44.40
CA LEU A 213 -27.67 -69.42 43.84
C LEU A 213 -27.17 -70.74 44.43
N PRO A 214 -26.61 -71.62 43.60
CA PRO A 214 -26.14 -72.91 44.11
C PRO A 214 -24.87 -72.76 44.94
N GLN A 215 -24.50 -73.85 45.59
CA GLN A 215 -23.30 -73.90 46.41
C GLN A 215 -22.10 -74.26 45.55
N GLY A 216 -20.97 -74.52 46.19
CA GLY A 216 -19.77 -74.91 45.47
C GLY A 216 -18.95 -73.72 45.01
N PHE A 217 -18.09 -73.99 44.02
CA PHE A 217 -17.20 -72.97 43.46
C PHE A 217 -17.15 -73.14 41.95
N SER A 218 -16.98 -72.03 41.25
CA SER A 218 -16.92 -72.04 39.80
C SER A 218 -16.08 -70.86 39.33
N ALA A 219 -15.21 -71.11 38.35
CA ALA A 219 -14.33 -70.10 37.80
C ALA A 219 -14.87 -69.60 36.46
N LEU A 220 -14.71 -68.30 36.22
CA LEU A 220 -15.16 -67.67 34.99
C LEU A 220 -14.02 -67.70 33.97
N GLU A 221 -14.24 -68.38 32.86
CA GLU A 221 -13.21 -68.47 31.83
C GLU A 221 -13.35 -67.32 30.83
N PRO A 222 -12.26 -66.62 30.50
CA PRO A 222 -12.32 -65.56 29.50
C PRO A 222 -12.56 -66.15 28.11
N LEU A 223 -13.63 -65.72 27.46
CA LEU A 223 -13.98 -66.22 26.12
C LEU A 223 -13.58 -65.24 25.03
N VAL A 224 -14.06 -64.00 25.08
CA VAL A 224 -13.82 -63.03 24.04
C VAL A 224 -13.39 -61.70 24.66
N ASP A 225 -12.55 -60.97 23.93
CA ASP A 225 -12.11 -59.65 24.30
C ASP A 225 -12.57 -58.64 23.23
N LEU A 226 -12.80 -57.41 23.67
CA LEU A 226 -13.35 -56.40 22.78
C LEU A 226 -12.49 -55.13 22.80
N PRO A 227 -11.84 -54.78 21.69
CA PRO A 227 -11.09 -53.53 21.61
C PRO A 227 -11.98 -52.33 21.33
N ILE A 228 -13.29 -52.51 21.55
CA ILE A 228 -14.28 -51.51 21.16
C ILE A 228 -13.95 -50.14 21.73
N GLY A 229 -13.70 -50.07 23.03
CA GLY A 229 -13.34 -48.81 23.66
C GLY A 229 -14.49 -47.87 23.97
N ILE A 230 -15.66 -48.40 24.32
CA ILE A 230 -16.80 -47.55 24.61
C ILE A 230 -16.81 -47.17 26.09
N ASN A 231 -17.37 -46.00 26.39
CA ASN A 231 -17.51 -45.51 27.77
C ASN A 231 -18.96 -45.73 28.19
N ILE A 232 -19.21 -46.84 28.87
CA ILE A 232 -20.56 -47.20 29.31
C ILE A 232 -20.72 -46.85 30.78
N THR A 233 -21.94 -46.46 31.14
CA THR A 233 -22.28 -46.17 32.54
C THR A 233 -23.60 -46.79 32.96
N ARG A 234 -24.33 -47.46 32.07
CA ARG A 234 -25.61 -48.06 32.40
C ARG A 234 -25.64 -49.48 31.81
N PHE A 235 -26.65 -50.25 32.18
CA PHE A 235 -26.77 -51.63 31.75
C PHE A 235 -28.24 -51.96 31.51
N GLN A 236 -28.50 -52.77 30.48
CA GLN A 236 -29.85 -53.17 30.14
C GLN A 236 -29.80 -54.54 29.50
N THR A 237 -30.70 -55.42 29.93
CA THR A 237 -30.75 -56.79 29.41
C THR A 237 -31.70 -56.86 28.22
N LEU A 238 -31.78 -58.04 27.61
CA LEU A 238 -32.66 -58.28 26.47
C LEU A 238 -33.31 -59.64 26.65
N LEU A 239 -34.64 -59.66 26.70
CA LEU A 239 -35.40 -60.87 26.95
C LEU A 239 -36.24 -61.22 25.72
N ALA A 240 -36.28 -62.51 25.39
CA ALA A 240 -37.13 -63.00 24.31
C ALA A 240 -38.53 -63.31 24.84
N LEU A 241 -39.49 -63.29 23.92
CA LEU A 241 -40.89 -63.50 24.27
C LEU A 241 -41.44 -64.81 23.72
N HIS A 242 -41.37 -65.00 22.40
CA HIS A 242 -41.90 -66.19 21.74
C HIS A 242 -43.36 -66.43 22.13
N ARG A 243 -44.15 -65.36 22.16
CA ARG A 243 -45.55 -65.48 22.56
C ARG A 243 -46.35 -66.28 21.54
N SER A 244 -46.39 -65.80 20.30
CA SER A 244 -47.12 -66.46 19.21
C SER A 244 -48.59 -66.66 19.56
N TRP A 255 -49.23 -66.05 26.78
CA TRP A 255 -47.83 -65.70 26.90
C TRP A 255 -47.01 -66.86 27.46
N THR A 256 -45.82 -67.07 26.90
CA THR A 256 -44.93 -68.15 27.31
C THR A 256 -43.58 -67.52 27.68
N ALA A 257 -43.42 -67.18 28.95
CA ALA A 257 -42.19 -66.58 29.44
C ALA A 257 -41.27 -67.57 30.16
N GLY A 258 -41.78 -68.76 30.51
CA GLY A 258 -40.95 -69.73 31.17
C GLY A 258 -40.63 -69.30 32.59
N ALA A 259 -39.37 -69.46 32.99
CA ALA A 259 -38.93 -69.09 34.33
C ALA A 259 -37.42 -68.88 34.30
N ALA A 260 -36.97 -67.71 34.74
CA ALA A 260 -35.56 -67.38 34.76
C ALA A 260 -35.33 -66.30 35.81
N ALA A 261 -34.07 -65.90 35.97
CA ALA A 261 -33.69 -64.83 36.88
C ALA A 261 -32.26 -64.39 36.60
N TYR A 262 -32.05 -63.07 36.46
CA TYR A 262 -30.72 -62.51 36.26
C TYR A 262 -30.30 -61.81 37.54
N TYR A 263 -29.14 -62.18 38.07
CA TYR A 263 -28.63 -61.66 39.33
C TYR A 263 -27.51 -60.67 39.02
N VAL A 264 -27.82 -59.38 39.08
CA VAL A 264 -26.84 -58.34 38.80
C VAL A 264 -26.09 -58.01 40.09
N GLY A 265 -24.78 -58.29 40.10
CA GLY A 265 -23.96 -58.02 41.26
C GLY A 265 -22.81 -57.09 40.95
N TYR A 266 -22.78 -55.95 41.64
CA TYR A 266 -21.73 -54.96 41.40
C TYR A 266 -20.38 -55.47 41.91
N LEU A 267 -19.32 -55.09 41.19
CA LEU A 267 -17.97 -55.51 41.52
C LEU A 267 -17.26 -54.41 42.29
N GLN A 268 -16.40 -54.81 43.23
CA GLN A 268 -15.64 -53.90 44.06
C GLN A 268 -14.17 -54.34 44.10
N PRO A 269 -13.25 -53.39 44.26
CA PRO A 269 -11.82 -53.77 44.32
C PRO A 269 -11.49 -54.52 45.61
N ARG A 270 -11.15 -55.79 45.47
CA ARG A 270 -10.82 -56.66 46.59
C ARG A 270 -9.50 -57.35 46.32
N THR A 271 -9.04 -58.15 47.29
CA THR A 271 -7.81 -58.92 47.19
C THR A 271 -8.16 -60.38 47.47
N PHE A 272 -8.06 -61.22 46.44
CA PHE A 272 -8.37 -62.63 46.57
C PHE A 272 -7.10 -63.47 46.62
N LEU A 273 -7.17 -64.58 47.33
CA LEU A 273 -6.09 -65.56 47.41
C LEU A 273 -6.53 -66.81 46.66
N LEU A 274 -6.08 -66.93 45.41
CA LEU A 274 -6.52 -68.01 44.54
C LEU A 274 -5.82 -69.32 44.90
N LYS A 275 -6.33 -70.40 44.31
CA LYS A 275 -5.89 -71.76 44.63
C LYS A 275 -5.65 -72.55 43.35
N TYR A 276 -4.85 -71.99 42.46
CA TYR A 276 -4.49 -72.65 41.20
C TYR A 276 -4.03 -74.07 41.44
N ASN A 277 -4.74 -75.03 40.86
CA ASN A 277 -4.43 -76.44 41.02
C ASN A 277 -3.32 -76.83 40.04
N GLU A 278 -2.97 -78.11 40.00
CA GLU A 278 -1.90 -78.58 39.13
C GLU A 278 -2.30 -78.59 37.66
N ASN A 279 -3.54 -78.42 37.31
CA ASN A 279 -3.88 -78.33 35.93
C ASN A 279 -4.48 -76.99 35.64
N GLY A 280 -3.97 -75.96 36.29
CA GLY A 280 -4.28 -74.57 35.99
C GLY A 280 -5.63 -74.09 36.47
N THR A 281 -6.51 -74.98 36.91
CA THR A 281 -7.83 -74.57 37.35
C THR A 281 -7.78 -73.99 38.76
N ILE A 282 -8.84 -73.28 39.13
CA ILE A 282 -8.98 -72.65 40.44
C ILE A 282 -9.99 -73.46 41.24
N THR A 283 -9.57 -73.94 42.41
CA THR A 283 -10.43 -74.76 43.26
C THR A 283 -11.23 -73.93 44.25
N ASP A 284 -10.62 -72.93 44.88
CA ASP A 284 -11.29 -72.08 45.84
C ASP A 284 -10.55 -70.75 45.93
N ALA A 285 -11.08 -69.85 46.74
CA ALA A 285 -10.48 -68.53 46.93
C ALA A 285 -10.93 -67.96 48.26
N VAL A 286 -10.30 -66.87 48.66
CA VAL A 286 -10.60 -66.19 49.91
C VAL A 286 -10.96 -64.74 49.60
N ASP A 287 -12.08 -64.28 50.15
CA ASP A 287 -12.55 -62.93 49.86
C ASP A 287 -11.70 -61.88 50.57
N CYS A 288 -11.07 -62.25 51.68
CA CYS A 288 -10.24 -61.34 52.48
C CYS A 288 -11.01 -60.12 52.97
N ALA A 289 -12.33 -60.27 53.13
CA ALA A 289 -13.14 -59.26 53.77
C ALA A 289 -14.12 -59.85 54.78
N LEU A 290 -14.13 -61.17 54.95
CA LEU A 290 -14.96 -61.83 55.95
C LEU A 290 -14.26 -61.75 57.30
N ASP A 291 -14.73 -62.55 58.27
CA ASP A 291 -14.20 -62.63 59.62
C ASP A 291 -12.68 -62.72 59.62
N PRO A 292 -12.01 -62.24 60.68
CA PRO A 292 -10.55 -62.10 60.66
C PRO A 292 -9.77 -63.37 60.31
N LEU A 293 -10.43 -64.53 60.34
CA LEU A 293 -9.80 -65.75 59.87
C LEU A 293 -9.41 -65.61 58.39
N SER A 294 -10.26 -64.95 57.60
CA SER A 294 -9.95 -64.71 56.20
C SER A 294 -8.67 -63.89 56.06
N GLU A 295 -8.60 -62.74 56.74
CA GLU A 295 -7.43 -61.89 56.64
C GLU A 295 -6.18 -62.58 57.18
N THR A 296 -6.34 -63.45 58.19
CA THR A 296 -5.22 -64.26 58.64
C THR A 296 -4.73 -65.18 57.52
N LYS A 297 -5.67 -65.80 56.80
CA LYS A 297 -5.28 -66.65 55.67
C LYS A 297 -4.62 -65.83 54.56
N CYS A 298 -5.00 -64.56 54.40
CA CYS A 298 -4.36 -63.73 53.39
C CYS A 298 -2.93 -63.40 53.78
N THR A 299 -2.74 -62.92 55.01
CA THR A 299 -1.41 -62.52 55.47
C THR A 299 -0.50 -63.70 55.78
N LEU A 300 -1.04 -64.91 55.84
CA LEU A 300 -0.29 -66.14 56.14
C LEU A 300 -0.64 -67.21 55.12
N LYS A 301 -0.48 -66.89 53.83
CA LYS A 301 -1.12 -67.62 52.73
C LYS A 301 -1.02 -69.13 52.88
N SER A 302 -2.16 -69.77 53.11
CA SER A 302 -2.27 -71.21 53.32
C SER A 302 -3.74 -71.59 53.41
N PHE A 303 -4.03 -72.85 53.70
CA PHE A 303 -5.38 -73.27 54.00
C PHE A 303 -5.44 -74.23 55.18
N THR A 304 -4.32 -74.47 55.86
CA THR A 304 -4.24 -75.32 57.04
C THR A 304 -3.43 -74.62 58.13
N VAL A 305 -3.79 -73.36 58.41
CA VAL A 305 -3.05 -72.57 59.38
C VAL A 305 -3.09 -73.26 60.74
N GLU A 306 -1.95 -73.26 61.42
CA GLU A 306 -1.83 -73.98 62.69
C GLU A 306 -2.43 -73.15 63.82
N LYS A 307 -2.20 -73.61 65.06
CA LYS A 307 -2.75 -72.95 66.23
C LYS A 307 -1.83 -71.83 66.69
N GLY A 308 -2.39 -70.66 66.94
CA GLY A 308 -1.60 -69.54 67.41
C GLY A 308 -2.29 -68.22 67.11
N ILE A 309 -1.62 -67.15 67.53
CA ILE A 309 -2.09 -65.78 67.33
C ILE A 309 -1.23 -65.12 66.28
N TYR A 310 -1.86 -64.33 65.41
CA TYR A 310 -1.16 -63.69 64.30
C TYR A 310 -1.65 -62.25 64.13
N GLN A 311 -0.71 -61.35 63.87
CA GLN A 311 -1.04 -59.96 63.59
C GLN A 311 -1.41 -59.82 62.12
N THR A 312 -2.64 -59.40 61.85
CA THR A 312 -3.16 -59.34 60.49
C THR A 312 -3.44 -57.91 60.03
N SER A 313 -4.25 -57.17 60.77
CA SER A 313 -4.69 -55.84 60.37
C SER A 313 -4.20 -54.80 61.38
N ASN A 314 -4.64 -53.57 61.14
CA ASN A 314 -4.39 -52.51 62.05
C ASN A 314 -5.64 -51.64 62.08
N PHE A 315 -6.40 -51.59 63.16
CA PHE A 315 -7.59 -50.76 63.29
C PHE A 315 -7.28 -49.34 63.13
N ARG A 316 -8.27 -48.50 62.87
CA ARG A 316 -8.05 -47.08 62.82
C ARG A 316 -9.39 -46.43 62.76
N VAL A 317 -9.76 -45.66 63.76
CA VAL A 317 -11.06 -45.07 63.80
C VAL A 317 -10.98 -43.87 62.96
N GLN A 318 -11.98 -43.59 62.17
CA GLN A 318 -11.79 -42.64 61.12
C GLN A 318 -12.67 -41.44 61.32
N PRO A 319 -12.34 -40.28 60.75
CA PRO A 319 -13.08 -39.02 60.98
C PRO A 319 -14.64 -38.94 60.77
N THR A 320 -15.30 -37.80 61.05
CA THR A 320 -16.78 -37.58 60.88
C THR A 320 -17.18 -36.12 60.62
N GLU A 321 -16.26 -35.18 60.51
CA GLU A 321 -16.42 -33.77 60.19
C GLU A 321 -15.16 -33.21 59.54
N SER A 322 -15.25 -31.96 59.12
CA SER A 322 -14.17 -31.21 58.49
C SER A 322 -14.08 -29.83 59.12
N ILE A 323 -14.03 -29.79 60.45
CA ILE A 323 -14.10 -28.54 61.19
C ILE A 323 -12.92 -27.65 60.83
N VAL A 324 -13.22 -26.39 60.50
CA VAL A 324 -12.22 -25.36 60.27
C VAL A 324 -12.53 -24.19 61.19
N ARG A 325 -11.57 -23.80 62.03
CA ARG A 325 -11.78 -22.77 63.04
C ARG A 325 -10.77 -21.64 62.83
N PHE A 326 -11.24 -20.53 62.31
CA PHE A 326 -10.46 -19.31 62.12
C PHE A 326 -10.97 -18.20 63.02
N PRO A 327 -10.15 -17.19 63.32
CA PRO A 327 -10.59 -16.11 64.22
C PRO A 327 -11.69 -15.25 63.61
N ASN A 328 -12.10 -14.23 64.38
CA ASN A 328 -13.22 -13.37 64.08
C ASN A 328 -12.77 -12.37 63.01
N ILE A 329 -13.68 -11.84 62.17
CA ILE A 329 -13.36 -10.75 61.26
C ILE A 329 -13.25 -9.45 62.05
N THR A 330 -12.35 -8.58 61.61
CA THR A 330 -12.14 -7.30 62.28
C THR A 330 -11.41 -6.36 61.33
N ASN A 331 -11.72 -5.07 61.46
CA ASN A 331 -11.09 -4.00 60.67
C ASN A 331 -11.28 -4.26 59.17
N LEU A 332 -12.55 -4.19 58.76
CA LEU A 332 -12.89 -4.39 57.37
C LEU A 332 -12.26 -3.29 56.50
N CYS A 333 -11.98 -3.65 55.24
CA CYS A 333 -11.28 -2.75 54.35
C CYS A 333 -12.19 -1.61 53.91
N PRO A 334 -11.63 -0.45 53.55
CA PRO A 334 -12.46 0.67 53.12
C PRO A 334 -13.07 0.47 51.73
N PHE A 335 -13.92 -0.55 51.60
CA PHE A 335 -14.67 -0.78 50.37
C PHE A 335 -16.06 -0.18 50.42
N ASP A 336 -16.45 0.44 51.53
CA ASP A 336 -17.73 1.11 51.66
C ASP A 336 -17.67 2.57 51.25
N GLU A 337 -16.47 3.14 51.13
CA GLU A 337 -16.29 4.51 50.68
C GLU A 337 -15.70 4.60 49.29
N VAL A 338 -15.46 3.47 48.63
CA VAL A 338 -15.02 3.47 47.24
C VAL A 338 -16.04 2.84 46.30
N PHE A 339 -16.98 2.03 46.80
CA PHE A 339 -18.08 1.53 46.00
C PHE A 339 -19.41 2.19 46.32
N ASN A 340 -19.44 2.97 47.39
CA ASN A 340 -20.63 3.68 47.77
C ASN A 340 -20.28 5.06 48.05
N ALA A 341 -19.48 5.64 47.19
CA ALA A 341 -19.09 7.03 47.29
C ALA A 341 -20.20 7.92 46.73
N THR A 342 -19.95 9.24 46.76
CA THR A 342 -20.93 10.23 46.32
C THR A 342 -20.64 10.75 44.91
N ARG A 343 -19.42 11.22 44.66
CA ARG A 343 -19.08 11.82 43.39
C ARG A 343 -17.70 11.38 42.93
N PHE A 344 -17.57 11.16 41.62
CA PHE A 344 -16.29 10.95 40.95
C PHE A 344 -15.96 12.20 40.13
N ALA A 345 -14.83 12.17 39.44
CA ALA A 345 -14.37 13.33 38.68
C ALA A 345 -14.46 13.12 37.18
N SER A 346 -13.76 12.12 36.64
CA SER A 346 -13.72 11.93 35.18
C SER A 346 -13.04 10.61 34.81
N VAL A 347 -12.85 10.40 33.51
CA VAL A 347 -12.17 9.21 33.01
C VAL A 347 -10.69 9.45 32.75
N TYR A 348 -10.26 10.72 32.64
CA TYR A 348 -8.84 11.03 32.49
C TYR A 348 -8.13 11.25 33.81
N ALA A 349 -8.86 11.69 34.84
CA ALA A 349 -8.32 11.90 36.18
C ALA A 349 -9.05 10.94 37.12
N TRP A 350 -8.54 9.72 37.23
CA TRP A 350 -9.16 8.69 38.05
C TRP A 350 -8.40 8.53 39.35
N ASN A 351 -9.14 8.39 40.45
CA ASN A 351 -8.52 8.18 41.75
C ASN A 351 -7.96 6.77 41.84
N ARG A 352 -6.91 6.62 42.65
CA ARG A 352 -6.25 5.34 42.86
C ARG A 352 -6.07 5.15 44.36
N LYS A 353 -6.92 4.33 44.96
CA LYS A 353 -6.89 4.07 46.40
C LYS A 353 -5.98 2.88 46.69
N ARG A 354 -5.08 3.05 47.65
CA ARG A 354 -4.16 1.99 48.05
C ARG A 354 -4.67 1.36 49.34
N ILE A 355 -5.00 0.07 49.26
CA ILE A 355 -5.50 -0.68 50.41
C ILE A 355 -4.33 -1.28 51.16
N SER A 356 -4.51 -1.48 52.47
CA SER A 356 -3.49 -2.03 53.34
C SER A 356 -3.97 -3.36 53.91
N ASN A 357 -3.21 -3.90 54.86
CA ASN A 357 -3.54 -5.19 55.47
C ASN A 357 -4.94 -5.16 56.06
N CYS A 358 -5.78 -6.07 55.60
CA CYS A 358 -7.19 -6.14 56.00
C CYS A 358 -7.74 -7.50 55.56
N VAL A 359 -9.05 -7.67 55.66
CA VAL A 359 -9.74 -8.89 55.24
C VAL A 359 -10.85 -8.45 54.29
N ALA A 360 -10.62 -8.60 52.98
CA ALA A 360 -11.57 -8.15 51.97
C ALA A 360 -12.60 -9.24 51.70
N ASP A 361 -13.88 -8.90 51.87
CA ASP A 361 -14.98 -9.81 51.61
C ASP A 361 -15.55 -9.48 50.24
N TYR A 362 -15.17 -10.26 49.23
CA TYR A 362 -15.65 -10.04 47.88
C TYR A 362 -17.03 -10.65 47.68
N SER A 363 -17.97 -10.30 48.56
CA SER A 363 -19.35 -10.74 48.45
C SER A 363 -20.37 -9.61 48.51
N VAL A 364 -20.00 -8.45 49.09
CA VAL A 364 -20.91 -7.30 49.08
C VAL A 364 -20.90 -6.57 47.76
N LEU A 365 -20.07 -6.99 46.81
CA LEU A 365 -20.00 -6.32 45.52
C LEU A 365 -21.29 -6.48 44.73
N TYR A 366 -22.02 -7.57 44.94
CA TYR A 366 -23.28 -7.82 44.24
C TYR A 366 -24.49 -7.56 45.13
N ASN A 367 -24.40 -6.58 46.03
CA ASN A 367 -25.52 -6.18 46.87
C ASN A 367 -26.13 -4.86 46.47
N LEU A 368 -25.52 -4.12 45.55
CA LEU A 368 -25.99 -2.81 45.15
C LEU A 368 -27.18 -2.93 44.20
N ALA A 369 -27.53 -1.81 43.58
CA ALA A 369 -28.65 -1.77 42.66
C ALA A 369 -28.43 -2.74 41.50
N PRO A 370 -29.51 -3.29 40.92
CA PRO A 370 -29.36 -4.25 39.83
C PRO A 370 -28.76 -3.64 38.57
N PHE A 371 -28.61 -4.45 37.52
CA PHE A 371 -28.00 -4.04 36.26
C PHE A 371 -26.57 -3.57 36.47
N PHE A 372 -25.73 -4.49 36.95
CA PHE A 372 -24.32 -4.23 37.20
C PHE A 372 -23.51 -5.39 36.67
N THR A 373 -22.38 -5.08 36.04
CA THR A 373 -21.53 -6.13 35.50
C THR A 373 -20.51 -6.61 36.54
N PHE A 374 -20.03 -7.84 36.33
CA PHE A 374 -19.03 -8.43 37.21
C PHE A 374 -17.98 -9.17 36.41
N LYS A 375 -17.68 -8.70 35.20
CA LYS A 375 -16.74 -9.38 34.32
C LYS A 375 -15.33 -9.28 34.88
N CYS A 376 -14.67 -10.41 35.07
CA CYS A 376 -13.31 -10.48 35.56
C CYS A 376 -12.36 -10.86 34.42
N TYR A 377 -11.07 -10.69 34.69
CA TYR A 377 -10.03 -11.00 33.69
C TYR A 377 -8.92 -11.77 34.40
N GLY A 378 -8.83 -13.07 34.12
CA GLY A 378 -7.83 -13.91 34.72
C GLY A 378 -8.22 -14.53 36.05
N VAL A 379 -9.30 -14.08 36.67
CA VAL A 379 -9.78 -14.60 37.93
C VAL A 379 -11.28 -14.90 37.81
N SER A 380 -11.88 -15.35 38.90
CA SER A 380 -13.29 -15.66 38.96
C SER A 380 -13.83 -15.30 40.33
N PRO A 381 -15.10 -14.87 40.40
CA PRO A 381 -15.66 -14.50 41.71
C PRO A 381 -15.80 -15.68 42.65
N THR A 382 -15.98 -16.89 42.14
CA THR A 382 -16.08 -18.06 43.01
C THR A 382 -14.73 -18.39 43.63
N LYS A 383 -13.65 -18.21 42.88
CA LYS A 383 -12.30 -18.44 43.37
C LYS A 383 -11.58 -17.14 43.75
N LEU A 384 -12.32 -16.07 43.98
CA LEU A 384 -11.70 -14.80 44.33
C LEU A 384 -11.09 -14.87 45.73
N ASN A 385 -11.81 -15.45 46.68
CA ASN A 385 -11.33 -15.57 48.06
C ASN A 385 -10.51 -16.83 48.27
N ASP A 386 -9.60 -17.10 47.34
CA ASP A 386 -8.67 -18.23 47.43
C ASP A 386 -7.22 -17.82 47.27
N LEU A 387 -6.93 -16.82 46.44
CA LEU A 387 -5.57 -16.34 46.23
C LEU A 387 -5.28 -15.18 47.17
N CYS A 388 -3.99 -14.98 47.45
CA CYS A 388 -3.52 -13.93 48.34
C CYS A 388 -2.86 -12.83 47.52
N PHE A 389 -3.25 -11.58 47.81
CA PHE A 389 -2.74 -10.42 47.10
C PHE A 389 -2.16 -9.42 48.10
N THR A 390 -1.07 -8.76 47.71
CA THR A 390 -0.42 -7.81 48.61
C THR A 390 -1.14 -6.46 48.62
N ASN A 391 -1.30 -5.85 47.46
CA ASN A 391 -1.94 -4.54 47.36
C ASN A 391 -2.97 -4.57 46.25
N VAL A 392 -4.16 -4.04 46.54
CA VAL A 392 -5.24 -3.93 45.58
C VAL A 392 -5.55 -2.46 45.36
N TYR A 393 -5.62 -2.05 44.09
CA TYR A 393 -5.83 -0.66 43.72
C TYR A 393 -7.20 -0.50 43.06
N ALA A 394 -7.97 0.47 43.53
CA ALA A 394 -9.29 0.76 42.98
C ALA A 394 -9.20 2.05 42.16
N ASP A 395 -9.63 1.97 40.91
CA ASP A 395 -9.60 3.11 39.99
C ASP A 395 -11.03 3.45 39.59
N SER A 396 -11.54 4.56 40.10
CA SER A 396 -12.91 4.99 39.85
C SER A 396 -12.96 6.00 38.71
N PHE A 397 -13.94 5.82 37.83
CA PHE A 397 -14.11 6.70 36.68
C PHE A 397 -15.52 6.51 36.13
N VAL A 398 -16.04 7.56 35.49
CA VAL A 398 -17.47 7.68 35.22
C VAL A 398 -17.79 7.37 33.76
N ILE A 399 -16.96 6.53 33.13
CA ILE A 399 -17.21 6.14 31.75
C ILE A 399 -18.59 5.51 31.62
N ARG A 400 -19.31 5.88 30.56
CA ARG A 400 -20.64 5.38 30.31
C ARG A 400 -20.79 5.07 28.82
N GLY A 401 -21.92 4.45 28.47
CA GLY A 401 -22.21 4.16 27.09
C GLY A 401 -21.66 2.82 26.64
N ASP A 402 -21.62 2.65 25.32
CA ASP A 402 -21.13 1.43 24.72
C ASP A 402 -19.61 1.43 24.63
N GLU A 403 -18.95 1.73 25.74
CA GLU A 403 -17.49 1.69 25.82
C GLU A 403 -16.99 0.87 26.99
N VAL A 404 -17.88 0.28 27.79
CA VAL A 404 -17.44 -0.61 28.85
C VAL A 404 -16.96 -1.95 28.29
N ARG A 405 -17.46 -2.33 27.12
CA ARG A 405 -17.03 -3.59 26.51
C ARG A 405 -15.59 -3.55 26.06
N GLN A 406 -15.08 -2.37 25.70
CA GLN A 406 -13.70 -2.21 25.27
C GLN A 406 -12.76 -1.83 26.40
N ILE A 407 -13.23 -1.90 27.65
CA ILE A 407 -12.36 -1.74 28.82
C ILE A 407 -11.84 -3.14 29.15
N ALA A 408 -10.78 -3.52 28.44
CA ALA A 408 -10.22 -4.87 28.55
C ALA A 408 -8.82 -4.86 27.93
N PRO A 409 -7.97 -5.81 28.33
CA PRO A 409 -6.64 -5.89 27.72
C PRO A 409 -6.72 -6.16 26.23
N GLY A 410 -6.02 -5.34 25.45
CA GLY A 410 -5.98 -5.52 24.01
C GLY A 410 -7.27 -5.17 23.29
N GLN A 411 -7.99 -4.16 23.77
CA GLN A 411 -9.23 -3.71 23.14
C GLN A 411 -9.24 -2.19 23.16
N THR A 412 -8.99 -1.59 22.00
CA THR A 412 -8.96 -0.14 21.88
C THR A 412 -10.37 0.41 21.71
N GLY A 413 -10.47 1.73 21.59
CA GLY A 413 -11.77 2.36 21.41
C GLY A 413 -11.65 3.87 21.33
N ASN A 414 -12.67 4.55 21.85
CA ASN A 414 -12.71 6.00 21.87
C ASN A 414 -12.54 6.60 23.25
N ILE A 415 -12.71 5.82 24.32
CA ILE A 415 -12.48 6.29 25.68
C ILE A 415 -11.30 5.61 26.35
N ALA A 416 -11.00 4.35 26.02
CA ALA A 416 -9.85 3.65 26.57
C ALA A 416 -8.62 3.80 25.68
N ASP A 417 -8.60 4.84 24.86
CA ASP A 417 -7.47 5.13 23.98
C ASP A 417 -6.60 6.29 24.47
N TYR A 418 -7.18 7.27 25.17
CA TYR A 418 -6.40 8.38 25.70
C TYR A 418 -6.82 8.75 27.12
N ASN A 419 -7.50 7.85 27.83
CA ASN A 419 -7.88 8.08 29.21
C ASN A 419 -7.45 6.96 30.15
N TYR A 420 -7.48 5.71 29.68
CA TYR A 420 -7.13 4.57 30.52
C TYR A 420 -6.72 3.43 29.61
N LYS A 421 -5.54 2.86 29.87
CA LYS A 421 -4.98 1.78 29.07
C LYS A 421 -4.59 0.64 30.01
N LEU A 422 -5.00 -0.58 29.67
CA LEU A 422 -4.69 -1.75 30.50
C LEU A 422 -3.83 -2.73 29.70
N PRO A 423 -2.68 -3.16 30.24
CA PRO A 423 -1.85 -4.14 29.51
C PRO A 423 -2.49 -5.52 29.48
N ASP A 424 -1.82 -6.49 28.86
CA ASP A 424 -2.34 -7.85 28.81
C ASP A 424 -1.88 -8.66 30.02
N ASP A 425 -2.07 -8.08 31.21
CA ASP A 425 -1.79 -8.78 32.46
C ASP A 425 -2.78 -8.40 33.56
N PHE A 426 -3.92 -7.82 33.19
CA PHE A 426 -4.87 -7.34 34.19
C PHE A 426 -5.54 -8.50 34.90
N THR A 427 -5.59 -8.42 36.23
CA THR A 427 -6.20 -9.45 37.09
C THR A 427 -7.16 -8.73 38.03
N GLY A 428 -8.43 -8.66 37.67
CA GLY A 428 -9.42 -8.01 38.50
C GLY A 428 -10.78 -8.07 37.86
N CYS A 429 -11.77 -7.55 38.59
CA CYS A 429 -13.15 -7.53 38.16
C CYS A 429 -13.65 -6.09 38.14
N VAL A 430 -14.31 -5.71 37.05
CA VAL A 430 -14.81 -4.35 36.89
C VAL A 430 -16.30 -4.32 37.22
N ILE A 431 -16.70 -3.33 38.01
CA ILE A 431 -18.10 -3.13 38.39
C ILE A 431 -18.55 -1.79 37.80
N ALA A 432 -19.69 -1.79 37.13
CA ALA A 432 -20.17 -0.64 36.38
C ALA A 432 -21.65 -0.39 36.66
N TRP A 433 -22.01 -0.36 37.94
CA TRP A 433 -23.40 -0.08 38.31
C TRP A 433 -23.79 1.33 37.90
N ASN A 434 -25.06 1.51 37.56
CA ASN A 434 -25.57 2.77 37.03
C ASN A 434 -26.23 3.56 38.15
N SER A 435 -25.80 4.81 38.34
CA SER A 435 -26.36 5.70 39.34
C SER A 435 -27.04 6.87 38.63
N ASN A 436 -28.31 6.69 38.30
CA ASN A 436 -29.11 7.71 37.63
C ASN A 436 -30.07 8.39 38.60
N LYS A 437 -29.69 8.51 39.87
CA LYS A 437 -30.51 9.14 40.87
C LYS A 437 -29.82 10.24 41.64
N LEU A 438 -28.50 10.17 41.84
CA LEU A 438 -27.77 11.21 42.56
C LEU A 438 -26.68 11.88 41.74
N ASP A 439 -26.43 11.43 40.51
CA ASP A 439 -25.42 12.02 39.64
C ASP A 439 -26.03 12.88 38.54
N SER A 440 -26.98 12.34 37.78
CA SER A 440 -27.62 13.08 36.71
C SER A 440 -28.57 14.12 37.29
N LYS A 441 -28.16 15.39 37.28
CA LYS A 441 -28.98 16.47 37.80
C LYS A 441 -28.84 17.68 36.90
N VAL A 442 -29.84 18.57 36.98
CA VAL A 442 -29.82 19.80 36.17
C VAL A 442 -29.00 20.90 36.81
N SER A 443 -28.35 20.63 37.95
CA SER A 443 -27.54 21.66 38.59
C SER A 443 -26.29 21.95 37.78
N GLY A 444 -25.67 20.93 37.20
CA GLY A 444 -24.50 21.11 36.39
C GLY A 444 -24.24 19.95 35.44
N ASN A 445 -24.01 20.25 34.17
CA ASN A 445 -23.78 19.22 33.16
C ASN A 445 -22.30 18.98 32.91
N TYR A 446 -21.43 19.94 33.23
CA TYR A 446 -19.99 19.80 33.05
C TYR A 446 -19.28 19.42 34.34
N ASN A 447 -20.01 18.84 35.30
CA ASN A 447 -19.38 18.36 36.53
C ASN A 447 -18.35 17.28 36.23
N TYR A 448 -18.68 16.37 35.32
CA TYR A 448 -17.73 15.37 34.85
C TYR A 448 -17.03 15.86 33.60
N LEU A 449 -15.88 15.25 33.30
CA LEU A 449 -15.05 15.64 32.17
C LEU A 449 -14.81 14.43 31.29
N TYR A 450 -14.15 14.66 30.16
CA TYR A 450 -13.80 13.62 29.20
C TYR A 450 -12.79 14.18 28.23
N ARG A 451 -11.75 13.40 27.94
CA ARG A 451 -10.65 13.83 27.08
C ARG A 451 -10.83 13.25 25.68
N LEU A 452 -9.84 13.51 24.82
CA LEU A 452 -9.90 13.12 23.43
C LEU A 452 -8.49 12.74 22.98
N PHE A 453 -8.29 12.69 21.66
CA PHE A 453 -7.00 12.29 21.10
C PHE A 453 -5.89 13.22 21.56
N ARG A 454 -4.70 12.64 21.75
CA ARG A 454 -3.52 13.37 22.19
C ARG A 454 -2.42 13.19 21.16
N LYS A 455 -1.28 13.82 21.41
CA LYS A 455 -0.13 13.69 20.51
C LYS A 455 0.40 12.26 20.49
N SER A 456 0.14 11.50 21.54
CA SER A 456 0.58 10.12 21.62
C SER A 456 -0.37 9.34 22.52
N ASN A 457 -0.32 8.01 22.41
CA ASN A 457 -1.16 7.16 23.21
C ASN A 457 -0.70 7.16 24.66
N LEU A 458 -1.66 7.06 25.58
CA LEU A 458 -1.34 7.06 27.00
C LEU A 458 -0.62 5.79 27.40
N LYS A 459 0.35 5.92 28.29
CA LYS A 459 1.02 4.76 28.84
C LYS A 459 0.07 4.03 29.79
N PRO A 460 0.00 2.70 29.72
CA PRO A 460 -0.91 1.95 30.60
C PRO A 460 -0.71 2.31 32.07
N PHE A 461 -1.84 2.47 32.76
CA PHE A 461 -1.86 2.77 34.20
C PHE A 461 -1.09 4.04 34.53
N GLU A 462 -1.30 5.08 33.72
CA GLU A 462 -0.71 6.39 33.96
C GLU A 462 -1.77 7.47 33.74
N ARG A 463 -1.78 8.46 34.61
CA ARG A 463 -2.73 9.57 34.56
C ARG A 463 -2.10 10.74 33.81
N ASP A 464 -2.91 11.42 33.01
CA ASP A 464 -2.44 12.45 32.08
C ASP A 464 -3.08 13.79 32.41
N ILE A 465 -3.06 14.16 33.69
CA ILE A 465 -3.58 15.47 34.11
C ILE A 465 -2.79 16.55 33.38
N SER A 466 -3.49 17.30 32.52
CA SER A 466 -2.84 18.35 31.78
C SER A 466 -3.52 19.66 32.07
N THR A 467 -3.10 20.70 31.39
CA THR A 467 -3.69 22.02 31.58
C THR A 467 -3.53 22.69 30.25
N GLU A 468 -2.45 22.34 29.56
CA GLU A 468 -2.15 22.95 28.29
C GLU A 468 -3.20 22.67 27.27
N ILE A 469 -3.31 23.58 26.32
CA ILE A 469 -4.29 23.43 25.25
C ILE A 469 -3.68 22.58 24.14
N TYR A 470 -4.54 21.91 23.39
CA TYR A 470 -4.08 21.00 22.34
C TYR A 470 -3.43 21.77 21.19
N GLN A 471 -2.57 21.06 20.47
CA GLN A 471 -1.83 21.64 19.34
C GLN A 471 -2.03 20.75 18.12
N ALA A 472 -2.39 21.38 17.00
CA ALA A 472 -2.63 20.67 15.75
C ALA A 472 -1.34 20.20 15.09
N GLY A 473 -0.18 20.71 15.51
CA GLY A 473 1.09 20.28 14.97
C GLY A 473 1.94 21.40 14.42
N ASN A 474 1.31 22.36 13.72
CA ASN A 474 2.02 23.52 13.18
C ASN A 474 1.05 24.70 13.19
N LYS A 475 1.08 25.46 14.29
CA LYS A 475 0.33 26.69 14.45
C LYS A 475 0.67 27.33 15.80
N PRO A 476 0.55 28.64 15.93
CA PRO A 476 0.71 29.27 17.25
C PRO A 476 -0.59 29.28 18.04
N CYS A 477 -0.55 28.66 19.22
CA CYS A 477 -1.70 28.62 20.12
C CYS A 477 -1.79 29.87 20.98
N ASN A 478 -0.74 30.18 21.73
CA ASN A 478 -0.67 31.36 22.60
C ASN A 478 -1.77 31.36 23.65
N GLY A 479 -2.29 30.18 23.99
CA GLY A 479 -3.29 30.07 25.04
C GLY A 479 -4.65 30.66 24.70
N VAL A 480 -5.01 30.72 23.42
CA VAL A 480 -6.30 31.22 22.99
C VAL A 480 -7.10 30.08 22.39
N ALA A 481 -8.39 30.33 22.18
CA ALA A 481 -9.32 29.35 21.62
C ALA A 481 -9.61 29.77 20.19
N GLY A 482 -8.79 29.31 19.25
CA GLY A 482 -8.96 29.63 17.85
C GLY A 482 -9.04 28.41 16.97
N PHE A 483 -8.77 28.58 15.67
CA PHE A 483 -8.81 27.46 14.75
C PHE A 483 -7.61 26.55 14.97
N ASN A 484 -7.86 25.24 14.96
CA ASN A 484 -6.86 24.20 15.17
C ASN A 484 -6.17 24.27 16.52
N CYS A 485 -6.69 25.07 17.45
CA CYS A 485 -6.16 25.15 18.81
C CYS A 485 -7.36 25.25 19.76
N TYR A 486 -7.79 24.09 20.28
CA TYR A 486 -8.96 24.04 21.13
C TYR A 486 -8.73 23.06 22.27
N PHE A 487 -9.52 23.22 23.33
CA PHE A 487 -9.45 22.39 24.53
C PHE A 487 -9.85 20.96 24.20
N PRO A 488 -8.94 19.99 24.33
CA PRO A 488 -9.31 18.59 24.04
C PRO A 488 -10.19 17.95 25.10
N LEU A 489 -10.50 18.65 26.20
CA LEU A 489 -11.35 18.11 27.25
C LEU A 489 -12.82 18.35 26.90
N ARG A 490 -13.28 17.63 25.88
CA ARG A 490 -14.66 17.72 25.43
C ARG A 490 -15.54 16.89 26.35
N SER A 491 -16.43 17.55 27.08
CA SER A 491 -17.30 16.90 28.04
C SER A 491 -18.69 16.69 27.45
N TYR A 492 -19.54 16.00 28.21
CA TYR A 492 -20.91 15.73 27.81
C TYR A 492 -21.84 16.05 28.97
N SER A 493 -23.12 16.21 28.64
CA SER A 493 -24.13 16.60 29.61
C SER A 493 -24.72 15.36 30.29
N PHE A 494 -25.40 15.60 31.42
CA PHE A 494 -26.07 14.55 32.19
C PHE A 494 -27.44 15.08 32.59
N ARG A 495 -28.45 14.82 31.74
CA ARG A 495 -29.83 15.19 31.99
C ARG A 495 -30.64 13.94 32.35
N PRO A 496 -31.51 14.02 33.35
CA PRO A 496 -32.27 12.83 33.76
C PRO A 496 -33.40 12.48 32.81
N THR A 497 -33.11 12.54 31.50
CA THR A 497 -34.06 12.11 30.48
C THR A 497 -33.39 11.33 29.35
N TYR A 498 -32.09 11.07 29.44
CA TYR A 498 -31.38 10.38 28.37
C TYR A 498 -31.82 8.91 28.30
N GLY A 499 -31.36 8.23 27.25
CA GLY A 499 -31.61 6.82 27.11
C GLY A 499 -30.78 5.99 28.06
N VAL A 500 -30.93 4.67 27.96
CA VAL A 500 -30.19 3.76 28.83
C VAL A 500 -28.70 3.84 28.54
N GLY A 501 -28.33 4.06 27.27
CA GLY A 501 -26.94 4.10 26.87
C GLY A 501 -26.20 5.39 27.15
N HIS A 502 -26.80 6.32 27.89
CA HIS A 502 -26.13 7.58 28.19
C HIS A 502 -26.28 7.99 29.66
N GLN A 503 -26.79 7.11 30.52
CA GLN A 503 -26.92 7.43 31.93
C GLN A 503 -25.58 7.33 32.64
N PRO A 504 -25.43 7.99 33.78
CA PRO A 504 -24.16 7.91 34.52
C PRO A 504 -23.89 6.50 35.02
N TYR A 505 -22.73 5.97 34.63
CA TYR A 505 -22.28 4.65 35.06
C TYR A 505 -21.06 4.80 35.94
N ARG A 506 -21.20 4.42 37.21
CA ARG A 506 -20.07 4.42 38.14
C ARG A 506 -19.24 3.17 37.89
N VAL A 507 -18.04 3.36 37.34
CA VAL A 507 -17.17 2.25 36.96
C VAL A 507 -15.92 2.30 37.82
N VAL A 508 -15.55 1.16 38.40
CA VAL A 508 -14.37 1.04 39.23
C VAL A 508 -13.73 -0.32 38.97
N VAL A 509 -12.43 -0.30 38.66
CA VAL A 509 -11.68 -1.52 38.38
C VAL A 509 -10.75 -1.80 39.54
N LEU A 510 -10.41 -3.08 39.73
CA LEU A 510 -9.54 -3.52 40.81
C LEU A 510 -8.31 -4.21 40.22
N SER A 511 -7.14 -3.81 40.69
CA SER A 511 -5.87 -4.40 40.28
C SER A 511 -5.35 -5.29 41.40
N PHE A 512 -4.86 -6.47 41.02
CA PHE A 512 -4.36 -7.46 41.97
C PHE A 512 -2.88 -7.68 41.71
N GLU A 513 -2.03 -7.11 42.56
CA GLU A 513 -0.59 -7.27 42.44
C GLU A 513 -0.11 -8.40 43.34
N LEU A 514 1.10 -8.90 43.04
CA LEU A 514 1.70 -9.99 43.81
C LEU A 514 3.21 -9.78 43.79
N LEU A 515 3.73 -9.16 44.84
CA LEU A 515 5.14 -8.89 44.99
C LEU A 515 5.67 -9.58 46.25
N HIS A 516 6.95 -9.35 46.55
CA HIS A 516 7.60 -9.90 47.73
C HIS A 516 7.11 -9.14 48.95
N ALA A 517 6.02 -9.61 49.55
CA ALA A 517 5.39 -8.97 50.68
C ALA A 517 4.91 -10.03 51.66
N PRO A 518 4.72 -9.67 52.93
CA PRO A 518 4.21 -10.65 53.90
C PRO A 518 2.77 -11.05 53.63
N ALA A 519 2.19 -11.85 54.53
CA ALA A 519 0.84 -12.36 54.33
C ALA A 519 -0.19 -11.24 54.45
N THR A 520 -0.56 -10.64 53.33
CA THR A 520 -1.50 -9.54 53.29
C THR A 520 -2.91 -10.09 53.10
N VAL A 521 -3.86 -9.24 52.72
CA VAL A 521 -5.28 -9.57 52.56
C VAL A 521 -5.44 -10.86 51.76
N CYS A 522 -6.13 -11.84 52.34
CA CYS A 522 -6.37 -13.10 51.66
C CYS A 522 -7.63 -13.74 52.27
N GLY A 523 -8.76 -13.58 51.60
CA GLY A 523 -10.00 -14.20 52.03
C GLY A 523 -10.60 -13.53 53.25
N PRO A 524 -11.93 -13.47 53.32
CA PRO A 524 -12.58 -12.89 54.51
C PRO A 524 -12.33 -13.70 55.77
N LYS A 525 -12.76 -14.97 55.76
CA LYS A 525 -12.61 -15.89 56.88
C LYS A 525 -13.17 -17.26 56.50
N LYS A 526 -13.05 -18.23 57.40
CA LYS A 526 -13.63 -19.56 57.17
C LYS A 526 -13.86 -20.22 58.53
N SER A 527 -15.12 -20.35 58.91
CA SER A 527 -15.50 -21.00 60.16
C SER A 527 -16.49 -22.12 59.87
N THR A 528 -16.55 -23.11 60.77
CA THR A 528 -17.40 -24.27 60.54
C THR A 528 -18.15 -24.72 61.80
N ASN A 529 -18.29 -23.84 62.79
CA ASN A 529 -19.07 -24.14 64.01
C ASN A 529 -18.53 -25.39 64.70
N LEU A 530 -17.32 -25.24 65.23
CA LEU A 530 -16.59 -26.34 65.87
C LEU A 530 -17.45 -27.03 66.92
N VAL A 531 -17.55 -28.35 66.81
CA VAL A 531 -18.25 -29.20 67.77
C VAL A 531 -17.24 -30.16 68.38
N LYS A 532 -17.33 -30.36 69.70
CA LYS A 532 -16.39 -31.19 70.45
C LYS A 532 -17.16 -32.35 71.07
N ASN A 533 -17.34 -33.43 70.31
CA ASN A 533 -17.96 -34.63 70.85
C ASN A 533 -17.29 -35.93 70.41
N LYS A 534 -16.48 -35.93 69.35
CA LYS A 534 -15.90 -37.15 68.82
C LYS A 534 -14.56 -36.84 68.18
N CYS A 535 -14.00 -37.85 67.51
CA CYS A 535 -12.75 -37.69 66.75
C CYS A 535 -13.09 -37.17 65.36
N VAL A 536 -12.72 -35.92 65.08
CA VAL A 536 -13.00 -35.27 63.81
C VAL A 536 -11.77 -34.48 63.39
N ASN A 537 -11.77 -34.07 62.12
CA ASN A 537 -10.70 -33.23 61.60
C ASN A 537 -10.80 -31.82 62.17
N PHE A 538 -9.68 -31.10 62.13
CA PHE A 538 -9.63 -29.74 62.63
C PHE A 538 -8.65 -28.93 61.80
N ASN A 539 -8.90 -27.62 61.73
CA ASN A 539 -8.03 -26.68 61.01
C ASN A 539 -7.92 -25.42 61.88
N PHE A 540 -6.90 -25.38 62.73
CA PHE A 540 -6.68 -24.26 63.64
C PHE A 540 -5.61 -23.35 63.03
N ASN A 541 -6.03 -22.59 62.00
CA ASN A 541 -5.18 -21.58 61.37
C ASN A 541 -3.87 -22.17 60.86
N GLY A 542 -3.96 -23.29 60.15
CA GLY A 542 -2.80 -23.88 59.53
C GLY A 542 -2.59 -25.34 59.82
N LEU A 543 -2.89 -25.76 61.06
CA LEU A 543 -2.72 -27.15 61.46
C LEU A 543 -3.90 -27.96 60.94
N LYS A 544 -3.60 -29.00 60.15
CA LYS A 544 -4.64 -29.79 59.51
C LYS A 544 -4.51 -31.27 59.86
N GLY A 545 -4.31 -31.57 61.15
CA GLY A 545 -4.18 -32.94 61.60
C GLY A 545 -5.52 -33.52 62.06
N THR A 546 -5.44 -34.70 62.66
CA THR A 546 -6.60 -35.40 63.18
C THR A 546 -6.42 -35.62 64.68
N GLY A 547 -7.55 -35.78 65.38
CA GLY A 547 -7.50 -36.00 66.80
C GLY A 547 -8.86 -35.81 67.43
N VAL A 548 -8.89 -35.97 68.76
CA VAL A 548 -10.10 -35.82 69.55
C VAL A 548 -9.95 -34.58 70.42
N LEU A 549 -10.86 -33.64 70.24
CA LEU A 549 -10.85 -32.43 71.07
C LEU A 549 -11.35 -32.76 72.47
N THR A 550 -10.57 -32.34 73.48
CA THR A 550 -10.90 -32.65 74.87
C THR A 550 -10.93 -31.43 75.79
N GLU A 551 -10.32 -30.31 75.40
CA GLU A 551 -10.30 -29.09 76.21
C GLU A 551 -9.67 -29.36 77.58
N SER A 552 -8.39 -29.69 77.54
CA SER A 552 -7.64 -30.00 78.75
C SER A 552 -7.51 -28.75 79.63
N ASN A 553 -6.91 -28.94 80.81
CA ASN A 553 -6.78 -27.90 81.81
C ASN A 553 -5.37 -27.32 81.85
N LYS A 554 -4.73 -27.21 80.69
CA LYS A 554 -3.42 -26.60 80.62
C LYS A 554 -3.52 -25.08 80.75
N LYS A 555 -2.40 -24.45 81.09
CA LYS A 555 -2.32 -23.02 81.29
C LYS A 555 -1.24 -22.46 80.35
N PHE A 556 -1.67 -22.00 79.18
CA PHE A 556 -0.76 -21.46 78.19
C PHE A 556 -0.45 -20.00 78.48
N LEU A 557 0.35 -19.41 77.61
CA LEU A 557 0.69 -17.99 77.62
C LEU A 557 -0.09 -17.25 76.54
N PRO A 558 -0.28 -15.93 76.71
CA PRO A 558 -1.11 -15.20 75.73
C PRO A 558 -0.56 -15.24 74.31
N PHE A 559 0.75 -15.06 74.14
CA PHE A 559 1.30 -15.07 72.79
C PHE A 559 1.35 -16.48 72.20
N GLN A 560 1.35 -17.50 73.05
CA GLN A 560 1.42 -18.88 72.56
C GLN A 560 0.07 -19.30 72.01
N GLN A 561 0.10 -20.04 70.90
CA GLN A 561 -1.11 -20.53 70.25
C GLN A 561 -1.13 -22.04 70.09
N PHE A 562 0.02 -22.67 69.86
CA PHE A 562 0.12 -24.11 69.70
C PHE A 562 0.87 -24.71 70.89
N GLY A 563 0.62 -25.98 71.17
CA GLY A 563 1.32 -26.69 72.21
C GLY A 563 1.90 -28.01 71.73
N ARG A 564 3.17 -28.25 72.05
CA ARG A 564 3.85 -29.47 71.61
C ARG A 564 4.67 -30.04 72.75
N ASP A 565 4.45 -31.33 73.04
CA ASP A 565 5.32 -32.07 73.95
C ASP A 565 6.56 -32.51 73.18
N ILE A 566 7.34 -33.43 73.75
CA ILE A 566 8.54 -33.92 73.06
C ILE A 566 8.08 -35.09 72.19
N ALA A 567 7.51 -34.73 71.04
CA ALA A 567 7.17 -35.72 70.03
C ALA A 567 7.30 -35.18 68.61
N ASP A 568 7.74 -33.94 68.42
CA ASP A 568 7.75 -33.29 67.10
C ASP A 568 6.36 -33.32 66.47
N THR A 569 5.33 -33.17 67.29
CA THR A 569 3.95 -33.22 66.83
C THR A 569 3.08 -32.43 67.80
N THR A 570 2.17 -31.63 67.26
CA THR A 570 1.30 -30.79 68.08
C THR A 570 0.30 -31.66 68.83
N ASP A 571 0.12 -31.37 70.13
CA ASP A 571 -0.84 -32.08 70.95
C ASP A 571 -1.80 -31.17 71.70
N ALA A 572 -1.70 -29.84 71.50
CA ALA A 572 -2.60 -28.90 72.16
C ALA A 572 -2.64 -27.62 71.35
N VAL A 573 -3.85 -27.11 71.10
CA VAL A 573 -4.04 -25.90 70.33
C VAL A 573 -4.97 -24.96 71.07
N ARG A 574 -4.88 -23.68 70.74
CA ARG A 574 -5.74 -22.65 71.29
C ARG A 574 -6.77 -22.24 70.24
N ASP A 575 -8.04 -22.20 70.65
CA ASP A 575 -9.09 -21.80 69.73
C ASP A 575 -8.92 -20.34 69.35
N PRO A 576 -8.93 -20.00 68.06
CA PRO A 576 -8.72 -18.59 67.68
C PRO A 576 -9.83 -17.66 68.16
N GLN A 577 -11.08 -18.12 68.11
CA GLN A 577 -12.20 -17.25 68.49
C GLN A 577 -12.29 -17.10 70.01
N THR A 578 -12.49 -18.21 70.72
CA THR A 578 -12.58 -18.19 72.17
C THR A 578 -11.24 -18.60 72.77
N LEU A 579 -10.80 -17.86 73.80
CA LEU A 579 -9.50 -18.10 74.42
C LEU A 579 -9.59 -19.36 75.30
N GLU A 580 -9.63 -20.50 74.63
CA GLU A 580 -9.69 -21.80 75.28
C GLU A 580 -8.41 -22.57 75.01
N ILE A 581 -8.15 -23.57 75.86
CA ILE A 581 -6.95 -24.41 75.75
C ILE A 581 -7.44 -25.82 75.47
N LEU A 582 -7.29 -26.27 74.22
CA LEU A 582 -7.73 -27.58 73.79
C LEU A 582 -6.57 -28.57 73.82
N ASP A 583 -6.90 -29.85 73.64
CA ASP A 583 -5.92 -30.92 73.60
C ASP A 583 -6.38 -31.95 72.57
N ILE A 584 -5.58 -32.12 71.51
CA ILE A 584 -5.94 -33.02 70.41
C ILE A 584 -5.27 -34.36 70.69
N THR A 585 -5.97 -35.22 71.41
CA THR A 585 -5.49 -36.60 71.52
C THR A 585 -5.82 -37.36 70.24
N PRO A 586 -4.88 -38.16 69.72
CA PRO A 586 -5.11 -38.81 68.43
C PRO A 586 -6.32 -39.74 68.46
N CYS A 587 -6.84 -40.01 67.27
CA CYS A 587 -8.01 -40.87 67.13
C CYS A 587 -7.69 -42.29 67.60
N SER A 588 -8.74 -43.09 67.76
CA SER A 588 -8.59 -44.45 68.26
C SER A 588 -7.90 -45.31 67.20
N PHE A 589 -6.73 -45.86 67.54
CA PHE A 589 -5.98 -46.74 66.66
C PHE A 589 -5.41 -47.88 67.48
N GLY A 590 -4.74 -48.81 66.79
CA GLY A 590 -4.14 -49.95 67.47
C GLY A 590 -3.77 -51.05 66.50
N GLY A 591 -3.82 -52.28 67.00
CA GLY A 591 -3.48 -53.44 66.19
C GLY A 591 -4.45 -54.59 66.37
N VAL A 592 -4.78 -55.27 65.27
CA VAL A 592 -5.75 -56.36 65.28
C VAL A 592 -5.00 -57.69 65.35
N SER A 593 -5.32 -58.48 66.36
CA SER A 593 -4.77 -59.82 66.51
C SER A 593 -5.89 -60.85 66.39
N VAL A 594 -5.54 -62.02 65.87
CA VAL A 594 -6.51 -63.08 65.59
C VAL A 594 -6.06 -64.33 66.32
N ILE A 595 -6.85 -64.75 67.31
CA ILE A 595 -6.60 -66.01 68.01
C ILE A 595 -7.38 -67.11 67.30
N THR A 596 -6.69 -68.14 66.85
CA THR A 596 -7.33 -69.21 66.09
C THR A 596 -6.76 -70.56 66.48
N PRO A 597 -7.60 -71.53 66.89
CA PRO A 597 -7.09 -72.87 67.19
C PRO A 597 -6.57 -73.62 65.98
N GLY A 598 -6.80 -73.11 64.77
CA GLY A 598 -6.34 -73.79 63.57
C GLY A 598 -7.48 -74.30 62.72
N THR A 599 -7.32 -74.26 61.40
CA THR A 599 -8.36 -74.76 60.49
C THR A 599 -8.29 -76.27 60.33
N ASN A 600 -8.33 -76.97 61.46
CA ASN A 600 -8.34 -78.43 61.46
C ASN A 600 -9.30 -79.03 62.48
N THR A 601 -9.74 -78.28 63.49
CA THR A 601 -10.69 -78.79 64.47
C THR A 601 -11.90 -77.88 64.57
N SER A 602 -11.72 -76.61 64.25
CA SER A 602 -12.80 -75.63 64.31
C SER A 602 -12.44 -74.45 63.41
N ASN A 603 -13.42 -73.54 63.25
CA ASN A 603 -13.23 -72.34 62.46
C ASN A 603 -13.57 -71.08 63.22
N GLN A 604 -13.72 -71.16 64.55
CA GLN A 604 -14.02 -70.00 65.37
C GLN A 604 -12.74 -69.24 65.69
N VAL A 605 -12.86 -67.92 65.77
CA VAL A 605 -11.74 -67.03 66.04
C VAL A 605 -12.08 -66.16 67.25
N ALA A 606 -11.11 -65.34 67.65
CA ALA A 606 -11.30 -64.41 68.77
C ALA A 606 -10.43 -63.19 68.49
N VAL A 607 -11.08 -62.09 68.10
CA VAL A 607 -10.34 -60.87 67.76
C VAL A 607 -9.72 -60.30 69.03
N LEU A 608 -8.52 -59.74 68.89
CA LEU A 608 -7.80 -59.13 70.01
C LEU A 608 -7.24 -57.78 69.55
N TYR A 609 -7.89 -56.71 69.97
CA TYR A 609 -7.39 -55.38 69.70
C TYR A 609 -6.34 -54.99 70.74
N GLN A 610 -5.38 -54.15 70.32
CA GLN A 610 -4.28 -53.73 71.16
C GLN A 610 -4.36 -52.22 71.35
N GLY A 611 -4.49 -51.78 72.61
CA GLY A 611 -4.55 -50.37 72.91
C GLY A 611 -5.94 -49.77 72.96
N VAL A 612 -6.97 -50.60 73.15
CA VAL A 612 -8.35 -50.13 73.19
C VAL A 612 -8.96 -50.56 74.53
N ASN A 613 -9.74 -49.68 75.13
CA ASN A 613 -10.39 -49.94 76.40
C ASN A 613 -11.77 -50.57 76.22
N CYS A 614 -11.98 -51.28 75.12
CA CYS A 614 -13.26 -51.90 74.76
C CYS A 614 -14.39 -50.89 74.64
N THR A 615 -14.05 -49.60 74.48
CA THR A 615 -15.04 -48.55 74.29
C THR A 615 -14.74 -47.69 73.07
N GLU A 616 -13.75 -48.07 72.26
CA GLU A 616 -13.38 -47.32 71.06
C GLU A 616 -13.37 -48.19 69.82
N VAL A 617 -13.97 -49.37 69.88
CA VAL A 617 -14.00 -50.27 68.73
C VAL A 617 -15.09 -49.84 67.76
N ASN A 638 -18.48 -62.51 73.98
CA ASN A 638 -18.06 -61.81 75.19
C ASN A 638 -16.95 -60.81 74.87
N VAL A 639 -16.96 -59.68 75.57
CA VAL A 639 -15.98 -58.61 75.38
C VAL A 639 -15.31 -58.38 76.73
N PHE A 640 -14.11 -58.91 76.90
CA PHE A 640 -13.35 -58.78 78.14
C PHE A 640 -12.22 -57.78 77.96
N GLN A 641 -11.75 -57.24 79.09
CA GLN A 641 -10.70 -56.23 79.11
C GLN A 641 -9.50 -56.79 79.87
N THR A 642 -8.45 -57.15 79.14
CA THR A 642 -7.19 -57.58 79.72
C THR A 642 -6.18 -56.44 79.65
N ARG A 643 -5.01 -56.65 80.23
CA ARG A 643 -3.95 -55.65 80.15
C ARG A 643 -3.15 -55.81 78.87
N ALA A 644 -3.86 -55.92 77.74
CA ALA A 644 -3.22 -55.97 76.43
C ALA A 644 -4.04 -55.27 75.36
N GLY A 645 -5.16 -54.64 75.71
CA GLY A 645 -6.06 -54.06 74.74
C GLY A 645 -7.50 -54.45 74.99
N CYS A 646 -8.18 -54.98 73.98
CA CYS A 646 -9.56 -55.43 74.13
C CYS A 646 -9.71 -56.77 73.42
N LEU A 647 -10.13 -57.78 74.17
CA LEU A 647 -10.34 -59.13 73.63
C LEU A 647 -11.84 -59.32 73.42
N ILE A 648 -12.23 -59.57 72.17
CA ILE A 648 -13.62 -59.72 71.79
C ILE A 648 -13.79 -61.12 71.19
N GLY A 649 -14.52 -61.98 71.91
CA GLY A 649 -14.81 -63.30 71.40
C GLY A 649 -14.26 -64.44 72.25
N ALA A 650 -14.08 -64.19 73.54
CA ALA A 650 -13.55 -65.20 74.44
C ALA A 650 -14.14 -65.01 75.83
N GLU A 651 -14.24 -66.11 76.57
CA GLU A 651 -14.77 -66.09 77.92
C GLU A 651 -13.64 -65.80 78.92
N TYR A 652 -13.98 -65.79 80.20
CA TYR A 652 -13.04 -65.51 81.28
C TYR A 652 -13.20 -66.51 82.40
N VAL A 653 -13.20 -67.81 82.05
CA VAL A 653 -13.31 -68.86 83.06
C VAL A 653 -12.18 -68.71 84.08
N ASN A 654 -12.52 -68.87 85.36
CA ASN A 654 -11.60 -68.67 86.46
C ASN A 654 -10.75 -69.91 86.77
N ASN A 655 -10.65 -70.84 85.83
CA ASN A 655 -9.83 -72.03 86.03
C ASN A 655 -8.38 -71.71 85.67
N SER A 656 -7.53 -72.72 85.70
CA SER A 656 -6.10 -72.53 85.40
C SER A 656 -5.55 -73.82 84.81
N TYR A 657 -5.09 -73.75 83.56
CA TYR A 657 -4.49 -74.90 82.90
C TYR A 657 -3.15 -74.51 82.28
N GLU A 658 -2.58 -75.42 81.48
CA GLU A 658 -1.36 -75.09 80.76
C GLU A 658 -1.63 -73.96 79.77
N CYS A 659 -0.65 -73.09 79.59
CA CYS A 659 -0.84 -71.89 78.79
C CYS A 659 -0.90 -72.25 77.31
N ASP A 660 -2.07 -72.10 76.72
CA ASP A 660 -2.25 -72.18 75.27
C ASP A 660 -1.85 -70.84 74.67
N ILE A 661 -2.30 -70.56 73.44
CA ILE A 661 -1.95 -69.36 72.68
C ILE A 661 -1.86 -68.14 73.60
N PRO A 662 -0.69 -67.50 73.70
CA PRO A 662 -0.56 -66.37 74.62
C PRO A 662 -1.21 -65.10 74.10
N ILE A 663 -1.72 -64.31 75.02
CA ILE A 663 -2.35 -63.03 74.72
C ILE A 663 -1.54 -61.87 75.30
N GLY A 664 -1.17 -61.96 76.56
CA GLY A 664 -0.42 -60.93 77.23
C GLY A 664 -0.87 -60.79 78.68
N ALA A 665 0.06 -60.34 79.53
CA ALA A 665 -0.19 -60.16 80.95
C ALA A 665 -0.67 -61.44 81.62
N GLY A 666 -0.18 -62.58 81.15
CA GLY A 666 -0.53 -63.87 81.72
C GLY A 666 -1.79 -64.49 81.17
N ILE A 667 -2.53 -63.79 80.33
CA ILE A 667 -3.77 -64.31 79.76
C ILE A 667 -3.42 -65.28 78.63
N CYS A 668 -3.85 -66.53 78.77
CA CYS A 668 -3.69 -67.55 77.74
C CYS A 668 -5.07 -67.98 77.25
N ALA A 669 -5.16 -68.23 75.95
CA ALA A 669 -6.44 -68.54 75.32
C ALA A 669 -6.39 -69.94 74.73
N SER A 670 -7.27 -70.81 75.19
CA SER A 670 -7.35 -72.19 74.75
C SER A 670 -8.68 -72.45 74.06
N TYR A 671 -8.87 -73.69 73.62
CA TYR A 671 -10.10 -74.14 72.96
C TYR A 671 -10.54 -75.42 73.65
N GLN A 672 -11.32 -75.29 74.72
CA GLN A 672 -11.77 -76.41 75.51
C GLN A 672 -13.29 -76.50 75.48
N THR A 673 -13.81 -77.62 75.98
CA THR A 673 -15.24 -77.85 76.03
C THR A 673 -15.90 -77.04 77.14
N SER A 686 -20.59 -78.54 73.64
CA SER A 686 -20.37 -77.12 73.40
C SER A 686 -18.87 -76.79 73.45
N GLN A 687 -18.37 -76.20 72.37
CA GLN A 687 -16.96 -75.83 72.26
C GLN A 687 -16.85 -74.33 72.03
N SER A 688 -15.92 -73.70 72.75
CA SER A 688 -15.71 -72.27 72.64
C SER A 688 -14.25 -71.95 72.94
N ILE A 689 -13.85 -70.73 72.59
CA ILE A 689 -12.48 -70.27 72.82
C ILE A 689 -12.46 -69.54 74.16
N ILE A 690 -11.97 -70.21 75.19
CA ILE A 690 -11.88 -69.60 76.51
C ILE A 690 -10.58 -68.81 76.64
N ALA A 691 -10.55 -67.94 77.64
CA ALA A 691 -9.36 -67.13 77.93
C ALA A 691 -9.22 -67.04 79.44
N TYR A 692 -8.24 -67.75 79.99
CA TYR A 692 -8.04 -67.86 81.42
C TYR A 692 -6.66 -67.32 81.81
N THR A 693 -6.35 -67.41 83.09
CA THR A 693 -5.05 -67.03 83.62
C THR A 693 -4.16 -68.26 83.71
N MET A 694 -2.91 -68.11 83.25
CA MET A 694 -2.00 -69.24 83.20
C MET A 694 -1.64 -69.73 84.60
N SER A 695 -1.34 -71.02 84.70
CA SER A 695 -0.92 -71.65 85.94
C SER A 695 0.56 -71.99 85.83
N LEU A 696 1.32 -71.65 86.88
CA LEU A 696 2.76 -71.87 86.90
C LEU A 696 3.13 -73.28 87.32
N GLY A 697 2.19 -74.22 87.26
CA GLY A 697 2.42 -75.59 87.66
C GLY A 697 1.61 -75.96 88.89
N ALA A 698 1.82 -77.19 89.34
CA ALA A 698 1.12 -77.68 90.51
C ALA A 698 1.69 -77.03 91.78
N GLU A 699 0.92 -77.10 92.86
CA GLU A 699 1.29 -76.53 94.15
C GLU A 699 1.80 -77.65 95.04
N ASN A 700 3.01 -77.49 95.56
CA ASN A 700 3.63 -78.48 96.42
C ASN A 700 4.27 -77.78 97.61
N SER A 701 4.30 -78.48 98.75
CA SER A 701 4.89 -77.95 99.97
C SER A 701 5.66 -79.06 100.66
N VAL A 702 6.99 -78.93 100.66
CA VAL A 702 7.85 -79.92 101.29
C VAL A 702 7.79 -79.75 102.80
N ALA A 703 7.52 -80.85 103.52
CA ALA A 703 7.41 -80.81 104.97
C ALA A 703 8.80 -80.71 105.58
N TYR A 704 9.29 -79.48 105.65
CA TYR A 704 10.61 -79.24 106.21
C TYR A 704 10.60 -79.45 107.72
N SER A 705 11.68 -80.06 108.23
CA SER A 705 11.82 -80.30 109.66
C SER A 705 13.29 -80.38 110.00
N ASN A 706 13.51 -80.28 111.31
CA ASN A 706 14.79 -80.17 111.89
C ASN A 706 15.38 -81.48 112.27
N ASN A 707 14.73 -82.54 111.85
CA ASN A 707 15.21 -83.91 112.04
C ASN A 707 14.58 -84.87 111.04
N SER A 708 14.27 -84.40 109.84
CA SER A 708 13.63 -85.22 108.82
C SER A 708 14.41 -85.14 107.52
N ILE A 709 14.72 -86.30 106.95
CA ILE A 709 15.46 -86.40 105.70
C ILE A 709 14.74 -87.39 104.79
N ALA A 710 14.84 -87.16 103.48
CA ALA A 710 14.22 -88.01 102.47
C ALA A 710 15.32 -88.64 101.62
N ILE A 711 15.50 -89.94 101.76
CA ILE A 711 16.49 -90.70 100.99
C ILE A 711 15.74 -91.61 100.03
N PRO A 712 16.04 -91.57 98.74
CA PRO A 712 15.34 -92.42 97.79
C PRO A 712 15.69 -93.90 97.97
N THR A 713 14.80 -94.75 97.49
CA THR A 713 14.98 -96.20 97.58
C THR A 713 14.96 -96.89 96.23
N ASN A 714 15.01 -96.15 95.14
CA ASN A 714 15.11 -96.75 93.86
C ASN A 714 15.44 -95.69 92.88
N PHE A 715 15.84 -96.12 91.73
CA PHE A 715 16.32 -95.23 90.68
C PHE A 715 15.57 -95.50 89.37
N THR A 716 15.39 -94.44 88.59
CA THR A 716 14.75 -94.51 87.28
C THR A 716 15.63 -93.82 86.26
N ILE A 717 16.16 -94.58 85.32
CA ILE A 717 17.05 -94.06 84.28
C ILE A 717 16.19 -93.61 83.11
N SER A 718 16.25 -92.30 82.82
CA SER A 718 15.49 -91.71 81.73
C SER A 718 16.44 -91.17 80.67
N VAL A 719 15.95 -91.13 79.43
CA VAL A 719 16.72 -90.63 78.30
C VAL A 719 15.93 -89.48 77.68
N THR A 720 16.53 -88.29 77.66
CA THR A 720 15.93 -87.11 77.08
C THR A 720 16.63 -86.75 75.78
N THR A 721 16.16 -85.69 75.14
CA THR A 721 16.72 -85.22 73.89
C THR A 721 16.91 -83.71 73.95
N GLU A 722 17.85 -83.22 73.14
CA GLU A 722 18.15 -81.80 73.09
C GLU A 722 18.70 -81.50 71.70
N ILE A 723 17.93 -80.75 70.91
CA ILE A 723 18.29 -80.46 69.53
C ILE A 723 19.00 -79.11 69.49
N LEU A 724 20.06 -79.03 68.68
CA LEU A 724 20.84 -77.80 68.53
C LEU A 724 21.23 -77.61 67.08
N PRO A 725 20.89 -76.48 66.47
CA PRO A 725 21.34 -76.22 65.10
C PRO A 725 22.85 -76.04 65.05
N VAL A 726 23.49 -76.71 64.10
CA VAL A 726 24.94 -76.66 63.97
C VAL A 726 25.40 -75.99 62.68
N SER A 727 24.64 -76.10 61.58
CA SER A 727 25.06 -75.53 60.32
C SER A 727 23.89 -74.82 59.65
N MET A 728 24.22 -73.92 58.74
CA MET A 728 23.23 -73.17 57.98
C MET A 728 23.52 -73.34 56.49
N THR A 729 22.46 -73.29 55.69
CA THR A 729 22.57 -73.50 54.25
C THR A 729 23.43 -72.41 53.63
N LYS A 730 24.54 -72.81 53.02
CA LYS A 730 25.41 -71.86 52.35
C LYS A 730 24.76 -71.33 51.08
N THR A 731 24.91 -70.04 50.84
CA THR A 731 24.31 -69.39 49.69
C THR A 731 25.30 -68.45 49.04
N SER A 732 24.95 -67.98 47.84
CA SER A 732 25.78 -67.04 47.10
C SER A 732 24.90 -66.28 46.14
N VAL A 733 25.24 -65.02 45.91
CA VAL A 733 24.45 -64.13 45.06
C VAL A 733 25.30 -63.69 43.88
N ASP A 734 24.61 -63.38 42.78
CA ASP A 734 25.25 -62.87 41.57
C ASP A 734 24.87 -61.41 41.42
N CYS A 735 25.87 -60.54 41.32
CA CYS A 735 25.62 -59.11 41.29
C CYS A 735 24.96 -58.70 39.97
N THR A 736 25.50 -59.17 38.85
CA THR A 736 25.02 -58.79 37.53
C THR A 736 23.89 -59.70 37.03
N MET A 737 23.21 -60.40 37.94
CA MET A 737 22.09 -61.25 37.53
C MET A 737 20.86 -60.91 38.36
N TYR A 738 21.05 -60.47 39.60
CA TYR A 738 19.92 -60.06 40.42
C TYR A 738 19.49 -58.63 40.10
N ILE A 739 20.45 -57.74 39.87
CA ILE A 739 20.11 -56.37 39.50
C ILE A 739 19.69 -56.29 38.04
N CYS A 740 20.57 -56.72 37.14
CA CYS A 740 20.28 -56.75 35.71
C CYS A 740 19.99 -58.20 35.32
N GLY A 741 18.71 -58.51 35.14
CA GLY A 741 18.31 -59.85 34.74
C GLY A 741 18.00 -59.96 33.25
N ASP A 742 18.87 -60.64 32.52
CA ASP A 742 18.74 -60.78 31.06
C ASP A 742 18.66 -59.40 30.39
N SER A 743 19.44 -58.46 30.91
CA SER A 743 19.38 -57.06 30.50
C SER A 743 20.81 -56.52 30.29
N THR A 744 21.55 -57.22 29.42
CA THR A 744 22.96 -56.91 29.15
C THR A 744 23.24 -55.41 28.99
N GLU A 745 22.26 -54.65 28.53
CA GLU A 745 22.43 -53.19 28.47
C GLU A 745 22.49 -52.59 29.87
N CYS A 746 21.75 -53.16 30.82
CA CYS A 746 21.79 -52.69 32.19
C CYS A 746 23.16 -52.95 32.82
N SER A 747 23.81 -54.05 32.44
CA SER A 747 25.11 -54.39 33.02
C SER A 747 26.18 -53.38 32.63
N ASN A 748 26.00 -52.71 31.49
CA ASN A 748 26.98 -51.70 31.07
C ASN A 748 27.05 -50.54 32.06
N LEU A 749 25.89 -50.14 32.60
CA LEU A 749 25.87 -49.08 33.60
C LEU A 749 26.15 -49.60 35.00
N LEU A 750 25.82 -50.88 35.27
CA LEU A 750 26.06 -51.44 36.59
C LEU A 750 27.55 -51.58 36.89
N LEU A 751 28.36 -51.89 35.88
CA LEU A 751 29.80 -52.00 36.09
C LEU A 751 30.42 -50.65 36.41
N GLN A 752 30.00 -49.60 35.70
CA GLN A 752 30.50 -48.24 35.94
C GLN A 752 29.57 -47.54 36.92
N TYR A 753 29.44 -48.14 38.10
CA TYR A 753 28.61 -47.60 39.16
C TYR A 753 29.28 -47.57 40.52
N GLY A 754 30.33 -48.37 40.74
CA GLY A 754 31.00 -48.40 42.02
C GLY A 754 31.35 -49.81 42.46
N SER A 755 32.48 -49.94 43.17
CA SER A 755 32.95 -51.24 43.64
C SER A 755 32.13 -51.64 44.86
N PHE A 756 30.91 -52.15 44.58
CA PHE A 756 30.00 -52.58 45.63
C PHE A 756 29.67 -54.07 45.56
N CYS A 757 29.87 -54.71 44.41
CA CYS A 757 29.60 -56.14 44.28
C CYS A 757 30.53 -57.00 45.12
N THR A 758 31.75 -56.52 45.41
CA THR A 758 32.70 -57.29 46.21
C THR A 758 32.30 -57.34 47.67
N GLN A 759 31.65 -56.28 48.18
CA GLN A 759 31.21 -56.26 49.57
C GLN A 759 30.14 -57.32 49.83
N LEU A 760 29.17 -57.44 48.92
CA LEU A 760 28.08 -58.38 49.08
C LEU A 760 28.45 -59.80 48.68
N LYS A 761 29.60 -60.00 48.05
CA LYS A 761 30.05 -61.33 47.65
C LYS A 761 31.11 -61.92 48.57
N ARG A 762 32.01 -61.09 49.10
CA ARG A 762 33.02 -61.60 50.03
C ARG A 762 32.44 -61.82 51.42
N ALA A 763 31.44 -61.05 51.81
CA ALA A 763 30.82 -61.24 53.12
C ALA A 763 30.04 -62.55 53.16
N LEU A 764 29.29 -62.86 52.10
CA LEU A 764 28.59 -64.13 52.03
C LEU A 764 29.54 -65.31 51.88
N THR A 765 30.75 -65.08 51.35
CA THR A 765 31.74 -66.13 51.27
C THR A 765 32.30 -66.51 52.64
N GLY A 766 32.50 -65.54 53.53
CA GLY A 766 32.95 -65.85 54.87
C GLY A 766 31.92 -66.64 55.68
N ILE A 767 30.64 -66.47 55.36
CA ILE A 767 29.61 -67.27 56.02
C ILE A 767 29.68 -68.72 55.56
N ALA A 768 29.97 -68.93 54.27
CA ALA A 768 30.08 -70.29 53.74
C ALA A 768 31.25 -71.02 54.37
N VAL A 769 32.37 -70.33 54.58
CA VAL A 769 33.50 -70.95 55.25
C VAL A 769 33.20 -71.17 56.72
N GLU A 770 32.37 -70.31 57.32
CA GLU A 770 32.00 -70.48 58.72
C GLU A 770 31.14 -71.73 58.92
N GLN A 771 30.23 -72.00 57.99
CA GLN A 771 29.38 -73.18 58.11
C GLN A 771 30.18 -74.46 57.97
N ASP A 772 31.25 -74.44 57.17
CA ASP A 772 32.14 -75.59 57.09
C ASP A 772 33.02 -75.73 58.31
N LYS A 773 33.22 -74.65 59.07
CA LYS A 773 33.99 -74.72 60.31
C LYS A 773 33.12 -75.09 61.51
N ASN A 774 31.85 -74.68 61.51
CA ASN A 774 30.96 -75.05 62.61
C ASN A 774 30.72 -76.56 62.64
N THR A 775 30.75 -77.22 61.49
CA THR A 775 30.64 -78.67 61.44
C THR A 775 31.98 -79.37 61.70
N GLN A 776 33.09 -78.74 61.31
CA GLN A 776 34.42 -79.28 61.54
C GLN A 776 34.91 -79.05 62.97
N GLU A 777 34.13 -78.37 63.80
CA GLU A 777 34.46 -78.17 65.20
C GLU A 777 33.57 -78.94 66.15
N VAL A 778 32.50 -79.57 65.66
CA VAL A 778 31.60 -80.34 66.49
C VAL A 778 31.88 -81.82 66.30
N PHE A 779 31.77 -82.30 65.07
CA PHE A 779 32.04 -83.71 64.75
C PHE A 779 33.51 -83.92 64.36
N ALA A 780 34.43 -83.45 65.23
CA ALA A 780 35.85 -83.68 64.97
C ALA A 780 36.66 -83.85 66.26
N GLN A 781 36.02 -84.18 67.37
CA GLN A 781 36.73 -84.29 68.65
C GLN A 781 37.66 -85.49 68.69
N VAL A 782 37.41 -86.50 67.87
CA VAL A 782 38.27 -87.68 67.78
C VAL A 782 39.08 -87.59 66.50
N LYS A 783 40.37 -87.93 66.61
CA LYS A 783 41.24 -87.91 65.44
C LYS A 783 41.07 -89.17 64.60
N GLN A 784 40.89 -90.32 65.25
CA GLN A 784 40.70 -91.58 64.56
C GLN A 784 39.21 -91.90 64.42
N ILE A 785 38.91 -92.88 63.57
CA ILE A 785 37.55 -93.34 63.32
C ILE A 785 37.42 -94.72 63.93
N TYR A 786 36.79 -94.79 65.10
CA TYR A 786 36.62 -96.06 65.78
C TYR A 786 35.48 -96.85 65.17
N LYS A 787 35.58 -98.18 65.27
CA LYS A 787 34.58 -99.08 64.72
C LYS A 787 34.06 -100.00 65.83
N THR A 788 32.77 -100.32 65.74
CA THR A 788 32.16 -101.18 66.73
C THR A 788 32.61 -102.63 66.52
N PRO A 789 32.82 -103.38 67.60
CA PRO A 789 33.21 -104.79 67.46
C PRO A 789 32.07 -105.62 66.91
N PRO A 790 32.36 -106.80 66.36
CA PRO A 790 31.27 -107.64 65.84
C PRO A 790 30.29 -108.09 66.91
N ILE A 791 30.78 -108.42 68.10
CA ILE A 791 29.90 -108.83 69.19
C ILE A 791 29.19 -107.60 69.74
N LYS A 792 27.89 -107.74 70.01
CA LYS A 792 27.06 -106.65 70.49
C LYS A 792 26.45 -106.97 71.84
N TYR A 793 27.26 -107.53 72.74
CA TYR A 793 26.85 -107.83 74.10
C TYR A 793 27.66 -106.94 75.04
N PHE A 794 27.04 -105.84 75.49
CA PHE A 794 27.69 -104.85 76.33
C PHE A 794 27.18 -104.92 77.78
N GLY A 795 26.88 -106.13 78.25
CA GLY A 795 26.44 -106.34 79.61
C GLY A 795 24.95 -106.54 79.76
N GLY A 796 24.17 -106.24 78.72
CA GLY A 796 22.73 -106.40 78.78
C GLY A 796 21.98 -105.28 78.07
N PHE A 797 22.71 -104.22 77.70
CA PHE A 797 22.11 -103.11 77.00
C PHE A 797 21.92 -103.45 75.52
N ASN A 798 21.06 -102.68 74.89
CA ASN A 798 20.72 -102.92 73.53
C ASN A 798 20.94 -101.70 72.73
N PHE A 799 22.10 -101.66 72.11
CA PHE A 799 22.49 -100.52 71.28
C PHE A 799 22.14 -100.80 69.81
N SER A 800 20.88 -101.15 69.59
CA SER A 800 20.36 -101.44 68.27
C SER A 800 19.59 -100.27 67.68
N GLN A 801 19.64 -99.11 68.33
CA GLN A 801 18.95 -97.92 67.85
C GLN A 801 19.89 -96.75 67.58
N ILE A 802 21.06 -96.70 68.20
CA ILE A 802 22.01 -95.62 68.01
C ILE A 802 23.14 -96.03 67.08
N LEU A 803 23.54 -97.30 67.09
CA LEU A 803 24.59 -97.76 66.21
C LEU A 803 24.08 -97.85 64.78
N PRO A 804 24.97 -97.65 63.79
CA PRO A 804 24.53 -97.73 62.39
C PRO A 804 24.11 -99.14 62.01
N ASP A 805 23.31 -99.21 60.94
CA ASP A 805 22.79 -100.48 60.45
C ASP A 805 23.47 -100.82 59.14
N PRO A 806 24.05 -102.02 59.00
CA PRO A 806 24.71 -102.36 57.72
C PRO A 806 23.75 -102.58 56.58
N SER A 807 22.53 -103.04 56.85
CA SER A 807 21.57 -103.27 55.78
C SER A 807 21.04 -101.97 55.20
N LYS A 808 21.11 -100.89 55.96
CA LYS A 808 20.65 -99.59 55.45
C LYS A 808 21.61 -99.09 54.37
N PRO A 809 21.10 -98.69 53.20
CA PRO A 809 22.01 -98.16 52.17
C PRO A 809 22.77 -96.92 52.60
N SER A 810 22.13 -96.05 53.38
CA SER A 810 22.78 -94.83 53.84
C SER A 810 23.70 -95.06 55.04
N LYS A 811 23.70 -96.28 55.60
CA LYS A 811 24.57 -96.64 56.73
C LYS A 811 24.36 -95.71 57.92
N ARG A 812 23.10 -95.59 58.35
CA ARG A 812 22.73 -94.78 59.50
C ARG A 812 22.05 -95.67 60.54
N SER A 813 21.56 -95.04 61.60
CA SER A 813 20.88 -95.72 62.69
C SER A 813 19.37 -95.54 62.58
N PRO A 814 18.59 -96.41 63.20
CA PRO A 814 17.12 -96.26 63.11
C PRO A 814 16.61 -94.94 63.65
N ILE A 815 17.26 -94.38 64.68
CA ILE A 815 16.84 -93.09 65.20
C ILE A 815 17.16 -91.98 64.22
N GLU A 816 18.36 -92.01 63.62
CA GLU A 816 18.73 -91.01 62.64
C GLU A 816 17.90 -91.11 61.36
N ASP A 817 17.36 -92.29 61.05
CA ASP A 817 16.52 -92.43 59.87
C ASP A 817 15.22 -91.65 60.03
N LEU A 818 14.70 -91.56 61.25
CA LEU A 818 13.49 -90.78 61.49
C LEU A 818 13.76 -89.29 61.45
N LEU A 819 15.02 -88.86 61.63
CA LEU A 819 15.35 -87.45 61.62
C LEU A 819 15.45 -86.89 60.21
N PHE A 820 16.07 -87.64 59.29
CA PHE A 820 16.22 -87.21 57.92
C PHE A 820 14.95 -87.41 57.10
N ASN A 821 13.90 -87.99 57.68
CA ASN A 821 12.62 -88.15 56.99
C ASN A 821 11.54 -87.22 57.53
N LYS A 822 11.77 -86.55 58.65
CA LYS A 822 10.80 -85.62 59.22
C LYS A 822 11.16 -84.16 58.97
N VAL A 823 12.44 -83.83 58.96
CA VAL A 823 12.91 -82.46 58.74
C VAL A 823 13.16 -82.32 57.24
N THR A 824 12.19 -81.78 56.52
CA THR A 824 12.32 -81.59 55.08
C THR A 824 12.26 -80.11 54.71
N ARG A 844 9.78 -77.89 38.69
CA ARG A 844 10.17 -76.52 39.01
C ARG A 844 9.84 -76.18 40.46
N ASP A 845 10.56 -76.80 41.38
CA ASP A 845 10.34 -76.56 42.79
C ASP A 845 10.95 -75.21 43.20
N LEU A 846 10.79 -74.88 44.49
CA LEU A 846 11.30 -73.62 45.00
C LEU A 846 12.82 -73.56 45.02
N ILE A 847 13.48 -74.71 45.19
CA ILE A 847 14.95 -74.72 45.22
C ILE A 847 15.51 -74.38 43.84
N CYS A 848 14.85 -74.83 42.77
CA CYS A 848 15.30 -74.55 41.41
C CYS A 848 14.81 -73.22 40.87
N ALA A 849 13.64 -72.74 41.32
CA ALA A 849 13.13 -71.46 40.85
C ALA A 849 13.97 -70.30 41.37
N GLN A 850 14.55 -70.44 42.55
CA GLN A 850 15.39 -69.39 43.13
C GLN A 850 16.81 -69.41 42.56
N LYS A 851 17.29 -70.55 42.08
CA LYS A 851 18.62 -70.63 41.48
C LYS A 851 18.72 -69.81 40.19
N PHE A 852 17.63 -69.70 39.44
CA PHE A 852 17.62 -68.97 38.18
C PHE A 852 17.59 -67.46 38.36
N LYS A 853 17.71 -66.97 39.60
CA LYS A 853 17.78 -65.55 39.88
C LYS A 853 19.16 -65.10 40.34
N GLY A 854 20.10 -66.03 40.53
CA GLY A 854 21.41 -65.68 41.02
C GLY A 854 21.64 -66.14 42.44
N LEU A 855 20.63 -66.75 43.04
CA LEU A 855 20.68 -67.23 44.42
C LEU A 855 20.95 -68.73 44.40
N THR A 856 22.22 -69.09 44.31
CA THR A 856 22.63 -70.48 44.31
C THR A 856 22.85 -70.98 45.74
N VAL A 857 22.90 -72.30 45.88
CA VAL A 857 23.11 -72.96 47.17
C VAL A 857 24.35 -73.83 47.04
N LEU A 858 25.43 -73.45 47.70
CA LEU A 858 26.65 -74.22 47.64
C LEU A 858 26.53 -75.49 48.48
N PRO A 859 27.02 -76.62 48.00
CA PRO A 859 26.92 -77.87 48.76
C PRO A 859 27.90 -77.86 49.93
N PRO A 860 27.51 -78.43 51.06
CA PRO A 860 28.41 -78.46 52.22
C PRO A 860 29.62 -79.36 51.95
N LEU A 861 30.68 -79.11 52.72
CA LEU A 861 31.89 -79.91 52.58
C LEU A 861 31.66 -81.34 53.07
N LEU A 862 31.26 -81.49 54.33
CA LEU A 862 30.95 -82.81 54.87
C LEU A 862 29.54 -83.23 54.47
N THR A 863 29.42 -84.40 53.87
CA THR A 863 28.14 -84.91 53.42
C THR A 863 27.44 -85.65 54.57
N ASP A 864 26.23 -86.13 54.29
CA ASP A 864 25.49 -86.88 55.30
C ASP A 864 26.17 -88.20 55.64
N GLU A 865 26.96 -88.74 54.70
CA GLU A 865 27.67 -89.98 54.96
C GLU A 865 28.91 -89.75 55.83
N MET A 866 29.64 -88.66 55.56
CA MET A 866 30.85 -88.39 56.34
C MET A 866 30.51 -87.95 57.76
N ILE A 867 29.40 -87.24 57.94
CA ILE A 867 28.97 -86.88 59.29
C ILE A 867 28.51 -88.11 60.05
N ALA A 868 27.86 -89.05 59.35
CA ALA A 868 27.44 -90.29 59.99
C ALA A 868 28.64 -91.12 60.44
N GLN A 869 29.74 -91.07 59.69
CA GLN A 869 30.95 -91.77 60.10
C GLN A 869 31.64 -91.06 61.26
N TYR A 870 31.59 -89.73 61.28
CA TYR A 870 32.14 -88.99 62.41
C TYR A 870 31.37 -89.28 63.70
N THR A 871 30.04 -89.41 63.61
CA THR A 871 29.25 -89.80 64.76
C THR A 871 29.47 -91.26 65.15
N SER A 872 29.61 -92.15 64.17
CA SER A 872 29.87 -93.55 64.44
C SER A 872 31.17 -93.77 65.21
N ALA A 873 32.19 -92.94 64.97
CA ALA A 873 33.39 -92.99 65.79
C ALA A 873 33.10 -92.55 67.22
N LEU A 874 32.15 -91.64 67.40
CA LEU A 874 31.71 -91.27 68.74
C LEU A 874 30.63 -92.21 69.25
N LEU A 875 29.87 -92.83 68.34
CA LEU A 875 28.87 -93.81 68.76
C LEU A 875 29.55 -95.03 69.38
N ALA A 876 30.61 -95.53 68.75
CA ALA A 876 31.43 -96.56 69.38
C ALA A 876 32.03 -95.95 70.65
N GLY A 877 32.91 -94.97 70.47
CA GLY A 877 33.23 -93.97 71.49
C GLY A 877 33.27 -94.44 72.93
N THR A 878 32.37 -93.87 73.73
CA THR A 878 32.32 -94.18 75.16
C THR A 878 31.95 -95.64 75.41
N ILE A 879 31.23 -96.27 74.49
CA ILE A 879 30.77 -97.64 74.71
C ILE A 879 31.93 -98.60 74.79
N THR A 880 32.96 -98.40 73.94
CA THR A 880 34.10 -99.29 73.90
C THR A 880 35.36 -98.70 74.52
N SER A 881 35.37 -97.42 74.84
CA SER A 881 36.56 -96.78 75.41
C SER A 881 36.28 -96.08 76.73
N GLY A 882 35.14 -95.44 76.87
CA GLY A 882 34.78 -94.78 78.12
C GLY A 882 35.21 -93.31 78.14
N TRP A 883 36.20 -93.00 78.97
CA TRP A 883 36.64 -91.62 79.17
C TRP A 883 37.84 -91.25 78.31
N THR A 884 38.61 -92.23 77.84
CA THR A 884 39.91 -91.99 77.24
C THR A 884 39.88 -92.00 75.72
N PHE A 885 38.80 -91.54 75.11
CA PHE A 885 38.74 -91.38 73.66
C PHE A 885 38.62 -89.92 73.25
N GLY A 886 38.66 -89.00 74.21
CA GLY A 886 38.68 -87.58 73.92
C GLY A 886 39.84 -86.90 74.61
N ALA A 887 40.56 -87.64 75.43
CA ALA A 887 41.71 -87.15 76.17
C ALA A 887 43.03 -87.65 75.61
N GLY A 888 43.18 -88.97 75.46
CA GLY A 888 44.39 -89.54 74.92
C GLY A 888 44.12 -90.80 74.14
N PRO A 889 44.96 -91.82 74.33
CA PRO A 889 44.75 -93.09 73.63
C PRO A 889 43.55 -93.84 74.17
N ALA A 890 42.83 -94.51 73.28
CA ALA A 890 41.63 -95.24 73.67
C ALA A 890 42.00 -96.44 74.53
N LEU A 891 41.37 -96.55 75.69
CA LEU A 891 41.60 -97.64 76.62
C LEU A 891 40.35 -98.50 76.70
N GLN A 892 40.51 -99.80 76.47
CA GLN A 892 39.38 -100.72 76.51
C GLN A 892 38.89 -100.90 77.94
N ILE A 893 37.58 -101.06 78.09
CA ILE A 893 36.96 -101.23 79.40
C ILE A 893 35.59 -101.87 79.22
N PRO A 894 35.23 -102.87 80.02
CA PRO A 894 33.89 -103.47 79.89
C PRO A 894 32.81 -102.47 80.23
N PHE A 895 31.72 -102.51 79.46
CA PHE A 895 30.63 -101.59 79.68
C PHE A 895 29.93 -101.77 81.02
N PRO A 896 29.63 -102.99 81.49
CA PRO A 896 29.06 -103.12 82.84
C PRO A 896 29.96 -102.59 83.93
N MET A 897 31.28 -102.63 83.74
CA MET A 897 32.21 -102.01 84.67
C MET A 897 32.48 -100.55 84.35
N GLN A 898 32.12 -100.10 83.14
CA GLN A 898 32.28 -98.70 82.78
C GLN A 898 31.26 -97.83 83.50
N MET A 899 30.01 -98.29 83.58
CA MET A 899 28.97 -97.54 84.28
C MET A 899 29.26 -97.44 85.78
N ALA A 900 30.13 -98.29 86.32
CA ALA A 900 30.49 -98.20 87.73
C ALA A 900 31.25 -96.91 88.02
N TYR A 901 32.02 -96.41 87.07
CA TYR A 901 32.71 -95.13 87.25
C TYR A 901 31.75 -93.96 87.09
N ARG A 902 30.78 -94.07 86.18
CA ARG A 902 29.81 -93.00 85.95
C ARG A 902 28.71 -92.97 87.01
N PHE A 903 28.43 -94.12 87.64
CA PHE A 903 27.54 -94.12 88.79
C PHE A 903 28.24 -93.63 90.06
N ASN A 904 29.56 -93.70 90.11
CA ASN A 904 30.33 -93.19 91.24
C ASN A 904 30.60 -91.70 91.15
N GLY A 905 30.27 -91.07 90.02
CA GLY A 905 30.49 -89.64 89.86
C GLY A 905 29.32 -88.81 90.31
N ILE A 906 28.24 -89.47 90.73
CA ILE A 906 27.05 -88.79 91.22
C ILE A 906 26.81 -89.08 92.70
N GLY A 907 27.84 -89.59 93.40
CA GLY A 907 27.75 -89.90 94.81
C GLY A 907 27.32 -91.31 95.12
N VAL A 908 26.60 -91.96 94.20
CA VAL A 908 26.13 -93.31 94.43
C VAL A 908 27.30 -94.28 94.38
N THR A 909 27.28 -95.29 95.24
CA THR A 909 28.33 -96.29 95.25
C THR A 909 28.21 -97.21 94.04
N GLN A 910 29.30 -97.89 93.71
CA GLN A 910 29.34 -98.78 92.57
C GLN A 910 28.76 -100.16 92.85
N ASN A 911 28.42 -100.45 94.11
CA ASN A 911 27.84 -101.76 94.43
C ASN A 911 26.39 -101.87 93.98
N VAL A 912 25.66 -100.75 93.93
CA VAL A 912 24.26 -100.80 93.54
C VAL A 912 24.10 -101.12 92.06
N LEU A 913 25.15 -100.94 91.26
CA LEU A 913 25.06 -101.22 89.83
C LEU A 913 25.06 -102.72 89.56
N TYR A 914 26.07 -103.43 90.08
CA TYR A 914 26.16 -104.87 89.83
C TYR A 914 25.03 -105.62 90.52
N GLU A 915 24.51 -105.09 91.63
CA GLU A 915 23.39 -105.73 92.31
C GLU A 915 22.07 -105.50 91.58
N ASN A 916 22.00 -104.52 90.69
CA ASN A 916 20.80 -104.23 89.90
C ASN A 916 21.16 -104.06 88.44
N GLN A 917 22.10 -104.86 87.95
CA GLN A 917 22.53 -104.76 86.56
C GLN A 917 21.39 -105.14 85.61
N LYS A 918 20.59 -106.14 85.99
CA LYS A 918 19.45 -106.51 85.17
C LYS A 918 18.37 -105.44 85.16
N LEU A 919 18.33 -104.59 86.18
CA LEU A 919 17.35 -103.50 86.21
C LEU A 919 17.83 -102.29 85.42
N ILE A 920 19.14 -102.03 85.40
CA ILE A 920 19.68 -100.92 84.63
C ILE A 920 19.46 -101.15 83.14
N ALA A 921 19.66 -102.39 82.68
CA ALA A 921 19.50 -102.68 81.27
C ALA A 921 18.03 -102.61 80.84
N ASN A 922 17.12 -103.09 81.69
CA ASN A 922 15.70 -103.06 81.35
C ASN A 922 15.16 -101.64 81.32
N GLN A 923 15.64 -100.78 82.22
CA GLN A 923 15.20 -99.38 82.22
C GLN A 923 15.85 -98.56 81.11
N PHE A 924 16.99 -99.01 80.58
CA PHE A 924 17.65 -98.29 79.50
C PHE A 924 17.17 -98.75 78.13
N ASN A 925 16.94 -100.04 77.95
CA ASN A 925 16.44 -100.54 76.68
C ASN A 925 15.03 -100.05 76.40
N SER A 926 14.24 -99.81 77.44
CA SER A 926 12.89 -99.27 77.26
C SER A 926 12.89 -97.76 77.12
N ALA A 927 13.92 -97.07 77.61
CA ALA A 927 14.00 -95.62 77.45
C ALA A 927 14.43 -95.24 76.05
N ILE A 928 15.37 -95.99 75.47
CA ILE A 928 15.80 -95.70 74.11
C ILE A 928 14.68 -95.99 73.11
N GLY A 929 13.87 -97.02 73.40
CA GLY A 929 12.78 -97.34 72.50
C GLY A 929 11.72 -96.26 72.43
N LYS A 930 11.49 -95.57 73.55
CA LYS A 930 10.51 -94.49 73.57
C LYS A 930 11.02 -93.23 72.89
N ILE A 931 12.33 -93.14 72.62
CA ILE A 931 12.87 -91.97 71.95
C ILE A 931 12.37 -91.89 70.51
N GLN A 932 12.37 -93.02 69.81
CA GLN A 932 11.89 -93.03 68.43
C GLN A 932 10.40 -92.73 68.35
N ASP A 933 9.62 -93.15 69.36
CA ASP A 933 8.19 -92.87 69.36
C ASP A 933 7.88 -91.45 69.79
N SER A 934 8.71 -90.88 70.68
CA SER A 934 8.46 -89.53 71.16
C SER A 934 8.66 -88.50 70.05
N LEU A 935 9.67 -88.71 69.20
CA LEU A 935 9.93 -87.76 68.12
C LEU A 935 8.86 -87.83 67.04
N SER A 936 8.21 -88.98 66.88
CA SER A 936 7.19 -89.15 65.87
C SER A 936 5.79 -88.78 66.36
N SER A 937 5.46 -89.15 67.61
CA SER A 937 4.14 -88.84 68.13
C SER A 937 3.97 -87.34 68.37
N THR A 938 5.03 -86.66 68.76
CA THR A 938 4.95 -85.22 69.00
C THR A 938 4.76 -84.50 67.67
N PRO A 939 3.74 -83.63 67.55
CA PRO A 939 3.54 -82.92 66.28
C PRO A 939 4.65 -81.93 65.98
N SER A 940 5.21 -81.28 67.00
CA SER A 940 6.29 -80.33 66.84
C SER A 940 7.43 -80.75 67.77
N ALA A 941 8.30 -81.63 67.27
CA ALA A 941 9.45 -82.11 68.02
C ALA A 941 10.76 -81.51 67.53
N LEU A 942 11.04 -81.63 66.23
CA LEU A 942 12.25 -81.04 65.64
C LEU A 942 11.93 -79.61 65.17
N GLY A 943 11.59 -78.78 66.14
CA GLY A 943 11.21 -77.40 65.85
C GLY A 943 12.39 -76.47 65.72
N LYS A 944 13.53 -76.85 66.31
CA LYS A 944 14.72 -76.03 66.22
C LYS A 944 15.46 -76.23 64.89
N LEU A 945 15.30 -77.40 64.26
CA LEU A 945 15.89 -77.63 62.95
C LEU A 945 15.07 -77.01 61.83
N GLN A 946 13.76 -76.86 62.02
CA GLN A 946 12.92 -76.19 61.04
C GLN A 946 12.94 -74.68 61.17
N ASP A 947 13.33 -74.16 62.34
CA ASP A 947 13.40 -72.71 62.52
C ASP A 947 14.51 -72.10 61.69
N VAL A 948 15.64 -72.80 61.58
CA VAL A 948 16.75 -72.30 60.77
C VAL A 948 16.49 -72.48 59.28
N VAL A 949 15.58 -73.38 58.90
CA VAL A 949 15.26 -73.57 57.49
C VAL A 949 14.16 -72.60 57.06
N ASN A 950 13.16 -72.39 57.92
CA ASN A 950 12.09 -71.46 57.59
C ASN A 950 12.58 -70.02 57.55
N HIS A 951 13.58 -69.68 58.37
CA HIS A 951 14.15 -68.33 58.33
C HIS A 951 14.99 -68.12 57.10
N ASN A 952 15.69 -69.16 56.62
CA ASN A 952 16.46 -69.04 55.39
C ASN A 952 15.56 -69.08 54.16
N ALA A 953 14.46 -69.83 54.22
CA ALA A 953 13.52 -69.84 53.11
C ALA A 953 12.75 -68.51 53.03
N GLN A 954 12.41 -67.93 54.17
CA GLN A 954 11.74 -66.64 54.18
C GLN A 954 12.65 -65.53 53.67
N ALA A 955 13.93 -65.58 54.03
CA ALA A 955 14.87 -64.56 53.56
C ALA A 955 15.08 -64.65 52.06
N LEU A 956 15.09 -65.87 51.52
CA LEU A 956 15.24 -66.03 50.07
C LEU A 956 13.95 -65.64 49.35
N ASN A 957 12.79 -66.03 49.91
CA ASN A 957 11.53 -65.61 49.32
C ASN A 957 11.36 -64.10 49.35
N THR A 958 11.85 -63.46 50.41
CA THR A 958 11.78 -62.00 50.50
C THR A 958 12.71 -61.36 49.47
N LEU A 959 13.92 -61.91 49.30
CA LEU A 959 14.86 -61.34 48.36
C LEU A 959 14.39 -61.54 46.91
N VAL A 960 13.73 -62.67 46.63
CA VAL A 960 13.22 -62.89 45.28
C VAL A 960 12.00 -62.01 45.02
N LYS A 961 11.10 -61.90 46.00
CA LYS A 961 9.88 -61.13 45.81
C LYS A 961 10.13 -59.64 46.07
N GLN A 962 11.17 -59.09 45.43
CA GLN A 962 11.41 -57.66 45.44
C GLN A 962 11.87 -57.13 44.09
N LEU A 963 11.95 -57.97 43.06
CA LEU A 963 12.31 -57.52 41.73
C LEU A 963 11.16 -56.81 41.02
N SER A 964 9.93 -57.00 41.49
CA SER A 964 8.75 -56.33 40.95
C SER A 964 8.19 -55.45 42.07
N SER A 965 8.71 -54.23 42.15
CA SER A 965 8.32 -53.31 43.22
C SER A 965 8.58 -51.89 42.74
N LYS A 966 7.64 -50.98 43.06
CA LYS A 966 7.72 -49.59 42.61
C LYS A 966 8.81 -48.87 43.38
N PHE A 967 10.02 -48.84 42.82
CA PHE A 967 11.14 -48.11 43.41
C PHE A 967 11.65 -47.06 42.42
N GLY A 968 10.77 -46.29 41.84
CA GLY A 968 11.15 -45.34 40.81
C GLY A 968 10.21 -45.33 39.62
N ALA A 969 10.72 -45.69 38.44
CA ALA A 969 9.95 -45.69 37.20
C ALA A 969 8.66 -46.49 37.34
N ILE A 970 7.69 -46.20 36.47
CA ILE A 970 6.37 -46.83 36.57
C ILE A 970 6.44 -48.32 36.28
N SER A 971 7.51 -48.78 35.62
CA SER A 971 7.67 -50.17 35.28
C SER A 971 8.69 -50.83 36.20
N SER A 972 8.44 -52.10 36.51
CA SER A 972 9.32 -52.89 37.36
C SER A 972 10.09 -53.95 36.56
N VAL A 973 9.99 -53.91 35.23
CA VAL A 973 10.69 -54.83 34.34
C VAL A 973 11.73 -54.05 33.57
N LEU A 974 12.96 -54.55 33.56
CA LEU A 974 14.06 -53.85 32.88
C LEU A 974 13.89 -53.84 31.37
N ASN A 975 13.12 -54.79 30.82
CA ASN A 975 12.88 -54.78 29.38
C ASN A 975 12.02 -53.60 28.97
N ASP A 976 11.11 -53.16 29.85
CA ASP A 976 10.26 -52.02 29.56
C ASP A 976 10.93 -50.68 29.87
N ILE A 977 12.15 -50.70 30.40
CA ILE A 977 12.85 -49.45 30.68
C ILE A 977 13.48 -48.89 29.42
N PHE A 978 14.17 -49.74 28.66
CA PHE A 978 14.78 -49.32 27.40
C PHE A 978 13.77 -49.12 26.28
N SER A 979 12.52 -49.54 26.48
CA SER A 979 11.45 -49.34 25.52
C SER A 979 10.44 -48.35 26.06
N ARG A 980 9.63 -47.80 25.15
CA ARG A 980 8.60 -46.81 25.47
C ARG A 980 9.19 -45.54 26.08
N LEU A 981 10.51 -45.38 26.04
CA LEU A 981 11.18 -44.23 26.61
C LEU A 981 12.30 -43.81 25.66
N ASP A 982 13.16 -42.91 26.14
CA ASP A 982 14.29 -42.39 25.38
C ASP A 982 15.59 -42.66 26.10
N PRO A 983 16.67 -42.92 25.38
CA PRO A 983 17.96 -43.21 26.03
C PRO A 983 18.41 -42.11 26.99
N PRO A 984 18.36 -40.83 26.60
CA PRO A 984 18.85 -39.79 27.54
C PRO A 984 18.01 -39.64 28.80
N GLU A 985 16.80 -40.20 28.82
CA GLU A 985 15.94 -40.12 30.01
C GLU A 985 15.75 -41.44 30.72
N ALA A 986 15.73 -42.56 29.98
CA ALA A 986 15.59 -43.86 30.64
C ALA A 986 16.80 -44.19 31.50
N GLU A 987 17.99 -43.80 31.05
CA GLU A 987 19.19 -44.00 31.87
C GLU A 987 19.17 -43.16 33.14
N VAL A 988 18.39 -42.08 33.17
CA VAL A 988 18.27 -41.28 34.39
C VAL A 988 17.38 -42.01 35.39
N GLN A 989 16.20 -42.44 34.97
CA GLN A 989 15.28 -43.16 35.85
C GLN A 989 15.49 -44.67 35.76
N ILE A 990 16.75 -45.10 35.91
CA ILE A 990 17.07 -46.52 36.01
C ILE A 990 17.95 -46.84 37.21
N ASP A 991 18.66 -45.87 37.78
CA ASP A 991 19.42 -46.11 39.00
C ASP A 991 18.54 -46.24 40.23
N ARG A 992 17.31 -45.74 40.17
CA ARG A 992 16.37 -45.91 41.27
C ARG A 992 15.95 -47.37 41.43
N LEU A 993 15.96 -48.13 40.34
CA LEU A 993 15.71 -49.57 40.40
C LEU A 993 16.99 -50.38 40.59
N ILE A 994 18.15 -49.77 40.39
CA ILE A 994 19.42 -50.43 40.68
C ILE A 994 19.81 -50.23 42.14
N THR A 995 19.70 -49.00 42.65
CA THR A 995 19.96 -48.76 44.07
C THR A 995 18.91 -49.42 44.94
N GLY A 996 17.65 -49.45 44.47
CA GLY A 996 16.61 -50.12 45.24
C GLY A 996 16.83 -51.62 45.35
N ARG A 997 17.42 -52.24 44.33
CA ARG A 997 17.78 -53.65 44.39
C ARG A 997 19.15 -53.88 44.99
N LEU A 998 19.99 -52.85 45.08
CA LEU A 998 21.29 -53.00 45.72
C LEU A 998 21.18 -52.89 47.23
N GLN A 999 20.22 -52.13 47.74
CA GLN A 999 19.99 -52.06 49.18
C GLN A 999 19.21 -53.26 49.69
N SER A 1000 18.35 -53.84 48.84
CA SER A 1000 17.64 -55.06 49.23
C SER A 1000 18.59 -56.23 49.33
N LEU A 1001 19.56 -56.31 48.43
CA LEU A 1001 20.59 -57.35 48.53
C LEU A 1001 21.56 -57.07 49.67
N GLN A 1002 21.77 -55.80 49.99
CA GLN A 1002 22.64 -55.45 51.12
C GLN A 1002 21.99 -55.79 52.45
N THR A 1003 20.67 -55.68 52.54
CA THR A 1003 19.97 -56.07 53.76
C THR A 1003 20.05 -57.58 53.97
N TYR A 1004 19.94 -58.36 52.90
CA TYR A 1004 20.05 -59.81 53.02
C TYR A 1004 21.40 -60.22 53.57
N VAL A 1005 22.47 -59.58 53.11
CA VAL A 1005 23.81 -59.88 53.62
C VAL A 1005 23.92 -59.47 55.08
N THR A 1006 23.30 -58.35 55.45
CA THR A 1006 23.35 -57.89 56.84
C THR A 1006 22.56 -58.82 57.75
N GLN A 1007 21.38 -59.27 57.29
CA GLN A 1007 20.56 -60.18 58.08
C GLN A 1007 21.14 -61.58 58.15
N GLN A 1008 22.03 -61.95 57.23
CA GLN A 1008 22.70 -63.25 57.31
C GLN A 1008 23.87 -63.23 58.28
N LEU A 1009 24.49 -62.07 58.51
CA LEU A 1009 25.55 -61.98 59.52
C LEU A 1009 24.99 -62.05 60.93
N ILE A 1010 23.78 -61.50 61.14
CA ILE A 1010 23.14 -61.63 62.44
C ILE A 1010 22.63 -63.05 62.66
N ARG A 1011 22.13 -63.68 61.59
CA ARG A 1011 21.66 -65.05 61.70
C ARG A 1011 22.81 -66.03 61.87
N ALA A 1012 23.96 -65.76 61.27
CA ALA A 1012 25.13 -66.60 61.46
C ALA A 1012 25.72 -66.46 62.86
N ALA A 1013 25.51 -65.31 63.52
CA ALA A 1013 25.98 -65.15 64.89
C ALA A 1013 25.19 -66.00 65.87
N GLU A 1014 23.95 -66.34 65.54
CA GLU A 1014 23.16 -67.23 66.38
C GLU A 1014 23.47 -68.69 66.11
N ILE A 1015 23.80 -69.04 64.87
CA ILE A 1015 24.21 -70.41 64.56
C ILE A 1015 25.59 -70.70 65.16
N ARG A 1016 26.48 -69.71 65.12
CA ARG A 1016 27.80 -69.89 65.72
C ARG A 1016 27.70 -70.06 67.23
N ALA A 1017 26.77 -69.33 67.86
CA ALA A 1017 26.56 -69.50 69.30
C ALA A 1017 25.98 -70.88 69.62
N SER A 1018 25.16 -71.43 68.72
CA SER A 1018 24.64 -72.77 68.92
C SER A 1018 25.64 -73.84 68.50
N ALA A 1019 26.53 -73.52 67.56
CA ALA A 1019 27.56 -74.47 67.18
C ALA A 1019 28.60 -74.63 68.28
N ASN A 1020 28.99 -73.52 68.92
CA ASN A 1020 29.89 -73.61 70.06
C ASN A 1020 29.22 -74.26 71.25
N LEU A 1021 27.90 -74.14 71.36
CA LEU A 1021 27.18 -74.83 72.42
C LEU A 1021 27.08 -76.32 72.16
N ALA A 1022 26.86 -76.70 70.88
CA ALA A 1022 26.82 -78.11 70.54
C ALA A 1022 28.21 -78.74 70.59
N ALA A 1023 29.26 -77.98 70.29
CA ALA A 1023 30.61 -78.50 70.42
C ALA A 1023 31.00 -78.69 71.88
N THR A 1024 30.38 -77.94 72.79
CA THR A 1024 30.68 -78.10 74.21
C THR A 1024 29.92 -79.28 74.80
N LYS A 1025 28.68 -79.50 74.36
CA LYS A 1025 27.89 -80.62 74.84
C LYS A 1025 28.38 -81.96 74.30
N MET A 1026 29.09 -81.96 73.17
CA MET A 1026 29.68 -83.18 72.64
C MET A 1026 31.04 -83.48 73.26
N SER A 1027 31.59 -82.53 74.03
CA SER A 1027 32.87 -82.73 74.70
C SER A 1027 32.74 -82.84 76.22
N GLU A 1028 31.62 -82.42 76.80
CA GLU A 1028 31.41 -82.54 78.23
C GLU A 1028 30.36 -83.58 78.60
N CYS A 1029 29.57 -84.06 77.65
CA CYS A 1029 28.61 -85.13 77.89
C CYS A 1029 28.98 -86.43 77.20
N VAL A 1030 29.66 -86.38 76.07
CA VAL A 1030 30.06 -87.59 75.35
C VAL A 1030 31.48 -88.00 75.73
N LEU A 1031 32.42 -87.05 75.73
CA LEU A 1031 33.79 -87.33 76.12
C LEU A 1031 33.97 -87.51 77.62
N GLY A 1032 32.94 -87.25 78.41
CA GLY A 1032 33.04 -87.38 79.85
C GLY A 1032 31.71 -87.11 80.50
N GLN A 1033 31.73 -87.13 81.83
CA GLN A 1033 30.55 -86.89 82.64
C GLN A 1033 30.67 -85.54 83.34
N SER A 1034 29.59 -84.76 83.30
CA SER A 1034 29.54 -83.46 83.93
C SER A 1034 28.89 -83.54 85.29
N LYS A 1035 29.30 -82.66 86.20
CA LYS A 1035 28.78 -82.62 87.56
C LYS A 1035 27.77 -81.50 87.77
N ARG A 1036 27.70 -80.54 86.87
CA ARG A 1036 26.69 -79.48 86.89
C ARG A 1036 25.68 -79.82 85.80
N VAL A 1037 24.51 -80.30 86.23
CA VAL A 1037 23.56 -80.92 85.29
C VAL A 1037 22.69 -79.80 84.74
N ASP A 1038 23.23 -79.11 83.73
CA ASP A 1038 22.42 -78.27 82.85
C ASP A 1038 22.88 -78.34 81.41
N PHE A 1039 23.90 -79.14 81.09
CA PHE A 1039 24.40 -79.31 79.74
C PHE A 1039 24.06 -80.68 79.17
N CYS A 1040 23.83 -81.67 80.03
CA CYS A 1040 23.55 -83.04 79.60
C CYS A 1040 22.19 -83.54 80.09
N GLY A 1041 21.16 -82.72 79.98
CA GLY A 1041 19.82 -83.15 80.34
C GLY A 1041 19.31 -82.59 81.64
N LYS A 1042 18.46 -83.35 82.33
CA LYS A 1042 17.88 -82.94 83.60
C LYS A 1042 17.93 -84.12 84.56
N GLY A 1043 18.62 -83.95 85.68
CA GLY A 1043 18.77 -85.02 86.65
C GLY A 1043 20.19 -85.20 87.12
N TYR A 1044 20.75 -86.38 86.91
CA TYR A 1044 22.15 -86.68 87.21
C TYR A 1044 22.76 -87.31 85.97
N HIS A 1045 23.70 -86.59 85.35
CA HIS A 1045 24.24 -87.02 84.06
C HIS A 1045 25.07 -88.29 84.22
N LEU A 1046 24.82 -89.26 83.34
CA LEU A 1046 25.61 -90.48 83.27
C LEU A 1046 26.39 -90.57 81.97
N MET A 1047 25.71 -90.49 80.82
CA MET A 1047 26.38 -90.55 79.53
C MET A 1047 25.45 -89.97 78.48
N SER A 1048 25.99 -89.74 77.29
CA SER A 1048 25.24 -89.19 76.18
C SER A 1048 25.68 -89.86 74.89
N PHE A 1049 24.86 -89.70 73.85
CA PHE A 1049 25.13 -90.32 72.56
C PHE A 1049 24.82 -89.34 71.43
N PRO A 1050 25.84 -88.91 70.68
CA PRO A 1050 25.59 -87.98 69.57
C PRO A 1050 25.01 -88.68 68.35
N GLN A 1051 24.19 -87.94 67.61
CA GLN A 1051 23.55 -88.45 66.41
C GLN A 1051 23.49 -87.33 65.37
N SER A 1052 23.55 -87.72 64.09
CA SER A 1052 23.47 -86.77 63.01
C SER A 1052 22.07 -86.19 62.90
N ALA A 1053 21.93 -85.15 62.09
CA ALA A 1053 20.67 -84.45 61.92
C ALA A 1053 20.75 -83.61 60.65
N PRO A 1054 19.61 -83.17 60.12
CA PRO A 1054 19.65 -82.28 58.95
C PRO A 1054 20.10 -80.88 59.31
N HIS A 1055 21.43 -80.67 59.32
CA HIS A 1055 22.05 -79.39 59.69
C HIS A 1055 21.86 -79.09 61.17
N GLY A 1056 22.05 -80.09 62.01
CA GLY A 1056 21.94 -79.93 63.45
C GLY A 1056 22.59 -81.08 64.17
N VAL A 1057 22.13 -81.32 65.40
CA VAL A 1057 22.65 -82.40 66.22
C VAL A 1057 21.57 -82.83 67.19
N VAL A 1058 21.54 -84.11 67.51
CA VAL A 1058 20.54 -84.70 68.40
C VAL A 1058 21.28 -85.49 69.47
N PHE A 1059 21.27 -84.98 70.69
CA PHE A 1059 21.89 -85.66 71.82
C PHE A 1059 20.87 -86.51 72.56
N LEU A 1060 21.32 -87.68 73.02
CA LEU A 1060 20.49 -88.60 73.80
C LEU A 1060 21.13 -88.71 75.19
N HIS A 1061 20.75 -87.80 76.08
CA HIS A 1061 21.34 -87.75 77.41
C HIS A 1061 20.73 -88.83 78.30
N VAL A 1062 21.58 -89.57 79.00
CA VAL A 1062 21.15 -90.59 79.95
C VAL A 1062 21.25 -89.99 81.34
N THR A 1063 20.12 -89.83 82.01
CA THR A 1063 20.06 -89.17 83.31
C THR A 1063 19.69 -90.16 84.39
N TYR A 1064 20.15 -89.87 85.61
CA TYR A 1064 19.86 -90.66 86.80
C TYR A 1064 18.85 -89.89 87.64
N VAL A 1065 17.60 -90.36 87.64
CA VAL A 1065 16.50 -89.69 88.32
C VAL A 1065 16.05 -90.59 89.47
N PRO A 1066 16.26 -90.20 90.73
CA PRO A 1066 15.79 -91.02 91.85
C PRO A 1066 14.26 -91.01 91.92
N ALA A 1067 13.71 -92.03 92.58
CA ALA A 1067 12.27 -92.16 92.75
C ALA A 1067 12.00 -92.97 94.01
N GLN A 1068 10.72 -93.04 94.37
CA GLN A 1068 10.25 -93.79 95.53
C GLN A 1068 10.98 -93.37 96.80
N GLU A 1069 10.80 -92.10 97.14
CA GLU A 1069 11.40 -91.55 98.36
C GLU A 1069 10.66 -92.05 99.59
N LYS A 1070 11.32 -91.91 100.74
CA LYS A 1070 10.75 -92.35 102.01
C LYS A 1070 11.37 -91.52 103.13
N ASN A 1071 10.51 -90.94 103.97
CA ASN A 1071 10.98 -90.08 105.04
C ASN A 1071 11.70 -90.87 106.12
N PHE A 1072 12.62 -90.21 106.81
CA PHE A 1072 13.40 -90.82 107.87
C PHE A 1072 13.79 -89.75 108.88
N THR A 1073 14.37 -90.19 109.99
CA THR A 1073 14.85 -89.29 111.04
C THR A 1073 16.38 -89.26 111.00
N THR A 1074 16.93 -88.06 110.83
CA THR A 1074 18.38 -87.88 110.70
C THR A 1074 18.93 -87.18 111.93
N ALA A 1075 20.26 -87.15 112.01
CA ALA A 1075 20.96 -86.51 113.10
C ALA A 1075 22.36 -86.07 112.64
N PRO A 1076 22.84 -84.91 113.08
CA PRO A 1076 24.17 -84.47 112.65
C PRO A 1076 25.29 -85.42 113.07
N ALA A 1077 25.28 -85.87 114.32
CA ALA A 1077 26.32 -86.76 114.82
C ALA A 1077 25.75 -87.61 115.94
N ILE A 1078 26.58 -88.50 116.48
CA ILE A 1078 26.21 -89.38 117.57
C ILE A 1078 27.31 -89.35 118.62
N CYS A 1079 26.91 -89.54 119.88
CA CYS A 1079 27.83 -89.48 121.01
C CYS A 1079 27.87 -90.85 121.68
N HIS A 1080 29.03 -91.50 121.64
CA HIS A 1080 29.21 -92.82 122.22
C HIS A 1080 30.15 -92.80 123.42
N ASP A 1081 31.37 -92.30 123.24
CA ASP A 1081 32.37 -92.24 124.32
C ASP A 1081 32.67 -90.80 124.71
N GLY A 1082 31.64 -89.96 124.74
CA GLY A 1082 31.81 -88.56 125.03
C GLY A 1082 32.36 -87.71 123.91
N LYS A 1083 32.66 -88.31 122.76
CA LYS A 1083 33.17 -87.59 121.60
C LYS A 1083 32.21 -87.77 120.43
N ALA A 1084 32.08 -86.73 119.62
CA ALA A 1084 31.16 -86.77 118.50
C ALA A 1084 31.69 -87.68 117.40
N HIS A 1085 30.76 -88.24 116.62
CA HIS A 1085 31.09 -89.12 115.51
C HIS A 1085 30.35 -88.61 114.27
N PHE A 1086 31.11 -88.09 113.31
CA PHE A 1086 30.51 -87.56 112.10
C PHE A 1086 30.66 -88.55 110.95
N PRO A 1087 29.67 -88.65 110.06
CA PRO A 1087 29.78 -89.57 108.93
C PRO A 1087 30.90 -89.15 107.99
N ARG A 1088 31.67 -90.15 107.55
CA ARG A 1088 32.75 -89.89 106.61
C ARG A 1088 32.22 -89.59 105.22
N GLU A 1089 31.42 -90.50 104.66
CA GLU A 1089 30.77 -90.31 103.36
C GLU A 1089 29.37 -90.92 103.46
N GLY A 1090 28.40 -90.08 103.81
CA GLY A 1090 27.04 -90.53 103.95
C GLY A 1090 26.30 -89.67 104.96
N VAL A 1091 25.16 -90.19 105.42
CA VAL A 1091 24.31 -89.48 106.36
C VAL A 1091 23.71 -90.49 107.33
N PHE A 1092 23.50 -90.04 108.57
CA PHE A 1092 22.89 -90.89 109.59
C PHE A 1092 21.39 -90.93 109.41
N VAL A 1093 20.83 -92.14 109.39
CA VAL A 1093 19.40 -92.36 109.27
C VAL A 1093 18.92 -93.12 110.49
N SER A 1094 17.60 -93.20 110.64
CA SER A 1094 17.00 -93.91 111.76
C SER A 1094 15.61 -94.36 111.37
N ASN A 1095 15.22 -95.53 111.88
CA ASN A 1095 13.90 -96.09 111.59
C ASN A 1095 13.09 -96.19 112.87
N GLY A 1096 13.40 -95.35 113.85
CA GLY A 1096 12.69 -95.35 115.11
C GLY A 1096 13.35 -96.17 116.18
N THR A 1097 13.86 -97.35 115.80
CA THR A 1097 14.49 -98.26 116.76
C THR A 1097 16.01 -98.17 116.73
N HIS A 1098 16.61 -98.39 115.57
CA HIS A 1098 18.06 -98.38 115.42
C HIS A 1098 18.51 -97.20 114.57
N TRP A 1099 19.83 -97.03 114.49
CA TRP A 1099 20.45 -95.99 113.69
C TRP A 1099 21.41 -96.60 112.69
N PHE A 1100 21.36 -96.11 111.46
CA PHE A 1100 22.19 -96.61 110.36
C PHE A 1100 22.80 -95.43 109.62
N VAL A 1101 23.67 -95.75 108.66
CA VAL A 1101 24.33 -94.74 107.83
C VAL A 1101 24.17 -95.18 106.37
N THR A 1102 23.53 -94.35 105.57
CA THR A 1102 23.30 -94.60 104.16
C THR A 1102 24.03 -93.56 103.32
N GLN A 1103 23.90 -93.68 102.01
CA GLN A 1103 24.46 -92.72 101.07
C GLN A 1103 23.42 -91.66 100.73
N ARG A 1104 23.91 -90.52 100.22
CA ARG A 1104 23.06 -89.37 100.00
C ARG A 1104 22.08 -89.53 98.85
N ASN A 1105 22.24 -90.57 98.02
CA ASN A 1105 21.38 -90.75 96.86
C ASN A 1105 20.77 -92.15 96.77
N PHE A 1106 20.90 -92.96 97.82
CA PHE A 1106 20.33 -94.30 97.81
C PHE A 1106 20.21 -94.79 99.25
N TYR A 1107 19.28 -95.70 99.47
CA TYR A 1107 19.01 -96.26 100.80
C TYR A 1107 19.77 -97.58 100.93
N GLU A 1108 20.91 -97.55 101.61
CA GLU A 1108 21.72 -98.73 101.88
C GLU A 1108 22.10 -98.70 103.35
N PRO A 1109 21.22 -99.19 104.24
CA PRO A 1109 21.51 -99.11 105.68
C PRO A 1109 22.60 -100.06 106.12
N GLN A 1110 23.71 -99.51 106.60
CA GLN A 1110 24.82 -100.29 107.15
C GLN A 1110 24.95 -100.00 108.64
N ILE A 1111 25.85 -100.74 109.28
CA ILE A 1111 26.11 -100.58 110.70
C ILE A 1111 27.13 -99.46 110.90
N ILE A 1112 26.99 -98.73 111.99
CA ILE A 1112 27.85 -97.58 112.28
C ILE A 1112 29.08 -98.13 113.00
N THR A 1113 30.10 -98.47 112.23
CA THR A 1113 31.35 -98.97 112.77
C THR A 1113 32.32 -97.80 112.96
N THR A 1114 33.59 -98.11 113.26
CA THR A 1114 34.61 -97.11 113.43
C THR A 1114 35.19 -96.61 112.11
N ASP A 1115 35.09 -97.41 111.05
CA ASP A 1115 35.62 -97.01 109.75
C ASP A 1115 34.67 -96.11 108.98
N ASN A 1116 33.35 -96.27 109.17
CA ASN A 1116 32.38 -95.47 108.45
C ASN A 1116 32.28 -94.05 108.98
N THR A 1117 32.76 -93.79 110.20
CA THR A 1117 32.67 -92.48 110.82
C THR A 1117 34.05 -92.03 111.28
N PHE A 1118 34.12 -90.80 111.77
CA PHE A 1118 35.36 -90.24 112.29
C PHE A 1118 35.03 -89.30 113.44
N VAL A 1119 35.90 -89.28 114.45
CA VAL A 1119 35.69 -88.48 115.64
C VAL A 1119 36.34 -87.11 115.45
N SER A 1120 35.66 -86.08 115.96
CA SER A 1120 36.19 -84.71 115.87
C SER A 1120 35.56 -83.90 117.01
N GLY A 1121 36.33 -83.69 118.07
CA GLY A 1121 35.85 -82.92 119.20
C GLY A 1121 35.05 -83.76 120.18
N ASN A 1122 34.30 -83.06 121.02
CA ASN A 1122 33.45 -83.68 122.03
C ASN A 1122 32.02 -83.22 121.83
N CYS A 1123 31.12 -83.84 122.61
CA CYS A 1123 29.68 -83.62 122.47
C CYS A 1123 29.25 -82.42 123.32
N ASP A 1124 29.71 -81.24 122.90
CA ASP A 1124 29.37 -80.00 123.61
C ASP A 1124 28.94 -78.86 122.69
N VAL A 1125 29.31 -78.88 121.41
CA VAL A 1125 29.02 -77.77 120.52
C VAL A 1125 28.03 -78.14 119.41
N VAL A 1126 28.00 -79.40 118.98
CA VAL A 1126 27.08 -79.81 117.93
C VAL A 1126 25.66 -79.80 118.46
N ILE A 1127 24.77 -79.06 117.79
CA ILE A 1127 23.39 -78.90 118.22
C ILE A 1127 22.56 -79.98 117.51
N GLY A 1128 21.88 -80.80 118.30
CA GLY A 1128 21.04 -81.86 117.77
C GLY A 1128 21.67 -83.23 117.73
N ILE A 1129 22.77 -83.45 118.45
CA ILE A 1129 23.48 -84.72 118.41
C ILE A 1129 22.73 -85.72 119.28
N VAL A 1130 22.40 -86.86 118.70
CA VAL A 1130 21.74 -87.92 119.45
C VAL A 1130 22.81 -88.81 120.03
N ASN A 1131 22.44 -89.66 120.96
CA ASN A 1131 23.45 -90.51 121.58
C ASN A 1131 23.15 -91.98 121.37
N ASN A 1132 24.16 -92.69 120.92
CA ASN A 1132 23.99 -94.09 120.62
C ASN A 1132 25.30 -94.78 120.83
N THR A 1133 25.39 -96.02 120.42
CA THR A 1133 26.61 -96.81 120.64
C THR A 1133 27.14 -97.26 119.29
N VAL A 1134 28.34 -96.81 118.95
CA VAL A 1134 28.97 -97.18 117.68
C VAL A 1134 29.56 -98.57 117.80
N TYR A 1135 29.93 -99.17 116.67
CA TYR A 1135 30.53 -100.50 116.63
C TYR A 1135 32.02 -100.38 116.35
N ASP A 1136 32.74 -101.47 116.61
CA ASP A 1136 34.17 -101.51 116.40
C ASP A 1136 34.56 -102.92 115.97
N PRO A 1137 35.32 -103.08 114.88
CA PRO A 1137 35.69 -104.42 114.44
C PRO A 1137 36.70 -105.10 115.35
N LEU A 1138 37.52 -104.34 116.07
CA LEU A 1138 38.54 -104.94 116.92
C LEU A 1138 37.97 -105.49 118.21
N GLN A 1139 36.81 -105.01 118.64
CA GLN A 1139 36.23 -105.47 119.90
C GLN A 1139 35.87 -106.96 119.89
N PRO A 1140 35.16 -107.49 118.89
CA PRO A 1140 34.87 -108.93 118.92
C PRO A 1140 36.11 -109.79 118.77
N GLU A 1141 37.08 -109.35 117.98
CA GLU A 1141 38.31 -110.10 117.75
C GLU A 1141 39.40 -109.74 118.76
N LEU A 1142 39.03 -109.22 119.93
CA LEU A 1142 39.99 -108.87 120.96
C LEU A 1142 40.23 -109.99 121.96
N ASP A 1143 39.39 -111.03 121.96
CA ASP A 1143 39.57 -112.14 122.89
C ASP A 1143 40.74 -113.02 122.45
N SER A 1144 40.77 -113.43 121.19
CA SER A 1144 41.85 -114.27 120.68
C SER A 1144 43.10 -113.44 120.42
N GLU B 1 1.47 23.66 61.61
CA GLU B 1 0.76 22.42 61.28
C GLU B 1 0.43 22.38 59.80
N VAL B 2 -0.81 22.71 59.46
CA VAL B 2 -1.24 22.72 58.08
C VAL B 2 -0.64 23.93 57.36
N GLN B 3 0.03 23.67 56.23
CA GLN B 3 0.67 24.71 55.43
C GLN B 3 0.19 24.56 53.99
N LEU B 4 -0.88 25.28 53.66
CA LEU B 4 -1.46 25.25 52.32
C LEU B 4 -0.81 26.35 51.48
N VAL B 5 0.40 26.06 51.01
CA VAL B 5 1.14 27.00 50.17
C VAL B 5 0.54 27.00 48.77
N GLU B 6 0.30 28.18 48.24
CA GLU B 6 -0.32 28.35 46.92
C GLU B 6 0.70 28.96 45.96
N SER B 7 0.83 28.36 44.79
CA SER B 7 1.73 28.83 43.75
C SER B 7 0.97 29.05 42.45
N GLY B 8 1.52 29.93 41.61
CA GLY B 8 0.90 30.25 40.34
C GLY B 8 -0.02 31.45 40.43
N GLY B 9 0.30 32.50 39.68
CA GLY B 9 -0.50 33.71 39.69
C GLY B 9 0.27 34.93 39.26
N GLY B 10 -0.38 35.82 38.50
CA GLY B 10 0.27 37.02 38.04
C GLY B 10 -0.58 37.74 37.01
N LEU B 11 0.08 38.57 36.21
CA LEU B 11 -0.59 39.35 35.18
C LEU B 11 -0.64 38.55 33.88
N VAL B 12 -1.84 38.37 33.35
CA VAL B 12 -2.05 37.65 32.10
C VAL B 12 -3.05 38.42 31.25
N GLN B 13 -2.91 38.32 29.93
CA GLN B 13 -3.81 39.01 29.03
C GLN B 13 -5.18 38.34 29.02
N PRO B 14 -6.25 39.11 28.82
CA PRO B 14 -7.59 38.52 28.75
C PRO B 14 -7.71 37.58 27.55
N GLY B 15 -8.09 36.34 27.84
CA GLY B 15 -8.23 35.30 26.82
C GLY B 15 -7.17 34.23 26.88
N ARG B 16 -6.19 34.34 27.76
CA ARG B 16 -5.13 33.35 27.91
C ARG B 16 -5.50 32.36 29.01
N SER B 17 -4.56 31.46 29.31
CA SER B 17 -4.77 30.42 30.32
C SER B 17 -3.55 30.35 31.24
N LEU B 18 -3.79 29.81 32.44
CA LEU B 18 -2.74 29.64 33.42
C LEU B 18 -3.08 28.46 34.32
N ARG B 19 -2.08 28.00 35.06
CA ARG B 19 -2.21 26.85 35.95
C ARG B 19 -1.93 27.29 37.38
N LEU B 20 -2.88 27.04 38.28
CA LEU B 20 -2.72 27.32 39.69
C LEU B 20 -2.49 26.03 40.47
N SER B 21 -1.67 26.11 41.51
CA SER B 21 -1.33 24.96 42.33
C SER B 21 -1.46 25.32 43.81
N CYS B 22 -1.65 24.28 44.63
CA CYS B 22 -1.75 24.46 46.07
C CYS B 22 -1.16 23.21 46.72
N ALA B 23 0.12 23.29 47.10
CA ALA B 23 0.81 22.16 47.71
C ALA B 23 0.40 22.03 49.18
N ALA B 24 -0.15 20.89 49.54
CA ALA B 24 -0.58 20.63 50.90
C ALA B 24 0.57 20.06 51.72
N SER B 25 0.59 20.41 53.01
CA SER B 25 1.62 19.94 53.92
C SER B 25 1.11 20.06 55.34
N GLY B 26 1.17 18.95 56.08
CA GLY B 26 0.73 18.94 57.46
C GLY B 26 -0.29 17.87 57.75
N PHE B 27 -1.13 17.55 56.77
CA PHE B 27 -2.17 16.55 56.90
C PHE B 27 -2.03 15.53 55.78
N THR B 28 -2.98 14.59 55.72
CA THR B 28 -2.99 13.56 54.70
C THR B 28 -3.88 14.00 53.54
N PHE B 29 -3.32 14.06 52.35
CA PHE B 29 -4.07 14.49 51.17
C PHE B 29 -4.85 13.33 50.58
N ASP B 30 -5.57 12.59 51.44
CA ASP B 30 -6.42 11.51 50.98
C ASP B 30 -7.76 11.44 51.71
N ASP B 31 -7.98 12.30 52.71
CA ASP B 31 -9.20 12.25 53.50
C ASP B 31 -9.79 13.62 53.81
N TYR B 32 -9.34 14.68 53.14
CA TYR B 32 -9.85 16.03 53.40
C TYR B 32 -10.12 16.72 52.07
N ALA B 33 -11.30 17.33 51.95
CA ALA B 33 -11.66 18.03 50.73
C ALA B 33 -11.04 19.43 50.73
N ILE B 34 -10.56 19.85 49.56
CA ILE B 34 -9.97 21.17 49.37
C ILE B 34 -10.66 21.84 48.20
N HIS B 35 -11.09 23.08 48.40
CA HIS B 35 -11.83 23.84 47.41
C HIS B 35 -11.04 25.08 46.99
N TRP B 36 -11.58 25.77 45.98
CA TRP B 36 -11.03 27.04 45.51
C TRP B 36 -12.09 28.12 45.69
N VAL B 37 -11.68 29.24 46.27
CA VAL B 37 -12.58 30.37 46.51
C VAL B 37 -11.81 31.66 46.26
N ARG B 38 -12.36 32.52 45.42
CA ARG B 38 -11.75 33.82 45.13
C ARG B 38 -12.32 34.88 46.06
N GLN B 39 -11.62 36.02 46.11
CA GLN B 39 -12.05 37.13 46.95
C GLN B 39 -11.64 38.43 46.25
N ALA B 40 -12.61 39.12 45.67
CA ALA B 40 -12.34 40.41 45.05
C ALA B 40 -11.93 41.41 46.13
N PRO B 41 -11.04 42.36 45.80
CA PRO B 41 -10.59 43.33 46.81
C PRO B 41 -11.73 44.15 47.38
N GLY B 42 -12.00 43.95 48.67
CA GLY B 42 -13.07 44.69 49.34
C GLY B 42 -14.45 44.44 48.78
N LYS B 43 -14.67 43.30 48.13
CA LYS B 43 -15.97 42.98 47.56
C LYS B 43 -16.34 41.53 47.85
N GLY B 44 -16.10 41.09 49.08
CA GLY B 44 -16.51 39.77 49.50
C GLY B 44 -15.75 38.65 48.82
N LEU B 45 -16.16 37.42 49.12
CA LEU B 45 -15.59 36.21 48.55
C LEU B 45 -16.55 35.58 47.55
N GLU B 46 -16.05 34.58 46.85
CA GLU B 46 -16.86 33.88 45.85
C GLU B 46 -16.26 32.49 45.62
N TRP B 47 -17.08 31.47 45.79
CA TRP B 47 -16.65 30.09 45.63
C TRP B 47 -16.51 29.75 44.16
N VAL B 48 -15.40 29.08 43.82
CA VAL B 48 -15.10 28.76 42.43
C VAL B 48 -15.46 27.31 42.14
N SER B 49 -14.82 26.38 42.84
CA SER B 49 -15.04 24.95 42.64
C SER B 49 -14.45 24.22 43.85
N GLY B 50 -14.47 22.89 43.80
CA GLY B 50 -13.93 22.10 44.88
C GLY B 50 -13.92 20.63 44.53
N ILE B 51 -13.09 19.89 45.25
CA ILE B 51 -12.94 18.45 45.06
C ILE B 51 -12.96 17.78 46.43
N THR B 52 -13.60 16.61 46.50
CA THR B 52 -13.72 15.88 47.76
C THR B 52 -12.41 15.17 48.07
N TRP B 53 -12.43 14.28 49.07
CA TRP B 53 -11.22 13.55 49.45
C TRP B 53 -10.69 12.73 48.29
N ASN B 54 -11.57 12.08 47.53
CA ASN B 54 -11.17 11.35 46.34
C ASN B 54 -11.24 12.27 45.13
N SER B 55 -10.94 11.72 43.96
CA SER B 55 -11.04 12.49 42.72
C SER B 55 -12.50 12.67 42.36
N GLY B 56 -13.10 13.78 42.79
CA GLY B 56 -14.49 14.04 42.50
C GLY B 56 -14.84 15.52 42.46
N THR B 57 -15.45 15.96 41.36
CA THR B 57 -15.85 17.35 41.25
C THR B 57 -17.20 17.57 41.92
N ILE B 58 -17.27 18.62 42.74
CA ILE B 58 -18.49 18.94 43.50
C ILE B 58 -19.28 20.05 42.84
N GLY B 59 -18.85 20.53 41.68
CA GLY B 59 -19.56 21.55 40.93
C GLY B 59 -18.77 22.84 40.83
N TYR B 60 -19.36 23.78 40.08
CA TYR B 60 -18.77 25.09 39.86
C TYR B 60 -19.81 26.16 40.22
N ALA B 61 -19.48 27.41 39.90
CA ALA B 61 -20.38 28.51 40.11
C ALA B 61 -21.26 28.70 38.87
N ASP B 62 -22.05 29.78 38.85
CA ASP B 62 -22.91 30.08 37.71
C ASP B 62 -22.23 30.94 36.66
N SER B 63 -20.93 31.21 36.80
CA SER B 63 -20.21 32.05 35.86
C SER B 63 -18.86 31.48 35.44
N VAL B 64 -18.49 30.28 35.91
CA VAL B 64 -17.21 29.67 35.60
C VAL B 64 -17.37 28.32 34.92
N LYS B 65 -18.59 27.94 34.58
CA LYS B 65 -18.81 26.65 33.93
C LYS B 65 -18.27 26.67 32.51
N GLY B 66 -17.65 25.56 32.10
CA GLY B 66 -17.07 25.44 30.78
C GLY B 66 -15.69 26.06 30.61
N ARG B 67 -15.35 27.05 31.42
CA ARG B 67 -14.04 27.70 31.32
C ARG B 67 -13.05 27.19 32.34
N PHE B 68 -13.50 26.83 33.54
CA PHE B 68 -12.62 26.37 34.61
C PHE B 68 -12.74 24.86 34.76
N THR B 69 -11.59 24.22 35.00
CA THR B 69 -11.52 22.77 35.22
C THR B 69 -10.55 22.50 36.36
N ILE B 70 -11.06 21.88 37.42
CA ILE B 70 -10.28 21.59 38.61
C ILE B 70 -9.86 20.13 38.58
N SER B 71 -8.65 19.85 39.05
CA SER B 71 -8.12 18.49 39.10
C SER B 71 -7.37 18.28 40.40
N ARG B 72 -7.41 17.04 40.89
CA ARG B 72 -6.77 16.67 42.14
C ARG B 72 -5.69 15.63 41.88
N ASP B 73 -4.56 15.78 42.55
CA ASP B 73 -3.42 14.86 42.42
C ASP B 73 -3.03 14.40 43.81
N ASN B 74 -3.49 13.21 44.19
CA ASN B 74 -3.18 12.66 45.52
C ASN B 74 -1.75 12.16 45.63
N ALA B 75 -1.08 11.90 44.50
CA ALA B 75 0.28 11.39 44.54
C ALA B 75 1.28 12.47 44.96
N LYS B 76 1.14 13.67 44.40
CA LYS B 76 2.04 14.77 44.72
C LYS B 76 1.51 15.68 45.81
N ASN B 77 0.31 15.40 46.34
CA ASN B 77 -0.31 16.20 47.39
C ASN B 77 -0.41 17.67 46.99
N SER B 78 -1.15 17.90 45.91
CA SER B 78 -1.34 19.25 45.39
C SER B 78 -2.63 19.31 44.58
N LEU B 79 -3.40 20.37 44.76
CA LEU B 79 -4.63 20.60 44.03
C LEU B 79 -4.39 21.64 42.95
N TYR B 80 -4.88 21.35 41.74
CA TYR B 80 -4.67 22.22 40.60
C TYR B 80 -6.01 22.75 40.08
N LEU B 81 -5.97 23.95 39.52
CA LEU B 81 -7.16 24.60 38.97
C LEU B 81 -6.79 25.26 37.65
N GLN B 82 -7.43 24.82 36.56
CA GLN B 82 -7.17 25.37 35.24
C GLN B 82 -8.20 26.45 34.92
N MET B 83 -7.72 27.56 34.36
CA MET B 83 -8.57 28.70 34.00
C MET B 83 -8.40 28.98 32.52
N ASN B 84 -9.50 28.94 31.77
CA ASN B 84 -9.50 29.23 30.35
C ASN B 84 -10.37 30.44 30.05
N SER B 85 -9.94 31.23 29.07
CA SER B 85 -10.68 32.41 28.61
C SER B 85 -10.97 33.37 29.77
N LEU B 86 -9.90 33.85 30.40
CA LEU B 86 -10.05 34.80 31.49
C LEU B 86 -10.53 36.15 30.98
N ARG B 87 -11.41 36.78 31.75
CA ARG B 87 -12.00 38.07 31.41
C ARG B 87 -11.67 39.08 32.50
N ALA B 88 -12.25 40.27 32.36
CA ALA B 88 -11.97 41.36 33.30
C ALA B 88 -12.57 41.13 34.67
N GLU B 89 -13.59 40.27 34.78
CA GLU B 89 -14.24 39.99 36.05
C GLU B 89 -13.66 38.77 36.75
N ASP B 90 -12.39 38.44 36.49
CA ASP B 90 -11.73 37.31 37.12
C ASP B 90 -10.52 37.73 37.94
N THR B 91 -10.47 39.00 38.36
CA THR B 91 -9.35 39.53 39.14
C THR B 91 -9.73 39.46 40.62
N ALA B 92 -9.17 38.49 41.33
CA ALA B 92 -9.47 38.30 42.74
C ALA B 92 -8.38 37.43 43.35
N LEU B 93 -8.42 37.29 44.67
CA LEU B 93 -7.46 36.47 45.42
C LEU B 93 -8.04 35.07 45.54
N TYR B 94 -7.57 34.16 44.69
CA TYR B 94 -8.02 32.77 44.74
C TYR B 94 -7.37 32.07 45.92
N TYR B 95 -8.18 31.62 46.86
CA TYR B 95 -7.68 30.95 48.06
C TYR B 95 -7.75 29.44 47.90
N CYS B 96 -7.10 28.74 48.84
CA CYS B 96 -7.04 27.28 48.87
C CYS B 96 -7.49 26.83 50.26
N ALA B 97 -8.79 26.57 50.40
CA ALA B 97 -9.38 26.22 51.68
C ALA B 97 -9.61 24.71 51.76
N LYS B 98 -9.38 24.16 52.95
CA LYS B 98 -9.56 22.75 53.22
C LYS B 98 -10.94 22.49 53.81
N HIS B 99 -11.18 21.27 54.29
CA HIS B 99 -12.42 20.90 54.93
C HIS B 99 -12.13 20.29 56.29
N HIS B 100 -13.05 20.46 57.24
CA HIS B 100 -12.83 19.98 58.59
C HIS B 100 -13.14 18.49 58.72
N GLN B 101 -14.31 18.06 58.25
CA GLN B 101 -14.72 16.68 58.42
C GLN B 101 -13.88 15.75 57.55
N ILE B 102 -13.94 14.45 57.85
CA ILE B 102 -13.20 13.44 57.13
C ILE B 102 -13.98 12.90 55.93
N ALA B 103 -15.23 13.35 55.74
CA ALA B 103 -16.06 12.96 54.61
C ALA B 103 -16.27 11.44 54.58
N VAL B 104 -16.96 10.94 55.61
CA VAL B 104 -17.26 9.51 55.68
C VAL B 104 -18.20 9.13 54.55
N ALA B 105 -18.30 7.82 54.31
CA ALA B 105 -19.06 7.29 53.17
C ALA B 105 -20.54 7.68 53.24
N GLY B 106 -21.25 7.19 54.26
CA GLY B 106 -22.66 7.48 54.36
C GLY B 106 -22.99 8.68 55.24
N ASP B 107 -23.16 9.83 54.62
CA ASP B 107 -23.51 11.06 55.32
C ASP B 107 -24.33 11.94 54.38
N ALA B 108 -24.46 13.21 54.74
CA ALA B 108 -25.13 14.21 53.90
C ALA B 108 -24.11 15.21 53.39
N GLU B 109 -24.31 15.69 52.16
CA GLU B 109 -23.38 16.62 51.56
C GLU B 109 -23.40 17.95 52.32
N ASP B 110 -22.33 18.23 53.05
CA ASP B 110 -22.22 19.46 53.82
C ASP B 110 -20.75 19.79 53.98
N TYR B 111 -20.27 20.75 53.18
CA TYR B 111 -18.87 21.12 53.15
C TYR B 111 -18.69 22.51 53.76
N TYR B 112 -17.79 22.62 54.73
CA TYR B 112 -17.45 23.90 55.34
C TYR B 112 -15.94 23.96 55.56
N PHE B 113 -15.36 25.12 55.30
CA PHE B 113 -13.91 25.26 55.32
C PHE B 113 -13.39 25.42 56.74
N ASP B 114 -12.19 24.89 56.98
CA ASP B 114 -11.54 24.96 58.29
C ASP B 114 -10.15 25.56 58.25
N TYR B 115 -9.35 25.26 57.23
CA TYR B 115 -8.00 25.81 57.10
C TYR B 115 -7.93 26.67 55.85
N TRP B 116 -7.42 27.88 55.99
CA TRP B 116 -7.29 28.83 54.89
C TRP B 116 -5.82 29.10 54.61
N GLY B 117 -5.56 29.72 53.46
CA GLY B 117 -4.20 30.06 53.07
C GLY B 117 -4.00 31.54 52.89
N GLN B 118 -3.16 31.92 51.92
CA GLN B 118 -2.88 33.32 51.63
C GLN B 118 -3.41 33.79 50.29
N GLY B 119 -3.40 32.92 49.27
CA GLY B 119 -3.93 33.28 47.97
C GLY B 119 -2.88 33.90 47.07
N THR B 120 -3.17 33.86 45.77
CA THR B 120 -2.29 34.43 44.75
C THR B 120 -3.09 35.45 43.94
N LEU B 121 -2.54 36.65 43.82
CA LEU B 121 -3.20 37.74 43.07
C LEU B 121 -3.14 37.41 41.59
N VAL B 122 -4.27 37.04 41.00
CA VAL B 122 -4.35 36.72 39.58
C VAL B 122 -5.06 37.90 38.92
N THR B 123 -4.27 38.84 38.41
CA THR B 123 -4.82 40.01 37.72
C THR B 123 -4.86 39.76 36.22
N VAL B 124 -5.96 40.17 35.59
CA VAL B 124 -6.20 39.95 34.17
C VAL B 124 -6.51 41.31 33.55
N SER B 125 -5.57 41.85 32.78
CA SER B 125 -5.76 43.13 32.11
C SER B 125 -4.86 43.18 30.89
N SER B 126 -4.95 44.29 30.16
CA SER B 126 -4.15 44.50 28.95
C SER B 126 -2.83 45.19 29.21
N ALA B 127 -2.58 45.64 30.43
CA ALA B 127 -1.33 46.32 30.74
C ALA B 127 -0.18 45.31 30.79
N SER B 128 1.04 45.85 30.91
CA SER B 128 2.25 45.04 30.96
C SER B 128 2.93 45.21 32.31
N THR B 129 3.78 44.24 32.64
CA THR B 129 4.50 44.29 33.91
C THR B 129 5.62 45.31 33.85
N LYS B 130 5.79 46.05 34.94
CA LYS B 130 6.82 47.07 35.05
C LYS B 130 7.78 46.72 36.18
N GLY B 131 9.04 47.11 36.02
CA GLY B 131 10.06 46.83 36.99
C GLY B 131 10.02 47.79 38.16
N PRO B 132 10.11 47.26 39.37
CA PRO B 132 10.10 48.12 40.57
C PRO B 132 11.32 49.02 40.61
N SER B 133 11.23 50.04 41.47
CA SER B 133 12.30 51.02 41.64
C SER B 133 12.46 51.28 43.13
N VAL B 134 13.40 50.56 43.75
CA VAL B 134 13.67 50.71 45.17
C VAL B 134 14.63 51.87 45.39
N PHE B 135 14.33 52.71 46.38
CA PHE B 135 15.17 53.86 46.67
C PHE B 135 15.48 53.93 48.16
N PRO B 136 16.72 54.27 48.52
CA PRO B 136 17.10 54.32 49.93
C PRO B 136 16.70 55.62 50.61
N LEU B 137 15.47 55.69 51.11
CA LEU B 137 14.98 56.86 51.82
C LEU B 137 15.96 57.27 52.92
N ALA B 138 16.34 58.54 52.90
CA ALA B 138 17.39 59.02 53.80
C ALA B 138 16.87 59.11 55.23
N PRO B 139 17.49 58.42 56.19
CA PRO B 139 17.16 58.60 57.62
C PRO B 139 17.77 59.89 58.17
N SER B 140 17.05 60.99 57.96
CA SER B 140 17.52 62.32 58.34
C SER B 140 17.92 62.41 59.81
N SER B 141 18.77 63.38 60.13
CA SER B 141 19.37 63.49 61.45
C SER B 141 18.46 64.17 62.48
N LYS B 142 17.16 64.25 62.22
CA LYS B 142 16.22 64.80 63.19
C LYS B 142 16.13 63.83 64.37
N SER B 143 16.77 64.21 65.48
CA SER B 143 16.87 63.34 66.66
C SER B 143 16.29 64.08 67.86
N THR B 144 15.07 63.71 68.25
CA THR B 144 14.44 64.25 69.45
C THR B 144 14.24 63.15 70.50
N SER B 145 13.56 62.07 70.14
CA SER B 145 13.40 60.91 71.00
C SER B 145 14.45 59.86 70.65
N GLY B 146 14.30 58.66 71.22
CA GLY B 146 15.23 57.58 70.96
C GLY B 146 15.20 57.08 69.54
N GLY B 147 14.04 56.58 69.10
CA GLY B 147 13.90 56.04 67.77
C GLY B 147 13.06 56.89 66.84
N THR B 148 13.25 58.21 66.90
CA THR B 148 12.48 59.11 66.04
C THR B 148 12.90 59.04 64.58
N ALA B 149 14.14 58.64 64.30
CA ALA B 149 14.64 58.52 62.94
C ALA B 149 14.19 57.18 62.35
N ALA B 150 13.81 57.19 61.08
CA ALA B 150 13.34 55.99 60.40
C ALA B 150 13.79 56.01 58.95
N LEU B 151 14.10 54.82 58.42
CA LEU B 151 14.48 54.65 57.03
C LEU B 151 13.62 53.57 56.39
N GLY B 152 13.49 53.63 55.07
CA GLY B 152 12.69 52.66 54.36
C GLY B 152 13.01 52.66 52.88
N CYS B 153 12.12 52.02 52.12
CA CYS B 153 12.25 51.90 50.68
C CYS B 153 11.14 52.67 49.99
N LEU B 154 11.32 52.91 48.69
CA LEU B 154 10.41 53.74 47.90
C LEU B 154 10.04 53.02 46.60
N VAL B 155 9.65 51.75 46.72
CA VAL B 155 9.26 50.94 45.58
C VAL B 155 8.10 51.59 44.84
N LYS B 156 8.22 51.70 43.52
CA LYS B 156 7.19 52.33 42.70
C LYS B 156 7.31 51.78 41.27
N ASP B 157 6.37 52.20 40.42
CA ASP B 157 6.33 51.83 39.00
C ASP B 157 6.23 50.32 38.83
N TYR B 158 5.12 49.77 39.31
CA TYR B 158 4.84 48.35 39.17
C TYR B 158 3.32 48.15 39.10
N PHE B 159 2.87 47.48 38.03
CA PHE B 159 1.43 47.29 37.82
C PHE B 159 0.87 46.18 38.72
N PRO B 160 1.44 44.97 38.73
CA PRO B 160 0.93 43.96 39.65
C PRO B 160 1.39 44.23 41.08
N GLU B 161 0.65 43.69 42.04
CA GLU B 161 1.04 43.93 43.43
C GLU B 161 1.18 42.65 44.24
N PRO B 162 2.05 41.68 43.85
CA PRO B 162 2.47 40.62 44.76
C PRO B 162 3.72 40.99 45.55
N VAL B 163 3.68 42.14 46.21
CA VAL B 163 4.86 42.72 46.83
C VAL B 163 5.11 42.09 48.19
N THR B 164 6.36 41.68 48.42
CA THR B 164 6.81 41.15 49.70
C THR B 164 8.16 41.75 50.02
N VAL B 165 8.25 42.47 51.13
CA VAL B 165 9.46 43.17 51.52
C VAL B 165 10.16 42.40 52.63
N SER B 166 11.47 42.24 52.50
CA SER B 166 12.31 41.61 53.51
C SER B 166 13.42 42.58 53.91
N TRP B 167 13.97 42.36 55.10
CA TRP B 167 15.03 43.22 55.61
C TRP B 167 16.39 42.54 55.71
N ASN B 168 16.48 41.42 56.41
CA ASN B 168 17.74 40.69 56.51
C ASN B 168 17.65 39.33 55.83
N SER B 169 16.72 38.47 56.24
CA SER B 169 16.56 37.18 55.59
C SER B 169 15.12 36.70 55.56
N GLY B 170 14.14 37.54 55.87
CA GLY B 170 12.79 37.08 56.10
C GLY B 170 12.52 36.99 57.58
N ALA B 171 12.96 38.01 58.31
CA ALA B 171 12.94 37.99 59.77
C ALA B 171 12.75 39.43 60.25
N LEU B 172 13.03 39.67 61.53
CA LEU B 172 12.81 40.96 62.18
C LEU B 172 11.32 41.35 62.11
N THR B 173 10.53 40.54 62.81
CA THR B 173 9.08 40.72 62.87
C THR B 173 8.66 41.87 63.78
N SER B 174 9.56 42.80 64.09
CA SER B 174 9.25 43.92 64.96
C SER B 174 8.39 44.94 64.18
N GLY B 175 8.20 46.11 64.78
CA GLY B 175 7.38 47.13 64.17
C GLY B 175 7.85 47.60 62.81
N VAL B 176 7.13 47.20 61.76
CA VAL B 176 7.43 47.61 60.39
C VAL B 176 6.09 47.96 59.74
N HIS B 177 5.83 49.24 59.55
CA HIS B 177 4.56 49.71 59.00
C HIS B 177 4.68 49.75 57.48
N THR B 178 4.24 48.67 56.83
CA THR B 178 4.24 48.58 55.37
C THR B 178 2.95 49.22 54.86
N PHE B 179 3.06 50.43 54.34
CA PHE B 179 1.89 51.14 53.85
C PHE B 179 1.36 50.51 52.57
N PRO B 180 0.04 50.42 52.42
CA PRO B 180 -0.53 49.84 51.20
C PRO B 180 -0.22 50.70 49.98
N ALA B 181 -0.31 50.07 48.81
CA ALA B 181 -0.04 50.74 47.55
C ALA B 181 -1.26 51.58 47.13
N VAL B 182 -1.09 52.32 46.04
CA VAL B 182 -2.15 53.20 45.53
C VAL B 182 -1.93 53.39 44.03
N LEU B 183 -3.01 53.28 43.27
CA LEU B 183 -2.96 53.49 41.82
C LEU B 183 -2.84 54.99 41.54
N GLN B 184 -1.68 55.41 41.02
CA GLN B 184 -1.42 56.82 40.79
C GLN B 184 -1.92 57.27 39.42
N SER B 185 -3.19 56.99 39.13
CA SER B 185 -3.87 57.39 37.90
C SER B 185 -3.16 56.89 36.63
N SER B 186 -2.27 55.91 36.75
CA SER B 186 -1.54 55.39 35.61
C SER B 186 -1.41 53.87 35.64
N GLY B 187 -2.04 53.20 36.60
CA GLY B 187 -1.95 51.77 36.75
C GLY B 187 -0.83 51.29 37.65
N LEU B 188 0.20 52.12 37.83
CA LEU B 188 1.33 51.77 38.68
C LEU B 188 0.95 51.92 40.16
N TYR B 189 1.83 51.47 41.05
CA TYR B 189 1.60 51.52 42.48
C TYR B 189 2.88 52.00 43.15
N SER B 190 2.82 52.16 44.47
CA SER B 190 3.95 52.69 45.24
C SER B 190 3.97 52.03 46.60
N LEU B 191 5.13 51.52 47.00
CA LEU B 191 5.29 50.83 48.28
C LEU B 191 6.32 51.57 49.14
N SER B 192 6.14 51.48 50.45
CA SER B 192 7.04 52.11 51.40
C SER B 192 6.87 51.44 52.76
N SER B 193 7.93 51.46 53.55
CA SER B 193 7.93 50.86 54.87
C SER B 193 8.65 51.76 55.86
N VAL B 194 8.32 51.61 57.13
CA VAL B 194 8.92 52.41 58.20
C VAL B 194 9.31 51.47 59.34
N VAL B 195 10.57 51.57 59.77
CA VAL B 195 11.09 50.74 60.85
C VAL B 195 11.36 51.61 62.06
N THR B 196 11.71 50.99 63.19
CA THR B 196 12.06 51.76 64.38
C THR B 196 13.34 52.54 64.17
N VAL B 197 14.40 51.87 63.69
CA VAL B 197 15.68 52.49 63.38
C VAL B 197 16.20 53.27 64.58
N PRO B 198 16.70 52.59 65.63
CA PRO B 198 17.23 53.32 66.79
C PRO B 198 18.53 54.05 66.47
N SER B 199 19.14 54.65 67.49
CA SER B 199 20.39 55.39 67.32
C SER B 199 21.44 54.56 66.60
N SER B 200 21.92 55.07 65.47
CA SER B 200 22.85 54.35 64.62
C SER B 200 24.25 54.48 65.20
N SER B 201 24.75 53.39 65.78
CA SER B 201 26.11 53.32 66.32
C SER B 201 26.77 52.02 65.92
N LEU B 202 26.63 51.65 64.63
CA LEU B 202 27.15 50.41 64.08
C LEU B 202 26.55 49.19 64.77
N GLY B 203 25.40 49.38 65.42
CA GLY B 203 24.71 48.29 66.08
C GLY B 203 23.27 48.17 65.64
N THR B 204 23.02 48.35 64.35
CA THR B 204 21.65 48.34 63.82
C THR B 204 21.52 47.31 62.69
N GLN B 205 20.38 47.34 62.01
CA GLN B 205 20.14 46.38 60.93
C GLN B 205 21.12 46.61 59.78
N THR B 206 21.16 45.62 58.87
CA THR B 206 22.08 45.65 57.75
C THR B 206 21.70 46.66 56.67
N TYR B 207 20.59 47.37 56.83
CA TYR B 207 20.12 48.38 55.87
C TYR B 207 19.93 47.76 54.48
N ILE B 208 19.03 46.78 54.43
CA ILE B 208 18.73 46.06 53.19
C ILE B 208 17.22 45.94 53.07
N CYS B 209 16.70 46.22 51.87
CA CYS B 209 15.27 46.14 51.58
C CYS B 209 15.09 45.22 50.36
N ASN B 210 14.94 43.92 50.64
CA ASN B 210 14.74 42.94 49.59
C ASN B 210 13.27 42.95 49.15
N VAL B 211 13.03 43.25 47.88
CA VAL B 211 11.69 43.33 47.32
C VAL B 211 11.57 42.26 46.25
N ASN B 212 10.60 41.37 46.41
CA ASN B 212 10.36 40.26 45.48
C ASN B 212 9.06 40.52 44.74
N HIS B 213 9.13 40.55 43.41
CA HIS B 213 7.97 40.74 42.55
C HIS B 213 7.99 39.64 41.50
N LYS B 214 7.00 38.75 41.54
CA LYS B 214 6.99 37.57 40.67
C LYS B 214 6.78 37.93 39.20
N PRO B 215 5.77 38.74 38.84
CA PRO B 215 5.60 39.09 37.41
C PRO B 215 6.75 39.92 36.85
N SER B 216 7.61 40.46 37.70
CA SER B 216 8.75 41.28 37.29
C SER B 216 10.00 40.83 38.03
N ASN B 217 10.26 39.52 37.99
CA ASN B 217 11.32 38.88 38.77
C ASN B 217 12.65 39.62 38.66
N THR B 218 13.09 40.16 39.79
CA THR B 218 14.36 40.89 39.88
C THR B 218 14.76 41.02 41.35
N LYS B 219 15.97 40.60 41.68
CA LYS B 219 16.45 40.59 43.06
C LYS B 219 17.21 41.90 43.30
N VAL B 220 16.56 42.83 44.01
CA VAL B 220 17.15 44.11 44.35
C VAL B 220 17.77 44.01 45.73
N ASP B 221 19.08 44.25 45.81
CA ASP B 221 19.83 44.16 47.06
C ASP B 221 20.62 45.44 47.29
N LYS B 222 19.97 46.59 47.09
CA LYS B 222 20.62 47.87 47.30
C LYS B 222 20.51 48.28 48.76
N LYS B 223 21.57 48.89 49.27
CA LYS B 223 21.65 49.27 50.68
C LYS B 223 21.14 50.69 50.89
N VAL B 224 20.93 51.04 52.15
CA VAL B 224 20.44 52.35 52.55
C VAL B 224 21.48 53.00 53.45
N GLU B 225 21.78 54.26 53.18
CA GLU B 225 22.77 55.01 53.94
C GLU B 225 22.20 56.39 54.28
N PRO B 226 22.57 56.94 55.46
CA PRO B 226 22.13 58.27 55.87
C PRO B 226 22.62 59.38 54.94
N TYR C 2 -29.07 29.29 45.54
CA TYR C 2 -29.66 30.02 46.65
C TYR C 2 -29.18 31.47 46.65
N GLU C 3 -29.67 32.25 47.60
CA GLU C 3 -29.28 33.66 47.71
C GLU C 3 -29.45 34.09 49.16
N LEU C 4 -28.35 34.43 49.81
CA LEU C 4 -28.36 34.88 51.19
C LEU C 4 -28.29 36.40 51.24
N THR C 5 -28.98 36.99 52.21
CA THR C 5 -29.03 38.43 52.38
C THR C 5 -28.48 38.78 53.76
N GLN C 6 -27.46 39.65 53.78
CA GLN C 6 -26.83 40.08 55.01
C GLN C 6 -26.87 41.59 55.13
N PRO C 7 -26.92 42.12 56.35
CA PRO C 7 -26.85 43.58 56.53
C PRO C 7 -25.51 44.11 56.05
N PRO C 8 -25.51 45.25 55.34
CA PRO C 8 -24.23 45.78 54.85
C PRO C 8 -23.27 46.19 55.94
N SER C 9 -23.77 46.68 57.08
CA SER C 9 -22.90 47.09 58.18
C SER C 9 -23.72 47.14 59.46
N VAL C 10 -23.17 46.58 60.52
CA VAL C 10 -23.82 46.56 61.83
C VAL C 10 -22.79 47.01 62.86
N SER C 11 -23.06 48.13 63.53
CA SER C 11 -22.19 48.66 64.57
C SER C 11 -22.87 48.57 65.93
N VAL C 12 -22.08 48.35 66.97
CA VAL C 12 -22.58 48.23 68.32
C VAL C 12 -21.48 48.63 69.29
N ALA C 13 -21.87 49.28 70.38
CA ALA C 13 -20.91 49.66 71.41
C ALA C 13 -20.35 48.42 72.10
N PRO C 14 -19.12 48.49 72.62
CA PRO C 14 -18.55 47.32 73.30
C PRO C 14 -19.09 47.11 74.70
N GLY C 15 -20.40 47.19 74.85
CA GLY C 15 -21.05 46.94 76.12
C GLY C 15 -22.10 45.86 76.05
N GLN C 16 -22.65 45.65 74.85
CA GLN C 16 -23.70 44.67 74.61
C GLN C 16 -23.28 43.73 73.49
N THR C 17 -24.23 42.93 73.02
CA THR C 17 -24.01 41.97 71.94
C THR C 17 -24.46 42.56 70.61
N ALA C 18 -23.98 41.94 69.53
CA ALA C 18 -24.34 42.32 68.18
C ALA C 18 -25.34 41.34 67.59
N ARG C 19 -25.98 41.75 66.50
CA ARG C 19 -27.02 40.96 65.84
C ARG C 19 -26.70 40.86 64.36
N ILE C 20 -26.07 39.76 63.96
CA ILE C 20 -25.76 39.48 62.56
C ILE C 20 -26.65 38.35 62.10
N THR C 21 -27.46 38.59 61.07
CA THR C 21 -28.42 37.63 60.58
C THR C 21 -28.18 37.32 59.10
N CYS C 22 -28.57 36.12 58.70
CA CYS C 22 -28.53 35.69 57.30
C CYS C 22 -29.81 34.93 57.00
N GLY C 23 -30.66 35.50 56.15
CA GLY C 23 -31.94 34.91 55.83
C GLY C 23 -32.01 34.52 54.36
N GLY C 24 -32.86 33.53 54.07
CA GLY C 24 -33.06 33.08 52.71
C GLY C 24 -34.52 32.83 52.39
N ASN C 25 -34.80 31.75 51.66
CA ASN C 25 -36.16 31.39 51.29
C ASN C 25 -36.73 30.31 52.19
N ASN C 26 -36.06 29.16 52.28
CA ASN C 26 -36.49 28.06 53.13
C ASN C 26 -35.29 27.44 53.84
N ILE C 27 -34.42 28.29 54.36
CA ILE C 27 -33.20 27.83 55.05
C ILE C 27 -33.58 27.66 56.52
N GLY C 28 -34.13 26.48 56.83
CA GLY C 28 -34.52 26.17 58.19
C GLY C 28 -33.98 24.84 58.67
N SER C 29 -33.58 23.97 57.74
CA SER C 29 -33.06 22.66 58.06
C SER C 29 -31.61 22.46 57.62
N LYS C 30 -31.21 23.07 56.51
CA LYS C 30 -29.84 22.94 56.04
C LYS C 30 -28.88 23.66 56.98
N SER C 31 -27.67 23.13 57.11
CA SER C 31 -26.69 23.67 58.04
C SER C 31 -26.26 25.07 57.61
N VAL C 32 -25.98 25.91 58.61
CA VAL C 32 -25.54 27.29 58.39
C VAL C 32 -24.17 27.44 59.04
N HIS C 33 -23.16 27.72 58.23
CA HIS C 33 -21.80 27.92 58.70
C HIS C 33 -21.40 29.39 58.57
N TRP C 34 -20.56 29.83 59.50
CA TRP C 34 -20.11 31.22 59.55
C TRP C 34 -18.59 31.28 59.42
N TYR C 35 -18.10 32.46 59.06
CA TYR C 35 -16.67 32.69 58.91
C TYR C 35 -16.34 34.11 59.35
N GLN C 36 -15.11 34.29 59.84
CA GLN C 36 -14.60 35.60 60.23
C GLN C 36 -13.26 35.83 59.55
N GLN C 37 -13.12 36.98 58.91
CA GLN C 37 -11.90 37.32 58.17
C GLN C 37 -11.39 38.67 58.65
N LYS C 38 -10.23 38.66 59.31
CA LYS C 38 -9.59 39.91 59.68
C LYS C 38 -9.13 40.65 58.43
N PRO C 39 -9.16 41.99 58.44
CA PRO C 39 -8.78 42.75 57.25
C PRO C 39 -7.29 42.61 56.92
N GLY C 40 -6.99 41.95 55.81
CA GLY C 40 -5.62 41.74 55.40
C GLY C 40 -5.14 40.32 55.66
N GLN C 41 -5.62 39.72 56.73
CA GLN C 41 -5.22 38.36 57.11
C GLN C 41 -6.13 37.35 56.42
N ALA C 42 -6.01 36.08 56.82
CA ALA C 42 -6.80 34.98 56.27
C ALA C 42 -8.08 34.78 57.07
N PRO C 43 -9.15 34.30 56.42
CA PRO C 43 -10.40 34.06 57.15
C PRO C 43 -10.24 32.97 58.19
N VAL C 44 -10.71 33.24 59.40
CA VAL C 44 -10.68 32.28 60.49
C VAL C 44 -12.06 31.66 60.65
N LEU C 45 -12.11 30.49 61.26
CA LEU C 45 -13.37 29.78 61.46
C LEU C 45 -14.00 30.19 62.79
N VAL C 46 -15.33 30.37 62.76
CA VAL C 46 -16.11 30.67 63.95
C VAL C 46 -17.18 29.59 64.10
N VAL C 47 -18.09 29.78 65.06
CA VAL C 47 -19.16 28.83 65.35
C VAL C 47 -19.86 28.39 64.08
N TYR C 48 -19.91 27.07 63.85
CA TYR C 48 -20.53 26.50 62.67
C TYR C 48 -21.64 25.55 63.09
N ASP C 49 -22.54 25.27 62.13
CA ASP C 49 -23.72 24.43 62.32
C ASP C 49 -24.66 24.95 63.40
N ASP C 50 -24.41 26.16 63.91
CA ASP C 50 -25.26 26.81 64.91
C ASP C 50 -25.39 25.99 66.19
N SER C 51 -24.52 24.98 66.37
CA SER C 51 -24.59 24.15 67.55
C SER C 51 -23.23 23.79 68.15
N ASP C 52 -22.13 24.28 67.59
CA ASP C 52 -20.80 23.96 68.10
C ASP C 52 -19.79 24.93 67.51
N ARG C 53 -18.66 25.06 68.20
CA ARG C 53 -17.57 25.94 67.80
C ARG C 53 -16.29 25.15 67.62
N PRO C 54 -15.40 25.59 66.74
CA PRO C 54 -14.12 24.88 66.56
C PRO C 54 -13.20 25.03 67.78
N SER C 55 -12.04 24.40 67.72
CA SER C 55 -11.08 24.47 68.82
C SER C 55 -10.31 25.78 68.76
N GLY C 56 -10.37 26.57 69.83
CA GLY C 56 -9.71 27.85 69.92
C GLY C 56 -10.68 29.02 70.07
N ILE C 57 -11.85 28.91 69.47
CA ILE C 57 -12.84 30.00 69.57
C ILE C 57 -13.42 30.02 70.97
N PRO C 58 -13.43 31.17 71.65
CA PRO C 58 -13.95 31.23 73.01
C PRO C 58 -15.47 31.04 73.03
N GLU C 59 -16.00 31.01 74.25
CA GLU C 59 -17.44 30.86 74.45
C GLU C 59 -18.22 32.10 74.05
N ARG C 60 -17.54 33.22 73.79
CA ARG C 60 -18.23 34.45 73.43
C ARG C 60 -19.00 34.30 72.11
N PHE C 61 -18.47 33.51 71.18
CA PHE C 61 -19.13 33.32 69.89
C PHE C 61 -20.24 32.28 70.03
N SER C 62 -21.42 32.59 69.47
CA SER C 62 -22.56 31.70 69.52
C SER C 62 -23.41 31.91 68.28
N GLY C 63 -24.23 30.91 67.98
CA GLY C 63 -25.10 30.98 66.82
C GLY C 63 -26.42 30.27 67.08
N SER C 64 -27.43 30.63 66.29
CA SER C 64 -28.76 30.06 66.42
C SER C 64 -29.54 30.33 65.16
N ASN C 65 -30.28 29.32 64.68
CA ASN C 65 -31.12 29.44 63.50
C ASN C 65 -32.55 29.05 63.86
N SER C 66 -33.52 29.79 63.32
CA SER C 66 -34.93 29.53 63.63
C SER C 66 -35.75 29.90 62.41
N GLY C 67 -36.08 28.88 61.59
CA GLY C 67 -36.98 29.07 60.47
C GLY C 67 -36.33 29.62 59.22
N ASN C 68 -36.05 30.93 59.22
CA ASN C 68 -35.42 31.58 58.07
C ASN C 68 -34.43 32.65 58.49
N THR C 69 -33.85 32.51 59.69
CA THR C 69 -32.93 33.51 60.19
C THR C 69 -31.89 32.83 61.08
N ALA C 70 -30.61 33.00 60.72
CA ALA C 70 -29.50 32.48 61.50
C ALA C 70 -28.77 33.66 62.14
N THR C 71 -28.78 33.70 63.47
CA THR C 71 -28.22 34.81 64.23
C THR C 71 -26.88 34.40 64.82
N LEU C 72 -25.82 35.12 64.47
CA LEU C 72 -24.49 34.90 65.01
C LEU C 72 -24.34 35.86 66.20
N THR C 73 -24.70 35.37 67.38
CA THR C 73 -24.73 36.20 68.59
C THR C 73 -23.35 36.19 69.23
N ILE C 74 -22.58 37.26 69.01
CA ILE C 74 -21.27 37.41 69.64
C ILE C 74 -21.44 38.19 70.95
N SER C 75 -20.88 37.66 72.02
CA SER C 75 -21.01 38.27 73.34
C SER C 75 -19.73 39.03 73.70
N ARG C 76 -19.91 40.18 74.35
CA ARG C 76 -18.81 41.01 74.82
C ARG C 76 -17.85 41.36 73.68
N VAL C 77 -18.39 42.11 72.71
CA VAL C 77 -17.59 42.52 71.56
C VAL C 77 -16.50 43.49 72.01
N GLU C 78 -15.30 43.29 71.49
CA GLU C 78 -14.14 44.12 71.82
C GLU C 78 -13.60 44.79 70.56
N ALA C 79 -12.50 45.53 70.71
CA ALA C 79 -11.91 46.21 69.57
C ALA C 79 -11.27 45.21 68.60
N GLY C 80 -10.66 44.15 69.12
CA GLY C 80 -10.03 43.15 68.29
C GLY C 80 -10.98 42.22 67.56
N ASP C 81 -12.29 42.46 67.66
CA ASP C 81 -13.29 41.62 67.00
C ASP C 81 -13.84 42.25 65.73
N GLU C 82 -13.35 43.43 65.34
CA GLU C 82 -13.81 44.08 64.13
C GLU C 82 -13.23 43.36 62.91
N ALA C 83 -14.09 42.64 62.18
CA ALA C 83 -13.66 41.89 61.01
C ALA C 83 -14.87 41.72 60.09
N ASP C 84 -14.64 41.06 58.96
CA ASP C 84 -15.68 40.82 57.97
C ASP C 84 -16.26 39.43 58.20
N TYR C 85 -17.51 39.38 58.66
CA TYR C 85 -18.18 38.13 59.00
C TYR C 85 -19.03 37.66 57.83
N TYR C 86 -18.86 36.42 57.42
CA TYR C 86 -19.62 35.82 56.34
C TYR C 86 -20.39 34.60 56.85
N CYS C 87 -21.47 34.26 56.16
CA CYS C 87 -22.28 33.09 56.46
C CYS C 87 -22.33 32.19 55.23
N GLN C 88 -22.25 30.88 55.46
CA GLN C 88 -22.16 29.90 54.39
C GLN C 88 -23.38 28.99 54.39
N VAL C 89 -23.77 28.54 53.19
CA VAL C 89 -24.86 27.59 53.02
C VAL C 89 -24.49 26.66 51.88
N TRP C 90 -25.16 25.50 51.83
CA TRP C 90 -24.82 24.50 50.82
C TRP C 90 -25.73 24.58 49.60
N ASP C 91 -27.05 24.50 49.81
CA ASP C 91 -28.03 24.56 48.72
C ASP C 91 -27.79 23.44 47.69
N SER C 92 -28.01 22.21 48.17
CA SER C 92 -27.80 21.01 47.36
C SER C 92 -28.68 20.99 46.12
N ARG C 93 -29.64 21.91 46.02
CA ARG C 93 -30.51 21.96 44.85
C ARG C 93 -29.74 22.44 43.62
N SER C 94 -28.70 23.25 43.82
CA SER C 94 -27.91 23.78 42.71
C SER C 94 -26.47 23.29 42.70
N ASP C 95 -26.06 22.51 43.70
CA ASP C 95 -24.70 21.98 43.80
C ASP C 95 -23.67 23.11 43.78
N ARG C 96 -23.83 24.04 44.71
CA ARG C 96 -22.93 25.20 44.80
C ARG C 96 -22.53 25.47 46.24
N VAL C 97 -21.81 26.57 46.45
CA VAL C 97 -21.51 27.08 47.78
C VAL C 97 -21.83 28.56 47.79
N VAL C 98 -23.04 28.91 48.24
CA VAL C 98 -23.55 30.27 48.14
C VAL C 98 -23.04 31.08 49.32
N PHE C 99 -22.24 32.11 49.02
CA PHE C 99 -21.79 33.07 50.00
C PHE C 99 -22.68 34.31 49.94
N GLY C 100 -22.29 35.36 50.66
CA GLY C 100 -23.04 36.59 50.66
C GLY C 100 -22.17 37.76 51.09
N GLY C 101 -22.68 38.97 50.83
CA GLY C 101 -21.99 40.18 51.21
C GLY C 101 -21.79 40.29 52.71
N GLY C 102 -20.55 40.17 53.16
CA GLY C 102 -20.26 40.16 54.58
C GLY C 102 -20.60 41.48 55.25
N THR C 103 -20.75 41.40 56.57
CA THR C 103 -21.08 42.56 57.40
C THR C 103 -19.82 43.08 58.09
N LYS C 104 -19.65 44.39 58.04
CA LYS C 104 -18.47 45.04 58.64
C LYS C 104 -18.81 45.44 60.07
N LEU C 105 -18.57 44.54 61.00
CA LEU C 105 -18.81 44.82 62.41
C LEU C 105 -17.76 45.81 62.92
N THR C 106 -18.23 46.97 63.38
CA THR C 106 -17.35 48.02 63.88
C THR C 106 -17.82 48.42 65.28
N ALA C 107 -16.94 48.25 66.26
CA ALA C 107 -17.26 48.62 67.65
C ALA C 107 -17.30 50.14 67.76
N LEU C 108 -18.51 50.68 67.88
CA LEU C 108 -18.69 52.13 67.97
C LEU C 108 -18.38 52.62 69.39
N GLY C 109 -17.67 53.74 69.46
CA GLY C 109 -17.32 54.33 70.74
C GLY C 109 -15.93 54.01 71.22
N GLN C 110 -14.94 54.10 70.31
CA GLN C 110 -13.56 53.86 70.69
C GLN C 110 -12.83 55.18 70.91
N PRO C 111 -11.80 55.18 71.76
CA PRO C 111 -11.06 56.42 72.01
C PRO C 111 -10.35 56.91 70.74
N LYS C 112 -10.11 58.22 70.70
CA LYS C 112 -9.46 58.83 69.55
C LYS C 112 -7.98 58.48 69.50
N ALA C 113 -7.37 58.73 68.35
CA ALA C 113 -5.94 58.48 68.17
C ALA C 113 -5.37 59.57 67.27
N ALA C 114 -4.42 60.34 67.79
CA ALA C 114 -3.83 61.41 67.02
C ALA C 114 -2.80 60.85 66.04
N PRO C 115 -2.94 61.13 64.74
CA PRO C 115 -1.96 60.61 63.77
C PRO C 115 -0.67 61.41 63.81
N SER C 116 0.44 60.70 63.64
CA SER C 116 1.77 61.31 63.59
C SER C 116 2.27 61.31 62.16
N VAL C 117 2.71 62.47 61.69
CA VAL C 117 3.20 62.64 60.32
C VAL C 117 4.70 62.43 60.32
N THR C 118 5.19 61.76 59.28
CA THR C 118 6.62 61.47 59.14
C THR C 118 7.05 61.88 57.74
N LEU C 119 7.90 62.91 57.66
CA LEU C 119 8.37 63.42 56.39
C LEU C 119 9.62 62.68 55.94
N PHE C 120 9.62 62.26 54.69
CA PHE C 120 10.76 61.58 54.08
C PHE C 120 11.19 62.35 52.84
N PRO C 121 12.31 63.08 52.89
CA PRO C 121 12.76 63.83 51.72
C PRO C 121 13.24 62.88 50.63
N PRO C 122 13.43 63.38 49.41
CA PRO C 122 13.96 62.53 48.34
C PRO C 122 15.32 61.95 48.72
N SER C 123 15.57 60.73 48.25
CA SER C 123 16.79 60.02 48.62
C SER C 123 18.01 60.68 47.97
N SER C 124 19.18 60.12 48.27
CA SER C 124 20.42 60.70 47.73
C SER C 124 20.67 60.22 46.31
N GLU C 125 20.45 58.94 46.03
CA GLU C 125 20.72 58.37 44.71
C GLU C 125 19.52 58.50 43.78
N GLU C 126 19.00 59.72 43.64
CA GLU C 126 17.96 59.99 42.65
C GLU C 126 18.08 61.35 41.99
N LEU C 127 18.91 62.27 42.51
CA LEU C 127 19.02 63.59 41.90
C LEU C 127 19.72 63.53 40.55
N GLN C 128 20.54 62.50 40.31
CA GLN C 128 21.19 62.36 39.02
C GLN C 128 20.18 62.02 37.92
N ALA C 129 19.08 61.37 38.28
CA ALA C 129 18.02 61.05 37.35
C ALA C 129 16.81 61.95 37.62
N ASN C 130 15.71 61.69 36.93
CA ASN C 130 14.48 62.45 37.07
C ASN C 130 13.39 61.48 37.56
N LYS C 131 13.29 61.32 38.88
CA LYS C 131 12.30 60.43 39.48
C LYS C 131 11.10 61.21 40.04
N ALA C 132 11.35 62.19 40.92
CA ALA C 132 10.31 63.05 41.49
C ALA C 132 9.25 62.21 42.20
N THR C 133 9.68 61.57 43.28
CA THR C 133 8.83 60.69 44.08
C THR C 133 8.86 61.09 45.55
N LEU C 134 8.68 62.38 45.81
CA LEU C 134 8.59 62.86 47.19
C LEU C 134 7.41 62.22 47.90
N VAL C 135 7.66 61.66 49.08
CA VAL C 135 6.67 60.90 49.84
C VAL C 135 6.44 61.57 51.18
N CYS C 136 5.17 61.69 51.57
CA CYS C 136 4.79 62.20 52.88
C CYS C 136 3.92 61.15 53.56
N LEU C 137 4.40 60.61 54.68
CA LEU C 137 3.75 59.51 55.37
C LEU C 137 3.14 59.98 56.68
N ILE C 138 2.14 59.24 57.15
CA ILE C 138 1.47 59.51 58.42
C ILE C 138 1.36 58.20 59.18
N SER C 139 1.33 58.29 60.51
CA SER C 139 1.26 57.10 61.35
C SER C 139 -0.18 56.60 61.44
N ASP C 140 -0.43 55.66 62.35
CA ASP C 140 -1.75 55.09 62.51
C ASP C 140 -2.67 56.06 63.25
N PHE C 141 -3.98 55.86 63.04
CA PHE C 141 -5.00 56.71 63.67
C PHE C 141 -6.33 55.99 63.61
N TYR C 142 -7.13 56.14 64.66
CA TYR C 142 -8.46 55.53 64.71
C TYR C 142 -9.47 56.31 63.88
N PRO C 143 -9.62 57.63 64.06
CA PRO C 143 -10.63 58.35 63.26
C PRO C 143 -10.15 58.54 61.83
N GLY C 144 -10.79 57.83 60.91
CA GLY C 144 -10.41 57.91 59.50
C GLY C 144 -10.91 59.15 58.80
N ALA C 145 -11.01 59.09 57.48
CA ALA C 145 -11.48 60.20 56.65
C ALA C 145 -10.62 61.45 56.88
N VAL C 146 -9.34 61.31 56.59
CA VAL C 146 -8.36 62.38 56.76
C VAL C 146 -7.98 62.92 55.38
N THR C 147 -7.83 64.24 55.29
CA THR C 147 -7.45 64.90 54.05
C THR C 147 -6.05 65.45 54.19
N VAL C 148 -5.14 64.99 53.33
CA VAL C 148 -3.75 65.42 53.35
C VAL C 148 -3.61 66.61 52.42
N ALA C 149 -3.38 67.80 53.00
CA ALA C 149 -3.19 69.02 52.23
C ALA C 149 -1.70 69.26 52.03
N TRP C 150 -1.27 69.37 50.78
CA TRP C 150 0.12 69.59 50.43
C TRP C 150 0.43 71.08 50.41
N LYS C 151 1.56 71.44 51.00
CA LYS C 151 2.07 72.82 50.98
C LYS C 151 3.39 72.80 50.24
N ALA C 152 3.32 72.91 48.91
CA ALA C 152 4.50 72.88 48.06
C ALA C 152 5.03 74.30 47.88
N ASP C 153 6.31 74.49 48.23
CA ASP C 153 6.97 75.81 48.13
C ASP C 153 6.24 76.84 48.99
N SER C 154 5.82 76.44 50.18
CA SER C 154 5.13 77.31 51.13
C SER C 154 3.87 77.92 50.52
N SER C 155 3.19 77.18 49.65
CA SER C 155 1.98 77.65 49.00
C SER C 155 1.10 76.46 48.68
N PRO C 156 -0.23 76.62 48.71
CA PRO C 156 -1.12 75.51 48.38
C PRO C 156 -1.03 75.11 46.91
N VAL C 157 -0.49 73.93 46.63
CA VAL C 157 -0.33 73.43 45.27
C VAL C 157 -1.01 72.07 45.23
N LYS C 158 -2.17 71.99 44.58
CA LYS C 158 -2.92 70.75 44.45
C LYS C 158 -3.17 70.33 43.00
N ALA C 159 -2.73 71.12 42.02
CA ALA C 159 -2.96 70.76 40.63
C ALA C 159 -2.05 69.64 40.16
N GLY C 160 -1.01 69.31 40.92
CA GLY C 160 -0.11 68.25 40.53
C GLY C 160 -0.73 66.88 40.65
N VAL C 161 0.02 65.88 40.16
CA VAL C 161 -0.44 64.50 40.19
C VAL C 161 -0.31 63.98 41.62
N GLU C 162 -1.43 63.66 42.24
CA GLU C 162 -1.48 63.15 43.60
C GLU C 162 -2.05 61.73 43.62
N THR C 163 -2.01 61.12 44.81
CA THR C 163 -2.54 59.77 45.00
C THR C 163 -3.77 59.78 45.90
N THR C 164 -3.66 60.34 47.11
CA THR C 164 -4.76 60.43 48.06
C THR C 164 -5.42 59.07 48.28
N THR C 165 -4.61 58.12 48.75
CA THR C 165 -5.11 56.78 48.99
C THR C 165 -6.07 56.78 50.18
N PRO C 166 -7.13 55.98 50.13
CA PRO C 166 -8.05 55.91 51.27
C PRO C 166 -7.42 55.17 52.44
N SER C 167 -7.93 55.45 53.63
CA SER C 167 -7.42 54.80 54.83
C SER C 167 -7.76 53.32 54.83
N LYS C 168 -6.75 52.49 55.07
CA LYS C 168 -6.90 51.04 55.12
C LYS C 168 -6.94 50.59 56.59
N GLN C 169 -7.00 49.29 56.79
CA GLN C 169 -7.08 48.69 58.11
C GLN C 169 -5.74 48.09 58.51
N SER C 170 -5.32 48.37 59.73
CA SER C 170 -4.05 47.82 60.25
C SER C 170 -4.14 47.84 61.78
N ASN C 171 -4.18 46.65 62.37
CA ASN C 171 -4.33 46.45 63.82
C ASN C 171 -5.35 47.42 64.42
N ASN C 172 -6.52 47.46 63.77
CA ASN C 172 -7.64 48.31 64.19
C ASN C 172 -7.25 49.79 64.22
N LYS C 173 -6.36 50.20 63.31
CA LYS C 173 -5.91 51.58 63.22
C LYS C 173 -5.79 51.94 61.74
N TYR C 174 -6.44 53.03 61.35
CA TYR C 174 -6.40 53.45 59.95
C TYR C 174 -5.10 54.18 59.65
N ALA C 175 -4.66 54.08 58.40
CA ALA C 175 -3.44 54.72 57.94
C ALA C 175 -3.50 54.91 56.44
N ALA C 176 -2.78 55.91 55.95
CA ALA C 176 -2.75 56.22 54.53
C ALA C 176 -1.38 56.82 54.18
N SER C 177 -1.27 57.32 52.96
CA SER C 177 -0.03 57.92 52.49
C SER C 177 -0.38 59.04 51.51
N SER C 178 0.65 59.67 50.96
CA SER C 178 0.46 60.77 50.02
C SER C 178 1.71 60.93 49.18
N TYR C 179 1.52 61.27 47.90
CA TYR C 179 2.63 61.45 46.97
C TYR C 179 2.32 62.64 46.07
N LEU C 180 3.18 63.66 46.11
CA LEU C 180 3.03 64.81 45.23
C LEU C 180 4.41 65.43 45.02
N SER C 181 4.98 65.21 43.83
CA SER C 181 6.29 65.76 43.48
C SER C 181 6.24 66.34 42.07
N LEU C 182 5.22 67.16 41.80
CA LEU C 182 5.03 67.75 40.48
C LEU C 182 6.17 68.68 40.07
N THR C 183 7.18 68.88 40.92
CA THR C 183 8.31 69.74 40.64
C THR C 183 9.05 69.32 39.38
N PRO C 184 9.86 70.19 38.78
CA PRO C 184 10.65 69.81 37.60
C PRO C 184 11.85 68.95 37.95
N GLU C 185 11.83 68.36 39.15
CA GLU C 185 12.87 67.56 39.80
C GLU C 185 13.94 68.45 40.42
N GLN C 186 13.84 69.77 40.27
CA GLN C 186 14.66 70.71 41.03
C GLN C 186 13.87 71.23 42.23
N TRP C 187 13.50 70.31 43.11
CA TRP C 187 12.64 70.63 44.24
C TRP C 187 13.35 71.49 45.28
N LYS C 188 14.68 71.55 45.25
CA LYS C 188 15.45 72.35 46.19
C LYS C 188 15.53 73.80 45.73
N SER C 189 14.36 74.38 45.46
CA SER C 189 14.32 75.76 44.94
C SER C 189 14.45 76.76 46.07
N HIS C 190 13.46 76.81 46.97
CA HIS C 190 13.45 77.74 48.10
C HIS C 190 12.19 77.50 48.92
N ARG C 191 12.15 78.15 50.09
CA ARG C 191 10.95 78.31 50.90
C ARG C 191 10.40 76.99 51.42
N SER C 192 11.26 75.97 51.55
CA SER C 192 11.00 74.79 52.39
C SER C 192 9.71 74.07 51.98
N TYR C 193 9.75 73.47 50.80
CA TYR C 193 8.69 72.56 50.36
C TYR C 193 8.33 71.60 51.49
N SER C 194 7.07 71.67 51.94
CA SER C 194 6.65 70.99 53.15
C SER C 194 5.42 70.13 52.87
N CYS C 195 4.89 69.53 53.93
CA CYS C 195 3.70 68.68 53.87
C CYS C 195 2.86 68.90 55.11
N GLN C 196 1.54 68.82 54.95
CA GLN C 196 0.59 69.06 56.03
C GLN C 196 -0.46 67.96 56.06
N VAL C 197 -0.94 67.66 57.27
CA VAL C 197 -2.01 66.69 57.47
C VAL C 197 -3.09 67.37 58.32
N THR C 198 -4.32 67.37 57.83
CA THR C 198 -5.44 68.04 58.49
C THR C 198 -6.45 66.98 58.92
N HIS C 199 -6.50 66.71 60.23
CA HIS C 199 -7.47 65.78 60.78
C HIS C 199 -8.69 66.54 61.27
N GLU C 200 -9.72 65.80 61.69
CA GLU C 200 -10.93 66.42 62.23
C GLU C 200 -10.62 67.04 63.59
N GLY C 201 -10.56 68.36 63.63
CA GLY C 201 -10.21 69.07 64.85
C GLY C 201 -8.86 69.75 64.73
N SER C 202 -7.86 69.24 65.46
CA SER C 202 -6.52 69.78 65.38
C SER C 202 -5.75 69.16 64.21
N THR C 203 -4.78 69.91 63.70
CA THR C 203 -3.95 69.47 62.60
C THR C 203 -2.49 69.40 63.02
N VAL C 204 -1.73 68.51 62.39
CA VAL C 204 -0.32 68.33 62.68
C VAL C 204 0.50 68.90 61.53
N GLU C 205 1.59 69.59 61.86
CA GLU C 205 2.47 70.21 60.88
C GLU C 205 3.88 69.68 61.03
N LYS C 206 4.58 69.54 59.90
CA LYS C 206 5.96 69.07 59.90
C LYS C 206 6.57 69.41 58.54
N THR C 207 7.73 70.05 58.56
CA THR C 207 8.44 70.47 57.36
C THR C 207 9.79 69.77 57.28
N VAL C 208 10.53 70.07 56.23
CA VAL C 208 11.87 69.52 56.02
C VAL C 208 12.88 70.65 55.91
N ALA C 209 14.14 70.31 55.70
CA ALA C 209 15.16 71.33 55.57
C ALA C 209 14.95 72.13 54.29
N PRO C 210 15.11 73.45 54.32
CA PRO C 210 14.90 74.28 53.12
C PRO C 210 16.03 74.15 52.11
N THR C 211 16.28 72.92 51.66
CA THR C 211 17.32 72.65 50.68
C THR C 211 16.98 71.42 49.85
N GLN D 14 57.45 -37.98 -7.31
CA GLN D 14 56.57 -38.89 -8.04
C GLN D 14 56.68 -40.31 -7.51
N CYS D 15 55.65 -41.11 -7.77
CA CYS D 15 55.65 -42.49 -7.30
C CYS D 15 56.64 -43.33 -8.08
N VAL D 16 57.50 -44.05 -7.35
CA VAL D 16 58.52 -44.91 -7.93
C VAL D 16 58.38 -46.31 -7.33
N ASN D 17 59.05 -47.27 -7.96
CA ASN D 17 59.02 -48.65 -7.49
C ASN D 17 60.30 -49.33 -7.95
N LEU D 18 61.15 -49.70 -7.00
CA LEU D 18 62.42 -50.34 -7.33
C LEU D 18 62.18 -51.79 -7.77
N THR D 19 63.24 -52.40 -8.28
CA THR D 19 63.18 -53.77 -8.77
C THR D 19 63.40 -54.74 -7.59
N THR D 20 63.48 -56.03 -7.90
CA THR D 20 63.69 -57.11 -6.92
C THR D 20 62.62 -57.13 -5.84
N ARG D 21 61.47 -56.51 -6.09
CA ARG D 21 60.36 -56.51 -5.14
C ARG D 21 59.36 -57.61 -5.51
N THR D 22 59.79 -58.84 -5.29
CA THR D 22 59.03 -60.02 -5.71
C THR D 22 57.68 -60.11 -4.99
N GLN D 23 57.71 -60.33 -3.67
CA GLN D 23 56.48 -60.53 -2.90
C GLN D 23 56.82 -60.55 -1.42
N LEU D 24 55.90 -60.02 -0.61
CA LEU D 24 56.03 -60.07 0.84
C LEU D 24 54.64 -60.05 1.44
N PRO D 25 54.01 -61.22 1.60
CA PRO D 25 52.68 -61.27 2.19
C PRO D 25 52.75 -61.05 3.70
N PRO D 26 51.71 -60.43 4.28
CA PRO D 26 51.69 -60.24 5.74
C PRO D 26 51.87 -61.54 6.51
N ALA D 27 52.41 -61.45 7.72
CA ALA D 27 52.63 -62.61 8.58
C ALA D 27 52.08 -62.29 9.96
N TYR D 28 52.31 -63.22 10.90
CA TYR D 28 51.80 -63.04 12.25
C TYR D 28 52.79 -63.58 13.29
N THR D 29 52.90 -62.90 14.42
CA THR D 29 53.82 -63.27 15.49
C THR D 29 53.05 -63.31 16.81
N ASN D 30 53.71 -63.86 17.83
CA ASN D 30 53.14 -63.99 19.17
C ASN D 30 53.85 -63.01 20.09
N SER D 31 53.29 -61.82 20.24
CA SER D 31 53.88 -60.81 21.09
C SER D 31 53.75 -61.21 22.56
N PHE D 32 54.86 -61.13 23.29
CA PHE D 32 54.87 -61.49 24.71
C PHE D 32 54.31 -60.35 25.55
N THR D 33 54.54 -60.40 26.86
CA THR D 33 54.03 -59.37 27.76
C THR D 33 54.83 -58.09 27.55
N ARG D 34 54.25 -57.16 26.77
CA ARG D 34 54.89 -55.91 26.43
C ARG D 34 53.87 -54.99 25.79
N GLY D 35 53.92 -53.72 26.16
CA GLY D 35 53.00 -52.74 25.59
C GLY D 35 52.14 -52.04 26.63
N VAL D 36 52.63 -51.97 27.86
CA VAL D 36 51.92 -51.32 28.95
C VAL D 36 52.43 -49.88 29.08
N TYR D 37 51.50 -48.93 29.10
CA TYR D 37 51.82 -47.52 29.21
C TYR D 37 51.18 -46.93 30.45
N TYR D 38 51.68 -45.77 30.87
CA TYR D 38 51.12 -45.06 31.99
C TYR D 38 49.80 -44.43 31.59
N PRO D 39 48.66 -44.85 32.17
CA PRO D 39 47.37 -44.29 31.74
C PRO D 39 47.08 -42.90 32.28
N ASP D 40 47.89 -42.39 33.21
CA ASP D 40 47.63 -41.09 33.81
C ASP D 40 48.94 -40.54 34.39
N LYS D 41 48.93 -39.24 34.66
CA LYS D 41 50.10 -38.56 35.19
C LYS D 41 49.99 -38.48 36.72
N VAL D 42 50.03 -39.65 37.34
CA VAL D 42 49.89 -39.78 38.79
C VAL D 42 51.04 -40.63 39.31
N PHE D 43 51.71 -40.14 40.35
CA PHE D 43 52.81 -40.89 40.96
C PHE D 43 52.27 -41.89 41.98
N ARG D 44 52.78 -43.12 41.91
CA ARG D 44 52.41 -44.17 42.84
C ARG D 44 53.66 -44.93 43.25
N SER D 45 53.83 -45.13 44.56
CA SER D 45 55.05 -45.72 45.11
C SER D 45 54.71 -47.02 45.83
N SER D 46 55.24 -48.13 45.32
CA SER D 46 55.14 -49.44 45.96
C SER D 46 53.67 -49.82 46.24
N VAL D 47 52.79 -49.49 45.30
CA VAL D 47 51.38 -49.82 45.41
C VAL D 47 50.87 -50.31 44.06
N LEU D 48 49.89 -51.20 44.11
CA LEU D 48 49.25 -51.71 42.91
C LEU D 48 48.07 -50.83 42.52
N HIS D 49 47.64 -50.95 41.27
CA HIS D 49 46.57 -50.12 40.76
C HIS D 49 45.91 -50.81 39.58
N SER D 50 44.59 -50.74 39.51
CA SER D 50 43.81 -51.29 38.42
C SER D 50 43.16 -50.16 37.64
N THR D 51 43.27 -50.21 36.31
CA THR D 51 42.74 -49.16 35.45
C THR D 51 42.05 -49.79 34.26
N GLN D 52 41.10 -49.06 33.70
CA GLN D 52 40.33 -49.48 32.53
C GLN D 52 40.62 -48.50 31.40
N ASP D 53 41.48 -48.89 30.47
CA ASP D 53 41.83 -48.05 29.33
C ASP D 53 42.07 -48.96 28.13
N LEU D 54 42.60 -48.40 27.06
CA LEU D 54 42.85 -49.12 25.81
C LEU D 54 44.30 -49.62 25.84
N PHE D 55 44.50 -50.83 26.35
CA PHE D 55 45.81 -51.44 26.42
C PHE D 55 45.97 -52.48 25.33
N LEU D 56 47.15 -53.12 25.30
CA LEU D 56 47.44 -54.17 24.34
C LEU D 56 47.32 -55.52 25.04
N PRO D 57 46.48 -56.42 24.56
CA PRO D 57 46.35 -57.74 25.21
C PRO D 57 47.65 -58.53 25.13
N PHE D 58 47.98 -59.19 26.24
CA PHE D 58 49.18 -60.02 26.28
C PHE D 58 48.95 -61.32 25.51
N PHE D 59 50.03 -61.82 24.91
CA PHE D 59 49.99 -63.05 24.11
C PHE D 59 48.96 -62.93 22.99
N SER D 60 48.91 -61.77 22.35
CA SER D 60 47.97 -61.52 21.27
C SER D 60 48.61 -61.90 19.93
N ASN D 61 47.92 -61.59 18.83
CA ASN D 61 48.46 -61.81 17.49
C ASN D 61 48.71 -60.49 16.83
N VAL D 62 49.98 -60.13 16.72
CA VAL D 62 50.40 -58.89 16.09
C VAL D 62 50.97 -59.20 14.72
N THR D 63 50.76 -58.30 13.77
CA THR D 63 51.24 -58.51 12.40
C THR D 63 52.77 -58.48 12.37
N TRP D 64 53.33 -59.12 11.36
CA TRP D 64 54.78 -59.28 11.25
C TRP D 64 55.32 -58.67 9.96
N PHE D 65 54.97 -57.42 9.69
CA PHE D 65 55.48 -56.72 8.52
C PHE D 65 56.98 -56.54 8.65
N HIS D 66 57.75 -57.29 7.87
CA HIS D 66 59.20 -57.19 7.87
C HIS D 66 59.64 -56.16 6.82
N VAL D 67 60.41 -55.18 7.25
CA VAL D 67 60.86 -54.10 6.35
C VAL D 67 62.16 -54.59 5.71
N ILE D 68 62.01 -55.47 4.72
CA ILE D 68 63.11 -55.92 3.88
C ILE D 68 62.83 -55.63 2.41
N ASP D 78 57.04 -52.63 0.86
CA ASP D 78 55.62 -52.86 1.12
C ASP D 78 55.19 -52.00 2.29
N ASN D 79 54.19 -51.15 2.07
CA ASN D 79 53.64 -50.29 3.12
C ASN D 79 52.13 -50.21 2.95
N PRO D 80 51.41 -51.24 3.39
CA PRO D 80 49.95 -51.24 3.22
C PRO D 80 49.28 -50.18 4.09
N VAL D 81 48.02 -49.92 3.75
CA VAL D 81 47.20 -48.95 4.49
C VAL D 81 46.38 -49.75 5.49
N LEU D 82 46.82 -49.72 6.75
CA LEU D 82 46.09 -50.48 7.76
C LEU D 82 45.13 -49.57 8.52
N PRO D 83 43.96 -50.08 8.93
CA PRO D 83 43.00 -49.25 9.64
C PRO D 83 43.46 -48.92 11.05
N PHE D 84 42.89 -47.85 11.60
CA PHE D 84 43.19 -47.37 12.95
C PHE D 84 41.90 -47.43 13.74
N ASN D 85 41.64 -48.58 14.37
CA ASN D 85 40.40 -48.76 15.11
C ASN D 85 40.45 -48.06 16.47
N ASP D 86 41.41 -48.42 17.32
CA ASP D 86 41.53 -47.80 18.63
C ASP D 86 42.96 -47.35 18.90
N GLY D 87 43.93 -48.01 18.27
CA GLY D 87 45.32 -47.66 18.48
C GLY D 87 46.23 -48.74 17.94
N VAL D 88 47.51 -48.38 17.86
CA VAL D 88 48.55 -49.27 17.36
C VAL D 88 49.72 -49.25 18.33
N TYR D 89 50.58 -50.26 18.21
CA TYR D 89 51.78 -50.38 19.04
C TYR D 89 53.05 -50.00 18.30
N PHE D 90 53.21 -50.46 17.05
CA PHE D 90 54.31 -50.08 16.17
C PHE D 90 55.67 -50.34 16.82
N ALA D 91 55.94 -51.63 17.06
CA ALA D 91 57.25 -52.05 17.54
C ALA D 91 58.23 -52.13 16.37
N SER D 92 59.41 -51.56 16.56
CA SER D 92 60.41 -51.50 15.51
C SER D 92 61.77 -51.90 16.04
N ILE D 93 62.48 -52.71 15.28
CA ILE D 93 63.84 -53.15 15.61
C ILE D 93 64.68 -53.05 14.34
N GLU D 94 65.67 -52.16 14.34
CA GLU D 94 66.52 -51.96 13.18
C GLU D 94 67.88 -51.44 13.64
N LYS D 95 68.79 -51.34 12.67
CA LYS D 95 70.13 -50.81 12.91
C LYS D 95 70.38 -49.51 12.14
N SER D 96 69.31 -48.81 11.77
CA SER D 96 69.42 -47.57 11.01
C SER D 96 68.27 -46.66 11.41
N ASN D 97 68.03 -45.63 10.60
CA ASN D 97 66.95 -44.67 10.80
C ASN D 97 66.06 -44.59 9.57
N ILE D 98 65.70 -45.75 9.02
CA ILE D 98 64.88 -45.78 7.81
C ILE D 98 63.44 -45.42 8.13
N ILE D 99 62.89 -45.99 9.21
CA ILE D 99 61.54 -45.67 9.65
C ILE D 99 61.58 -44.37 10.42
N ARG D 100 61.13 -43.28 9.80
CA ARG D 100 61.18 -41.97 10.44
C ARG D 100 59.93 -41.14 10.15
N GLY D 101 58.77 -41.78 10.00
CA GLY D 101 57.57 -41.04 9.70
C GLY D 101 56.32 -41.88 9.83
N TRP D 102 55.20 -41.19 10.03
CA TRP D 102 53.88 -41.81 10.06
C TRP D 102 52.90 -40.90 9.35
N ILE D 103 51.81 -41.49 8.87
CA ILE D 103 50.74 -40.77 8.18
C ILE D 103 49.41 -41.20 8.76
N PHE D 104 48.64 -40.24 9.25
CA PHE D 104 47.33 -40.49 9.83
C PHE D 104 46.26 -39.75 9.02
N GLY D 105 45.05 -40.25 9.11
CA GLY D 105 43.93 -39.64 8.40
C GLY D 105 42.80 -40.63 8.20
N THR D 106 41.69 -40.09 7.71
CA THR D 106 40.51 -40.90 7.43
C THR D 106 40.36 -41.26 5.95
N THR D 107 40.88 -40.42 5.05
CA THR D 107 40.83 -40.69 3.62
C THR D 107 42.19 -40.67 2.95
N LEU D 108 43.20 -40.04 3.56
CA LEU D 108 44.55 -39.97 3.01
C LEU D 108 44.56 -39.29 1.63
N ASP D 109 43.82 -38.19 1.54
CA ASP D 109 43.77 -37.42 0.30
C ASP D 109 43.38 -35.99 0.65
N SER D 110 43.22 -35.16 -0.39
CA SER D 110 42.91 -33.74 -0.19
C SER D 110 41.44 -33.48 0.08
N LYS D 111 40.61 -34.52 0.15
CA LYS D 111 39.18 -34.30 0.41
C LYS D 111 38.93 -33.97 1.87
N THR D 112 39.51 -34.74 2.79
CA THR D 112 39.34 -34.55 4.22
C THR D 112 40.68 -34.19 4.85
N GLN D 113 40.64 -34.00 6.17
CA GLN D 113 41.84 -33.64 6.91
C GLN D 113 42.81 -34.82 7.01
N SER D 114 44.07 -34.51 7.24
CA SER D 114 45.11 -35.52 7.35
C SER D 114 46.10 -35.11 8.42
N LEU D 115 47.11 -35.96 8.64
CA LEU D 115 48.12 -35.70 9.67
C LEU D 115 49.33 -36.55 9.35
N LEU D 116 50.52 -35.97 9.56
CA LEU D 116 51.77 -36.68 9.36
C LEU D 116 52.75 -36.29 10.47
N ILE D 117 53.62 -37.24 10.82
CA ILE D 117 54.61 -37.06 11.87
C ILE D 117 55.96 -37.43 11.27
N VAL D 118 56.67 -36.44 10.74
CA VAL D 118 57.98 -36.65 10.12
C VAL D 118 59.05 -36.45 11.17
N ASN D 119 60.01 -37.36 11.22
CA ASN D 119 61.11 -37.33 12.18
C ASN D 119 62.42 -37.15 11.42
N ASN D 120 62.81 -35.91 11.15
CA ASN D 120 64.07 -35.76 10.43
C ASN D 120 65.26 -35.73 11.37
N ALA D 121 66.41 -35.91 10.77
CA ALA D 121 67.64 -36.30 11.46
C ALA D 121 68.01 -35.37 12.61
N THR D 122 67.37 -34.21 12.75
CA THR D 122 67.69 -33.29 13.83
C THR D 122 66.49 -32.78 14.61
N ASN D 123 65.27 -32.99 14.13
CA ASN D 123 64.08 -32.57 14.86
C ASN D 123 62.88 -33.33 14.32
N VAL D 124 61.73 -33.07 14.93
CA VAL D 124 60.46 -33.71 14.55
C VAL D 124 59.47 -32.61 14.18
N VAL D 125 58.72 -32.84 13.11
CA VAL D 125 57.71 -31.89 12.65
C VAL D 125 56.38 -32.60 12.53
N ILE D 126 55.30 -31.87 12.81
CA ILE D 126 53.94 -32.38 12.70
C ILE D 126 53.07 -31.28 12.09
N LYS D 127 52.33 -31.64 11.04
CA LYS D 127 51.49 -30.68 10.34
C LYS D 127 50.13 -31.32 10.05
N VAL D 128 49.07 -30.53 10.23
CA VAL D 128 47.71 -30.98 9.99
C VAL D 128 47.13 -30.33 8.72
N CYS D 129 47.99 -29.85 7.83
CA CYS D 129 47.52 -29.34 6.54
C CYS D 129 46.72 -30.42 5.81
N GLU D 130 45.76 -29.98 5.01
CA GLU D 130 44.94 -30.90 4.25
C GLU D 130 45.77 -31.42 3.07
N PHE D 131 46.66 -32.36 3.35
CA PHE D 131 47.59 -32.87 2.36
C PHE D 131 46.88 -33.79 1.37
N GLN D 132 47.60 -34.15 0.31
CA GLN D 132 47.12 -35.08 -0.71
C GLN D 132 48.24 -36.09 -0.96
N PHE D 133 48.10 -37.28 -0.39
CA PHE D 133 49.12 -38.32 -0.53
C PHE D 133 48.87 -39.14 -1.78
N CYS D 134 49.96 -39.64 -2.36
CA CYS D 134 49.88 -40.47 -3.56
C CYS D 134 49.52 -41.90 -3.16
N ASN D 135 49.59 -42.82 -4.12
CA ASN D 135 49.27 -44.22 -3.87
C ASN D 135 50.40 -44.97 -3.17
N ASP D 136 51.55 -44.34 -2.97
CA ASP D 136 52.68 -44.97 -2.31
C ASP D 136 53.63 -43.92 -1.76
N PRO D 137 53.32 -43.32 -0.61
CA PRO D 137 54.23 -42.33 -0.03
C PRO D 137 55.55 -42.96 0.38
N PHE D 138 56.62 -42.19 0.23
CA PHE D 138 57.95 -42.68 0.57
C PHE D 138 58.87 -41.48 0.81
N LEU D 139 59.82 -41.67 1.72
CA LEU D 139 60.77 -40.62 2.06
C LEU D 139 62.21 -41.13 1.94
N GLU D 151 63.44 -34.98 2.77
CA GLU D 151 62.72 -34.35 1.66
C GLU D 151 61.23 -34.26 1.98
N PHE D 152 60.46 -33.75 1.01
CA PHE D 152 59.01 -33.62 1.17
C PHE D 152 58.27 -34.21 -0.03
N ARG D 153 58.85 -35.21 -0.68
CA ARG D 153 58.22 -35.83 -1.84
C ARG D 153 57.24 -36.91 -1.41
N VAL D 154 56.32 -36.57 -0.50
CA VAL D 154 55.29 -37.50 -0.04
C VAL D 154 53.90 -37.03 -0.44
N TYR D 155 53.65 -35.73 -0.44
CA TYR D 155 52.38 -35.15 -0.84
C TYR D 155 52.57 -34.29 -2.07
N SER D 156 51.55 -34.24 -2.92
CA SER D 156 51.61 -33.46 -4.16
C SER D 156 51.19 -32.01 -3.90
N SER D 157 49.98 -31.80 -3.39
CA SER D 157 49.46 -30.47 -3.12
C SER D 157 49.07 -30.38 -1.66
N ALA D 158 49.62 -29.39 -0.96
CA ALA D 158 49.31 -29.16 0.44
C ALA D 158 48.12 -28.21 0.55
N ASN D 159 47.81 -27.79 1.78
CA ASN D 159 46.68 -26.89 2.02
C ASN D 159 46.93 -26.18 3.34
N ASN D 160 45.89 -25.54 3.88
CA ASN D 160 46.04 -24.77 5.11
C ASN D 160 46.16 -25.71 6.32
N CYS D 161 47.13 -25.42 7.18
CA CYS D 161 47.27 -26.12 8.45
C CYS D 161 46.47 -25.41 9.53
N THR D 162 46.09 -26.17 10.56
CA THR D 162 45.42 -25.62 11.73
C THR D 162 46.21 -25.83 13.02
N PHE D 163 47.36 -26.49 12.95
CA PHE D 163 48.16 -26.77 14.13
C PHE D 163 49.57 -27.16 13.70
N GLU D 164 50.56 -26.73 14.49
CA GLU D 164 51.94 -27.08 14.25
C GLU D 164 52.70 -27.05 15.57
N TYR D 165 53.74 -27.86 15.67
CA TYR D 165 54.55 -27.95 16.88
C TYR D 165 56.02 -28.07 16.49
N VAL D 166 56.89 -27.57 17.35
CA VAL D 166 58.32 -27.51 17.05
C VAL D 166 59.01 -28.84 17.32
N SER D 167 58.73 -29.46 18.47
CA SER D 167 59.33 -30.74 18.86
C SER D 167 60.86 -30.64 18.84
N GLN D 168 61.37 -29.80 19.75
CA GLN D 168 62.80 -29.56 19.89
C GLN D 168 63.67 -30.82 19.89
N PRO D 169 63.36 -31.88 20.64
CA PRO D 169 64.15 -33.10 20.54
C PRO D 169 63.58 -34.07 19.51
N PHE D 170 64.37 -35.08 19.18
CA PHE D 170 64.01 -36.09 18.20
C PHE D 170 63.35 -37.27 18.91
N LEU D 171 62.29 -37.81 18.31
CA LEU D 171 61.57 -38.93 18.91
C LEU D 171 62.28 -40.25 18.61
N MET D 172 62.41 -40.59 17.33
CA MET D 172 63.02 -41.85 16.92
C MET D 172 64.52 -41.73 16.84
N GLN D 178 76.32 -48.74 16.88
CA GLN D 178 76.99 -49.11 18.13
C GLN D 178 77.68 -50.46 17.98
N GLY D 179 77.12 -51.32 17.12
CA GLY D 179 77.69 -52.64 16.90
C GLY D 179 76.69 -53.75 17.09
N ASN D 180 76.92 -54.61 18.10
CA ASN D 180 76.02 -55.73 18.33
C ASN D 180 74.67 -55.27 18.84
N PHE D 181 74.64 -54.23 19.66
CA PHE D 181 73.39 -53.75 20.25
C PHE D 181 72.59 -53.00 19.20
N LYS D 182 71.40 -53.49 18.89
CA LYS D 182 70.52 -52.86 17.93
C LYS D 182 69.63 -51.84 18.64
N ASN D 183 68.64 -51.30 17.93
CA ASN D 183 67.75 -50.28 18.46
C ASN D 183 66.32 -50.81 18.46
N LEU D 184 65.69 -50.80 19.63
CA LEU D 184 64.30 -51.20 19.79
C LEU D 184 63.47 -49.98 20.17
N ARG D 185 62.38 -49.75 19.44
CA ARG D 185 61.52 -48.60 19.69
C ARG D 185 60.08 -48.98 19.42
N GLU D 186 59.18 -48.43 20.23
CA GLU D 186 57.74 -48.67 20.09
C GLU D 186 56.99 -47.38 20.39
N PHE D 187 55.93 -47.13 19.63
CA PHE D 187 55.19 -45.88 19.73
C PHE D 187 53.70 -46.19 19.74
N VAL D 188 53.05 -45.90 20.87
CA VAL D 188 51.61 -46.13 21.02
C VAL D 188 50.86 -44.85 20.68
N PHE D 189 49.82 -44.97 19.85
CA PHE D 189 49.01 -43.83 19.42
C PHE D 189 47.56 -44.10 19.77
N LYS D 190 46.88 -43.09 20.31
CA LYS D 190 45.48 -43.20 20.68
C LYS D 190 44.76 -41.92 20.29
N ASN D 191 43.44 -41.93 20.49
CA ASN D 191 42.62 -40.74 20.23
C ASN D 191 41.33 -40.89 21.05
N ILE D 192 41.25 -40.19 22.18
CA ILE D 192 40.11 -40.32 23.06
C ILE D 192 38.99 -39.39 22.61
N ASP D 193 39.21 -38.08 22.73
CA ASP D 193 38.26 -37.09 22.20
C ASP D 193 38.91 -36.23 21.12
N GLY D 194 40.01 -35.56 21.42
CA GLY D 194 40.74 -34.81 20.42
C GLY D 194 42.24 -35.00 20.53
N TYR D 195 42.69 -35.61 21.62
CA TYR D 195 44.10 -35.71 21.92
C TYR D 195 44.70 -36.97 21.33
N PHE D 196 45.97 -36.87 20.93
CA PHE D 196 46.70 -38.01 20.37
C PHE D 196 47.45 -38.79 21.44
N LYS D 197 48.16 -38.09 22.34
CA LYS D 197 48.82 -38.69 23.49
C LYS D 197 49.79 -39.79 23.05
N ILE D 198 50.83 -39.35 22.33
CA ILE D 198 51.82 -40.28 21.80
C ILE D 198 52.70 -40.81 22.93
N TYR D 199 52.90 -42.12 22.95
CA TYR D 199 53.82 -42.77 23.88
C TYR D 199 55.04 -43.27 23.13
N SER D 200 56.14 -43.45 23.86
CA SER D 200 57.38 -43.89 23.25
C SER D 200 58.32 -44.42 24.32
N LYS D 201 59.14 -45.39 23.92
CA LYS D 201 60.18 -45.95 24.79
C LYS D 201 61.22 -46.62 23.92
N HIS D 202 62.48 -46.23 24.08
CA HIS D 202 63.59 -46.78 23.32
C HIS D 202 64.56 -47.44 24.28
N THR D 203 64.92 -48.70 23.98
CA THR D 203 65.84 -49.46 24.81
C THR D 203 66.72 -50.31 23.89
N PRO D 204 68.04 -50.29 24.08
CA PRO D 204 68.92 -51.09 23.21
C PRO D 204 68.75 -52.58 23.49
N ILE D 205 68.47 -53.34 22.43
CA ILE D 205 68.34 -54.78 22.53
C ILE D 205 69.73 -55.40 22.35
N ILE D 206 70.09 -56.31 23.25
CA ILE D 206 71.43 -56.89 23.25
C ILE D 206 71.52 -58.23 22.54
N VAL D 207 70.39 -58.89 22.31
CA VAL D 207 70.39 -60.21 21.70
C VAL D 207 69.83 -60.10 20.29
N ARG D 208 70.21 -61.07 19.45
CA ARG D 208 69.75 -61.15 18.08
C ARG D 208 68.77 -62.31 17.93
N GLU D 209 67.67 -62.05 17.21
CA GLU D 209 66.63 -63.04 17.00
C GLU D 209 66.07 -62.87 15.60
N PRO D 210 65.52 -63.93 15.00
CA PRO D 210 64.96 -63.81 13.65
C PRO D 210 63.68 -62.99 13.61
N GLU D 211 63.80 -61.69 13.85
CA GLU D 211 62.67 -60.75 13.81
C GLU D 211 61.56 -61.19 14.77
N ASP D 212 61.90 -61.21 16.05
CA ASP D 212 60.97 -61.60 17.10
C ASP D 212 60.99 -60.57 18.21
N LEU D 213 59.86 -60.43 18.89
CA LEU D 213 59.78 -59.48 20.00
C LEU D 213 60.57 -60.00 21.19
N PRO D 214 61.34 -59.14 21.86
CA PRO D 214 62.15 -59.60 22.99
C PRO D 214 61.28 -59.88 24.21
N GLN D 215 61.91 -60.51 25.19
CA GLN D 215 61.25 -60.85 26.44
C GLN D 215 61.33 -59.68 27.40
N GLY D 216 60.94 -59.90 28.65
CA GLY D 216 61.01 -58.86 29.66
C GLY D 216 59.78 -57.97 29.68
N PHE D 217 59.95 -56.80 30.27
CA PHE D 217 58.87 -55.83 30.41
C PHE D 217 59.42 -54.44 30.16
N SER D 218 58.58 -53.56 29.61
CA SER D 218 58.97 -52.20 29.31
C SER D 218 57.73 -51.31 29.33
N ALA D 219 57.88 -50.14 29.94
CA ALA D 219 56.78 -49.18 30.07
C ALA D 219 56.93 -48.08 29.04
N LEU D 220 55.80 -47.62 28.51
CA LEU D 220 55.77 -46.56 27.50
C LEU D 220 55.62 -45.22 28.21
N GLU D 221 56.63 -44.36 28.05
CA GLU D 221 56.57 -43.04 28.68
C GLU D 221 55.90 -42.03 27.77
N PRO D 222 54.96 -41.24 28.28
CA PRO D 222 54.33 -40.20 27.46
C PRO D 222 55.31 -39.07 27.17
N LEU D 223 55.54 -38.80 25.88
CA LEU D 223 56.47 -37.77 25.46
C LEU D 223 55.76 -36.46 25.09
N VAL D 224 54.83 -36.52 24.13
CA VAL D 224 54.17 -35.32 23.63
C VAL D 224 52.68 -35.57 23.54
N ASP D 225 51.90 -34.51 23.73
CA ASP D 225 50.46 -34.51 23.58
C ASP D 225 50.06 -33.54 22.47
N LEU D 226 48.97 -33.87 21.79
CA LEU D 226 48.54 -33.08 20.64
C LEU D 226 47.09 -32.65 20.78
N PRO D 227 46.82 -31.35 20.89
CA PRO D 227 45.43 -30.86 20.93
C PRO D 227 44.82 -30.76 19.54
N ILE D 228 45.43 -31.45 18.57
CA ILE D 228 45.06 -31.32 17.16
C ILE D 228 43.56 -31.53 16.97
N GLY D 229 43.04 -32.64 17.46
CA GLY D 229 41.62 -32.91 17.36
C GLY D 229 41.15 -33.49 16.04
N ILE D 230 41.97 -34.32 15.39
CA ILE D 230 41.59 -34.89 14.10
C ILE D 230 40.84 -36.19 14.32
N ASN D 231 39.98 -36.54 13.36
CA ASN D 231 39.22 -37.80 13.39
C ASN D 231 39.85 -38.75 12.37
N ILE D 232 40.74 -39.61 12.86
CA ILE D 232 41.46 -40.55 12.01
C ILE D 232 40.80 -41.91 12.10
N THR D 233 40.84 -42.64 10.97
CA THR D 233 40.34 -44.00 10.92
C THR D 233 41.28 -44.96 10.20
N ARG D 234 42.39 -44.48 9.66
CA ARG D 234 43.35 -45.32 8.93
C ARG D 234 44.75 -44.98 9.40
N PHE D 235 45.72 -45.77 8.96
CA PHE D 235 47.11 -45.59 9.37
C PHE D 235 48.03 -45.91 8.20
N GLN D 236 49.13 -45.17 8.10
CA GLN D 236 50.10 -45.38 7.04
C GLN D 236 51.47 -44.96 7.55
N THR D 237 52.47 -45.79 7.29
CA THR D 237 53.83 -45.53 7.74
C THR D 237 54.61 -44.76 6.67
N LEU D 238 55.84 -44.39 7.00
CA LEU D 238 56.71 -43.67 6.08
C LEU D 238 58.12 -44.23 6.21
N LEU D 239 58.65 -44.77 5.12
CA LEU D 239 59.95 -45.41 5.10
C LEU D 239 60.92 -44.61 4.24
N ALA D 240 62.15 -44.47 4.73
CA ALA D 240 63.22 -43.85 3.96
C ALA D 240 63.91 -44.88 3.08
N LEU D 241 64.50 -44.39 1.98
CA LEU D 241 65.15 -45.26 1.00
C LEU D 241 66.66 -45.07 0.98
N HIS D 242 67.12 -43.84 0.74
CA HIS D 242 68.55 -43.54 0.61
C HIS D 242 69.25 -44.49 -0.37
N ARG D 243 68.62 -44.67 -1.54
CA ARG D 243 69.16 -45.58 -2.54
C ARG D 243 70.45 -45.04 -3.14
N SER D 244 70.40 -43.85 -3.73
CA SER D 244 71.56 -43.21 -4.35
C SER D 244 72.23 -44.10 -5.39
N TRP D 255 69.95 -50.88 -4.33
CA TRP D 255 69.05 -50.46 -3.26
C TRP D 255 69.60 -50.84 -1.90
N THR D 256 69.48 -49.93 -0.94
CA THR D 256 69.97 -50.12 0.43
C THR D 256 68.79 -49.91 1.38
N ALA D 257 68.08 -50.99 1.70
CA ALA D 257 66.94 -50.92 2.60
C ALA D 257 67.26 -51.38 4.02
N GLY D 258 68.41 -52.03 4.22
CA GLY D 258 68.76 -52.49 5.56
C GLY D 258 67.88 -53.62 6.00
N ALA D 259 67.40 -53.54 7.25
CA ALA D 259 66.53 -54.58 7.81
C ALA D 259 65.77 -53.97 8.97
N ALA D 260 64.44 -54.06 8.94
CA ALA D 260 63.60 -53.53 9.99
C ALA D 260 62.27 -54.28 9.97
N ALA D 261 61.39 -53.92 10.90
CA ALA D 261 60.06 -54.50 10.98
C ALA D 261 59.18 -53.68 11.91
N TYR D 262 57.99 -53.30 11.45
CA TYR D 262 57.02 -52.58 12.26
C TYR D 262 55.88 -53.53 12.62
N TYR D 263 55.60 -53.66 13.92
CA TYR D 263 54.58 -54.58 14.42
C TYR D 263 53.37 -53.76 14.83
N VAL D 264 52.34 -53.77 14.00
CA VAL D 264 51.12 -53.03 14.26
C VAL D 264 50.18 -53.91 15.07
N GLY D 265 49.92 -53.50 16.32
CA GLY D 265 49.03 -54.25 17.19
C GLY D 265 47.85 -53.42 17.68
N TYR D 266 46.64 -53.87 17.38
CA TYR D 266 45.44 -53.13 17.76
C TYR D 266 45.25 -53.17 19.27
N LEU D 267 44.68 -52.08 19.80
CA LEU D 267 44.42 -51.95 21.22
C LEU D 267 42.96 -52.26 21.53
N GLN D 268 42.74 -52.91 22.67
CA GLN D 268 41.40 -53.27 23.12
C GLN D 268 41.22 -52.86 24.57
N PRO D 269 39.98 -52.54 24.98
CA PRO D 269 39.75 -52.16 26.37
C PRO D 269 39.92 -53.32 27.33
N ARG D 270 40.95 -53.26 28.17
CA ARG D 270 41.26 -54.30 29.15
C ARG D 270 41.41 -53.66 30.52
N THR D 271 41.64 -54.50 31.52
CA THR D 271 41.87 -54.07 32.89
C THR D 271 43.20 -54.64 33.37
N PHE D 272 44.19 -53.77 33.54
CA PHE D 272 45.52 -54.19 33.95
C PHE D 272 45.74 -53.88 35.42
N LEU D 273 46.56 -54.71 36.07
CA LEU D 273 46.96 -54.51 37.46
C LEU D 273 48.44 -54.12 37.45
N LEU D 274 48.71 -52.83 37.59
CA LEU D 274 50.06 -52.31 37.49
C LEU D 274 50.85 -52.57 38.77
N LYS D 275 52.16 -52.36 38.70
CA LYS D 275 53.10 -52.70 39.76
C LYS D 275 54.05 -51.54 40.01
N TYR D 276 53.49 -50.34 40.21
CA TYR D 276 54.28 -49.15 40.51
C TYR D 276 55.29 -49.42 41.62
N ASN D 277 56.58 -49.26 41.28
CA ASN D 277 57.65 -49.48 42.23
C ASN D 277 57.82 -48.24 43.11
N GLU D 278 58.83 -48.26 43.98
CA GLU D 278 59.08 -47.13 44.88
C GLU D 278 59.61 -45.90 44.16
N ASN D 279 60.00 -45.99 42.91
CA ASN D 279 60.45 -44.80 42.22
C ASN D 279 59.48 -44.38 41.13
N GLY D 280 58.29 -44.94 41.15
CA GLY D 280 57.26 -44.63 40.18
C GLY D 280 57.24 -45.47 38.93
N THR D 281 58.27 -46.29 38.70
CA THR D 281 58.32 -47.11 37.50
C THR D 281 57.41 -48.33 37.63
N ILE D 282 57.11 -48.93 36.50
CA ILE D 282 56.24 -50.11 36.43
C ILE D 282 57.12 -51.32 36.15
N THR D 283 57.07 -52.31 37.05
CA THR D 283 57.87 -53.51 36.90
C THR D 283 57.18 -54.60 36.10
N ASP D 284 55.89 -54.82 36.34
CA ASP D 284 55.14 -55.85 35.64
C ASP D 284 53.66 -55.49 35.68
N ALA D 285 52.85 -56.31 35.02
CA ALA D 285 51.41 -56.08 34.97
C ALA D 285 50.72 -57.41 34.68
N VAL D 286 49.40 -57.41 34.82
CA VAL D 286 48.56 -58.58 34.58
C VAL D 286 47.53 -58.21 33.52
N ASP D 287 47.40 -59.06 32.49
CA ASP D 287 46.47 -58.77 31.41
C ASP D 287 45.02 -58.97 31.84
N CYS D 288 44.79 -59.82 32.85
CA CYS D 288 43.46 -60.15 33.36
C CYS D 288 42.56 -60.72 32.26
N ALA D 289 43.16 -61.34 31.26
CA ALA D 289 42.40 -62.11 30.27
C ALA D 289 43.03 -63.46 29.98
N LEU D 290 44.16 -63.79 30.61
CA LEU D 290 44.79 -65.08 30.48
C LEU D 290 44.09 -66.09 31.39
N ASP D 291 44.71 -67.25 31.60
CA ASP D 291 44.22 -68.33 32.45
C ASP D 291 43.69 -67.80 33.78
N PRO D 292 42.71 -68.49 34.40
CA PRO D 292 42.03 -67.93 35.57
C PRO D 292 42.93 -67.49 36.72
N LEU D 293 44.20 -67.92 36.71
CA LEU D 293 45.14 -67.39 37.69
C LEU D 293 45.27 -65.88 37.57
N SER D 294 45.25 -65.37 36.35
CA SER D 294 45.31 -63.92 36.14
C SER D 294 44.12 -63.23 36.80
N GLU D 295 42.89 -63.70 36.50
CA GLU D 295 41.71 -63.07 37.08
C GLU D 295 41.67 -63.22 38.59
N THR D 296 42.21 -64.32 39.12
CA THR D 296 42.37 -64.46 40.56
C THR D 296 43.27 -63.36 41.10
N LYS D 297 44.39 -63.11 40.42
CA LYS D 297 45.29 -62.04 40.85
C LYS D 297 44.61 -60.67 40.74
N CYS D 298 43.70 -60.50 39.79
CA CYS D 298 43.00 -59.22 39.69
C CYS D 298 42.03 -59.04 40.85
N THR D 299 41.20 -60.04 41.11
CA THR D 299 40.20 -59.95 42.17
C THR D 299 40.79 -60.07 43.57
N LEU D 300 42.05 -60.45 43.68
CA LEU D 300 42.76 -60.60 44.95
C LEU D 300 44.12 -59.92 44.88
N LYS D 301 44.11 -58.62 44.54
CA LYS D 301 45.28 -57.92 44.03
C LYS D 301 46.54 -58.21 44.84
N SER D 302 47.48 -58.90 44.20
CA SER D 302 48.74 -59.32 44.81
C SER D 302 49.60 -59.98 43.75
N PHE D 303 50.75 -60.53 44.15
CA PHE D 303 51.55 -61.34 43.25
C PHE D 303 52.10 -62.58 43.93
N THR D 304 51.70 -62.85 45.17
CA THR D 304 52.10 -64.03 45.94
C THR D 304 50.88 -64.65 46.59
N VAL D 305 49.83 -64.89 45.79
CA VAL D 305 48.58 -65.43 46.32
C VAL D 305 48.84 -66.78 46.97
N GLU D 306 48.21 -66.99 48.12
CA GLU D 306 48.45 -68.20 48.92
C GLU D 306 47.64 -69.36 48.34
N LYS D 307 47.64 -70.48 49.07
CA LYS D 307 46.96 -71.68 48.62
C LYS D 307 45.49 -71.64 49.04
N GLY D 308 44.61 -71.90 48.10
CA GLY D 308 43.18 -71.91 48.38
C GLY D 308 42.37 -71.71 47.12
N ILE D 309 41.05 -71.72 47.32
CA ILE D 309 40.08 -71.54 46.25
C ILE D 309 39.45 -70.15 46.39
N TYR D 310 39.26 -69.48 45.26
CA TYR D 310 38.75 -68.12 45.26
C TYR D 310 37.75 -67.94 44.13
N GLN D 311 36.63 -67.27 44.44
CA GLN D 311 35.63 -66.95 43.44
C GLN D 311 36.06 -65.70 42.69
N THR D 312 36.25 -65.84 41.37
CA THR D 312 36.78 -64.77 40.55
C THR D 312 35.77 -64.25 39.53
N SER D 313 35.23 -65.12 38.69
CA SER D 313 34.34 -64.73 37.61
C SER D 313 32.96 -65.36 37.81
N ASN D 314 32.11 -65.08 36.86
CA ASN D 314 30.83 -65.70 36.85
C ASN D 314 30.69 -66.04 35.40
N PHE D 315 30.34 -67.27 35.04
CA PHE D 315 30.26 -67.69 33.65
C PHE D 315 28.88 -67.54 33.16
N ARG D 316 28.71 -67.31 31.89
CA ARG D 316 27.39 -67.09 31.36
C ARG D 316 27.30 -67.39 29.90
N VAL D 317 26.55 -68.40 29.51
CA VAL D 317 26.48 -68.79 28.13
C VAL D 317 25.61 -67.82 27.46
N GLN D 318 26.02 -67.32 26.31
CA GLN D 318 25.37 -66.14 25.79
C GLN D 318 24.57 -66.56 24.59
N PRO D 319 23.57 -65.78 24.16
CA PRO D 319 22.69 -66.22 23.07
C PRO D 319 23.28 -66.30 21.64
N THR D 320 22.47 -66.52 20.60
CA THR D 320 22.91 -66.61 19.18
C THR D 320 21.92 -66.08 18.15
N GLU D 321 20.62 -66.28 18.33
CA GLU D 321 19.53 -65.86 17.46
C GLU D 321 18.72 -64.75 18.10
N SER D 322 17.77 -64.22 17.33
CA SER D 322 16.85 -63.17 17.74
C SER D 322 15.43 -63.54 17.36
N ILE D 323 15.03 -64.76 17.72
CA ILE D 323 13.75 -65.31 17.28
C ILE D 323 12.61 -64.44 17.77
N VAL D 324 11.71 -64.08 16.85
CA VAL D 324 10.47 -63.38 17.16
C VAL D 324 9.32 -64.20 16.59
N ARG D 325 8.38 -64.60 17.44
CA ARG D 325 7.29 -65.48 17.05
C ARG D 325 5.96 -64.80 17.35
N PHE D 326 5.30 -64.34 16.30
CA PHE D 326 3.98 -63.73 16.36
C PHE D 326 2.95 -64.61 15.65
N PRO D 327 1.66 -64.45 15.97
CA PRO D 327 0.64 -65.29 15.33
C PRO D 327 0.49 -65.02 13.84
N ASN D 328 -0.39 -65.79 13.20
CA ASN D 328 -0.63 -65.71 11.78
C ASN D 328 -1.37 -64.42 11.43
N ILE D 329 -1.27 -63.97 10.18
CA ILE D 329 -2.09 -62.87 9.71
C ILE D 329 -3.50 -63.38 9.39
N THR D 330 -4.50 -62.54 9.64
CA THR D 330 -5.88 -62.92 9.40
C THR D 330 -6.73 -61.66 9.33
N ASN D 331 -7.78 -61.71 8.51
CA ASN D 331 -8.74 -60.63 8.34
C ASN D 331 -8.03 -59.33 7.91
N LEU D 332 -7.46 -59.39 6.71
CA LEU D 332 -6.78 -58.25 6.14
C LEU D 332 -7.75 -57.08 5.94
N CYS D 333 -7.22 -55.87 6.01
CA CYS D 333 -8.05 -54.69 5.96
C CYS D 333 -8.56 -54.46 4.53
N PRO D 334 -9.70 -53.77 4.38
CA PRO D 334 -10.24 -53.53 3.04
C PRO D 334 -9.45 -52.51 2.25
N PHE D 335 -8.18 -52.79 1.98
CA PHE D 335 -7.35 -51.94 1.13
C PHE D 335 -7.34 -52.40 -0.32
N ASP D 336 -8.06 -53.47 -0.64
CA ASP D 336 -8.19 -53.95 -2.01
C ASP D 336 -9.39 -53.34 -2.73
N GLU D 337 -10.31 -52.70 -1.99
CA GLU D 337 -11.45 -52.04 -2.60
C GLU D 337 -11.35 -50.52 -2.52
N VAL D 338 -10.28 -49.99 -1.94
CA VAL D 338 -10.04 -48.55 -1.93
C VAL D 338 -8.83 -48.15 -2.76
N PHE D 339 -7.92 -49.07 -3.07
CA PHE D 339 -6.82 -48.81 -3.98
C PHE D 339 -6.99 -49.48 -5.33
N ASN D 340 -7.93 -50.42 -5.41
CA ASN D 340 -8.23 -51.11 -6.65
C ASN D 340 -9.69 -50.99 -6.95
N ALA D 341 -10.25 -49.80 -6.73
CA ALA D 341 -11.64 -49.54 -7.02
C ALA D 341 -11.84 -49.31 -8.51
N THR D 342 -13.10 -49.08 -8.90
CA THR D 342 -13.46 -48.88 -10.29
C THR D 342 -13.65 -47.41 -10.65
N ARG D 343 -14.47 -46.68 -9.91
CA ARG D 343 -14.80 -45.30 -10.21
C ARG D 343 -14.81 -44.45 -8.95
N PHE D 344 -14.35 -43.21 -9.09
CA PHE D 344 -14.48 -42.19 -8.07
C PHE D 344 -15.44 -41.12 -8.57
N ALA D 345 -15.79 -40.17 -7.69
CA ALA D 345 -16.77 -39.16 -8.02
C ALA D 345 -16.13 -37.84 -8.44
N SER D 346 -15.37 -37.19 -7.56
CA SER D 346 -14.80 -35.89 -7.85
C SER D 346 -13.80 -35.46 -6.78
N VAL D 347 -13.29 -34.23 -6.89
CA VAL D 347 -12.37 -33.69 -5.90
C VAL D 347 -13.08 -32.89 -4.82
N TYR D 348 -14.32 -32.46 -5.05
CA TYR D 348 -15.09 -31.77 -4.02
C TYR D 348 -15.92 -32.72 -3.17
N ALA D 349 -16.32 -33.87 -3.73
CA ALA D 349 -17.08 -34.88 -3.02
C ALA D 349 -16.22 -36.14 -2.95
N TRP D 350 -15.39 -36.23 -1.91
CA TRP D 350 -14.47 -37.33 -1.75
C TRP D 350 -14.98 -38.29 -0.68
N ASN D 351 -14.90 -39.58 -0.97
CA ASN D 351 -15.31 -40.59 0.00
C ASN D 351 -14.31 -40.67 1.15
N ARG D 352 -14.80 -41.09 2.31
CA ARG D 352 -13.97 -41.22 3.51
C ARG D 352 -14.31 -42.56 4.15
N LYS D 353 -13.45 -43.55 3.92
CA LYS D 353 -13.64 -44.90 4.46
C LYS D 353 -13.02 -45.00 5.84
N ARG D 354 -13.79 -45.51 6.80
CA ARG D 354 -13.33 -45.69 8.17
C ARG D 354 -12.91 -47.14 8.37
N ILE D 355 -11.63 -47.34 8.66
CA ILE D 355 -11.08 -48.68 8.88
C ILE D 355 -11.21 -49.02 10.36
N SER D 356 -11.32 -50.31 10.65
CA SER D 356 -11.47 -50.83 12.00
C SER D 356 -10.26 -51.69 12.34
N ASN D 357 -10.34 -52.37 13.48
CA ASN D 357 -9.26 -53.22 13.96
C ASN D 357 -8.91 -54.27 12.91
N CYS D 358 -7.65 -54.29 12.49
CA CYS D 358 -7.16 -55.17 11.44
C CYS D 358 -5.64 -55.14 11.48
N VAL D 359 -5.01 -55.75 10.47
CA VAL D 359 -3.56 -55.77 10.32
C VAL D 359 -3.25 -55.23 8.94
N ALA D 360 -2.84 -53.97 8.87
CA ALA D 360 -2.58 -53.30 7.60
C ALA D 360 -1.15 -53.57 7.16
N ASP D 361 -0.98 -54.13 5.96
CA ASP D 361 0.34 -54.39 5.38
C ASP D 361 0.63 -53.28 4.38
N TYR D 362 1.45 -52.32 4.80
CA TYR D 362 1.81 -51.20 3.93
C TYR D 362 2.94 -51.59 2.99
N SER D 363 2.76 -52.69 2.27
CA SER D 363 3.73 -53.14 1.26
C SER D 363 3.11 -53.41 -0.09
N VAL D 364 1.80 -53.62 -0.19
CA VAL D 364 1.14 -53.80 -1.48
C VAL D 364 0.86 -52.47 -2.16
N LEU D 365 1.16 -51.35 -1.50
CA LEU D 365 0.90 -50.04 -2.09
C LEU D 365 1.76 -49.79 -3.33
N TYR D 366 2.95 -50.40 -3.39
CA TYR D 366 3.85 -50.24 -4.52
C TYR D 366 3.85 -51.46 -5.44
N ASN D 367 2.70 -52.13 -5.58
CA ASN D 367 2.56 -53.25 -6.49
C ASN D 367 1.74 -52.91 -7.73
N LEU D 368 1.11 -51.74 -7.77
CA LEU D 368 0.25 -51.38 -8.88
C LEU D 368 1.08 -50.94 -10.09
N ALA D 369 0.41 -50.33 -11.07
CA ALA D 369 1.07 -49.88 -12.28
C ALA D 369 2.16 -48.86 -11.95
N PRO D 370 3.22 -48.79 -12.77
CA PRO D 370 4.32 -47.85 -12.49
C PRO D 370 3.89 -46.39 -12.59
N PHE D 371 4.84 -45.48 -12.36
CA PHE D 371 4.60 -44.04 -12.37
C PHE D 371 3.56 -43.67 -11.31
N PHE D 372 3.92 -43.92 -10.06
CA PHE D 372 3.07 -43.61 -8.91
C PHE D 372 3.94 -42.98 -7.83
N THR D 373 3.40 -41.97 -7.16
CA THR D 373 4.15 -41.29 -6.11
C THR D 373 3.87 -41.94 -4.76
N PHE D 374 4.80 -41.74 -3.83
CA PHE D 374 4.69 -42.27 -2.47
C PHE D 374 5.15 -41.24 -1.45
N LYS D 375 4.95 -39.95 -1.73
CA LYS D 375 5.42 -38.89 -0.85
C LYS D 375 4.62 -38.90 0.44
N CYS D 376 5.32 -38.99 1.57
CA CYS D 376 4.71 -38.98 2.89
C CYS D 376 4.97 -37.64 3.57
N TYR D 377 4.24 -37.40 4.65
CA TYR D 377 4.36 -36.16 5.43
C TYR D 377 4.39 -36.51 6.90
N GLY D 378 5.57 -36.43 7.52
CA GLY D 378 5.74 -36.75 8.92
C GLY D 378 6.06 -38.19 9.21
N VAL D 379 5.93 -39.08 8.24
CA VAL D 379 6.23 -40.50 8.40
C VAL D 379 7.12 -40.94 7.24
N SER D 380 7.45 -42.23 7.22
CA SER D 380 8.28 -42.82 6.19
C SER D 380 7.80 -44.23 5.91
N PRO D 381 7.90 -44.69 4.66
CA PRO D 381 7.45 -46.06 4.35
C PRO D 381 8.27 -47.13 5.02
N THR D 382 9.56 -46.88 5.29
CA THR D 382 10.37 -47.88 5.97
C THR D 382 9.97 -48.02 7.44
N LYS D 383 9.57 -46.91 8.07
CA LYS D 383 9.10 -46.93 9.44
C LYS D 383 7.58 -46.86 9.55
N LEU D 384 6.86 -47.22 8.48
CA LEU D 384 5.40 -47.15 8.51
C LEU D 384 4.85 -48.24 9.43
N ASN D 385 5.38 -49.45 9.35
CA ASN D 385 4.91 -50.57 10.17
C ASN D 385 5.64 -50.63 11.51
N ASP D 386 5.78 -49.47 12.15
CA ASP D 386 6.39 -49.38 13.48
C ASP D 386 5.52 -48.65 14.48
N LEU D 387 4.77 -47.65 14.05
CA LEU D 387 3.87 -46.90 14.92
C LEU D 387 2.47 -47.51 14.89
N CYS D 388 1.73 -47.28 15.97
CA CYS D 388 0.38 -47.80 16.13
C CYS D 388 -0.62 -46.67 15.96
N PHE D 389 -1.65 -46.90 15.14
CA PHE D 389 -2.68 -45.92 14.85
C PHE D 389 -4.05 -46.51 15.13
N THR D 390 -4.95 -45.66 15.64
CA THR D 390 -6.29 -46.13 15.99
C THR D 390 -7.19 -46.25 14.76
N ASN D 391 -7.37 -45.15 14.03
CA ASN D 391 -8.24 -45.12 12.86
C ASN D 391 -7.50 -44.46 11.70
N VAL D 392 -7.57 -45.09 10.53
CA VAL D 392 -6.97 -44.57 9.31
C VAL D 392 -8.08 -44.28 8.31
N TYR D 393 -8.07 -43.09 7.74
CA TYR D 393 -9.11 -42.64 6.82
C TYR D 393 -8.52 -42.49 5.42
N ALA D 394 -9.19 -43.08 4.43
CA ALA D 394 -8.79 -43.00 3.04
C ALA D 394 -9.73 -42.06 2.30
N ASP D 395 -9.17 -41.04 1.63
CA ASP D 395 -9.94 -40.05 0.91
C ASP D 395 -9.58 -40.15 -0.57
N SER D 396 -10.52 -40.67 -1.37
CA SER D 396 -10.30 -40.87 -2.80
C SER D 396 -10.83 -39.67 -3.59
N PHE D 397 -10.04 -39.23 -4.57
CA PHE D 397 -10.41 -38.11 -5.43
C PHE D 397 -9.54 -38.13 -6.67
N VAL D 398 -10.08 -37.59 -7.76
CA VAL D 398 -9.55 -37.82 -9.09
C VAL D 398 -8.74 -36.64 -9.60
N ILE D 399 -8.16 -35.86 -8.67
CA ILE D 399 -7.34 -34.72 -9.07
C ILE D 399 -6.21 -35.18 -9.97
N ARG D 400 -5.96 -34.42 -11.03
CA ARG D 400 -4.92 -34.73 -12.01
C ARG D 400 -4.18 -33.46 -12.38
N GLY D 401 -3.11 -33.62 -13.15
CA GLY D 401 -2.34 -32.49 -13.63
C GLY D 401 -1.27 -32.06 -12.65
N ASP D 402 -0.77 -30.84 -12.90
CA ASP D 402 0.28 -30.27 -12.07
C ASP D 402 -0.29 -29.64 -10.81
N GLU D 403 -1.13 -30.39 -10.09
CA GLU D 403 -1.68 -29.94 -8.82
C GLU D 403 -1.50 -30.94 -7.70
N VAL D 404 -0.85 -32.08 -7.95
CA VAL D 404 -0.54 -33.01 -6.88
C VAL D 404 0.60 -32.49 -6.02
N ARG D 405 1.46 -31.63 -6.56
CA ARG D 405 2.56 -31.08 -5.79
C ARG D 405 2.07 -30.13 -4.70
N GLN D 406 0.93 -29.47 -4.92
CA GLN D 406 0.36 -28.55 -3.95
C GLN D 406 -0.64 -29.22 -3.02
N ILE D 407 -0.73 -30.54 -3.05
CA ILE D 407 -1.54 -31.28 -2.07
C ILE D 407 -0.61 -31.58 -0.90
N ALA D 408 -0.49 -30.60 -0.02
CA ALA D 408 0.44 -30.67 1.10
C ALA D 408 0.07 -29.59 2.11
N PRO D 409 0.45 -29.77 3.38
CA PRO D 409 0.17 -28.73 4.38
C PRO D 409 0.86 -27.43 4.03
N GLY D 410 0.10 -26.34 4.03
CA GLY D 410 0.63 -25.02 3.76
C GLY D 410 1.03 -24.78 2.31
N GLN D 411 0.29 -25.36 1.37
CA GLN D 411 0.56 -25.17 -0.05
C GLN D 411 -0.77 -24.98 -0.76
N THR D 412 -1.08 -23.74 -1.13
CA THR D 412 -2.34 -23.42 -1.80
C THR D 412 -2.21 -23.70 -3.29
N GLY D 413 -3.31 -23.47 -4.02
CA GLY D 413 -3.31 -23.71 -5.45
C GLY D 413 -4.67 -23.40 -6.05
N ASN D 414 -5.01 -24.16 -7.10
CA ASN D 414 -6.28 -24.00 -7.79
C ASN D 414 -7.25 -25.16 -7.56
N ILE D 415 -6.78 -26.30 -7.06
CA ILE D 415 -7.66 -27.41 -6.73
C ILE D 415 -7.72 -27.70 -5.23
N ALA D 416 -6.64 -27.44 -4.49
CA ALA D 416 -6.63 -27.63 -3.04
C ALA D 416 -7.00 -26.35 -2.31
N ASP D 417 -7.71 -25.45 -2.99
CA ASP D 417 -8.16 -24.19 -2.40
C ASP D 417 -9.64 -24.18 -2.07
N TYR D 418 -10.47 -24.90 -2.83
CA TYR D 418 -11.90 -24.97 -2.54
C TYR D 418 -12.45 -26.39 -2.69
N ASN D 419 -11.60 -27.40 -2.67
CA ASN D 419 -12.03 -28.79 -2.74
C ASN D 419 -11.47 -29.65 -1.61
N TYR D 420 -10.24 -29.39 -1.17
CA TYR D 420 -9.61 -30.17 -0.12
C TYR D 420 -8.51 -29.34 0.51
N LYS D 421 -8.54 -29.24 1.84
CA LYS D 421 -7.57 -28.44 2.59
C LYS D 421 -6.99 -29.31 3.69
N LEU D 422 -5.66 -29.30 3.83
CA LEU D 422 -4.99 -30.11 4.85
C LEU D 422 -4.25 -29.19 5.81
N PRO D 423 -4.46 -29.32 7.13
CA PRO D 423 -3.74 -28.48 8.09
C PRO D 423 -2.27 -28.86 8.18
N ASP D 424 -1.52 -28.18 9.04
CA ASP D 424 -0.10 -28.50 9.23
C ASP D 424 0.09 -29.56 10.31
N ASP D 425 -0.68 -30.65 10.18
CA ASP D 425 -0.53 -31.80 11.07
C ASP D 425 -0.77 -33.11 10.35
N PHE D 426 -0.70 -33.11 9.02
CA PHE D 426 -1.02 -34.32 8.26
C PHE D 426 0.07 -35.37 8.42
N THR D 427 -0.36 -36.61 8.66
CA THR D 427 0.55 -37.75 8.83
C THR D 427 0.03 -38.87 7.93
N GLY D 428 0.60 -38.96 6.73
CA GLY D 428 0.19 -40.00 5.80
C GLY D 428 0.96 -39.90 4.51
N CYS D 429 0.71 -40.86 3.63
CA CYS D 429 1.36 -40.93 2.33
C CYS D 429 0.29 -40.92 1.25
N VAL D 430 0.50 -40.06 0.25
CA VAL D 430 -0.45 -39.90 -0.84
C VAL D 430 0.01 -40.73 -2.03
N ILE D 431 -0.90 -41.49 -2.62
CA ILE D 431 -0.62 -42.30 -3.80
C ILE D 431 -1.47 -41.77 -4.95
N ALA D 432 -0.84 -41.54 -6.10
CA ALA D 432 -1.46 -40.87 -7.24
C ALA D 432 -1.19 -41.64 -8.53
N TRP D 433 -1.42 -42.95 -8.51
CA TRP D 433 -1.22 -43.75 -9.71
C TRP D 433 -2.20 -43.35 -10.79
N ASN D 434 -1.77 -43.49 -12.05
CA ASN D 434 -2.55 -43.05 -13.20
C ASN D 434 -3.27 -44.24 -13.83
N SER D 435 -4.58 -44.10 -14.03
CA SER D 435 -5.38 -45.14 -14.66
C SER D 435 -5.99 -44.58 -15.95
N ASN D 436 -5.24 -44.72 -17.04
CA ASN D 436 -5.67 -44.25 -18.36
C ASN D 436 -6.15 -45.40 -19.24
N LYS D 437 -6.76 -46.42 -18.63
CA LYS D 437 -7.26 -47.57 -19.37
C LYS D 437 -8.72 -47.90 -19.09
N LEU D 438 -9.24 -47.61 -17.89
CA LEU D 438 -10.63 -47.88 -17.57
C LEU D 438 -11.41 -46.64 -17.16
N ASP D 439 -10.77 -45.48 -17.08
CA ASP D 439 -11.45 -44.23 -16.71
C ASP D 439 -11.68 -43.32 -17.91
N SER D 440 -10.62 -43.01 -18.66
CA SER D 440 -10.74 -42.12 -19.82
C SER D 440 -11.43 -42.88 -20.96
N LYS D 441 -12.71 -42.55 -21.19
CA LYS D 441 -13.48 -43.18 -22.24
C LYS D 441 -14.34 -42.12 -22.92
N VAL D 442 -14.76 -42.44 -24.16
CA VAL D 442 -15.62 -41.53 -24.92
C VAL D 442 -17.09 -41.67 -24.57
N SER D 443 -17.42 -42.53 -23.59
CA SER D 443 -18.82 -42.69 -23.20
C SER D 443 -19.34 -41.45 -22.49
N GLY D 444 -18.52 -40.84 -21.65
CA GLY D 444 -18.91 -39.64 -20.94
C GLY D 444 -17.73 -38.84 -20.43
N ASN D 445 -17.71 -37.54 -20.72
CA ASN D 445 -16.64 -36.66 -20.29
C ASN D 445 -16.94 -35.92 -18.99
N TYR D 446 -18.21 -35.78 -18.63
CA TYR D 446 -18.60 -35.12 -17.39
C TYR D 446 -18.91 -36.12 -16.27
N ASN D 447 -18.37 -37.33 -16.37
CA ASN D 447 -18.55 -38.30 -15.29
C ASN D 447 -17.92 -37.79 -13.99
N TYR D 448 -16.74 -37.18 -14.09
CA TYR D 448 -16.11 -36.55 -12.95
C TYR D 448 -16.47 -35.06 -12.90
N LEU D 449 -16.30 -34.47 -11.73
CA LEU D 449 -16.64 -33.07 -11.51
C LEU D 449 -15.43 -32.32 -10.98
N TYR D 450 -15.58 -31.02 -10.84
CA TYR D 450 -14.53 -30.15 -10.32
C TYR D 450 -15.16 -28.80 -9.97
N ARG D 451 -14.85 -28.31 -8.77
CA ARG D 451 -15.42 -27.07 -8.27
C ARG D 451 -14.46 -25.91 -8.53
N LEU D 452 -14.83 -24.74 -8.04
CA LEU D 452 -14.08 -23.51 -8.29
C LEU D 452 -14.18 -22.64 -7.04
N PHE D 453 -13.84 -21.35 -7.19
CA PHE D 453 -13.84 -20.43 -6.07
C PHE D 453 -15.21 -20.33 -5.42
N ARG D 454 -15.22 -20.15 -4.11
CA ARG D 454 -16.43 -20.05 -3.32
C ARG D 454 -16.41 -18.71 -2.57
N LYS D 455 -17.50 -18.45 -1.83
CA LYS D 455 -17.57 -17.22 -1.04
C LYS D 455 -16.52 -17.21 0.07
N SER D 456 -16.03 -18.37 0.47
CA SER D 456 -15.01 -18.47 1.49
C SER D 456 -14.21 -19.76 1.30
N ASN D 457 -13.04 -19.80 1.93
CA ASN D 457 -12.19 -20.97 1.82
C ASN D 457 -12.79 -22.15 2.59
N LEU D 458 -12.58 -23.35 2.07
CA LEU D 458 -13.10 -24.54 2.71
C LEU D 458 -12.37 -24.83 4.01
N LYS D 459 -13.11 -25.28 5.01
CA LYS D 459 -12.50 -25.71 6.26
C LYS D 459 -11.76 -27.02 6.04
N PRO D 460 -10.55 -27.16 6.56
CA PRO D 460 -9.78 -28.39 6.37
C PRO D 460 -10.56 -29.64 6.74
N PHE D 461 -10.46 -30.67 5.90
CA PHE D 461 -11.10 -31.96 6.12
C PHE D 461 -12.62 -31.83 6.27
N GLU D 462 -13.22 -31.02 5.41
CA GLU D 462 -14.67 -30.87 5.36
C GLU D 462 -15.14 -30.90 3.91
N ARG D 463 -16.27 -31.57 3.69
CA ARG D 463 -16.84 -31.71 2.36
C ARG D 463 -17.92 -30.65 2.16
N ASP D 464 -17.98 -30.11 0.95
CA ASP D 464 -18.83 -28.95 0.63
C ASP D 464 -19.85 -29.30 -0.44
N ILE D 465 -20.52 -30.44 -0.28
CA ILE D 465 -21.58 -30.83 -1.20
C ILE D 465 -22.64 -29.74 -1.22
N SER D 466 -22.78 -29.09 -2.37
CA SER D 466 -23.75 -28.02 -2.49
C SER D 466 -24.71 -28.37 -3.59
N THR D 467 -25.57 -27.42 -3.94
CA THR D 467 -26.55 -27.64 -5.00
C THR D 467 -26.82 -26.25 -5.52
N GLU D 468 -26.77 -25.29 -4.61
CA GLU D 468 -27.08 -23.93 -4.95
C GLU D 468 -26.13 -23.39 -5.97
N ILE D 469 -26.62 -22.44 -6.75
CA ILE D 469 -25.80 -21.84 -7.79
C ILE D 469 -25.00 -20.69 -7.18
N TYR D 470 -23.85 -20.40 -7.78
CA TYR D 470 -22.95 -19.38 -7.25
C TYR D 470 -23.57 -17.99 -7.36
N GLN D 471 -23.11 -17.10 -6.49
CA GLN D 471 -23.59 -15.73 -6.43
C GLN D 471 -22.41 -14.77 -6.50
N ALA D 472 -22.48 -13.81 -7.41
CA ALA D 472 -21.43 -12.82 -7.60
C ALA D 472 -21.35 -11.81 -6.47
N GLY D 473 -22.37 -11.73 -5.62
CA GLY D 473 -22.35 -10.83 -4.49
C GLY D 473 -23.53 -9.87 -4.45
N ASN D 474 -23.91 -9.33 -5.61
CA ASN D 474 -25.06 -8.42 -5.68
C ASN D 474 -25.72 -8.62 -7.05
N LYS D 475 -26.70 -9.53 -7.08
CA LYS D 475 -27.54 -9.79 -8.25
C LYS D 475 -28.59 -10.83 -7.90
N PRO D 476 -29.75 -10.83 -8.57
CA PRO D 476 -30.72 -11.91 -8.36
C PRO D 476 -30.43 -13.11 -9.26
N CYS D 477 -30.23 -14.26 -8.62
CA CYS D 477 -29.97 -15.50 -9.33
C CYS D 477 -31.26 -16.19 -9.76
N ASN D 478 -32.16 -16.47 -8.81
CA ASN D 478 -33.44 -17.11 -9.07
C ASN D 478 -33.29 -18.48 -9.73
N GLY D 479 -32.15 -19.12 -9.52
CA GLY D 479 -31.94 -20.45 -10.04
C GLY D 479 -31.84 -20.55 -11.54
N VAL D 480 -31.41 -19.50 -12.21
CA VAL D 480 -31.25 -19.49 -13.66
C VAL D 480 -29.76 -19.37 -13.98
N ALA D 481 -29.43 -19.59 -15.25
CA ALA D 481 -28.06 -19.52 -15.75
C ALA D 481 -27.92 -18.24 -16.55
N GLY D 482 -27.58 -17.15 -15.88
CA GLY D 482 -27.41 -15.87 -16.54
C GLY D 482 -26.06 -15.24 -16.27
N PHE D 483 -25.95 -13.93 -16.47
CA PHE D 483 -24.69 -13.25 -16.22
C PHE D 483 -24.43 -13.13 -14.73
N ASN D 484 -23.17 -13.38 -14.34
CA ASN D 484 -22.70 -13.32 -12.96
C ASN D 484 -23.41 -14.32 -12.05
N CYS D 485 -24.14 -15.28 -12.62
CA CYS D 485 -24.79 -16.33 -11.85
C CYS D 485 -24.66 -17.62 -12.65
N TYR D 486 -23.62 -18.40 -12.35
CA TYR D 486 -23.35 -19.62 -13.10
C TYR D 486 -22.87 -20.70 -12.15
N PHE D 487 -23.00 -21.95 -12.61
CA PHE D 487 -22.62 -23.14 -11.86
C PHE D 487 -21.12 -23.17 -11.64
N PRO D 488 -20.64 -23.09 -10.40
CA PRO D 488 -19.18 -23.14 -10.16
C PRO D 488 -18.58 -24.52 -10.33
N LEU D 489 -19.37 -25.54 -10.62
CA LEU D 489 -18.86 -26.90 -10.82
C LEU D 489 -18.40 -27.07 -12.27
N ARG D 490 -17.31 -26.38 -12.59
CA ARG D 490 -16.72 -26.45 -13.93
C ARG D 490 -15.91 -27.73 -14.05
N SER D 491 -16.38 -28.64 -14.89
CA SER D 491 -15.73 -29.94 -15.08
C SER D 491 -14.82 -29.90 -16.30
N TYR D 492 -14.08 -30.99 -16.50
CA TYR D 492 -13.20 -31.14 -17.65
C TYR D 492 -13.43 -32.50 -18.30
N SER D 493 -13.00 -32.62 -19.54
CA SER D 493 -13.21 -33.83 -20.33
C SER D 493 -12.09 -34.83 -20.09
N PHE D 494 -12.35 -36.08 -20.49
CA PHE D 494 -11.39 -37.18 -20.37
C PHE D 494 -11.42 -37.97 -21.67
N ARG D 495 -10.55 -37.58 -22.61
CA ARG D 495 -10.39 -38.26 -23.88
C ARG D 495 -9.08 -39.03 -23.91
N PRO D 496 -9.09 -40.27 -24.41
CA PRO D 496 -7.85 -41.07 -24.39
C PRO D 496 -6.83 -40.63 -25.44
N THR D 497 -6.64 -39.31 -25.57
CA THR D 497 -5.61 -38.77 -26.44
C THR D 497 -4.87 -37.59 -25.82
N TYR D 498 -5.17 -37.24 -24.57
CA TYR D 498 -4.52 -36.10 -23.94
C TYR D 498 -3.06 -36.41 -23.63
N GLY D 499 -2.34 -35.37 -23.22
CA GLY D 499 -0.96 -35.54 -22.80
C GLY D 499 -0.85 -36.24 -21.46
N VAL D 500 0.40 -36.38 -21.01
CA VAL D 500 0.65 -37.05 -19.73
C VAL D 500 0.09 -36.23 -18.58
N GLY D 501 0.11 -34.90 -18.69
CA GLY D 501 -0.36 -34.03 -17.64
C GLY D 501 -1.85 -33.84 -17.56
N HIS D 502 -2.65 -34.60 -18.31
CA HIS D 502 -4.09 -34.47 -18.27
C HIS D 502 -4.81 -35.81 -18.19
N GLN D 503 -4.09 -36.90 -18.00
CA GLN D 503 -4.72 -38.21 -17.89
C GLN D 503 -5.36 -38.39 -16.52
N PRO D 504 -6.33 -39.31 -16.40
CA PRO D 504 -6.95 -39.55 -15.09
C PRO D 504 -5.96 -40.09 -14.07
N TYR D 505 -5.82 -39.38 -12.95
CA TYR D 505 -4.95 -39.79 -11.85
C TYR D 505 -5.81 -40.15 -10.65
N ARG D 506 -5.75 -41.41 -10.24
CA ARG D 506 -6.44 -41.88 -9.04
C ARG D 506 -5.59 -41.52 -7.83
N VAL D 507 -6.07 -40.55 -7.04
CA VAL D 507 -5.33 -40.03 -5.89
C VAL D 507 -6.11 -40.38 -4.62
N VAL D 508 -5.40 -40.90 -3.62
CA VAL D 508 -6.00 -41.25 -2.34
C VAL D 508 -4.99 -40.93 -1.24
N VAL D 509 -5.44 -40.20 -0.22
CA VAL D 509 -4.60 -39.83 0.90
C VAL D 509 -5.04 -40.62 2.13
N LEU D 510 -4.09 -40.87 3.02
CA LEU D 510 -4.34 -41.62 4.25
C LEU D 510 -4.05 -40.74 5.46
N SER D 511 -5.01 -40.71 6.39
CA SER D 511 -4.87 -39.96 7.62
C SER D 511 -4.59 -40.90 8.78
N PHE D 512 -3.64 -40.52 9.63
CA PHE D 512 -3.23 -41.34 10.77
C PHE D 512 -3.54 -40.58 12.05
N GLU D 513 -4.60 -41.00 12.73
CA GLU D 513 -4.98 -40.38 14.00
C GLU D 513 -4.42 -41.18 15.18
N LEU D 514 -4.39 -40.53 16.34
CA LEU D 514 -3.88 -41.16 17.56
C LEU D 514 -4.66 -40.57 18.74
N LEU D 515 -5.69 -41.29 19.17
CA LEU D 515 -6.53 -40.91 20.29
C LEU D 515 -6.49 -41.98 21.37
N HIS D 516 -7.29 -41.77 22.41
CA HIS D 516 -7.39 -42.71 23.53
C HIS D 516 -8.20 -43.91 23.06
N ALA D 517 -7.51 -44.92 22.55
CA ALA D 517 -8.13 -46.11 22.00
C ALA D 517 -7.27 -47.31 22.34
N PRO D 518 -7.86 -48.52 22.35
CA PRO D 518 -7.08 -49.73 22.62
C PRO D 518 -6.08 -50.05 21.51
N ALA D 519 -5.41 -51.20 21.63
CA ALA D 519 -4.37 -51.56 20.67
C ALA D 519 -5.00 -51.90 19.32
N THR D 520 -5.06 -50.91 18.43
CA THR D 520 -5.65 -51.07 17.11
C THR D 520 -4.56 -51.47 16.12
N VAL D 521 -4.85 -51.35 14.82
CA VAL D 521 -3.95 -51.75 13.74
C VAL D 521 -2.53 -51.24 13.98
N CYS D 522 -1.57 -52.16 14.00
CA CYS D 522 -0.16 -51.77 14.19
C CYS D 522 0.71 -52.87 13.59
N GLY D 523 1.20 -52.64 12.38
CA GLY D 523 2.10 -53.56 11.72
C GLY D 523 1.40 -54.81 11.23
N PRO D 524 1.86 -55.35 10.10
CA PRO D 524 1.27 -56.60 9.59
C PRO D 524 1.54 -57.78 10.52
N LYS D 525 2.82 -58.09 10.74
CA LYS D 525 3.26 -59.18 11.60
C LYS D 525 4.79 -59.21 11.66
N LYS D 526 5.35 -60.11 12.47
CA LYS D 526 6.80 -60.27 12.54
C LYS D 526 7.10 -61.70 12.99
N SER D 527 7.58 -62.53 12.07
CA SER D 527 7.96 -63.90 12.36
C SER D 527 9.41 -64.13 11.95
N THR D 528 10.06 -65.09 12.61
CA THR D 528 11.48 -65.32 12.34
C THR D 528 11.82 -66.81 12.27
N ASN D 529 10.86 -67.68 12.00
CA ASN D 529 11.10 -69.12 11.80
C ASN D 529 11.79 -69.73 13.02
N LEU D 530 11.04 -69.77 14.11
CA LEU D 530 11.54 -70.25 15.40
C LEU D 530 12.20 -71.61 15.28
N VAL D 531 13.44 -71.71 15.77
CA VAL D 531 14.19 -72.96 15.82
C VAL D 531 14.46 -73.29 17.28
N LYS D 532 14.31 -74.57 17.62
CA LYS D 532 14.45 -75.05 18.99
C LYS D 532 15.61 -76.04 19.04
N ASN D 533 16.84 -75.53 19.20
CA ASN D 533 17.99 -76.42 19.38
C ASN D 533 18.98 -75.93 20.43
N LYS D 534 18.95 -74.66 20.82
CA LYS D 534 19.95 -74.12 21.73
C LYS D 534 19.33 -73.00 22.56
N CYS D 535 20.17 -72.32 23.34
CA CYS D 535 19.77 -71.16 24.12
C CYS D 535 19.82 -69.93 23.21
N VAL D 536 18.65 -69.39 22.86
CA VAL D 536 18.54 -68.23 21.98
C VAL D 536 17.47 -67.30 22.54
N ASN D 537 17.46 -66.07 22.02
CA ASN D 537 16.45 -65.10 22.41
C ASN D 537 15.09 -65.48 21.82
N PHE D 538 14.03 -64.97 22.44
CA PHE D 538 12.68 -65.24 21.99
C PHE D 538 11.81 -64.01 22.22
N ASN D 539 10.77 -63.87 21.39
CA ASN D 539 9.82 -62.77 21.50
C ASN D 539 8.42 -63.36 21.26
N PHE D 540 7.76 -63.78 22.34
CA PHE D 540 6.43 -64.38 22.27
C PHE D 540 5.39 -63.31 22.59
N ASN D 541 5.15 -62.43 21.62
CA ASN D 541 4.11 -61.41 21.70
C ASN D 541 4.28 -60.53 22.93
N GLY D 542 5.50 -60.07 23.17
CA GLY D 542 5.76 -59.14 24.25
C GLY D 542 6.88 -59.55 25.18
N LEU D 543 6.99 -60.85 25.46
CA LEU D 543 8.04 -61.34 26.34
C LEU D 543 9.36 -61.38 25.60
N LYS D 544 10.37 -60.68 26.13
CA LYS D 544 11.65 -60.57 25.45
C LYS D 544 12.79 -61.04 26.34
N GLY D 545 12.63 -62.20 26.97
CA GLY D 545 13.66 -62.77 27.82
C GLY D 545 14.55 -63.72 27.07
N THR D 546 15.40 -64.41 27.84
CA THR D 546 16.32 -65.40 27.31
C THR D 546 16.03 -66.76 27.93
N GLY D 547 16.43 -67.82 27.24
CA GLY D 547 16.22 -69.15 27.75
C GLY D 547 16.41 -70.18 26.66
N VAL D 548 16.20 -71.44 27.05
CA VAL D 548 16.34 -72.59 26.16
C VAL D 548 14.95 -73.19 25.95
N LEU D 549 14.50 -73.21 24.69
CA LEU D 549 13.22 -73.82 24.37
C LEU D 549 13.31 -75.34 24.49
N THR D 550 12.37 -75.94 25.22
CA THR D 550 12.39 -77.38 25.45
C THR D 550 11.09 -78.08 25.10
N GLU D 551 9.97 -77.36 25.00
CA GLU D 551 8.67 -77.94 24.67
C GLU D 551 8.28 -79.02 25.69
N SER D 552 8.07 -78.55 26.92
CA SER D 552 7.72 -79.44 28.02
C SER D 552 6.34 -80.06 27.80
N ASN D 553 5.97 -80.97 28.70
CA ASN D 553 4.73 -81.72 28.61
C ASN D 553 3.66 -81.19 29.54
N LYS D 554 3.62 -79.87 29.72
CA LYS D 554 2.58 -79.27 30.54
C LYS D 554 1.26 -79.23 29.77
N LYS D 555 0.16 -79.09 30.53
CA LYS D 555 -1.19 -79.06 29.98
C LYS D 555 -1.84 -77.73 30.38
N PHE D 556 -1.72 -76.74 29.52
CA PHE D 556 -2.28 -75.42 29.78
C PHE D 556 -3.76 -75.39 29.44
N LEU D 557 -4.36 -74.22 29.61
CA LEU D 557 -5.74 -73.95 29.26
C LEU D 557 -5.80 -73.13 27.98
N PRO D 558 -6.93 -73.17 27.25
CA PRO D 558 -6.98 -72.48 25.95
C PRO D 558 -6.78 -70.97 26.05
N PHE D 559 -7.41 -70.32 27.05
CA PHE D 559 -7.27 -68.88 27.16
C PHE D 559 -5.89 -68.48 27.69
N GLN D 560 -5.21 -69.38 28.38
CA GLN D 560 -3.89 -69.08 28.93
C GLN D 560 -2.84 -69.07 27.83
N GLN D 561 -1.90 -68.15 27.92
CA GLN D 561 -0.82 -68.02 26.96
C GLN D 561 0.56 -68.10 27.58
N PHE D 562 0.74 -67.58 28.79
CA PHE D 562 2.02 -67.61 29.49
C PHE D 562 1.92 -68.51 30.72
N GLY D 563 3.07 -69.00 31.17
CA GLY D 563 3.12 -69.79 32.38
C GLY D 563 4.18 -69.31 33.34
N ARG D 564 3.84 -69.18 34.61
CA ARG D 564 4.77 -68.70 35.62
C ARG D 564 4.64 -69.54 36.89
N ASP D 565 5.76 -70.05 37.36
CA ASP D 565 5.83 -70.68 38.67
C ASP D 565 5.95 -69.58 39.73
N ILE D 566 6.29 -69.95 40.97
CA ILE D 566 6.43 -68.95 42.04
C ILE D 566 7.87 -68.45 41.95
N ALA D 567 8.10 -67.55 41.00
CA ALA D 567 9.37 -66.85 40.90
C ALA D 567 9.23 -65.42 40.40
N ASP D 568 8.01 -64.93 40.16
CA ASP D 568 7.80 -63.63 39.49
C ASP D 568 8.55 -63.55 38.17
N THR D 569 8.58 -64.66 37.44
CA THR D 569 9.29 -64.74 36.18
C THR D 569 8.68 -65.85 35.32
N THR D 570 8.49 -65.57 34.04
CA THR D 570 7.87 -66.53 33.14
C THR D 570 8.82 -67.70 32.88
N ASP D 571 8.28 -68.92 32.94
CA ASP D 571 9.05 -70.12 32.68
C ASP D 571 8.42 -71.03 31.63
N ALA D 572 7.28 -70.65 31.06
CA ALA D 572 6.63 -71.46 30.04
C ALA D 572 5.73 -70.55 29.19
N VAL D 573 5.84 -70.68 27.87
CA VAL D 573 5.06 -69.87 26.95
C VAL D 573 4.40 -70.78 25.92
N ARG D 574 3.33 -70.26 25.32
CA ARG D 574 2.60 -70.96 24.26
C ARG D 574 2.93 -70.31 22.93
N ASP D 575 3.29 -71.13 21.96
CA ASP D 575 3.61 -70.61 20.62
C ASP D 575 2.35 -70.04 19.99
N PRO D 576 2.39 -68.81 19.48
CA PRO D 576 1.16 -68.22 18.92
C PRO D 576 0.67 -68.94 17.67
N GLN D 577 1.58 -69.36 16.78
CA GLN D 577 1.17 -70.01 15.54
C GLN D 577 0.66 -71.42 15.78
N THR D 578 1.52 -72.29 16.31
CA THR D 578 1.15 -73.67 16.61
C THR D 578 0.82 -73.78 18.10
N LEU D 579 -0.30 -74.44 18.40
CA LEU D 579 -0.77 -74.57 19.79
C LEU D 579 0.09 -75.60 20.53
N GLU D 580 1.30 -75.16 20.87
CA GLU D 580 2.26 -75.97 21.61
C GLU D 580 2.53 -75.34 22.96
N ILE D 581 3.07 -76.16 23.87
CA ILE D 581 3.39 -75.73 25.23
C ILE D 581 4.89 -75.84 25.39
N LEU D 582 5.57 -74.69 25.42
CA LEU D 582 7.02 -74.64 25.54
C LEU D 582 7.42 -74.36 26.99
N ASP D 583 8.73 -74.46 27.23
CA ASP D 583 9.30 -74.20 28.56
C ASP D 583 10.65 -73.54 28.35
N ILE D 584 10.80 -72.30 28.85
CA ILE D 584 12.03 -71.54 28.66
C ILE D 584 12.87 -71.73 29.92
N THR D 585 13.72 -72.75 29.91
CA THR D 585 14.68 -72.86 30.97
C THR D 585 15.84 -71.89 30.72
N PRO D 586 16.31 -71.18 31.75
CA PRO D 586 17.32 -70.14 31.52
C PRO D 586 18.61 -70.71 30.95
N CYS D 587 19.38 -69.82 30.33
CA CYS D 587 20.63 -70.21 29.69
C CYS D 587 21.63 -70.70 30.74
N SER D 588 22.71 -71.31 30.26
CA SER D 588 23.72 -71.88 31.14
C SER D 588 24.47 -70.76 31.87
N PHE D 589 24.39 -70.75 33.19
CA PHE D 589 25.08 -69.76 34.01
C PHE D 589 25.66 -70.46 35.25
N GLY D 590 26.39 -69.70 36.05
CA GLY D 590 26.97 -70.26 37.27
C GLY D 590 28.07 -69.37 37.81
N GLY D 591 29.02 -70.00 38.50
CA GLY D 591 30.14 -69.30 39.08
C GLY D 591 31.46 -69.98 38.83
N VAL D 592 32.51 -69.20 38.58
CA VAL D 592 33.84 -69.72 38.26
C VAL D 592 34.69 -69.69 39.52
N SER D 593 35.23 -70.84 39.90
CA SER D 593 36.14 -70.97 41.02
C SER D 593 37.51 -71.40 40.50
N VAL D 594 38.55 -70.95 41.19
CA VAL D 594 39.94 -71.18 40.77
C VAL D 594 40.67 -71.86 41.91
N ILE D 595 41.08 -73.11 41.70
CA ILE D 595 41.90 -73.83 42.66
C ILE D 595 43.37 -73.57 42.31
N THR D 596 44.11 -73.03 43.28
CA THR D 596 45.50 -72.67 43.03
C THR D 596 46.37 -73.03 44.23
N PRO D 597 47.42 -73.83 44.03
CA PRO D 597 48.33 -74.12 45.15
C PRO D 597 49.15 -72.93 45.62
N GLY D 598 49.12 -71.81 44.89
CA GLY D 598 49.87 -70.63 45.27
C GLY D 598 50.99 -70.32 44.31
N THR D 599 51.28 -69.03 44.10
CA THR D 599 52.37 -68.61 43.23
C THR D 599 53.71 -68.66 43.94
N ASN D 600 54.01 -69.82 44.50
CA ASN D 600 55.30 -70.05 45.16
C ASN D 600 55.89 -71.43 44.89
N THR D 601 55.10 -72.40 44.42
CA THR D 601 55.63 -73.73 44.12
C THR D 601 55.29 -74.12 42.69
N SER D 602 54.19 -73.59 42.16
CA SER D 602 53.76 -73.89 40.80
C SER D 602 52.84 -72.79 40.32
N ASN D 603 52.46 -72.88 39.04
CA ASN D 603 51.56 -71.92 38.43
C ASN D 603 50.36 -72.59 37.77
N GLN D 604 50.11 -73.86 38.06
CA GLN D 604 48.97 -74.58 37.49
C GLN D 604 47.72 -74.30 38.30
N VAL D 605 46.57 -74.24 37.62
CA VAL D 605 45.30 -73.98 38.24
C VAL D 605 44.32 -75.08 37.85
N ALA D 606 43.11 -75.00 38.40
CA ALA D 606 42.06 -75.98 38.11
C ALA D 606 40.72 -75.25 38.24
N VAL D 607 40.10 -74.96 37.09
CA VAL D 607 38.83 -74.24 37.09
C VAL D 607 37.74 -75.11 37.70
N LEU D 608 36.84 -74.48 38.45
CA LEU D 608 35.74 -75.17 39.10
C LEU D 608 34.45 -74.38 38.83
N TYR D 609 33.66 -74.86 37.88
CA TYR D 609 32.36 -74.25 37.62
C TYR D 609 31.33 -74.77 38.61
N GLN D 610 30.32 -73.94 38.87
CA GLN D 610 29.27 -74.25 39.84
C GLN D 610 27.93 -74.28 39.12
N GLY D 611 27.25 -75.42 39.15
CA GLY D 611 25.96 -75.55 38.52
C GLY D 611 25.99 -76.01 37.08
N VAL D 612 27.08 -76.63 36.64
CA VAL D 612 27.23 -77.12 35.28
C VAL D 612 27.48 -78.61 35.31
N ASN D 613 26.87 -79.34 34.38
CA ASN D 613 27.02 -80.78 34.31
C ASN D 613 28.09 -81.16 33.28
N CYS D 614 29.14 -80.35 33.20
CA CYS D 614 30.27 -80.58 32.31
C CYS D 614 29.84 -80.73 30.85
N THR D 615 28.62 -80.28 30.52
CA THR D 615 28.13 -80.31 29.15
C THR D 615 27.61 -78.96 28.69
N GLU D 616 27.81 -77.90 29.48
CA GLU D 616 27.35 -76.57 29.12
C GLU D 616 28.46 -75.54 29.20
N VAL D 617 29.72 -75.98 29.27
CA VAL D 617 30.86 -75.06 29.36
C VAL D 617 31.13 -74.43 28.00
N ASN D 638 41.89 -83.08 32.63
CA ASN D 638 40.77 -83.96 32.94
C ASN D 638 39.54 -83.14 33.33
N VAL D 639 38.36 -83.65 32.98
CA VAL D 639 37.10 -82.99 33.26
C VAL D 639 36.25 -83.98 34.07
N PHE D 640 36.19 -83.77 35.37
CA PHE D 640 35.43 -84.63 36.27
C PHE D 640 34.14 -83.93 36.72
N GLN D 641 33.19 -84.73 37.17
CA GLN D 641 31.87 -84.26 37.59
C GLN D 641 31.67 -84.62 39.06
N THR D 642 31.78 -83.63 39.94
CA THR D 642 31.48 -83.80 41.35
C THR D 642 30.10 -83.21 41.66
N ARG D 643 29.69 -83.31 42.92
CA ARG D 643 28.43 -82.72 43.33
C ARG D 643 28.63 -81.26 43.73
N ALA D 644 29.33 -80.50 42.88
CA ALA D 644 29.51 -79.07 43.09
C ALA D 644 29.52 -78.29 41.79
N GLY D 645 29.30 -78.93 40.65
CA GLY D 645 29.39 -78.28 39.37
C GLY D 645 30.24 -79.08 38.40
N CYS D 646 31.25 -78.45 37.80
CA CYS D 646 32.15 -79.13 36.87
C CYS D 646 33.58 -78.72 37.19
N LEU D 647 34.44 -79.70 37.41
CA LEU D 647 35.85 -79.45 37.73
C LEU D 647 36.69 -79.81 36.51
N ILE D 648 37.38 -78.81 35.95
CA ILE D 648 38.19 -78.98 34.76
C ILE D 648 39.64 -78.66 35.14
N GLY D 649 40.49 -79.69 35.16
CA GLY D 649 41.90 -79.49 35.43
C GLY D 649 42.42 -80.24 36.64
N ALA D 650 41.75 -81.32 37.01
CA ALA D 650 42.15 -82.13 38.15
C ALA D 650 41.81 -83.59 37.91
N GLU D 651 42.59 -84.47 38.51
CA GLU D 651 42.38 -85.90 38.39
C GLU D 651 41.42 -86.38 39.48
N TYR D 652 41.19 -87.70 39.51
CA TYR D 652 40.27 -88.32 40.47
C TYR D 652 40.92 -89.55 41.09
N VAL D 653 42.14 -89.39 41.58
CA VAL D 653 42.83 -90.50 42.24
C VAL D 653 42.00 -91.01 43.40
N ASN D 654 41.92 -92.35 43.53
CA ASN D 654 41.08 -92.99 44.52
C ASN D 654 41.77 -93.14 45.88
N ASN D 655 42.80 -92.36 46.14
CA ASN D 655 43.49 -92.39 47.43
C ASN D 655 42.74 -91.50 48.42
N SER D 656 43.30 -91.35 49.62
CA SER D 656 42.67 -90.55 50.66
C SER D 656 43.75 -89.97 51.56
N TYR D 657 43.86 -88.65 51.59
CA TYR D 657 44.82 -87.97 52.44
C TYR D 657 44.14 -86.86 53.24
N GLU D 658 44.93 -86.04 53.93
CA GLU D 658 44.38 -84.89 54.62
C GLU D 658 43.77 -83.92 53.61
N CYS D 659 42.64 -83.32 53.99
CA CYS D 659 41.87 -82.50 53.07
C CYS D 659 42.61 -81.19 52.80
N ASP D 660 43.10 -81.04 51.57
CA ASP D 660 43.63 -79.78 51.08
C ASP D 660 42.45 -78.91 50.64
N ILE D 661 42.72 -77.89 49.82
CA ILE D 661 41.72 -76.91 49.37
C ILE D 661 40.37 -77.57 49.12
N PRO D 662 39.33 -77.17 49.83
CA PRO D 662 38.03 -77.83 49.68
C PRO D 662 37.32 -77.42 48.40
N ILE D 663 36.57 -78.37 47.85
CA ILE D 663 35.79 -78.16 46.64
C ILE D 663 34.29 -78.24 46.93
N GLY D 664 33.87 -79.28 47.61
CA GLY D 664 32.47 -79.50 47.93
C GLY D 664 32.14 -80.97 47.89
N ALA D 665 31.16 -81.36 48.72
CA ALA D 665 30.71 -82.74 48.83
C ALA D 665 31.84 -83.70 49.22
N GLY D 666 32.79 -83.20 49.99
CA GLY D 666 33.91 -84.00 50.46
C GLY D 666 35.10 -84.03 49.54
N ILE D 667 34.99 -83.48 48.34
CA ILE D 667 36.09 -83.47 47.39
C ILE D 667 37.11 -82.42 47.82
N CYS D 668 38.35 -82.84 48.03
CA CYS D 668 39.45 -81.96 48.37
C CYS D 668 40.50 -82.01 47.26
N ALA D 669 41.10 -80.86 46.98
CA ALA D 669 42.03 -80.75 45.87
C ALA D 669 43.42 -80.40 46.41
N SER D 670 44.37 -81.29 46.17
CA SER D 670 45.75 -81.12 46.63
C SER D 670 46.69 -81.02 45.44
N TYR D 671 47.98 -80.85 45.74
CA TYR D 671 49.03 -80.74 44.72
C TYR D 671 50.13 -81.71 45.12
N GLN D 672 50.01 -82.96 44.68
CA GLN D 672 50.94 -84.02 45.02
C GLN D 672 51.64 -84.54 43.77
N THR D 673 52.66 -85.35 43.98
CA THR D 673 53.42 -85.94 42.88
C THR D 673 52.66 -87.10 42.26
N SER D 686 56.77 -85.74 38.03
CA SER D 686 55.52 -85.21 37.52
C SER D 686 54.64 -84.68 38.64
N GLN D 687 54.23 -83.42 38.52
CA GLN D 687 53.39 -82.76 39.52
C GLN D 687 52.11 -82.29 38.87
N SER D 688 50.98 -82.53 39.56
CA SER D 688 49.68 -82.14 39.04
C SER D 688 48.75 -81.85 40.21
N ILE D 689 47.61 -81.24 39.91
CA ILE D 689 46.61 -80.90 40.91
C ILE D 689 45.60 -82.04 40.96
N ILE D 690 45.70 -82.88 41.98
CA ILE D 690 44.78 -84.01 42.12
C ILE D 690 43.55 -83.56 42.89
N ALA D 691 42.47 -84.35 42.76
CA ALA D 691 41.22 -84.09 43.45
C ALA D 691 40.66 -85.43 43.92
N TYR D 692 40.74 -85.69 45.22
CA TYR D 692 40.37 -86.96 45.81
C TYR D 692 39.25 -86.77 46.82
N THR D 693 38.86 -87.86 47.46
CA THR D 693 37.87 -87.85 48.53
C THR D 693 38.59 -87.77 49.88
N MET D 694 38.10 -86.89 50.75
CA MET D 694 38.77 -86.65 52.02
C MET D 694 38.70 -87.89 52.91
N SER D 695 39.70 -88.02 53.77
CA SER D 695 39.78 -89.09 54.75
C SER D 695 39.49 -88.51 56.13
N LEU D 696 38.61 -89.18 56.89
CA LEU D 696 38.21 -88.72 58.20
C LEU D 696 39.18 -89.15 59.30
N GLY D 697 40.41 -89.52 58.93
CA GLY D 697 41.41 -89.97 59.87
C GLY D 697 41.71 -91.45 59.71
N ALA D 698 42.58 -91.94 60.59
CA ALA D 698 42.95 -93.34 60.56
C ALA D 698 41.81 -94.22 61.06
N GLU D 699 41.88 -95.50 60.73
CA GLU D 699 40.88 -96.49 61.11
C GLU D 699 41.42 -97.29 62.28
N ASN D 700 40.65 -97.33 63.37
CA ASN D 700 41.04 -98.05 64.58
C ASN D 700 39.85 -98.83 65.10
N SER D 701 40.14 -99.98 65.74
CA SER D 701 39.10 -100.83 66.30
C SER D 701 39.59 -101.34 67.65
N VAL D 702 38.96 -100.86 68.72
CA VAL D 702 39.32 -101.26 70.07
C VAL D 702 38.77 -102.66 70.34
N ALA D 703 39.64 -103.55 70.80
CA ALA D 703 39.26 -104.94 71.06
C ALA D 703 38.45 -104.99 72.36
N TYR D 704 37.15 -104.72 72.23
CA TYR D 704 36.27 -104.74 73.40
C TYR D 704 36.06 -106.17 73.88
N SER D 705 36.04 -106.33 75.19
CA SER D 705 35.81 -107.63 75.81
C SER D 705 35.22 -107.44 77.19
N ASN D 706 34.60 -108.53 77.66
CA ASN D 706 33.93 -108.52 78.94
C ASN D 706 34.79 -108.79 80.09
N ASN D 707 36.05 -108.93 79.87
CA ASN D 707 37.03 -109.12 80.95
C ASN D 707 38.39 -108.56 80.59
N SER D 708 38.43 -107.48 79.82
CA SER D 708 39.67 -106.87 79.38
C SER D 708 39.65 -105.38 79.66
N ILE D 709 40.70 -104.88 80.31
CA ILE D 709 40.84 -103.47 80.63
C ILE D 709 42.23 -103.01 80.26
N ALA D 710 42.35 -101.73 79.88
CA ALA D 710 43.62 -101.14 79.48
C ALA D 710 43.98 -100.04 80.48
N ILE D 711 45.01 -100.26 81.27
CA ILE D 711 45.49 -99.30 82.26
C ILE D 711 46.85 -98.80 81.80
N PRO D 712 47.05 -97.49 81.70
CA PRO D 712 48.35 -96.98 81.24
C PRO D 712 49.44 -97.21 82.28
N THR D 713 50.69 -97.20 81.79
CA THR D 713 51.86 -97.41 82.63
C THR D 713 52.85 -96.26 82.58
N ASN D 714 52.53 -95.16 81.92
CA ASN D 714 53.40 -94.02 81.95
C ASN D 714 52.55 -92.86 81.57
N PHE D 715 53.07 -91.68 81.80
CA PHE D 715 52.39 -90.44 81.51
C PHE D 715 53.27 -89.53 80.65
N THR D 716 52.64 -88.76 79.77
CA THR D 716 53.32 -87.81 78.91
C THR D 716 52.63 -86.46 79.05
N ILE D 717 53.33 -85.48 79.60
CA ILE D 717 52.79 -84.15 79.83
C ILE D 717 53.03 -83.32 78.57
N SER D 718 51.95 -82.88 77.94
CA SER D 718 52.01 -82.07 76.74
C SER D 718 51.43 -80.68 77.02
N VAL D 719 51.96 -79.68 76.32
CA VAL D 719 51.52 -78.31 76.46
C VAL D 719 51.01 -77.83 75.10
N THR D 720 49.73 -77.45 75.06
CA THR D 720 49.09 -76.95 73.85
C THR D 720 48.85 -75.45 73.98
N THR D 721 48.30 -74.87 72.92
CA THR D 721 48.00 -73.44 72.89
C THR D 721 46.59 -73.23 72.35
N GLU D 722 46.00 -72.10 72.73
CA GLU D 722 44.65 -71.75 72.28
C GLU D 722 44.56 -70.23 72.23
N ILE D 723 44.42 -69.69 71.03
CA ILE D 723 44.41 -68.24 70.83
C ILE D 723 42.96 -67.77 70.81
N LEU D 724 42.70 -66.62 71.45
CA LEU D 724 41.37 -66.05 71.52
C LEU D 724 41.46 -64.53 71.38
N PRO D 725 40.75 -63.94 70.42
CA PRO D 725 40.73 -62.47 70.33
C PRO D 725 40.02 -61.86 71.52
N VAL D 726 40.62 -60.84 72.10
CA VAL D 726 40.06 -60.19 73.27
C VAL D 726 39.63 -58.74 73.01
N SER D 727 40.30 -58.02 72.10
CA SER D 727 39.98 -56.63 71.86
C SER D 727 39.98 -56.37 70.36
N MET D 728 39.31 -55.28 69.98
CA MET D 728 39.23 -54.84 68.60
C MET D 728 39.70 -53.39 68.52
N THR D 729 40.26 -53.03 67.37
CA THR D 729 40.79 -51.69 67.17
C THR D 729 39.67 -50.67 67.23
N LYS D 730 39.77 -49.74 68.18
CA LYS D 730 38.76 -48.69 68.30
C LYS D 730 38.92 -47.67 67.17
N THR D 731 37.79 -47.22 66.64
CA THR D 731 37.79 -46.28 65.53
C THR D 731 36.75 -45.20 65.79
N SER D 732 36.84 -44.12 65.01
CA SER D 732 35.91 -43.02 65.10
C SER D 732 35.83 -42.33 63.75
N VAL D 733 34.64 -41.83 63.42
CA VAL D 733 34.39 -41.21 62.12
C VAL D 733 34.01 -39.75 62.33
N ASP D 734 34.28 -38.95 61.31
CA ASP D 734 33.91 -37.54 61.30
C ASP D 734 32.81 -37.34 60.25
N CYS D 735 31.68 -36.76 60.68
CA CYS D 735 30.53 -36.64 59.78
C CYS D 735 30.80 -35.61 58.69
N THR D 736 31.31 -34.44 59.06
CA THR D 736 31.52 -33.35 58.12
C THR D 736 32.89 -33.41 57.45
N MET D 737 33.54 -34.58 57.43
CA MET D 737 34.81 -34.73 56.77
C MET D 737 34.78 -35.87 55.77
N TYR D 738 34.05 -36.94 56.10
CA TYR D 738 33.91 -38.05 55.18
C TYR D 738 32.91 -37.73 54.07
N ILE D 739 31.81 -37.07 54.39
CA ILE D 739 30.83 -36.68 53.38
C ILE D 739 31.34 -35.47 52.60
N CYS D 740 31.59 -34.36 53.30
CA CYS D 740 32.12 -33.15 52.69
C CYS D 740 33.60 -33.07 53.02
N GLY D 741 34.45 -33.39 52.04
CA GLY D 741 35.88 -33.32 52.23
C GLY D 741 36.49 -32.08 51.61
N ASP D 742 36.98 -31.17 52.46
CA ASP D 742 37.54 -29.89 52.02
C ASP D 742 36.53 -29.12 51.16
N SER D 743 35.26 -29.20 51.55
CA SER D 743 34.14 -28.69 50.75
C SER D 743 33.19 -27.91 51.66
N THR D 744 33.74 -26.93 52.39
CA THR D 744 32.99 -26.13 53.36
C THR D 744 31.62 -25.69 52.88
N GLU D 745 31.46 -25.51 51.56
CA GLU D 745 30.14 -25.21 51.01
C GLU D 745 29.20 -26.41 51.16
N CYS D 746 29.73 -27.62 51.02
CA CYS D 746 28.92 -28.82 51.20
C CYS D 746 28.44 -28.96 52.64
N SER D 747 29.25 -28.50 53.60
CA SER D 747 28.88 -28.62 55.01
C SER D 747 27.68 -27.74 55.35
N ASN D 748 27.46 -26.67 54.58
CA ASN D 748 26.31 -25.81 54.84
C ASN D 748 25.00 -26.55 54.63
N LEU D 749 24.95 -27.41 53.61
CA LEU D 749 23.75 -28.21 53.37
C LEU D 749 23.72 -29.47 54.23
N LEU D 750 24.89 -29.98 54.61
CA LEU D 750 24.94 -31.20 55.42
C LEU D 750 24.38 -30.96 56.82
N LEU D 751 24.61 -29.77 57.38
CA LEU D 751 24.07 -29.47 58.71
C LEU D 751 22.55 -29.39 58.68
N GLN D 752 21.99 -28.75 57.65
CA GLN D 752 20.54 -28.62 57.52
C GLN D 752 20.02 -29.77 56.65
N TYR D 753 20.29 -30.99 57.13
CA TYR D 753 19.87 -32.20 56.44
C TYR D 753 19.20 -33.22 57.34
N GLY D 754 19.44 -33.16 58.66
CA GLY D 754 18.85 -34.12 59.58
C GLY D 754 19.81 -34.57 60.65
N SER D 755 19.29 -34.83 61.85
CA SER D 755 20.12 -35.27 62.98
C SER D 755 20.48 -36.73 62.79
N PHE D 756 21.46 -36.97 61.91
CA PHE D 756 21.93 -38.31 61.63
C PHE D 756 23.38 -38.54 62.02
N CYS D 757 24.18 -37.48 62.19
CA CYS D 757 25.58 -37.63 62.57
C CYS D 757 25.75 -38.17 63.99
N THR D 758 24.79 -37.93 64.87
CA THR D 758 24.87 -38.44 66.25
C THR D 758 24.64 -39.95 66.31
N GLN D 759 23.82 -40.49 65.40
CA GLN D 759 23.57 -41.93 65.39
C GLN D 759 24.84 -42.71 65.03
N LEU D 760 25.59 -42.24 64.04
CA LEU D 760 26.79 -42.94 63.60
C LEU D 760 28.00 -42.63 64.47
N LYS D 761 27.91 -41.65 65.36
CA LYS D 761 29.01 -41.30 66.24
C LYS D 761 28.84 -41.83 67.66
N ARG D 762 27.62 -41.85 68.19
CA ARG D 762 27.39 -42.40 69.53
C ARG D 762 27.42 -43.92 69.52
N ALA D 763 27.06 -44.55 68.40
CA ALA D 763 27.12 -46.01 68.32
C ALA D 763 28.56 -46.50 68.28
N LEU D 764 29.41 -45.83 67.50
CA LEU D 764 30.83 -46.20 67.47
C LEU D 764 31.53 -45.87 68.79
N THR D 765 31.00 -44.93 69.57
CA THR D 765 31.56 -44.64 70.88
C THR D 765 31.31 -45.76 71.87
N GLY D 766 30.13 -46.40 71.82
CA GLY D 766 29.86 -47.52 72.70
C GLY D 766 30.73 -48.73 72.40
N ILE D 767 31.17 -48.87 71.15
CA ILE D 767 32.09 -49.95 70.82
C ILE D 767 33.47 -49.68 71.43
N ALA D 768 33.91 -48.42 71.41
CA ALA D 768 35.21 -48.08 71.98
C ALA D 768 35.23 -48.34 73.49
N VAL D 769 34.12 -48.03 74.18
CA VAL D 769 34.04 -48.32 75.60
C VAL D 769 33.95 -49.82 75.83
N GLU D 770 33.34 -50.56 74.90
CA GLU D 770 33.24 -52.00 75.04
C GLU D 770 34.61 -52.66 74.94
N GLN D 771 35.46 -52.18 74.02
CA GLN D 771 36.78 -52.76 73.86
C GLN D 771 37.65 -52.50 75.09
N ASP D 772 37.42 -51.38 75.77
CA ASP D 772 38.12 -51.11 77.03
C ASP D 772 37.56 -51.94 78.19
N LYS D 773 36.34 -52.45 78.06
CA LYS D 773 35.75 -53.31 79.06
C LYS D 773 36.08 -54.78 78.84
N ASN D 774 36.20 -55.20 77.57
CA ASN D 774 36.58 -56.57 77.28
C ASN D 774 37.98 -56.89 77.78
N THR D 775 38.87 -55.90 77.78
CA THR D 775 40.21 -56.08 78.34
C THR D 775 40.23 -55.93 79.85
N GLN D 776 39.36 -55.10 80.42
CA GLN D 776 39.27 -54.90 81.86
C GLN D 776 38.49 -56.01 82.55
N GLU D 777 38.00 -57.00 81.80
CA GLU D 777 37.31 -58.14 82.38
C GLU D 777 38.07 -59.45 82.21
N VAL D 778 39.15 -59.46 81.43
CA VAL D 778 39.95 -60.65 81.22
C VAL D 778 41.20 -60.58 82.09
N PHE D 779 41.99 -59.54 81.90
CA PHE D 779 43.20 -59.34 82.69
C PHE D 779 42.93 -58.49 83.93
N ALA D 780 41.91 -58.89 84.72
CA ALA D 780 41.62 -58.18 85.96
C ALA D 780 41.09 -59.10 87.06
N GLN D 781 41.32 -60.40 86.96
CA GLN D 781 40.76 -61.33 87.94
C GLN D 781 41.42 -61.21 89.31
N VAL D 782 42.63 -60.67 89.36
CA VAL D 782 43.34 -60.45 90.62
C VAL D 782 43.32 -58.96 90.93
N LYS D 783 43.10 -58.63 92.21
CA LYS D 783 43.09 -57.22 92.62
C LYS D 783 44.51 -56.69 92.81
N GLN D 784 45.39 -57.49 93.38
CA GLN D 784 46.77 -57.09 93.62
C GLN D 784 47.66 -57.54 92.46
N ILE D 785 48.87 -56.99 92.43
CA ILE D 785 49.87 -57.30 91.41
C ILE D 785 50.97 -58.10 92.10
N TYR D 786 50.96 -59.41 91.92
CA TYR D 786 51.96 -60.26 92.55
C TYR D 786 53.27 -60.20 91.78
N LYS D 787 54.36 -60.44 92.50
CA LYS D 787 55.69 -60.41 91.91
C LYS D 787 56.40 -61.73 92.18
N THR D 788 57.20 -62.17 91.22
CA THR D 788 57.93 -63.42 91.36
C THR D 788 59.07 -63.24 92.34
N PRO D 789 59.37 -64.26 93.16
CA PRO D 789 60.49 -64.16 94.10
C PRO D 789 61.82 -64.16 93.37
N PRO D 790 62.90 -63.69 94.01
CA PRO D 790 64.19 -63.68 93.33
C PRO D 790 64.70 -65.08 93.00
N ILE D 791 64.46 -66.05 93.87
CA ILE D 791 64.85 -67.43 93.62
C ILE D 791 63.94 -68.02 92.57
N LYS D 792 64.52 -68.75 91.62
CA LYS D 792 63.77 -69.35 90.51
C LYS D 792 63.91 -70.87 90.51
N TYR D 793 63.80 -71.48 91.68
CA TYR D 793 63.85 -72.93 91.83
C TYR D 793 62.49 -73.38 92.38
N PHE D 794 61.61 -73.85 91.49
CA PHE D 794 60.27 -74.27 91.85
C PHE D 794 60.14 -75.79 91.85
N GLY D 795 61.19 -76.49 92.26
CA GLY D 795 61.20 -77.93 92.34
C GLY D 795 61.92 -78.62 91.19
N GLY D 796 62.24 -77.89 90.13
CA GLY D 796 62.92 -78.47 89.00
C GLY D 796 62.42 -77.93 87.67
N PHE D 797 61.31 -77.21 87.70
CA PHE D 797 60.75 -76.63 86.50
C PHE D 797 61.53 -75.37 86.10
N ASN D 798 61.42 -75.02 84.85
CA ASN D 798 62.13 -73.91 84.31
C ASN D 798 61.08 -73.03 83.77
N PHE D 799 60.85 -71.95 84.49
CA PHE D 799 59.93 -70.91 84.06
C PHE D 799 60.71 -69.71 83.50
N SER D 800 61.59 -70.03 82.54
CA SER D 800 62.42 -69.01 81.89
C SER D 800 61.85 -68.59 80.54
N GLN D 801 60.65 -69.05 80.20
CA GLN D 801 60.00 -68.70 78.96
C GLN D 801 58.68 -67.98 79.13
N ILE D 802 58.00 -68.16 80.25
CA ILE D 802 56.72 -67.51 80.51
C ILE D 802 56.88 -66.29 81.41
N LEU D 803 57.85 -66.32 82.31
CA LEU D 803 58.07 -65.19 83.20
C LEU D 803 58.75 -64.05 82.43
N PRO D 804 58.50 -62.81 82.83
CA PRO D 804 59.11 -61.67 82.13
C PRO D 804 60.62 -61.63 82.33
N ASP D 805 61.28 -60.94 81.40
CA ASP D 805 62.73 -60.82 81.42
C ASP D 805 63.12 -59.40 81.81
N PRO D 806 63.98 -59.21 82.81
CA PRO D 806 64.34 -57.83 83.20
C PRO D 806 65.23 -57.13 82.18
N SER D 807 66.03 -57.88 81.42
CA SER D 807 66.90 -57.24 80.43
C SER D 807 66.12 -56.73 79.23
N LYS D 808 64.92 -57.27 79.01
CA LYS D 808 64.10 -56.81 77.90
C LYS D 808 63.59 -55.40 78.18
N PRO D 809 63.74 -54.46 77.25
CA PRO D 809 63.21 -53.10 77.49
C PRO D 809 61.70 -53.08 77.69
N SER D 810 60.97 -53.92 76.95
CA SER D 810 59.52 -53.97 77.09
C SER D 810 59.06 -54.77 78.31
N LYS D 811 59.98 -55.45 79.00
CA LYS D 811 59.67 -56.22 80.20
C LYS D 811 58.61 -57.28 79.93
N ARG D 812 58.86 -58.10 78.91
CA ARG D 812 57.98 -59.20 78.54
C ARG D 812 58.76 -60.52 78.64
N SER D 813 58.10 -61.60 78.24
CA SER D 813 58.67 -62.94 78.26
C SER D 813 59.15 -63.33 76.88
N PRO D 814 60.06 -64.29 76.78
CA PRO D 814 60.55 -64.71 75.45
C PRO D 814 59.46 -65.22 74.54
N ILE D 815 58.42 -65.86 75.09
CA ILE D 815 57.33 -66.35 74.25
C ILE D 815 56.49 -65.17 73.76
N GLU D 816 56.22 -64.20 74.63
CA GLU D 816 55.45 -63.03 74.21
C GLU D 816 56.21 -62.15 73.23
N ASP D 817 57.54 -62.20 73.24
CA ASP D 817 58.32 -61.42 72.28
C ASP D 817 58.10 -61.94 70.86
N LEU D 818 57.90 -63.24 70.68
CA LEU D 818 57.62 -63.79 69.37
C LEU D 818 56.21 -63.46 68.90
N LEU D 819 55.30 -63.14 69.82
CA LEU D 819 53.93 -62.84 69.45
C LEU D 819 53.79 -61.43 68.89
N PHE D 820 54.43 -60.45 69.52
CA PHE D 820 54.37 -59.07 69.07
C PHE D 820 55.24 -58.81 67.84
N ASN D 821 56.04 -59.78 67.41
CA ASN D 821 56.86 -59.64 66.21
C ASN D 821 56.30 -60.40 65.02
N LYS D 822 55.30 -61.26 65.23
CA LYS D 822 54.68 -62.01 64.14
C LYS D 822 53.33 -61.46 63.72
N VAL D 823 52.55 -60.92 64.65
CA VAL D 823 51.23 -60.35 64.37
C VAL D 823 51.43 -58.86 64.16
N THR D 824 51.53 -58.45 62.89
CA THR D 824 51.72 -57.04 62.56
C THR D 824 50.54 -56.52 61.74
N ARG D 844 53.99 -42.39 54.35
CA ARG D 844 52.54 -42.37 54.14
C ARG D 844 51.96 -43.78 54.10
N ASP D 845 51.97 -44.44 55.26
CA ASP D 845 51.44 -45.79 55.34
C ASP D 845 49.91 -45.77 55.33
N LEU D 846 49.32 -46.96 55.37
CA LEU D 846 47.87 -47.08 55.34
C LEU D 846 47.22 -46.55 56.62
N ILE D 847 47.92 -46.62 57.75
CA ILE D 847 47.35 -46.12 59.00
C ILE D 847 47.20 -44.60 58.96
N CYS D 848 48.14 -43.91 58.34
CA CYS D 848 48.10 -42.46 58.24
C CYS D 848 47.29 -41.97 57.05
N ALA D 849 47.23 -42.74 55.97
CA ALA D 849 46.45 -42.32 54.80
C ALA D 849 44.95 -42.35 55.08
N GLN D 850 44.51 -43.27 55.95
CA GLN D 850 43.11 -43.36 56.31
C GLN D 850 42.69 -42.32 57.35
N LYS D 851 43.61 -41.87 58.20
CA LYS D 851 43.29 -40.84 59.18
C LYS D 851 42.92 -39.52 58.54
N PHE D 852 43.48 -39.20 57.38
CA PHE D 852 43.21 -37.95 56.68
C PHE D 852 41.84 -37.95 55.99
N LYS D 853 41.03 -38.99 56.21
CA LYS D 853 39.67 -39.03 55.67
C LYS D 853 38.61 -38.90 56.75
N GLY D 854 38.99 -38.90 58.02
CA GLY D 854 38.03 -38.82 59.10
C GLY D 854 37.96 -40.11 59.91
N LEU D 855 38.73 -41.10 59.50
CA LEU D 855 38.75 -42.42 60.14
C LEU D 855 39.97 -42.49 61.06
N THR D 856 39.81 -41.98 62.27
CA THR D 856 40.88 -42.02 63.26
C THR D 856 40.84 -43.31 64.07
N VAL D 857 41.93 -43.59 64.76
CA VAL D 857 42.07 -44.79 65.58
C VAL D 857 42.38 -44.33 67.00
N LEU D 858 41.43 -44.54 67.91
CA LEU D 858 41.64 -44.14 69.30
C LEU D 858 42.57 -45.13 69.99
N PRO D 859 43.50 -44.64 70.81
CA PRO D 859 44.43 -45.54 71.50
C PRO D 859 43.72 -46.29 72.63
N PRO D 860 44.07 -47.55 72.85
CA PRO D 860 43.44 -48.31 73.94
C PRO D 860 43.83 -47.75 75.30
N LEU D 861 43.01 -48.10 76.29
CA LEU D 861 43.27 -47.65 77.66
C LEU D 861 44.49 -48.38 78.24
N LEU D 862 44.44 -49.71 78.28
CA LEU D 862 45.56 -50.50 78.76
C LEU D 862 46.59 -50.67 77.65
N THR D 863 47.83 -50.27 77.92
CA THR D 863 48.90 -50.39 76.96
C THR D 863 49.51 -51.79 76.99
N ASP D 864 50.50 -52.02 76.13
CA ASP D 864 51.17 -53.32 76.12
C ASP D 864 51.98 -53.55 77.38
N GLU D 865 52.39 -52.47 78.06
CA GLU D 865 53.12 -52.62 79.31
C GLU D 865 52.21 -52.95 80.46
N MET D 866 51.03 -52.32 80.52
CA MET D 866 50.10 -52.58 81.62
C MET D 866 49.47 -53.97 81.51
N ILE D 867 49.24 -54.45 80.29
CA ILE D 867 48.73 -55.81 80.12
C ILE D 867 49.81 -56.83 80.48
N ALA D 868 51.07 -56.51 80.18
CA ALA D 868 52.16 -57.40 80.58
C ALA D 868 52.29 -57.49 82.09
N GLN D 869 51.96 -56.42 82.81
CA GLN D 869 51.99 -56.45 84.26
C GLN D 869 50.79 -57.20 84.83
N TYR D 870 49.63 -57.08 84.17
CA TYR D 870 48.45 -57.84 84.59
C TYR D 870 48.66 -59.33 84.39
N THR D 871 49.31 -59.73 83.29
CA THR D 871 49.66 -61.12 83.09
C THR D 871 50.75 -61.60 84.03
N SER D 872 51.75 -60.77 84.30
CA SER D 872 52.81 -61.12 85.25
C SER D 872 52.28 -61.40 86.64
N ALA D 873 51.24 -60.69 87.07
CA ALA D 873 50.60 -61.02 88.34
C ALA D 873 49.92 -62.39 88.28
N LEU D 874 49.40 -62.76 87.11
CA LEU D 874 48.87 -64.10 86.92
C LEU D 874 49.97 -65.10 86.56
N LEU D 875 51.06 -64.61 85.95
CA LEU D 875 52.19 -65.49 85.68
C LEU D 875 52.82 -66.00 86.97
N ALA D 876 53.05 -65.10 87.93
CA ALA D 876 53.45 -65.53 89.27
C ALA D 876 52.33 -66.39 89.85
N GLY D 877 51.18 -65.77 90.09
CA GLY D 877 49.90 -66.45 90.18
C GLY D 877 49.88 -67.82 90.82
N THR D 878 49.49 -68.82 90.02
CA THR D 878 49.38 -70.19 90.49
C THR D 878 50.72 -70.76 90.93
N ILE D 879 51.83 -70.26 90.37
CA ILE D 879 53.15 -70.83 90.66
C ILE D 879 53.51 -70.61 92.12
N THR D 880 53.18 -69.44 92.68
CA THR D 880 53.52 -69.12 94.04
C THR D 880 52.34 -69.16 95.00
N SER D 881 51.12 -69.29 94.50
CA SER D 881 49.95 -69.30 95.35
C SER D 881 49.05 -70.52 95.15
N GLY D 882 48.92 -70.99 93.93
CA GLY D 882 48.12 -72.19 93.65
C GLY D 882 46.67 -71.85 93.35
N TRP D 883 45.77 -72.27 94.24
CA TRP D 883 44.34 -72.10 94.03
C TRP D 883 43.77 -70.84 94.67
N THR D 884 44.47 -70.25 95.64
CA THR D 884 43.92 -69.21 96.49
C THR D 884 44.38 -67.81 96.11
N PHE D 885 44.57 -67.54 94.82
CA PHE D 885 44.86 -66.20 94.35
C PHE D 885 43.75 -65.63 93.49
N GLY D 886 42.68 -66.39 93.27
CA GLY D 886 41.52 -65.90 92.55
C GLY D 886 40.26 -66.06 93.39
N ALA D 887 40.41 -66.66 94.56
CA ALA D 887 39.31 -66.87 95.49
C ALA D 887 39.36 -65.93 96.69
N GLY D 888 40.49 -65.90 97.40
CA GLY D 888 40.65 -65.03 98.54
C GLY D 888 42.08 -64.56 98.71
N PRO D 889 42.57 -64.56 99.95
CA PRO D 889 43.95 -64.14 100.19
C PRO D 889 44.94 -65.17 99.67
N ALA D 890 46.06 -64.69 99.14
CA ALA D 890 47.06 -65.57 98.55
C ALA D 890 47.73 -66.40 99.63
N LEU D 891 47.74 -67.71 99.45
CA LEU D 891 48.37 -68.64 100.37
C LEU D 891 49.59 -69.26 99.72
N GLN D 892 50.73 -69.21 100.40
CA GLN D 892 51.96 -69.76 99.87
C GLN D 892 51.93 -71.28 99.92
N ILE D 893 52.55 -71.90 98.93
CA ILE D 893 52.58 -73.37 98.83
C ILE D 893 53.74 -73.77 97.93
N PRO D 894 54.55 -74.76 98.31
CA PRO D 894 55.64 -75.21 97.44
C PRO D 894 55.11 -75.77 96.13
N PHE D 895 55.79 -75.43 95.04
CA PHE D 895 55.35 -75.89 93.72
C PHE D 895 55.45 -77.39 93.55
N PRO D 896 56.52 -78.08 93.98
CA PRO D 896 56.50 -79.55 93.86
C PRO D 896 55.39 -80.20 94.66
N MET D 897 54.96 -79.58 95.77
CA MET D 897 53.80 -80.07 96.50
C MET D 897 52.50 -79.49 96.00
N GLN D 898 52.56 -78.42 95.19
CA GLN D 898 51.35 -77.85 94.60
C GLN D 898 50.79 -78.75 93.51
N MET D 899 51.66 -79.31 92.67
CA MET D 899 51.21 -80.23 91.62
C MET D 899 50.62 -81.51 92.20
N ALA D 900 50.89 -81.82 93.47
CA ALA D 900 50.31 -83.00 94.09
C ALA D 900 48.80 -82.86 94.22
N TYR D 901 48.29 -81.64 94.40
CA TYR D 901 46.85 -81.44 94.46
C TYR D 901 46.23 -81.44 93.07
N ARG D 902 46.94 -80.92 92.07
CA ARG D 902 46.44 -80.92 90.70
C ARG D 902 46.56 -82.28 90.04
N PHE D 903 47.52 -83.10 90.46
CA PHE D 903 47.55 -84.50 90.02
C PHE D 903 46.52 -85.35 90.73
N ASN D 904 46.05 -84.92 91.91
CA ASN D 904 45.02 -85.62 92.65
C ASN D 904 43.61 -85.26 92.19
N GLY D 905 43.48 -84.27 91.32
CA GLY D 905 42.18 -83.87 90.82
C GLY D 905 41.78 -84.58 89.55
N ILE D 906 42.67 -85.44 89.04
CA ILE D 906 42.41 -86.21 87.84
C ILE D 906 42.34 -87.71 88.14
N GLY D 907 42.17 -88.06 89.42
CA GLY D 907 42.07 -89.43 89.84
C GLY D 907 43.39 -90.08 90.20
N VAL D 908 44.51 -89.58 89.67
CA VAL D 908 45.82 -90.15 89.96
C VAL D 908 46.22 -89.78 91.37
N THR D 909 46.87 -90.72 92.06
CA THR D 909 47.34 -90.46 93.42
C THR D 909 48.52 -89.50 93.41
N GLN D 910 48.79 -88.91 94.56
CA GLN D 910 49.87 -87.93 94.70
C GLN D 910 51.23 -88.57 94.89
N ASN D 911 51.29 -89.89 95.06
CA ASN D 911 52.58 -90.56 95.25
C ASN D 911 53.36 -90.66 93.94
N VAL D 912 52.68 -90.72 92.80
CA VAL D 912 53.37 -90.87 91.53
C VAL D 912 54.13 -89.60 91.14
N LEU D 913 53.77 -88.46 91.74
CA LEU D 913 54.46 -87.22 91.42
C LEU D 913 55.84 -87.18 92.07
N TYR D 914 55.90 -87.40 93.39
CA TYR D 914 57.19 -87.34 94.09
C TYR D 914 58.11 -88.47 93.66
N GLU D 915 57.56 -89.61 93.25
CA GLU D 915 58.37 -90.71 92.77
C GLU D 915 58.89 -90.48 91.36
N ASN D 916 58.30 -89.54 90.63
CA ASN D 916 58.71 -89.21 89.26
C ASN D 916 58.83 -87.70 89.10
N GLN D 917 59.32 -87.02 90.15
CA GLN D 917 59.45 -85.57 90.08
C GLN D 917 60.49 -85.15 89.03
N LYS D 918 61.56 -85.93 88.90
CA LYS D 918 62.57 -85.63 87.89
C LYS D 918 62.05 -85.87 86.48
N LEU D 919 61.04 -86.73 86.33
CA LEU D 919 60.46 -86.97 85.01
C LEU D 919 59.43 -85.90 84.64
N ILE D 920 58.69 -85.39 85.63
CA ILE D 920 57.72 -84.33 85.35
C ILE D 920 58.42 -83.07 84.88
N ALA D 921 59.55 -82.74 85.51
CA ALA D 921 60.28 -81.53 85.13
C ALA D 921 60.89 -81.66 83.74
N ASN D 922 61.43 -82.84 83.41
CA ASN D 922 62.03 -83.03 82.10
C ASN D 922 60.99 -83.01 80.99
N GLN D 923 59.79 -83.55 81.24
CA GLN D 923 58.74 -83.52 80.24
C GLN D 923 58.07 -82.16 80.13
N PHE D 924 58.18 -81.32 81.16
CA PHE D 924 57.58 -79.98 81.12
C PHE D 924 58.55 -78.95 80.55
N ASN D 925 59.83 -79.03 80.90
CA ASN D 925 60.80 -78.10 80.36
C ASN D 925 61.00 -78.28 78.87
N SER D 926 60.82 -79.51 78.37
CA SER D 926 60.91 -79.76 76.93
C SER D 926 59.62 -79.42 76.20
N ALA D 927 58.48 -79.41 76.90
CA ALA D 927 57.22 -79.06 76.24
C ALA D 927 57.11 -77.55 76.06
N ILE D 928 57.55 -76.77 77.05
CA ILE D 928 57.50 -75.32 76.93
C ILE D 928 58.48 -74.84 75.87
N GLY D 929 59.62 -75.53 75.74
CA GLY D 929 60.60 -75.12 74.74
C GLY D 929 60.08 -75.29 73.32
N LYS D 930 59.27 -76.32 73.08
CA LYS D 930 58.72 -76.55 71.75
C LYS D 930 57.59 -75.58 71.42
N ILE D 931 57.07 -74.84 72.41
CA ILE D 931 56.01 -73.89 72.13
C ILE D 931 56.53 -72.73 71.29
N GLN D 932 57.71 -72.21 71.63
CA GLN D 932 58.28 -71.11 70.85
C GLN D 932 58.62 -71.54 69.44
N ASP D 933 59.03 -72.80 69.25
CA ASP D 933 59.35 -73.28 67.91
C ASP D 933 58.09 -73.61 67.12
N SER D 934 57.04 -74.05 67.80
CA SER D 934 55.80 -74.40 67.09
C SER D 934 55.13 -73.17 66.50
N LEU D 935 55.16 -72.05 67.22
CA LEU D 935 54.53 -70.83 66.72
C LEU D 935 55.30 -70.23 65.54
N SER D 936 56.61 -70.45 65.49
CA SER D 936 57.43 -69.91 64.41
C SER D 936 57.48 -70.83 63.20
N SER D 937 57.57 -72.14 63.41
CA SER D 937 57.66 -73.07 62.29
C SER D 937 56.33 -73.14 61.54
N THR D 938 55.22 -73.02 62.24
CA THR D 938 53.92 -73.06 61.59
C THR D 938 53.71 -71.81 60.75
N PRO D 939 53.38 -71.96 59.46
CA PRO D 939 53.17 -70.75 58.64
C PRO D 939 51.96 -69.94 59.05
N SER D 940 50.89 -70.60 59.51
CA SER D 940 49.67 -69.94 59.96
C SER D 940 49.34 -70.44 61.36
N ALA D 941 49.92 -69.79 62.37
CA ALA D 941 49.68 -70.13 63.76
C ALA D 941 48.77 -69.13 64.46
N LEU D 942 49.11 -67.85 64.41
CA LEU D 942 48.26 -66.80 64.99
C LEU D 942 47.27 -66.31 63.95
N GLY D 943 46.44 -67.24 63.50
CA GLY D 943 45.47 -66.96 62.47
C GLY D 943 44.21 -66.30 62.99
N LYS D 944 43.93 -66.48 64.28
CA LYS D 944 42.75 -65.86 64.87
C LYS D 944 42.99 -64.40 65.24
N LEU D 945 44.25 -64.02 65.48
CA LEU D 945 44.57 -62.62 65.74
C LEU D 945 44.68 -61.81 64.45
N GLN D 946 45.04 -62.45 63.34
CA GLN D 946 45.07 -61.76 62.06
C GLN D 946 43.71 -61.68 61.39
N ASP D 947 42.77 -62.56 61.76
CA ASP D 947 41.43 -62.51 61.18
C ASP D 947 40.69 -61.27 61.63
N VAL D 948 40.87 -60.86 62.89
CA VAL D 948 40.20 -59.66 63.39
C VAL D 948 40.87 -58.39 62.88
N VAL D 949 42.13 -58.47 62.44
CA VAL D 949 42.80 -57.30 61.89
C VAL D 949 42.53 -57.16 60.40
N ASN D 950 42.51 -58.28 59.68
CA ASN D 950 42.23 -58.23 58.26
C ASN D 950 40.77 -57.85 57.98
N HIS D 951 39.86 -58.19 58.89
CA HIS D 951 38.47 -57.78 58.73
C HIS D 951 38.28 -56.30 59.04
N ASN D 952 39.04 -55.76 59.99
CA ASN D 952 38.98 -54.34 60.28
C ASN D 952 39.69 -53.51 59.22
N ALA D 953 40.77 -54.05 58.65
CA ALA D 953 41.45 -53.34 57.57
C ALA D 953 40.61 -53.37 56.29
N GLN D 954 39.92 -54.48 56.04
CA GLN D 954 39.05 -54.55 54.87
C GLN D 954 37.86 -53.60 54.99
N ALA D 955 37.29 -53.48 56.19
CA ALA D 955 36.15 -52.58 56.38
C ALA D 955 36.58 -51.13 56.20
N LEU D 956 37.78 -50.78 56.65
CA LEU D 956 38.27 -49.42 56.46
C LEU D 956 38.66 -49.16 55.01
N ASN D 957 39.29 -50.14 54.36
CA ASN D 957 39.62 -50.00 52.95
C ASN D 957 38.35 -49.88 52.10
N THR D 958 37.30 -50.62 52.48
CA THR D 958 36.03 -50.51 51.76
C THR D 958 35.38 -49.15 51.99
N LEU D 959 35.42 -48.66 53.22
CA LEU D 959 34.81 -47.36 53.52
C LEU D 959 35.57 -46.22 52.85
N VAL D 960 36.90 -46.32 52.74
CA VAL D 960 37.67 -45.29 52.07
C VAL D 960 37.45 -45.36 50.56
N LYS D 961 37.45 -46.55 50.00
CA LYS D 961 37.30 -46.71 48.55
C LYS D 961 35.83 -46.67 48.15
N GLN D 962 35.12 -45.64 48.60
CA GLN D 962 33.76 -45.37 48.15
C GLN D 962 33.48 -43.89 47.95
N LEU D 963 34.46 -43.02 48.15
CA LEU D 963 34.27 -41.59 47.90
C LEU D 963 34.30 -41.25 46.42
N SER D 964 34.84 -42.14 45.58
CA SER D 964 34.87 -41.96 44.13
C SER D 964 34.03 -43.08 43.52
N SER D 965 32.72 -42.85 43.41
CA SER D 965 31.80 -43.85 42.91
C SER D 965 30.58 -43.15 42.35
N LYS D 966 30.05 -43.67 41.23
CA LYS D 966 28.92 -43.06 40.55
C LYS D 966 27.65 -43.30 41.36
N PHE D 967 27.30 -42.36 42.23
CA PHE D 967 26.07 -42.42 43.00
C PHE D 967 25.21 -41.20 42.74
N GLY D 968 25.01 -40.87 41.46
CA GLY D 968 24.30 -39.65 41.10
C GLY D 968 24.96 -38.89 39.97
N ALA D 969 25.41 -37.66 40.25
CA ALA D 969 26.01 -36.79 39.24
C ALA D 969 27.19 -37.46 38.54
N ILE D 970 27.56 -36.93 37.37
CA ILE D 970 28.60 -37.56 36.56
C ILE D 970 29.95 -37.48 37.23
N SER D 971 30.12 -36.57 38.18
CA SER D 971 31.38 -36.37 38.87
C SER D 971 31.31 -36.94 40.28
N SER D 972 32.44 -37.48 40.74
CA SER D 972 32.55 -38.04 42.08
C SER D 972 33.41 -37.18 42.99
N VAL D 973 33.78 -35.98 42.53
CA VAL D 973 34.58 -35.04 43.32
C VAL D 973 33.69 -33.83 43.64
N LEU D 974 33.65 -33.47 44.91
CA LEU D 974 32.80 -32.36 45.34
C LEU D 974 33.27 -31.02 44.80
N ASN D 975 34.55 -30.89 44.44
CA ASN D 975 35.04 -29.65 43.85
C ASN D 975 34.44 -29.42 42.47
N ASP D 976 34.17 -30.50 41.73
CA ASP D 976 33.59 -30.40 40.41
C ASP D 976 32.07 -30.28 40.44
N ILE D 977 31.46 -30.33 41.62
CA ILE D 977 30.00 -30.18 41.71
C ILE D 977 29.60 -28.71 41.64
N PHE D 978 30.28 -27.87 42.40
CA PHE D 978 30.02 -26.43 42.39
C PHE D 978 30.54 -25.74 41.14
N SER D 979 31.38 -26.41 40.36
CA SER D 979 31.90 -25.88 39.11
C SER D 979 31.29 -26.62 37.93
N ARG D 980 31.35 -25.99 36.76
CA ARG D 980 30.79 -26.51 35.52
C ARG D 980 29.28 -26.72 35.60
N LEU D 981 28.64 -26.19 36.64
CA LEU D 981 27.21 -26.34 36.83
C LEU D 981 26.64 -25.02 37.34
N ASP D 982 25.39 -25.04 37.78
CA ASP D 982 24.72 -23.87 38.30
C ASP D 982 24.24 -24.11 39.73
N PRO D 983 24.24 -23.08 40.57
CA PRO D 983 23.83 -23.25 41.97
C PRO D 983 22.43 -23.83 42.11
N PRO D 984 21.42 -23.33 41.39
CA PRO D 984 20.06 -23.88 41.58
C PRO D 984 19.91 -25.33 41.12
N GLU D 985 20.87 -25.88 40.36
CA GLU D 985 20.80 -27.25 39.91
C GLU D 985 21.86 -28.15 40.54
N ALA D 986 23.04 -27.62 40.84
CA ALA D 986 24.08 -28.44 41.48
C ALA D 986 23.64 -28.86 42.88
N GLU D 987 22.94 -27.98 43.60
CA GLU D 987 22.43 -28.34 44.91
C GLU D 987 21.35 -29.41 44.84
N VAL D 988 20.70 -29.58 43.68
CA VAL D 988 19.72 -30.64 43.52
C VAL D 988 20.41 -31.99 43.37
N GLN D 989 21.38 -32.07 42.47
CA GLN D 989 22.14 -33.31 42.25
C GLN D 989 23.40 -33.34 43.11
N ILE D 990 23.23 -33.10 44.40
CA ILE D 990 24.32 -33.26 45.36
C ILE D 990 23.92 -34.08 46.57
N ASP D 991 22.64 -34.23 46.87
CA ASP D 991 22.21 -35.12 47.96
C ASP D 991 22.34 -36.59 47.60
N ARG D 992 22.42 -36.91 46.30
CA ARG D 992 22.65 -38.30 45.90
C ARG D 992 24.05 -38.76 46.27
N LEU D 993 25.01 -37.84 46.35
CA LEU D 993 26.34 -38.15 46.84
C LEU D 993 26.48 -37.97 48.34
N ILE D 994 25.55 -37.28 48.98
CA ILE D 994 25.53 -37.18 50.43
C ILE D 994 24.80 -38.35 51.07
N THR D 995 23.63 -38.71 50.52
CA THR D 995 22.92 -39.89 51.00
C THR D 995 23.67 -41.16 50.64
N GLY D 996 24.29 -41.20 49.46
CA GLY D 996 25.07 -42.37 49.07
C GLY D 996 26.26 -42.62 49.96
N ARG D 997 26.86 -41.55 50.50
CA ARG D 997 27.96 -41.69 51.44
C ARG D 997 27.48 -41.81 52.88
N LEU D 998 26.25 -41.38 53.18
CA LEU D 998 25.71 -41.53 54.51
C LEU D 998 25.24 -42.95 54.78
N GLN D 999 24.76 -43.64 53.74
CA GLN D 999 24.37 -45.05 53.89
C GLN D 999 25.58 -45.96 53.89
N SER D 1000 26.66 -45.58 53.20
CA SER D 1000 27.88 -46.36 53.26
C SER D 1000 28.53 -46.29 54.64
N LEU D 1001 28.48 -45.12 55.27
CA LEU D 1001 28.97 -45.00 56.64
C LEU D 1001 28.01 -45.66 57.63
N GLN D 1002 26.72 -45.70 57.31
CA GLN D 1002 25.75 -46.37 58.17
C GLN D 1002 25.92 -47.87 58.14
N THR D 1003 26.31 -48.42 56.99
CA THR D 1003 26.57 -49.86 56.90
C THR D 1003 27.81 -50.24 57.71
N TYR D 1004 28.83 -49.38 57.69
CA TYR D 1004 30.04 -49.65 58.48
C TYR D 1004 29.72 -49.73 59.97
N VAL D 1005 28.87 -48.84 60.46
CA VAL D 1005 28.48 -48.89 61.87
C VAL D 1005 27.67 -50.15 62.17
N THR D 1006 26.80 -50.54 61.22
CA THR D 1006 26.01 -51.75 61.42
C THR D 1006 26.89 -53.00 61.41
N GLN D 1007 27.86 -53.05 60.50
CA GLN D 1007 28.76 -54.20 60.43
C GLN D 1007 29.76 -54.24 61.58
N GLN D 1008 30.02 -53.11 62.24
CA GLN D 1008 30.88 -53.10 63.42
C GLN D 1008 30.16 -53.60 64.67
N LEU D 1009 28.84 -53.44 64.73
CA LEU D 1009 28.09 -53.99 65.85
C LEU D 1009 27.99 -55.50 65.79
N ILE D 1010 27.89 -56.07 64.58
CA ILE D 1010 27.91 -57.51 64.44
C ILE D 1010 29.31 -58.06 64.70
N ARG D 1011 30.34 -57.33 64.27
CA ARG D 1011 31.71 -57.77 64.49
C ARG D 1011 32.10 -57.65 65.96
N ALA D 1012 31.61 -56.63 66.66
CA ALA D 1012 31.88 -56.50 68.09
C ALA D 1012 31.13 -57.56 68.90
N ALA D 1013 30.04 -58.10 68.37
CA ALA D 1013 29.33 -59.17 69.06
C ALA D 1013 30.12 -60.48 69.05
N GLU D 1014 30.93 -60.70 68.02
CA GLU D 1014 31.79 -61.88 67.99
C GLU D 1014 33.02 -61.70 68.86
N ILE D 1015 33.55 -60.48 68.98
CA ILE D 1015 34.66 -60.23 69.88
C ILE D 1015 34.21 -60.32 71.33
N ARG D 1016 33.00 -59.85 71.62
CA ARG D 1016 32.48 -59.94 72.98
C ARG D 1016 32.26 -61.40 73.38
N ALA D 1017 31.79 -62.23 72.44
CA ALA D 1017 31.64 -63.65 72.73
C ALA D 1017 32.99 -64.33 72.96
N SER D 1018 34.03 -63.85 72.28
CA SER D 1018 35.36 -64.40 72.49
C SER D 1018 36.02 -63.78 73.72
N ALA D 1019 35.66 -62.55 74.08
CA ALA D 1019 36.20 -61.94 75.29
C ALA D 1019 35.63 -62.60 76.53
N ASN D 1020 34.33 -62.91 76.53
CA ASN D 1020 33.74 -63.65 77.64
C ASN D 1020 34.25 -65.08 77.69
N LEU D 1021 34.62 -65.64 76.52
CA LEU D 1021 35.21 -66.97 76.51
C LEU D 1021 36.63 -66.94 77.05
N ALA D 1022 37.39 -65.90 76.72
CA ALA D 1022 38.74 -65.77 77.25
C ALA D 1022 38.73 -65.41 78.73
N ALA D 1023 37.72 -64.66 79.18
CA ALA D 1023 37.60 -64.36 80.61
C ALA D 1023 37.22 -65.60 81.40
N THR D 1024 36.57 -66.57 80.77
CA THR D 1024 36.20 -67.79 81.47
C THR D 1024 37.36 -68.77 81.51
N LYS D 1025 38.15 -68.83 80.43
CA LYS D 1025 39.30 -69.72 80.40
C LYS D 1025 40.44 -69.23 81.28
N MET D 1026 40.50 -67.93 81.60
CA MET D 1026 41.48 -67.39 82.51
C MET D 1026 41.06 -67.52 83.96
N SER D 1027 39.80 -67.86 84.21
CA SER D 1027 39.29 -68.04 85.56
C SER D 1027 39.01 -69.49 85.91
N GLU D 1028 38.91 -70.39 84.93
CA GLU D 1028 38.71 -71.80 85.19
C GLU D 1028 39.93 -72.67 84.89
N CYS D 1029 40.93 -72.13 84.18
CA CYS D 1029 42.17 -72.85 83.93
C CYS D 1029 43.36 -72.27 84.67
N VAL D 1030 43.38 -70.97 84.92
CA VAL D 1030 44.46 -70.33 85.65
C VAL D 1030 44.17 -70.22 87.14
N LEU D 1031 42.96 -69.77 87.49
CA LEU D 1031 42.55 -69.66 88.88
C LEU D 1031 42.22 -71.01 89.50
N GLY D 1032 42.18 -72.07 88.72
CA GLY D 1032 41.85 -73.38 89.24
C GLY D 1032 41.97 -74.43 88.16
N GLN D 1033 41.61 -75.65 88.54
CA GLN D 1033 41.65 -76.80 87.65
C GLN D 1033 40.24 -77.24 87.30
N SER D 1034 39.98 -77.45 86.02
CA SER D 1034 38.68 -77.88 85.54
C SER D 1034 38.64 -79.39 85.38
N LYS D 1035 37.46 -79.96 85.57
CA LYS D 1035 37.26 -81.40 85.46
C LYS D 1035 36.60 -81.81 84.16
N ARG D 1036 36.06 -80.86 83.40
CA ARG D 1036 35.51 -81.11 82.07
C ARG D 1036 36.49 -80.52 81.07
N VAL D 1037 37.24 -81.39 80.40
CA VAL D 1037 38.41 -80.96 79.62
C VAL D 1037 37.90 -80.61 78.23
N ASP D 1038 37.37 -79.39 78.12
CA ASP D 1038 37.17 -78.74 76.83
C ASP D 1038 37.47 -77.25 76.88
N PHE D 1039 37.87 -76.73 78.03
CA PHE D 1039 38.18 -75.31 78.20
C PHE D 1039 39.67 -75.09 78.41
N CYS D 1040 40.42 -76.11 78.84
CA CYS D 1040 41.84 -75.98 79.14
C CYS D 1040 42.68 -76.98 78.36
N GLY D 1041 42.42 -77.14 77.07
CA GLY D 1041 43.25 -78.00 76.24
C GLY D 1041 42.61 -79.32 75.87
N LYS D 1042 43.44 -80.35 75.69
CA LYS D 1042 42.97 -81.68 75.32
C LYS D 1042 43.70 -82.70 76.16
N GLY D 1043 42.97 -83.47 76.96
CA GLY D 1043 43.57 -84.46 77.83
C GLY D 1043 43.01 -84.40 79.24
N TYR D 1044 43.89 -84.18 80.21
CA TYR D 1044 43.51 -83.99 81.60
C TYR D 1044 44.15 -82.70 82.09
N HIS D 1045 43.33 -81.69 82.38
CA HIS D 1045 43.84 -80.37 82.70
C HIS D 1045 44.60 -80.39 84.03
N LEU D 1046 45.78 -79.79 84.03
CA LEU D 1046 46.57 -79.60 85.24
C LEU D 1046 46.71 -78.13 85.60
N MET D 1047 47.23 -77.31 84.70
CA MET D 1047 47.40 -75.89 84.94
C MET D 1047 47.53 -75.17 83.61
N SER D 1048 47.42 -73.86 83.65
CA SER D 1048 47.54 -73.01 82.47
C SER D 1048 48.30 -71.75 82.81
N PHE D 1049 48.78 -71.07 81.78
CA PHE D 1049 49.57 -69.85 81.97
C PHE D 1049 49.16 -68.79 80.95
N PRO D 1050 48.57 -67.69 81.39
CA PRO D 1050 48.17 -66.65 80.45
C PRO D 1050 49.33 -65.81 79.98
N GLN D 1051 49.21 -65.31 78.75
CA GLN D 1051 50.23 -64.46 78.14
C GLN D 1051 49.56 -63.39 77.31
N SER D 1052 50.22 -62.24 77.22
CA SER D 1052 49.69 -61.14 76.43
C SER D 1052 49.80 -61.45 74.94
N ALA D 1053 49.14 -60.63 74.13
CA ALA D 1053 49.08 -60.83 72.69
C ALA D 1053 48.65 -59.52 72.04
N PRO D 1054 48.87 -59.37 70.73
CA PRO D 1054 48.40 -58.16 70.04
C PRO D 1054 46.88 -58.17 69.86
N HIS D 1055 46.17 -57.68 70.88
CA HIS D 1055 44.71 -57.65 70.90
C HIS D 1055 44.12 -59.06 70.99
N GLY D 1056 44.70 -59.88 71.83
CA GLY D 1056 44.22 -61.24 72.05
C GLY D 1056 44.78 -61.82 73.32
N VAL D 1057 44.83 -63.15 73.37
CA VAL D 1057 45.37 -63.86 74.53
C VAL D 1057 45.90 -65.21 74.05
N VAL D 1058 46.95 -65.68 74.70
CA VAL D 1058 47.60 -66.94 74.35
C VAL D 1058 47.72 -67.77 75.62
N PHE D 1059 46.92 -68.82 75.72
CA PHE D 1059 46.99 -69.73 76.86
C PHE D 1059 47.93 -70.88 76.57
N LEU D 1060 48.61 -71.35 77.62
CA LEU D 1060 49.52 -72.49 77.54
C LEU D 1060 48.98 -73.56 78.48
N HIS D 1061 48.09 -74.40 77.97
CA HIS D 1061 47.44 -75.42 78.78
C HIS D 1061 48.36 -76.61 78.99
N VAL D 1062 48.51 -77.03 80.24
CA VAL D 1062 49.32 -78.19 80.59
C VAL D 1062 48.36 -79.36 80.81
N THR D 1063 48.47 -80.37 79.96
CA THR D 1063 47.56 -81.50 79.97
C THR D 1063 48.27 -82.78 80.39
N TYR D 1064 47.52 -83.69 80.99
CA TYR D 1064 48.02 -84.99 81.42
C TYR D 1064 47.52 -86.03 80.41
N VAL D 1065 48.41 -86.49 79.55
CA VAL D 1065 48.09 -87.42 78.48
C VAL D 1065 48.74 -88.77 78.81
N PRO D 1066 47.97 -89.79 79.17
CA PRO D 1066 48.57 -91.10 79.43
C PRO D 1066 49.12 -91.72 78.15
N ALA D 1067 50.01 -92.70 78.32
CA ALA D 1067 50.64 -93.39 77.21
C ALA D 1067 51.10 -94.75 77.67
N GLN D 1068 51.57 -95.57 76.72
CA GLN D 1068 52.10 -96.90 76.97
C GLN D 1068 51.10 -97.76 77.73
N GLU D 1069 49.95 -97.98 77.11
CA GLU D 1069 48.90 -98.81 77.69
C GLU D 1069 49.30 -100.29 77.60
N LYS D 1070 48.62 -101.11 78.40
CA LYS D 1070 48.88 -102.54 78.43
C LYS D 1070 47.62 -103.26 78.86
N ASN D 1071 47.23 -104.27 78.09
CA ASN D 1071 45.99 -104.99 78.36
C ASN D 1071 46.12 -105.81 79.64
N PHE D 1072 44.98 -106.04 80.29
CA PHE D 1072 44.92 -106.80 81.52
C PHE D 1072 43.57 -107.51 81.61
N THR D 1073 43.41 -108.32 82.65
CA THR D 1073 42.16 -109.02 82.92
C THR D 1073 41.51 -108.41 84.15
N THR D 1074 40.28 -107.92 84.00
CA THR D 1074 39.57 -107.25 85.07
C THR D 1074 38.40 -108.08 85.56
N ALA D 1075 37.85 -107.67 86.70
CA ALA D 1075 36.72 -108.36 87.31
C ALA D 1075 35.93 -107.37 88.16
N PRO D 1076 34.60 -107.46 88.16
CA PRO D 1076 33.81 -106.51 88.98
C PRO D 1076 34.10 -106.62 90.47
N ALA D 1077 34.16 -107.83 91.02
CA ALA D 1077 34.41 -108.02 92.43
C ALA D 1077 35.07 -109.38 92.63
N ILE D 1078 35.38 -109.68 93.89
CA ILE D 1078 36.01 -110.95 94.28
C ILE D 1078 35.26 -111.53 95.46
N CYS D 1079 35.24 -112.86 95.55
CA CYS D 1079 34.51 -113.57 96.59
C CYS D 1079 35.52 -114.35 97.45
N HIS D 1080 35.62 -114.00 98.72
CA HIS D 1080 36.54 -114.64 99.64
C HIS D 1080 35.82 -115.43 100.72
N ASP D 1081 34.93 -114.80 101.48
CA ASP D 1081 34.19 -115.47 102.55
C ASP D 1081 32.71 -115.52 102.24
N GLY D 1082 32.36 -115.76 100.98
CA GLY D 1082 30.98 -115.79 100.55
C GLY D 1082 30.36 -114.43 100.32
N LYS D 1083 31.06 -113.35 100.62
CA LYS D 1083 30.56 -112.00 100.40
C LYS D 1083 31.44 -111.29 99.39
N ALA D 1084 30.82 -110.44 98.57
CA ALA D 1084 31.55 -109.75 97.52
C ALA D 1084 32.41 -108.64 98.11
N HIS D 1085 33.49 -108.32 97.40
CA HIS D 1085 34.41 -107.27 97.79
C HIS D 1085 34.58 -106.32 96.62
N PHE D 1086 34.05 -105.10 96.76
CA PHE D 1086 34.15 -104.12 95.70
C PHE D 1086 35.29 -103.14 95.97
N PRO D 1087 36.00 -102.69 94.94
CA PRO D 1087 37.08 -101.73 95.15
C PRO D 1087 36.56 -100.40 95.66
N ARG D 1088 37.25 -99.85 96.65
CA ARG D 1088 36.87 -98.55 97.20
C ARG D 1088 37.21 -97.43 96.22
N GLU D 1089 38.47 -97.32 95.83
CA GLU D 1089 38.92 -96.34 94.84
C GLU D 1089 39.97 -97.02 93.97
N GLY D 1090 39.54 -97.60 92.86
CA GLY D 1090 40.42 -98.28 91.96
C GLY D 1090 39.68 -99.36 91.18
N VAL D 1091 40.45 -100.24 90.56
CA VAL D 1091 39.91 -101.31 89.74
C VAL D 1091 40.75 -102.58 89.96
N PHE D 1092 40.08 -103.72 89.89
CA PHE D 1092 40.75 -105.00 90.03
C PHE D 1092 41.43 -105.38 88.72
N VAL D 1093 42.73 -105.70 88.81
CA VAL D 1093 43.50 -106.13 87.66
C VAL D 1093 44.06 -107.52 87.94
N SER D 1094 44.59 -108.14 86.89
CA SER D 1094 45.16 -109.48 87.02
C SER D 1094 46.22 -109.68 85.95
N ASN D 1095 47.29 -110.38 86.31
CA ASN D 1095 48.37 -110.70 85.39
C ASN D 1095 48.41 -112.19 85.07
N GLY D 1096 47.26 -112.86 85.18
CA GLY D 1096 47.19 -114.29 84.89
C GLY D 1096 47.36 -115.15 86.12
N THR D 1097 48.29 -114.78 87.00
CA THR D 1097 48.58 -115.57 88.20
C THR D 1097 47.92 -114.97 89.44
N HIS D 1098 48.20 -113.71 89.74
CA HIS D 1098 47.69 -113.06 90.94
C HIS D 1098 46.69 -111.97 90.55
N TRP D 1099 46.07 -111.40 91.58
CA TRP D 1099 45.11 -110.31 91.42
C TRP D 1099 45.55 -109.11 92.24
N PHE D 1100 45.48 -107.93 91.64
CA PHE D 1100 45.88 -106.69 92.28
C PHE D 1100 44.81 -105.63 92.06
N VAL D 1101 45.01 -104.47 92.69
CA VAL D 1101 44.10 -103.34 92.57
C VAL D 1101 44.94 -102.10 92.25
N THR D 1102 44.69 -101.52 91.09
CA THR D 1102 45.39 -100.32 90.64
C THR D 1102 44.41 -99.15 90.56
N GLN D 1103 44.92 -98.01 90.12
CA GLN D 1103 44.10 -96.83 89.91
C GLN D 1103 43.68 -96.73 88.45
N ARG D 1104 42.64 -95.93 88.19
CA ARG D 1104 42.03 -95.87 86.88
C ARG D 1104 42.89 -95.18 85.83
N ASN D 1105 43.96 -94.49 86.24
CA ASN D 1105 44.79 -93.75 85.29
C ASN D 1105 46.27 -94.07 85.41
N PHE D 1106 46.65 -95.09 86.18
CA PHE D 1106 48.04 -95.46 86.33
C PHE D 1106 48.12 -96.90 86.83
N TYR D 1107 49.23 -97.56 86.53
CA TYR D 1107 49.45 -98.95 86.93
C TYR D 1107 50.28 -98.96 88.21
N GLU D 1108 49.60 -99.18 89.33
CA GLU D 1108 50.25 -99.30 90.64
C GLU D 1108 49.65 -100.52 91.34
N PRO D 1109 50.18 -101.71 91.06
CA PRO D 1109 49.60 -102.93 91.64
C PRO D 1109 49.88 -103.08 93.12
N GLN D 1110 48.82 -103.04 93.93
CA GLN D 1110 48.92 -103.25 95.36
C GLN D 1110 48.19 -104.54 95.75
N ILE D 1111 48.34 -104.92 97.02
CA ILE D 1111 47.71 -106.13 97.53
C ILE D 1111 46.29 -105.80 97.95
N ILE D 1112 45.39 -106.76 97.79
CA ILE D 1112 43.97 -106.57 98.07
C ILE D 1112 43.78 -106.87 99.56
N THR D 1113 43.90 -105.84 100.38
CA THR D 1113 43.69 -105.96 101.81
C THR D 1113 42.24 -105.63 102.15
N THR D 1114 41.94 -105.49 103.44
CA THR D 1114 40.60 -105.14 103.90
C THR D 1114 40.31 -103.65 103.79
N ASP D 1115 41.34 -102.81 103.79
CA ASP D 1115 41.14 -101.36 103.70
C ASP D 1115 40.93 -100.89 102.26
N ASN D 1116 41.54 -101.55 101.28
CA ASN D 1116 41.41 -101.13 99.89
C ASN D 1116 40.05 -101.47 99.30
N THR D 1117 39.31 -102.40 99.91
CA THR D 1117 38.02 -102.83 99.40
C THR D 1117 36.97 -102.71 100.50
N PHE D 1118 35.72 -102.98 100.13
CA PHE D 1118 34.61 -102.96 101.06
C PHE D 1118 33.60 -104.01 100.65
N VAL D 1119 32.96 -104.62 101.65
CA VAL D 1119 32.01 -105.70 101.42
C VAL D 1119 30.62 -105.13 101.26
N SER D 1120 29.84 -105.70 100.34
CA SER D 1120 28.46 -105.25 100.12
C SER D 1120 27.69 -106.43 99.52
N GLY D 1121 26.89 -107.09 100.36
CA GLY D 1121 26.09 -108.20 99.90
C GLY D 1121 26.86 -109.51 99.85
N ASN D 1122 26.30 -110.47 99.13
CA ASN D 1122 26.90 -111.79 98.96
C ASN D 1122 27.10 -112.07 97.48
N CYS D 1123 27.84 -113.15 97.20
CA CYS D 1123 28.24 -113.50 95.84
C CYS D 1123 27.12 -114.30 95.16
N ASP D 1124 26.01 -113.61 94.89
CA ASP D 1124 24.87 -114.23 94.23
C ASP D 1124 24.28 -113.41 93.09
N VAL D 1125 24.51 -112.09 93.05
CA VAL D 1125 23.89 -111.24 92.05
C VAL D 1125 24.91 -110.60 91.11
N VAL D 1126 26.14 -110.37 91.56
CA VAL D 1126 27.15 -109.77 90.70
C VAL D 1126 27.56 -110.77 89.64
N ILE D 1127 27.48 -110.35 88.38
CA ILE D 1127 27.76 -111.21 87.24
C ILE D 1127 29.22 -111.00 86.84
N GLY D 1128 29.99 -112.09 86.82
CA GLY D 1128 31.40 -112.04 86.46
C GLY D 1128 32.35 -111.94 87.62
N ILE D 1129 31.90 -112.22 88.85
CA ILE D 1129 32.75 -112.10 90.02
C ILE D 1129 33.70 -113.30 90.09
N VAL D 1130 35.00 -113.03 90.07
CA VAL D 1130 36.00 -114.08 90.19
C VAL D 1130 36.20 -114.42 91.67
N ASN D 1131 36.88 -115.52 91.95
CA ASN D 1131 37.11 -115.87 93.35
C ASN D 1131 38.57 -115.85 93.71
N ASN D 1132 38.85 -115.21 94.82
CA ASN D 1132 40.21 -114.94 95.29
C ASN D 1132 40.16 -114.78 96.81
N THR D 1133 41.35 -114.78 97.41
CA THR D 1133 41.49 -114.64 98.86
C THR D 1133 42.04 -113.25 99.17
N VAL D 1134 41.26 -112.45 99.90
CA VAL D 1134 41.67 -111.10 100.27
C VAL D 1134 42.63 -111.18 101.44
N TYR D 1135 43.31 -110.08 101.72
CA TYR D 1135 44.26 -109.98 102.82
C TYR D 1135 43.66 -109.18 103.96
N ASP D 1136 44.28 -109.30 105.14
CA ASP D 1136 43.82 -108.60 106.32
C ASP D 1136 45.03 -108.26 107.18
N PRO D 1137 45.19 -106.99 107.58
CA PRO D 1137 46.36 -106.63 108.40
C PRO D 1137 46.31 -107.20 109.81
N LEU D 1138 45.12 -107.47 110.35
CA LEU D 1138 45.02 -107.97 111.72
C LEU D 1138 45.37 -109.45 111.81
N GLN D 1139 45.28 -110.19 110.71
CA GLN D 1139 45.56 -111.62 110.75
C GLN D 1139 47.01 -111.94 111.12
N PRO D 1140 48.04 -111.33 110.51
CA PRO D 1140 49.41 -111.65 110.95
C PRO D 1140 49.71 -111.19 112.36
N GLU D 1141 49.14 -110.06 112.79
CA GLU D 1141 49.36 -109.52 114.13
C GLU D 1141 48.35 -110.03 115.14
N LEU D 1142 47.71 -111.17 114.86
CA LEU D 1142 46.73 -111.75 115.77
C LEU D 1142 47.35 -112.73 116.76
N ASP D 1143 48.59 -113.16 116.52
CA ASP D 1143 49.24 -114.10 117.44
C ASP D 1143 49.65 -113.41 118.73
N SER D 1144 50.35 -112.29 118.61
CA SER D 1144 50.81 -111.54 119.78
C SER D 1144 49.66 -110.74 120.39
N GLU E 1 -38.23 -53.41 6.51
CA GLU E 1 -36.77 -53.52 6.41
C GLU E 1 -36.20 -52.26 5.75
N VAL E 2 -35.92 -52.36 4.45
CA VAL E 2 -35.39 -51.22 3.71
C VAL E 2 -36.49 -50.19 3.50
N GLN E 3 -36.20 -48.95 3.88
CA GLN E 3 -37.15 -47.83 3.75
C GLN E 3 -36.44 -46.70 3.03
N LEU E 4 -36.56 -46.67 1.71
CA LEU E 4 -35.93 -45.64 0.88
C LEU E 4 -36.92 -44.49 0.70
N VAL E 5 -37.01 -43.66 1.73
CA VAL E 5 -37.91 -42.51 1.71
C VAL E 5 -37.28 -41.41 0.84
N GLU E 6 -38.08 -40.85 -0.06
CA GLU E 6 -37.62 -39.84 -0.99
C GLU E 6 -38.29 -38.50 -0.67
N SER E 7 -37.49 -37.45 -0.59
CA SER E 7 -37.98 -36.11 -0.31
C SER E 7 -37.54 -35.15 -1.41
N GLY E 8 -38.29 -34.07 -1.56
CA GLY E 8 -38.01 -33.08 -2.58
C GLY E 8 -38.73 -33.34 -3.87
N GLY E 9 -39.59 -32.39 -4.28
CA GLY E 9 -40.35 -32.54 -5.50
C GLY E 9 -41.60 -31.68 -5.53
N GLY E 10 -41.90 -31.10 -6.68
CA GLY E 10 -43.07 -30.25 -6.81
C GLY E 10 -43.07 -29.54 -8.14
N LEU E 11 -43.82 -28.43 -8.19
CA LEU E 11 -43.95 -27.63 -9.40
C LEU E 11 -42.88 -26.55 -9.41
N VAL E 12 -42.08 -26.50 -10.47
CA VAL E 12 -41.04 -25.50 -10.64
C VAL E 12 -41.10 -24.96 -12.06
N GLN E 13 -40.68 -23.71 -12.23
CA GLN E 13 -40.70 -23.10 -13.55
C GLN E 13 -39.57 -23.68 -14.42
N PRO E 14 -39.78 -23.77 -15.73
CA PRO E 14 -38.72 -24.26 -16.63
C PRO E 14 -37.51 -23.33 -16.60
N GLY E 15 -36.36 -23.91 -16.28
CA GLY E 15 -35.12 -23.16 -16.19
C GLY E 15 -34.58 -22.99 -14.79
N ARG E 16 -35.34 -23.41 -13.77
CA ARG E 16 -34.91 -23.30 -12.39
C ARG E 16 -34.21 -24.58 -11.95
N SER E 17 -33.88 -24.67 -10.67
CA SER E 17 -33.16 -25.80 -10.11
C SER E 17 -33.82 -26.24 -8.81
N LEU E 18 -33.60 -27.50 -8.45
CA LEU E 18 -34.13 -28.07 -7.22
C LEU E 18 -33.19 -29.18 -6.73
N ARG E 19 -33.38 -29.57 -5.47
CA ARG E 19 -32.56 -30.59 -4.83
C ARG E 19 -33.45 -31.75 -4.42
N LEU E 20 -33.10 -32.95 -4.87
CA LEU E 20 -33.79 -34.17 -4.50
C LEU E 20 -32.96 -34.96 -3.50
N SER E 21 -33.64 -35.63 -2.57
CA SER E 21 -32.99 -36.41 -1.53
C SER E 21 -33.65 -37.78 -1.42
N CYS E 22 -32.90 -38.73 -0.89
CA CYS E 22 -33.40 -40.09 -0.66
C CYS E 22 -32.71 -40.63 0.59
N ALA E 23 -33.39 -40.53 1.72
CA ALA E 23 -32.84 -40.99 2.99
C ALA E 23 -33.02 -42.50 3.10
N ALA E 24 -31.90 -43.20 3.27
CA ALA E 24 -31.93 -44.66 3.38
C ALA E 24 -32.06 -45.08 4.83
N SER E 25 -32.72 -46.22 5.04
CA SER E 25 -32.93 -46.75 6.38
C SER E 25 -33.22 -48.24 6.28
N GLY E 26 -32.47 -49.03 7.03
CA GLY E 26 -32.65 -50.47 7.02
C GLY E 26 -31.38 -51.24 6.73
N PHE E 27 -30.52 -50.66 5.89
CA PHE E 27 -29.26 -51.29 5.51
C PHE E 27 -28.11 -50.31 5.80
N THR E 28 -26.91 -50.72 5.41
CA THR E 28 -25.71 -49.92 5.60
C THR E 28 -25.44 -49.11 4.34
N PHE E 29 -25.39 -47.79 4.47
CA PHE E 29 -25.15 -46.92 3.32
C PHE E 29 -23.66 -46.79 3.04
N ASP E 30 -22.96 -47.93 3.01
CA ASP E 30 -21.55 -47.95 2.66
C ASP E 30 -21.17 -49.12 1.76
N ASP E 31 -22.11 -50.02 1.44
CA ASP E 31 -21.79 -51.18 0.63
C ASP E 31 -22.85 -51.51 -0.41
N TYR E 32 -23.77 -50.59 -0.71
CA TYR E 32 -24.82 -50.83 -1.69
C TYR E 32 -24.96 -49.62 -2.60
N ALA E 33 -25.01 -49.86 -3.90
CA ALA E 33 -25.16 -48.77 -4.85
C ALA E 33 -26.62 -48.36 -4.98
N ILE E 34 -26.85 -47.06 -5.07
CA ILE E 34 -28.20 -46.50 -5.22
C ILE E 34 -28.20 -45.58 -6.43
N HIS E 35 -29.18 -45.75 -7.30
CA HIS E 35 -29.28 -45.01 -8.55
C HIS E 35 -30.56 -44.17 -8.56
N TRP E 36 -30.68 -43.34 -9.59
CA TRP E 36 -31.88 -42.54 -9.84
C TRP E 36 -32.46 -42.94 -11.18
N VAL E 37 -33.77 -43.19 -11.22
CA VAL E 37 -34.46 -43.59 -12.43
C VAL E 37 -35.84 -42.92 -12.43
N ARG E 38 -36.15 -42.23 -13.52
CA ARG E 38 -37.44 -41.58 -13.70
C ARG E 38 -38.41 -42.51 -14.41
N GLN E 39 -39.69 -42.15 -14.35
CA GLN E 39 -40.73 -42.93 -15.02
C GLN E 39 -41.84 -41.97 -15.44
N ALA E 40 -41.90 -41.68 -16.74
CA ALA E 40 -42.98 -40.86 -17.25
C ALA E 40 -44.31 -41.57 -17.09
N PRO E 41 -45.40 -40.83 -16.86
CA PRO E 41 -46.71 -41.47 -16.65
C PRO E 41 -47.13 -42.31 -17.85
N GLY E 42 -47.21 -43.63 -17.66
CA GLY E 42 -47.63 -44.52 -18.72
C GLY E 42 -46.71 -44.53 -19.93
N LYS E 43 -45.45 -44.16 -19.76
CA LYS E 43 -44.50 -44.12 -20.87
C LYS E 43 -43.16 -44.72 -20.44
N GLY E 44 -43.21 -45.83 -19.70
CA GLY E 44 -42.00 -46.54 -19.32
C GLY E 44 -41.13 -45.78 -18.35
N LEU E 45 -39.99 -46.39 -18.04
CA LEU E 45 -38.99 -45.81 -17.15
C LEU E 45 -37.79 -45.30 -17.94
N GLU E 46 -36.90 -44.60 -17.24
CA GLU E 46 -35.70 -44.06 -17.87
C GLU E 46 -34.66 -43.81 -16.78
N TRP E 47 -33.47 -44.38 -16.98
CA TRP E 47 -32.38 -44.27 -16.02
C TRP E 47 -31.74 -42.88 -16.12
N VAL E 48 -31.49 -42.28 -14.96
CA VAL E 48 -30.95 -40.92 -14.90
C VAL E 48 -29.46 -40.98 -14.63
N SER E 49 -29.09 -41.52 -13.47
CA SER E 49 -27.69 -41.61 -13.06
C SER E 49 -27.61 -42.62 -11.91
N GLY E 50 -26.43 -42.73 -11.31
CA GLY E 50 -26.24 -43.64 -10.20
C GLY E 50 -24.86 -43.50 -9.61
N ILE E 51 -24.73 -43.98 -8.37
CA ILE E 51 -23.47 -43.94 -7.64
C ILE E 51 -23.24 -45.30 -6.99
N THR E 52 -22.00 -45.75 -6.97
CA THR E 52 -21.64 -47.05 -6.42
C THR E 52 -21.62 -46.96 -4.90
N TRP E 53 -21.09 -48.00 -4.24
CA TRP E 53 -21.04 -48.01 -2.78
C TRP E 53 -20.20 -46.85 -2.25
N ASN E 54 -19.09 -46.54 -2.91
CA ASN E 54 -18.28 -45.39 -2.54
C ASN E 54 -18.73 -44.17 -3.35
N SER E 55 -18.05 -43.06 -3.14
CA SER E 55 -18.35 -41.85 -3.89
C SER E 55 -17.83 -41.99 -5.32
N GLY E 56 -18.69 -42.46 -6.23
CA GLY E 56 -18.29 -42.63 -7.61
C GLY E 56 -19.45 -42.54 -8.59
N THR E 57 -19.32 -41.67 -9.59
CA THR E 57 -20.36 -41.54 -10.59
C THR E 57 -20.21 -42.62 -11.65
N ILE E 58 -21.33 -43.27 -11.97
CA ILE E 58 -21.34 -44.37 -12.93
C ILE E 58 -21.82 -43.92 -14.31
N GLY E 59 -22.10 -42.63 -14.48
CA GLY E 59 -22.50 -42.09 -15.76
C GLY E 59 -23.91 -41.53 -15.72
N TYR E 60 -24.30 -40.95 -16.85
CA TYR E 60 -25.62 -40.36 -17.02
C TYR E 60 -26.24 -40.91 -18.31
N ALA E 61 -27.36 -40.32 -18.69
CA ALA E 61 -28.04 -40.69 -19.93
C ALA E 61 -27.51 -39.82 -21.07
N ASP E 62 -28.13 -39.94 -22.25
CA ASP E 62 -27.73 -39.16 -23.41
C ASP E 62 -28.47 -37.83 -23.49
N SER E 63 -29.26 -37.47 -22.49
CA SER E 63 -30.01 -36.22 -22.52
C SER E 63 -29.93 -35.45 -21.22
N VAL E 64 -29.16 -35.90 -20.23
CA VAL E 64 -29.05 -35.24 -18.94
C VAL E 64 -27.61 -34.84 -18.62
N LYS E 65 -26.70 -35.01 -19.58
CA LYS E 65 -25.30 -34.65 -19.34
C LYS E 65 -25.15 -33.13 -19.26
N GLY E 66 -24.35 -32.68 -18.30
CA GLY E 66 -24.10 -31.27 -18.09
C GLY E 66 -25.14 -30.55 -17.27
N ARG E 67 -26.39 -31.05 -17.22
CA ARG E 67 -27.44 -30.42 -16.45
C ARG E 67 -27.67 -31.08 -15.10
N PHE E 68 -27.49 -32.39 -14.99
CA PHE E 68 -27.72 -33.11 -13.75
C PHE E 68 -26.39 -33.47 -13.10
N THR E 69 -26.36 -33.36 -11.77
CA THR E 69 -25.18 -33.69 -10.99
C THR E 69 -25.62 -34.46 -9.75
N ILE E 70 -25.15 -35.70 -9.62
CA ILE E 70 -25.54 -36.58 -8.53
C ILE E 70 -24.40 -36.62 -7.52
N SER E 71 -24.76 -36.65 -6.24
CA SER E 71 -23.78 -36.67 -5.15
C SER E 71 -24.25 -37.65 -4.08
N ARG E 72 -23.28 -38.21 -3.35
CA ARG E 72 -23.55 -39.19 -2.32
C ARG E 72 -22.99 -38.69 -0.99
N ASP E 73 -23.75 -38.93 0.08
CA ASP E 73 -23.35 -38.53 1.43
C ASP E 73 -23.46 -39.76 2.33
N ASN E 74 -22.33 -40.41 2.58
CA ASN E 74 -22.32 -41.60 3.43
C ASN E 74 -22.46 -41.28 4.90
N ALA E 75 -22.21 -40.04 5.31
CA ALA E 75 -22.31 -39.68 6.72
C ALA E 75 -23.75 -39.54 7.17
N LYS E 76 -24.59 -38.92 6.35
CA LYS E 76 -26.01 -38.72 6.68
C LYS E 76 -26.91 -39.80 6.10
N ASN E 77 -26.35 -40.75 5.35
CA ASN E 77 -27.11 -41.85 4.74
C ASN E 77 -28.25 -41.31 3.87
N SER E 78 -27.88 -40.54 2.85
CA SER E 78 -28.84 -39.95 1.94
C SER E 78 -28.17 -39.65 0.61
N LEU E 79 -28.83 -40.00 -0.48
CA LEU E 79 -28.35 -39.74 -1.83
C LEU E 79 -29.05 -38.51 -2.39
N TYR E 80 -28.28 -37.63 -3.01
CA TYR E 80 -28.80 -36.37 -3.54
C TYR E 80 -28.61 -36.32 -5.04
N LEU E 81 -29.53 -35.61 -5.71
CA LEU E 81 -29.49 -35.44 -7.16
C LEU E 81 -29.86 -34.00 -7.49
N GLN E 82 -28.94 -33.29 -8.12
CA GLN E 82 -29.16 -31.90 -8.50
C GLN E 82 -29.59 -31.81 -9.95
N MET E 83 -30.61 -30.99 -10.21
CA MET E 83 -31.16 -30.81 -11.55
C MET E 83 -31.07 -29.33 -11.93
N ASN E 84 -30.39 -29.04 -13.02
CA ASN E 84 -30.25 -27.68 -13.52
C ASN E 84 -30.87 -27.56 -14.91
N SER E 85 -31.44 -26.40 -15.19
CA SER E 85 -32.04 -26.08 -16.49
C SER E 85 -33.10 -27.12 -16.87
N LEU E 86 -34.13 -27.23 -16.02
CA LEU E 86 -35.22 -28.16 -16.29
C LEU E 86 -36.05 -27.69 -17.46
N ARG E 87 -36.50 -28.64 -18.27
CA ARG E 87 -37.31 -28.38 -19.45
C ARG E 87 -38.65 -29.12 -19.34
N ALA E 88 -39.43 -29.05 -20.42
CA ALA E 88 -40.76 -29.66 -20.41
C ALA E 88 -40.72 -31.17 -20.45
N GLU E 89 -39.62 -31.77 -20.92
CA GLU E 89 -39.50 -33.22 -21.00
C GLU E 89 -38.83 -33.84 -19.78
N ASP E 90 -38.96 -33.19 -18.62
CA ASP E 90 -38.39 -33.70 -17.37
C ASP E 90 -39.46 -33.98 -16.32
N THR E 91 -40.71 -34.17 -16.75
CA THR E 91 -41.81 -34.45 -15.83
C THR E 91 -42.00 -35.96 -15.74
N ALA E 92 -41.55 -36.55 -14.64
CA ALA E 92 -41.63 -37.99 -14.43
C ALA E 92 -41.45 -38.27 -12.94
N LEU E 93 -41.67 -39.53 -12.57
CA LEU E 93 -41.53 -39.99 -11.20
C LEU E 93 -40.11 -40.50 -11.01
N TYR E 94 -39.25 -39.65 -10.42
CA TYR E 94 -37.87 -40.03 -10.16
C TYR E 94 -37.82 -40.97 -8.96
N TYR E 95 -37.41 -42.21 -9.20
CA TYR E 95 -37.34 -43.22 -8.16
C TYR E 95 -35.93 -43.29 -7.55
N CYS E 96 -35.83 -44.01 -6.44
CA CYS E 96 -34.58 -44.20 -5.71
C CYS E 96 -34.38 -45.70 -5.52
N ALA E 97 -33.69 -46.33 -6.47
CA ALA E 97 -33.49 -47.77 -6.46
C ALA E 97 -32.11 -48.13 -5.95
N LYS E 98 -32.04 -49.22 -5.18
CA LYS E 98 -30.81 -49.70 -4.60
C LYS E 98 -30.19 -50.77 -5.50
N HIS E 99 -29.16 -51.46 -5.01
CA HIS E 99 -28.52 -52.56 -5.73
C HIS E 99 -28.47 -53.78 -4.83
N HIS E 100 -28.52 -54.96 -5.45
CA HIS E 100 -28.55 -56.20 -4.68
C HIS E 100 -27.16 -56.62 -4.23
N GLN E 101 -26.19 -56.66 -5.15
CA GLN E 101 -24.86 -57.13 -4.82
C GLN E 101 -24.14 -56.13 -3.91
N ILE E 102 -23.06 -56.61 -3.28
CA ILE E 102 -22.26 -55.79 -2.38
C ILE E 102 -21.16 -55.04 -3.12
N ALA E 103 -21.02 -55.25 -4.43
CA ALA E 103 -20.03 -54.55 -5.26
C ALA E 103 -18.61 -54.79 -4.73
N VAL E 104 -18.19 -56.05 -4.82
CA VAL E 104 -16.83 -56.41 -4.40
C VAL E 104 -15.81 -55.74 -5.32
N ALA E 105 -14.56 -55.74 -4.86
CA ALA E 105 -13.49 -55.03 -5.56
C ALA E 105 -13.27 -55.57 -6.98
N GLY E 106 -12.85 -56.83 -7.08
CA GLY E 106 -12.58 -57.40 -8.39
C GLY E 106 -13.75 -58.15 -8.99
N ASP E 107 -14.52 -57.49 -9.84
CA ASP E 107 -15.66 -58.09 -10.51
C ASP E 107 -15.85 -57.40 -11.86
N ALA E 108 -17.02 -57.60 -12.46
CA ALA E 108 -17.39 -56.95 -13.70
C ALA E 108 -18.53 -55.99 -13.44
N GLU E 109 -18.54 -54.87 -14.17
CA GLU E 109 -19.57 -53.86 -13.97
C GLU E 109 -20.93 -54.39 -14.41
N ASP E 110 -21.80 -54.68 -13.43
CA ASP E 110 -23.13 -55.19 -13.72
C ASP E 110 -24.04 -54.78 -12.57
N TYR E 111 -24.85 -53.74 -12.80
CA TYR E 111 -25.72 -53.18 -11.76
C TYR E 111 -27.17 -53.51 -12.10
N TYR E 112 -27.88 -54.08 -11.13
CA TYR E 112 -29.31 -54.36 -11.27
C TYR E 112 -30.01 -54.03 -9.98
N PHE E 113 -31.17 -53.39 -10.08
CA PHE E 113 -31.87 -52.86 -8.92
C PHE E 113 -32.59 -53.99 -8.17
N ASP E 114 -32.66 -53.84 -6.84
CA ASP E 114 -33.33 -54.81 -5.99
C ASP E 114 -34.40 -54.22 -5.10
N TYR E 115 -34.20 -53.02 -4.55
CA TYR E 115 -35.18 -52.35 -3.71
C TYR E 115 -35.61 -51.06 -4.39
N TRP E 116 -36.92 -50.84 -4.46
CA TRP E 116 -37.49 -49.65 -5.08
C TRP E 116 -38.23 -48.83 -4.04
N GLY E 117 -38.54 -47.58 -4.40
CA GLY E 117 -39.26 -46.70 -3.52
C GLY E 117 -40.59 -46.24 -4.10
N GLN E 118 -40.99 -45.01 -3.80
CA GLN E 118 -42.24 -44.45 -4.29
C GLN E 118 -42.06 -43.31 -5.29
N GLY E 119 -41.03 -42.49 -5.11
CA GLY E 119 -40.76 -41.40 -6.03
C GLY E 119 -41.52 -40.14 -5.69
N THR E 120 -41.05 -39.03 -6.25
CA THR E 120 -41.65 -37.72 -6.06
C THR E 120 -42.00 -37.14 -7.43
N LEU E 121 -43.24 -36.69 -7.57
CA LEU E 121 -43.72 -36.10 -8.83
C LEU E 121 -43.07 -34.74 -9.01
N VAL E 122 -42.13 -34.65 -9.95
CA VAL E 122 -41.44 -33.41 -10.24
C VAL E 122 -42.01 -32.88 -11.55
N THR E 123 -43.00 -32.00 -11.44
CA THR E 123 -43.62 -31.39 -12.62
C THR E 123 -42.98 -30.05 -12.93
N VAL E 124 -42.73 -29.81 -14.21
CA VAL E 124 -42.07 -28.60 -14.68
C VAL E 124 -42.97 -27.97 -15.75
N SER E 125 -43.58 -26.84 -15.43
CA SER E 125 -44.44 -26.14 -16.36
C SER E 125 -44.51 -24.67 -15.96
N SER E 126 -45.26 -23.90 -16.75
CA SER E 126 -45.42 -22.47 -16.50
C SER E 126 -46.62 -22.16 -15.61
N ALA E 127 -47.42 -23.16 -15.26
CA ALA E 127 -48.58 -22.92 -14.41
C ALA E 127 -48.16 -22.68 -12.96
N SER E 128 -49.12 -22.30 -12.14
CA SER E 128 -48.90 -22.02 -10.72
C SER E 128 -49.69 -23.00 -9.86
N THR E 129 -49.25 -23.14 -8.61
CA THR E 129 -49.91 -24.04 -7.68
C THR E 129 -51.24 -23.44 -7.22
N LYS E 130 -52.26 -24.30 -7.13
CA LYS E 130 -53.59 -23.89 -6.69
C LYS E 130 -53.96 -24.65 -5.42
N GLY E 131 -54.75 -24.00 -4.58
CA GLY E 131 -55.17 -24.58 -3.32
C GLY E 131 -56.32 -25.55 -3.50
N PRO E 132 -56.23 -26.71 -2.87
CA PRO E 132 -57.31 -27.70 -2.97
C PRO E 132 -58.59 -27.20 -2.33
N SER E 133 -59.69 -27.88 -2.67
CA SER E 133 -61.02 -27.52 -2.16
C SER E 133 -61.72 -28.81 -1.75
N VAL E 134 -61.63 -29.15 -0.47
CA VAL E 134 -62.27 -30.36 0.05
C VAL E 134 -63.72 -30.05 0.38
N PHE E 135 -64.62 -30.97 0.01
CA PHE E 135 -66.03 -30.79 0.27
C PHE E 135 -66.61 -32.05 0.90
N PRO E 136 -67.50 -31.89 1.90
CA PRO E 136 -68.07 -33.05 2.57
C PRO E 136 -69.25 -33.66 1.82
N LEU E 137 -68.96 -34.56 0.87
CA LEU E 137 -70.00 -35.23 0.11
C LEU E 137 -71.04 -35.86 1.04
N ALA E 138 -72.30 -35.55 0.79
CA ALA E 138 -73.37 -35.95 1.71
C ALA E 138 -73.63 -37.45 1.58
N PRO E 139 -73.53 -38.20 2.68
CA PRO E 139 -73.94 -39.62 2.70
C PRO E 139 -75.47 -39.75 2.77
N SER E 140 -76.10 -39.67 1.60
CA SER E 140 -77.55 -39.67 1.49
C SER E 140 -78.18 -40.88 2.17
N SER E 141 -79.46 -40.76 2.54
CA SER E 141 -80.16 -41.75 3.33
C SER E 141 -80.69 -42.92 2.52
N LYS E 142 -80.18 -43.13 1.30
CA LYS E 142 -80.57 -44.29 0.50
C LYS E 142 -80.03 -45.54 1.17
N SER E 143 -80.90 -46.30 1.83
CA SER E 143 -80.51 -47.46 2.62
C SER E 143 -81.27 -48.69 2.10
N THR E 144 -80.57 -49.52 1.34
CA THR E 144 -81.11 -50.79 0.86
C THR E 144 -80.36 -51.97 1.47
N SER E 145 -79.05 -52.02 1.31
CA SER E 145 -78.22 -53.03 1.93
C SER E 145 -77.60 -52.47 3.20
N GLY E 146 -76.65 -53.21 3.77
CA GLY E 146 -76.00 -52.78 4.99
C GLY E 146 -75.14 -51.53 4.83
N GLY E 147 -74.14 -51.60 3.96
CA GLY E 147 -73.24 -50.49 3.74
C GLY E 147 -73.41 -49.81 2.40
N THR E 148 -74.66 -49.63 1.96
CA THR E 148 -74.90 -48.99 0.67
C THR E 148 -74.61 -47.50 0.69
N ALA E 149 -74.68 -46.86 1.85
CA ALA E 149 -74.40 -45.44 1.96
C ALA E 149 -72.90 -45.22 2.06
N ALA E 150 -72.40 -44.17 1.41
CA ALA E 150 -70.98 -43.87 1.38
C ALA E 150 -70.76 -42.36 1.37
N LEU E 151 -69.69 -41.92 2.04
CA LEU E 151 -69.32 -40.52 2.08
C LEU E 151 -67.85 -40.38 1.68
N GLY E 152 -67.50 -39.19 1.18
CA GLY E 152 -66.15 -38.96 0.75
C GLY E 152 -65.86 -37.48 0.64
N CYS E 153 -64.74 -37.17 -0.02
CA CYS E 153 -64.30 -35.80 -0.22
C CYS E 153 -64.34 -35.45 -1.71
N LEU E 154 -64.27 -34.16 -2.01
CA LEU E 154 -64.42 -33.64 -3.36
C LEU E 154 -63.28 -32.67 -3.68
N VAL E 155 -62.05 -33.09 -3.40
CA VAL E 155 -60.87 -32.28 -3.66
C VAL E 155 -60.78 -31.91 -5.14
N LYS E 156 -60.56 -30.63 -5.42
CA LYS E 156 -60.48 -30.15 -6.79
C LYS E 156 -59.66 -28.86 -6.82
N ASP E 157 -59.43 -28.36 -8.03
CA ASP E 157 -58.70 -27.10 -8.25
C ASP E 157 -57.27 -27.17 -7.68
N TYR E 158 -56.49 -28.09 -8.24
CA TYR E 158 -55.08 -28.24 -7.87
C TYR E 158 -54.31 -28.73 -9.09
N PHE E 159 -53.26 -27.99 -9.44
CA PHE E 159 -52.47 -28.32 -10.63
C PHE E 159 -51.53 -29.50 -10.38
N PRO E 160 -50.68 -29.48 -9.35
CA PRO E 160 -49.85 -30.66 -9.10
C PRO E 160 -50.67 -31.78 -8.46
N GLU E 161 -50.15 -33.00 -8.57
CA GLU E 161 -50.89 -34.12 -7.99
C GLU E 161 -50.04 -34.99 -7.06
N PRO E 162 -49.45 -34.43 -5.98
CA PRO E 162 -48.92 -35.27 -4.89
C PRO E 162 -49.95 -35.50 -3.80
N VAL E 163 -51.13 -35.96 -4.19
CA VAL E 163 -52.28 -36.04 -3.29
C VAL E 163 -52.19 -37.29 -2.43
N THR E 164 -52.39 -37.12 -1.13
CA THR E 164 -52.46 -38.21 -0.17
C THR E 164 -53.61 -37.93 0.78
N VAL E 165 -54.59 -38.83 0.82
CA VAL E 165 -55.78 -38.67 1.62
C VAL E 165 -55.69 -39.56 2.85
N SER E 166 -55.99 -38.99 4.02
CA SER E 166 -56.05 -39.72 5.27
C SER E 166 -57.44 -39.56 5.87
N TRP E 167 -57.79 -40.48 6.77
CA TRP E 167 -59.10 -40.46 7.40
C TRP E 167 -59.06 -40.15 8.89
N ASN E 168 -58.30 -40.92 9.68
CA ASN E 168 -58.18 -40.64 11.10
C ASN E 168 -56.77 -40.22 11.49
N SER E 169 -55.76 -41.05 11.18
CA SER E 169 -54.38 -40.67 11.47
C SER E 169 -53.39 -41.22 10.47
N GLY E 170 -53.83 -41.75 9.33
CA GLY E 170 -52.96 -42.52 8.46
C GLY E 170 -53.18 -44.00 8.67
N ALA E 171 -54.45 -44.38 8.77
CA ALA E 171 -54.84 -45.73 9.15
C ALA E 171 -56.16 -46.05 8.44
N LEU E 172 -56.85 -47.10 8.91
CA LEU E 172 -58.07 -47.61 8.29
C LEU E 172 -57.80 -48.02 6.85
N THR E 173 -56.99 -49.07 6.73
CA THR E 173 -56.59 -49.62 5.44
C THR E 173 -57.69 -50.47 4.80
N SER E 174 -58.94 -50.30 5.22
CA SER E 174 -60.04 -51.07 4.67
C SER E 174 -60.38 -50.54 3.28
N GLY E 175 -61.50 -50.99 2.72
CA GLY E 175 -61.92 -50.61 1.39
C GLY E 175 -62.12 -49.12 1.22
N VAL E 176 -61.20 -48.47 0.51
CA VAL E 176 -61.28 -47.04 0.20
C VAL E 176 -60.88 -46.89 -1.27
N HIS E 177 -61.86 -46.59 -2.12
CA HIS E 177 -61.62 -46.48 -3.55
C HIS E 177 -61.29 -45.03 -3.88
N THR E 178 -60.00 -44.72 -3.88
CA THR E 178 -59.52 -43.38 -4.24
C THR E 178 -59.42 -43.30 -5.76
N PHE E 179 -60.40 -42.65 -6.38
CA PHE E 179 -60.42 -42.56 -7.83
C PHE E 179 -59.31 -41.63 -8.32
N PRO E 180 -58.69 -41.97 -9.44
CA PRO E 180 -57.62 -41.12 -9.99
C PRO E 180 -58.16 -39.77 -10.44
N ALA E 181 -57.25 -38.81 -10.53
CA ALA E 181 -57.61 -37.46 -10.94
C ALA E 181 -57.75 -37.39 -12.46
N VAL E 182 -58.18 -36.22 -12.95
CA VAL E 182 -58.38 -36.01 -14.37
C VAL E 182 -58.22 -34.52 -14.67
N LEU E 183 -57.50 -34.20 -15.73
CA LEU E 183 -57.31 -32.82 -16.16
C LEU E 183 -58.58 -32.32 -16.81
N GLN E 184 -59.27 -31.39 -16.15
CA GLN E 184 -60.56 -30.89 -16.64
C GLN E 184 -60.37 -29.75 -17.63
N SER E 185 -59.56 -29.98 -18.66
CA SER E 185 -59.31 -29.03 -19.75
C SER E 185 -58.81 -27.68 -19.27
N SER E 186 -58.33 -27.58 -18.03
CA SER E 186 -57.83 -26.32 -17.49
C SER E 186 -56.56 -26.49 -16.68
N GLY E 187 -55.98 -27.69 -16.64
CA GLY E 187 -54.79 -27.97 -15.87
C GLY E 187 -55.05 -28.48 -14.46
N LEU E 188 -56.23 -28.19 -13.91
CA LEU E 188 -56.57 -28.63 -12.57
C LEU E 188 -56.98 -30.10 -12.59
N TYR E 189 -57.15 -30.66 -11.40
CA TYR E 189 -57.52 -32.07 -11.24
C TYR E 189 -58.64 -32.17 -10.21
N SER E 190 -59.10 -33.39 -9.97
CA SER E 190 -60.21 -33.62 -9.04
C SER E 190 -60.02 -34.97 -8.38
N LEU E 191 -60.11 -34.99 -7.05
CA LEU E 191 -59.94 -36.20 -6.26
C LEU E 191 -61.22 -36.53 -5.51
N SER E 192 -61.43 -37.82 -5.28
CA SER E 192 -62.60 -38.30 -4.56
C SER E 192 -62.32 -39.71 -4.05
N SER E 193 -62.97 -40.06 -2.93
CA SER E 193 -62.80 -41.36 -2.32
C SER E 193 -64.15 -41.88 -1.86
N VAL E 194 -64.25 -43.20 -1.73
CA VAL E 194 -65.47 -43.87 -1.32
C VAL E 194 -65.13 -44.90 -0.25
N VAL E 195 -65.82 -44.85 0.88
CA VAL E 195 -65.58 -45.78 1.98
C VAL E 195 -66.80 -46.68 2.14
N THR E 196 -66.70 -47.70 3.00
CA THR E 196 -67.85 -48.57 3.26
C THR E 196 -68.98 -47.81 3.93
N VAL E 197 -68.66 -47.08 5.00
CA VAL E 197 -69.62 -46.25 5.74
C VAL E 197 -70.85 -47.07 6.13
N PRO E 198 -70.74 -47.96 7.12
CA PRO E 198 -71.91 -48.73 7.55
C PRO E 198 -72.95 -47.87 8.24
N SER E 199 -74.02 -48.50 8.74
CA SER E 199 -75.09 -47.80 9.43
C SER E 199 -74.56 -46.88 10.53
N SER E 200 -74.84 -45.59 10.39
CA SER E 200 -74.32 -44.58 11.31
C SER E 200 -75.15 -44.57 12.58
N SER E 201 -74.59 -45.09 13.67
CA SER E 201 -75.23 -45.09 14.97
C SER E 201 -74.23 -44.65 16.04
N LEU E 202 -73.49 -43.57 15.75
CA LEU E 202 -72.45 -43.04 16.63
C LEU E 202 -71.34 -44.06 16.85
N GLY E 203 -71.26 -45.06 15.96
CA GLY E 203 -70.23 -46.08 16.04
C GLY E 203 -69.44 -46.20 14.76
N THR E 204 -69.17 -45.07 14.12
CA THR E 204 -68.49 -45.06 12.83
C THR E 204 -67.22 -44.20 12.88
N GLN E 205 -66.61 -43.96 11.72
CA GLN E 205 -65.38 -43.18 11.66
C GLN E 205 -65.63 -41.74 12.11
N THR E 206 -64.53 -41.04 12.36
CA THR E 206 -64.58 -39.67 12.87
C THR E 206 -65.03 -38.66 11.81
N TYR E 207 -65.27 -39.09 10.58
CA TYR E 207 -65.72 -38.22 9.49
C TYR E 207 -64.71 -37.09 9.24
N ILE E 208 -63.50 -37.50 8.88
CA ILE E 208 -62.40 -36.56 8.63
C ILE E 208 -61.69 -36.99 7.36
N CYS E 209 -61.39 -36.04 6.48
CA CYS E 209 -60.67 -36.30 5.23
C CYS E 209 -59.47 -35.36 5.18
N ASN E 210 -58.34 -35.82 5.72
CA ASN E 210 -57.11 -35.05 5.71
C ASN E 210 -56.44 -35.17 4.35
N VAL E 211 -56.22 -34.03 3.69
CA VAL E 211 -55.61 -33.99 2.36
C VAL E 211 -54.33 -33.18 2.49
N ASN E 212 -53.20 -33.80 2.11
CA ASN E 212 -51.89 -33.17 2.17
C ASN E 212 -51.40 -32.91 0.76
N HIS E 213 -51.08 -31.66 0.46
CA HIS E 213 -50.55 -31.25 -0.84
C HIS E 213 -49.31 -30.41 -0.59
N LYS E 214 -48.14 -30.93 -1.01
CA LYS E 214 -46.87 -30.29 -0.71
C LYS E 214 -46.69 -28.96 -1.43
N PRO E 215 -46.90 -28.87 -2.76
CA PRO E 215 -46.74 -27.56 -3.42
C PRO E 215 -47.76 -26.52 -2.98
N SER E 216 -48.82 -26.93 -2.29
CA SER E 216 -49.87 -26.03 -1.81
C SER E 216 -50.17 -26.32 -0.35
N ASN E 217 -49.12 -26.37 0.47
CA ASN E 217 -49.18 -26.80 1.86
C ASN E 217 -50.33 -26.12 2.61
N THR E 218 -51.29 -26.93 3.04
CA THR E 218 -52.44 -26.46 3.80
C THR E 218 -53.12 -27.66 4.47
N LYS E 219 -53.31 -27.59 5.78
CA LYS E 219 -53.88 -28.68 6.56
C LYS E 219 -55.38 -28.48 6.63
N VAL E 220 -56.13 -29.27 5.85
CA VAL E 220 -57.58 -29.22 5.83
C VAL E 220 -58.11 -30.30 6.76
N ASP E 221 -58.88 -29.89 7.77
CA ASP E 221 -59.44 -30.80 8.78
C ASP E 221 -60.94 -30.56 8.91
N LYS E 222 -61.62 -30.45 7.78
CA LYS E 222 -63.06 -30.24 7.78
C LYS E 222 -63.79 -31.58 7.89
N LYS E 223 -64.88 -31.57 8.65
CA LYS E 223 -65.64 -32.80 8.90
C LYS E 223 -66.74 -32.98 7.87
N VAL E 224 -67.31 -34.19 7.87
CA VAL E 224 -68.39 -34.57 6.96
C VAL E 224 -69.61 -34.94 7.77
N GLU E 225 -70.77 -34.43 7.38
CA GLU E 225 -72.03 -34.69 8.07
C GLU E 225 -73.10 -35.02 7.05
N PRO E 226 -74.05 -35.91 7.41
CA PRO E 226 -75.16 -36.28 6.53
C PRO E 226 -76.06 -35.09 6.19
N TYR F 2 -26.85 -48.68 -26.17
CA TYR F 2 -27.55 -49.83 -26.73
C TYR F 2 -29.01 -49.48 -26.99
N GLU F 3 -29.77 -50.44 -27.52
CA GLU F 3 -31.18 -50.22 -27.81
C GLU F 3 -31.89 -51.57 -27.78
N LEU F 4 -32.80 -51.74 -26.83
CA LEU F 4 -33.57 -52.96 -26.70
C LEU F 4 -34.95 -52.79 -27.33
N THR F 5 -35.45 -53.85 -27.95
CA THR F 5 -36.75 -53.84 -28.60
C THR F 5 -37.65 -54.87 -27.93
N GLN F 6 -38.81 -54.41 -27.46
CA GLN F 6 -39.77 -55.27 -26.79
C GLN F 6 -41.12 -55.20 -27.48
N PRO F 7 -41.90 -56.28 -27.45
CA PRO F 7 -43.26 -56.24 -27.99
C PRO F 7 -44.12 -55.26 -27.23
N PRO F 8 -44.90 -54.43 -27.92
CA PRO F 8 -45.74 -53.44 -27.21
C PRO F 8 -46.78 -54.07 -26.29
N SER F 9 -47.33 -55.22 -26.66
CA SER F 9 -48.34 -55.87 -25.82
C SER F 9 -48.41 -57.35 -26.22
N VAL F 10 -48.44 -58.21 -25.21
CA VAL F 10 -48.53 -59.66 -25.42
C VAL F 10 -49.62 -60.18 -24.48
N SER F 11 -50.67 -60.76 -25.05
CA SER F 11 -51.77 -61.33 -24.29
C SER F 11 -51.79 -62.85 -24.48
N VAL F 12 -52.19 -63.56 -23.42
CA VAL F 12 -52.25 -65.01 -23.45
C VAL F 12 -53.31 -65.48 -22.45
N ALA F 13 -54.01 -66.54 -22.79
CA ALA F 13 -55.00 -67.12 -21.89
C ALA F 13 -54.30 -67.70 -20.66
N PRO F 14 -54.99 -67.72 -19.51
CA PRO F 14 -54.35 -68.26 -18.29
C PRO F 14 -54.33 -69.78 -18.26
N GLY F 15 -53.93 -70.40 -19.37
CA GLY F 15 -53.80 -71.84 -19.43
C GLY F 15 -52.42 -72.28 -19.87
N GLN F 16 -51.72 -71.40 -20.58
CA GLN F 16 -50.40 -71.67 -21.11
C GLN F 16 -49.42 -70.60 -20.62
N THR F 17 -48.21 -70.64 -21.16
CA THR F 17 -47.17 -69.69 -20.80
C THR F 17 -47.11 -68.54 -21.81
N ALA F 18 -46.47 -67.46 -21.40
CA ALA F 18 -46.30 -66.28 -22.24
C ALA F 18 -44.87 -66.21 -22.77
N ARG F 19 -44.69 -65.40 -23.80
CA ARG F 19 -43.40 -65.27 -24.49
C ARG F 19 -43.03 -63.78 -24.55
N ILE F 20 -42.20 -63.34 -23.62
CA ILE F 20 -41.70 -61.97 -23.59
C ILE F 20 -40.22 -62.00 -23.95
N THR F 21 -39.86 -61.29 -25.03
CA THR F 21 -38.50 -61.30 -25.54
C THR F 21 -37.92 -59.90 -25.56
N CYS F 22 -36.59 -59.83 -25.47
CA CYS F 22 -35.86 -58.57 -25.58
C CYS F 22 -34.59 -58.85 -26.39
N GLY F 23 -34.53 -58.31 -27.60
CA GLY F 23 -33.41 -58.54 -28.50
C GLY F 23 -32.68 -57.24 -28.80
N GLY F 24 -31.39 -57.38 -29.12
CA GLY F 24 -30.58 -56.24 -29.47
C GLY F 24 -29.71 -56.48 -30.68
N ASN F 25 -28.44 -56.06 -30.61
CA ASN F 25 -27.50 -56.25 -31.71
C ASN F 25 -26.58 -57.44 -31.47
N ASN F 26 -25.86 -57.45 -30.35
CA ASN F 26 -24.96 -58.53 -30.01
C ASN F 26 -25.07 -58.84 -28.52
N ILE F 27 -26.31 -58.90 -28.02
CA ILE F 27 -26.55 -59.15 -26.59
C ILE F 27 -26.65 -60.67 -26.44
N GLY F 28 -25.50 -61.31 -26.28
CA GLY F 28 -25.44 -62.74 -26.10
C GLY F 28 -24.63 -63.17 -24.90
N SER F 29 -23.77 -62.28 -24.41
CA SER F 29 -22.90 -62.55 -23.27
C SER F 29 -23.18 -61.66 -22.07
N LYS F 30 -23.55 -60.40 -22.30
CA LYS F 30 -23.84 -59.49 -21.21
C LYS F 30 -25.10 -59.92 -20.47
N SER F 31 -25.11 -59.69 -19.16
CA SER F 31 -26.22 -60.14 -18.33
C SER F 31 -27.51 -59.41 -18.68
N VAL F 32 -28.62 -60.12 -18.60
CA VAL F 32 -29.94 -59.59 -18.91
C VAL F 32 -30.80 -59.69 -17.65
N HIS F 33 -31.22 -58.54 -17.13
CA HIS F 33 -32.06 -58.49 -15.95
C HIS F 33 -33.47 -58.04 -16.32
N TRP F 34 -34.45 -58.53 -15.55
CA TRP F 34 -35.85 -58.24 -15.79
C TRP F 34 -36.46 -57.56 -14.58
N TYR F 35 -37.59 -56.89 -14.79
CA TYR F 35 -38.32 -56.22 -13.72
C TYR F 35 -39.81 -56.31 -13.98
N GLN F 36 -40.58 -56.31 -12.90
CA GLN F 36 -42.04 -56.32 -12.96
C GLN F 36 -42.58 -55.18 -12.11
N GLN F 37 -43.50 -54.40 -12.68
CA GLN F 37 -44.06 -53.23 -12.00
C GLN F 37 -45.58 -53.32 -12.07
N LYS F 38 -46.22 -53.51 -10.92
CA LYS F 38 -47.66 -53.46 -10.85
C LYS F 38 -48.15 -52.04 -11.14
N PRO F 39 -49.32 -51.89 -11.76
CA PRO F 39 -49.81 -50.54 -12.09
C PRO F 39 -50.16 -49.73 -10.85
N GLY F 40 -49.39 -48.68 -10.60
CA GLY F 40 -49.62 -47.83 -9.44
C GLY F 40 -48.63 -48.08 -8.32
N GLN F 41 -48.21 -49.33 -8.16
CA GLN F 41 -47.28 -49.71 -7.11
C GLN F 41 -45.85 -49.52 -7.59
N ALA F 42 -44.88 -50.01 -6.81
CA ALA F 42 -43.46 -49.93 -7.11
C ALA F 42 -43.00 -51.16 -7.89
N PRO F 43 -41.99 -51.01 -8.75
CA PRO F 43 -41.49 -52.17 -9.50
C PRO F 43 -40.89 -53.21 -8.59
N VAL F 44 -41.28 -54.46 -8.79
CA VAL F 44 -40.75 -55.58 -8.03
C VAL F 44 -39.71 -56.30 -8.88
N LEU F 45 -38.83 -57.03 -8.22
CA LEU F 45 -37.76 -57.76 -8.91
C LEU F 45 -38.23 -59.16 -9.28
N VAL F 46 -37.85 -59.58 -10.50
CA VAL F 46 -38.13 -60.92 -10.99
C VAL F 46 -36.81 -61.57 -11.37
N VAL F 47 -36.88 -62.76 -11.97
CA VAL F 47 -35.70 -63.54 -12.36
C VAL F 47 -34.69 -62.66 -13.08
N TYR F 48 -33.45 -62.64 -12.59
CA TYR F 48 -32.39 -61.85 -13.16
C TYR F 48 -31.22 -62.75 -13.56
N ASP F 49 -30.37 -62.23 -14.43
CA ASP F 49 -29.21 -62.94 -14.99
C ASP F 49 -29.60 -64.21 -15.75
N ASP F 50 -30.90 -64.43 -15.96
CA ASP F 50 -31.40 -65.58 -16.72
C ASP F 50 -30.98 -66.91 -16.11
N SER F 51 -30.50 -66.90 -14.87
CA SER F 51 -30.06 -68.13 -14.23
C SER F 51 -30.45 -68.24 -12.75
N ASP F 52 -31.16 -67.26 -12.20
CA ASP F 52 -31.54 -67.31 -10.79
C ASP F 52 -32.63 -66.27 -10.53
N ARG F 53 -33.38 -66.48 -9.46
CA ARG F 53 -34.47 -65.62 -9.05
C ARG F 53 -34.22 -65.10 -7.65
N PRO F 54 -34.73 -63.90 -7.32
CA PRO F 54 -34.55 -63.36 -5.96
C PRO F 54 -35.38 -64.14 -4.94
N SER F 55 -35.26 -63.76 -3.67
CA SER F 55 -35.99 -64.42 -2.60
C SER F 55 -37.42 -63.93 -2.56
N GLY F 56 -38.38 -64.85 -2.70
CA GLY F 56 -39.80 -64.54 -2.70
C GLY F 56 -40.49 -64.85 -4.00
N ILE F 57 -39.77 -64.76 -5.11
CA ILE F 57 -40.37 -65.05 -6.42
C ILE F 57 -40.56 -66.55 -6.57
N PRO F 58 -41.76 -67.02 -6.92
CA PRO F 58 -41.99 -68.46 -7.06
C PRO F 58 -41.24 -69.04 -8.25
N GLU F 59 -41.30 -70.37 -8.36
CA GLU F 59 -40.65 -71.09 -9.45
C GLU F 59 -41.32 -70.84 -10.79
N ARG F 60 -42.50 -70.21 -10.80
CA ARG F 60 -43.21 -69.96 -12.05
C ARG F 60 -42.43 -69.04 -12.98
N PHE F 61 -41.68 -68.09 -12.41
CA PHE F 61 -40.90 -67.16 -13.22
C PHE F 61 -39.59 -67.81 -13.65
N SER F 62 -39.27 -67.70 -14.94
CA SER F 62 -38.05 -68.27 -15.48
C SER F 62 -37.56 -67.39 -16.64
N GLY F 63 -36.28 -67.53 -16.96
CA GLY F 63 -35.68 -66.77 -18.03
C GLY F 63 -34.64 -67.58 -18.76
N SER F 64 -34.35 -67.16 -19.99
CA SER F 64 -33.38 -67.84 -20.83
C SER F 64 -32.96 -66.90 -21.95
N ASN F 65 -31.65 -66.85 -22.22
CA ASN F 65 -31.09 -66.03 -23.29
C ASN F 65 -30.27 -66.92 -24.21
N SER F 66 -30.41 -66.69 -25.52
CA SER F 66 -29.70 -67.51 -26.51
C SER F 66 -29.36 -66.64 -27.72
N GLY F 67 -28.13 -66.13 -27.75
CA GLY F 67 -27.64 -65.39 -28.89
C GLY F 67 -28.05 -63.93 -28.94
N ASN F 68 -29.32 -63.68 -29.29
CA ASN F 68 -29.82 -62.31 -29.38
C ASN F 68 -31.26 -62.22 -28.92
N THR F 69 -31.69 -63.12 -28.03
CA THR F 69 -33.07 -63.13 -27.57
C THR F 69 -33.11 -63.64 -26.14
N ALA F 70 -33.64 -62.83 -25.23
CA ALA F 70 -33.83 -63.21 -23.83
C ALA F 70 -35.32 -63.40 -23.59
N THR F 71 -35.70 -64.63 -23.27
CA THR F 71 -37.11 -65.00 -23.11
C THR F 71 -37.43 -65.13 -21.63
N LEU F 72 -38.35 -64.31 -21.15
CA LEU F 72 -38.84 -64.37 -19.76
C LEU F 72 -40.06 -65.29 -19.76
N THR F 73 -39.82 -66.58 -19.55
CA THR F 73 -40.87 -67.59 -19.64
C THR F 73 -41.58 -67.68 -18.29
N ILE F 74 -42.75 -67.08 -18.20
CA ILE F 74 -43.56 -67.17 -16.99
C ILE F 74 -44.55 -68.32 -17.15
N SER F 75 -44.61 -69.19 -16.16
CA SER F 75 -45.45 -70.38 -16.19
C SER F 75 -46.71 -70.16 -15.36
N ARG F 76 -47.83 -70.67 -15.88
CA ARG F 76 -49.13 -70.61 -15.20
C ARG F 76 -49.49 -69.17 -14.85
N VAL F 77 -49.67 -68.37 -15.90
CA VAL F 77 -50.04 -66.97 -15.71
C VAL F 77 -51.44 -66.88 -15.11
N GLU F 78 -51.60 -66.00 -14.13
CA GLU F 78 -52.88 -65.80 -13.44
C GLU F 78 -53.34 -64.36 -13.64
N ALA F 79 -54.46 -64.03 -13.00
CA ALA F 79 -55.00 -62.68 -13.13
C ALA F 79 -54.12 -61.65 -12.40
N GLY F 80 -53.56 -62.03 -11.26
CA GLY F 80 -52.71 -61.14 -10.50
C GLY F 80 -51.33 -60.93 -11.07
N ASP F 81 -51.03 -61.48 -12.24
CA ASP F 81 -49.72 -61.35 -12.86
C ASP F 81 -49.69 -60.29 -13.95
N GLU F 82 -50.81 -59.60 -14.18
CA GLU F 82 -50.87 -58.55 -15.20
C GLU F 82 -50.12 -57.33 -14.69
N ALA F 83 -48.96 -57.04 -15.28
CA ALA F 83 -48.14 -55.90 -14.89
C ALA F 83 -47.27 -55.51 -16.08
N ASP F 84 -46.47 -54.47 -15.88
CA ASP F 84 -45.58 -53.95 -16.91
C ASP F 84 -44.19 -54.56 -16.69
N TYR F 85 -43.78 -55.43 -17.61
CA TYR F 85 -42.52 -56.15 -17.49
C TYR F 85 -41.44 -55.44 -18.31
N TYR F 86 -40.33 -55.11 -17.67
CA TYR F 86 -39.19 -54.46 -18.31
C TYR F 86 -37.97 -55.36 -18.26
N CYS F 87 -37.08 -55.18 -19.23
CA CYS F 87 -35.82 -55.90 -19.30
C CYS F 87 -34.67 -54.91 -19.26
N GLN F 88 -33.61 -55.26 -18.53
CA GLN F 88 -32.49 -54.36 -18.28
C GLN F 88 -31.21 -54.93 -18.89
N VAL F 89 -30.33 -54.02 -19.32
CA VAL F 89 -29.03 -54.37 -19.86
C VAL F 89 -28.03 -53.30 -19.42
N TRP F 90 -26.74 -53.64 -19.45
CA TRP F 90 -25.72 -52.73 -18.98
C TRP F 90 -25.10 -51.91 -20.10
N ASP F 91 -24.58 -52.58 -21.14
CA ASP F 91 -23.95 -51.92 -22.29
C ASP F 91 -22.78 -51.03 -21.83
N SER F 92 -21.75 -51.70 -21.34
CA SER F 92 -20.55 -51.04 -20.82
C SER F 92 -19.85 -50.21 -21.89
N ARG F 93 -20.26 -50.33 -23.15
CA ARG F 93 -19.65 -49.55 -24.21
C ARG F 93 -20.03 -48.08 -24.10
N SER F 94 -21.20 -47.79 -23.54
CA SER F 94 -21.67 -46.40 -23.39
C SER F 94 -21.79 -45.95 -21.95
N ASP F 95 -21.53 -46.84 -20.98
CA ASP F 95 -21.60 -46.51 -19.55
C ASP F 95 -22.99 -45.97 -19.18
N ARG F 96 -24.01 -46.76 -19.52
CA ARG F 96 -25.39 -46.36 -19.26
C ARG F 96 -26.19 -47.52 -18.68
N VAL F 97 -27.50 -47.32 -18.53
CA VAL F 97 -28.42 -48.39 -18.16
C VAL F 97 -29.60 -48.33 -19.13
N VAL F 98 -29.54 -49.12 -20.20
CA VAL F 98 -30.50 -49.04 -21.29
C VAL F 98 -31.74 -49.83 -20.93
N PHE F 99 -32.87 -49.14 -20.77
CA PHE F 99 -34.16 -49.77 -20.57
C PHE F 99 -34.89 -49.86 -21.91
N GLY F 100 -36.16 -50.26 -21.86
CA GLY F 100 -36.96 -50.36 -23.06
C GLY F 100 -38.44 -50.30 -22.74
N GLY F 101 -39.23 -50.04 -23.78
CA GLY F 101 -40.67 -49.99 -23.65
C GLY F 101 -41.25 -51.32 -23.18
N GLY F 102 -41.75 -51.34 -21.94
CA GLY F 102 -42.24 -52.58 -21.36
C GLY F 102 -43.45 -53.14 -22.07
N THR F 103 -43.71 -54.42 -21.82
CA THR F 103 -44.83 -55.12 -22.41
C THR F 103 -45.96 -55.23 -21.39
N LYS F 104 -47.18 -54.95 -21.86
CA LYS F 104 -48.37 -54.99 -21.01
C LYS F 104 -48.99 -56.38 -21.11
N LEU F 105 -48.54 -57.29 -20.24
CA LEU F 105 -49.09 -58.64 -20.21
C LEU F 105 -50.50 -58.62 -19.64
N THR F 106 -51.47 -59.04 -20.45
CA THR F 106 -52.87 -59.06 -20.04
C THR F 106 -53.42 -60.46 -20.26
N ALA F 107 -53.87 -61.10 -19.19
CA ALA F 107 -54.45 -62.44 -19.27
C ALA F 107 -55.80 -62.36 -19.98
N LEU F 108 -55.84 -62.83 -21.22
CA LEU F 108 -57.06 -62.78 -22.01
C LEU F 108 -58.00 -63.90 -21.61
N GLY F 109 -59.29 -63.57 -21.50
CA GLY F 109 -60.29 -64.56 -21.15
C GLY F 109 -60.69 -64.54 -19.69
N GLN F 110 -60.91 -63.34 -19.13
CA GLN F 110 -61.34 -63.23 -17.75
C GLN F 110 -62.85 -63.00 -17.69
N PRO F 111 -63.49 -63.44 -16.60
CA PRO F 111 -64.94 -63.23 -16.48
C PRO F 111 -65.31 -61.76 -16.43
N LYS F 112 -66.54 -61.47 -16.85
CA LYS F 112 -67.02 -60.09 -16.89
C LYS F 112 -67.27 -59.57 -15.48
N ALA F 113 -67.41 -58.25 -15.38
CA ALA F 113 -67.69 -57.60 -14.10
C ALA F 113 -68.62 -56.42 -14.35
N ALA F 114 -69.80 -56.47 -13.74
CA ALA F 114 -70.78 -55.40 -13.94
C ALA F 114 -70.44 -54.21 -13.06
N PRO F 115 -70.23 -53.03 -13.64
CA PRO F 115 -69.91 -51.85 -12.83
C PRO F 115 -71.12 -51.31 -12.10
N SER F 116 -70.90 -50.85 -10.86
CA SER F 116 -71.95 -50.27 -10.05
C SER F 116 -71.76 -48.75 -10.00
N VAL F 117 -72.83 -48.01 -10.31
CA VAL F 117 -72.78 -46.56 -10.32
C VAL F 117 -73.19 -46.04 -8.95
N THR F 118 -72.51 -44.99 -8.49
CA THR F 118 -72.78 -44.39 -7.19
C THR F 118 -72.93 -42.89 -7.38
N LEU F 119 -74.15 -42.38 -7.16
CA LEU F 119 -74.43 -40.97 -7.33
C LEU F 119 -74.16 -40.21 -6.04
N PHE F 120 -73.44 -39.10 -6.17
CA PHE F 120 -73.13 -38.22 -5.04
C PHE F 120 -73.65 -36.82 -5.36
N PRO F 121 -74.73 -36.39 -4.73
CA PRO F 121 -75.26 -35.04 -4.98
C PRO F 121 -74.31 -33.98 -4.44
N PRO F 122 -74.50 -32.72 -4.83
CA PRO F 122 -73.67 -31.65 -4.27
C PRO F 122 -73.78 -31.60 -2.75
N SER F 123 -72.67 -31.23 -2.11
CA SER F 123 -72.61 -31.22 -0.66
C SER F 123 -73.50 -30.10 -0.09
N SER F 124 -73.55 -30.03 1.24
CA SER F 124 -74.38 -29.01 1.89
C SER F 124 -73.67 -27.66 1.94
N GLU F 125 -72.38 -27.65 2.26
CA GLU F 125 -71.63 -26.41 2.40
C GLU F 125 -71.01 -25.97 1.07
N GLU F 126 -71.84 -25.87 0.04
CA GLU F 126 -71.40 -25.29 -1.22
C GLU F 126 -72.47 -24.45 -1.92
N LEU F 127 -73.73 -24.51 -1.51
CA LEU F 127 -74.77 -23.74 -2.17
C LEU F 127 -74.62 -22.25 -1.91
N GLN F 128 -73.98 -21.87 -0.80
CA GLN F 128 -73.76 -20.46 -0.52
C GLN F 128 -72.76 -19.85 -1.50
N ALA F 129 -71.85 -20.66 -2.05
CA ALA F 129 -70.90 -20.21 -3.04
C ALA F 129 -71.30 -20.77 -4.41
N ASN F 130 -70.45 -20.55 -5.41
CA ASN F 130 -70.67 -21.04 -6.77
C ASN F 130 -69.54 -22.00 -7.12
N LYS F 131 -69.72 -23.28 -6.79
CA LYS F 131 -68.72 -24.30 -7.06
C LYS F 131 -69.08 -25.14 -8.28
N ALA F 132 -70.27 -25.74 -8.28
CA ALA F 132 -70.78 -26.53 -9.42
C ALA F 132 -69.82 -27.68 -9.75
N THR F 133 -69.72 -28.60 -8.80
CA THR F 133 -68.84 -29.75 -8.91
C THR F 133 -69.61 -31.05 -8.68
N LEU F 134 -70.74 -31.20 -9.36
CA LEU F 134 -71.50 -32.44 -9.29
C LEU F 134 -70.66 -33.61 -9.80
N VAL F 135 -70.60 -34.68 -9.02
CA VAL F 135 -69.74 -35.83 -9.30
C VAL F 135 -70.61 -37.07 -9.46
N CYS F 136 -70.32 -37.86 -10.49
CA CYS F 136 -70.97 -39.15 -10.73
C CYS F 136 -69.89 -40.22 -10.80
N LEU F 137 -69.93 -41.16 -9.86
CA LEU F 137 -68.90 -42.18 -9.71
C LEU F 137 -69.44 -43.56 -10.10
N ILE F 138 -68.53 -44.44 -10.50
CA ILE F 138 -68.84 -45.82 -10.85
C ILE F 138 -67.86 -46.73 -10.15
N SER F 139 -68.29 -47.97 -9.87
CA SER F 139 -67.45 -48.92 -9.16
C SER F 139 -66.47 -49.58 -10.13
N ASP F 140 -65.80 -50.63 -9.67
CA ASP F 140 -64.82 -51.32 -10.49
C ASP F 140 -65.49 -52.20 -11.54
N PHE F 141 -64.75 -52.51 -12.60
CA PHE F 141 -65.26 -53.33 -13.69
C PHE F 141 -64.08 -53.83 -14.51
N TYR F 142 -64.19 -55.08 -14.97
CA TYR F 142 -63.14 -55.67 -15.80
C TYR F 142 -63.20 -55.15 -17.25
N PRO F 143 -64.35 -55.23 -17.93
CA PRO F 143 -64.37 -54.75 -19.33
C PRO F 143 -64.34 -53.23 -19.37
N GLY F 144 -63.22 -52.68 -19.83
CA GLY F 144 -63.05 -51.24 -19.91
C GLY F 144 -63.77 -50.61 -21.08
N ALA F 145 -63.32 -49.42 -21.49
CA ALA F 145 -63.89 -48.67 -22.61
C ALA F 145 -65.38 -48.43 -22.39
N VAL F 146 -65.69 -47.70 -21.31
CA VAL F 146 -67.05 -47.37 -20.93
C VAL F 146 -67.28 -45.89 -21.23
N THR F 147 -68.47 -45.58 -21.73
CA THR F 147 -68.87 -44.21 -22.05
C THR F 147 -69.94 -43.78 -21.06
N VAL F 148 -69.64 -42.74 -20.28
CA VAL F 148 -70.57 -42.23 -19.28
C VAL F 148 -71.46 -41.18 -19.95
N ALA F 149 -72.73 -41.50 -20.12
CA ALA F 149 -73.70 -40.59 -20.73
C ALA F 149 -74.40 -39.81 -19.64
N TRP F 150 -74.37 -38.48 -19.75
CA TRP F 150 -74.98 -37.60 -18.76
C TRP F 150 -76.40 -37.25 -19.18
N LYS F 151 -77.34 -37.37 -18.25
CA LYS F 151 -78.73 -36.99 -18.46
C LYS F 151 -79.04 -35.85 -17.49
N ALA F 152 -78.75 -34.63 -17.91
CA ALA F 152 -78.94 -33.44 -17.09
C ALA F 152 -80.35 -32.89 -17.34
N ASP F 153 -81.11 -32.72 -16.26
CA ASP F 153 -82.48 -32.23 -16.33
C ASP F 153 -83.36 -33.14 -17.19
N SER F 154 -83.16 -34.45 -17.03
CA SER F 154 -83.92 -35.47 -17.76
C SER F 154 -83.80 -35.29 -19.28
N SER F 155 -82.64 -34.83 -19.74
CA SER F 155 -82.40 -34.60 -21.16
C SER F 155 -80.92 -34.78 -21.44
N PRO F 156 -80.56 -35.28 -22.62
CA PRO F 156 -79.14 -35.44 -22.95
C PRO F 156 -78.43 -34.10 -23.09
N VAL F 157 -77.52 -33.80 -22.17
CA VAL F 157 -76.76 -32.55 -22.16
C VAL F 157 -75.29 -32.94 -22.14
N LYS F 158 -74.60 -32.74 -23.27
CA LYS F 158 -73.19 -33.06 -23.38
C LYS F 158 -72.32 -31.87 -23.77
N ALA F 159 -72.91 -30.70 -24.04
CA ALA F 159 -72.13 -29.54 -24.45
C ALA F 159 -71.36 -28.92 -23.29
N GLY F 160 -71.71 -29.26 -22.05
CA GLY F 160 -71.04 -28.70 -20.91
C GLY F 160 -69.61 -29.21 -20.76
N VAL F 161 -68.90 -28.60 -19.81
CA VAL F 161 -67.52 -28.97 -19.55
C VAL F 161 -67.51 -30.31 -18.82
N GLU F 162 -66.93 -31.32 -19.47
CA GLU F 162 -66.84 -32.67 -18.91
C GLU F 162 -65.38 -33.07 -18.73
N THR F 163 -65.17 -34.22 -18.12
CA THR F 163 -63.85 -34.76 -17.89
C THR F 163 -63.61 -36.03 -18.70
N THR F 164 -64.47 -37.04 -18.55
CA THR F 164 -64.39 -38.31 -19.27
C THR F 164 -62.99 -38.92 -19.15
N THR F 165 -62.60 -39.20 -17.90
CA THR F 165 -61.29 -39.77 -17.64
C THR F 165 -61.23 -41.21 -18.15
N PRO F 166 -60.10 -41.64 -18.71
CA PRO F 166 -59.99 -43.02 -19.16
C PRO F 166 -59.89 -43.98 -17.99
N SER F 167 -60.26 -45.24 -18.25
CA SER F 167 -60.23 -46.25 -17.20
C SER F 167 -58.79 -46.56 -16.81
N LYS F 168 -58.54 -46.53 -15.50
CA LYS F 168 -57.23 -46.82 -14.94
C LYS F 168 -57.21 -48.25 -14.39
N GLN F 169 -56.10 -48.63 -13.78
CA GLN F 169 -55.91 -49.96 -13.22
C GLN F 169 -55.99 -49.91 -11.71
N SER F 170 -56.73 -50.86 -11.14
CA SER F 170 -56.88 -50.96 -9.69
C SER F 170 -57.27 -52.40 -9.36
N ASN F 171 -56.38 -53.12 -8.68
CA ASN F 171 -56.55 -54.54 -8.34
C ASN F 171 -57.15 -55.32 -9.50
N ASN F 172 -56.56 -55.14 -10.68
CA ASN F 172 -56.98 -55.82 -11.90
C ASN F 172 -58.44 -55.52 -12.25
N LYS F 173 -58.90 -54.31 -11.91
CA LYS F 173 -60.27 -53.89 -12.20
C LYS F 173 -60.24 -52.44 -12.64
N TYR F 174 -60.83 -52.16 -13.80
CA TYR F 174 -60.83 -50.81 -14.33
C TYR F 174 -61.91 -49.97 -13.64
N ALA F 175 -61.64 -48.67 -13.54
CA ALA F 175 -62.56 -47.74 -12.91
C ALA F 175 -62.29 -46.34 -13.44
N ALA F 176 -63.33 -45.51 -13.43
CA ALA F 176 -63.22 -44.13 -13.92
C ALA F 176 -64.21 -43.27 -13.14
N SER F 177 -64.36 -42.02 -13.58
CA SER F 177 -65.25 -41.07 -12.94
C SER F 177 -65.82 -40.15 -14.02
N SER F 178 -66.62 -39.17 -13.57
CA SER F 178 -67.23 -38.23 -14.49
C SER F 178 -67.64 -36.98 -13.73
N TYR F 179 -67.52 -35.82 -14.37
CA TYR F 179 -67.87 -34.54 -13.75
C TYR F 179 -68.54 -33.67 -14.80
N LEU F 180 -69.78 -33.27 -14.53
CA LEU F 180 -70.50 -32.36 -15.42
C LEU F 180 -71.52 -31.59 -14.59
N SER F 181 -71.24 -30.33 -14.32
CA SER F 181 -72.13 -29.46 -13.56
C SER F 181 -72.24 -28.10 -14.25
N LEU F 182 -72.49 -28.11 -15.55
CA LEU F 182 -72.57 -26.89 -16.34
C LEU F 182 -73.71 -25.97 -15.91
N THR F 183 -74.51 -26.37 -14.92
CA THR F 183 -75.64 -25.59 -14.43
C THR F 183 -75.20 -24.21 -13.95
N PRO F 184 -76.13 -23.24 -13.84
CA PRO F 184 -75.77 -21.92 -13.31
C PRO F 184 -75.57 -21.92 -11.81
N GLU F 185 -75.38 -23.10 -11.23
CA GLU F 185 -75.27 -23.43 -9.80
C GLU F 185 -76.65 -23.50 -9.16
N GLN F 186 -77.72 -23.23 -9.89
CA GLN F 186 -79.08 -23.53 -9.43
C GLN F 186 -79.54 -24.86 -10.02
N TRP F 187 -78.82 -25.92 -9.65
CA TRP F 187 -79.07 -27.24 -10.22
C TRP F 187 -80.39 -27.83 -9.74
N LYS F 188 -80.95 -27.33 -8.64
CA LYS F 188 -82.21 -27.83 -8.11
C LYS F 188 -83.39 -27.17 -8.83
N SER F 189 -83.38 -27.27 -10.16
CA SER F 189 -84.42 -26.64 -10.96
C SER F 189 -85.67 -27.51 -11.01
N HIS F 190 -85.57 -28.67 -11.63
CA HIS F 190 -86.69 -29.61 -11.77
C HIS F 190 -86.21 -30.85 -12.51
N ARG F 191 -87.08 -31.86 -12.53
CA ARG F 191 -86.98 -33.02 -13.40
C ARG F 191 -85.74 -33.88 -13.13
N SER F 192 -85.21 -33.81 -11.90
CA SER F 192 -84.30 -34.83 -11.36
C SER F 192 -83.06 -35.01 -12.24
N TYR F 193 -82.22 -33.97 -12.25
CA TYR F 193 -80.90 -34.07 -12.85
C TYR F 193 -80.21 -35.36 -12.42
N SER F 194 -79.91 -36.22 -13.41
CA SER F 194 -79.48 -37.59 -13.13
C SER F 194 -78.17 -37.87 -13.85
N CYS F 195 -77.71 -39.12 -13.75
CA CYS F 195 -76.49 -39.60 -14.37
C CYS F 195 -76.71 -41.02 -14.86
N GLN F 196 -76.05 -41.37 -15.96
CA GLN F 196 -76.19 -42.68 -16.58
C GLN F 196 -74.82 -43.24 -16.94
N VAL F 197 -74.71 -44.57 -16.93
CA VAL F 197 -73.50 -45.28 -17.35
C VAL F 197 -73.91 -46.35 -18.35
N THR F 198 -73.28 -46.32 -19.53
CA THR F 198 -73.60 -47.24 -20.61
C THR F 198 -72.40 -48.13 -20.87
N HIS F 199 -72.50 -49.39 -20.44
CA HIS F 199 -71.46 -50.37 -20.70
C HIS F 199 -71.80 -51.16 -21.97
N GLU F 200 -70.86 -52.01 -22.40
CA GLU F 200 -71.09 -52.86 -23.57
C GLU F 200 -72.12 -53.92 -23.22
N GLY F 201 -73.32 -53.78 -23.76
CA GLY F 201 -74.41 -54.68 -23.45
C GLY F 201 -75.51 -54.01 -22.64
N SER F 202 -75.64 -54.39 -21.37
CA SER F 202 -76.61 -53.78 -20.50
C SER F 202 -76.04 -52.51 -19.87
N THR F 203 -76.94 -51.59 -19.54
CA THR F 203 -76.57 -50.31 -18.92
C THR F 203 -77.22 -50.20 -17.55
N VAL F 204 -76.57 -49.45 -16.66
CA VAL F 204 -77.06 -49.24 -15.30
C VAL F 204 -77.56 -47.81 -15.17
N GLU F 205 -78.68 -47.63 -14.48
CA GLU F 205 -79.30 -46.34 -14.29
C GLU F 205 -79.43 -46.04 -12.80
N LYS F 206 -79.26 -44.76 -12.44
CA LYS F 206 -79.40 -44.32 -11.06
C LYS F 206 -79.54 -42.81 -11.05
N THR F 207 -80.56 -42.32 -10.35
CA THR F 207 -80.86 -40.90 -10.26
C THR F 207 -80.76 -40.43 -8.81
N VAL F 208 -81.05 -39.15 -8.60
CA VAL F 208 -81.02 -38.56 -7.27
C VAL F 208 -82.39 -37.97 -6.97
N ALA F 209 -82.54 -37.37 -5.79
CA ALA F 209 -83.80 -36.75 -5.43
C ALA F 209 -84.06 -35.55 -6.34
N PRO F 210 -85.30 -35.35 -6.79
CA PRO F 210 -85.62 -34.23 -7.68
C PRO F 210 -85.68 -32.89 -6.94
N THR F 211 -84.58 -32.54 -6.29
CA THR F 211 -84.49 -31.29 -5.54
C THR F 211 -83.05 -30.79 -5.49
N GLN G 14 12.92 22.33 64.24
CA GLN G 14 14.26 22.61 63.71
C GLN G 14 15.33 21.96 64.58
N CYS G 15 16.51 21.75 64.01
CA CYS G 15 17.60 21.13 64.73
C CYS G 15 18.16 22.08 65.79
N VAL G 16 18.21 21.61 67.03
CA VAL G 16 18.72 22.38 68.15
C VAL G 16 19.80 21.57 68.86
N ASN G 17 20.55 22.24 69.73
CA ASN G 17 21.61 21.60 70.49
C ASN G 17 21.84 22.41 71.76
N LEU G 18 21.57 21.81 72.91
CA LEU G 18 21.73 22.50 74.18
C LEU G 18 23.21 22.66 74.52
N THR G 19 23.48 23.46 75.56
CA THR G 19 24.84 23.71 76.00
C THR G 19 25.28 22.59 76.95
N THR G 20 26.47 22.73 77.53
CA THR G 20 27.06 21.78 78.46
C THR G 20 27.21 20.38 77.86
N ARG G 21 27.20 20.27 76.53
CA ARG G 21 27.38 18.99 75.86
C ARG G 21 28.83 18.83 75.43
N THR G 22 29.70 18.63 76.43
CA THR G 22 31.13 18.58 76.20
C THR G 22 31.55 17.43 75.30
N GLN G 23 31.37 16.19 75.78
CA GLN G 23 31.83 15.02 75.04
C GLN G 23 31.29 13.77 75.72
N LEU G 24 30.98 12.75 74.92
CA LEU G 24 30.57 11.45 75.43
C LEU G 24 30.94 10.41 74.40
N PRO G 25 32.15 9.88 74.45
CA PRO G 25 32.57 8.85 73.50
C PRO G 25 31.93 7.51 73.84
N PRO G 26 31.64 6.68 72.83
CA PRO G 26 31.09 5.35 73.10
C PRO G 26 31.94 4.53 74.06
N ALA G 27 31.32 3.58 74.74
CA ALA G 27 32.01 2.72 75.69
C ALA G 27 31.54 1.29 75.45
N TYR G 28 31.97 0.39 76.35
CA TYR G 28 31.63 -1.02 76.21
C TYR G 28 31.42 -1.69 77.56
N THR G 29 30.50 -2.63 77.64
CA THR G 29 30.17 -3.34 78.86
C THR G 29 30.16 -4.84 78.59
N ASN G 30 30.08 -5.62 79.67
CA ASN G 30 30.07 -7.07 79.60
C ASN G 30 28.67 -7.55 79.98
N SER G 31 27.82 -7.74 78.96
CA SER G 31 26.47 -8.20 79.19
C SER G 31 26.47 -9.64 79.66
N PHE G 32 25.77 -9.91 80.76
CA PHE G 32 25.70 -11.26 81.31
C PHE G 32 24.67 -12.09 80.55
N THR G 33 24.27 -13.23 81.12
CA THR G 33 23.31 -14.12 80.46
C THR G 33 21.94 -13.46 80.48
N ARG G 34 21.58 -12.84 79.36
CA ARG G 34 20.31 -12.12 79.24
C ARG G 34 20.09 -11.79 77.77
N GLY G 35 18.85 -11.94 77.31
CA GLY G 35 18.51 -11.64 75.94
C GLY G 35 17.94 -12.82 75.18
N VAL G 36 17.34 -13.76 75.89
CA VAL G 36 16.73 -14.94 75.29
C VAL G 36 15.25 -14.67 75.06
N TYR G 37 14.79 -14.88 73.85
CA TYR G 37 13.40 -14.67 73.49
C TYR G 37 12.78 -15.98 73.00
N TYR G 38 11.45 -16.03 73.04
CA TYR G 38 10.73 -17.19 72.53
C TYR G 38 10.80 -17.22 71.01
N PRO G 39 11.45 -18.21 70.40
CA PRO G 39 11.60 -18.22 68.94
C PRO G 39 10.34 -18.64 68.19
N ASP G 40 9.31 -19.14 68.88
CA ASP G 40 8.11 -19.60 68.22
C ASP G 40 6.96 -19.60 69.21
N LYS G 41 5.74 -19.67 68.66
CA LYS G 41 4.53 -19.66 69.48
C LYS G 41 4.09 -21.09 69.77
N VAL G 42 4.95 -21.80 70.51
CA VAL G 42 4.74 -23.20 70.84
C VAL G 42 4.89 -23.37 72.34
N PHE G 43 3.92 -24.05 72.96
CA PHE G 43 3.97 -24.31 74.39
C PHE G 43 4.76 -25.58 74.66
N ARG G 44 5.64 -25.51 75.66
CA ARG G 44 6.44 -26.66 76.07
C ARG G 44 6.50 -26.70 77.60
N SER G 45 6.26 -27.88 78.17
CA SER G 45 6.16 -28.05 79.61
C SER G 45 7.23 -29.00 80.10
N SER G 46 8.16 -28.48 80.91
CA SER G 46 9.18 -29.27 81.60
C SER G 46 10.00 -30.10 80.61
N VAL G 47 10.32 -29.50 79.47
CA VAL G 47 11.12 -30.15 78.44
C VAL G 47 12.13 -29.16 77.90
N LEU G 48 13.26 -29.68 77.44
CA LEU G 48 14.29 -28.87 76.82
C LEU G 48 14.09 -28.81 75.31
N HIS G 49 14.70 -27.81 74.69
CA HIS G 49 14.54 -27.61 73.26
C HIS G 49 15.73 -26.83 72.72
N SER G 50 16.20 -27.22 71.54
CA SER G 50 17.30 -26.54 70.86
C SER G 50 16.78 -25.90 69.59
N THR G 51 17.14 -24.63 69.37
CA THR G 51 16.67 -23.89 68.22
C THR G 51 17.83 -23.11 67.61
N GLN G 52 17.71 -22.84 66.31
CA GLN G 52 18.72 -22.10 65.55
C GLN G 52 18.06 -20.83 65.04
N ASP G 53 18.33 -19.71 65.70
CA ASP G 53 17.78 -18.41 65.30
C ASP G 53 18.82 -17.34 65.60
N LEU G 54 18.41 -16.09 65.49
CA LEU G 54 19.30 -14.94 65.72
C LEU G 54 19.14 -14.51 67.17
N PHE G 55 19.96 -15.07 68.05
CA PHE G 55 19.95 -14.75 69.47
C PHE G 55 21.10 -13.81 69.80
N LEU G 56 21.20 -13.47 71.09
CA LEU G 56 22.28 -12.62 71.58
C LEU G 56 23.32 -13.47 72.28
N PRO G 57 24.57 -13.45 71.85
CA PRO G 57 25.59 -14.28 72.53
C PRO G 57 25.81 -13.83 73.96
N PHE G 58 25.99 -14.80 74.85
CA PHE G 58 26.25 -14.52 76.25
C PHE G 58 27.69 -14.06 76.45
N PHE G 59 27.88 -13.19 77.44
CA PHE G 59 29.18 -12.61 77.75
C PHE G 59 29.79 -11.93 76.53
N SER G 60 28.95 -11.22 75.78
CA SER G 60 29.38 -10.52 74.57
C SER G 60 29.86 -9.11 74.94
N ASN G 61 30.11 -8.29 73.91
CA ASN G 61 30.55 -6.90 74.14
C ASN G 61 29.50 -5.95 73.59
N VAL G 62 28.67 -5.42 74.45
CA VAL G 62 27.58 -4.51 74.09
C VAL G 62 28.02 -3.09 74.36
N THR G 63 27.56 -2.17 73.52
CA THR G 63 27.93 -0.76 73.68
C THR G 63 27.32 -0.18 74.95
N TRP G 64 27.88 0.92 75.41
CA TRP G 64 27.49 1.52 76.69
C TRP G 64 27.12 2.98 76.52
N PHE G 65 26.21 3.28 75.60
CA PHE G 65 25.74 4.64 75.41
C PHE G 65 24.94 5.08 76.62
N HIS G 66 25.53 5.95 77.45
CA HIS G 66 24.87 6.46 78.64
C HIS G 66 24.08 7.71 78.25
N VAL G 67 22.79 7.72 78.57
CA VAL G 67 21.92 8.85 78.21
C VAL G 67 22.01 9.85 79.37
N ILE G 68 23.11 10.61 79.38
CA ILE G 68 23.30 11.72 80.30
C ILE G 68 23.56 13.01 79.54
N ASP G 78 23.65 12.73 72.85
CA ASP G 78 24.36 11.94 71.85
C ASP G 78 23.44 10.83 71.38
N ASN G 79 23.18 10.77 70.08
CA ASN G 79 22.34 9.73 69.49
C ASN G 79 22.91 9.37 68.12
N PRO G 80 23.97 8.56 68.09
CA PRO G 80 24.58 8.20 66.81
C PRO G 80 23.68 7.29 65.98
N VAL G 81 24.02 7.19 64.70
CA VAL G 81 23.28 6.34 63.77
C VAL G 81 24.02 5.01 63.70
N LEU G 82 23.52 4.02 64.43
CA LEU G 82 24.19 2.72 64.40
C LEU G 82 23.54 1.79 63.38
N PRO G 83 24.32 0.94 62.73
CA PRO G 83 23.75 0.06 61.71
C PRO G 83 22.91 -1.05 62.33
N PHE G 84 22.03 -1.61 61.50
CA PHE G 84 21.12 -2.68 61.89
C PHE G 84 21.45 -3.88 61.02
N ASN G 85 22.39 -4.71 61.48
CA ASN G 85 22.83 -5.86 60.69
C ASN G 85 21.81 -7.00 60.76
N ASP G 86 21.53 -7.50 61.96
CA ASP G 86 20.57 -8.59 62.11
C ASP G 86 19.56 -8.27 63.20
N GLY G 87 19.93 -7.45 64.16
CA GLY G 87 19.03 -7.09 65.24
C GLY G 87 19.78 -6.41 66.36
N VAL G 88 18.99 -5.82 67.27
CA VAL G 88 19.51 -5.11 68.43
C VAL G 88 18.76 -5.57 69.67
N TYR G 89 19.35 -5.31 70.83
CA TYR G 89 18.75 -5.67 72.11
C TYR G 89 18.11 -4.47 72.81
N PHE G 90 18.80 -3.33 72.85
CA PHE G 90 18.26 -2.07 73.36
C PHE G 90 17.75 -2.21 74.80
N ALA G 91 18.68 -2.50 75.70
CA ALA G 91 18.37 -2.52 77.12
C ALA G 91 18.41 -1.11 77.69
N SER G 92 17.41 -0.77 78.51
CA SER G 92 17.30 0.57 79.05
C SER G 92 16.95 0.50 80.54
N ILE G 93 17.62 1.34 81.33
CA ILE G 93 17.35 1.47 82.75
C ILE G 93 17.28 2.96 83.08
N GLU G 94 16.10 3.42 83.50
CA GLU G 94 15.90 4.83 83.80
C GLU G 94 14.79 4.97 84.82
N LYS G 95 14.61 6.19 85.31
CA LYS G 95 13.56 6.52 86.27
C LYS G 95 12.54 7.49 85.67
N SER G 96 12.43 7.54 84.35
CA SER G 96 11.52 8.44 83.68
C SER G 96 11.06 7.79 82.38
N ASN G 97 10.47 8.58 81.50
CA ASN G 97 9.99 8.13 80.20
C ASN G 97 10.62 8.95 79.08
N ILE G 98 11.92 9.18 79.16
CA ILE G 98 12.60 9.99 78.16
C ILE G 98 12.76 9.22 76.85
N ILE G 99 13.15 7.95 76.94
CA ILE G 99 13.29 7.10 75.75
C ILE G 99 11.91 6.57 75.39
N ARG G 100 11.30 7.14 74.35
CA ARG G 100 9.95 6.74 73.95
C ARG G 100 9.81 6.68 72.43
N GLY G 101 10.86 6.32 71.71
CA GLY G 101 10.76 6.26 70.27
C GLY G 101 11.98 5.60 69.65
N TRP G 102 11.77 5.12 68.42
CA TRP G 102 12.83 4.55 67.60
C TRP G 102 12.63 4.99 66.16
N ILE G 103 13.69 4.92 65.37
CA ILE G 103 13.67 5.28 63.95
C ILE G 103 14.41 4.20 63.18
N PHE G 104 13.73 3.60 62.21
CA PHE G 104 14.31 2.57 61.36
C PHE G 104 14.31 3.03 59.91
N GLY G 105 15.21 2.45 59.13
CA GLY G 105 15.31 2.78 57.73
C GLY G 105 16.68 2.44 57.17
N THR G 106 16.79 2.56 55.85
CA THR G 106 18.04 2.30 55.16
C THR G 106 18.81 3.56 54.81
N THR G 107 18.13 4.69 54.62
CA THR G 107 18.77 5.96 54.32
C THR G 107 18.39 7.08 55.29
N LEU G 108 17.27 6.95 56.01
CA LEU G 108 16.82 7.95 56.97
C LEU G 108 16.61 9.31 56.31
N ASP G 109 15.96 9.28 55.14
CA ASP G 109 15.64 10.50 54.41
C ASP G 109 14.44 10.23 53.52
N SER G 110 14.05 11.23 52.74
CA SER G 110 12.88 11.12 51.87
C SER G 110 13.15 10.38 50.58
N LYS G 111 14.37 9.89 50.36
CA LYS G 111 14.68 9.17 49.13
C LYS G 111 14.09 7.77 49.14
N THR G 112 14.30 7.03 50.23
CA THR G 112 13.80 5.66 50.37
C THR G 112 12.78 5.60 51.50
N GLN G 113 12.27 4.39 51.74
CA GLN G 113 11.27 4.18 52.77
C GLN G 113 11.91 4.27 54.16
N SER G 114 11.08 4.56 55.15
CA SER G 114 11.54 4.71 56.54
C SER G 114 10.48 4.13 57.46
N LEU G 115 10.76 4.16 58.76
CA LEU G 115 9.87 3.61 59.76
C LEU G 115 10.21 4.21 61.12
N LEU G 116 9.18 4.53 61.89
CA LEU G 116 9.36 5.06 63.23
C LEU G 116 8.34 4.44 64.17
N ILE G 117 8.73 4.29 65.43
CA ILE G 117 7.88 3.68 66.46
C ILE G 117 7.85 4.66 67.63
N VAL G 118 6.84 5.54 67.65
CA VAL G 118 6.70 6.54 68.70
C VAL G 118 5.79 5.98 69.79
N ASN G 119 6.19 6.15 71.04
CA ASN G 119 5.46 5.66 72.20
C ASN G 119 5.01 6.86 73.02
N ASN G 120 3.81 7.36 72.71
CA ASN G 120 3.11 8.45 73.41
C ASN G 120 2.81 8.08 74.84
N ALA G 121 2.54 9.09 75.66
CA ALA G 121 2.21 8.83 77.06
C ALA G 121 0.93 8.02 77.25
N THR G 122 0.12 7.82 76.21
CA THR G 122 -1.11 7.07 76.34
C THR G 122 -1.29 5.98 75.31
N ASN G 123 -0.50 5.96 74.23
CA ASN G 123 -0.61 4.91 73.22
C ASN G 123 0.68 4.88 72.42
N VAL G 124 0.74 3.93 71.48
CA VAL G 124 1.89 3.75 70.60
C VAL G 124 1.43 3.89 69.16
N VAL G 125 2.21 4.59 68.35
CA VAL G 125 1.91 4.79 66.94
C VAL G 125 3.09 4.33 66.10
N ILE G 126 2.79 3.80 64.92
CA ILE G 126 3.79 3.34 63.97
C ILE G 126 3.35 3.75 62.58
N LYS G 127 4.25 4.39 61.83
CA LYS G 127 3.93 4.89 60.50
C LYS G 127 5.10 4.58 59.56
N VAL G 128 4.78 4.13 58.36
CA VAL G 128 5.79 3.81 57.36
C VAL G 128 5.79 4.85 56.22
N CYS G 129 5.26 6.04 56.48
CA CYS G 129 5.35 7.12 55.51
C CYS G 129 6.80 7.38 55.14
N GLU G 130 7.03 7.83 53.90
CA GLU G 130 8.37 8.14 53.44
C GLU G 130 8.81 9.45 54.07
N PHE G 131 9.21 9.39 55.34
CA PHE G 131 9.57 10.58 56.10
C PHE G 131 10.93 11.12 55.66
N GLN G 132 11.26 12.31 56.16
CA GLN G 132 12.54 12.96 55.92
C GLN G 132 13.05 13.46 57.26
N PHE G 133 14.01 12.76 57.83
CA PHE G 133 14.57 13.11 59.13
C PHE G 133 15.73 14.08 58.97
N CYS G 134 15.91 14.93 59.97
CA CYS G 134 17.00 15.90 59.98
C CYS G 134 18.29 15.21 60.43
N ASN G 135 19.33 15.99 60.67
CA ASN G 135 20.62 15.45 61.11
C ASN G 135 20.64 15.12 62.60
N ASP G 136 19.56 15.42 63.33
CA ASP G 136 19.49 15.13 64.75
C ASP G 136 18.04 15.09 65.21
N PRO G 137 17.34 13.98 64.99
CA PRO G 137 15.95 13.87 65.46
C PRO G 137 15.88 13.89 66.98
N PHE G 138 14.83 14.51 67.50
CA PHE G 138 14.65 14.63 68.94
C PHE G 138 13.18 14.88 69.24
N LEU G 139 12.73 14.37 70.38
CA LEU G 139 11.35 14.55 70.81
C LEU G 139 11.28 15.13 72.22
N GLU G 151 5.12 15.47 70.62
CA GLU G 151 5.13 16.30 69.42
C GLU G 151 5.58 15.51 68.20
N PHE G 152 5.65 16.18 67.06
CA PHE G 152 6.06 15.55 65.81
C PHE G 152 7.19 16.34 65.13
N ARG G 153 8.01 17.02 65.92
CA ARG G 153 9.12 17.80 65.37
C ARG G 153 10.34 16.92 65.15
N VAL G 154 10.16 15.80 64.45
CA VAL G 154 11.26 14.89 64.12
C VAL G 154 11.50 14.82 62.62
N TYR G 155 10.44 14.90 61.82
CA TYR G 155 10.54 14.87 60.37
C TYR G 155 10.05 16.20 59.81
N SER G 156 10.67 16.64 58.71
CA SER G 156 10.29 17.90 58.08
C SER G 156 9.14 17.72 57.10
N SER G 157 9.31 16.85 56.12
CA SER G 157 8.29 16.59 55.10
C SER G 157 7.94 15.10 55.13
N ALA G 158 6.66 14.81 55.32
CA ALA G 158 6.17 13.44 55.34
C ALA G 158 5.76 13.02 53.92
N ASN G 159 5.17 11.85 53.80
CA ASN G 159 4.74 11.33 52.50
C ASN G 159 3.63 10.31 52.75
N ASN G 160 3.31 9.53 51.72
CA ASN G 160 2.24 8.54 51.84
C ASN G 160 2.70 7.33 52.64
N CYS G 161 1.86 6.90 53.57
CA CYS G 161 2.10 5.68 54.34
C CYS G 161 1.50 4.48 53.61
N THR G 162 2.03 3.30 53.91
CA THR G 162 1.49 2.05 53.40
C THR G 162 1.00 1.12 54.51
N PHE G 163 1.18 1.49 55.77
CA PHE G 163 0.77 0.65 56.89
C PHE G 163 0.67 1.51 58.14
N GLU G 164 -0.31 1.18 58.98
CA GLU G 164 -0.49 1.86 60.26
C GLU G 164 -1.17 0.91 61.22
N TYR G 165 -0.89 1.09 62.52
CA TYR G 165 -1.48 0.25 63.55
C TYR G 165 -1.84 1.11 64.75
N VAL G 166 -2.86 0.68 65.48
CA VAL G 166 -3.40 1.48 66.58
C VAL G 166 -2.57 1.31 67.86
N SER G 167 -2.23 0.06 68.21
CA SER G 167 -1.45 -0.25 69.41
C SER G 167 -2.13 0.32 70.65
N GLN G 168 -3.31 -0.23 70.94
CA GLN G 168 -4.13 0.19 72.09
C GLN G 168 -3.36 0.33 73.40
N PRO G 169 -2.52 -0.60 73.82
CA PRO G 169 -1.72 -0.38 75.03
C PRO G 169 -0.37 0.24 74.72
N PHE G 170 0.29 0.70 75.78
CA PHE G 170 1.60 1.34 75.67
C PHE G 170 2.70 0.29 75.85
N LEU G 171 3.73 0.39 75.02
CA LEU G 171 4.83 -0.56 75.08
C LEU G 171 5.82 -0.20 76.18
N MET G 172 6.41 0.99 76.09
CA MET G 172 7.41 1.43 77.06
C MET G 172 6.75 2.08 78.27
N GLN G 178 8.23 5.34 91.59
CA GLN G 178 7.95 4.37 92.64
C GLN G 178 8.90 4.58 93.82
N GLY G 179 10.11 5.05 93.53
CA GLY G 179 11.11 5.28 94.55
C GLY G 179 12.43 4.59 94.27
N ASN G 180 12.80 3.63 95.12
CA ASN G 180 14.08 2.95 94.95
C ASN G 180 14.07 2.05 93.72
N PHE G 181 12.93 1.42 93.43
CA PHE G 181 12.84 0.50 92.30
C PHE G 181 12.80 1.28 91.00
N LYS G 182 13.78 1.07 90.14
CA LYS G 182 13.84 1.72 88.85
C LYS G 182 13.09 0.88 87.80
N ASN G 183 13.21 1.26 86.53
CA ASN G 183 12.51 0.58 85.45
C ASN G 183 13.55 0.02 84.48
N LEU G 184 13.46 -1.29 84.24
CA LEU G 184 14.32 -1.98 83.28
C LEU G 184 13.47 -2.47 82.12
N ARG G 185 13.90 -2.14 80.90
CA ARG G 185 13.17 -2.52 79.70
C ARG G 185 14.14 -2.87 78.59
N GLU G 186 13.79 -3.87 77.79
CA GLU G 186 14.59 -4.29 76.65
C GLU G 186 13.67 -4.67 75.50
N PHE G 187 14.07 -4.32 74.28
CA PHE G 187 13.23 -4.51 73.11
C PHE G 187 14.08 -5.09 71.98
N VAL G 188 13.80 -6.33 71.60
CA VAL G 188 14.51 -7.00 70.53
C VAL G 188 13.78 -6.77 69.21
N PHE G 189 14.53 -6.43 68.17
CA PHE G 189 13.96 -6.16 66.85
C PHE G 189 14.66 -7.03 65.82
N LYS G 190 13.88 -7.66 64.95
CA LYS G 190 14.41 -8.54 63.91
C LYS G 190 13.68 -8.26 62.60
N ASN G 191 14.16 -8.90 61.54
CA ASN G 191 13.52 -8.79 60.22
C ASN G 191 13.95 -10.00 59.41
N ILE G 192 13.07 -10.99 59.30
CA ILE G 192 13.40 -12.24 58.62
C ILE G 192 13.15 -12.09 57.12
N ASP G 193 11.88 -11.98 56.74
CA ASP G 193 11.52 -11.70 55.34
C ASP G 193 10.79 -10.37 55.21
N GLY G 194 9.68 -10.18 55.91
CA GLY G 194 8.99 -8.91 55.93
C GLY G 194 8.53 -8.50 57.31
N TYR G 195 8.61 -9.43 58.26
CA TYR G 195 8.06 -9.23 59.59
C TYR G 195 9.09 -8.62 60.53
N PHE G 196 8.61 -7.81 61.47
CA PHE G 196 9.46 -7.18 62.46
C PHE G 196 9.54 -8.00 63.75
N LYS G 197 8.40 -8.45 64.26
CA LYS G 197 8.34 -9.34 65.42
C LYS G 197 9.04 -8.73 66.63
N ILE G 198 8.47 -7.62 67.11
CA ILE G 198 9.06 -6.89 68.21
C ILE G 198 8.86 -7.67 69.51
N TYR G 199 9.94 -7.81 70.28
CA TYR G 199 9.90 -8.42 71.60
C TYR G 199 10.05 -7.35 72.66
N SER G 200 9.58 -7.67 73.87
CA SER G 200 9.61 -6.71 74.97
C SER G 200 9.43 -7.43 76.29
N LYS G 201 10.05 -6.87 77.33
CA LYS G 201 9.91 -7.38 78.69
C LYS G 201 10.34 -6.29 79.66
N HIS G 202 9.45 -5.95 80.59
CA HIS G 202 9.71 -4.92 81.59
C HIS G 202 9.66 -5.54 82.98
N THR G 203 10.71 -5.31 83.76
CA THR G 203 10.78 -5.84 85.12
C THR G 203 11.45 -4.79 86.01
N PRO G 204 10.88 -4.48 87.17
CA PRO G 204 11.48 -3.48 88.05
C PRO G 204 12.76 -3.99 88.67
N ILE G 205 13.83 -3.22 88.52
CA ILE G 205 15.13 -3.55 89.10
C ILE G 205 15.17 -2.98 90.51
N ILE G 206 15.60 -3.82 91.47
CA ILE G 206 15.58 -3.41 92.87
C ILE G 206 16.93 -2.90 93.37
N VAL G 207 18.02 -3.19 92.66
CA VAL G 207 19.35 -2.81 93.09
C VAL G 207 19.85 -1.69 92.19
N ARG G 208 20.77 -0.89 92.74
CA ARG G 208 21.40 0.21 92.02
C ARG G 208 22.84 -0.13 91.70
N GLU G 209 23.24 0.13 90.46
CA GLU G 209 24.57 -0.17 89.97
C GLU G 209 25.02 0.94 89.05
N PRO G 210 26.34 1.17 88.93
CA PRO G 210 26.82 2.24 88.06
C PRO G 210 26.62 1.93 86.57
N GLU G 211 25.36 1.93 86.13
CA GLU G 211 24.99 1.70 84.73
C GLU G 211 25.55 0.36 84.23
N ASP G 212 25.07 -0.71 84.84
CA ASP G 212 25.48 -2.06 84.49
C ASP G 212 24.25 -2.95 84.35
N LEU G 213 24.37 -3.96 83.50
CA LEU G 213 23.27 -4.89 83.31
C LEU G 213 23.11 -5.77 84.54
N PRO G 214 21.88 -5.98 85.01
CA PRO G 214 21.67 -6.79 86.22
C PRO G 214 21.91 -8.26 85.94
N GLN G 215 21.94 -9.03 87.03
CA GLN G 215 22.14 -10.47 86.95
C GLN G 215 20.79 -11.16 86.74
N GLY G 216 20.79 -12.49 86.84
CA GLY G 216 19.57 -13.25 86.68
C GLY G 216 19.28 -13.59 85.24
N PHE G 217 18.01 -13.93 85.00
CA PHE G 217 17.55 -14.30 83.66
C PHE G 217 16.19 -13.68 83.40
N SER G 218 15.94 -13.36 82.14
CA SER G 218 14.68 -12.75 81.74
C SER G 218 14.37 -13.12 80.29
N ALA G 219 13.12 -13.47 80.04
CA ALA G 219 12.67 -13.87 78.72
C ALA G 219 11.93 -12.72 78.03
N LEU G 220 12.11 -12.59 76.73
CA LEU G 220 11.47 -11.55 75.94
C LEU G 220 10.16 -12.07 75.37
N GLU G 221 9.05 -11.50 75.79
CA GLU G 221 7.75 -11.95 75.31
C GLU G 221 7.38 -11.21 74.03
N PRO G 222 6.92 -11.93 73.01
CA PRO G 222 6.49 -11.26 71.77
C PRO G 222 5.18 -10.51 72.00
N LEU G 223 5.20 -9.21 71.72
CA LEU G 223 4.03 -8.36 71.92
C LEU G 223 3.27 -8.11 70.63
N VAL G 224 3.94 -7.55 69.62
CA VAL G 224 3.28 -7.17 68.38
C VAL G 224 4.12 -7.65 67.19
N ASP G 225 3.43 -7.96 66.10
CA ASP G 225 4.04 -8.34 64.84
C ASP G 225 3.68 -7.31 63.78
N LEU G 226 4.59 -7.12 62.82
CA LEU G 226 4.40 -6.10 61.80
C LEU G 226 4.55 -6.68 60.40
N PRO G 227 3.47 -6.70 59.60
CA PRO G 227 3.58 -7.16 58.21
C PRO G 227 4.12 -6.08 57.29
N ILE G 228 4.74 -5.05 57.87
CA ILE G 228 5.16 -3.87 57.13
C ILE G 228 6.00 -4.25 55.92
N GLY G 229 7.03 -5.05 56.11
CA GLY G 229 7.87 -5.50 55.01
C GLY G 229 8.91 -4.52 54.53
N ILE G 230 9.49 -3.71 55.44
CA ILE G 230 10.48 -2.73 55.03
C ILE G 230 11.87 -3.36 55.08
N ASN G 231 12.77 -2.85 54.23
CA ASN G 231 14.16 -3.30 54.18
C ASN G 231 15.01 -2.26 54.89
N ILE G 232 15.29 -2.50 56.17
CA ILE G 232 16.06 -1.57 56.99
C ILE G 232 17.49 -2.06 57.09
N THR G 233 18.43 -1.11 57.16
CA THR G 233 19.83 -1.41 57.36
C THR G 233 20.50 -0.53 58.41
N ARG G 234 19.79 0.44 58.98
CA ARG G 234 20.35 1.34 59.99
C ARG G 234 19.35 1.46 61.13
N PHE G 235 19.79 2.08 62.22
CA PHE G 235 18.97 2.22 63.41
C PHE G 235 19.24 3.57 64.06
N GLN G 236 18.19 4.19 64.59
CA GLN G 236 18.29 5.48 65.24
C GLN G 236 17.25 5.56 66.35
N THR G 237 17.66 6.04 67.51
CA THR G 237 16.78 6.15 68.66
C THR G 237 16.09 7.52 68.68
N LEU G 238 15.21 7.70 69.65
CA LEU G 238 14.49 8.96 69.81
C LEU G 238 14.39 9.27 71.29
N LEU G 239 14.96 10.40 71.70
CA LEU G 239 15.02 10.80 73.09
C LEU G 239 14.18 12.05 73.32
N ALA G 240 13.46 12.07 74.43
CA ALA G 240 12.69 13.25 74.83
C ALA G 240 13.57 14.19 75.64
N LEU G 241 13.17 15.47 75.65
CA LEU G 241 13.95 16.51 76.32
C LEU G 241 13.22 17.08 77.52
N HIS G 242 12.00 17.60 77.33
CA HIS G 242 11.22 18.23 78.40
C HIS G 242 12.05 19.28 79.14
N ARG G 243 12.76 20.11 78.37
CA ARG G 243 13.62 21.13 78.96
C ARG G 243 12.78 22.21 79.65
N SER G 244 11.92 22.87 78.89
CA SER G 244 11.05 23.93 79.42
C SER G 244 11.86 25.04 80.09
N TRP G 255 18.45 22.36 81.61
CA TRP G 255 18.13 21.11 80.92
C TRP G 255 17.87 19.99 81.92
N THR G 256 16.85 19.18 81.65
CA THR G 256 16.45 18.06 82.51
C THR G 256 16.45 16.80 81.66
N ALA G 257 17.59 16.10 81.63
CA ALA G 257 17.73 14.87 80.87
C ALA G 257 17.61 13.62 81.73
N GLY G 258 17.69 13.75 83.05
CA GLY G 258 17.58 12.58 83.91
C GLY G 258 18.81 11.71 83.80
N ALA G 259 18.60 10.40 83.70
CA ALA G 259 19.69 9.44 83.60
C ALA G 259 19.15 8.16 82.98
N ALA G 260 19.77 7.72 81.89
CA ALA G 260 19.35 6.50 81.21
C ALA G 260 20.54 5.96 80.41
N ALA G 261 20.31 4.83 79.75
CA ALA G 261 21.33 4.22 78.89
C ALA G 261 20.70 3.14 78.02
N TYR G 262 20.94 3.22 76.70
CA TYR G 262 20.47 2.20 75.78
C TYR G 262 21.65 1.35 75.34
N TYR G 263 21.52 0.04 75.51
CA TYR G 263 22.59 -0.91 75.21
C TYR G 263 22.25 -1.63 73.90
N VAL G 264 22.89 -1.22 72.82
CA VAL G 264 22.67 -1.81 71.51
C VAL G 264 23.56 -3.03 71.35
N GLY G 265 22.96 -4.21 71.26
CA GLY G 265 23.71 -5.45 71.09
C GLY G 265 23.32 -6.20 69.84
N TYR G 266 24.28 -6.40 68.94
CA TYR G 266 24.00 -7.08 67.69
C TYR G 266 23.71 -8.56 67.92
N LEU G 267 22.81 -9.11 67.11
CA LEU G 267 22.40 -10.49 67.21
C LEU G 267 23.18 -11.35 66.21
N GLN G 268 23.50 -12.57 66.61
CA GLN G 268 24.23 -13.52 65.78
C GLN G 268 23.54 -14.87 65.81
N PRO G 269 23.63 -15.64 64.71
CA PRO G 269 23.00 -16.97 64.69
C PRO G 269 23.68 -17.95 65.62
N ARG G 270 22.98 -18.37 66.67
CA ARG G 270 23.51 -19.30 67.66
C ARG G 270 22.51 -20.43 67.86
N THR G 271 22.87 -21.38 68.72
CA THR G 271 22.03 -22.52 69.06
C THR G 271 21.88 -22.55 70.58
N PHE G 272 20.68 -22.23 71.06
CA PHE G 272 20.40 -22.19 72.48
C PHE G 272 19.64 -23.43 72.92
N LEU G 273 19.87 -23.85 74.17
CA LEU G 273 19.16 -24.96 74.78
C LEU G 273 18.23 -24.38 75.85
N LEU G 274 16.95 -24.23 75.50
CA LEU G 274 15.99 -23.58 76.38
C LEU G 274 15.57 -24.53 77.50
N LYS G 275 14.89 -23.97 78.50
CA LYS G 275 14.53 -24.66 79.73
C LYS G 275 13.05 -24.40 80.07
N TYR G 276 12.17 -24.63 79.10
CA TYR G 276 10.74 -24.47 79.29
C TYR G 276 10.27 -25.17 80.56
N ASN G 277 9.71 -24.40 81.48
CA ASN G 277 9.23 -24.93 82.75
C ASN G 277 7.83 -25.51 82.55
N GLU G 278 7.20 -25.96 83.64
CA GLU G 278 5.88 -26.57 83.55
C GLU G 278 4.78 -25.54 83.26
N ASN G 279 5.06 -24.26 83.29
CA ASN G 279 4.01 -23.31 82.96
C ASN G 279 4.30 -22.60 81.65
N GLY G 280 5.27 -23.09 80.91
CA GLY G 280 5.65 -22.51 79.63
C GLY G 280 6.73 -21.45 79.70
N THR G 281 7.13 -21.02 80.88
CA THR G 281 8.15 -19.99 80.99
C THR G 281 9.54 -20.59 80.81
N ILE G 282 10.52 -19.72 80.55
CA ILE G 282 11.91 -20.10 80.34
C ILE G 282 12.69 -19.70 81.58
N THR G 283 13.39 -20.66 82.18
CA THR G 283 14.17 -20.40 83.38
C THR G 283 15.63 -20.05 83.08
N ASP G 284 16.25 -20.77 82.15
CA ASP G 284 17.65 -20.53 81.80
C ASP G 284 17.89 -21.06 80.40
N ALA G 285 19.11 -20.85 79.90
CA ALA G 285 19.49 -21.30 78.56
C ALA G 285 21.00 -21.44 78.52
N VAL G 286 21.48 -22.06 77.43
CA VAL G 286 22.90 -22.27 77.20
C VAL G 286 23.29 -21.61 75.87
N ASP G 287 24.36 -20.82 75.90
CA ASP G 287 24.77 -20.11 74.69
C ASP G 287 25.40 -21.04 73.67
N CYS G 288 25.98 -22.16 74.13
CA CYS G 288 26.65 -23.15 73.27
C CYS G 288 27.79 -22.53 72.48
N ALA G 289 28.38 -21.45 73.01
CA ALA G 289 29.61 -20.90 72.46
C ALA G 289 30.63 -20.58 73.53
N LEU G 290 30.31 -20.80 74.80
CA LEU G 290 31.24 -20.61 75.91
C LEU G 290 32.15 -21.83 76.01
N ASP G 291 32.86 -21.95 77.13
CA ASP G 291 33.77 -23.05 77.42
C ASP G 291 33.14 -24.40 77.10
N PRO G 292 33.96 -25.41 76.74
CA PRO G 292 33.40 -26.68 76.22
C PRO G 292 32.37 -27.36 77.11
N LEU G 293 32.24 -26.93 78.36
CA LEU G 293 31.17 -27.44 79.20
C LEU G 293 29.80 -27.09 78.60
N SER G 294 29.69 -25.90 78.02
CA SER G 294 28.45 -25.51 77.35
C SER G 294 28.13 -26.46 76.20
N GLU G 295 29.09 -26.67 75.31
CA GLU G 295 28.84 -27.57 74.17
C GLU G 295 28.57 -29.00 74.61
N THR G 296 29.19 -29.42 75.72
CA THR G 296 28.86 -30.72 76.29
C THR G 296 27.40 -30.76 76.71
N LYS G 297 26.92 -29.68 77.34
CA LYS G 297 25.52 -29.62 77.73
C LYS G 297 24.60 -29.59 76.52
N CYS G 298 25.06 -29.01 75.40
CA CYS G 298 24.23 -29.02 74.19
C CYS G 298 24.13 -30.41 73.61
N THR G 299 25.27 -31.09 73.43
CA THR G 299 25.29 -32.41 72.83
C THR G 299 24.79 -33.51 73.77
N LEU G 300 24.60 -33.20 75.05
CA LEU G 300 24.13 -34.14 76.06
C LEU G 300 23.02 -33.51 76.88
N LYS G 301 21.98 -33.03 76.19
CA LYS G 301 21.03 -32.05 76.74
C LYS G 301 20.59 -32.39 78.15
N SER G 302 21.00 -31.56 79.10
CA SER G 302 20.71 -31.72 80.52
C SER G 302 21.26 -30.52 81.28
N PHE G 303 21.18 -30.55 82.61
CA PHE G 303 21.84 -29.54 83.42
C PHE G 303 22.52 -30.15 84.65
N THR G 304 22.57 -31.47 84.75
CA THR G 304 23.24 -32.20 85.83
C THR G 304 24.07 -33.33 85.24
N VAL G 305 24.89 -33.00 84.23
CA VAL G 305 25.69 -34.02 83.55
C VAL G 305 26.62 -34.70 84.54
N GLU G 306 26.72 -36.02 84.42
CA GLU G 306 27.47 -36.82 85.38
C GLU G 306 28.96 -36.75 85.07
N LYS G 307 29.76 -37.55 85.78
CA LYS G 307 31.21 -37.55 85.61
C LYS G 307 31.61 -38.43 84.45
N GLY G 308 32.47 -37.91 83.59
CA GLY G 308 32.95 -38.68 82.46
C GLY G 308 33.44 -37.77 81.35
N ILE G 309 33.90 -38.42 80.28
CA ILE G 309 34.42 -37.74 79.09
C ILE G 309 33.40 -37.91 77.96
N TYR G 310 33.20 -36.85 77.20
CA TYR G 310 32.20 -36.87 76.12
C TYR G 310 32.75 -36.16 74.89
N GLN G 311 32.51 -36.74 73.73
CA GLN G 311 32.90 -36.13 72.46
C GLN G 311 31.86 -35.11 72.06
N THR G 312 32.27 -33.84 71.94
CA THR G 312 31.36 -32.75 71.69
C THR G 312 31.57 -32.10 70.32
N SER G 313 32.78 -31.65 70.03
CA SER G 313 33.07 -30.92 68.80
C SER G 313 34.12 -31.67 67.98
N ASN G 314 34.54 -31.01 66.91
CA ASN G 314 35.58 -31.52 66.08
C ASN G 314 36.40 -30.33 65.63
N PHE G 315 37.67 -30.20 66.03
CA PHE G 315 38.51 -29.05 65.70
C PHE G 315 38.83 -29.06 64.27
N ARG G 316 39.19 -27.94 63.68
CA ARG G 316 39.61 -27.94 62.30
C ARG G 316 40.33 -26.66 62.01
N VAL G 317 41.60 -26.71 61.69
CA VAL G 317 42.34 -25.50 61.52
C VAL G 317 41.98 -25.04 60.18
N GLN G 318 41.68 -23.77 60.01
CA GLN G 318 41.02 -23.37 58.81
C GLN G 318 41.98 -22.59 57.99
N PRO G 319 41.81 -22.55 56.66
CA PRO G 319 42.75 -21.90 55.75
C PRO G 319 43.16 -20.45 56.02
N THR G 320 44.00 -19.87 55.17
CA THR G 320 44.43 -18.46 55.29
C THR G 320 45.18 -17.94 54.05
N GLU G 321 44.71 -18.25 52.84
CA GLU G 321 45.32 -17.80 51.58
C GLU G 321 44.63 -18.49 50.42
N SER G 322 44.72 -17.96 49.21
CA SER G 322 44.04 -18.51 48.04
C SER G 322 45.03 -18.72 46.92
N ILE G 323 46.15 -19.37 47.23
CA ILE G 323 47.25 -19.51 46.30
C ILE G 323 46.81 -20.26 45.05
N VAL G 324 47.08 -19.68 43.88
CA VAL G 324 46.86 -20.31 42.60
C VAL G 324 48.18 -20.30 41.84
N ARG G 325 48.65 -21.48 41.42
CA ARG G 325 49.96 -21.64 40.80
C ARG G 325 49.79 -22.29 39.44
N PHE G 326 49.92 -21.50 38.38
CA PHE G 326 49.88 -21.96 37.00
C PHE G 326 51.25 -21.78 36.35
N PRO G 327 51.53 -22.53 35.26
CA PRO G 327 52.85 -22.40 34.61
C PRO G 327 53.08 -21.05 33.98
N ASN G 328 54.29 -20.87 33.45
CA ASN G 328 54.72 -19.63 32.84
C ASN G 328 53.98 -19.39 31.53
N ILE G 329 53.87 -18.12 31.09
CA ILE G 329 53.36 -17.83 29.77
C ILE G 329 54.44 -18.10 28.73
N THR G 330 54.03 -18.58 27.56
CA THR G 330 54.97 -18.89 26.50
C THR G 330 54.21 -18.98 25.18
N ASN G 331 54.91 -18.60 24.10
CA ASN G 331 54.36 -18.65 22.74
C ASN G 331 53.07 -17.84 22.63
N LEU G 332 53.24 -16.53 22.82
CA LEU G 332 52.11 -15.61 22.72
C LEU G 332 51.54 -15.63 21.29
N CYS G 333 50.24 -15.35 21.19
CA CYS G 333 49.55 -15.44 19.92
C CYS G 333 49.95 -14.28 19.01
N PRO G 334 49.85 -14.47 17.69
CA PRO G 334 50.23 -13.40 16.76
C PRO G 334 49.22 -12.25 16.74
N PHE G 335 49.05 -11.57 17.87
CA PHE G 335 48.21 -10.39 17.95
C PHE G 335 49.01 -9.10 17.78
N ASP G 336 50.32 -9.20 17.63
CA ASP G 336 51.17 -8.05 17.39
C ASP G 336 51.31 -7.74 15.89
N GLU G 337 50.92 -8.67 15.01
CA GLU G 337 50.97 -8.43 13.58
C GLU G 337 49.58 -8.28 12.98
N VAL G 338 48.52 -8.37 13.79
CA VAL G 338 47.18 -8.11 13.31
C VAL G 338 46.56 -6.86 13.92
N PHE G 339 47.08 -6.36 15.05
CA PHE G 339 46.65 -5.09 15.62
C PHE G 339 47.69 -3.99 15.43
N ASN G 340 48.92 -4.36 15.08
CA ASN G 340 49.98 -3.41 14.81
C ASN G 340 50.54 -3.64 13.45
N ALA G 341 49.67 -3.90 12.48
CA ALA G 341 50.09 -4.10 11.11
C ALA G 341 50.38 -2.76 10.44
N THR G 342 50.77 -2.83 9.17
CA THR G 342 51.13 -1.64 8.40
C THR G 342 50.01 -1.17 7.49
N ARG G 343 49.48 -2.05 6.65
CA ARG G 343 48.47 -1.68 5.66
C ARG G 343 47.38 -2.74 5.59
N PHE G 344 46.15 -2.27 5.37
CA PHE G 344 45.01 -3.11 5.05
C PHE G 344 44.62 -2.86 3.60
N ALA G 345 43.59 -3.55 3.13
CA ALA G 345 43.18 -3.47 1.73
C ALA G 345 41.86 -2.73 1.54
N SER G 346 40.77 -3.23 2.13
CA SER G 346 39.47 -2.63 1.94
C SER G 346 38.42 -3.21 2.88
N VAL G 347 37.16 -2.81 2.70
CA VAL G 347 36.05 -3.34 3.48
C VAL G 347 35.34 -4.49 2.79
N TYR G 348 35.51 -4.65 1.47
CA TYR G 348 34.93 -5.79 0.76
C TYR G 348 35.85 -7.00 0.72
N ALA G 349 37.17 -6.78 0.77
CA ALA G 349 38.16 -7.85 0.78
C ALA G 349 38.90 -7.76 2.12
N TRP G 350 38.36 -8.41 3.14
CA TRP G 350 38.93 -8.36 4.47
C TRP G 350 39.69 -9.65 4.76
N ASN G 351 40.87 -9.51 5.38
CA ASN G 351 41.66 -10.67 5.74
C ASN G 351 41.03 -11.39 6.93
N ARG G 352 41.23 -12.71 6.97
CA ARG G 352 40.72 -13.54 8.04
C ARG G 352 41.85 -14.43 8.55
N LYS G 353 42.42 -14.05 9.69
CA LYS G 353 43.53 -14.77 10.30
C LYS G 353 43.00 -15.85 11.23
N ARG G 354 43.48 -17.07 11.06
CA ARG G 354 43.09 -18.20 11.90
C ARG G 354 44.15 -18.42 12.96
N ILE G 355 43.77 -18.26 14.22
CA ILE G 355 44.69 -18.44 15.34
C ILE G 355 44.66 -19.90 15.78
N SER G 356 45.77 -20.37 16.34
CA SER G 356 45.92 -21.75 16.78
C SER G 356 46.12 -21.75 18.30
N ASN G 357 46.45 -22.93 18.83
CA ASN G 357 46.63 -23.11 20.27
C ASN G 357 47.69 -22.15 20.79
N CYS G 358 47.30 -21.32 21.74
CA CYS G 358 48.16 -20.27 22.30
C CYS G 358 47.50 -19.77 23.59
N VAL G 359 48.04 -18.69 24.14
CA VAL G 359 47.52 -18.05 25.34
C VAL G 359 47.31 -16.58 25.02
N ALA G 360 46.06 -16.19 24.76
CA ALA G 360 45.73 -14.84 24.34
C ALA G 360 45.54 -13.95 25.56
N ASP G 361 46.27 -12.84 25.60
CA ASP G 361 46.18 -11.87 26.69
C ASP G 361 45.34 -10.70 26.18
N TYR G 362 44.06 -10.69 26.56
CA TYR G 362 43.17 -9.62 26.14
C TYR G 362 43.32 -8.39 27.03
N SER G 363 44.56 -7.92 27.17
CA SER G 363 44.84 -6.70 27.92
C SER G 363 45.71 -5.70 27.17
N VAL G 364 46.45 -6.14 26.14
CA VAL G 364 47.21 -5.21 25.32
C VAL G 364 46.34 -4.48 24.31
N LEU G 365 45.05 -4.82 24.24
CA LEU G 365 44.17 -4.18 23.27
C LEU G 365 43.96 -2.70 23.58
N TYR G 366 44.04 -2.31 24.85
CA TYR G 366 43.87 -0.92 25.25
C TYR G 366 45.20 -0.24 25.58
N ASN G 367 46.26 -0.60 24.87
CA ASN G 367 47.56 0.04 25.03
C ASN G 367 47.95 0.92 23.85
N LEU G 368 47.18 0.89 22.76
CA LEU G 368 47.50 1.66 21.57
C LEU G 368 47.11 3.12 21.74
N ALA G 369 47.12 3.85 20.64
CA ALA G 369 46.80 5.27 20.66
C ALA G 369 45.38 5.49 21.19
N PRO G 370 45.12 6.63 21.83
CA PRO G 370 43.79 6.89 22.40
C PRO G 370 42.69 7.01 21.34
N PHE G 371 41.47 7.25 21.79
CA PHE G 371 40.30 7.35 20.92
C PHE G 371 40.09 6.04 20.14
N PHE G 372 39.85 4.97 20.90
CA PHE G 372 39.59 3.65 20.36
C PHE G 372 38.38 3.05 21.06
N THR G 373 37.52 2.38 20.31
CA THR G 373 36.34 1.77 20.90
C THR G 373 36.64 0.34 21.35
N PHE G 374 35.83 -0.15 22.29
CA PHE G 374 35.97 -1.50 22.80
C PHE G 374 34.60 -2.15 22.99
N LYS G 375 33.63 -1.78 22.15
CA LYS G 375 32.28 -2.29 22.28
C LYS G 375 32.23 -3.78 21.94
N CYS G 376 31.72 -4.58 22.88
CA CYS G 376 31.58 -6.01 22.70
C CYS G 376 30.12 -6.37 22.48
N TYR G 377 29.89 -7.61 22.06
CA TYR G 377 28.53 -8.12 21.79
C TYR G 377 28.43 -9.53 22.37
N GLY G 378 27.73 -9.65 23.50
CA GLY G 378 27.55 -10.93 24.15
C GLY G 378 28.59 -11.28 25.18
N VAL G 379 29.72 -10.55 25.22
CA VAL G 379 30.78 -10.79 26.17
C VAL G 379 31.15 -9.45 26.83
N SER G 380 32.15 -9.49 27.69
CA SER G 380 32.64 -8.32 28.40
C SER G 380 34.14 -8.42 28.57
N PRO G 381 34.86 -7.29 28.53
CA PRO G 381 36.32 -7.35 28.69
C PRO G 381 36.76 -7.81 30.07
N THR G 382 35.96 -7.55 31.11
CA THR G 382 36.33 -8.01 32.45
C THR G 382 36.21 -9.53 32.56
N LYS G 383 35.22 -10.11 31.88
CA LYS G 383 35.03 -11.55 31.87
C LYS G 383 35.52 -12.18 30.57
N LEU G 384 36.41 -11.50 29.84
CA LEU G 384 36.91 -12.06 28.59
C LEU G 384 37.82 -13.26 28.84
N ASN G 385 38.72 -13.15 29.83
CA ASN G 385 39.65 -14.22 30.15
C ASN G 385 39.05 -15.21 31.13
N ASP G 386 37.81 -15.62 30.88
CA ASP G 386 37.11 -16.62 31.68
C ASP G 386 36.57 -17.77 30.85
N LEU G 387 36.10 -17.50 29.63
CA LEU G 387 35.57 -18.53 28.76
C LEU G 387 36.66 -19.08 27.84
N CYS G 388 36.45 -20.29 27.37
CA CYS G 388 37.40 -20.98 26.50
C CYS G 388 36.85 -21.04 25.09
N PHE G 389 37.68 -20.67 24.12
CA PHE G 389 37.30 -20.64 22.71
C PHE G 389 38.29 -21.46 21.89
N THR G 390 37.76 -22.19 20.90
CA THR G 390 38.60 -23.05 20.08
C THR G 390 39.38 -22.24 19.03
N ASN G 391 38.68 -21.47 18.21
CA ASN G 391 39.32 -20.68 17.16
C ASN G 391 38.78 -19.26 17.19
N VAL G 392 39.68 -18.29 17.12
CA VAL G 392 39.33 -16.88 17.08
C VAL G 392 39.78 -16.32 15.74
N TYR G 393 38.86 -15.65 15.05
CA TYR G 393 39.10 -15.10 13.72
C TYR G 393 39.14 -13.58 13.77
N ALA G 394 40.18 -13.00 13.21
CA ALA G 394 40.34 -11.55 13.15
C ALA G 394 40.08 -11.08 11.72
N ASP G 395 39.15 -10.13 11.57
CA ASP G 395 38.77 -9.59 10.27
C ASP G 395 39.12 -8.11 10.24
N SER G 396 40.14 -7.76 9.48
CA SER G 396 40.62 -6.39 9.39
C SER G 396 40.02 -5.69 8.17
N PHE G 397 39.60 -4.45 8.37
CA PHE G 397 38.99 -3.64 7.30
C PHE G 397 39.02 -2.18 7.72
N VAL G 398 39.06 -1.30 6.71
CA VAL G 398 39.44 0.09 6.90
C VAL G 398 38.22 1.01 6.92
N ILE G 399 37.06 0.47 7.31
CA ILE G 399 35.85 1.28 7.37
C ILE G 399 36.08 2.47 8.31
N ARG G 400 35.60 3.64 7.88
CA ARG G 400 35.74 4.87 8.65
C ARG G 400 34.44 5.65 8.60
N GLY G 401 34.37 6.72 9.38
CA GLY G 401 33.21 7.57 9.39
C GLY G 401 32.13 7.12 10.35
N ASP G 402 30.94 7.67 10.15
CA ASP G 402 29.80 7.36 11.00
C ASP G 402 29.13 6.06 10.55
N GLU G 403 29.92 5.00 10.38
CA GLU G 403 29.39 3.69 10.04
C GLU G 403 29.90 2.58 10.95
N VAL G 404 30.71 2.91 11.96
CA VAL G 404 31.11 1.92 12.94
C VAL G 404 29.96 1.59 13.88
N ARG G 405 29.01 2.50 14.05
CA ARG G 405 27.87 2.25 14.93
C ARG G 405 26.95 1.17 14.36
N GLN G 406 26.88 1.05 13.04
CA GLN G 406 26.04 0.06 12.38
C GLN G 406 26.77 -1.24 12.11
N ILE G 407 27.98 -1.41 12.64
CA ILE G 407 28.68 -2.70 12.57
C ILE G 407 28.25 -3.47 13.81
N ALA G 408 27.10 -4.13 13.69
CA ALA G 408 26.49 -4.83 14.82
C ALA G 408 25.41 -5.76 14.26
N PRO G 409 25.06 -6.81 15.01
CA PRO G 409 24.00 -7.71 14.56
C PRO G 409 22.67 -6.98 14.44
N GLY G 410 22.04 -7.12 13.28
CA GLY G 410 20.75 -6.51 13.04
C GLY G 410 20.77 -5.00 12.89
N GLN G 411 21.82 -4.46 12.27
CA GLN G 411 21.94 -3.02 12.04
C GLN G 411 22.49 -2.81 10.64
N THR G 412 21.62 -2.42 9.71
CA THR G 412 22.02 -2.20 8.33
C THR G 412 22.63 -0.80 8.17
N GLY G 413 23.03 -0.47 6.95
CA GLY G 413 23.62 0.83 6.68
C GLY G 413 24.05 0.94 5.23
N ASN G 414 25.14 1.69 5.03
CA ASN G 414 25.69 1.91 3.70
C ASN G 414 27.01 1.20 3.46
N ILE G 415 27.70 0.75 4.51
CA ILE G 415 28.92 -0.02 4.37
C ILE G 415 28.78 -1.45 4.85
N ALA G 416 27.94 -1.72 5.85
CA ALA G 416 27.70 -3.07 6.34
C ALA G 416 26.51 -3.71 5.63
N ASP G 417 26.21 -3.25 4.43
CA ASP G 417 25.12 -3.79 3.62
C ASP G 417 25.59 -4.62 2.44
N TYR G 418 26.76 -4.30 1.87
CA TYR G 418 27.29 -5.09 0.76
C TYR G 418 28.80 -5.33 0.90
N ASN G 419 29.34 -5.18 2.09
CA ASN G 419 30.76 -5.45 2.34
C ASN G 419 31.00 -6.40 3.50
N TYR G 420 30.17 -6.33 4.55
CA TYR G 420 30.34 -7.18 5.72
C TYR G 420 29.01 -7.26 6.45
N LYS G 421 28.55 -8.49 6.69
CA LYS G 421 27.26 -8.73 7.35
C LYS G 421 27.50 -9.68 8.52
N LEU G 422 26.91 -9.35 9.67
CA LEU G 422 27.08 -10.16 10.88
C LEU G 422 25.71 -10.66 11.34
N PRO G 423 25.56 -11.97 11.57
CA PRO G 423 24.26 -12.49 12.05
C PRO G 423 24.00 -12.10 13.49
N ASP G 424 22.87 -12.53 14.05
CA ASP G 424 22.55 -12.23 15.45
C ASP G 424 23.11 -13.30 16.37
N ASP G 425 24.41 -13.60 16.20
CA ASP G 425 25.11 -14.52 17.10
C ASP G 425 26.56 -14.09 17.31
N PHE G 426 26.91 -12.85 17.01
CA PHE G 426 28.29 -12.41 17.10
C PHE G 426 28.73 -12.30 18.56
N THR G 427 29.90 -12.86 18.85
CA THR G 427 30.49 -12.84 20.19
C THR G 427 31.93 -12.35 20.05
N GLY G 428 32.13 -11.05 20.23
CA GLY G 428 33.46 -10.48 20.13
C GLY G 428 33.42 -8.99 20.39
N CYS G 429 34.62 -8.40 20.38
CA CYS G 429 34.79 -6.98 20.63
C CYS G 429 35.49 -6.35 19.43
N VAL G 430 34.95 -5.23 18.94
CA VAL G 430 35.49 -4.54 17.78
C VAL G 430 36.37 -3.40 18.25
N ILE G 431 37.54 -3.27 17.64
CA ILE G 431 38.48 -2.19 17.93
C ILE G 431 38.64 -1.35 16.67
N ALA G 432 38.52 -0.04 16.80
CA ALA G 432 38.49 0.88 15.68
C ALA G 432 39.40 2.07 15.92
N TRP G 433 40.65 1.80 16.33
CA TRP G 433 41.60 2.88 16.55
C TRP G 433 41.91 3.59 15.25
N ASN G 434 42.19 4.90 15.35
CA ASN G 434 42.40 5.75 14.19
C ASN G 434 43.89 5.93 13.95
N SER G 435 44.34 5.61 12.73
CA SER G 435 45.75 5.78 12.34
C SER G 435 45.82 6.83 11.24
N ASN G 436 45.95 8.09 11.66
CA ASN G 436 46.07 9.22 10.73
C ASN G 436 47.51 9.70 10.63
N LYS G 437 48.47 8.80 10.77
CA LYS G 437 49.89 9.16 10.68
C LYS G 437 50.66 8.35 9.66
N LEU G 438 50.31 7.08 9.41
CA LEU G 438 51.00 6.26 8.43
C LEU G 438 50.10 5.76 7.31
N ASP G 439 48.80 6.06 7.33
CA ASP G 439 47.89 5.64 6.28
C ASP G 439 47.49 6.78 5.35
N SER G 440 47.03 7.89 5.91
CA SER G 440 46.63 9.04 5.11
C SER G 440 47.87 9.75 4.56
N LYS G 441 48.15 9.55 3.28
CA LYS G 441 49.30 10.17 2.63
C LYS G 441 48.90 10.62 1.24
N VAL G 442 49.68 11.58 0.71
CA VAL G 442 49.44 12.09 -0.64
C VAL G 442 50.03 11.22 -1.73
N SER G 443 50.66 10.09 -1.36
CA SER G 443 51.23 9.21 -2.36
C SER G 443 50.16 8.53 -3.20
N GLY G 444 49.05 8.14 -2.57
CA GLY G 444 47.95 7.51 -3.27
C GLY G 444 46.65 7.56 -2.51
N ASN G 445 45.59 7.99 -3.17
CA ASN G 445 44.27 8.11 -2.56
C ASN G 445 43.40 6.89 -2.80
N TYR G 446 43.68 6.11 -3.84
CA TYR G 446 42.92 4.91 -4.16
C TYR G 446 43.59 3.64 -3.67
N ASN G 447 44.48 3.77 -2.67
CA ASN G 447 45.11 2.58 -2.09
C ASN G 447 44.07 1.68 -1.45
N TYR G 448 43.10 2.27 -0.75
CA TYR G 448 41.98 1.52 -0.20
C TYR G 448 40.80 1.54 -1.18
N LEU G 449 39.90 0.59 -1.01
CA LEU G 449 38.76 0.43 -1.89
C LEU G 449 37.47 0.47 -1.07
N TYR G 450 36.34 0.42 -1.77
CA TYR G 450 35.03 0.42 -1.15
C TYR G 450 34.00 0.05 -2.22
N ARG G 451 33.07 -0.83 -1.86
CA ARG G 451 32.07 -1.34 -2.79
C ARG G 451 30.75 -0.61 -2.58
N LEU G 452 29.73 -1.05 -3.30
CA LEU G 452 28.42 -0.40 -3.29
C LEU G 452 27.36 -1.49 -3.45
N PHE G 453 26.14 -1.06 -3.80
CA PHE G 453 25.02 -1.99 -3.93
C PHE G 453 25.30 -3.06 -4.97
N ARG G 454 24.79 -4.26 -4.70
CA ARG G 454 24.96 -5.41 -5.58
C ARG G 454 23.58 -5.93 -5.98
N LYS G 455 23.57 -6.96 -6.82
CA LYS G 455 22.31 -7.56 -7.24
C LYS G 455 21.57 -8.20 -6.07
N SER G 456 22.30 -8.56 -5.01
CA SER G 456 21.68 -9.15 -3.83
C SER G 456 22.55 -8.83 -2.62
N ASN G 457 21.96 -9.02 -1.43
CA ASN G 457 22.68 -8.76 -0.20
C ASN G 457 23.73 -9.84 0.03
N LEU G 458 24.86 -9.43 0.62
CA LEU G 458 25.94 -10.36 0.90
C LEU G 458 25.55 -11.34 2.00
N LYS G 459 25.97 -12.59 1.84
CA LYS G 459 25.77 -13.57 2.88
C LYS G 459 26.70 -13.27 4.06
N PRO G 460 26.20 -13.31 5.29
CA PRO G 460 27.03 -13.01 6.45
C PRO G 460 28.33 -13.81 6.48
N PHE G 461 29.42 -13.12 6.80
CA PHE G 461 30.75 -13.74 6.92
C PHE G 461 31.18 -14.40 5.62
N GLU G 462 30.96 -13.72 4.50
CA GLU G 462 31.40 -14.18 3.20
C GLU G 462 32.01 -13.02 2.43
N ARG G 463 33.09 -13.29 1.72
CA ARG G 463 33.81 -12.30 0.95
C ARG G 463 33.35 -12.34 -0.51
N ASP G 464 33.26 -11.17 -1.13
CA ASP G 464 32.67 -11.02 -2.46
C ASP G 464 33.67 -10.46 -3.44
N ILE G 465 34.88 -11.02 -3.46
CA ILE G 465 35.89 -10.61 -4.42
C ILE G 465 35.35 -10.84 -5.82
N SER G 466 35.17 -9.73 -6.54
CA SER G 466 34.64 -9.82 -7.89
C SER G 466 35.61 -9.15 -8.83
N THR G 467 35.21 -9.02 -10.08
CA THR G 467 36.05 -8.39 -11.09
C THR G 467 35.07 -7.84 -12.08
N GLU G 468 33.99 -8.57 -12.27
CA GLU G 468 33.00 -8.19 -13.25
C GLU G 468 32.42 -6.84 -12.96
N ILE G 469 32.01 -6.18 -14.02
CA ILE G 469 31.43 -4.85 -13.87
C ILE G 469 29.95 -4.99 -13.56
N TYR G 470 29.40 -3.98 -12.89
CA TYR G 470 28.01 -4.01 -12.46
C TYR G 470 27.06 -3.96 -13.65
N GLN G 471 25.85 -4.47 -13.44
CA GLN G 471 24.82 -4.52 -14.46
C GLN G 471 23.55 -3.90 -13.92
N ALA G 472 22.96 -2.98 -14.68
CA ALA G 472 21.74 -2.30 -14.29
C ALA G 472 20.51 -3.18 -14.39
N GLY G 473 20.60 -4.32 -15.07
CA GLY G 473 19.48 -5.24 -15.17
C GLY G 473 19.09 -5.56 -16.60
N ASN G 474 19.08 -4.55 -17.47
CA ASN G 474 18.77 -4.78 -18.89
C ASN G 474 19.58 -3.77 -19.71
N LYS G 475 20.77 -4.20 -20.13
CA LYS G 475 21.64 -3.45 -21.02
C LYS G 475 22.88 -4.29 -21.35
N PRO G 476 23.50 -4.06 -22.50
CA PRO G 476 24.78 -4.74 -22.78
C PRO G 476 25.97 -3.97 -22.22
N CYS G 477 26.73 -4.63 -21.36
CA CYS G 477 27.92 -4.04 -20.75
C CYS G 477 29.15 -4.20 -21.66
N ASN G 478 29.48 -5.43 -22.04
CA ASN G 478 30.61 -5.72 -22.93
C ASN G 478 31.93 -5.24 -22.34
N GLY G 479 32.00 -5.10 -21.02
CA GLY G 479 33.24 -4.73 -20.37
C GLY G 479 33.70 -3.31 -20.60
N VAL G 480 32.77 -2.40 -20.90
CA VAL G 480 33.09 -0.99 -21.11
C VAL G 480 32.48 -0.17 -19.98
N ALA G 481 32.90 1.09 -19.90
CA ALA G 481 32.42 2.03 -18.88
C ALA G 481 31.48 3.02 -19.57
N GLY G 482 30.20 2.66 -19.63
CA GLY G 482 29.21 3.52 -20.25
C GLY G 482 28.04 3.82 -19.34
N PHE G 483 26.91 4.19 -19.91
CA PHE G 483 25.73 4.50 -19.11
C PHE G 483 25.12 3.22 -18.55
N ASN G 484 24.74 3.28 -17.27
CA ASN G 484 24.13 2.17 -16.53
C ASN G 484 25.04 0.95 -16.42
N CYS G 485 26.32 1.09 -16.79
CA CYS G 485 27.30 0.01 -16.64
C CYS G 485 28.59 0.65 -16.14
N TYR G 486 28.80 0.61 -14.83
CA TYR G 486 29.96 1.25 -14.23
C TYR G 486 30.48 0.39 -13.07
N PHE G 487 31.75 0.60 -12.74
CA PHE G 487 32.44 -0.12 -11.69
C PHE G 487 31.83 0.22 -10.33
N PRO G 488 31.22 -0.75 -9.63
CA PRO G 488 30.64 -0.46 -8.32
C PRO G 488 31.65 -0.25 -7.22
N LEU G 489 32.95 -0.41 -7.49
CA LEU G 489 34.00 -0.22 -6.49
C LEU G 489 34.36 1.26 -6.40
N ARG G 490 33.42 2.03 -5.87
CA ARG G 490 33.61 3.46 -5.70
C ARG G 490 34.44 3.70 -4.43
N SER G 491 35.65 4.23 -4.61
CA SER G 491 36.56 4.45 -3.50
C SER G 491 36.51 5.92 -3.06
N TYR G 492 37.26 6.23 -2.01
CA TYR G 492 37.36 7.58 -1.49
C TYR G 492 38.81 7.92 -1.24
N SER G 493 39.09 9.22 -1.14
CA SER G 493 40.44 9.72 -0.98
C SER G 493 40.84 9.75 0.49
N PHE G 494 42.14 9.86 0.74
CA PHE G 494 42.71 9.94 2.09
C PHE G 494 43.77 11.04 2.10
N ARG G 495 43.35 12.27 2.41
CA ARG G 495 44.22 13.42 2.52
C ARG G 495 44.40 13.80 3.98
N PRO G 496 45.62 14.11 4.42
CA PRO G 496 45.83 14.43 5.84
C PRO G 496 45.33 15.82 6.22
N THR G 497 44.14 16.18 5.75
CA THR G 497 43.50 17.43 6.13
C THR G 497 42.00 17.26 6.39
N TYR G 498 41.45 16.06 6.30
CA TYR G 498 40.04 15.85 6.49
C TYR G 498 39.64 16.07 7.96
N GLY G 499 38.34 16.07 8.20
CA GLY G 499 37.83 16.16 9.54
C GLY G 499 38.02 14.87 10.31
N VAL G 500 37.53 14.88 11.56
CA VAL G 500 37.66 13.70 12.41
C VAL G 500 36.84 12.54 11.86
N GLY G 501 35.71 12.83 11.23
CA GLY G 501 34.84 11.80 10.70
C GLY G 501 35.23 11.21 9.37
N HIS G 502 36.43 11.53 8.87
CA HIS G 502 36.87 10.98 7.59
C HIS G 502 38.31 10.48 7.63
N GLN G 503 38.94 10.41 8.79
CA GLN G 503 40.30 9.92 8.90
C GLN G 503 40.32 8.39 8.81
N PRO G 504 41.47 7.81 8.44
CA PRO G 504 41.55 6.35 8.36
C PRO G 504 41.37 5.70 9.73
N TYR G 505 40.38 4.80 9.81
CA TYR G 505 40.10 4.04 11.02
C TYR G 505 40.43 2.58 10.78
N ARG G 506 41.42 2.06 11.51
CA ARG G 506 41.77 0.65 11.44
C ARG G 506 40.78 -0.13 12.30
N VAL G 507 39.92 -0.91 11.65
CA VAL G 507 38.86 -1.65 12.34
C VAL G 507 39.12 -3.14 12.18
N VAL G 508 39.06 -3.88 13.28
CA VAL G 508 39.25 -5.32 13.28
C VAL G 508 38.29 -5.94 14.28
N VAL G 509 37.51 -6.92 13.84
CA VAL G 509 36.55 -7.60 14.68
C VAL G 509 37.07 -9.01 14.99
N LEU G 510 36.67 -9.52 16.15
CA LEU G 510 37.10 -10.84 16.60
C LEU G 510 35.88 -11.75 16.75
N SER G 511 35.96 -12.93 16.14
CA SER G 511 34.91 -13.92 16.22
C SER G 511 35.33 -15.03 17.17
N PHE G 512 34.41 -15.44 18.05
CA PHE G 512 34.67 -16.46 19.07
C PHE G 512 33.78 -17.66 18.80
N GLU G 513 34.38 -18.73 18.30
CA GLU G 513 33.66 -19.96 18.02
C GLU G 513 33.84 -20.95 19.17
N LEU G 514 32.93 -21.94 19.24
CA LEU G 514 32.97 -22.96 20.28
C LEU G 514 32.42 -24.25 19.67
N LEU G 515 33.33 -25.11 19.22
CA LEU G 515 32.97 -26.39 18.62
C LEU G 515 33.58 -27.52 19.43
N HIS G 516 33.42 -28.74 18.93
CA HIS G 516 33.96 -29.94 19.58
C HIS G 516 35.45 -29.98 19.31
N ALA G 517 36.22 -29.36 20.21
CA ALA G 517 37.66 -29.25 20.07
C ALA G 517 38.30 -29.41 21.44
N PRO G 518 39.58 -29.77 21.50
CA PRO G 518 40.26 -29.90 22.79
C PRO G 518 40.45 -28.56 23.48
N ALA G 519 41.17 -28.56 24.61
CA ALA G 519 41.34 -27.34 25.40
C ALA G 519 42.26 -26.36 24.68
N THR G 520 41.67 -25.44 23.93
CA THR G 520 42.40 -24.46 23.14
C THR G 520 42.59 -23.20 24.00
N VAL G 521 42.97 -22.08 23.35
CA VAL G 521 43.25 -20.82 24.01
C VAL G 521 42.18 -20.46 25.03
N CYS G 522 42.59 -20.26 26.29
CA CYS G 522 41.64 -19.89 27.34
C CYS G 522 42.42 -19.17 28.44
N GLY G 523 42.36 -17.84 28.44
CA GLY G 523 42.98 -17.04 29.47
C GLY G 523 44.48 -16.99 29.34
N PRO G 524 45.09 -15.84 29.70
CA PRO G 524 46.55 -15.74 29.66
C PRO G 524 47.23 -16.66 30.67
N LYS G 525 46.93 -16.45 31.95
CA LYS G 525 47.48 -17.22 33.07
C LYS G 525 46.88 -16.74 34.39
N LYS G 526 47.25 -17.39 35.48
CA LYS G 526 46.81 -16.95 36.82
C LYS G 526 47.81 -17.46 37.84
N SER G 527 48.58 -16.55 38.43
CA SER G 527 49.56 -16.87 39.45
C SER G 527 49.32 -15.99 40.68
N THR G 528 49.75 -16.48 41.84
CA THR G 528 49.48 -15.75 43.07
C THR G 528 50.68 -15.75 44.04
N ASN G 529 51.89 -15.98 43.53
CA ASN G 529 53.12 -15.89 44.34
C ASN G 529 53.05 -16.84 45.53
N LEU G 530 53.08 -18.14 45.20
CA LEU G 530 52.94 -19.20 46.19
C LEU G 530 53.91 -19.03 47.35
N VAL G 531 53.37 -19.06 48.57
CA VAL G 531 54.15 -18.98 49.80
C VAL G 531 53.95 -20.28 50.57
N LYS G 532 55.03 -20.82 51.12
CA LYS G 532 55.02 -22.10 51.83
C LYS G 532 55.42 -21.86 53.28
N ASN G 533 54.46 -21.49 54.13
CA ASN G 533 54.72 -21.37 55.55
C ASN G 533 53.62 -21.93 56.45
N LYS G 534 52.41 -22.13 55.94
CA LYS G 534 51.30 -22.55 56.78
C LYS G 534 50.33 -23.39 55.95
N CYS G 535 49.20 -23.73 56.56
CA CYS G 535 48.12 -24.45 55.88
C CYS G 535 47.27 -23.43 55.13
N VAL G 536 47.35 -23.47 53.79
CA VAL G 536 46.61 -22.54 52.94
C VAL G 536 46.07 -23.30 51.74
N ASN G 537 45.13 -22.67 51.03
CA ASN G 537 44.58 -23.26 49.83
C ASN G 537 45.60 -23.25 48.70
N PHE G 538 45.40 -24.14 47.73
CA PHE G 538 46.30 -24.23 46.59
C PHE G 538 45.49 -24.59 45.35
N ASN G 539 46.01 -24.18 44.18
CA ASN G 539 45.40 -24.47 42.88
C ASN G 539 46.54 -24.82 41.93
N PHE G 540 46.86 -26.12 41.84
CA PHE G 540 47.93 -26.60 40.98
C PHE G 540 47.34 -27.13 39.68
N ASN G 541 46.93 -26.20 38.82
CA ASN G 541 46.43 -26.51 37.48
C ASN G 541 45.24 -27.47 37.53
N GLY G 542 44.29 -27.19 38.42
CA GLY G 542 43.07 -27.98 38.49
C GLY G 542 42.74 -28.50 39.86
N LEU G 543 43.74 -28.89 40.63
CA LEU G 543 43.53 -29.40 41.97
C LEU G 543 43.26 -28.23 42.92
N LYS G 544 42.11 -28.27 43.59
CA LYS G 544 41.70 -27.16 44.44
C LYS G 544 41.41 -27.63 45.87
N GLY G 545 42.30 -28.44 46.43
CA GLY G 545 42.15 -28.94 47.78
C GLY G 545 42.83 -28.05 48.80
N THR G 546 42.87 -28.55 50.04
CA THR G 546 43.51 -27.86 51.15
C THR G 546 44.62 -28.73 51.71
N GLY G 547 45.60 -28.08 52.33
CA GLY G 547 46.72 -28.81 52.91
C GLY G 547 47.85 -27.87 53.28
N VAL G 548 48.93 -28.48 53.75
CA VAL G 548 50.13 -27.77 54.17
C VAL G 548 51.25 -28.13 53.21
N LEU G 549 51.80 -27.12 52.53
CA LEU G 549 52.92 -27.35 51.63
C LEU G 549 54.19 -27.63 52.43
N THR G 550 54.88 -28.71 52.10
CA THR G 550 56.08 -29.10 52.82
C THR G 550 57.30 -29.34 51.95
N GLU G 551 57.14 -29.57 50.64
CA GLU G 551 58.25 -29.81 49.71
C GLU G 551 59.08 -31.01 50.17
N SER G 552 58.44 -32.18 50.11
CA SER G 552 59.07 -33.42 50.54
C SER G 552 60.20 -33.80 49.57
N ASN G 553 60.89 -34.89 49.90
CA ASN G 553 62.05 -35.34 49.16
C ASN G 553 61.72 -36.53 48.24
N LYS G 554 60.53 -36.53 47.66
CA LYS G 554 60.17 -37.57 46.72
C LYS G 554 60.87 -37.35 45.38
N LYS G 555 60.95 -38.42 44.59
CA LYS G 555 61.61 -38.41 43.29
C LYS G 555 60.59 -38.84 42.24
N PHE G 556 59.92 -37.86 41.63
CA PHE G 556 58.91 -38.13 40.62
C PHE G 556 59.56 -38.36 39.26
N LEU G 557 58.72 -38.56 38.26
CA LEU G 557 59.11 -38.70 36.87
C LEU G 557 58.77 -37.45 36.09
N PRO G 558 59.45 -37.20 34.97
CA PRO G 558 59.22 -35.93 34.25
C PRO G 558 57.79 -35.78 33.75
N PHE G 559 57.19 -36.83 33.20
CA PHE G 559 55.83 -36.71 32.68
C PHE G 559 54.81 -36.64 33.80
N GLN G 560 55.15 -37.16 34.99
CA GLN G 560 54.22 -37.15 36.10
C GLN G 560 54.13 -35.75 36.70
N GLN G 561 52.93 -35.35 37.11
CA GLN G 561 52.69 -34.06 37.72
C GLN G 561 52.06 -34.14 39.10
N PHE G 562 51.17 -35.12 39.33
CA PHE G 562 50.51 -35.30 40.60
C PHE G 562 50.98 -36.60 41.24
N GLY G 563 50.86 -36.68 42.56
CA GLY G 563 51.21 -37.88 43.30
C GLY G 563 50.10 -38.33 44.22
N ARG G 564 49.77 -39.62 44.20
CA ARG G 564 48.70 -40.16 45.04
C ARG G 564 49.14 -41.48 45.65
N ASP G 565 49.02 -41.59 46.97
CA ASP G 565 49.19 -42.86 47.66
C ASP G 565 47.89 -43.66 47.52
N ILE G 566 47.73 -44.72 48.30
CA ILE G 566 46.51 -45.53 48.24
C ILE G 566 45.52 -44.87 49.20
N ALA G 567 44.91 -43.79 48.73
CA ALA G 567 43.81 -43.16 49.44
C ALA G 567 42.76 -42.55 48.52
N ASP G 568 42.91 -42.68 47.20
CA ASP G 568 42.04 -42.00 46.24
C ASP G 568 42.03 -40.49 46.48
N THR G 569 43.19 -39.94 46.86
CA THR G 569 43.31 -38.53 47.15
C THR G 569 44.76 -38.10 46.95
N THR G 570 44.94 -36.94 46.32
CA THR G 570 46.27 -36.44 46.01
C THR G 570 46.99 -36.01 47.29
N ASP G 571 48.26 -36.41 47.43
CA ASP G 571 49.07 -36.04 48.57
C ASP G 571 50.40 -35.40 48.18
N ALA G 572 50.69 -35.26 46.89
CA ALA G 572 51.94 -34.65 46.45
C ALA G 572 51.74 -34.10 45.04
N VAL G 573 52.17 -32.86 44.82
CA VAL G 573 52.03 -32.21 43.53
C VAL G 573 53.36 -31.60 43.12
N ARG G 574 53.50 -31.35 41.82
CA ARG G 574 54.67 -30.70 41.25
C ARG G 574 54.32 -29.27 40.89
N ASP G 575 55.17 -28.33 41.30
CA ASP G 575 54.92 -26.92 41.00
C ASP G 575 55.05 -26.70 39.49
N PRO G 576 54.07 -26.05 38.86
CA PRO G 576 54.15 -25.87 37.40
C PRO G 576 55.31 -24.99 36.96
N GLN G 577 55.62 -23.93 37.72
CA GLN G 577 56.68 -23.02 37.31
C GLN G 577 58.06 -23.62 37.58
N THR G 578 58.36 -23.92 38.84
CA THR G 578 59.63 -24.51 39.22
C THR G 578 59.47 -26.01 39.37
N LEU G 579 60.43 -26.77 38.84
CA LEU G 579 60.38 -28.23 38.87
C LEU G 579 60.72 -28.73 40.28
N GLU G 580 59.76 -28.54 41.18
CA GLU G 580 59.89 -28.97 42.56
C GLU G 580 58.86 -30.05 42.86
N ILE G 581 59.11 -30.79 43.95
CA ILE G 581 58.26 -31.89 44.37
C ILE G 581 57.70 -31.50 45.74
N LEU G 582 56.43 -31.12 45.78
CA LEU G 582 55.77 -30.71 47.01
C LEU G 582 54.98 -31.87 47.60
N ASP G 583 54.50 -31.66 48.83
CA ASP G 583 53.70 -32.66 49.54
C ASP G 583 52.64 -31.93 50.35
N ILE G 584 51.37 -32.16 50.01
CA ILE G 584 50.26 -31.46 50.64
C ILE G 584 49.75 -32.36 51.77
N THR G 585 50.31 -32.18 52.95
CA THR G 585 49.72 -32.85 54.11
C THR G 585 48.50 -32.07 54.58
N PRO G 586 47.40 -32.75 54.92
CA PRO G 586 46.16 -32.05 55.25
C PRO G 586 46.32 -31.14 56.45
N CYS G 587 45.42 -30.16 56.54
CA CYS G 587 45.45 -29.19 57.63
C CYS G 587 45.22 -29.88 58.97
N SER G 588 45.49 -29.14 60.04
CA SER G 588 45.35 -29.68 61.38
C SER G 588 43.88 -29.91 61.72
N PHE G 589 43.51 -31.15 61.98
CA PHE G 589 42.15 -31.53 62.35
C PHE G 589 42.20 -32.56 63.47
N GLY G 590 41.03 -32.94 63.96
CA GLY G 590 40.95 -33.93 65.03
C GLY G 590 39.59 -33.94 65.68
N GLY G 591 39.58 -34.29 66.97
CA GLY G 591 38.36 -34.35 67.72
C GLY G 591 38.47 -33.73 69.11
N VAL G 592 37.43 -33.04 69.56
CA VAL G 592 37.43 -32.34 70.83
C VAL G 592 36.74 -33.21 71.86
N SER G 593 37.44 -33.50 72.96
CA SER G 593 36.89 -34.23 74.09
C SER G 593 36.88 -33.32 75.31
N VAL G 594 35.89 -33.53 76.19
CA VAL G 594 35.69 -32.68 77.36
C VAL G 594 35.69 -33.57 78.59
N ILE G 595 36.69 -33.42 79.44
CA ILE G 595 36.74 -34.11 80.72
C ILE G 595 36.05 -33.24 81.76
N THR G 596 35.02 -33.79 82.40
CA THR G 596 34.23 -33.01 83.35
C THR G 596 33.86 -33.85 84.56
N PRO G 597 34.20 -33.41 85.77
CA PRO G 597 33.80 -34.15 86.98
C PRO G 597 32.30 -34.16 87.22
N GLY G 598 31.54 -33.32 86.51
CA GLY G 598 30.10 -33.25 86.69
C GLY G 598 29.65 -31.91 87.24
N THR G 599 28.49 -31.45 86.82
CA THR G 599 27.94 -30.18 87.29
C THR G 599 27.23 -30.36 88.63
N ASN G 600 27.96 -30.92 89.60
CA ASN G 600 27.45 -31.10 90.95
C ASN G 600 28.47 -30.80 92.04
N THR G 601 29.77 -30.78 91.73
CA THR G 601 30.80 -30.48 92.71
C THR G 601 31.68 -29.34 92.23
N SER G 602 31.79 -29.17 90.91
CA SER G 602 32.60 -28.12 90.33
C SER G 602 32.13 -27.86 88.91
N ASN G 603 32.71 -26.83 88.29
CA ASN G 603 32.38 -26.48 86.91
C ASN G 603 33.63 -26.40 86.02
N GLN G 604 34.77 -26.90 86.48
CA GLN G 604 36.00 -26.88 85.70
C GLN G 604 36.01 -28.05 84.73
N VAL G 605 36.60 -27.82 83.56
CA VAL G 605 36.68 -28.83 82.51
C VAL G 605 38.14 -28.95 82.08
N ALA G 606 38.39 -29.90 81.17
CA ALA G 606 39.73 -30.13 80.63
C ALA G 606 39.58 -30.63 79.20
N VAL G 607 39.87 -29.75 78.24
CA VAL G 607 39.73 -30.10 76.83
C VAL G 607 40.76 -31.15 76.47
N LEU G 608 40.38 -32.09 75.61
CA LEU G 608 41.25 -33.17 75.15
C LEU G 608 41.16 -33.28 73.63
N TYR G 609 42.12 -32.70 72.94
CA TYR G 609 42.18 -32.83 71.49
C TYR G 609 42.79 -34.18 71.12
N GLN G 610 42.37 -34.70 69.97
CA GLN G 610 42.81 -36.01 69.50
C GLN G 610 43.56 -35.84 68.18
N GLY G 611 44.82 -36.25 68.16
CA GLY G 611 45.63 -36.16 66.97
C GLY G 611 46.42 -34.89 66.83
N VAL G 612 46.66 -34.16 67.92
CA VAL G 612 47.40 -32.90 67.88
C VAL G 612 48.61 -33.03 68.80
N ASN G 613 49.74 -32.50 68.35
CA ASN G 613 50.99 -32.53 69.11
C ASN G 613 51.15 -31.33 70.03
N CYS G 614 50.04 -30.71 70.44
CA CYS G 614 50.02 -29.52 71.28
C CYS G 614 50.72 -28.34 70.62
N THR G 615 50.92 -28.39 69.30
CA THR G 615 51.52 -27.30 68.56
C THR G 615 50.68 -26.88 67.36
N GLU G 616 49.46 -27.42 67.23
CA GLU G 616 48.59 -27.09 66.10
C GLU G 616 47.22 -26.62 66.57
N VAL G 617 47.06 -26.34 67.86
CA VAL G 617 45.79 -25.88 68.39
C VAL G 617 45.56 -24.42 68.05
N ASN G 638 47.83 -25.76 82.23
CA ASN G 638 48.84 -26.75 81.87
C ASN G 638 48.48 -27.46 80.58
N VAL G 639 49.47 -27.63 79.70
CA VAL G 639 49.28 -28.27 78.41
C VAL G 639 50.25 -29.45 78.35
N PHE G 640 49.73 -30.66 78.56
CA PHE G 640 50.54 -31.86 78.55
C PHE G 640 50.29 -32.66 77.27
N GLN G 641 51.25 -33.50 76.92
CA GLN G 641 51.22 -34.30 75.70
C GLN G 641 51.20 -35.78 76.08
N THR G 642 50.04 -36.41 75.95
CA THR G 642 49.89 -37.85 76.15
C THR G 642 49.82 -38.54 74.79
N ARG G 643 49.78 -39.87 74.82
CA ARG G 643 49.64 -40.63 73.58
C ARG G 643 48.17 -40.76 73.20
N ALA G 644 47.45 -39.63 73.21
CA ALA G 644 46.08 -39.59 72.75
C ALA G 644 45.73 -38.28 72.05
N GLY G 645 46.70 -37.38 71.86
CA GLY G 645 46.43 -36.06 71.32
C GLY G 645 47.05 -34.97 72.16
N CYS G 646 46.25 -33.98 72.56
CA CYS G 646 46.74 -32.89 73.40
C CYS G 646 45.72 -32.61 74.50
N LEU G 647 46.16 -32.67 75.75
CA LEU G 647 45.30 -32.43 76.90
C LEU G 647 45.62 -31.04 77.46
N ILE G 648 44.64 -30.15 77.43
CA ILE G 648 44.81 -28.77 77.89
C ILE G 648 43.87 -28.55 79.07
N GLY G 649 44.43 -28.38 80.26
CA GLY G 649 43.65 -28.08 81.44
C GLY G 649 43.78 -29.11 82.55
N ALA G 650 44.90 -29.84 82.57
CA ALA G 650 45.13 -30.85 83.59
C ALA G 650 46.61 -30.93 83.91
N GLU G 651 46.91 -31.32 85.14
CA GLU G 651 48.28 -31.47 85.60
C GLU G 651 48.79 -32.87 85.28
N TYR G 652 50.02 -33.16 85.71
CA TYR G 652 50.67 -34.45 85.48
C TYR G 652 51.32 -34.95 86.76
N VAL G 653 50.54 -34.96 87.85
CA VAL G 653 51.06 -35.46 89.13
C VAL G 653 51.54 -36.90 88.96
N ASN G 654 52.70 -37.21 89.55
CA ASN G 654 53.34 -38.50 89.40
C ASN G 654 52.83 -39.54 90.39
N ASN G 655 51.65 -39.32 90.98
CA ASN G 655 51.08 -40.28 91.91
C ASN G 655 50.32 -41.36 91.12
N SER G 656 49.66 -42.26 91.83
CA SER G 656 48.92 -43.35 91.19
C SER G 656 47.75 -43.74 92.08
N TYR G 657 46.53 -43.57 91.55
CA TYR G 657 45.33 -43.96 92.27
C TYR G 657 44.43 -44.80 91.38
N GLU G 658 43.21 -45.08 91.84
CA GLU G 658 42.25 -45.78 91.00
C GLU G 658 41.91 -44.93 89.77
N CYS G 659 41.71 -45.59 88.64
CA CYS G 659 41.53 -44.89 87.37
C CYS G 659 40.17 -44.22 87.34
N ASP G 660 40.17 -42.89 87.37
CA ASP G 660 38.99 -42.08 87.12
C ASP G 660 38.80 -41.98 85.61
N ILE G 661 38.02 -41.00 85.16
CA ILE G 661 37.67 -40.80 83.74
C ILE G 661 38.85 -41.12 82.84
N PRO G 662 38.72 -42.11 81.94
CA PRO G 662 39.85 -42.49 81.10
C PRO G 662 40.10 -41.50 79.98
N ILE G 663 41.37 -41.40 79.59
CA ILE G 663 41.82 -40.53 78.52
C ILE G 663 42.41 -41.33 77.36
N GLY G 664 43.31 -42.24 77.67
CA GLY G 664 43.98 -43.04 76.66
C GLY G 664 45.42 -43.32 77.06
N ALA G 665 45.92 -44.48 76.63
CA ALA G 665 47.28 -44.92 76.91
C ALA G 665 47.57 -45.00 78.41
N GLY G 666 46.53 -45.29 79.19
CA GLY G 666 46.66 -45.43 80.63
C GLY G 666 46.46 -44.16 81.43
N ILE G 667 46.33 -43.02 80.76
CA ILE G 667 46.15 -41.74 81.45
C ILE G 667 44.71 -41.66 81.94
N CYS G 668 44.55 -41.47 83.25
CA CYS G 668 43.26 -41.28 83.87
C CYS G 668 43.20 -39.89 84.51
N ALA G 669 42.02 -39.28 84.46
CA ALA G 669 41.86 -37.91 84.92
C ALA G 669 40.84 -37.87 86.05
N SER G 670 41.29 -37.41 87.22
CA SER G 670 40.45 -37.33 88.41
C SER G 670 40.32 -35.86 88.85
N TYR G 671 39.59 -35.66 89.94
CA TYR G 671 39.36 -34.33 90.52
C TYR G 671 39.68 -34.44 92.01
N GLN G 672 40.94 -34.23 92.35
CA GLN G 672 41.41 -34.35 93.72
C GLN G 672 41.95 -33.01 94.20
N THR G 673 42.21 -32.94 95.51
CA THR G 673 42.75 -31.73 96.13
C THR G 673 44.23 -31.57 95.85
N SER G 686 42.59 -26.01 97.58
CA SER G 686 42.79 -25.93 96.13
C SER G 686 42.34 -27.22 95.45
N GLN G 687 41.42 -27.09 94.50
CA GLN G 687 40.89 -28.22 93.75
C GLN G 687 41.16 -28.02 92.27
N SER G 688 41.62 -29.09 91.61
CA SER G 688 41.93 -29.04 90.19
C SER G 688 41.72 -30.42 89.59
N ILE G 689 41.72 -30.47 88.26
CA ILE G 689 41.54 -31.72 87.52
C ILE G 689 42.93 -32.25 87.19
N ILE G 690 43.36 -33.28 87.93
CA ILE G 690 44.66 -33.88 87.70
C ILE G 690 44.56 -34.95 86.62
N ALA G 691 45.72 -35.33 86.07
CA ALA G 691 45.80 -36.38 85.06
C ALA G 691 47.04 -37.19 85.35
N TYR G 692 46.85 -38.40 85.85
CA TYR G 692 47.93 -39.27 86.30
C TYR G 692 47.92 -40.57 85.51
N THR G 693 48.84 -41.46 85.87
CA THR G 693 48.92 -42.80 85.29
C THR G 693 48.21 -43.79 86.21
N MET G 694 47.39 -44.65 85.61
CA MET G 694 46.57 -45.57 86.40
C MET G 694 47.45 -46.57 87.15
N SER G 695 46.94 -47.01 88.30
CA SER G 695 47.60 -48.02 89.12
C SER G 695 46.83 -49.32 89.01
N LEU G 696 47.55 -50.42 88.77
CA LEU G 696 46.94 -51.72 88.58
C LEU G 696 46.66 -52.43 89.91
N GLY G 697 46.64 -51.69 91.01
CA GLY G 697 46.40 -52.25 92.33
C GLY G 697 47.65 -52.18 93.18
N ALA G 698 47.53 -52.72 94.39
CA ALA G 698 48.64 -52.74 95.32
C ALA G 698 49.70 -53.74 94.87
N GLU G 699 50.90 -53.58 95.40
CA GLU G 699 52.04 -54.44 95.09
C GLU G 699 52.21 -55.45 96.22
N ASN G 700 52.22 -56.73 95.87
CA ASN G 700 52.35 -57.80 96.85
C ASN G 700 53.37 -58.81 96.34
N SER G 701 54.06 -59.46 97.28
CA SER G 701 55.06 -60.46 96.95
C SER G 701 54.94 -61.61 97.95
N VAL G 702 54.45 -62.75 97.48
CA VAL G 702 54.29 -63.92 98.34
C VAL G 702 55.66 -64.53 98.59
N ALA G 703 55.97 -64.77 99.87
CA ALA G 703 57.27 -65.33 100.25
C ALA G 703 57.27 -66.82 99.94
N TYR G 704 57.59 -67.13 98.68
CA TYR G 704 57.64 -68.52 98.25
C TYR G 704 58.84 -69.22 98.86
N SER G 705 58.65 -70.48 99.25
CA SER G 705 59.70 -71.29 99.84
C SER G 705 59.39 -72.76 99.60
N ASN G 706 60.44 -73.55 99.70
CA ASN G 706 60.39 -74.97 99.45
C ASN G 706 60.02 -75.79 100.65
N ASN G 707 59.60 -75.12 101.72
CA ASN G 707 59.08 -75.79 102.90
C ASN G 707 58.15 -74.88 103.69
N SER G 708 57.42 -74.00 103.01
CA SER G 708 56.52 -73.06 103.67
C SER G 708 55.14 -73.15 103.04
N ILE G 709 54.11 -73.30 103.88
CA ILE G 709 52.74 -73.38 103.43
C ILE G 709 51.89 -72.47 104.32
N ALA G 710 50.82 -71.93 103.74
CA ALA G 710 49.90 -71.04 104.44
C ALA G 710 48.53 -71.71 104.49
N ILE G 711 48.10 -72.10 105.69
CA ILE G 711 46.80 -72.72 105.91
C ILE G 711 45.94 -71.75 106.71
N PRO G 712 44.74 -71.42 106.26
CA PRO G 712 43.91 -70.46 107.00
C PRO G 712 43.38 -71.06 108.30
N THR G 713 43.02 -70.17 109.22
CA THR G 713 42.51 -70.57 110.51
C THR G 713 41.11 -70.04 110.79
N ASN G 714 40.51 -69.32 109.87
CA ASN G 714 39.15 -68.88 110.05
C ASN G 714 38.55 -68.68 108.68
N PHE G 715 37.24 -68.59 108.65
CA PHE G 715 36.49 -68.39 107.42
C PHE G 715 35.59 -67.16 107.54
N THR G 716 35.41 -66.48 106.40
CA THR G 716 34.54 -65.31 106.31
C THR G 716 33.59 -65.52 105.15
N ILE G 717 32.32 -65.78 105.45
CA ILE G 717 31.30 -66.02 104.44
C ILE G 717 30.78 -64.67 103.97
N SER G 718 30.97 -64.38 102.68
CA SER G 718 30.53 -63.14 102.08
C SER G 718 29.44 -63.42 101.05
N VAL G 719 28.61 -62.42 100.82
CA VAL G 719 27.52 -62.49 99.85
C VAL G 719 27.69 -61.36 98.85
N THR G 720 27.87 -61.73 97.58
CA THR G 720 28.03 -60.77 96.50
C THR G 720 26.79 -60.77 95.62
N THR G 721 26.80 -59.91 94.60
CA THR G 721 25.69 -59.79 93.67
C THR G 721 26.22 -59.78 92.24
N GLU G 722 25.35 -60.19 91.31
CA GLU G 722 25.70 -60.22 89.90
C GLU G 722 24.43 -60.00 89.10
N ILE G 723 24.36 -58.88 88.39
CA ILE G 723 23.16 -58.49 87.65
C ILE G 723 23.30 -58.96 86.21
N LEU G 724 22.20 -59.47 85.66
CA LEU G 724 22.18 -59.97 84.28
C LEU G 724 20.84 -59.60 83.64
N PRO G 725 20.85 -58.83 82.56
CA PRO G 725 19.59 -58.55 81.84
C PRO G 725 19.04 -59.81 81.21
N VAL G 726 17.74 -60.05 81.41
CA VAL G 726 17.10 -61.25 80.90
C VAL G 726 16.08 -60.96 79.81
N SER G 727 15.41 -59.81 79.82
CA SER G 727 14.38 -59.53 78.84
C SER G 727 14.53 -58.11 78.33
N MET G 728 13.94 -57.85 77.16
CA MET G 728 13.95 -56.54 76.53
C MET G 728 12.52 -56.13 76.24
N THR G 729 12.27 -54.81 76.28
CA THR G 729 10.93 -54.28 76.07
C THR G 729 10.46 -54.58 74.66
N LYS G 730 9.36 -55.34 74.56
CA LYS G 730 8.81 -55.67 73.26
C LYS G 730 8.18 -54.44 72.61
N THR G 731 8.37 -54.30 71.31
CA THR G 731 7.87 -53.15 70.57
C THR G 731 7.26 -53.63 69.26
N SER G 732 6.55 -52.71 68.60
CA SER G 732 5.92 -52.99 67.31
C SER G 732 5.73 -51.67 66.58
N VAL G 733 5.81 -51.73 65.26
CA VAL G 733 5.70 -50.55 64.43
C VAL G 733 4.51 -50.68 63.49
N ASP G 734 3.98 -49.54 63.06
CA ASP G 734 2.88 -49.48 62.11
C ASP G 734 3.41 -48.86 60.82
N CYS G 735 3.21 -49.58 59.71
CA CYS G 735 3.77 -49.13 58.43
C CYS G 735 3.05 -47.90 57.91
N THR G 736 1.72 -47.93 57.91
CA THR G 736 0.90 -46.85 57.36
C THR G 736 0.62 -45.75 58.37
N MET G 737 1.40 -45.67 59.45
CA MET G 737 1.23 -44.63 60.44
C MET G 737 2.53 -43.87 60.66
N TYR G 738 3.65 -44.57 60.54
CA TYR G 738 4.96 -43.92 60.70
C TYR G 738 5.37 -43.19 59.43
N ILE G 739 5.15 -43.79 58.26
CA ILE G 739 5.48 -43.12 57.01
C ILE G 739 4.42 -42.08 56.67
N CYS G 740 3.16 -42.50 56.59
CA CYS G 740 2.04 -41.60 56.33
C CYS G 740 1.33 -41.34 57.65
N GLY G 741 1.56 -40.16 58.24
CA GLY G 741 0.91 -39.80 59.47
C GLY G 741 -0.26 -38.86 59.28
N ASP G 742 -1.48 -39.37 59.49
CA ASP G 742 -2.70 -38.60 59.26
C ASP G 742 -2.76 -38.06 57.83
N SER G 743 -2.29 -38.86 56.88
CA SER G 743 -2.11 -38.46 55.49
C SER G 743 -2.67 -39.54 54.58
N THR G 744 -3.94 -39.89 54.78
CA THR G 744 -4.61 -40.96 54.04
C THR G 744 -4.34 -40.95 52.54
N GLU G 745 -4.06 -39.77 51.98
CA GLU G 745 -3.67 -39.70 50.57
C GLU G 745 -2.29 -40.34 50.36
N CYS G 746 -1.40 -40.19 51.34
CA CYS G 746 -0.08 -40.80 51.25
C CYS G 746 -0.18 -42.32 51.27
N SER G 747 -1.16 -42.86 51.99
CA SER G 747 -1.30 -44.31 52.10
C SER G 747 -1.68 -44.94 50.76
N ASN G 748 -2.32 -44.16 49.88
CA ASN G 748 -2.68 -44.70 48.57
C ASN G 748 -1.45 -45.07 47.76
N LEU G 749 -0.39 -44.25 47.85
CA LEU G 749 0.85 -44.56 47.15
C LEU G 749 1.73 -45.52 47.94
N LEU G 750 1.60 -45.53 49.27
CA LEU G 750 2.42 -46.42 50.09
C LEU G 750 2.06 -47.88 49.86
N LEU G 751 0.77 -48.17 49.65
CA LEU G 751 0.37 -49.55 49.40
C LEU G 751 0.90 -50.06 48.07
N GLN G 752 0.83 -49.22 47.03
CA GLN G 752 1.33 -49.60 45.70
C GLN G 752 2.78 -49.12 45.56
N TYR G 753 3.61 -49.63 46.47
CA TYR G 753 5.03 -49.28 46.49
C TYR G 753 5.95 -50.49 46.63
N GLY G 754 5.45 -51.62 47.14
CA GLY G 754 6.28 -52.80 47.32
C GLY G 754 6.00 -53.50 48.63
N SER G 755 6.12 -54.84 48.64
CA SER G 755 5.87 -55.64 49.83
C SER G 755 7.07 -55.52 50.76
N PHE G 756 7.11 -54.41 51.49
CA PHE G 756 8.18 -54.14 52.43
C PHE G 756 7.69 -54.02 53.87
N CYS G 757 6.40 -53.75 54.09
CA CYS G 757 5.87 -53.62 55.44
C CYS G 757 5.90 -54.93 56.21
N THR G 758 5.84 -56.07 55.53
CA THR G 758 5.86 -57.37 56.19
C THR G 758 7.25 -57.71 56.71
N GLN G 759 8.30 -57.24 56.02
CA GLN G 759 9.66 -57.51 56.47
C GLN G 759 9.95 -56.84 57.80
N LEU G 760 9.54 -55.58 57.95
CA LEU G 760 9.79 -54.83 59.18
C LEU G 760 8.80 -55.14 60.29
N LYS G 761 7.73 -55.89 59.99
CA LYS G 761 6.74 -56.25 61.00
C LYS G 761 6.89 -57.68 61.48
N ARG G 762 7.23 -58.62 60.61
CA ARG G 762 7.43 -60.00 61.03
C ARG G 762 8.75 -60.18 61.76
N ALA G 763 9.76 -59.37 61.43
CA ALA G 763 11.04 -59.46 62.13
C ALA G 763 10.91 -58.99 63.57
N LEU G 764 10.19 -57.90 63.80
CA LEU G 764 9.94 -57.44 65.17
C LEU G 764 9.03 -58.38 65.93
N THR G 765 8.21 -59.17 65.25
CA THR G 765 7.37 -60.16 65.91
C THR G 765 8.19 -61.31 66.49
N GLY G 766 9.22 -61.77 65.77
CA GLY G 766 10.07 -62.80 66.30
C GLY G 766 10.88 -62.37 67.51
N ILE G 767 11.17 -61.08 67.61
CA ILE G 767 11.86 -60.56 68.79
C ILE G 767 10.93 -60.58 70.00
N ALA G 768 9.64 -60.27 69.79
CA ALA G 768 8.69 -60.28 70.89
C ALA G 768 8.50 -61.69 71.44
N VAL G 769 8.47 -62.70 70.55
CA VAL G 769 8.38 -64.07 71.00
C VAL G 769 9.69 -64.51 71.66
N GLU G 770 10.81 -63.95 71.21
CA GLU G 770 12.09 -64.29 71.82
C GLU G 770 12.17 -63.78 73.25
N GLN G 771 11.69 -62.56 73.50
CA GLN G 771 11.72 -62.02 74.86
C GLN G 771 10.82 -62.81 75.80
N ASP G 772 9.72 -63.37 75.29
CA ASP G 772 8.87 -64.24 76.10
C ASP G 772 9.50 -65.61 76.33
N LYS G 773 10.43 -66.01 75.47
CA LYS G 773 11.15 -67.27 75.66
C LYS G 773 12.36 -67.12 76.56
N ASN G 774 13.00 -65.94 76.56
CA ASN G 774 14.14 -65.71 77.45
C ASN G 774 13.71 -65.76 78.91
N THR G 775 12.49 -65.32 79.22
CA THR G 775 11.97 -65.40 80.57
C THR G 775 11.43 -66.79 80.89
N GLN G 776 10.90 -67.51 79.91
CA GLN G 776 10.38 -68.85 80.09
C GLN G 776 11.49 -69.90 80.11
N GLU G 777 12.75 -69.50 79.96
CA GLU G 777 13.87 -70.41 80.05
C GLU G 777 14.77 -70.16 81.25
N VAL G 778 14.56 -69.07 81.98
CA VAL G 778 15.36 -68.75 83.16
C VAL G 778 14.56 -69.10 84.41
N PHE G 779 13.39 -68.48 84.55
CA PHE G 779 12.51 -68.76 85.69
C PHE G 779 11.54 -69.88 85.38
N ALA G 780 12.06 -71.03 84.91
CA ALA G 780 11.20 -72.18 84.65
C ALA G 780 11.90 -73.52 84.90
N GLN G 781 12.97 -73.53 85.69
CA GLN G 781 13.74 -74.76 85.90
C GLN G 781 12.97 -75.77 86.74
N VAL G 782 11.97 -75.33 87.50
CA VAL G 782 11.15 -76.22 88.32
C VAL G 782 9.78 -76.34 87.69
N LYS G 783 9.21 -77.55 87.74
CA LYS G 783 7.88 -77.76 87.18
C LYS G 783 6.80 -77.37 88.18
N GLN G 784 6.99 -77.70 89.45
CA GLN G 784 6.05 -77.37 90.50
C GLN G 784 6.41 -76.04 91.16
N ILE G 785 5.47 -75.50 91.94
CA ILE G 785 5.66 -74.25 92.65
C ILE G 785 5.72 -74.60 94.13
N TYR G 786 6.92 -74.59 94.69
CA TYR G 786 7.10 -74.91 96.10
C TYR G 786 6.73 -73.72 96.98
N LYS G 787 6.35 -74.02 98.22
CA LYS G 787 5.96 -73.01 99.19
C LYS G 787 6.78 -73.17 100.46
N THR G 788 7.10 -72.04 101.09
CA THR G 788 7.89 -72.07 102.30
C THR G 788 7.03 -72.57 103.47
N PRO G 789 7.60 -73.34 104.39
CA PRO G 789 6.82 -73.81 105.55
C PRO G 789 6.51 -72.66 106.49
N PRO G 790 5.51 -72.81 107.36
CA PRO G 790 5.17 -71.72 108.29
C PRO G 790 6.30 -71.41 109.26
N ILE G 791 7.00 -72.43 109.76
CA ILE G 791 8.12 -72.21 110.65
C ILE G 791 9.31 -71.69 109.86
N LYS G 792 10.00 -70.69 110.40
CA LYS G 792 11.12 -70.05 109.73
C LYS G 792 12.40 -70.17 110.56
N TYR G 793 12.64 -71.35 111.10
CA TYR G 793 13.86 -71.65 111.86
C TYR G 793 14.65 -72.68 111.06
N PHE G 794 15.65 -72.22 110.31
CA PHE G 794 16.47 -73.06 109.45
C PHE G 794 17.86 -73.29 110.05
N GLY G 795 17.94 -73.38 111.37
CA GLY G 795 19.19 -73.62 112.06
C GLY G 795 19.83 -72.39 112.66
N GLY G 796 19.35 -71.20 112.32
CA GLY G 796 19.92 -69.98 112.85
C GLY G 796 19.99 -68.87 111.81
N PHE G 797 19.77 -69.22 110.55
CA PHE G 797 19.79 -68.24 109.48
C PHE G 797 18.49 -67.45 109.45
N ASN G 798 18.59 -66.23 108.96
CA ASN G 798 17.45 -65.34 108.89
C ASN G 798 17.14 -65.04 107.45
N PHE G 799 16.18 -65.79 106.93
CA PHE G 799 15.73 -65.61 105.55
C PHE G 799 14.52 -64.67 105.51
N SER G 800 14.69 -63.49 106.12
CA SER G 800 13.66 -62.48 106.17
C SER G 800 13.89 -61.37 105.16
N GLN G 801 14.86 -61.55 104.26
CA GLN G 801 15.16 -60.57 103.23
C GLN G 801 14.98 -61.10 101.82
N ILE G 802 15.07 -62.41 101.60
CA ILE G 802 14.92 -63.00 100.29
C ILE G 802 13.54 -63.63 100.11
N LEU G 803 12.95 -64.14 101.18
CA LEU G 803 11.63 -64.74 101.09
C LEU G 803 10.57 -63.65 100.93
N PRO G 804 9.46 -63.95 100.27
CA PRO G 804 8.42 -62.94 100.08
C PRO G 804 7.76 -62.56 101.40
N ASP G 805 7.14 -61.38 101.40
CA ASP G 805 6.48 -60.84 102.57
C ASP G 805 4.97 -60.89 102.37
N PRO G 806 4.21 -61.47 103.30
CA PRO G 806 2.75 -61.52 103.10
C PRO G 806 2.08 -60.17 103.26
N SER G 807 2.63 -59.26 104.07
CA SER G 807 2.01 -57.96 104.26
C SER G 807 2.18 -57.08 103.03
N LYS G 808 3.18 -57.35 102.20
CA LYS G 808 3.38 -56.58 100.98
C LYS G 808 2.27 -56.88 99.99
N PRO G 809 1.59 -55.86 99.46
CA PRO G 809 0.53 -56.14 98.45
C PRO G 809 1.06 -56.81 97.21
N SER G 810 2.28 -56.48 96.78
CA SER G 810 2.87 -57.09 95.60
C SER G 810 3.43 -58.48 95.86
N LYS G 811 3.48 -58.93 97.12
CA LYS G 811 3.96 -60.25 97.48
C LYS G 811 5.39 -60.47 97.01
N ARG G 812 6.28 -59.56 97.38
CA ARG G 812 7.69 -59.64 97.05
C ARG G 812 8.52 -59.64 98.34
N SER G 813 9.83 -59.62 98.17
CA SER G 813 10.77 -59.62 99.29
C SER G 813 11.33 -58.22 99.51
N PRO G 814 11.85 -57.95 100.71
CA PRO G 814 12.41 -56.60 100.97
C PRO G 814 13.53 -56.22 100.01
N ILE G 815 14.35 -57.18 99.59
CA ILE G 815 15.44 -56.86 98.67
C ILE G 815 14.87 -56.56 97.28
N GLU G 816 13.90 -57.34 96.83
CA GLU G 816 13.28 -57.10 95.52
C GLU G 816 12.48 -55.80 95.50
N ASP G 817 12.00 -55.33 96.65
CA ASP G 817 11.29 -54.05 96.68
C ASP G 817 12.19 -52.88 96.35
N LEU G 818 13.48 -52.97 96.74
CA LEU G 818 14.42 -51.92 96.42
C LEU G 818 14.81 -51.93 94.94
N LEU G 819 14.64 -53.07 94.26
CA LEU G 819 15.02 -53.16 92.85
C LEU G 819 13.96 -52.56 91.95
N PHE G 820 12.68 -52.76 92.26
CA PHE G 820 11.58 -52.21 91.47
C PHE G 820 11.31 -50.74 91.79
N ASN G 821 12.04 -50.15 92.73
CA ASN G 821 11.90 -48.74 93.05
C ASN G 821 13.09 -47.89 92.63
N LYS G 822 14.19 -48.52 92.24
CA LYS G 822 15.38 -47.80 91.78
C LYS G 822 15.54 -47.81 90.26
N VAL G 823 15.12 -48.88 89.60
CA VAL G 823 15.22 -49.01 88.15
C VAL G 823 13.88 -48.55 87.58
N THR G 824 13.82 -47.29 87.15
CA THR G 824 12.60 -46.74 86.58
C THR G 824 12.79 -46.36 85.11
N ARG G 844 1.12 -36.61 79.55
CA ARG G 844 1.73 -36.89 78.26
C ARG G 844 3.22 -37.21 78.41
N ASP G 845 3.51 -38.35 79.04
CA ASP G 845 4.89 -38.77 79.23
C ASP G 845 5.46 -39.31 77.92
N LEU G 846 6.74 -39.72 77.99
CA LEU G 846 7.42 -40.25 76.81
C LEU G 846 6.85 -41.59 76.36
N ILE G 847 6.33 -42.39 77.28
CA ILE G 847 5.76 -43.68 76.89
C ILE G 847 4.50 -43.50 76.08
N CYS G 848 3.70 -42.48 76.40
CA CYS G 848 2.46 -42.21 75.67
C CYS G 848 2.67 -41.35 74.43
N ALA G 849 3.68 -40.48 74.43
CA ALA G 849 3.94 -39.64 73.26
C ALA G 849 4.45 -40.47 72.08
N GLN G 850 5.22 -41.53 72.35
CA GLN G 850 5.73 -42.39 71.30
C GLN G 850 4.69 -43.37 70.77
N LYS G 851 3.69 -43.72 71.57
CA LYS G 851 2.63 -44.61 71.10
C LYS G 851 1.79 -43.98 70.00
N PHE G 852 1.61 -42.66 70.02
CA PHE G 852 0.82 -41.95 69.02
C PHE G 852 1.53 -41.83 67.68
N LYS G 853 2.68 -42.47 67.51
CA LYS G 853 3.39 -42.47 66.24
C LYS G 853 3.39 -43.83 65.56
N GLY G 854 2.89 -44.87 66.21
CA GLY G 854 2.89 -46.20 65.65
C GLY G 854 3.84 -47.14 66.37
N LEU G 855 4.54 -46.61 67.38
CA LEU G 855 5.52 -47.36 68.15
C LEU G 855 4.86 -47.79 69.47
N THR G 856 4.15 -48.91 69.41
CA THR G 856 3.48 -49.44 70.59
C THR G 856 4.41 -50.36 71.38
N VAL G 857 4.03 -50.64 72.62
CA VAL G 857 4.79 -51.50 73.51
C VAL G 857 3.89 -52.64 73.95
N LEU G 858 4.17 -53.85 73.46
CA LEU G 858 3.36 -55.00 73.82
C LEU G 858 3.66 -55.43 75.25
N PRO G 859 2.64 -55.80 76.03
CA PRO G 859 2.87 -56.21 77.41
C PRO G 859 3.52 -57.58 77.47
N PRO G 860 4.43 -57.80 78.41
CA PRO G 860 5.07 -59.12 78.53
C PRO G 860 4.06 -60.19 78.93
N LEU G 861 4.43 -61.45 78.64
CA LEU G 861 3.56 -62.57 78.99
C LEU G 861 3.53 -62.77 80.50
N LEU G 862 4.69 -63.00 81.11
CA LEU G 862 4.78 -63.15 82.55
C LEU G 862 4.84 -61.79 83.22
N THR G 863 3.95 -61.55 84.16
CA THR G 863 3.90 -60.29 84.88
C THR G 863 4.88 -60.31 86.05
N ASP G 864 4.96 -59.18 86.76
CA ASP G 864 5.86 -59.11 87.92
C ASP G 864 5.38 -60.01 89.05
N GLU G 865 4.08 -60.31 89.10
CA GLU G 865 3.56 -61.20 90.12
C GLU G 865 3.90 -62.65 89.81
N MET G 866 3.79 -63.06 88.55
CA MET G 866 4.10 -64.44 88.18
C MET G 866 5.59 -64.72 88.26
N ILE G 867 6.44 -63.74 87.93
CA ILE G 867 7.88 -63.92 88.06
C ILE G 867 8.27 -64.02 89.54
N ALA G 868 7.58 -63.27 90.40
CA ALA G 868 7.84 -63.36 91.83
C ALA G 868 7.46 -64.73 92.38
N GLN G 869 6.45 -65.38 91.79
CA GLN G 869 6.09 -66.72 92.21
C GLN G 869 7.05 -67.76 91.66
N TYR G 870 7.57 -67.54 90.45
CA TYR G 870 8.58 -68.44 89.89
C TYR G 870 9.87 -68.38 90.69
N THR G 871 10.24 -67.20 91.18
CA THR G 871 11.39 -67.07 92.07
C THR G 871 11.12 -67.62 93.45
N SER G 872 9.90 -67.42 93.99
CA SER G 872 9.54 -67.95 95.29
C SER G 872 9.63 -69.48 95.34
N ALA G 873 9.33 -70.15 94.24
CA ALA G 873 9.53 -71.60 94.19
C ALA G 873 11.01 -71.94 94.25
N LEU G 874 11.86 -71.08 93.70
CA LEU G 874 13.30 -71.25 93.83
C LEU G 874 13.83 -70.64 95.12
N LEU G 875 13.13 -69.63 95.64
CA LEU G 875 13.52 -69.06 96.94
C LEU G 875 13.37 -70.09 98.05
N ALA G 876 12.24 -70.80 98.08
CA ALA G 876 12.12 -71.95 98.96
C ALA G 876 13.17 -72.98 98.56
N GLY G 877 13.02 -73.53 97.35
CA GLY G 877 14.09 -74.16 96.61
C GLY G 877 15.12 -74.95 97.39
N THR G 878 16.37 -74.49 97.33
CA THR G 878 17.48 -75.16 98.00
C THR G 878 17.32 -75.16 99.51
N ILE G 879 16.60 -74.17 100.07
CA ILE G 879 16.50 -74.06 101.51
C ILE G 879 15.75 -75.25 102.10
N THR G 880 14.71 -75.70 101.42
CA THR G 880 13.89 -76.81 101.92
C THR G 880 14.13 -78.12 101.17
N SER G 881 14.87 -78.12 100.08
CA SER G 881 15.09 -79.32 99.31
C SER G 881 16.57 -79.62 99.08
N GLY G 882 17.39 -78.61 98.85
CA GLY G 882 18.82 -78.81 98.66
C GLY G 882 19.19 -79.00 97.19
N TRP G 883 19.61 -80.22 96.85
CA TRP G 883 20.10 -80.52 95.51
C TRP G 883 19.02 -81.13 94.61
N THR G 884 17.98 -81.70 95.17
CA THR G 884 17.04 -82.53 94.43
C THR G 884 15.75 -81.79 94.05
N PHE G 885 15.84 -80.50 93.77
CA PHE G 885 14.70 -79.75 93.26
C PHE G 885 14.92 -79.25 91.83
N GLY G 886 16.05 -79.59 91.23
CA GLY G 886 16.30 -79.28 89.84
C GLY G 886 16.71 -80.52 89.07
N ALA G 887 16.86 -81.63 89.79
CA ALA G 887 17.22 -82.92 89.21
C ALA G 887 16.04 -83.89 89.15
N GLY G 888 15.37 -84.11 90.28
CA GLY G 888 14.25 -85.01 90.32
C GLY G 888 13.22 -84.59 91.35
N PRO G 889 12.70 -85.56 92.10
CA PRO G 889 11.71 -85.23 93.14
C PRO G 889 12.35 -84.54 94.32
N ALA G 890 11.62 -83.59 94.90
CA ALA G 890 12.13 -82.80 96.01
C ALA G 890 12.29 -83.68 97.24
N LEU G 891 13.48 -83.67 97.83
CA LEU G 891 13.78 -84.44 99.04
C LEU G 891 14.02 -83.48 100.20
N GLN G 892 13.33 -83.71 101.30
CA GLN G 892 13.47 -82.85 102.48
C GLN G 892 14.81 -83.12 103.16
N ILE G 893 15.39 -82.05 103.71
CA ILE G 893 16.69 -82.14 104.38
C ILE G 893 16.85 -80.94 105.31
N PRO G 894 17.30 -81.14 106.54
CA PRO G 894 17.51 -80.00 107.43
C PRO G 894 18.58 -79.05 106.90
N PHE G 895 18.34 -77.76 107.06
CA PHE G 895 19.28 -76.76 106.55
C PHE G 895 20.63 -76.81 107.26
N PRO G 896 20.72 -76.93 108.59
CA PRO G 896 22.06 -77.05 109.20
C PRO G 896 22.82 -78.27 108.74
N MET G 897 22.13 -79.35 108.38
CA MET G 897 22.78 -80.52 107.79
C MET G 897 22.90 -80.42 106.29
N GLN G 898 22.17 -79.50 105.66
CA GLN G 898 22.28 -79.29 104.21
C GLN G 898 23.59 -78.60 103.85
N MET G 899 23.99 -77.59 104.63
CA MET G 899 25.25 -76.92 104.40
C MET G 899 26.45 -77.84 104.63
N ALA G 900 26.25 -78.95 105.33
CA ALA G 900 27.34 -79.90 105.53
C ALA G 900 27.77 -80.54 104.22
N TYR G 901 26.85 -80.71 103.27
CA TYR G 901 27.20 -81.20 101.96
C TYR G 901 27.86 -80.14 101.11
N ARG G 902 27.40 -78.89 101.22
CA ARG G 902 27.97 -77.79 100.45
C ARG G 902 29.30 -77.32 101.01
N PHE G 903 29.53 -77.49 102.31
CA PHE G 903 30.85 -77.24 102.88
C PHE G 903 31.82 -78.37 102.57
N ASN G 904 31.33 -79.57 102.28
CA ASN G 904 32.17 -80.70 101.92
C ASN G 904 32.55 -80.71 100.44
N GLY G 905 31.96 -79.83 99.64
CA GLY G 905 32.26 -79.78 98.23
C GLY G 905 33.38 -78.82 97.89
N ILE G 906 33.91 -78.15 98.91
CA ILE G 906 35.03 -77.22 98.73
C ILE G 906 36.28 -77.72 99.45
N GLY G 907 36.32 -79.01 99.79
CA GLY G 907 37.45 -79.61 100.46
C GLY G 907 37.39 -79.56 101.98
N VAL G 908 36.65 -78.61 102.55
CA VAL G 908 36.56 -78.50 103.99
C VAL G 908 35.68 -79.62 104.53
N THR G 909 36.05 -80.14 105.70
CA THR G 909 35.28 -81.20 106.32
C THR G 909 33.96 -80.65 106.87
N GLN G 910 33.03 -81.56 107.13
CA GLN G 910 31.71 -81.19 107.63
C GLN G 910 31.69 -80.97 109.14
N ASN G 911 32.78 -81.28 109.85
CA ASN G 911 32.80 -81.10 111.29
C ASN G 911 32.95 -79.64 111.67
N VAL G 912 33.59 -78.82 110.83
CA VAL G 912 33.80 -77.43 111.16
C VAL G 912 32.50 -76.64 111.10
N LEU G 913 31.47 -77.16 110.43
CA LEU G 913 30.19 -76.45 110.34
C LEU G 913 29.44 -76.53 111.67
N TYR G 914 29.24 -77.73 112.18
CA TYR G 914 28.49 -77.90 113.42
C TYR G 914 29.25 -77.32 114.62
N GLU G 915 30.59 -77.29 114.55
CA GLU G 915 31.37 -76.69 115.62
C GLU G 915 31.35 -75.17 115.59
N ASN G 916 30.96 -74.57 114.47
CA ASN G 916 30.88 -73.13 114.32
C ASN G 916 29.55 -72.74 113.69
N GLN G 917 28.48 -73.45 114.05
CA GLN G 917 27.17 -73.17 113.47
C GLN G 917 26.67 -71.79 113.88
N LYS G 918 26.95 -71.38 115.13
CA LYS G 918 26.58 -70.04 115.57
C LYS G 918 27.38 -68.95 114.87
N LEU G 919 28.57 -69.27 114.37
CA LEU G 919 29.35 -68.30 113.63
C LEU G 919 28.94 -68.21 112.17
N ILE G 920 28.51 -69.32 111.57
CA ILE G 920 28.05 -69.30 110.19
C ILE G 920 26.79 -68.46 110.07
N ALA G 921 25.88 -68.60 111.04
CA ALA G 921 24.63 -67.84 110.98
C ALA G 921 24.88 -66.35 111.19
N ASN G 922 25.79 -65.99 112.10
CA ASN G 922 26.06 -64.58 112.36
C ASN G 922 26.76 -63.92 111.18
N GLN G 923 27.65 -64.65 110.49
CA GLN G 923 28.32 -64.10 109.32
C GLN G 923 27.42 -64.07 108.09
N PHE G 924 26.36 -64.87 108.07
CA PHE G 924 25.43 -64.87 106.94
C PHE G 924 24.30 -63.87 107.13
N ASN G 925 23.76 -63.77 108.35
CA ASN G 925 22.70 -62.80 108.61
C ASN G 925 23.20 -61.37 108.49
N SER G 926 24.47 -61.14 108.79
CA SER G 926 25.05 -59.81 108.64
C SER G 926 25.46 -59.50 107.21
N ALA G 927 25.72 -60.54 106.40
CA ALA G 927 26.08 -60.30 105.01
C ALA G 927 24.85 -59.97 104.17
N ILE G 928 23.73 -60.64 104.44
CA ILE G 928 22.51 -60.36 103.69
C ILE G 928 21.99 -58.96 104.03
N GLY G 929 22.17 -58.53 105.28
CA GLY G 929 21.72 -57.20 105.66
C GLY G 929 22.45 -56.09 104.95
N LYS G 930 23.73 -56.32 104.64
CA LYS G 930 24.51 -55.31 103.91
C LYS G 930 24.19 -55.29 102.42
N ILE G 931 23.49 -56.31 101.92
CA ILE G 931 23.14 -56.33 100.50
C ILE G 931 22.16 -55.22 100.17
N GLN G 932 21.14 -55.03 101.02
CA GLN G 932 20.17 -53.98 100.78
C GLN G 932 20.80 -52.60 100.89
N ASP G 933 21.79 -52.43 101.77
CA ASP G 933 22.45 -51.13 101.91
C ASP G 933 23.45 -50.89 100.78
N SER G 934 24.07 -51.96 100.28
CA SER G 934 25.06 -51.80 99.21
C SER G 934 24.41 -51.34 97.91
N LEU G 935 23.22 -51.85 97.60
CA LEU G 935 22.54 -51.46 96.37
C LEU G 935 22.02 -50.03 96.45
N SER G 936 21.74 -49.53 97.65
CA SER G 936 21.22 -48.18 97.83
C SER G 936 22.33 -47.15 97.98
N SER G 937 23.39 -47.48 98.73
CA SER G 937 24.48 -46.53 98.92
C SER G 937 25.26 -46.30 97.64
N THR G 938 25.40 -47.33 96.82
CA THR G 938 26.13 -47.20 95.56
C THR G 938 25.33 -46.33 94.60
N PRO G 939 25.93 -45.28 94.02
CA PRO G 939 25.17 -44.43 93.09
C PRO G 939 24.83 -45.15 91.79
N SER G 940 25.70 -46.04 91.32
CA SER G 940 25.48 -46.79 90.09
C SER G 940 25.66 -48.27 90.41
N ALA G 941 24.58 -48.91 90.85
CA ALA G 941 24.58 -50.33 91.18
C ALA G 941 23.87 -51.17 90.13
N LEU G 942 22.63 -50.84 89.80
CA LEU G 942 21.88 -51.54 88.75
C LEU G 942 22.13 -50.87 87.41
N GLY G 943 23.41 -50.86 87.02
CA GLY G 943 23.83 -50.21 85.79
C GLY G 943 23.61 -51.08 84.57
N LYS G 944 23.55 -52.39 84.75
CA LYS G 944 23.32 -53.30 83.64
C LYS G 944 21.85 -53.35 83.25
N LEU G 945 20.95 -53.11 84.20
CA LEU G 945 19.53 -53.06 83.88
C LEU G 945 19.10 -51.73 83.29
N GLN G 946 19.83 -50.65 83.59
CA GLN G 946 19.57 -49.36 82.98
C GLN G 946 20.20 -49.21 81.61
N ASP G 947 21.22 -50.01 81.30
CA ASP G 947 21.86 -49.94 79.99
C ASP G 947 20.92 -50.44 78.89
N VAL G 948 20.14 -51.48 79.19
CA VAL G 948 19.19 -51.98 78.20
C VAL G 948 17.96 -51.09 78.06
N VAL G 949 17.69 -50.24 79.06
CA VAL G 949 16.56 -49.32 78.96
C VAL G 949 16.97 -48.03 78.28
N ASN G 950 18.18 -47.54 78.58
CA ASN G 950 18.66 -46.32 77.95
C ASN G 950 18.96 -46.54 76.46
N HIS G 951 19.29 -47.77 76.07
CA HIS G 951 19.53 -48.05 74.66
C HIS G 951 18.22 -48.22 73.89
N ASN G 952 17.19 -48.79 74.53
CA ASN G 952 15.89 -48.90 73.88
C ASN G 952 15.17 -47.56 73.83
N ALA G 953 15.37 -46.71 74.84
CA ALA G 953 14.79 -45.37 74.80
C ALA G 953 15.50 -44.50 73.76
N GLN G 954 16.81 -44.64 73.63
CA GLN G 954 17.55 -43.89 72.62
C GLN G 954 17.16 -44.30 71.21
N ALA G 955 16.95 -45.61 70.99
CA ALA G 955 16.54 -46.07 69.67
C ALA G 955 15.15 -45.57 69.30
N LEU G 956 14.24 -45.54 70.28
CA LEU G 956 12.90 -45.01 70.01
C LEU G 956 12.93 -43.51 69.83
N ASN G 957 13.72 -42.80 70.65
CA ASN G 957 13.85 -41.36 70.48
C ASN G 957 14.47 -41.01 69.13
N THR G 958 15.42 -41.84 68.68
CA THR G 958 16.03 -41.61 67.37
C THR G 958 15.03 -41.88 66.25
N LEU G 959 14.24 -42.96 66.39
CA LEU G 959 13.25 -43.28 65.36
C LEU G 959 12.14 -42.23 65.29
N VAL G 960 11.75 -41.67 66.44
CA VAL G 960 10.73 -40.63 66.43
C VAL G 960 11.30 -39.32 65.89
N LYS G 961 12.51 -38.96 66.30
CA LYS G 961 13.09 -37.70 65.88
C LYS G 961 13.76 -37.83 64.51
N GLN G 962 13.01 -38.37 63.55
CA GLN G 962 13.46 -38.38 62.15
C GLN G 962 12.32 -38.10 61.17
N LEU G 963 11.11 -37.82 61.65
CA LEU G 963 10.00 -37.47 60.77
C LEU G 963 10.10 -36.04 60.25
N SER G 964 10.90 -35.20 60.89
CA SER G 964 11.14 -33.83 60.45
C SER G 964 12.62 -33.71 60.09
N SER G 965 12.95 -34.05 58.84
CA SER G 965 14.33 -34.05 58.39
C SER G 965 14.34 -33.89 56.87
N LYS G 966 15.30 -33.12 56.37
CA LYS G 966 15.39 -32.81 54.94
C LYS G 966 15.87 -34.04 54.19
N PHE G 967 14.91 -34.83 53.69
CA PHE G 967 15.23 -36.01 52.87
C PHE G 967 14.56 -35.88 51.51
N GLY G 968 14.70 -34.74 50.86
CA GLY G 968 14.01 -34.49 49.62
C GLY G 968 13.40 -33.11 49.53
N ALA G 969 12.07 -33.04 49.43
CA ALA G 969 11.36 -31.77 49.28
C ALA G 969 11.68 -30.80 50.41
N ILE G 970 11.40 -29.51 50.18
CA ILE G 970 11.77 -28.49 51.16
C ILE G 970 10.98 -28.63 52.45
N SER G 971 9.84 -29.31 52.40
CA SER G 971 8.99 -29.47 53.57
C SER G 971 9.14 -30.89 54.12
N SER G 972 9.04 -30.99 55.45
CA SER G 972 9.13 -32.28 56.14
C SER G 972 7.79 -32.72 56.69
N VAL G 973 6.72 -31.99 56.37
CA VAL G 973 5.37 -32.32 56.82
C VAL G 973 4.57 -32.77 55.61
N LEU G 974 3.91 -33.92 55.72
CA LEU G 974 3.15 -34.46 54.60
C LEU G 974 1.94 -33.61 54.24
N ASN G 975 1.44 -32.79 55.17
CA ASN G 975 0.32 -31.91 54.85
C ASN G 975 0.75 -30.83 53.87
N ASP G 976 1.98 -30.36 53.97
CA ASP G 976 2.49 -29.33 53.06
C ASP G 976 2.95 -29.91 51.73
N ILE G 977 2.91 -31.23 51.56
CA ILE G 977 3.32 -31.83 50.29
C ILE G 977 2.19 -31.71 49.26
N PHE G 978 0.96 -32.04 49.66
CA PHE G 978 -0.19 -31.94 48.78
C PHE G 978 -0.66 -30.52 48.58
N SER G 979 -0.15 -29.57 49.36
CA SER G 979 -0.47 -28.16 49.22
C SER G 979 0.75 -27.40 48.74
N ARG G 980 0.51 -26.20 48.21
CA ARG G 980 1.54 -25.32 47.67
C ARG G 980 2.28 -25.95 46.49
N LEU G 981 1.77 -27.07 45.96
CA LEU G 981 2.40 -27.77 44.86
C LEU G 981 1.32 -28.26 43.91
N ASP G 982 1.70 -29.11 42.96
CA ASP G 982 0.80 -29.67 41.98
C ASP G 982 0.79 -31.20 42.07
N PRO G 983 -0.34 -31.84 41.82
CA PRO G 983 -0.42 -33.31 41.91
C PRO G 983 0.61 -34.01 41.02
N PRO G 984 0.76 -33.63 39.75
CA PRO G 984 1.73 -34.35 38.90
C PRO G 984 3.18 -34.19 39.33
N GLU G 985 3.49 -33.21 40.19
CA GLU G 985 4.85 -33.01 40.66
C GLU G 985 5.04 -33.35 42.13
N ALA G 986 4.03 -33.14 42.98
CA ALA G 986 4.15 -33.48 44.39
C ALA G 986 4.31 -34.98 44.58
N GLU G 987 3.62 -35.78 43.76
CA GLU G 987 3.78 -37.23 43.83
C GLU G 987 5.16 -37.68 43.38
N VAL G 988 5.87 -36.86 42.61
CA VAL G 988 7.24 -37.20 42.21
C VAL G 988 8.19 -36.99 43.38
N GLN G 989 8.15 -35.82 44.00
CA GLN G 989 9.01 -35.52 45.14
C GLN G 989 8.32 -35.87 46.47
N ILE G 990 7.81 -37.09 46.55
CA ILE G 990 7.27 -37.61 47.80
C ILE G 990 7.82 -38.99 48.16
N ASP G 991 8.36 -39.75 47.21
CA ASP G 991 9.01 -41.02 47.52
C ASP G 991 10.36 -40.82 48.20
N ARG G 992 10.95 -39.63 48.09
CA ARG G 992 12.19 -39.35 48.81
C ARG G 992 11.97 -39.27 50.31
N LEU G 993 10.77 -38.88 50.74
CA LEU G 993 10.41 -38.88 52.15
C LEU G 993 9.79 -40.19 52.59
N ILE G 994 9.31 -41.01 51.66
CA ILE G 994 8.83 -42.35 51.99
C ILE G 994 9.98 -43.34 52.10
N THR G 995 10.91 -43.30 51.13
CA THR G 995 12.09 -44.16 51.21
C THR G 995 13.00 -43.71 52.34
N GLY G 996 13.11 -42.40 52.56
CA GLY G 996 13.94 -41.90 53.65
C GLY G 996 13.44 -42.33 55.02
N ARG G 997 12.13 -42.48 55.17
CA ARG G 997 11.56 -42.98 56.41
C ARG G 997 11.46 -44.50 56.45
N LEU G 998 11.50 -45.16 55.29
CA LEU G 998 11.47 -46.61 55.26
C LEU G 998 12.84 -47.20 55.55
N GLN G 999 13.91 -46.50 55.19
CA GLN G 999 15.25 -46.95 55.53
C GLN G 999 15.60 -46.66 56.98
N SER G 1000 15.06 -45.57 57.54
CA SER G 1000 15.27 -45.29 58.96
C SER G 1000 14.55 -46.31 59.84
N LEU G 1001 13.36 -46.75 59.43
CA LEU G 1001 12.68 -47.82 60.14
C LEU G 1001 13.35 -49.17 59.90
N GLN G 1002 13.99 -49.34 58.74
CA GLN G 1002 14.71 -50.58 58.47
C GLN G 1002 15.97 -50.67 59.33
N THR G 1003 16.61 -49.54 59.61
CA THR G 1003 17.78 -49.55 60.48
C THR G 1003 17.40 -49.92 61.91
N TYR G 1004 16.25 -49.43 62.38
CA TYR G 1004 15.80 -49.78 63.73
C TYR G 1004 15.58 -51.27 63.87
N VAL G 1005 14.98 -51.91 62.87
CA VAL G 1005 14.77 -53.35 62.92
C VAL G 1005 16.11 -54.08 62.87
N THR G 1006 17.06 -53.56 62.09
CA THR G 1006 18.38 -54.19 62.01
C THR G 1006 19.13 -54.06 63.32
N GLN G 1007 19.07 -52.89 63.95
CA GLN G 1007 19.73 -52.67 65.23
C GLN G 1007 19.05 -53.40 66.38
N GLN G 1008 17.78 -53.75 66.25
CA GLN G 1008 17.11 -54.55 67.27
C GLN G 1008 17.46 -56.02 67.19
N LEU G 1009 17.89 -56.51 66.02
CA LEU G 1009 18.36 -57.89 65.91
C LEU G 1009 19.75 -58.05 66.50
N ILE G 1010 20.60 -57.03 66.40
CA ILE G 1010 21.91 -57.08 67.02
C ILE G 1010 21.80 -56.91 68.52
N ARG G 1011 20.88 -56.05 68.96
CA ARG G 1011 20.68 -55.83 70.40
C ARG G 1011 20.03 -57.04 71.06
N ALA G 1012 19.14 -57.73 70.35
CA ALA G 1012 18.54 -58.94 70.89
C ALA G 1012 19.53 -60.09 70.97
N ALA G 1013 20.57 -60.09 70.14
CA ALA G 1013 21.59 -61.12 70.23
C ALA G 1013 22.42 -61.00 71.50
N GLU G 1014 22.55 -59.80 72.05
CA GLU G 1014 23.23 -59.62 73.32
C GLU G 1014 22.34 -59.96 74.50
N ILE G 1015 21.05 -59.72 74.40
CA ILE G 1015 20.12 -60.11 75.46
C ILE G 1015 19.98 -61.63 75.50
N ARG G 1016 19.96 -62.27 74.32
CA ARG G 1016 19.88 -63.73 74.28
C ARG G 1016 21.14 -64.36 74.88
N ALA G 1017 22.31 -63.76 74.62
CA ALA G 1017 23.53 -64.26 75.23
C ALA G 1017 23.54 -64.05 76.73
N SER G 1018 22.88 -62.99 77.21
CA SER G 1018 22.77 -62.77 78.65
C SER G 1018 21.65 -63.60 79.26
N ALA G 1019 20.62 -63.93 78.48
CA ALA G 1019 19.56 -64.78 78.99
C ALA G 1019 20.03 -66.23 79.13
N ASN G 1020 20.80 -66.72 78.16
CA ASN G 1020 21.37 -68.05 78.28
C ASN G 1020 22.44 -68.11 79.37
N LEU G 1021 23.09 -66.97 79.65
CA LEU G 1021 24.03 -66.92 80.76
C LEU G 1021 23.32 -66.91 82.09
N ALA G 1022 22.19 -66.18 82.18
CA ALA G 1022 21.43 -66.17 83.42
C ALA G 1022 20.72 -67.50 83.64
N ALA G 1023 20.31 -68.18 82.58
CA ALA G 1023 19.70 -69.50 82.73
C ALA G 1023 20.73 -70.53 83.18
N THR G 1024 22.01 -70.30 82.88
CA THR G 1024 23.04 -71.24 83.31
C THR G 1024 23.44 -70.99 84.76
N LYS G 1025 23.45 -69.73 85.19
CA LYS G 1025 23.77 -69.42 86.58
C LYS G 1025 22.65 -69.78 87.54
N MET G 1026 21.41 -69.87 87.07
CA MET G 1026 20.30 -70.30 87.90
C MET G 1026 20.19 -71.81 87.97
N SER G 1027 20.96 -72.53 87.15
CA SER G 1027 20.97 -73.99 87.17
C SER G 1027 22.27 -74.59 87.70
N GLU G 1028 23.36 -73.82 87.75
CA GLU G 1028 24.61 -74.28 88.30
C GLU G 1028 24.94 -73.68 89.66
N CYS G 1029 24.27 -72.61 90.06
CA CYS G 1029 24.48 -72.01 91.38
C CYS G 1029 23.28 -72.19 92.31
N VAL G 1030 22.07 -72.27 91.76
CA VAL G 1030 20.87 -72.46 92.58
C VAL G 1030 20.49 -73.93 92.66
N LEU G 1031 20.45 -74.62 91.52
CA LEU G 1031 20.14 -76.03 91.49
C LEU G 1031 21.28 -76.92 91.98
N GLY G 1032 22.44 -76.33 92.26
CA GLY G 1032 23.58 -77.11 92.71
C GLY G 1032 24.76 -76.21 93.00
N GLN G 1033 25.87 -76.86 93.34
CA GLN G 1033 27.12 -76.17 93.66
C GLN G 1033 28.14 -76.43 92.58
N SER G 1034 28.79 -75.36 92.11
CA SER G 1034 29.81 -75.46 91.08
C SER G 1034 31.20 -75.48 91.70
N LYS G 1035 32.13 -76.14 91.00
CA LYS G 1035 33.50 -76.28 91.48
C LYS G 1035 34.47 -75.35 90.77
N ARG G 1036 34.08 -74.77 89.64
CA ARG G 1036 34.86 -73.77 88.94
C ARG G 1036 34.23 -72.42 89.25
N VAL G 1037 34.88 -71.64 90.11
CA VAL G 1037 34.25 -70.46 90.72
C VAL G 1037 34.50 -69.30 89.76
N ASP G 1038 33.67 -69.22 88.73
CA ASP G 1038 33.52 -68.00 87.95
C ASP G 1038 32.08 -67.75 87.54
N PHE G 1039 31.14 -68.60 87.93
CA PHE G 1039 29.72 -68.46 87.61
C PHE G 1039 28.89 -68.08 88.83
N CYS G 1040 29.39 -68.36 90.03
CA CYS G 1040 28.65 -68.12 91.27
C CYS G 1040 29.41 -67.21 92.23
N GLY G 1041 30.00 -66.13 91.73
CA GLY G 1041 30.65 -65.17 92.59
C GLY G 1041 32.16 -65.23 92.55
N LYS G 1042 32.80 -64.90 93.67
CA LYS G 1042 34.26 -64.90 93.78
C LYS G 1042 34.63 -65.54 95.11
N GLY G 1043 35.38 -66.65 95.04
CA GLY G 1043 35.78 -67.36 96.23
C GLY G 1043 35.56 -68.85 96.13
N TYR G 1044 34.75 -69.40 97.04
CA TYR G 1044 34.35 -70.81 97.01
C TYR G 1044 32.83 -70.85 97.09
N HIS G 1045 32.20 -71.31 96.00
CA HIS G 1045 30.75 -71.26 95.91
C HIS G 1045 30.11 -72.21 96.92
N LEU G 1046 29.12 -71.69 97.64
CA LEU G 1046 28.31 -72.49 98.57
C LEU G 1046 26.86 -72.60 98.11
N MET G 1047 26.18 -71.48 97.91
CA MET G 1047 24.80 -71.49 97.44
C MET G 1047 24.47 -70.12 96.87
N SER G 1048 23.33 -70.04 96.20
CA SER G 1048 22.87 -68.80 95.59
C SER G 1048 21.36 -68.69 95.75
N PHE G 1049 20.84 -67.48 95.57
CA PHE G 1049 19.41 -67.23 95.72
C PHE G 1049 18.93 -66.29 94.63
N PRO G 1050 18.06 -66.74 93.73
CA PRO G 1050 17.57 -65.87 92.66
C PRO G 1050 16.52 -64.89 93.16
N GLN G 1051 16.50 -63.73 92.51
CA GLN G 1051 15.55 -62.67 92.84
C GLN G 1051 15.09 -61.99 91.56
N SER G 1052 13.85 -61.50 91.58
CA SER G 1052 13.30 -60.82 90.43
C SER G 1052 13.96 -59.45 90.24
N ALA G 1053 13.70 -58.84 89.10
CA ALA G 1053 14.30 -57.56 88.75
C ALA G 1053 13.48 -56.95 87.62
N PRO G 1054 13.62 -55.64 87.38
CA PRO G 1054 12.92 -55.02 86.25
C PRO G 1054 13.52 -55.42 84.91
N HIS G 1055 13.06 -56.56 84.37
CA HIS G 1055 13.55 -57.13 83.13
C HIS G 1055 15.00 -57.62 83.25
N GLY G 1056 15.28 -58.29 84.36
CA GLY G 1056 16.60 -58.84 84.60
C GLY G 1056 16.55 -59.87 85.70
N VAL G 1057 17.70 -60.08 86.34
CA VAL G 1057 17.82 -61.03 87.44
C VAL G 1057 18.96 -60.58 88.34
N VAL G 1058 18.81 -60.85 89.64
CA VAL G 1058 19.80 -60.46 90.65
C VAL G 1058 20.12 -61.69 91.47
N PHE G 1059 21.33 -62.22 91.29
CA PHE G 1059 21.78 -63.37 92.07
C PHE G 1059 22.50 -62.92 93.33
N LEU G 1060 22.32 -63.69 94.39
CA LEU G 1060 22.97 -63.46 95.68
C LEU G 1060 23.87 -64.66 95.96
N HIS G 1061 25.10 -64.61 95.47
CA HIS G 1061 26.02 -65.72 95.61
C HIS G 1061 26.63 -65.73 97.01
N VAL G 1062 26.62 -66.90 97.64
CA VAL G 1062 27.22 -67.09 98.96
C VAL G 1062 28.58 -67.76 98.75
N THR G 1063 29.65 -67.06 99.09
CA THR G 1063 31.00 -67.52 98.85
C THR G 1063 31.71 -67.83 100.17
N TYR G 1064 32.66 -68.77 100.10
CA TYR G 1064 33.49 -69.15 101.24
C TYR G 1064 34.87 -68.55 101.04
N VAL G 1065 35.16 -67.48 101.78
CA VAL G 1065 36.41 -66.74 101.65
C VAL G 1065 37.24 -67.00 102.91
N PRO G 1066 38.34 -67.74 102.82
CA PRO G 1066 39.19 -67.94 104.00
C PRO G 1066 39.85 -66.64 104.43
N ALA G 1067 40.29 -66.60 105.69
CA ALA G 1067 40.95 -65.43 106.25
C ALA G 1067 41.83 -65.87 107.41
N GLN G 1068 42.62 -64.93 107.93
CA GLN G 1068 43.51 -65.15 109.07
C GLN G 1068 44.46 -66.32 108.80
N GLU G 1069 45.28 -66.16 107.77
CA GLU G 1069 46.25 -67.17 107.41
C GLU G 1069 47.43 -67.16 108.40
N LYS G 1070 48.19 -68.24 108.38
CA LYS G 1070 49.35 -68.38 109.26
C LYS G 1070 50.34 -69.33 108.62
N ASN G 1071 51.61 -68.94 108.60
CA ASN G 1071 52.64 -69.70 107.96
C ASN G 1071 52.92 -70.97 108.71
N PHE G 1072 53.39 -71.99 108.01
CA PHE G 1072 53.74 -73.26 108.63
C PHE G 1072 54.86 -73.91 107.82
N THR G 1073 55.38 -75.02 108.33
CA THR G 1073 56.40 -75.80 107.66
C THR G 1073 55.81 -77.12 107.20
N THR G 1074 55.88 -77.36 105.89
CA THR G 1074 55.28 -78.55 105.29
C THR G 1074 56.36 -79.51 104.80
N ALA G 1075 55.92 -80.71 104.43
CA ALA G 1075 56.81 -81.74 103.94
C ALA G 1075 56.05 -82.69 103.03
N PRO G 1076 56.65 -83.17 101.94
CA PRO G 1076 55.92 -84.09 101.05
C PRO G 1076 55.50 -85.38 101.73
N ALA G 1077 56.39 -86.00 102.50
CA ALA G 1077 56.08 -87.25 103.18
C ALA G 1077 56.94 -87.35 104.43
N ILE G 1078 56.74 -88.44 105.17
CA ILE G 1078 57.49 -88.72 106.38
C ILE G 1078 57.97 -90.17 106.34
N CYS G 1079 59.14 -90.42 106.93
CA CYS G 1079 59.76 -91.74 106.93
C CYS G 1079 59.81 -92.26 108.36
N HIS G 1080 59.10 -93.36 108.62
CA HIS G 1080 59.05 -93.95 109.95
C HIS G 1080 59.73 -95.31 109.99
N ASP G 1081 59.32 -96.25 109.14
CA ASP G 1081 59.89 -97.60 109.12
C ASP G 1081 60.60 -97.86 107.79
N GLY G 1082 61.30 -96.85 107.28
CA GLY G 1082 61.99 -96.96 106.02
C GLY G 1082 61.11 -96.79 104.79
N LYS G 1083 59.79 -96.67 104.96
CA LYS G 1083 58.87 -96.47 103.86
C LYS G 1083 58.18 -95.13 104.01
N ALA G 1084 57.93 -94.48 102.87
CA ALA G 1084 57.32 -93.16 102.88
C ALA G 1084 55.85 -93.24 103.28
N HIS G 1085 55.35 -92.15 103.86
CA HIS G 1085 53.95 -92.04 104.28
C HIS G 1085 53.38 -90.77 103.67
N PHE G 1086 52.47 -90.92 102.72
CA PHE G 1086 51.86 -89.77 102.08
C PHE G 1086 50.48 -89.51 102.66
N PRO G 1087 50.08 -88.24 102.76
CA PRO G 1087 48.75 -87.94 103.29
C PRO G 1087 47.65 -88.44 102.35
N ARG G 1088 46.62 -89.04 102.96
CA ARG G 1088 45.49 -89.53 102.17
C ARG G 1088 44.64 -88.38 101.67
N GLU G 1089 44.13 -87.55 102.59
CA GLU G 1089 43.36 -86.36 102.24
C GLU G 1089 43.75 -85.27 103.23
N GLY G 1090 44.74 -84.46 102.85
CA GLY G 1090 45.21 -83.41 103.71
C GLY G 1090 46.65 -83.06 103.36
N VAL G 1091 47.29 -82.33 104.29
CA VAL G 1091 48.65 -81.87 104.11
C VAL G 1091 49.39 -81.96 105.44
N PHE G 1092 50.68 -82.30 105.37
CA PHE G 1092 51.51 -82.36 106.56
C PHE G 1092 51.95 -80.96 106.96
N VAL G 1093 51.72 -80.62 108.23
CA VAL G 1093 52.10 -79.33 108.79
C VAL G 1093 53.06 -79.57 109.95
N SER G 1094 53.66 -78.49 110.43
CA SER G 1094 54.60 -78.56 111.54
C SER G 1094 54.67 -77.21 112.23
N ASN G 1095 54.81 -77.23 113.54
CA ASN G 1095 54.90 -76.00 114.31
C ASN G 1095 56.27 -75.91 114.91
N GLY G 1096 57.22 -76.64 114.35
CA GLY G 1096 58.57 -76.63 114.86
C GLY G 1096 58.82 -77.83 115.74
N THR G 1097 57.84 -78.21 116.53
CA THR G 1097 58.01 -79.32 117.44
C THR G 1097 57.66 -80.61 116.79
N HIS G 1098 56.41 -81.01 116.94
CA HIS G 1098 55.96 -82.26 116.35
C HIS G 1098 55.33 -81.99 115.00
N TRP G 1099 54.72 -83.00 114.41
CA TRP G 1099 54.13 -82.84 113.09
C TRP G 1099 52.65 -83.24 113.08
N PHE G 1100 51.82 -82.52 112.36
CA PHE G 1100 50.39 -82.82 112.30
C PHE G 1100 49.94 -82.85 110.84
N VAL G 1101 48.68 -83.22 110.63
CA VAL G 1101 48.08 -83.29 109.31
C VAL G 1101 46.76 -82.54 109.36
N THR G 1102 46.64 -81.48 108.57
CA THR G 1102 45.44 -80.66 108.49
C THR G 1102 44.83 -80.79 107.10
N GLN G 1103 43.75 -80.06 106.89
CA GLN G 1103 43.10 -79.99 105.59
C GLN G 1103 43.58 -78.77 104.81
N ARG G 1104 43.37 -78.82 103.50
CA ARG G 1104 43.93 -77.80 102.61
C ARG G 1104 43.26 -76.45 102.74
N ASN G 1105 42.12 -76.36 103.43
CA ASN G 1105 41.39 -75.10 103.53
C ASN G 1105 41.06 -74.72 104.97
N PHE G 1106 41.60 -75.42 105.96
CA PHE G 1106 41.33 -75.11 107.36
C PHE G 1106 42.42 -75.73 108.21
N TYR G 1107 42.65 -75.13 109.38
CA TYR G 1107 43.67 -75.59 110.31
C TYR G 1107 43.01 -76.49 111.36
N GLU G 1108 43.16 -77.79 111.18
CA GLU G 1108 42.65 -78.79 112.13
C GLU G 1108 43.76 -79.80 112.38
N PRO G 1109 44.68 -79.51 113.31
CA PRO G 1109 45.82 -80.41 113.53
C PRO G 1109 45.43 -81.70 114.23
N GLN G 1110 45.59 -82.82 113.55
CA GLN G 1110 45.34 -84.14 114.10
C GLN G 1110 46.63 -84.92 114.19
N ILE G 1111 46.56 -86.09 114.82
CA ILE G 1111 47.73 -86.96 114.98
C ILE G 1111 47.89 -87.80 113.72
N ILE G 1112 49.14 -88.10 113.39
CA ILE G 1112 49.46 -88.83 112.16
C ILE G 1112 49.38 -90.32 112.53
N THR G 1113 48.20 -90.90 112.35
CA THR G 1113 47.98 -92.31 112.60
C THR G 1113 48.19 -93.10 111.31
N THR G 1114 47.82 -94.38 111.32
CA THR G 1114 47.92 -95.23 110.15
C THR G 1114 46.76 -95.05 109.18
N ASP G 1115 45.61 -94.57 109.66
CA ASP G 1115 44.45 -94.38 108.81
C ASP G 1115 44.49 -93.06 108.03
N ASN G 1116 45.11 -92.02 108.60
CA ASN G 1116 45.17 -90.74 107.94
C ASN G 1116 46.18 -90.70 106.79
N THR G 1117 47.11 -91.65 106.75
CA THR G 1117 48.14 -91.69 105.72
C THR G 1117 48.16 -93.06 105.06
N PHE G 1118 48.99 -93.18 104.03
CA PHE G 1118 49.16 -94.45 103.32
C PHE G 1118 50.59 -94.56 102.85
N VAL G 1119 51.11 -95.78 102.85
CA VAL G 1119 52.50 -96.04 102.48
C VAL G 1119 52.57 -96.33 100.99
N SER G 1120 53.64 -95.84 100.36
CA SER G 1120 53.85 -96.05 98.92
C SER G 1120 55.34 -95.94 98.64
N GLY G 1121 56.01 -97.08 98.49
CA GLY G 1121 57.42 -97.10 98.20
C GLY G 1121 58.28 -96.94 99.45
N ASN G 1122 59.54 -96.61 99.21
CA ASN G 1122 60.51 -96.41 100.27
C ASN G 1122 61.08 -95.00 100.18
N CYS G 1123 61.83 -94.62 101.23
CA CYS G 1123 62.35 -93.26 101.37
C CYS G 1123 63.68 -93.14 100.62
N ASP G 1124 63.57 -93.20 99.29
CA ASP G 1124 64.74 -93.07 98.42
C ASP G 1124 64.55 -92.12 97.25
N VAL G 1125 63.32 -91.85 96.82
CA VAL G 1125 63.08 -91.04 95.64
C VAL G 1125 62.38 -89.71 95.97
N VAL G 1126 61.57 -89.66 97.02
CA VAL G 1126 60.88 -88.42 97.37
C VAL G 1126 61.90 -87.42 97.90
N ILE G 1127 61.93 -86.24 97.29
CA ILE G 1127 62.90 -85.19 97.64
C ILE G 1127 62.25 -84.28 98.66
N GLY G 1128 62.89 -84.15 99.83
CA GLY G 1128 62.38 -83.30 100.89
C GLY G 1128 61.61 -84.01 101.97
N ILE G 1129 61.70 -85.34 102.06
CA ILE G 1129 60.94 -86.10 103.03
C ILE G 1129 61.61 -85.99 104.40
N VAL G 1130 60.87 -85.48 105.38
CA VAL G 1130 61.37 -85.35 106.75
C VAL G 1130 61.17 -86.70 107.45
N ASN G 1131 61.82 -86.86 108.60
CA ASN G 1131 61.67 -88.08 109.39
C ASN G 1131 60.78 -87.80 110.57
N ASN G 1132 59.95 -88.77 110.89
CA ASN G 1132 59.06 -88.67 112.04
C ASN G 1132 58.52 -90.07 112.34
N THR G 1133 57.86 -90.20 113.49
CA THR G 1133 57.29 -91.46 113.93
C THR G 1133 55.77 -91.37 113.84
N VAL G 1134 55.17 -92.22 113.01
CA VAL G 1134 53.72 -92.24 112.84
C VAL G 1134 53.10 -93.00 114.01
N TYR G 1135 51.78 -92.89 114.16
CA TYR G 1135 51.05 -93.56 115.21
C TYR G 1135 50.26 -94.73 114.63
N ASP G 1136 49.82 -95.62 115.51
CA ASP G 1136 49.05 -96.79 115.11
C ASP G 1136 48.05 -97.11 116.21
N PRO G 1137 46.77 -97.26 115.87
CA PRO G 1137 45.77 -97.55 116.92
C PRO G 1137 45.89 -98.95 117.50
N LEU G 1138 46.46 -99.90 116.74
CA LEU G 1138 46.56 -101.27 117.23
C LEU G 1138 47.68 -101.44 118.24
N GLN G 1139 48.67 -100.55 118.23
CA GLN G 1139 49.80 -100.68 119.15
C GLN G 1139 49.39 -100.55 120.62
N PRO G 1140 48.62 -99.54 121.04
CA PRO G 1140 48.25 -99.51 122.46
C PRO G 1140 47.33 -100.64 122.87
N GLU G 1141 46.44 -101.08 121.98
CA GLU G 1141 45.51 -102.17 122.27
C GLU G 1141 46.08 -103.53 121.91
N LEU G 1142 47.41 -103.65 121.82
CA LEU G 1142 48.04 -104.93 121.50
C LEU G 1142 48.39 -105.75 122.74
N ASP G 1143 48.36 -105.14 123.93
CA ASP G 1143 48.67 -105.89 125.14
C ASP G 1143 47.54 -106.84 125.52
N SER G 1144 46.31 -106.33 125.58
CA SER G 1144 45.16 -107.14 125.92
C SER G 1144 44.73 -108.01 124.75
N GLU H 1 60.16 -26.54 -6.16
CA GLU H 1 59.70 -25.96 -4.89
C GLU H 1 58.54 -25.00 -5.14
N VAL H 2 58.86 -23.70 -5.19
CA VAL H 2 57.83 -22.69 -5.43
C VAL H 2 57.42 -22.74 -6.91
N GLN H 3 56.12 -22.85 -7.14
CA GLN H 3 55.56 -22.92 -8.50
C GLN H 3 54.48 -21.85 -8.61
N LEU H 4 54.88 -20.66 -9.07
CA LEU H 4 53.95 -19.53 -9.22
C LEU H 4 53.38 -19.58 -10.63
N VAL H 5 52.39 -20.45 -10.82
CA VAL H 5 51.73 -20.60 -12.10
C VAL H 5 50.78 -19.43 -12.31
N GLU H 6 50.84 -18.81 -13.48
CA GLU H 6 50.02 -17.64 -13.81
C GLU H 6 49.03 -18.01 -14.90
N SER H 7 47.77 -17.65 -14.69
CA SER H 7 46.71 -17.90 -15.64
C SER H 7 46.00 -16.59 -15.98
N GLY H 8 45.36 -16.57 -17.15
CA GLY H 8 44.66 -15.39 -17.61
C GLY H 8 45.53 -14.48 -18.46
N GLY H 9 45.12 -14.28 -19.71
CA GLY H 9 45.87 -13.44 -20.62
C GLY H 9 45.62 -13.76 -22.07
N GLY H 10 45.55 -12.72 -22.91
CA GLY H 10 45.30 -12.94 -24.32
C GLY H 10 45.04 -11.62 -25.03
N LEU H 11 44.38 -11.72 -26.18
CA LEU H 11 44.06 -10.56 -27.00
C LEU H 11 42.69 -10.01 -26.60
N VAL H 12 42.64 -8.73 -26.25
CA VAL H 12 41.40 -8.07 -25.86
C VAL H 12 41.35 -6.70 -26.54
N GLN H 13 40.14 -6.22 -26.81
CA GLN H 13 39.99 -4.92 -27.44
C GLN H 13 40.29 -3.81 -26.44
N PRO H 14 40.81 -2.68 -26.93
CA PRO H 14 41.08 -1.54 -26.02
C PRO H 14 39.79 -1.01 -25.42
N GLY H 15 39.74 -0.97 -24.09
CA GLY H 15 38.58 -0.52 -23.36
C GLY H 15 37.84 -1.60 -22.62
N ARG H 16 38.23 -2.86 -22.77
CA ARG H 16 37.58 -3.98 -22.11
C ARG H 16 38.30 -4.30 -20.81
N SER H 17 37.88 -5.38 -20.16
CA SER H 17 38.43 -5.80 -18.89
C SER H 17 38.72 -7.29 -18.91
N LEU H 18 39.63 -7.71 -18.03
CA LEU H 18 39.99 -9.12 -17.90
C LEU H 18 40.48 -9.38 -16.47
N ARG H 19 40.56 -10.66 -16.12
CA ARG H 19 40.97 -11.10 -14.79
C ARG H 19 42.22 -11.95 -14.90
N LEU H 20 43.26 -11.56 -14.18
CA LEU H 20 44.50 -12.32 -14.11
C LEU H 20 44.60 -13.04 -12.77
N SER H 21 45.20 -14.23 -12.80
CA SER H 21 45.34 -15.06 -11.61
C SER H 21 46.77 -15.57 -11.52
N CYS H 22 47.17 -15.92 -10.29
CA CYS H 22 48.50 -16.48 -10.03
C CYS H 22 48.37 -17.46 -8.88
N ALA H 23 48.21 -18.75 -9.21
CA ALA H 23 48.06 -19.78 -8.20
C ALA H 23 49.43 -20.14 -7.63
N ALA H 24 49.60 -19.95 -6.32
CA ALA H 24 50.85 -20.26 -5.65
C ALA H 24 50.86 -21.71 -5.17
N SER H 25 52.05 -22.29 -5.15
CA SER H 25 52.22 -23.68 -4.72
C SER H 25 53.66 -23.89 -4.32
N GLY H 26 53.86 -24.40 -3.11
CA GLY H 26 55.21 -24.66 -2.61
C GLY H 26 55.46 -24.03 -1.25
N PHE H 27 54.87 -22.88 -1.00
CA PHE H 27 55.01 -22.16 0.25
C PHE H 27 53.64 -21.88 0.85
N THR H 28 53.63 -21.17 1.96
CA THR H 28 52.39 -20.82 2.66
C THR H 28 51.94 -19.44 2.20
N PHE H 29 50.72 -19.38 1.66
CA PHE H 29 50.18 -18.12 1.17
C PHE H 29 49.57 -17.30 2.29
N ASP H 30 50.31 -17.17 3.40
CA ASP H 30 49.87 -16.33 4.50
C ASP H 30 50.99 -15.52 5.13
N ASP H 31 52.23 -15.67 4.66
CA ASP H 31 53.37 -14.97 5.26
C ASP H 31 54.35 -14.43 4.23
N TYR H 32 53.98 -14.35 2.95
CA TYR H 32 54.87 -13.85 1.92
C TYR H 32 54.11 -12.92 0.99
N ALA H 33 54.69 -11.75 0.73
CA ALA H 33 54.05 -10.78 -0.16
C ALA H 33 54.31 -11.14 -1.62
N ILE H 34 53.27 -10.98 -2.44
CA ILE H 34 53.34 -11.24 -3.87
C ILE H 34 52.86 -10.00 -4.61
N HIS H 35 53.63 -9.56 -5.59
CA HIS H 35 53.35 -8.35 -6.35
C HIS H 35 53.12 -8.69 -7.82
N TRP H 36 52.72 -7.66 -8.57
CA TRP H 36 52.56 -7.75 -10.01
C TRP H 36 53.50 -6.77 -10.69
N VAL H 37 54.22 -7.25 -11.70
CA VAL H 37 55.19 -6.43 -12.42
C VAL H 37 55.15 -6.82 -13.89
N ARG H 38 54.96 -5.84 -14.77
CA ARG H 38 54.95 -6.07 -16.20
C ARG H 38 56.34 -5.87 -16.79
N GLN H 39 56.52 -6.34 -18.02
CA GLN H 39 57.80 -6.20 -18.71
C GLN H 39 57.50 -6.08 -20.20
N ALA H 40 57.63 -4.87 -20.74
CA ALA H 40 57.47 -4.67 -22.16
C ALA H 40 58.58 -5.39 -22.92
N PRO H 41 58.29 -5.90 -24.12
CA PRO H 41 59.32 -6.63 -24.87
C PRO H 41 60.55 -5.77 -25.18
N GLY H 42 61.68 -6.15 -24.58
CA GLY H 42 62.92 -5.43 -24.81
C GLY H 42 62.91 -3.99 -24.33
N LYS H 43 62.03 -3.65 -23.40
CA LYS H 43 61.94 -2.28 -22.89
C LYS H 43 61.81 -2.28 -21.37
N GLY H 44 62.60 -3.12 -20.71
CA GLY H 44 62.65 -3.14 -19.26
C GLY H 44 61.37 -3.63 -18.62
N LEU H 45 61.36 -3.58 -17.29
CA LEU H 45 60.22 -3.98 -16.48
C LEU H 45 59.53 -2.75 -15.90
N GLU H 46 58.37 -2.99 -15.28
CA GLU H 46 57.60 -1.92 -14.68
C GLU H 46 56.67 -2.52 -13.62
N TRP H 47 56.77 -2.01 -12.40
CA TRP H 47 55.98 -2.50 -11.29
C TRP H 47 54.54 -2.00 -11.39
N VAL H 48 53.59 -2.90 -11.20
CA VAL H 48 52.17 -2.58 -11.34
C VAL H 48 51.56 -2.29 -9.98
N SER H 49 51.57 -3.29 -9.11
CA SER H 49 50.98 -3.18 -7.77
C SER H 49 51.53 -4.34 -6.93
N GLY H 50 50.99 -4.48 -5.73
CA GLY H 50 51.43 -5.56 -4.85
C GLY H 50 50.59 -5.60 -3.58
N ILE H 51 50.63 -6.75 -2.92
CA ILE H 51 49.89 -6.97 -1.69
C ILE H 51 50.82 -7.69 -0.71
N THR H 52 50.72 -7.32 0.57
CA THR H 52 51.57 -7.88 1.61
C THR H 52 51.06 -9.28 1.98
N TRP H 53 51.58 -9.83 3.08
CA TRP H 53 51.17 -11.16 3.51
C TRP H 53 49.68 -11.20 3.82
N ASN H 54 49.16 -10.16 4.46
CA ASN H 54 47.72 -10.06 4.71
C ASN H 54 47.05 -9.32 3.56
N SER H 55 45.74 -9.13 3.68
CA SER H 55 45.01 -8.37 2.67
C SER H 55 45.33 -6.90 2.81
N GLY H 56 46.32 -6.42 2.06
CA GLY H 56 46.72 -5.03 2.12
C GLY H 56 47.34 -4.50 0.84
N THR H 57 46.80 -3.41 0.32
CA THR H 57 47.36 -2.82 -0.89
C THR H 57 48.56 -1.95 -0.54
N ILE H 58 49.64 -2.12 -1.30
CA ILE H 58 50.88 -1.39 -1.07
C ILE H 58 51.06 -0.24 -2.05
N GLY H 59 50.07 0.01 -2.90
CA GLY H 59 50.12 1.11 -3.84
C GLY H 59 50.17 0.65 -5.28
N TYR H 60 50.11 1.64 -6.17
CA TYR H 60 50.17 1.42 -7.61
C TYR H 60 51.25 2.31 -8.21
N ALA H 61 51.29 2.33 -9.54
CA ALA H 61 52.23 3.19 -10.26
C ALA H 61 51.58 4.55 -10.51
N ASP H 62 52.24 5.38 -11.32
CA ASP H 62 51.72 6.69 -11.67
C ASP H 62 50.86 6.69 -12.92
N SER H 63 50.57 5.51 -13.49
CA SER H 63 49.79 5.42 -14.70
C SER H 63 48.71 4.34 -14.65
N VAL H 64 48.56 3.66 -13.52
CA VAL H 64 47.57 2.59 -13.39
C VAL H 64 46.58 2.85 -12.27
N LYS H 65 46.63 4.03 -11.67
CA LYS H 65 45.70 4.35 -10.59
C LYS H 65 44.29 4.54 -11.13
N GLY H 66 43.31 4.01 -10.39
CA GLY H 66 41.92 4.10 -10.77
C GLY H 66 41.45 3.05 -11.76
N ARG H 67 42.35 2.50 -12.57
CA ARG H 67 41.98 1.48 -13.55
C ARG H 67 42.27 0.06 -13.08
N PHE H 68 43.33 -0.14 -12.30
CA PHE H 68 43.70 -1.46 -11.84
C PHE H 68 43.32 -1.64 -10.37
N THR H 69 42.80 -2.82 -10.06
CA THR H 69 42.41 -3.17 -8.69
C THR H 69 42.93 -4.57 -8.39
N ILE H 70 43.83 -4.67 -7.42
CA ILE H 70 44.46 -5.93 -7.05
C ILE H 70 43.77 -6.47 -5.81
N SER H 71 43.59 -7.79 -5.76
CA SER H 71 42.94 -8.45 -4.64
C SER H 71 43.69 -9.73 -4.31
N ARG H 72 43.62 -10.12 -3.04
CA ARG H 72 44.30 -11.31 -2.54
C ARG H 72 43.29 -12.27 -1.93
N ASP H 73 43.48 -13.56 -2.21
CA ASP H 73 42.59 -14.62 -1.70
C ASP H 73 43.48 -15.66 -1.02
N ASN H 74 43.54 -15.61 0.31
CA ASN H 74 44.36 -16.55 1.06
C ASN H 74 43.70 -17.93 1.18
N ALA H 75 42.40 -18.03 0.95
CA ALA H 75 41.73 -19.32 1.06
C ALA H 75 42.08 -20.24 -0.10
N LYS H 76 42.11 -19.72 -1.32
CA LYS H 76 42.43 -20.51 -2.50
C LYS H 76 43.89 -20.42 -2.91
N ASN H 77 44.69 -19.64 -2.19
CA ASN H 77 46.12 -19.46 -2.47
C ASN H 77 46.34 -18.99 -3.90
N SER H 78 45.79 -17.82 -4.21
CA SER H 78 45.90 -17.24 -5.54
C SER H 78 45.74 -15.74 -5.44
N LEU H 79 46.57 -15.01 -6.18
CA LEU H 79 46.53 -13.55 -6.23
C LEU H 79 45.86 -13.13 -7.54
N TYR H 80 44.96 -12.15 -7.45
CA TYR H 80 44.21 -11.70 -8.61
C TYR H 80 44.48 -10.22 -8.87
N LEU H 81 44.41 -9.84 -10.14
CA LEU H 81 44.63 -8.46 -10.57
C LEU H 81 43.61 -8.10 -11.62
N GLN H 82 42.77 -7.10 -11.32
CA GLN H 82 41.75 -6.65 -12.25
C GLN H 82 42.26 -5.46 -13.05
N MET H 83 42.00 -5.47 -14.36
CA MET H 83 42.44 -4.41 -15.26
C MET H 83 41.22 -3.84 -15.97
N ASN H 84 41.00 -2.54 -15.82
CA ASN H 84 39.90 -1.85 -16.46
C ASN H 84 40.42 -0.78 -17.42
N SER H 85 39.70 -0.57 -18.51
CA SER H 85 40.02 0.46 -19.51
C SER H 85 41.45 0.29 -20.03
N LEU H 86 41.71 -0.88 -20.62
CA LEU H 86 43.03 -1.15 -21.17
C LEU H 86 43.27 -0.31 -22.42
N ARG H 87 44.49 0.18 -22.56
CA ARG H 87 44.90 1.01 -23.68
C ARG H 87 46.05 0.35 -24.43
N ALA H 88 46.60 1.07 -25.41
CA ALA H 88 47.65 0.53 -26.26
C ALA H 88 48.98 0.39 -25.53
N GLU H 89 49.19 1.13 -24.45
CA GLU H 89 50.44 1.08 -23.70
C GLU H 89 50.40 0.09 -22.54
N ASP H 90 49.56 -0.95 -22.63
CA ASP H 90 49.45 -1.96 -21.59
C ASP H 90 49.82 -3.34 -22.10
N THR H 91 50.59 -3.42 -23.18
CA THR H 91 51.00 -4.69 -23.75
C THR H 91 52.38 -5.06 -23.19
N ALA H 92 52.40 -6.00 -22.25
CA ALA H 92 53.64 -6.41 -21.60
C ALA H 92 53.42 -7.76 -20.95
N LEU H 93 54.50 -8.36 -20.45
CA LEU H 93 54.46 -9.64 -19.77
C LEU H 93 54.30 -9.37 -18.27
N TYR H 94 53.07 -9.49 -17.77
CA TYR H 94 52.79 -9.30 -16.36
C TYR H 94 53.27 -10.50 -15.57
N TYR H 95 54.26 -10.30 -14.70
CA TYR H 95 54.83 -11.38 -13.91
C TYR H 95 54.18 -11.45 -12.53
N CYS H 96 54.48 -12.53 -11.82
CA CYS H 96 53.96 -12.79 -10.47
C CYS H 96 55.16 -13.08 -9.58
N ALA H 97 55.67 -12.05 -8.92
CA ALA H 97 56.87 -12.16 -8.09
C ALA H 97 56.50 -12.18 -6.61
N LYS H 98 57.22 -13.01 -5.86
CA LYS H 98 57.02 -13.16 -4.43
C LYS H 98 57.98 -12.24 -3.66
N HIS H 99 58.04 -12.42 -2.34
CA HIS H 99 58.94 -11.66 -1.49
C HIS H 99 59.75 -12.62 -0.65
N HIS H 100 60.99 -12.23 -0.34
CA HIS H 100 61.88 -13.10 0.41
C HIS H 100 61.58 -13.09 1.90
N GLN H 101 61.47 -11.91 2.50
CA GLN H 101 61.29 -11.81 3.94
C GLN H 101 59.88 -12.28 4.32
N ILE H 102 59.70 -12.50 5.63
CA ILE H 102 58.42 -12.95 6.17
C ILE H 102 57.53 -11.79 6.57
N ALA H 103 58.00 -10.54 6.42
CA ALA H 103 57.23 -9.34 6.73
C ALA H 103 56.76 -9.34 8.19
N VAL H 104 57.74 -9.27 9.10
CA VAL H 104 57.44 -9.20 10.52
C VAL H 104 56.68 -7.92 10.83
N ALA H 105 56.04 -7.91 12.01
CA ALA H 105 55.17 -6.81 12.40
C ALA H 105 55.91 -5.47 12.47
N GLY H 106 56.87 -5.36 13.39
CA GLY H 106 57.59 -4.11 13.55
C GLY H 106 58.89 -4.05 12.76
N ASP H 107 58.83 -3.46 11.57
CA ASP H 107 60.00 -3.29 10.71
C ASP H 107 59.81 -2.04 9.88
N ALA H 108 60.63 -1.91 8.83
CA ALA H 108 60.52 -0.82 7.87
C ALA H 108 60.08 -1.38 6.52
N GLU H 109 59.28 -0.60 5.79
CA GLU H 109 58.78 -1.05 4.51
C GLU H 109 59.90 -1.19 3.51
N ASP H 110 60.24 -2.43 3.17
CA ASP H 110 61.30 -2.71 2.20
C ASP H 110 60.99 -4.04 1.54
N TYR H 111 60.46 -3.99 0.32
CA TYR H 111 60.04 -5.17 -0.42
C TYR H 111 60.99 -5.42 -1.59
N TYR H 112 61.50 -6.64 -1.68
CA TYR H 112 62.35 -7.05 -2.78
C TYR H 112 61.99 -8.47 -3.19
N PHE H 113 61.91 -8.71 -4.50
CA PHE H 113 61.40 -9.97 -5.02
C PHE H 113 62.46 -11.07 -4.92
N ASP H 114 62.00 -12.29 -4.71
CA ASP H 114 62.88 -13.46 -4.59
C ASP H 114 62.54 -14.58 -5.56
N TYR H 115 61.25 -14.86 -5.79
CA TYR H 115 60.83 -15.89 -6.72
C TYR H 115 60.06 -15.24 -7.86
N TRP H 116 60.38 -15.63 -9.09
CA TRP H 116 59.74 -15.11 -10.29
C TRP H 116 59.01 -16.24 -11.02
N GLY H 117 58.16 -15.84 -11.96
CA GLY H 117 57.41 -16.79 -12.76
C GLY H 117 57.70 -16.66 -14.25
N GLN H 118 56.69 -16.92 -15.07
CA GLN H 118 56.83 -16.83 -16.53
C GLN H 118 56.02 -15.71 -17.14
N GLY H 119 54.85 -15.41 -16.59
CA GLY H 119 54.02 -14.33 -17.10
C GLY H 119 53.10 -14.76 -18.24
N THR H 120 52.11 -13.92 -18.50
CA THR H 120 51.15 -14.14 -19.57
C THR H 120 51.15 -12.94 -20.51
N LEU H 121 51.24 -13.21 -21.81
CA LEU H 121 51.26 -12.15 -22.81
C LEU H 121 49.86 -11.56 -22.93
N VAL H 122 49.66 -10.36 -22.39
CA VAL H 122 48.37 -9.67 -22.43
C VAL H 122 48.51 -8.58 -23.49
N THR H 123 48.08 -8.89 -24.71
CA THR H 123 48.12 -7.95 -25.81
C THR H 123 46.77 -7.25 -25.95
N VAL H 124 46.83 -5.94 -26.18
CA VAL H 124 45.62 -5.10 -26.28
C VAL H 124 45.71 -4.36 -27.61
N SER H 125 44.88 -4.75 -28.57
CA SER H 125 44.84 -4.11 -29.87
C SER H 125 43.48 -4.32 -30.49
N SER H 126 43.29 -3.76 -31.69
CA SER H 126 42.04 -3.88 -32.41
C SER H 126 41.98 -5.08 -33.34
N ALA H 127 43.08 -5.81 -33.49
CA ALA H 127 43.09 -6.97 -34.37
C ALA H 127 42.33 -8.12 -33.74
N SER H 128 42.15 -9.18 -34.52
CA SER H 128 41.44 -10.38 -34.09
C SER H 128 42.38 -11.58 -34.09
N THR H 129 41.99 -12.60 -33.33
CA THR H 129 42.79 -13.81 -33.24
C THR H 129 42.67 -14.63 -34.52
N LYS H 130 43.79 -15.19 -34.97
CA LYS H 130 43.84 -16.01 -36.17
C LYS H 130 44.30 -17.41 -35.81
N GLY H 131 43.80 -18.39 -36.56
CA GLY H 131 44.14 -19.78 -36.34
C GLY H 131 45.49 -20.16 -36.92
N PRO H 132 46.29 -20.87 -36.15
CA PRO H 132 47.61 -21.29 -36.63
C PRO H 132 47.49 -22.28 -37.78
N SER H 133 48.61 -22.45 -38.49
CA SER H 133 48.68 -23.35 -39.63
C SER H 133 49.98 -24.14 -39.53
N VAL H 134 49.90 -25.34 -38.96
CA VAL H 134 51.07 -26.20 -38.81
C VAL H 134 51.27 -26.98 -40.09
N PHE H 135 52.53 -27.08 -40.52
CA PHE H 135 52.86 -27.80 -41.75
C PHE H 135 54.02 -28.77 -41.49
N PRO H 136 53.95 -29.98 -42.06
CA PRO H 136 55.01 -30.96 -41.83
C PRO H 136 56.20 -30.76 -42.75
N LEU H 137 57.14 -29.91 -42.34
CA LEU H 137 58.35 -29.65 -43.10
C LEU H 137 59.06 -30.96 -43.45
N ALA H 138 59.34 -31.14 -44.72
CA ALA H 138 59.87 -32.42 -45.21
C ALA H 138 61.33 -32.60 -44.78
N PRO H 139 61.65 -33.67 -44.06
CA PRO H 139 63.06 -34.02 -43.75
C PRO H 139 63.75 -34.62 -44.96
N SER H 140 64.25 -33.75 -45.84
CA SER H 140 64.86 -34.15 -47.10
C SER H 140 65.98 -35.17 -46.91
N SER H 141 66.28 -35.93 -47.97
CA SER H 141 67.21 -37.05 -47.90
C SER H 141 68.67 -36.62 -48.01
N LYS H 142 68.99 -35.34 -47.78
CA LYS H 142 70.37 -34.89 -47.79
C LYS H 142 71.08 -35.47 -46.56
N SER H 143 71.87 -36.52 -46.79
CA SER H 143 72.52 -37.25 -45.71
C SER H 143 74.03 -37.22 -45.92
N THR H 144 74.72 -36.37 -45.15
CA THR H 144 76.17 -36.32 -45.16
C THR H 144 76.76 -36.77 -43.83
N SER H 145 76.34 -36.15 -42.72
CA SER H 145 76.73 -36.56 -41.39
C SER H 145 75.64 -37.44 -40.79
N GLY H 146 75.76 -37.73 -39.50
CA GLY H 146 74.79 -38.57 -38.81
C GLY H 146 73.41 -37.94 -38.71
N GLY H 147 73.32 -36.79 -38.05
CA GLY H 147 72.05 -36.13 -37.85
C GLY H 147 71.89 -34.85 -38.65
N THR H 148 72.33 -34.86 -39.91
CA THR H 148 72.23 -33.68 -40.75
C THR H 148 70.80 -33.39 -41.18
N ALA H 149 69.94 -34.42 -41.24
CA ALA H 149 68.55 -34.24 -41.62
C ALA H 149 67.74 -33.76 -40.42
N ALA H 150 66.80 -32.85 -40.66
CA ALA H 150 65.99 -32.28 -39.59
C ALA H 150 64.59 -32.00 -40.12
N LEU H 151 63.60 -32.18 -39.25
CA LEU H 151 62.20 -31.90 -39.56
C LEU H 151 61.61 -30.99 -38.49
N GLY H 152 60.57 -30.25 -38.87
CA GLY H 152 59.94 -29.34 -37.94
C GLY H 152 58.56 -28.94 -38.41
N CYS H 153 58.04 -27.89 -37.79
CA CYS H 153 56.72 -27.37 -38.09
C CYS H 153 56.84 -25.97 -38.69
N LEU H 154 55.76 -25.50 -39.30
CA LEU H 154 55.73 -24.24 -40.02
C LEU H 154 54.51 -23.41 -39.60
N VAL H 155 54.34 -23.27 -38.28
CA VAL H 155 53.22 -22.51 -37.71
C VAL H 155 53.28 -21.07 -38.19
N LYS H 156 52.16 -20.55 -38.67
CA LYS H 156 52.08 -19.19 -39.19
C LYS H 156 50.64 -18.71 -39.07
N ASP H 157 50.43 -17.43 -39.42
CA ASP H 157 49.11 -16.81 -39.45
C ASP H 157 48.45 -16.84 -38.07
N TYR H 158 49.09 -16.15 -37.12
CA TYR H 158 48.57 -16.02 -35.77
C TYR H 158 49.02 -14.68 -35.20
N PHE H 159 48.05 -13.88 -34.73
CA PHE H 159 48.37 -12.55 -34.21
C PHE H 159 48.95 -12.62 -32.81
N PRO H 160 48.32 -13.27 -31.83
CA PRO H 160 48.94 -13.38 -30.51
C PRO H 160 50.07 -14.39 -30.53
N GLU H 161 50.99 -14.25 -29.57
CA GLU H 161 52.11 -15.19 -29.53
C GLU H 161 52.29 -15.86 -28.17
N PRO H 162 51.27 -16.58 -27.63
CA PRO H 162 51.50 -17.50 -26.51
C PRO H 162 51.82 -18.92 -26.99
N VAL H 163 52.81 -19.03 -27.87
CA VAL H 163 53.07 -20.28 -28.58
C VAL H 163 53.92 -21.20 -27.72
N THR H 164 53.50 -22.45 -27.62
CA THR H 164 54.24 -23.51 -26.94
C THR H 164 54.19 -24.76 -27.79
N VAL H 165 55.36 -25.27 -28.17
CA VAL H 165 55.47 -26.42 -29.05
C VAL H 165 55.86 -27.64 -28.23
N SER H 166 55.15 -28.75 -28.46
CA SER H 166 55.44 -30.03 -27.84
C SER H 166 55.68 -31.06 -28.94
N TRP H 167 56.34 -32.16 -28.57
CA TRP H 167 56.66 -33.21 -29.53
C TRP H 167 55.97 -34.53 -29.25
N ASN H 168 56.11 -35.08 -28.04
CA ASN H 168 55.42 -36.31 -27.68
C ASN H 168 54.40 -36.08 -26.57
N SER H 169 54.81 -35.55 -25.42
CA SER H 169 53.86 -35.27 -24.35
C SER H 169 54.25 -34.06 -23.51
N GLY H 170 55.21 -33.25 -23.95
CA GLY H 170 55.78 -32.23 -23.10
C GLY H 170 57.11 -32.70 -22.54
N ALA H 171 57.92 -33.30 -23.41
CA ALA H 171 59.16 -33.96 -23.02
C ALA H 171 60.14 -33.82 -24.18
N LEU H 172 61.21 -34.63 -24.15
CA LEU H 172 62.30 -34.56 -25.12
C LEU H 172 62.96 -33.18 -25.08
N THR H 173 63.59 -32.91 -23.94
CA THR H 173 64.28 -31.66 -23.69
C THR H 173 65.63 -31.56 -24.38
N SER H 174 65.86 -32.38 -25.41
CA SER H 174 67.12 -32.36 -26.15
C SER H 174 67.16 -31.13 -27.05
N GLY H 175 68.16 -31.08 -27.93
CA GLY H 175 68.33 -29.94 -28.82
C GLY H 175 67.16 -29.67 -29.72
N VAL H 176 66.42 -28.60 -29.43
CA VAL H 176 65.29 -28.16 -30.24
C VAL H 176 65.40 -26.64 -30.36
N HIS H 177 65.79 -26.17 -31.54
CA HIS H 177 65.99 -24.73 -31.77
C HIS H 177 64.68 -24.13 -32.23
N THR H 178 63.92 -23.58 -31.28
CA THR H 178 62.65 -22.92 -31.57
C THR H 178 62.95 -21.47 -31.94
N PHE H 179 62.90 -21.16 -33.24
CA PHE H 179 63.21 -19.82 -33.69
C PHE H 179 62.10 -18.85 -33.30
N PRO H 180 62.46 -17.63 -32.89
CA PRO H 180 61.44 -16.64 -32.52
C PRO H 180 60.58 -16.23 -33.72
N ALA H 181 59.41 -15.71 -33.42
CA ALA H 181 58.47 -15.27 -34.44
C ALA H 181 58.88 -13.91 -35.00
N VAL H 182 58.16 -13.46 -36.01
CA VAL H 182 58.43 -12.17 -36.66
C VAL H 182 57.15 -11.66 -37.28
N LEU H 183 56.87 -10.36 -37.08
CA LEU H 183 55.70 -9.72 -37.67
C LEU H 183 55.94 -9.50 -39.16
N GLN H 184 55.22 -10.25 -40.00
CA GLN H 184 55.42 -10.18 -41.44
C GLN H 184 54.61 -9.05 -42.07
N SER H 185 54.77 -7.83 -41.54
CA SER H 185 54.13 -6.62 -42.04
C SER H 185 52.61 -6.72 -42.11
N SER H 186 52.01 -7.70 -41.42
CA SER H 186 50.56 -7.88 -41.45
C SER H 186 49.99 -8.20 -40.07
N GLY H 187 50.81 -8.17 -39.02
CA GLY H 187 50.37 -8.50 -37.69
C GLY H 187 50.54 -9.97 -37.32
N LEU H 188 50.60 -10.85 -38.32
CA LEU H 188 50.76 -12.27 -38.07
C LEU H 188 52.21 -12.59 -37.73
N TYR H 189 52.46 -13.83 -37.32
CA TYR H 189 53.80 -14.28 -36.94
C TYR H 189 54.05 -15.65 -37.58
N SER H 190 55.25 -16.18 -37.35
CA SER H 190 55.63 -17.46 -37.95
C SER H 190 56.53 -18.20 -36.98
N LEU H 191 56.23 -19.47 -36.72
CA LEU H 191 57.01 -20.29 -35.80
C LEU H 191 57.58 -21.51 -36.53
N SER H 192 58.74 -21.95 -36.08
CA SER H 192 59.40 -23.10 -36.65
C SER H 192 60.38 -23.66 -35.63
N SER H 193 60.66 -24.97 -35.74
CA SER H 193 61.56 -25.65 -34.83
C SER H 193 62.44 -26.61 -35.62
N VAL H 194 63.60 -26.92 -35.05
CA VAL H 194 64.56 -27.84 -35.66
C VAL H 194 65.03 -28.82 -34.60
N VAL H 195 64.96 -30.11 -34.92
CA VAL H 195 65.37 -31.16 -34.00
C VAL H 195 66.60 -31.86 -34.57
N THR H 196 67.21 -32.76 -33.80
CA THR H 196 68.36 -33.51 -34.28
C THR H 196 67.96 -34.44 -35.42
N VAL H 197 66.90 -35.23 -35.21
CA VAL H 197 66.35 -36.14 -36.21
C VAL H 197 67.44 -37.05 -36.76
N PRO H 198 67.91 -38.05 -35.99
CA PRO H 198 68.94 -38.96 -36.50
C PRO H 198 68.41 -39.87 -37.61
N SER H 199 69.25 -40.80 -38.07
CA SER H 199 68.87 -41.74 -39.11
C SER H 199 67.56 -42.43 -38.80
N SER H 200 66.57 -42.27 -39.69
CA SER H 200 65.23 -42.79 -39.47
C SER H 200 65.19 -44.26 -39.85
N SER H 201 65.11 -45.13 -38.85
CA SER H 201 64.99 -46.57 -39.05
C SER H 201 63.91 -47.13 -38.13
N LEU H 202 62.76 -46.46 -38.09
CA LEU H 202 61.64 -46.81 -37.23
C LEU H 202 62.04 -46.77 -35.75
N GLY H 203 63.12 -46.05 -35.46
CA GLY H 203 63.58 -45.90 -34.09
C GLY H 203 63.73 -44.44 -33.69
N THR H 204 62.80 -43.59 -34.15
CA THR H 204 62.89 -42.16 -33.90
C THR H 204 61.61 -41.65 -33.23
N GLN H 205 61.49 -40.33 -33.12
CA GLN H 205 60.33 -39.73 -32.47
C GLN H 205 59.06 -40.04 -33.23
N THR H 206 57.92 -39.79 -32.58
CA THR H 206 56.61 -40.09 -33.14
C THR H 206 56.20 -39.13 -34.25
N TYR H 207 57.03 -38.12 -34.57
CA TYR H 207 56.75 -37.16 -35.63
C TYR H 207 55.43 -36.43 -35.37
N ILE H 208 55.38 -35.71 -34.25
CA ILE H 208 54.21 -34.97 -33.82
C ILE H 208 54.65 -33.60 -33.33
N CYS H 209 53.95 -32.56 -33.77
CA CYS H 209 54.24 -31.17 -33.37
C CYS H 209 52.96 -30.57 -32.78
N ASN H 210 52.79 -30.75 -31.47
CA ASN H 210 51.63 -30.20 -30.77
C ASN H 210 51.85 -28.72 -30.50
N VAL H 211 50.95 -27.87 -31.01
CA VAL H 211 51.04 -26.42 -30.86
C VAL H 211 49.80 -25.98 -30.10
N ASN H 212 50.01 -25.31 -28.97
CA ASN H 212 48.92 -24.82 -28.12
C ASN H 212 48.90 -23.30 -28.20
N HIS H 213 47.75 -22.75 -28.59
CA HIS H 213 47.54 -21.31 -28.69
C HIS H 213 46.24 -20.99 -27.95
N LYS H 214 46.35 -20.27 -26.83
CA LYS H 214 45.20 -20.02 -25.98
C LYS H 214 44.15 -19.11 -26.63
N PRO H 215 44.53 -17.94 -27.19
CA PRO H 215 43.51 -17.10 -27.84
C PRO H 215 42.88 -17.74 -29.07
N SER H 216 43.45 -18.81 -29.60
CA SER H 216 42.94 -19.52 -30.77
C SER H 216 42.92 -21.02 -30.50
N ASN H 217 42.32 -21.40 -29.37
CA ASN H 217 42.35 -22.76 -28.87
C ASN H 217 41.98 -23.78 -29.94
N THR H 218 42.95 -24.63 -30.27
CA THR H 218 42.78 -25.68 -31.26
C THR H 218 43.91 -26.70 -31.12
N LYS H 219 43.56 -27.97 -30.97
CA LYS H 219 44.54 -29.03 -30.75
C LYS H 219 44.92 -29.61 -32.10
N VAL H 220 46.11 -29.26 -32.59
CA VAL H 220 46.64 -29.76 -33.85
C VAL H 220 47.53 -30.95 -33.56
N ASP H 221 47.18 -32.10 -34.13
CA ASP H 221 47.91 -33.35 -33.93
C ASP H 221 48.25 -33.99 -35.27
N LYS H 222 48.74 -33.16 -36.19
CA LYS H 222 49.13 -33.65 -37.51
C LYS H 222 50.56 -34.18 -37.48
N LYS H 223 50.78 -35.27 -38.21
CA LYS H 223 52.07 -35.94 -38.22
C LYS H 223 52.96 -35.40 -39.34
N VAL H 224 54.23 -35.76 -39.28
CA VAL H 224 55.23 -35.34 -40.26
C VAL H 224 55.83 -36.59 -40.90
N GLU H 225 55.94 -36.56 -42.22
CA GLU H 225 56.48 -37.69 -42.99
C GLU H 225 57.47 -37.16 -44.02
N PRO H 226 58.52 -37.94 -44.32
CA PRO H 226 59.51 -37.57 -45.32
C PRO H 226 58.92 -37.42 -46.72
N TYR I 2 60.51 8.33 -7.16
CA TYR I 2 61.94 8.44 -7.39
C TYR I 2 62.27 8.24 -8.86
N GLU I 3 63.55 8.32 -9.20
CA GLU I 3 63.99 8.15 -10.57
C GLU I 3 65.44 7.67 -10.55
N LEU I 4 65.67 6.44 -10.99
CA LEU I 4 67.00 5.86 -11.05
C LEU I 4 67.55 5.96 -12.47
N THR I 5 68.84 6.23 -12.58
CA THR I 5 69.52 6.37 -13.86
C THR I 5 70.59 5.31 -13.97
N GLN I 6 70.53 4.50 -15.03
CA GLN I 6 71.47 3.43 -15.26
C GLN I 6 72.14 3.59 -16.63
N PRO I 7 73.38 3.14 -16.78
CA PRO I 7 74.03 3.16 -18.09
C PRO I 7 73.30 2.26 -19.07
N PRO I 8 73.07 2.73 -20.30
CA PRO I 8 72.33 1.91 -21.27
C PRO I 8 73.04 0.61 -21.63
N SER I 9 74.37 0.59 -21.66
CA SER I 9 75.12 -0.61 -22.00
C SER I 9 76.54 -0.45 -21.50
N VAL I 10 77.05 -1.50 -20.86
CA VAL I 10 78.41 -1.53 -20.33
C VAL I 10 79.05 -2.84 -20.76
N SER I 11 80.12 -2.76 -21.55
CA SER I 11 80.85 -3.92 -22.01
C SER I 11 82.24 -3.95 -21.39
N VAL I 12 82.74 -5.16 -21.14
CA VAL I 12 84.05 -5.35 -20.52
C VAL I 12 84.58 -6.71 -20.95
N ALA I 13 85.90 -6.78 -21.15
CA ALA I 13 86.53 -8.05 -21.48
C ALA I 13 86.45 -9.01 -20.29
N PRO I 14 86.42 -10.32 -20.55
CA PRO I 14 86.31 -11.29 -19.45
C PRO I 14 87.63 -11.50 -18.72
N GLY I 15 88.32 -10.41 -18.39
CA GLY I 15 89.54 -10.49 -17.64
C GLY I 15 89.51 -9.64 -16.38
N GLN I 16 88.66 -8.62 -16.38
CA GLN I 16 88.51 -7.70 -15.26
C GLN I 16 87.05 -7.68 -14.81
N THR I 17 86.75 -6.77 -13.89
CA THR I 17 85.40 -6.61 -13.34
C THR I 17 84.64 -5.53 -14.09
N ALA I 18 83.31 -5.57 -13.96
CA ALA I 18 82.43 -4.61 -14.58
C ALA I 18 81.96 -3.59 -13.55
N ARG I 19 81.46 -2.45 -14.04
CA ARG I 19 81.04 -1.34 -13.19
C ARG I 19 79.61 -0.95 -13.58
N ILE I 20 78.64 -1.45 -12.84
CA ILE I 20 77.24 -1.11 -13.03
C ILE I 20 76.79 -0.25 -11.86
N THR I 21 76.29 0.94 -12.15
CA THR I 21 75.92 1.90 -11.12
C THR I 21 74.46 2.32 -11.28
N CYS I 22 73.86 2.74 -10.17
CA CYS I 22 72.51 3.29 -10.16
C CYS I 22 72.49 4.46 -9.17
N GLY I 23 72.30 5.67 -9.70
CA GLY I 23 72.32 6.86 -8.89
C GLY I 23 70.99 7.56 -8.90
N GLY I 24 70.72 8.31 -7.82
CA GLY I 24 69.48 9.06 -7.72
C GLY I 24 69.70 10.47 -7.18
N ASN I 25 68.82 10.91 -6.28
CA ASN I 25 68.92 12.23 -5.68
C ASN I 25 69.54 12.18 -4.29
N ASN I 26 68.94 11.40 -3.38
CA ASN I 26 69.45 11.26 -2.02
C ASN I 26 69.35 9.80 -1.60
N ILE I 27 69.74 8.89 -2.49
CA ILE I 27 69.66 7.45 -2.21
C ILE I 27 71.00 7.07 -1.57
N GLY I 28 71.07 7.25 -0.25
CA GLY I 28 72.25 6.91 0.51
C GLY I 28 71.96 6.04 1.72
N SER I 29 70.72 6.03 2.15
CA SER I 29 70.28 5.26 3.32
C SER I 29 69.30 4.16 2.98
N LYS I 30 68.40 4.40 2.03
CA LYS I 30 67.43 3.39 1.63
C LYS I 30 68.11 2.22 0.94
N SER I 31 67.59 1.02 1.17
CA SER I 31 68.21 -0.19 0.64
C SER I 31 68.15 -0.21 -0.88
N VAL I 32 69.19 -0.78 -1.48
CA VAL I 32 69.30 -0.91 -2.93
C VAL I 32 69.37 -2.38 -3.28
N HIS I 33 68.38 -2.86 -4.03
CA HIS I 33 68.32 -4.25 -4.45
C HIS I 33 68.58 -4.36 -5.95
N TRP I 34 69.16 -5.48 -6.36
CA TRP I 34 69.52 -5.72 -7.75
C TRP I 34 68.85 -6.99 -8.24
N TYR I 35 68.76 -7.12 -9.57
CA TYR I 35 68.19 -8.29 -10.21
C TYR I 35 68.93 -8.59 -11.50
N GLN I 36 68.90 -9.86 -11.89
CA GLN I 36 69.51 -10.32 -13.14
C GLN I 36 68.50 -11.16 -13.90
N GLN I 37 68.29 -10.83 -15.18
CA GLN I 37 67.31 -11.52 -16.01
C GLN I 37 68.00 -12.00 -17.29
N LYS I 38 68.13 -13.32 -17.41
CA LYS I 38 68.64 -13.89 -18.66
C LYS I 38 67.65 -13.62 -19.79
N PRO I 39 68.15 -13.43 -21.01
CA PRO I 39 67.26 -13.12 -22.13
C PRO I 39 66.35 -14.28 -22.50
N GLY I 40 65.06 -14.12 -22.26
CA GLY I 40 64.09 -15.17 -22.55
C GLY I 40 63.62 -15.90 -21.31
N GLN I 41 64.52 -16.06 -20.33
CA GLN I 41 64.20 -16.77 -19.11
C GLN I 41 63.60 -15.80 -18.09
N ALA I 42 63.44 -16.26 -16.84
CA ALA I 42 62.89 -15.47 -15.75
C ALA I 42 63.99 -14.74 -15.00
N PRO I 43 63.70 -13.57 -14.43
CA PRO I 43 64.71 -12.82 -13.68
C PRO I 43 65.16 -13.59 -12.44
N VAL I 44 66.46 -13.69 -12.26
CA VAL I 44 67.04 -14.34 -11.10
C VAL I 44 67.49 -13.26 -10.11
N LEU I 45 67.63 -13.66 -8.84
CA LEU I 45 68.01 -12.73 -7.80
C LEU I 45 69.54 -12.71 -7.64
N VAL I 46 70.08 -11.51 -7.44
CA VAL I 46 71.51 -11.32 -7.19
C VAL I 46 71.65 -10.58 -5.87
N VAL I 47 72.89 -10.21 -5.53
CA VAL I 47 73.22 -9.52 -4.28
C VAL I 47 72.24 -8.39 -4.01
N TYR I 48 71.61 -8.42 -2.84
CA TYR I 48 70.63 -7.41 -2.44
C TYR I 48 71.08 -6.74 -1.15
N ASP I 49 70.52 -5.56 -0.89
CA ASP I 49 70.84 -4.73 0.27
C ASP I 49 72.31 -4.32 0.33
N ASP I 50 73.08 -4.62 -0.72
CA ASP I 50 74.48 -4.24 -0.82
C ASP I 50 75.33 -4.82 0.31
N SER I 51 74.79 -5.80 1.04
CA SER I 51 75.53 -6.40 2.14
C SER I 51 75.37 -7.92 2.23
N ASP I 52 74.65 -8.56 1.33
CA ASP I 52 74.46 -10.00 1.38
C ASP I 52 73.91 -10.49 0.05
N ARG I 53 74.10 -11.78 -0.21
CA ARG I 53 73.64 -12.43 -1.43
C ARG I 53 72.69 -13.58 -1.09
N PRO I 54 71.77 -13.91 -1.99
CA PRO I 54 70.87 -15.05 -1.74
C PRO I 54 71.60 -16.38 -1.80
N SER I 55 70.86 -17.47 -1.56
CA SER I 55 71.45 -18.81 -1.58
C SER I 55 71.57 -19.28 -3.03
N GLY I 56 72.80 -19.62 -3.44
CA GLY I 56 73.08 -20.08 -4.79
C GLY I 56 73.99 -19.16 -5.57
N ILE I 57 73.90 -17.86 -5.32
CA ILE I 57 74.74 -16.90 -6.03
C ILE I 57 76.19 -17.04 -5.54
N PRO I 58 77.16 -17.19 -6.43
CA PRO I 58 78.55 -17.33 -5.99
C PRO I 58 79.08 -16.05 -5.37
N GLU I 59 80.30 -16.14 -4.83
CA GLU I 59 80.97 -15.00 -4.23
C GLU I 59 81.38 -13.95 -5.26
N ARG I 60 81.31 -14.27 -6.55
CA ARG I 60 81.73 -13.33 -7.58
C ARG I 60 80.86 -12.07 -7.57
N PHE I 61 79.58 -12.21 -7.24
CA PHE I 61 78.68 -11.06 -7.21
C PHE I 61 78.85 -10.29 -5.92
N SER I 62 78.98 -8.97 -6.04
CA SER I 62 79.15 -8.10 -4.88
C SER I 62 78.51 -6.75 -5.17
N GLY I 63 78.21 -6.01 -4.10
CA GLY I 63 77.60 -4.70 -4.23
C GLY I 63 78.10 -3.77 -3.16
N SER I 64 77.95 -2.47 -3.43
CA SER I 64 78.39 -1.43 -2.50
C SER I 64 77.70 -0.12 -2.86
N ASN I 65 77.22 0.59 -1.86
CA ASN I 65 76.56 1.88 -2.04
C ASN I 65 77.26 2.92 -1.18
N SER I 66 77.47 4.11 -1.72
CA SER I 66 78.18 5.17 -1.01
C SER I 66 77.62 6.51 -1.45
N GLY I 67 76.69 7.05 -0.66
CA GLY I 67 76.16 8.38 -0.88
C GLY I 67 75.06 8.46 -1.92
N ASN I 68 75.43 8.38 -3.20
CA ASN I 68 74.45 8.44 -4.28
C ASN I 68 74.82 7.51 -5.42
N THR I 69 75.57 6.45 -5.14
CA THR I 69 76.00 5.52 -6.18
C THR I 69 76.08 4.12 -5.60
N ALA I 70 75.34 3.19 -6.20
CA ALA I 70 75.36 1.79 -5.82
C ALA I 70 76.04 1.00 -6.93
N THR I 71 77.19 0.41 -6.62
CA THR I 71 78.01 -0.30 -7.60
C THR I 71 77.84 -1.80 -7.41
N LEU I 72 77.32 -2.46 -8.44
CA LEU I 72 77.19 -3.93 -8.46
C LEU I 72 78.48 -4.47 -9.07
N THR I 73 79.46 -4.75 -8.21
CA THR I 73 80.79 -5.17 -8.66
C THR I 73 80.79 -6.68 -8.85
N ILE I 74 80.69 -7.11 -10.10
CA ILE I 74 80.76 -8.53 -10.44
C ILE I 74 82.21 -8.87 -10.80
N SER I 75 82.74 -9.92 -10.18
CA SER I 75 84.12 -10.33 -10.39
C SER I 75 84.18 -11.52 -11.33
N ARG I 76 85.21 -11.53 -12.18
CA ARG I 76 85.47 -12.62 -13.13
C ARG I 76 84.25 -12.88 -14.01
N VAL I 77 83.91 -11.86 -14.81
CA VAL I 77 82.77 -11.97 -15.72
C VAL I 77 83.07 -13.01 -16.79
N GLU I 78 82.08 -13.85 -17.07
CA GLU I 78 82.21 -14.92 -18.07
C GLU I 78 81.15 -14.72 -19.16
N ALA I 79 81.12 -15.67 -20.09
CA ALA I 79 80.15 -15.58 -21.20
C ALA I 79 78.73 -15.82 -20.71
N GLY I 80 78.55 -16.72 -19.74
CA GLY I 80 77.24 -17.01 -19.21
C GLY I 80 76.67 -15.95 -18.29
N ASP I 81 77.35 -14.82 -18.13
CA ASP I 81 76.89 -13.75 -17.25
C ASP I 81 76.26 -12.60 -18.02
N GLU I 82 76.14 -12.71 -19.34
CA GLU I 82 75.52 -11.66 -20.14
C GLU I 82 74.00 -11.70 -19.96
N ALA I 83 73.46 -10.70 -19.26
CA ALA I 83 72.03 -10.63 -19.00
C ALA I 83 71.67 -9.17 -18.74
N ASP I 84 70.39 -8.92 -18.49
CA ASP I 84 69.87 -7.59 -18.23
C ASP I 84 69.81 -7.38 -16.73
N TYR I 85 70.67 -6.50 -16.21
CA TYR I 85 70.78 -6.24 -14.78
C TYR I 85 69.97 -5.00 -14.42
N TYR I 86 69.05 -5.16 -13.47
CA TYR I 86 68.22 -4.06 -12.99
C TYR I 86 68.51 -3.81 -11.52
N CYS I 87 68.26 -2.56 -11.09
CA CYS I 87 68.41 -2.16 -9.70
C CYS I 87 67.07 -1.67 -9.18
N GLN I 88 66.77 -2.01 -7.93
CA GLN I 88 65.48 -1.73 -7.32
C GLN I 88 65.64 -0.78 -6.15
N VAL I 89 64.61 0.04 -5.92
CA VAL I 89 64.56 0.97 -4.80
C VAL I 89 63.11 1.04 -4.33
N TRP I 90 62.92 1.51 -3.09
CA TRP I 90 61.58 1.54 -2.51
C TRP I 90 60.93 2.92 -2.66
N ASP I 91 61.60 3.97 -2.19
CA ASP I 91 61.08 5.34 -2.27
C ASP I 91 59.72 5.46 -1.56
N SER I 92 59.78 5.29 -0.24
CA SER I 92 58.60 5.32 0.61
C SER I 92 57.87 6.66 0.55
N ARG I 93 58.49 7.67 -0.07
CA ARG I 93 57.85 8.97 -0.20
C ARG I 93 56.67 8.92 -1.17
N SER I 94 56.70 8.03 -2.15
CA SER I 94 55.65 7.91 -3.14
C SER I 94 54.90 6.58 -3.07
N ASP I 95 55.31 5.66 -2.19
CA ASP I 95 54.67 4.36 -2.04
C ASP I 95 54.64 3.60 -3.36
N ARG I 96 55.83 3.44 -3.95
CA ARG I 96 55.96 2.76 -5.23
C ARG I 96 57.12 1.79 -5.23
N VAL I 97 57.42 1.20 -6.39
CA VAL I 97 58.63 0.40 -6.59
C VAL I 97 59.29 0.88 -7.87
N VAL I 98 60.25 1.78 -7.74
CA VAL I 98 60.85 2.46 -8.89
C VAL I 98 61.94 1.58 -9.48
N PHE I 99 61.73 1.12 -10.71
CA PHE I 99 62.74 0.41 -11.47
C PHE I 99 63.46 1.37 -12.40
N GLY I 100 64.30 0.83 -13.28
CA GLY I 100 65.03 1.64 -14.23
C GLY I 100 65.47 0.83 -15.42
N GLY I 101 65.87 1.54 -16.47
CA GLY I 101 66.37 0.90 -17.67
C GLY I 101 67.62 0.09 -17.42
N GLY I 102 67.50 -1.24 -17.51
CA GLY I 102 68.62 -2.11 -17.20
C GLY I 102 69.78 -1.96 -18.16
N THR I 103 70.93 -2.45 -17.71
CA THR I 103 72.16 -2.40 -18.49
C THR I 103 72.42 -3.75 -19.14
N LYS I 104 72.79 -3.72 -20.43
CA LYS I 104 73.04 -4.93 -21.20
C LYS I 104 74.54 -5.23 -21.11
N LEU I 105 74.91 -6.00 -20.09
CA LEU I 105 76.31 -6.40 -19.92
C LEU I 105 76.69 -7.42 -20.98
N THR I 106 77.67 -7.07 -21.82
CA THR I 106 78.13 -7.95 -22.89
C THR I 106 79.63 -8.12 -22.77
N ALA I 107 80.07 -9.37 -22.58
CA ALA I 107 81.50 -9.66 -22.47
C ALA I 107 82.15 -9.47 -23.83
N LEU I 108 82.93 -8.41 -23.97
CA LEU I 108 83.58 -8.09 -25.24
C LEU I 108 84.83 -8.96 -25.41
N GLY I 109 85.01 -9.47 -26.63
CA GLY I 109 86.17 -10.28 -26.94
C GLY I 109 85.90 -11.78 -26.90
N GLN I 110 84.79 -12.21 -27.49
CA GLN I 110 84.48 -13.63 -27.54
C GLN I 110 84.84 -14.21 -28.90
N PRO I 111 85.17 -15.51 -28.95
CA PRO I 111 85.52 -16.13 -30.23
C PRO I 111 84.34 -16.10 -31.21
N LYS I 112 84.69 -16.14 -32.50
CA LYS I 112 83.68 -16.10 -33.54
C LYS I 112 82.92 -17.42 -33.63
N ALA I 113 81.80 -17.39 -34.34
CA ALA I 113 80.99 -18.59 -34.55
C ALA I 113 80.39 -18.53 -35.94
N ALA I 114 80.71 -19.52 -36.76
CA ALA I 114 80.21 -19.54 -38.13
C ALA I 114 78.78 -20.08 -38.15
N PRO I 115 77.82 -19.33 -38.67
CA PRO I 115 76.44 -19.81 -38.72
C PRO I 115 76.26 -20.85 -39.82
N SER I 116 75.43 -21.85 -39.52
CA SER I 116 75.10 -22.91 -40.47
C SER I 116 73.69 -22.70 -41.00
N VAL I 117 73.55 -22.71 -42.31
CA VAL I 117 72.26 -22.49 -42.96
C VAL I 117 71.59 -23.84 -43.18
N THR I 118 70.28 -23.89 -42.98
CA THR I 118 69.50 -25.11 -43.14
C THR I 118 68.29 -24.79 -44.02
N LEU I 119 68.27 -25.35 -45.23
CA LEU I 119 67.18 -25.10 -46.17
C LEU I 119 66.05 -26.09 -45.93
N PHE I 120 64.84 -25.55 -45.85
CA PHE I 120 63.62 -26.37 -45.70
C PHE I 120 62.69 -26.08 -46.86
N PRO I 121 62.56 -26.99 -47.81
CA PRO I 121 61.65 -26.77 -48.95
C PRO I 121 60.20 -26.80 -48.50
N PRO I 122 59.28 -26.33 -49.34
CA PRO I 122 57.86 -26.42 -48.99
C PRO I 122 57.44 -27.86 -48.71
N SER I 123 56.50 -28.03 -47.78
CA SER I 123 56.07 -29.35 -47.36
C SER I 123 55.28 -30.03 -48.48
N SER I 124 54.87 -31.27 -48.22
CA SER I 124 54.13 -32.03 -49.23
C SER I 124 52.66 -31.66 -49.23
N GLU I 125 52.06 -31.50 -48.06
CA GLU I 125 50.63 -31.21 -47.96
C GLU I 125 50.35 -29.71 -47.99
N GLU I 126 50.87 -29.03 -49.01
CA GLU I 126 50.54 -27.63 -49.24
C GLU I 126 50.40 -27.26 -50.71
N LEU I 127 50.83 -28.11 -51.64
CA LEU I 127 50.74 -27.76 -53.06
C LEU I 127 49.29 -27.74 -53.54
N GLN I 128 48.41 -28.50 -52.90
CA GLN I 128 47.00 -28.48 -53.27
C GLN I 128 46.35 -27.13 -52.97
N ALA I 129 46.84 -26.44 -51.94
CA ALA I 129 46.37 -25.11 -51.60
C ALA I 129 47.39 -24.08 -52.06
N ASN I 130 47.17 -22.82 -51.68
CA ASN I 130 48.07 -21.71 -52.01
C ASN I 130 48.56 -21.09 -50.71
N LYS I 131 49.66 -21.64 -50.17
CA LYS I 131 50.25 -21.15 -48.93
C LYS I 131 51.45 -20.25 -49.18
N ALA I 132 52.45 -20.76 -49.91
CA ALA I 132 53.66 -20.00 -50.28
C ALA I 132 54.38 -19.49 -49.03
N THR I 133 54.89 -20.44 -48.25
CA THR I 133 55.58 -20.17 -47.00
C THR I 133 56.96 -20.83 -46.98
N LEU I 134 57.72 -20.63 -48.05
CA LEU I 134 59.09 -21.12 -48.09
C LEU I 134 59.93 -20.49 -46.99
N VAL I 135 60.66 -21.32 -46.25
CA VAL I 135 61.41 -20.89 -45.08
C VAL I 135 62.88 -21.22 -45.29
N CYS I 136 63.76 -20.28 -44.94
CA CYS I 136 65.20 -20.47 -44.96
C CYS I 136 65.74 -20.16 -43.58
N LEU I 137 66.30 -21.16 -42.92
CA LEU I 137 66.75 -21.06 -41.54
C LEU I 137 68.27 -21.07 -41.46
N ILE I 138 68.79 -20.49 -40.38
CA ILE I 138 70.22 -20.46 -40.11
C ILE I 138 70.44 -20.88 -38.67
N SER I 139 71.61 -21.44 -38.38
CA SER I 139 71.93 -21.92 -37.05
C SER I 139 72.40 -20.76 -36.17
N ASP I 140 72.93 -21.08 -34.99
CA ASP I 140 73.38 -20.06 -34.06
C ASP I 140 74.70 -19.45 -34.51
N PHE I 141 74.97 -18.23 -34.02
CA PHE I 141 76.18 -17.51 -34.37
C PHE I 141 76.40 -16.39 -33.36
N TYR I 142 77.65 -16.17 -32.99
CA TYR I 142 77.99 -15.10 -32.05
C TYR I 142 77.96 -13.73 -32.72
N PRO I 143 78.67 -13.51 -33.84
CA PRO I 143 78.64 -12.18 -34.45
C PRO I 143 77.30 -11.92 -35.12
N GLY I 144 76.51 -11.02 -34.55
CA GLY I 144 75.20 -10.70 -35.09
C GLY I 144 75.24 -9.79 -36.29
N ALA I 145 74.12 -9.11 -36.55
CA ALA I 145 74.00 -8.17 -37.67
C ALA I 145 74.32 -8.87 -39.00
N VAL I 146 73.52 -9.89 -39.31
CA VAL I 146 73.67 -10.68 -40.52
C VAL I 146 72.55 -10.33 -41.49
N THR I 147 72.88 -10.26 -42.77
CA THR I 147 71.92 -9.95 -43.82
C THR I 147 71.68 -11.20 -44.66
N VAL I 148 70.45 -11.68 -44.68
CA VAL I 148 70.07 -12.87 -45.44
C VAL I 148 69.66 -12.43 -46.84
N ALA I 149 70.50 -12.75 -47.82
CA ALA I 149 70.22 -12.41 -49.22
C ALA I 149 69.51 -13.58 -49.89
N TRP I 150 68.38 -13.29 -50.52
CA TRP I 150 67.59 -14.32 -51.20
C TRP I 150 67.96 -14.38 -52.67
N LYS I 151 68.16 -15.59 -53.17
CA LYS I 151 68.44 -15.84 -54.58
C LYS I 151 67.29 -16.69 -55.12
N ALA I 152 66.22 -16.02 -55.55
CA ALA I 152 65.02 -16.68 -56.06
C ALA I 152 65.17 -16.88 -57.56
N ASP I 153 65.03 -18.13 -58.01
CA ASP I 153 65.15 -18.50 -59.42
C ASP I 153 66.52 -18.12 -59.96
N SER I 154 67.56 -18.35 -59.17
CA SER I 154 68.95 -18.06 -59.54
C SER I 154 69.15 -16.60 -59.92
N SER I 155 68.41 -15.70 -59.27
CA SER I 155 68.49 -14.28 -59.55
C SER I 155 68.14 -13.51 -58.28
N PRO I 156 68.76 -12.35 -58.07
CA PRO I 156 68.44 -11.55 -56.87
C PRO I 156 67.02 -11.01 -56.91
N VAL I 157 66.15 -11.52 -56.03
CA VAL I 157 64.76 -11.09 -55.95
C VAL I 157 64.51 -10.64 -54.51
N LYS I 158 64.38 -9.34 -54.30
CA LYS I 158 64.15 -8.78 -52.98
C LYS I 158 62.87 -7.95 -52.88
N ALA I 159 62.15 -7.75 -53.99
CA ALA I 159 60.93 -6.94 -53.95
C ALA I 159 59.77 -7.67 -53.30
N GLY I 160 59.88 -8.99 -53.11
CA GLY I 160 58.80 -9.74 -52.50
C GLY I 160 58.64 -9.44 -51.03
N VAL I 161 57.58 -9.98 -50.45
CA VAL I 161 57.28 -9.79 -49.03
C VAL I 161 58.26 -10.63 -48.22
N GLU I 162 59.10 -9.96 -47.43
CA GLU I 162 60.08 -10.61 -46.60
C GLU I 162 59.81 -10.30 -45.13
N THR I 163 60.58 -10.95 -44.25
CA THR I 163 60.47 -10.75 -42.82
C THR I 163 61.72 -10.07 -42.25
N THR I 164 62.89 -10.66 -42.48
CA THR I 164 64.18 -10.13 -42.01
C THR I 164 64.13 -9.82 -40.51
N THR I 165 63.88 -10.86 -39.73
CA THR I 165 63.80 -10.71 -38.29
C THR I 165 65.18 -10.41 -37.71
N PRO I 166 65.26 -9.54 -36.71
CA PRO I 166 66.56 -9.26 -36.09
C PRO I 166 67.05 -10.45 -35.26
N SER I 167 68.37 -10.50 -35.06
CA SER I 167 68.95 -11.58 -34.29
C SER I 167 68.54 -11.47 -32.82
N LYS I 168 68.07 -12.58 -32.27
CA LYS I 168 67.66 -12.66 -30.88
C LYS I 168 68.75 -13.34 -30.06
N GLN I 169 68.48 -13.56 -28.78
CA GLN I 169 69.43 -14.17 -27.87
C GLN I 169 69.00 -15.60 -27.55
N SER I 170 69.97 -16.51 -27.58
CA SER I 170 69.71 -17.92 -27.27
C SER I 170 71.04 -18.55 -26.86
N ASN I 171 71.14 -18.95 -25.59
CA ASN I 171 72.35 -19.52 -24.99
C ASN I 171 73.61 -18.76 -25.45
N ASN I 172 73.53 -17.44 -25.34
CA ASN I 172 74.64 -16.55 -25.71
C ASN I 172 75.04 -16.71 -27.17
N LYS I 173 74.07 -17.02 -28.03
CA LYS I 173 74.30 -17.21 -29.46
C LYS I 173 73.13 -16.59 -30.23
N TYR I 174 73.44 -15.69 -31.16
CA TYR I 174 72.41 -15.03 -31.93
C TYR I 174 71.89 -15.95 -33.03
N ALA I 175 70.62 -15.77 -33.39
CA ALA I 175 69.99 -16.56 -34.42
C ALA I 175 68.80 -15.79 -34.99
N ALA I 176 68.48 -16.07 -36.25
CA ALA I 176 67.37 -15.40 -36.93
C ALA I 176 66.78 -16.37 -37.94
N SER I 177 65.88 -15.85 -38.77
CA SER I 177 65.21 -16.63 -39.80
C SER I 177 64.93 -15.73 -40.99
N SER I 178 64.26 -16.30 -42.00
CA SER I 178 63.93 -15.56 -43.20
C SER I 178 62.79 -16.25 -43.92
N TYR I 179 61.90 -15.45 -44.52
CA TYR I 179 60.74 -15.97 -45.24
C TYR I 179 60.53 -15.14 -46.50
N LEU I 180 60.58 -15.80 -47.66
CA LEU I 180 60.32 -15.11 -48.92
C LEU I 180 59.82 -16.14 -49.92
N SER I 181 58.52 -16.13 -50.20
CA SER I 181 57.90 -17.04 -51.15
C SER I 181 56.93 -16.27 -52.05
N LEU I 182 57.40 -15.15 -52.60
CA LEU I 182 56.56 -14.30 -53.44
C LEU I 182 56.10 -14.98 -54.72
N THR I 183 56.49 -16.23 -54.96
CA THR I 183 56.12 -16.99 -56.14
C THR I 183 54.61 -17.10 -56.29
N PRO I 184 54.10 -17.42 -57.47
CA PRO I 184 52.65 -17.61 -57.65
C PRO I 184 52.16 -18.94 -57.09
N GLU I 185 52.97 -19.55 -56.23
CA GLU I 185 52.82 -20.87 -55.61
C GLU I 185 53.25 -21.97 -56.57
N GLN I 186 53.63 -21.64 -57.80
CA GLN I 186 54.30 -22.59 -58.69
C GLN I 186 55.80 -22.39 -58.63
N TRP I 187 56.35 -22.60 -57.44
CA TRP I 187 57.78 -22.34 -57.20
C TRP I 187 58.68 -23.33 -57.92
N LYS I 188 58.14 -24.48 -58.34
CA LYS I 188 58.93 -25.50 -59.05
C LYS I 188 59.02 -25.17 -60.53
N SER I 189 59.46 -23.94 -60.82
CA SER I 189 59.53 -23.49 -62.21
C SER I 189 60.80 -23.99 -62.88
N HIS I 190 61.96 -23.53 -62.42
CA HIS I 190 63.25 -23.92 -62.97
C HIS I 190 64.36 -23.22 -62.19
N ARG I 191 65.60 -23.64 -62.47
CA ARG I 191 66.82 -22.94 -62.07
C ARG I 191 67.00 -22.86 -60.56
N SER I 192 66.40 -23.79 -59.82
CA SER I 192 66.79 -24.10 -58.44
C SER I 192 66.71 -22.87 -57.53
N TYR I 193 65.47 -22.45 -57.29
CA TYR I 193 65.20 -21.43 -56.28
C TYR I 193 65.95 -21.75 -54.99
N SER I 194 66.85 -20.85 -54.59
CA SER I 194 67.80 -21.12 -53.53
C SER I 194 67.74 -20.02 -52.48
N CYS I 195 68.64 -20.12 -51.50
CA CYS I 195 68.76 -19.16 -50.41
C CYS I 195 70.23 -18.96 -50.08
N GLN I 196 70.56 -17.76 -49.61
CA GLN I 196 71.94 -17.40 -49.29
C GLN I 196 72.00 -16.66 -47.95
N VAL I 197 73.11 -16.81 -47.25
CA VAL I 197 73.38 -16.10 -46.00
C VAL I 197 74.75 -15.45 -46.11
N THR I 198 74.79 -14.13 -45.91
CA THR I 198 76.02 -13.34 -46.05
C THR I 198 76.41 -12.78 -44.69
N HIS I 199 77.46 -13.35 -44.10
CA HIS I 199 77.97 -12.88 -42.83
C HIS I 199 79.15 -11.93 -43.07
N GLU I 200 79.64 -11.32 -42.00
CA GLU I 200 80.79 -10.43 -42.10
C GLU I 200 82.04 -11.25 -42.39
N GLY I 201 82.53 -11.16 -43.63
CA GLY I 201 83.67 -11.94 -44.07
C GLY I 201 83.29 -12.99 -45.08
N SER I 202 83.32 -14.26 -44.69
CA SER I 202 82.92 -15.34 -45.58
C SER I 202 81.42 -15.56 -45.51
N THR I 203 80.85 -16.06 -46.61
CA THR I 203 79.43 -16.33 -46.71
C THR I 203 79.21 -17.82 -46.97
N VAL I 204 78.06 -18.33 -46.53
CA VAL I 204 77.70 -19.72 -46.69
C VAL I 204 76.60 -19.83 -47.74
N GLU I 205 76.70 -20.85 -48.59
CA GLU I 205 75.75 -21.08 -49.67
C GLU I 205 75.13 -22.47 -49.53
N LYS I 206 73.86 -22.57 -49.88
CA LYS I 206 73.15 -23.85 -49.83
C LYS I 206 71.88 -23.73 -50.66
N THR I 207 71.67 -24.67 -51.56
CA THR I 207 70.52 -24.69 -52.45
C THR I 207 69.67 -25.93 -52.20
N VAL I 208 68.60 -26.07 -52.97
CA VAL I 208 67.70 -27.21 -52.87
C VAL I 208 67.62 -27.90 -54.22
N ALA I 209 66.83 -28.96 -54.30
CA ALA I 209 66.67 -29.67 -55.57
C ALA I 209 65.94 -28.78 -56.56
N PRO I 210 66.35 -28.78 -57.84
CA PRO I 210 65.70 -27.92 -58.85
C PRO I 210 64.34 -28.48 -59.29
N THR I 211 63.45 -28.64 -58.33
CA THR I 211 62.10 -29.14 -58.60
C THR I 211 61.10 -28.58 -57.59
N GLN J 14 -65.91 20.25 -5.53
CA GLN J 14 -66.07 19.04 -6.34
C GLN J 14 -66.71 19.38 -7.68
N CYS J 15 -66.52 18.49 -8.65
CA CYS J 15 -67.07 18.70 -9.99
C CYS J 15 -68.58 18.50 -9.97
N VAL J 16 -69.32 19.48 -10.50
CA VAL J 16 -70.77 19.43 -10.57
C VAL J 16 -71.18 19.68 -12.02
N ASN J 17 -72.46 19.40 -12.30
CA ASN J 17 -73.01 19.60 -13.64
C ASN J 17 -74.51 19.84 -13.50
N LEU J 18 -74.96 21.04 -13.86
CA LEU J 18 -76.38 21.37 -13.77
C LEU J 18 -77.17 20.67 -14.86
N THR J 19 -78.49 20.74 -14.73
CA THR J 19 -79.38 20.11 -15.70
C THR J 19 -79.62 21.06 -16.86
N THR J 20 -80.52 20.67 -17.77
CA THR J 20 -80.88 21.45 -18.97
C THR J 20 -79.68 21.76 -19.86
N ARG J 21 -78.59 20.99 -19.71
CA ARG J 21 -77.40 21.18 -20.53
C ARG J 21 -77.41 20.18 -21.68
N THR J 22 -78.33 20.42 -22.63
CA THR J 22 -78.58 19.51 -23.73
C THR J 22 -77.35 19.35 -24.63
N GLN J 23 -76.97 20.42 -25.33
CA GLN J 23 -75.88 20.35 -26.29
C GLN J 23 -75.55 21.76 -26.76
N LEU J 24 -74.26 22.00 -27.03
CA LEU J 24 -73.81 23.28 -27.60
C LEU J 24 -72.54 23.01 -28.38
N PRO J 25 -72.65 22.64 -29.65
CA PRO J 25 -71.46 22.40 -30.47
C PRO J 25 -70.80 23.71 -30.86
N PRO J 26 -69.46 23.73 -30.96
CA PRO J 26 -68.76 24.95 -31.39
C PRO J 26 -69.29 25.50 -32.71
N ALA J 27 -69.20 26.82 -32.87
CA ALA J 27 -69.66 27.48 -34.09
C ALA J 27 -68.52 28.36 -34.60
N TYR J 28 -68.84 29.17 -35.61
CA TYR J 28 -67.85 30.03 -36.19
C TYR J 28 -68.47 31.36 -36.58
N THR J 29 -67.66 32.39 -36.61
CA THR J 29 -68.11 33.73 -36.98
C THR J 29 -67.06 34.38 -37.88
N ASN J 30 -67.42 35.52 -38.44
CA ASN J 30 -66.55 36.29 -39.32
C ASN J 30 -66.14 37.57 -38.59
N SER J 31 -65.00 37.52 -37.91
CA SER J 31 -64.50 38.68 -37.18
C SER J 31 -64.06 39.76 -38.16
N PHE J 32 -64.54 40.98 -37.95
CA PHE J 32 -64.19 42.10 -38.80
C PHE J 32 -62.82 42.65 -38.42
N THR J 33 -62.50 43.85 -38.90
CA THR J 33 -61.20 44.47 -38.61
C THR J 33 -61.17 44.89 -37.15
N ARG J 34 -60.55 44.06 -36.31
CA ARG J 34 -60.47 44.31 -34.88
C ARG J 34 -59.46 43.35 -34.27
N GLY J 35 -58.67 43.85 -33.34
CA GLY J 35 -57.68 43.03 -32.68
C GLY J 35 -56.25 43.53 -32.86
N VAL J 36 -56.10 44.84 -33.08
CA VAL J 36 -54.79 45.44 -33.25
C VAL J 36 -54.32 46.00 -31.91
N TYR J 37 -53.12 45.61 -31.50
CA TYR J 37 -52.53 46.05 -30.25
C TYR J 37 -51.24 46.80 -30.52
N TYR J 38 -50.81 47.57 -29.52
CA TYR J 38 -49.55 48.30 -29.61
C TYR J 38 -48.38 47.32 -29.46
N PRO J 39 -47.54 47.16 -30.47
CA PRO J 39 -46.45 46.18 -30.38
C PRO J 39 -45.26 46.65 -29.56
N ASP J 40 -45.21 47.93 -29.18
CA ASP J 40 -44.06 48.45 -28.44
C ASP J 40 -44.49 49.71 -27.70
N LYS J 41 -43.67 50.11 -26.73
CA LYS J 41 -43.93 51.28 -25.91
C LYS J 41 -43.22 52.49 -26.51
N VAL J 42 -43.65 52.86 -27.71
CA VAL J 42 -43.06 53.95 -28.48
C VAL J 42 -44.17 54.89 -28.93
N PHE J 43 -43.98 56.19 -28.70
CA PHE J 43 -44.94 57.19 -29.11
C PHE J 43 -44.70 57.59 -30.56
N ARG J 44 -45.78 57.70 -31.33
CA ARG J 44 -45.71 58.12 -32.73
C ARG J 44 -46.87 59.07 -33.00
N SER J 45 -46.57 60.22 -33.62
CA SER J 45 -47.55 61.27 -33.83
C SER J 45 -47.74 61.50 -35.32
N SER J 46 -48.95 61.22 -35.81
CA SER J 46 -49.34 61.51 -37.19
C SER J 46 -48.39 60.88 -38.20
N VAL J 47 -47.93 59.67 -37.90
CA VAL J 47 -47.03 58.94 -38.79
C VAL J 47 -47.47 57.49 -38.86
N LEU J 48 -47.18 56.86 -39.99
CA LEU J 48 -47.47 55.44 -40.18
C LEU J 48 -46.27 54.61 -39.77
N HIS J 49 -46.51 53.31 -39.56
CA HIS J 49 -45.46 52.40 -39.11
C HIS J 49 -45.83 50.99 -39.47
N SER J 50 -44.84 50.21 -39.91
CA SER J 50 -45.02 48.81 -40.24
C SER J 50 -44.23 47.96 -39.25
N THR J 51 -44.89 46.93 -38.72
CA THR J 51 -44.27 46.05 -37.73
C THR J 51 -44.61 44.61 -38.04
N GLN J 52 -43.73 43.71 -37.61
CA GLN J 52 -43.88 42.27 -37.79
C GLN J 52 -43.99 41.62 -36.42
N ASP J 53 -45.20 41.26 -36.03
CA ASP J 53 -45.44 40.61 -34.74
C ASP J 53 -46.58 39.61 -34.92
N LEU J 54 -47.09 39.07 -33.81
CA LEU J 54 -48.15 38.08 -33.82
C LEU J 54 -49.48 38.83 -33.66
N PHE J 55 -50.07 39.20 -34.79
CA PHE J 55 -51.35 39.91 -34.80
C PHE J 55 -52.48 38.94 -35.15
N LEU J 56 -53.70 39.48 -35.20
CA LEU J 56 -54.88 38.71 -35.57
C LEU J 56 -55.26 39.04 -37.00
N PRO J 57 -55.32 38.06 -37.90
CA PRO J 57 -55.68 38.37 -39.29
C PRO J 57 -57.10 38.90 -39.40
N PHE J 58 -57.28 39.89 -40.27
CA PHE J 58 -58.60 40.46 -40.49
C PHE J 58 -59.45 39.53 -41.34
N PHE J 59 -60.76 39.57 -41.10
CA PHE J 59 -61.73 38.72 -41.79
C PHE J 59 -61.35 37.24 -41.67
N SER J 60 -60.92 36.85 -40.48
CA SER J 60 -60.52 35.48 -40.21
C SER J 60 -61.72 34.67 -39.73
N ASN J 61 -61.47 33.47 -39.21
CA ASN J 61 -62.53 32.57 -38.76
C ASN J 61 -62.36 32.25 -37.29
N VAL J 62 -63.02 33.03 -36.45
CA VAL J 62 -62.92 32.92 -34.99
C VAL J 62 -64.07 32.08 -34.48
N THR J 63 -63.79 31.29 -33.43
CA THR J 63 -64.82 30.41 -32.87
C THR J 63 -65.93 31.24 -32.24
N TRP J 64 -67.09 30.60 -32.06
CA TRP J 64 -68.28 31.28 -31.59
C TRP J 64 -68.88 30.58 -30.36
N PHE J 65 -68.05 30.34 -29.35
CA PHE J 65 -68.55 29.73 -28.12
C PHE J 65 -69.49 30.69 -27.41
N HIS J 66 -70.79 30.41 -27.46
CA HIS J 66 -71.80 31.21 -26.80
C HIS J 66 -71.96 30.72 -25.36
N VAL J 67 -71.83 31.64 -24.40
CA VAL J 67 -71.92 31.28 -22.98
C VAL J 67 -73.39 31.39 -22.61
N ILE J 68 -74.16 30.37 -22.98
CA ILE J 68 -75.54 30.21 -22.57
C ILE J 68 -75.76 28.89 -21.85
N ASP J 78 -70.45 24.86 -21.09
CA ASP J 78 -69.44 24.27 -21.96
C ASP J 78 -68.19 25.11 -21.90
N ASN J 79 -67.06 24.51 -21.52
CA ASN J 79 -65.77 25.20 -21.46
C ASN J 79 -64.69 24.23 -21.91
N PRO J 80 -64.54 24.05 -23.23
CA PRO J 80 -63.54 23.12 -23.73
C PRO J 80 -62.12 23.61 -23.47
N VAL J 81 -61.18 22.68 -23.57
CA VAL J 81 -59.76 22.98 -23.39
C VAL J 81 -59.17 23.24 -24.77
N LEU J 82 -59.04 24.52 -25.13
CA LEU J 82 -58.50 24.83 -26.45
C LEU J 82 -57.00 25.05 -26.37
N PRO J 83 -56.25 24.66 -27.41
CA PRO J 83 -54.80 24.83 -27.38
C PRO J 83 -54.39 26.29 -27.50
N PHE J 84 -53.18 26.56 -27.05
CA PHE J 84 -52.59 27.90 -27.07
C PHE J 84 -51.34 27.84 -27.95
N ASN J 85 -51.54 28.07 -29.25
CA ASN J 85 -50.43 27.97 -30.20
C ASN J 85 -49.53 29.20 -30.13
N ASP J 86 -50.10 30.39 -30.40
CA ASP J 86 -49.31 31.62 -30.37
C ASP J 86 -50.02 32.69 -29.55
N GLY J 87 -51.34 32.62 -29.46
CA GLY J 87 -52.08 33.60 -28.71
C GLY J 87 -53.56 33.51 -29.01
N VAL J 88 -54.34 34.20 -28.17
CA VAL J 88 -55.78 34.24 -28.30
C VAL J 88 -56.25 35.69 -28.19
N TYR J 89 -57.48 35.92 -28.62
CA TYR J 89 -58.09 37.26 -28.57
C TYR J 89 -59.12 37.40 -27.47
N PHE J 90 -59.98 36.41 -27.30
CA PHE J 90 -60.93 36.34 -26.18
C PHE J 90 -61.82 37.59 -26.12
N ALA J 91 -62.63 37.77 -27.15
CA ALA J 91 -63.63 38.82 -27.17
C ALA J 91 -64.86 38.38 -26.39
N SER J 92 -65.38 39.28 -25.54
CA SER J 92 -66.51 38.96 -24.69
C SER J 92 -67.52 40.10 -24.70
N ILE J 93 -68.80 39.75 -24.78
CA ILE J 93 -69.89 40.71 -24.71
C ILE J 93 -70.96 40.14 -23.79
N GLU J 94 -71.19 40.79 -22.66
CA GLU J 94 -72.16 40.32 -21.70
C GLU J 94 -72.69 41.50 -20.89
N LYS J 95 -73.70 41.22 -20.07
CA LYS J 95 -74.30 42.22 -19.18
C LYS J 95 -74.08 41.88 -17.71
N SER J 96 -73.05 41.09 -17.41
CA SER J 96 -72.76 40.69 -16.04
C SER J 96 -71.25 40.50 -15.91
N ASN J 97 -70.84 39.85 -14.83
CA ASN J 97 -69.43 39.56 -14.55
C ASN J 97 -69.22 38.07 -14.35
N ILE J 98 -69.82 37.25 -15.23
CA ILE J 98 -69.70 35.80 -15.09
C ILE J 98 -68.32 35.32 -15.51
N ILE J 99 -67.77 35.92 -16.56
CA ILE J 99 -66.43 35.58 -17.02
C ILE J 99 -65.43 36.42 -16.22
N ARG J 100 -64.76 35.78 -15.25
CA ARG J 100 -63.82 36.49 -14.40
C ARG J 100 -62.58 35.67 -14.10
N GLY J 101 -62.13 34.83 -15.04
CA GLY J 101 -60.97 34.02 -14.80
C GLY J 101 -60.47 33.33 -16.05
N TRP J 102 -59.20 32.95 -16.01
CA TRP J 102 -58.57 32.17 -17.07
C TRP J 102 -57.63 31.15 -16.43
N ILE J 103 -57.33 30.10 -17.18
CA ILE J 103 -56.44 29.04 -16.73
C ILE J 103 -55.46 28.74 -17.85
N PHE J 104 -54.16 28.85 -17.56
CA PHE J 104 -53.11 28.56 -18.52
C PHE J 104 -52.24 27.42 -18.01
N GLY J 105 -51.58 26.75 -18.95
CA GLY J 105 -50.71 25.65 -18.60
C GLY J 105 -50.49 24.73 -19.78
N THR J 106 -49.58 23.78 -19.58
CA THR J 106 -49.26 22.80 -20.61
C THR J 106 -49.93 21.45 -20.38
N THR J 107 -50.21 21.10 -19.12
CA THR J 107 -50.90 19.86 -18.80
C THR J 107 -52.15 20.05 -17.95
N LEU J 108 -52.30 21.19 -17.28
CA LEU J 108 -53.47 21.49 -16.45
C LEU J 108 -53.66 20.45 -15.35
N ASP J 109 -52.56 20.10 -14.70
CA ASP J 109 -52.58 19.15 -13.59
C ASP J 109 -51.39 19.41 -12.69
N SER J 110 -51.22 18.57 -11.67
CA SER J 110 -50.16 18.75 -10.69
C SER J 110 -48.82 18.20 -11.17
N LYS J 111 -48.73 17.70 -12.40
CA LYS J 111 -47.47 17.14 -12.89
C LYS J 111 -46.52 18.26 -13.31
N THR J 112 -47.01 19.23 -14.07
CA THR J 112 -46.20 20.34 -14.55
C THR J 112 -46.74 21.66 -14.00
N GLN J 113 -46.09 22.75 -14.39
CA GLN J 113 -46.47 24.06 -13.91
C GLN J 113 -47.78 24.51 -14.55
N SER J 114 -48.45 25.45 -13.89
CA SER J 114 -49.73 25.97 -14.35
C SER J 114 -49.81 27.45 -14.01
N LEU J 115 -50.92 28.07 -14.40
CA LEU J 115 -51.12 29.50 -14.19
C LEU J 115 -52.61 29.80 -14.27
N LEU J 116 -53.08 30.69 -13.39
CA LEU J 116 -54.46 31.13 -13.40
C LEU J 116 -54.53 32.63 -13.12
N ILE J 117 -55.53 33.27 -13.70
CA ILE J 117 -55.73 34.72 -13.57
C ILE J 117 -57.17 34.91 -13.09
N VAL J 118 -57.35 34.98 -11.78
CA VAL J 118 -58.67 35.17 -11.20
C VAL J 118 -58.93 36.66 -11.01
N ASN J 119 -60.11 37.11 -11.44
CA ASN J 119 -60.50 38.52 -11.36
C ASN J 119 -61.68 38.62 -10.39
N ASN J 120 -61.35 38.81 -9.11
CA ASN J 120 -62.32 39.05 -8.03
C ASN J 120 -63.15 40.28 -8.28
N ALA J 121 -64.21 40.44 -7.52
CA ALA J 121 -65.04 41.63 -7.62
C ALA J 121 -64.35 42.91 -7.16
N THR J 122 -63.19 42.82 -6.50
CA THR J 122 -62.49 44.01 -6.04
C THR J 122 -61.01 44.06 -6.42
N ASN J 123 -60.42 42.95 -6.87
CA ASN J 123 -59.02 42.96 -7.29
C ASN J 123 -58.77 41.75 -8.18
N VAL J 124 -57.54 41.66 -8.68
CA VAL J 124 -57.12 40.57 -9.55
C VAL J 124 -55.94 39.87 -8.89
N VAL J 125 -55.93 38.54 -8.95
CA VAL J 125 -54.85 37.74 -8.39
C VAL J 125 -54.31 36.81 -9.47
N ILE J 126 -53.01 36.55 -9.39
CA ILE J 126 -52.34 35.65 -10.32
C ILE J 126 -51.34 34.80 -9.52
N LYS J 127 -51.42 33.49 -9.68
CA LYS J 127 -50.58 32.56 -8.95
C LYS J 127 -50.04 31.49 -9.88
N VAL J 128 -48.76 31.19 -9.77
CA VAL J 128 -48.11 30.18 -10.59
C VAL J 128 -47.83 28.90 -9.78
N CYS J 129 -48.54 28.70 -8.67
CA CYS J 129 -48.43 27.45 -7.93
C CYS J 129 -48.74 26.27 -8.85
N GLU J 130 -48.11 25.14 -8.55
CA GLU J 130 -48.33 23.93 -9.33
C GLU J 130 -49.69 23.35 -8.95
N PHE J 131 -50.75 23.94 -9.49
CA PHE J 131 -52.11 23.55 -9.15
C PHE J 131 -52.48 22.22 -9.78
N GLN J 132 -53.64 21.71 -9.39
CA GLN J 132 -54.20 20.47 -9.95
C GLN J 132 -55.68 20.73 -10.22
N PHE J 133 -56.01 20.97 -11.48
CA PHE J 133 -57.38 21.26 -11.87
C PHE J 133 -58.14 19.97 -12.15
N CYS J 134 -59.45 20.02 -11.90
CA CYS J 134 -60.31 18.88 -12.13
C CYS J 134 -60.68 18.81 -13.61
N ASN J 135 -61.62 17.92 -13.95
CA ASN J 135 -62.05 17.77 -15.33
C ASN J 135 -63.02 18.86 -15.79
N ASP J 136 -63.43 19.74 -14.89
CA ASP J 136 -64.35 20.82 -15.23
C ASP J 136 -64.24 21.94 -14.21
N PRO J 137 -63.23 22.81 -14.31
CA PRO J 137 -63.12 23.93 -13.37
C PRO J 137 -64.29 24.90 -13.54
N PHE J 138 -64.72 25.48 -12.41
CA PHE J 138 -65.84 26.41 -12.42
C PHE J 138 -65.76 27.28 -11.18
N LEU J 139 -66.26 28.51 -11.31
CA LEU J 139 -66.28 29.45 -10.20
C LEU J 139 -67.67 30.04 -10.01
N GLU J 151 -64.67 32.31 -4.82
CA GLU J 151 -64.22 31.10 -4.15
C GLU J 151 -62.97 30.53 -4.81
N PHE J 152 -62.48 29.41 -4.27
CA PHE J 152 -61.29 28.75 -4.81
C PHE J 152 -61.56 27.28 -5.09
N ARG J 153 -62.80 26.93 -5.41
CA ARG J 153 -63.14 25.53 -5.68
C ARG J 153 -62.87 25.18 -7.14
N VAL J 154 -61.64 25.46 -7.60
CA VAL J 154 -61.22 25.14 -8.95
C VAL J 154 -60.10 24.10 -8.97
N TYR J 155 -59.20 24.15 -8.00
CA TYR J 155 -58.11 23.19 -7.86
C TYR J 155 -58.27 22.41 -6.57
N SER J 156 -57.84 21.15 -6.59
CA SER J 156 -57.96 20.29 -5.43
C SER J 156 -56.77 20.48 -4.48
N SER J 157 -55.56 20.29 -4.97
CA SER J 157 -54.34 20.42 -4.17
C SER J 157 -53.42 21.43 -4.85
N ALA J 158 -53.00 22.44 -4.10
CA ALA J 158 -52.08 23.45 -4.61
C ALA J 158 -50.65 23.01 -4.34
N ASN J 159 -49.69 23.90 -4.62
CA ASN J 159 -48.27 23.60 -4.43
C ASN J 159 -47.55 24.93 -4.27
N ASN J 160 -46.22 24.89 -4.39
CA ASN J 160 -45.41 26.08 -4.19
C ASN J 160 -45.51 27.01 -5.39
N CYS J 161 -45.72 28.29 -5.13
CA CYS J 161 -45.71 29.32 -6.16
C CYS J 161 -44.29 29.87 -6.34
N THR J 162 -44.05 30.43 -7.52
CA THR J 162 -42.78 31.10 -7.80
C THR J 162 -42.97 32.58 -8.15
N PHE J 163 -44.21 33.05 -8.25
CA PHE J 163 -44.48 34.43 -8.61
C PHE J 163 -45.90 34.79 -8.19
N GLU J 164 -46.08 36.04 -7.76
CA GLU J 164 -47.39 36.56 -7.40
C GLU J 164 -47.39 38.07 -7.60
N TYR J 165 -48.57 38.61 -7.89
CA TYR J 165 -48.72 40.04 -8.12
C TYR J 165 -50.02 40.51 -7.48
N VAL J 166 -50.02 41.77 -7.03
CA VAL J 166 -51.16 42.30 -6.29
C VAL J 166 -52.29 42.73 -7.22
N SER J 167 -51.97 43.43 -8.31
CA SER J 167 -52.95 43.92 -9.27
C SER J 167 -54.04 44.76 -8.58
N GLN J 168 -53.58 45.90 -8.05
CA GLN J 168 -54.44 46.84 -7.33
C GLN J 168 -55.77 47.14 -8.03
N PRO J 169 -55.83 47.45 -9.32
CA PRO J 169 -57.12 47.63 -9.97
C PRO J 169 -57.63 46.33 -10.58
N PHE J 170 -58.91 46.37 -10.97
CA PHE J 170 -59.58 45.22 -11.56
C PHE J 170 -59.46 45.28 -13.08
N LEU J 171 -59.21 44.13 -13.70
CA LEU J 171 -59.08 44.08 -15.15
C LEU J 171 -60.43 44.02 -15.84
N MET J 172 -61.21 42.99 -15.54
CA MET J 172 -62.51 42.80 -16.18
C MET J 172 -63.61 43.56 -15.43
N GLN J 178 -76.12 49.13 -16.57
CA GLN J 178 -76.32 50.48 -17.10
C GLN J 178 -77.63 50.55 -17.89
N GLY J 179 -78.02 49.43 -18.49
CA GLY J 179 -79.24 49.38 -19.26
C GLY J 179 -79.05 48.84 -20.66
N ASN J 180 -79.28 49.69 -21.67
CA ASN J 180 -79.16 49.24 -23.05
C ASN J 180 -77.70 48.99 -23.43
N PHE J 181 -76.78 49.80 -22.90
CA PHE J 181 -75.37 49.66 -23.23
C PHE J 181 -74.78 48.45 -22.51
N LYS J 182 -74.30 47.48 -23.28
CA LYS J 182 -73.68 46.29 -22.72
C LYS J 182 -72.18 46.53 -22.53
N ASN J 183 -71.43 45.48 -22.19
CA ASN J 183 -70.01 45.57 -21.93
C ASN J 183 -69.25 44.72 -22.93
N LEU J 184 -68.30 45.34 -23.64
CA LEU J 184 -67.43 44.65 -24.58
C LEU J 184 -66.00 44.67 -24.05
N ARG J 185 -65.37 43.49 -24.01
CA ARG J 185 -64.02 43.37 -23.49
C ARG J 185 -63.27 42.32 -24.28
N GLU J 186 -61.98 42.56 -24.50
CA GLU J 186 -61.12 41.63 -25.22
C GLU J 186 -59.73 41.66 -24.58
N PHE J 187 -59.12 40.48 -24.49
CA PHE J 187 -57.83 40.33 -23.80
C PHE J 187 -56.90 39.48 -24.64
N VAL J 188 -55.82 40.07 -25.12
CA VAL J 188 -54.83 39.37 -25.94
C VAL J 188 -53.73 38.85 -25.03
N PHE J 189 -53.34 37.59 -25.24
CA PHE J 189 -52.31 36.94 -24.46
C PHE J 189 -51.25 36.38 -25.39
N LYS J 190 -49.98 36.60 -25.04
CA LYS J 190 -48.86 36.13 -25.83
C LYS J 190 -47.77 35.60 -24.91
N ASN J 191 -46.72 35.04 -25.52
CA ASN J 191 -45.57 34.55 -24.76
C ASN J 191 -44.39 34.50 -25.72
N ILE J 192 -43.50 35.50 -25.62
CA ILE J 192 -42.36 35.60 -26.54
C ILE J 192 -41.22 34.74 -26.04
N ASP J 193 -40.61 35.13 -24.93
CA ASP J 193 -39.58 34.32 -24.28
C ASP J 193 -40.01 33.90 -22.87
N GLY J 194 -40.33 34.84 -22.00
CA GLY J 194 -40.87 34.52 -20.69
C GLY J 194 -42.03 35.40 -20.30
N TYR J 195 -42.25 36.45 -21.07
CA TYR J 195 -43.23 37.47 -20.71
C TYR J 195 -44.60 37.14 -21.29
N PHE J 196 -45.63 37.51 -20.53
CA PHE J 196 -47.01 37.29 -20.96
C PHE J 196 -47.57 38.48 -21.74
N LYS J 197 -47.36 39.70 -21.23
CA LYS J 197 -47.72 40.93 -21.93
C LYS J 197 -49.22 40.95 -22.25
N ILE J 198 -50.02 40.98 -21.20
CA ILE J 198 -51.48 40.95 -21.35
C ILE J 198 -51.97 42.29 -21.86
N TYR J 199 -52.83 42.26 -22.88
CA TYR J 199 -53.48 43.43 -23.43
C TYR J 199 -54.96 43.43 -23.04
N SER J 200 -55.56 44.60 -23.04
CA SER J 200 -56.96 44.73 -22.64
C SER J 200 -57.52 46.05 -23.14
N LYS J 201 -58.81 46.05 -23.46
CA LYS J 201 -59.53 47.25 -23.84
C LYS J 201 -61.02 47.01 -23.64
N HIS J 202 -61.67 47.90 -22.89
CA HIS J 202 -63.08 47.80 -22.60
C HIS J 202 -63.80 49.03 -23.15
N THR J 203 -64.85 48.80 -23.93
CA THR J 203 -65.62 49.88 -24.52
C THR J 203 -67.10 49.48 -24.51
N PRO J 204 -67.99 50.36 -24.05
CA PRO J 204 -69.42 50.01 -24.02
C PRO J 204 -70.00 49.93 -25.42
N ILE J 205 -70.64 48.80 -25.72
CA ILE J 205 -71.29 48.60 -27.00
C ILE J 205 -72.73 49.13 -26.89
N ILE J 206 -73.13 49.96 -27.85
CA ILE J 206 -74.42 50.61 -27.79
C ILE J 206 -75.51 49.90 -28.58
N VAL J 207 -75.14 49.00 -29.49
CA VAL J 207 -76.11 48.31 -30.34
C VAL J 207 -76.21 46.86 -29.90
N ARG J 208 -77.34 46.25 -30.23
CA ARG J 208 -77.59 44.84 -29.93
C ARG J 208 -77.57 44.03 -31.22
N GLU J 209 -76.91 42.88 -31.15
CA GLU J 209 -76.75 42.00 -32.30
C GLU J 209 -76.80 40.56 -31.82
N PRO J 210 -77.21 39.62 -32.67
CA PRO J 210 -77.28 38.22 -32.26
C PRO J 210 -75.90 37.59 -32.07
N GLU J 211 -75.19 38.04 -31.03
CA GLU J 211 -73.86 37.51 -30.69
C GLU J 211 -72.89 37.63 -31.86
N ASP J 212 -72.64 38.87 -32.28
CA ASP J 212 -71.74 39.17 -33.38
C ASP J 212 -70.75 40.24 -32.95
N LEU J 213 -69.57 40.21 -33.54
CA LEU J 213 -68.56 41.20 -33.25
C LEU J 213 -68.96 42.55 -33.83
N PRO J 214 -68.81 43.65 -33.09
CA PRO J 214 -69.21 44.96 -33.60
C PRO J 214 -68.25 45.46 -34.67
N GLN J 215 -68.67 46.54 -35.33
CA GLN J 215 -67.86 47.16 -36.37
C GLN J 215 -66.91 48.18 -35.74
N GLY J 216 -66.24 48.96 -36.58
CA GLY J 216 -65.33 49.99 -36.09
C GLY J 216 -63.93 49.44 -35.86
N PHE J 217 -63.17 50.19 -35.06
CA PHE J 217 -61.80 49.85 -34.75
C PHE J 217 -61.54 50.10 -33.27
N SER J 218 -60.66 49.30 -32.69
CA SER J 218 -60.31 49.42 -31.28
C SER J 218 -58.90 48.92 -31.07
N ALA J 219 -58.12 49.66 -30.27
CA ALA J 219 -56.75 49.31 -29.96
C ALA J 219 -56.65 48.68 -28.58
N LEU J 220 -55.79 47.66 -28.47
CA LEU J 220 -55.59 46.96 -27.20
C LEU J 220 -54.46 47.64 -26.44
N GLU J 221 -54.78 48.19 -25.28
CA GLU J 221 -53.77 48.88 -24.48
C GLU J 221 -53.07 47.89 -23.55
N PRO J 222 -51.73 47.93 -23.47
CA PRO J 222 -51.02 47.04 -22.54
C PRO J 222 -51.25 47.48 -21.10
N LEU J 223 -51.78 46.57 -20.28
CA LEU J 223 -52.07 46.86 -18.87
C LEU J 223 -50.99 46.32 -17.95
N VAL J 224 -50.72 45.01 -17.99
CA VAL J 224 -49.79 44.39 -17.07
C VAL J 224 -48.86 43.48 -17.84
N ASP J 225 -47.63 43.36 -17.33
CA ASP J 225 -46.62 42.45 -17.85
C ASP J 225 -46.25 41.43 -16.78
N LEU J 226 -45.87 40.24 -17.24
CA LEU J 226 -45.59 39.14 -16.30
C LEU J 226 -44.23 38.52 -16.57
N PRO J 227 -43.29 38.63 -15.63
CA PRO J 227 -42.00 37.96 -15.78
C PRO J 227 -42.05 36.49 -15.38
N ILE J 228 -43.27 35.94 -15.33
CA ILE J 228 -43.49 34.60 -14.81
C ILE J 228 -42.59 33.58 -15.51
N GLY J 229 -42.58 33.60 -16.83
CA GLY J 229 -41.72 32.70 -17.58
C GLY J 229 -42.22 31.27 -17.71
N ILE J 230 -43.53 31.07 -17.79
CA ILE J 230 -44.07 29.72 -17.90
C ILE J 230 -44.17 29.31 -19.36
N ASN J 231 -44.11 28.00 -19.61
CA ASN J 231 -44.24 27.44 -20.95
C ASN J 231 -45.63 26.82 -21.07
N ILE J 232 -46.56 27.59 -21.62
CA ILE J 232 -47.95 27.16 -21.77
C ILE J 232 -48.19 26.68 -23.19
N THR J 233 -49.05 25.68 -23.33
CA THR J 233 -49.46 25.18 -24.63
C THR J 233 -50.96 24.96 -24.75
N ARG J 234 -51.74 25.20 -23.70
CA ARG J 234 -53.18 25.02 -23.73
C ARG J 234 -53.83 26.23 -23.09
N PHE J 235 -55.16 26.29 -23.17
CA PHE J 235 -55.91 27.43 -22.65
C PHE J 235 -57.24 26.93 -22.10
N GLN J 236 -57.68 27.54 -21.00
CA GLN J 236 -58.93 27.19 -20.36
C GLN J 236 -59.49 28.41 -19.67
N THR J 237 -60.79 28.65 -19.85
CA THR J 237 -61.45 29.81 -19.25
C THR J 237 -62.04 29.43 -17.88
N LEU J 238 -62.60 30.43 -17.20
CA LEU J 238 -63.22 30.21 -15.90
C LEU J 238 -64.51 31.02 -15.86
N LEU J 239 -65.63 30.33 -15.67
CA LEU J 239 -66.95 30.94 -15.68
C LEU J 239 -67.57 30.87 -14.30
N ALA J 240 -68.23 31.96 -13.89
CA ALA J 240 -68.97 31.99 -12.65
C ALA J 240 -70.38 31.48 -12.86
N LEU J 241 -70.99 31.00 -11.77
CA LEU J 241 -72.32 30.40 -11.83
C LEU J 241 -73.35 31.24 -11.08
N HIS J 242 -73.13 31.50 -9.80
CA HIS J 242 -74.07 32.24 -8.95
C HIS J 242 -75.48 31.65 -9.04
N ARG J 243 -75.55 30.32 -8.97
CA ARG J 243 -76.84 29.64 -9.08
C ARG J 243 -77.73 29.95 -7.88
N SER J 244 -77.26 29.61 -6.68
CA SER J 244 -78.01 29.83 -5.44
C SER J 244 -79.39 29.20 -5.47
N TRP J 255 -81.04 27.88 -12.40
CA TRP J 255 -79.72 28.32 -12.82
C TRP J 255 -79.79 29.70 -13.47
N THR J 256 -78.82 30.55 -13.15
CA THR J 256 -78.74 31.91 -13.67
C THR J 256 -77.37 32.08 -14.34
N ALA J 257 -77.32 31.81 -15.64
CA ALA J 257 -76.09 31.93 -16.41
C ALA J 257 -76.01 33.21 -17.22
N GLY J 258 -77.13 33.92 -17.38
CA GLY J 258 -77.10 35.16 -18.15
C GLY J 258 -76.89 34.88 -19.63
N ALA J 259 -76.02 35.67 -20.25
CA ALA J 259 -75.72 35.51 -21.67
C ALA J 259 -74.37 36.14 -21.96
N ALA J 260 -73.47 35.37 -22.54
CA ALA J 260 -72.13 35.85 -22.87
C ALA J 260 -71.57 35.00 -24.00
N ALA J 261 -70.36 35.34 -24.43
CA ALA J 261 -69.66 34.59 -25.48
C ALA J 261 -68.19 34.98 -25.52
N TYR J 262 -67.30 33.99 -25.49
CA TYR J 262 -65.87 34.23 -25.61
C TYR J 262 -65.40 33.78 -26.99
N TYR J 263 -64.72 34.66 -27.70
CA TYR J 263 -64.28 34.41 -29.08
C TYR J 263 -62.77 34.19 -29.06
N VAL J 264 -62.36 32.93 -29.15
CA VAL J 264 -60.94 32.58 -29.15
C VAL J 264 -60.40 32.66 -30.57
N GLY J 265 -59.48 33.59 -30.80
CA GLY J 265 -58.89 33.76 -32.12
C GLY J 265 -57.39 33.61 -32.11
N TYR J 266 -56.89 32.60 -32.84
CA TYR J 266 -55.46 32.35 -32.87
C TYR J 266 -54.73 33.46 -33.61
N LEU J 267 -53.51 33.75 -33.15
CA LEU J 267 -52.69 34.80 -33.72
C LEU J 267 -51.68 34.21 -34.70
N GLN J 268 -51.39 34.96 -35.76
CA GLN J 268 -50.44 34.55 -36.78
C GLN J 268 -49.50 35.70 -37.10
N PRO J 269 -48.25 35.39 -37.47
CA PRO J 269 -47.30 36.47 -37.80
C PRO J 269 -47.67 37.20 -39.08
N ARG J 270 -48.04 38.47 -38.96
CA ARG J 270 -48.44 39.30 -40.08
C ARG J 270 -47.67 40.62 -40.04
N THR J 271 -47.94 41.47 -41.01
CA THR J 271 -47.33 42.80 -41.11
C THR J 271 -48.45 43.83 -41.23
N PHE J 272 -48.62 44.65 -40.20
CA PHE J 272 -49.66 45.66 -40.18
C PHE J 272 -49.06 47.04 -40.44
N LEU J 273 -49.86 47.90 -41.05
CA LEU J 273 -49.51 49.30 -41.29
C LEU J 273 -50.38 50.16 -40.38
N LEU J 274 -49.83 50.58 -39.25
CA LEU J 274 -50.59 51.30 -38.24
C LEU J 274 -50.79 52.76 -38.65
N LYS J 275 -51.65 53.45 -37.92
CA LYS J 275 -52.10 54.81 -38.23
C LYS J 275 -52.06 55.68 -36.99
N TYR J 276 -50.91 55.68 -36.30
CA TYR J 276 -50.72 56.50 -35.12
C TYR J 276 -51.13 57.95 -35.38
N ASN J 277 -52.11 58.42 -34.61
CA ASN J 277 -52.63 59.77 -34.75
C ASN J 277 -51.73 60.74 -33.99
N GLU J 278 -52.13 62.01 -33.93
CA GLU J 278 -51.32 63.03 -33.26
C GLU J 278 -51.36 62.90 -31.75
N ASN J 279 -52.19 62.06 -31.18
CA ASN J 279 -52.15 61.94 -29.73
C ASN J 279 -51.55 60.61 -29.29
N GLY J 280 -51.07 59.84 -30.24
CA GLY J 280 -50.53 58.53 -29.98
C GLY J 280 -51.48 57.37 -30.20
N THR J 281 -52.77 57.63 -30.39
CA THR J 281 -53.72 56.56 -30.59
C THR J 281 -53.67 56.02 -32.02
N ILE J 282 -54.24 54.83 -32.20
CA ILE J 282 -54.28 54.16 -33.50
C ILE J 282 -55.71 54.26 -34.03
N THR J 283 -55.85 54.79 -35.25
CA THR J 283 -57.16 54.96 -35.85
C THR J 283 -57.56 53.76 -36.71
N ASP J 284 -56.65 53.23 -37.51
CA ASP J 284 -56.94 52.08 -38.37
C ASP J 284 -55.64 51.37 -38.69
N ALA J 285 -55.75 50.27 -39.42
CA ALA J 285 -54.59 49.48 -39.81
C ALA J 285 -54.94 48.67 -41.04
N VAL J 286 -53.91 48.07 -41.64
CA VAL J 286 -54.04 47.25 -42.84
C VAL J 286 -53.50 45.85 -42.53
N ASP J 287 -54.28 44.82 -42.86
CA ASP J 287 -53.88 43.46 -42.56
C ASP J 287 -52.76 42.98 -43.48
N CYS J 288 -52.65 43.57 -44.67
CA CYS J 288 -51.65 43.20 -45.67
C CYS J 288 -51.74 41.73 -46.06
N ALA J 289 -52.93 41.16 -45.94
CA ALA J 289 -53.20 39.82 -46.47
C ALA J 289 -54.51 39.74 -47.22
N LEU J 290 -55.26 40.84 -47.30
CA LEU J 290 -56.50 40.91 -48.06
C LEU J 290 -56.16 41.13 -49.54
N ASP J 291 -57.17 41.50 -50.33
CA ASP J 291 -57.06 41.78 -51.76
C ASP J 291 -55.85 42.66 -52.06
N PRO J 292 -55.26 42.55 -53.26
CA PRO J 292 -53.98 43.21 -53.54
C PRO J 292 -53.95 44.72 -53.28
N LEU J 293 -55.12 45.35 -53.11
CA LEU J 293 -55.13 46.74 -52.69
C LEU J 293 -54.45 46.92 -51.34
N SER J 294 -54.63 45.95 -50.44
CA SER J 294 -53.96 46.00 -49.15
C SER J 294 -52.45 46.00 -49.31
N GLU J 295 -51.92 45.02 -50.06
CA GLU J 295 -50.48 44.93 -50.25
C GLU J 295 -49.93 46.16 -50.98
N THR J 296 -50.73 46.73 -51.89
CA THR J 296 -50.35 48.00 -52.51
C THR J 296 -50.20 49.09 -51.46
N LYS J 297 -51.15 49.16 -50.53
CA LYS J 297 -51.06 50.14 -49.45
C LYS J 297 -49.85 49.88 -48.55
N CYS J 298 -49.47 48.61 -48.40
CA CYS J 298 -48.28 48.32 -47.58
C CYS J 298 -47.01 48.78 -48.27
N THR J 299 -46.85 48.41 -49.55
CA THR J 299 -45.64 48.74 -50.28
C THR J 299 -45.58 50.21 -50.71
N LEU J 300 -46.68 50.94 -50.57
CA LEU J 300 -46.77 52.35 -50.94
C LEU J 300 -47.44 53.13 -49.82
N LYS J 301 -46.87 53.02 -48.61
CA LYS J 301 -47.55 53.35 -47.37
C LYS J 301 -48.32 54.67 -47.43
N SER J 302 -49.64 54.57 -47.38
CA SER J 302 -50.55 55.71 -47.47
C SER J 302 -51.98 55.23 -47.25
N PHE J 303 -52.95 56.12 -47.41
CA PHE J 303 -54.35 55.71 -47.42
C PHE J 303 -55.15 56.43 -48.50
N THR J 304 -54.49 57.19 -49.37
CA THR J 304 -55.11 57.88 -50.49
C THR J 304 -54.29 57.66 -51.75
N VAL J 305 -53.97 56.40 -52.04
CA VAL J 305 -53.14 56.06 -53.18
C VAL J 305 -53.79 56.56 -54.46
N GLU J 306 -52.98 57.11 -55.35
CA GLU J 306 -53.49 57.73 -56.58
C GLU J 306 -53.80 56.65 -57.62
N LYS J 307 -54.10 57.09 -58.84
CA LYS J 307 -54.45 56.18 -59.92
C LYS J 307 -53.21 55.71 -60.65
N GLY J 308 -53.08 54.40 -60.81
CA GLY J 308 -51.94 53.84 -61.49
C GLY J 308 -51.73 52.38 -61.15
N ILE J 309 -50.70 51.81 -61.75
CA ILE J 309 -50.32 50.41 -61.55
C ILE J 309 -49.05 50.38 -60.72
N TYR J 310 -48.96 49.43 -59.79
CA TYR J 310 -47.83 49.32 -58.90
C TYR J 310 -47.43 47.87 -58.72
N GLN J 311 -46.13 47.61 -58.71
CA GLN J 311 -45.61 46.28 -58.45
C GLN J 311 -45.53 46.06 -56.94
N THR J 312 -46.27 45.06 -56.45
CA THR J 312 -46.39 44.82 -55.02
C THR J 312 -45.77 43.50 -54.59
N SER J 313 -46.20 42.39 -55.19
CA SER J 313 -45.76 41.06 -54.79
C SER J 313 -45.02 40.38 -55.93
N ASN J 314 -44.67 39.12 -55.68
CA ASN J 314 -44.10 38.31 -56.69
C ASN J 314 -44.66 36.90 -56.53
N PHE J 315 -45.48 36.40 -57.44
CA PHE J 315 -46.04 35.06 -57.39
C PHE J 315 -44.98 34.04 -57.35
N ARG J 316 -45.30 32.81 -56.98
CA ARG J 316 -44.33 31.75 -57.03
C ARG J 316 -45.01 30.46 -56.72
N VAL J 317 -45.23 29.63 -57.70
CA VAL J 317 -45.96 28.41 -57.48
C VAL J 317 -45.08 27.50 -56.74
N GLN J 318 -45.59 26.79 -55.77
CA GLN J 318 -44.70 26.16 -54.83
C GLN J 318 -44.85 24.66 -54.95
N PRO J 319 -43.86 23.89 -54.52
CA PRO J 319 -43.87 22.43 -54.68
C PRO J 319 -44.85 21.55 -53.87
N THR J 320 -44.94 20.23 -54.10
CA THR J 320 -45.76 19.33 -53.30
C THR J 320 -45.04 18.03 -52.90
N GLU J 321 -44.28 17.44 -53.81
CA GLU J 321 -43.60 16.18 -53.55
C GLU J 321 -42.13 16.41 -53.20
N SER J 322 -41.47 15.32 -52.84
CA SER J 322 -40.05 15.30 -52.50
C SER J 322 -39.35 14.14 -53.22
N ILE J 323 -39.57 14.08 -54.54
CA ILE J 323 -39.10 12.96 -55.33
C ILE J 323 -37.59 12.85 -55.26
N VAL J 324 -37.09 11.66 -54.94
CA VAL J 324 -35.67 11.35 -54.96
C VAL J 324 -35.48 10.13 -55.84
N ARG J 325 -34.66 10.27 -56.88
CA ARG J 325 -34.49 9.23 -57.90
C ARG J 325 -33.02 8.83 -57.97
N PHE J 326 -32.70 7.66 -57.43
CA PHE J 326 -31.38 7.06 -57.48
C PHE J 326 -31.40 5.80 -58.33
N PRO J 327 -30.24 5.36 -58.85
CA PRO J 327 -30.22 4.17 -59.70
C PRO J 327 -30.54 2.89 -58.95
N ASN J 328 -30.55 1.78 -59.69
CA ASN J 328 -30.88 0.47 -59.16
C ASN J 328 -29.76 -0.06 -58.28
N ILE J 329 -30.08 -0.96 -57.35
CA ILE J 329 -29.05 -1.65 -56.58
C ILE J 329 -28.43 -2.75 -57.44
N THR J 330 -27.13 -2.97 -57.24
CA THR J 330 -26.42 -3.99 -58.00
C THR J 330 -25.13 -4.33 -57.28
N ASN J 331 -24.69 -5.59 -57.42
CA ASN J 331 -23.45 -6.09 -56.85
C ASN J 331 -23.44 -5.90 -55.33
N LEU J 332 -24.35 -6.61 -54.67
CA LEU J 332 -24.47 -6.54 -53.23
C LEU J 332 -23.20 -7.08 -52.57
N CYS J 333 -22.90 -6.56 -51.37
CA CYS J 333 -21.66 -6.89 -50.70
C CYS J 333 -21.72 -8.32 -50.15
N PRO J 334 -20.56 -8.96 -49.98
CA PRO J 334 -20.56 -10.34 -49.46
C PRO J 334 -20.90 -10.42 -47.97
N PHE J 335 -22.11 -10.01 -47.61
CA PHE J 335 -22.60 -10.15 -46.25
C PHE J 335 -23.44 -11.40 -46.05
N ASP J 336 -23.63 -12.19 -47.10
CA ASP J 336 -24.36 -13.45 -47.01
C ASP J 336 -23.43 -14.62 -46.70
N GLU J 337 -22.12 -14.44 -46.83
CA GLU J 337 -21.16 -15.48 -46.51
C GLU J 337 -20.35 -15.16 -45.25
N VAL J 338 -20.62 -14.03 -44.60
CA VAL J 338 -19.99 -13.71 -43.33
C VAL J 338 -20.98 -13.68 -42.17
N PHE J 339 -22.28 -13.53 -42.43
CA PHE J 339 -23.29 -13.64 -41.41
C PHE J 339 -24.09 -14.93 -41.49
N ASN J 340 -23.94 -15.68 -42.56
CA ASN J 340 -24.61 -16.95 -42.67
C ASN J 340 -23.65 -17.97 -43.10
N ALA J 341 -22.47 -17.93 -42.53
CA ALA J 341 -21.42 -18.91 -42.78
C ALA J 341 -21.74 -20.23 -42.08
N THR J 342 -20.86 -21.21 -42.24
CA THR J 342 -21.04 -22.53 -41.67
C THR J 342 -20.25 -22.73 -40.38
N ARG J 343 -18.95 -22.47 -40.40
CA ARG J 343 -18.09 -22.71 -39.26
C ARG J 343 -17.10 -21.57 -39.06
N PHE J 344 -16.83 -21.26 -37.80
CA PHE J 344 -15.77 -20.35 -37.40
C PHE J 344 -14.66 -21.18 -36.73
N ALA J 345 -13.61 -20.50 -36.29
CA ALA J 345 -12.45 -21.18 -35.72
C ALA J 345 -12.33 -20.97 -34.21
N SER J 346 -12.17 -19.73 -33.76
CA SER J 346 -11.96 -19.45 -32.34
C SER J 346 -12.03 -17.96 -32.03
N VAL J 347 -11.73 -17.60 -30.79
CA VAL J 347 -11.71 -16.20 -30.37
C VAL J 347 -10.31 -15.61 -30.42
N TYR J 348 -9.26 -16.43 -30.47
CA TYR J 348 -7.91 -15.93 -30.62
C TYR J 348 -7.48 -15.81 -32.08
N ALA J 349 -8.04 -16.62 -32.97
CA ALA J 349 -7.75 -16.57 -34.39
C ALA J 349 -9.05 -16.21 -35.10
N TRP J 350 -9.31 -14.92 -35.24
CA TRP J 350 -10.53 -14.42 -35.84
C TRP J 350 -10.25 -13.97 -37.27
N ASN J 351 -11.16 -14.31 -38.18
CA ASN J 351 -11.03 -13.90 -39.56
C ASN J 351 -11.34 -12.41 -39.70
N ARG J 352 -10.72 -11.78 -40.69
CA ARG J 352 -10.90 -10.36 -40.95
C ARG J 352 -11.15 -10.19 -42.44
N LYS J 353 -12.41 -9.99 -42.81
CA LYS J 353 -12.80 -9.84 -44.21
C LYS J 353 -12.75 -8.37 -44.61
N ARG J 354 -12.12 -8.08 -45.73
CA ARG J 354 -12.01 -6.72 -46.25
C ARG J 354 -13.03 -6.54 -47.37
N ILE J 355 -13.97 -5.63 -47.16
CA ILE J 355 -15.02 -5.33 -48.14
C ILE J 355 -14.52 -4.24 -49.07
N SER J 356 -15.03 -4.25 -50.31
CA SER J 356 -14.66 -3.30 -51.33
C SER J 356 -15.88 -2.46 -51.71
N ASN J 357 -15.73 -1.66 -52.76
CA ASN J 357 -16.81 -0.79 -53.22
C ASN J 357 -18.07 -1.60 -53.53
N CYS J 358 -19.16 -1.24 -52.86
CA CYS J 358 -20.43 -1.96 -52.95
C CYS J 358 -21.51 -1.08 -52.34
N VAL J 359 -22.70 -1.64 -52.17
CA VAL J 359 -23.83 -0.95 -51.55
C VAL J 359 -24.34 -1.85 -50.43
N ALA J 360 -23.98 -1.54 -49.20
CA ALA J 360 -24.31 -2.35 -48.04
C ALA J 360 -25.69 -1.95 -47.51
N ASP J 361 -26.60 -2.92 -47.44
CA ASP J 361 -27.94 -2.71 -46.90
C ASP J 361 -27.96 -3.23 -45.48
N TYR J 362 -27.86 -2.31 -44.51
CA TYR J 362 -27.85 -2.68 -43.10
C TYR J 362 -29.27 -2.90 -42.60
N SER J 363 -30.04 -3.74 -43.30
CA SER J 363 -31.38 -4.10 -42.88
C SER J 363 -31.62 -5.60 -42.82
N VAL J 364 -30.80 -6.42 -43.49
CA VAL J 364 -30.92 -7.87 -43.39
C VAL J 364 -30.26 -8.42 -42.13
N LEU J 365 -29.61 -7.56 -41.35
CA LEU J 365 -28.93 -8.02 -40.14
C LEU J 365 -29.92 -8.53 -39.10
N TYR J 366 -31.15 -8.02 -39.09
CA TYR J 366 -32.17 -8.44 -38.15
C TYR J 366 -33.21 -9.36 -38.78
N ASN J 367 -32.80 -10.19 -39.74
CA ASN J 367 -33.68 -11.16 -40.35
C ASN J 367 -33.39 -12.59 -39.92
N LEU J 368 -32.31 -12.81 -39.17
CA LEU J 368 -31.93 -14.16 -38.77
C LEU J 368 -32.78 -14.63 -37.59
N ALA J 369 -32.34 -15.72 -36.98
CA ALA J 369 -33.06 -16.30 -35.85
C ALA J 369 -33.17 -15.29 -34.70
N PRO J 370 -34.23 -15.37 -33.90
CA PRO J 370 -34.40 -14.42 -32.79
C PRO J 370 -33.32 -14.53 -31.73
N PHE J 371 -33.43 -13.70 -30.68
CA PHE J 371 -32.47 -13.65 -29.59
C PHE J 371 -31.06 -13.31 -30.12
N PHE J 372 -30.96 -12.11 -30.69
CA PHE J 372 -29.72 -11.59 -31.24
C PHE J 372 -29.56 -10.14 -30.81
N THR J 373 -28.35 -9.75 -30.44
CA THR J 373 -28.10 -8.39 -30.01
C THR J 373 -27.73 -7.51 -31.21
N PHE J 374 -27.94 -6.20 -31.04
CA PHE J 374 -27.61 -5.21 -32.06
C PHE J 374 -26.98 -3.98 -31.44
N LYS J 375 -26.25 -4.15 -30.34
CA LYS J 375 -25.66 -3.02 -29.63
C LYS J 375 -24.55 -2.40 -30.47
N CYS J 376 -24.66 -1.10 -30.72
CA CYS J 376 -23.67 -0.34 -31.47
C CYS J 376 -22.86 0.54 -30.54
N TYR J 377 -21.76 1.07 -31.06
CA TYR J 377 -20.87 1.94 -30.28
C TYR J 377 -20.50 3.14 -31.16
N GLY J 378 -21.07 4.31 -30.83
CA GLY J 378 -20.82 5.51 -31.57
C GLY J 378 -21.73 5.75 -32.75
N VAL J 379 -22.51 4.75 -33.16
CA VAL J 379 -23.44 4.86 -34.27
C VAL J 379 -24.79 4.33 -33.82
N SER J 380 -25.74 4.32 -34.76
CA SER J 380 -27.10 3.84 -34.50
C SER J 380 -27.62 3.17 -35.75
N PRO J 381 -28.45 2.13 -35.60
CA PRO J 381 -28.98 1.45 -36.79
C PRO J 381 -29.91 2.33 -37.62
N THR J 382 -30.60 3.28 -37.00
CA THR J 382 -31.47 4.17 -37.78
C THR J 382 -30.66 5.14 -38.62
N LYS J 383 -29.51 5.59 -38.11
CA LYS J 383 -28.61 6.47 -38.84
C LYS J 383 -27.43 5.73 -39.43
N LEU J 384 -27.52 4.40 -39.58
CA LEU J 384 -26.41 3.64 -40.15
C LEU J 384 -26.22 3.95 -41.63
N ASN J 385 -27.31 4.03 -42.37
CA ASN J 385 -27.26 4.30 -43.81
C ASN J 385 -27.29 5.80 -44.09
N ASP J 386 -26.49 6.56 -43.35
CA ASP J 386 -26.35 8.00 -43.54
C ASP J 386 -24.91 8.43 -43.71
N LEU J 387 -23.97 7.79 -43.02
CA LEU J 387 -22.56 8.12 -43.12
C LEU J 387 -21.88 7.24 -44.16
N CYS J 388 -20.79 7.76 -44.71
CA CYS J 388 -20.02 7.08 -45.75
C CYS J 388 -18.73 6.54 -45.15
N PHE J 389 -18.43 5.27 -45.43
CA PHE J 389 -17.25 4.61 -44.92
C PHE J 389 -16.45 4.01 -46.07
N THR J 390 -15.12 4.01 -45.94
CA THR J 390 -14.26 3.50 -47.00
C THR J 390 -14.16 1.98 -46.96
N ASN J 391 -13.71 1.43 -45.83
CA ASN J 391 -13.54 -0.01 -45.70
C ASN J 391 -14.16 -0.47 -44.39
N VAL J 392 -14.94 -1.55 -44.46
CA VAL J 392 -15.58 -2.15 -43.30
C VAL J 392 -15.00 -3.54 -43.11
N TYR J 393 -14.56 -3.84 -41.89
CA TYR J 393 -13.91 -5.10 -41.56
C TYR J 393 -14.82 -5.92 -40.65
N ALA J 394 -15.03 -7.18 -41.01
CA ALA J 394 -15.84 -8.10 -40.23
C ALA J 394 -14.93 -9.08 -39.51
N ASP J 395 -15.07 -9.18 -38.19
CA ASP J 395 -14.27 -10.06 -37.36
C ASP J 395 -15.18 -11.08 -36.71
N SER J 396 -15.09 -12.33 -37.14
CA SER J 396 -15.94 -13.41 -36.65
C SER J 396 -15.21 -14.22 -35.59
N PHE J 397 -15.93 -14.54 -34.52
CA PHE J 397 -15.37 -15.31 -33.41
C PHE J 397 -16.52 -15.88 -32.58
N VAL J 398 -16.26 -17.00 -31.92
CA VAL J 398 -17.29 -17.86 -31.37
C VAL J 398 -17.45 -17.66 -29.87
N ILE J 399 -17.09 -16.48 -29.37
CA ILE J 399 -17.24 -16.21 -27.94
C ILE J 399 -18.70 -16.41 -27.53
N ARG J 400 -18.89 -17.03 -26.37
CA ARG J 400 -20.22 -17.32 -25.84
C ARG J 400 -20.23 -17.04 -24.33
N GLY J 401 -21.42 -17.11 -23.75
CA GLY J 401 -21.57 -16.95 -22.33
C GLY J 401 -21.71 -15.51 -21.90
N ASP J 402 -21.49 -15.29 -20.61
CA ASP J 402 -21.61 -13.96 -20.03
C ASP J 402 -20.33 -13.16 -20.23
N GLU J 403 -19.86 -13.10 -21.48
CA GLU J 403 -18.69 -12.31 -21.83
C GLU J 403 -18.93 -11.40 -23.02
N VAL J 404 -20.13 -11.41 -23.60
CA VAL J 404 -20.45 -10.46 -24.67
C VAL J 404 -20.65 -9.06 -24.12
N ARG J 405 -21.03 -8.94 -22.85
CA ARG J 405 -21.23 -7.62 -22.26
C ARG J 405 -19.92 -6.86 -22.11
N GLN J 406 -18.81 -7.57 -21.94
CA GLN J 406 -17.50 -6.94 -21.80
C GLN J 406 -16.77 -6.82 -23.13
N ILE J 407 -17.44 -7.08 -24.24
CA ILE J 407 -16.87 -6.82 -25.58
C ILE J 407 -17.25 -5.38 -25.91
N ALA J 408 -16.45 -4.45 -25.42
CA ALA J 408 -16.73 -3.02 -25.56
C ALA J 408 -15.46 -2.25 -25.24
N PRO J 409 -15.34 -1.03 -25.75
CA PRO J 409 -14.17 -0.21 -25.43
C PRO J 409 -14.07 0.07 -23.94
N GLY J 410 -12.91 -0.21 -23.37
CA GLY J 410 -12.67 0.04 -21.95
C GLY J 410 -13.40 -0.89 -21.01
N GLN J 411 -13.55 -2.16 -21.39
CA GLN J 411 -14.20 -3.15 -20.54
C GLN J 411 -13.41 -4.44 -20.63
N THR J 412 -12.65 -4.75 -19.58
CA THR J 412 -11.82 -5.95 -19.55
C THR J 412 -12.66 -7.16 -19.12
N GLY J 413 -12.03 -8.32 -19.10
CA GLY J 413 -12.73 -9.53 -18.72
C GLY J 413 -11.82 -10.74 -18.76
N ASN J 414 -12.40 -11.89 -19.09
CA ASN J 414 -11.65 -13.13 -19.20
C ASN J 414 -11.47 -13.63 -20.63
N ILE J 415 -12.23 -13.12 -21.59
CA ILE J 415 -12.06 -13.48 -22.99
C ILE J 415 -11.57 -12.30 -23.84
N ALA J 416 -11.94 -11.07 -23.50
CA ALA J 416 -11.48 -9.89 -24.23
C ALA J 416 -10.21 -9.31 -23.60
N ASP J 417 -9.47 -10.14 -22.87
CA ASP J 417 -8.22 -9.73 -22.25
C ASP J 417 -6.99 -10.27 -22.95
N TYR J 418 -7.08 -11.45 -23.58
CA TYR J 418 -5.94 -11.99 -24.32
C TYR J 418 -6.38 -12.61 -25.64
N ASN J 419 -7.54 -12.26 -26.15
CA ASN J 419 -8.01 -12.74 -27.45
C ASN J 419 -8.45 -11.63 -28.38
N TYR J 420 -9.05 -10.56 -27.85
CA TYR J 420 -9.53 -9.46 -28.67
C TYR J 420 -9.63 -8.21 -27.80
N LYS J 421 -9.01 -7.12 -28.26
CA LYS J 421 -8.98 -5.86 -27.52
C LYS J 421 -9.45 -4.76 -28.45
N LEU J 422 -10.38 -3.92 -27.97
CA LEU J 422 -10.91 -2.82 -28.76
C LEU J 422 -10.58 -1.49 -28.11
N PRO J 423 -9.96 -0.55 -28.83
CA PRO J 423 -9.66 0.77 -28.24
C PRO J 423 -10.92 1.60 -28.02
N ASP J 424 -10.76 2.80 -27.49
CA ASP J 424 -11.90 3.68 -27.26
C ASP J 424 -12.20 4.54 -28.48
N ASP J 425 -12.28 3.88 -29.64
CA ASP J 425 -12.66 4.54 -30.88
C ASP J 425 -13.50 3.63 -31.78
N PHE J 426 -14.07 2.56 -31.23
CA PHE J 426 -14.79 1.60 -32.04
C PHE J 426 -16.11 2.19 -32.55
N THR J 427 -16.37 1.99 -33.84
CA THR J 427 -17.60 2.47 -34.48
C THR J 427 -18.19 1.29 -35.26
N GLY J 428 -19.13 0.59 -34.64
CA GLY J 428 -19.76 -0.54 -35.29
C GLY J 428 -20.78 -1.17 -34.38
N CYS J 429 -21.46 -2.18 -34.92
CA CYS J 429 -22.50 -2.91 -34.21
C CYS J 429 -22.14 -4.39 -34.18
N VAL J 430 -22.26 -5.00 -33.01
CA VAL J 430 -21.91 -6.40 -32.82
C VAL J 430 -23.18 -7.24 -32.86
N ILE J 431 -23.14 -8.34 -33.59
CA ILE J 431 -24.25 -9.28 -33.69
C ILE J 431 -23.80 -10.62 -33.11
N ALA J 432 -24.60 -11.18 -32.21
CA ALA J 432 -24.24 -12.36 -31.45
C ALA J 432 -25.37 -13.38 -31.46
N TRP J 433 -25.91 -13.69 -32.64
CA TRP J 433 -26.97 -14.66 -32.73
C TRP J 433 -26.46 -16.04 -32.34
N ASN J 434 -27.35 -16.85 -31.75
CA ASN J 434 -26.99 -18.15 -31.21
C ASN J 434 -27.37 -19.25 -32.22
N SER J 435 -26.38 -20.05 -32.61
CA SER J 435 -26.61 -21.16 -33.54
C SER J 435 -26.37 -22.47 -32.79
N ASN J 436 -27.43 -22.97 -32.16
CA ASN J 436 -27.39 -24.22 -31.41
C ASN J 436 -28.00 -25.37 -32.21
N LYS J 437 -27.88 -25.34 -33.53
CA LYS J 437 -28.42 -26.37 -34.39
C LYS J 437 -27.42 -26.98 -35.35
N LEU J 438 -26.41 -26.23 -35.81
CA LEU J 438 -25.40 -26.75 -36.71
C LEU J 438 -23.98 -26.67 -36.16
N ASP J 439 -23.77 -26.11 -34.97
CA ASP J 439 -22.46 -26.02 -34.36
C ASP J 439 -22.27 -27.02 -33.22
N SER J 440 -23.19 -27.04 -32.26
CA SER J 440 -23.10 -27.96 -31.12
C SER J 440 -23.44 -29.37 -31.58
N LYS J 441 -22.42 -30.21 -31.73
CA LYS J 441 -22.60 -31.59 -32.15
C LYS J 441 -21.68 -32.49 -31.35
N VAL J 442 -22.05 -33.77 -31.27
CA VAL J 442 -21.23 -34.75 -30.56
C VAL J 442 -20.08 -35.30 -31.41
N SER J 443 -19.91 -34.80 -32.63
CA SER J 443 -18.82 -35.27 -33.48
C SER J 443 -17.47 -34.81 -32.94
N GLY J 444 -17.41 -33.58 -32.44
CA GLY J 444 -16.17 -33.06 -31.89
C GLY J 444 -16.40 -31.89 -30.95
N ASN J 445 -15.80 -31.94 -29.76
CA ASN J 445 -15.96 -30.90 -28.76
C ASN J 445 -14.83 -29.87 -28.81
N TYR J 446 -13.68 -30.22 -29.39
CA TYR J 446 -12.54 -29.31 -29.49
C TYR J 446 -12.43 -28.69 -30.88
N ASN J 447 -13.53 -28.62 -31.62
CA ASN J 447 -13.52 -27.95 -32.91
C ASN J 447 -13.19 -26.48 -32.76
N TYR J 448 -13.74 -25.83 -31.74
CA TYR J 448 -13.39 -24.45 -31.42
C TYR J 448 -12.31 -24.43 -30.35
N LEU J 449 -11.61 -23.29 -30.26
CA LEU J 449 -10.50 -23.12 -29.34
C LEU J 449 -10.77 -21.91 -28.45
N TYR J 450 -9.87 -21.70 -27.50
CA TYR J 450 -9.95 -20.57 -26.57
C TYR J 450 -8.61 -20.45 -25.85
N ARG J 451 -8.12 -19.22 -25.73
CA ARG J 451 -6.82 -18.95 -25.14
C ARG J 451 -6.98 -18.48 -23.71
N LEU J 452 -5.87 -18.12 -23.09
CA LEU J 452 -5.84 -17.74 -21.67
C LEU J 452 -4.79 -16.65 -21.49
N PHE J 453 -4.39 -16.41 -20.25
CA PHE J 453 -3.44 -15.35 -19.94
C PHE J 453 -2.12 -15.57 -20.68
N ARG J 454 -1.49 -14.47 -21.06
CA ARG J 454 -0.22 -14.47 -21.78
C ARG J 454 0.79 -13.65 -20.97
N LYS J 455 2.02 -13.60 -21.49
CA LYS J 455 3.07 -12.83 -20.83
C LYS J 455 2.75 -11.34 -20.84
N SER J 456 1.92 -10.89 -21.78
CA SER J 456 1.53 -9.49 -21.86
C SER J 456 0.15 -9.40 -22.50
N ASN J 457 -0.48 -8.25 -22.33
CA ASN J 457 -1.80 -8.03 -22.90
C ASN J 457 -1.71 -7.87 -24.41
N LEU J 458 -2.74 -8.35 -25.11
CA LEU J 458 -2.76 -8.27 -26.57
C LEU J 458 -2.93 -6.82 -27.03
N LYS J 459 -2.22 -6.48 -28.10
CA LYS J 459 -2.41 -5.17 -28.71
C LYS J 459 -3.77 -5.12 -29.41
N PRO J 460 -4.53 -4.04 -29.24
CA PRO J 460 -5.85 -3.94 -29.88
C PRO J 460 -5.79 -4.23 -31.38
N PHE J 461 -6.77 -5.01 -31.85
CA PHE J 461 -6.91 -5.35 -33.27
C PHE J 461 -5.66 -6.05 -33.81
N GLU J 462 -5.12 -6.98 -33.04
CA GLU J 462 -3.99 -7.79 -33.45
C GLU J 462 -4.23 -9.25 -33.09
N ARG J 463 -3.85 -10.15 -33.99
CA ARG J 463 -4.03 -11.58 -33.80
C ARG J 463 -2.74 -12.19 -33.26
N ASP J 464 -2.88 -13.15 -32.36
CA ASP J 464 -1.76 -13.72 -31.62
C ASP J 464 -1.63 -15.21 -31.88
N ILE J 465 -1.69 -15.60 -33.16
CA ILE J 465 -1.50 -17.00 -33.52
C ILE J 465 -0.13 -17.45 -33.03
N SER J 466 -0.15 -18.39 -32.10
CA SER J 466 1.09 -18.87 -31.53
C SER J 466 1.10 -20.37 -31.44
N THR J 467 2.28 -20.95 -31.28
CA THR J 467 2.41 -22.40 -31.14
C THR J 467 3.19 -22.63 -29.88
N GLU J 468 4.08 -21.70 -29.56
CA GLU J 468 4.93 -21.83 -28.40
C GLU J 468 4.14 -22.20 -27.17
N ILE J 469 4.58 -23.23 -26.45
CA ILE J 469 3.90 -23.54 -25.21
C ILE J 469 4.18 -22.44 -24.21
N TYR J 470 3.25 -22.27 -23.26
CA TYR J 470 3.35 -21.21 -22.27
C TYR J 470 4.53 -21.43 -21.33
N GLN J 471 5.03 -20.35 -20.75
CA GLN J 471 6.15 -20.37 -19.84
C GLN J 471 5.78 -19.65 -18.55
N ALA J 472 6.02 -20.31 -17.42
CA ALA J 472 5.70 -19.75 -16.12
C ALA J 472 6.64 -18.64 -15.70
N GLY J 473 7.78 -18.48 -16.38
CA GLY J 473 8.71 -17.41 -16.07
C GLY J 473 10.11 -17.87 -15.76
N ASN J 474 10.23 -18.96 -15.00
CA ASN J 474 11.55 -19.54 -14.68
C ASN J 474 11.38 -21.05 -14.57
N LYS J 475 11.59 -21.74 -15.69
CA LYS J 475 11.61 -23.20 -15.78
C LYS J 475 11.95 -23.63 -17.19
N PRO J 476 12.53 -24.81 -17.38
CA PRO J 476 12.73 -25.32 -18.74
C PRO J 476 11.51 -26.07 -19.25
N CYS J 477 10.97 -25.60 -20.38
CA CYS J 477 9.81 -26.21 -21.02
C CYS J 477 10.22 -27.37 -21.92
N ASN J 478 11.11 -27.11 -22.89
CA ASN J 478 11.61 -28.14 -23.81
C ASN J 478 10.49 -28.80 -24.62
N GLY J 479 9.36 -28.09 -24.76
CA GLY J 479 8.28 -28.59 -25.58
C GLY J 479 7.55 -29.80 -25.01
N VAL J 480 7.56 -29.96 -23.69
CA VAL J 480 6.86 -31.06 -23.04
C VAL J 480 5.71 -30.50 -22.22
N ALA J 481 4.84 -31.40 -21.77
CA ALA J 481 3.66 -31.05 -20.97
C ALA J 481 3.94 -31.47 -19.53
N GLY J 482 4.56 -30.57 -18.77
CA GLY J 482 4.87 -30.85 -17.38
C GLY J 482 4.33 -29.80 -16.44
N PHE J 483 4.90 -29.72 -15.24
CA PHE J 483 4.44 -28.73 -14.26
C PHE J 483 4.90 -27.33 -14.68
N ASN J 484 4.00 -26.36 -14.54
CA ASN J 484 4.24 -24.96 -14.87
C ASN J 484 4.58 -24.74 -16.34
N CYS J 485 4.38 -25.74 -17.19
CA CYS J 485 4.58 -25.62 -18.64
C CYS J 485 3.45 -26.39 -19.32
N TYR J 486 2.38 -25.68 -19.67
CA TYR J 486 1.21 -26.30 -20.25
C TYR J 486 0.64 -25.42 -21.36
N PHE J 487 -0.11 -26.05 -22.24
CA PHE J 487 -0.74 -25.39 -23.39
C PHE J 487 -1.78 -24.38 -22.91
N PRO J 488 -1.59 -23.09 -23.14
CA PRO J 488 -2.59 -22.10 -22.69
C PRO J 488 -3.86 -22.09 -23.52
N LEU J 489 -3.96 -22.91 -24.57
CA LEU J 489 -5.17 -22.96 -25.41
C LEU J 489 -6.18 -23.93 -24.78
N ARG J 490 -6.73 -23.50 -23.65
CA ARG J 490 -7.74 -24.28 -22.94
C ARG J 490 -9.08 -24.10 -23.62
N SER J 491 -9.61 -25.17 -24.20
CA SER J 491 -10.86 -25.13 -24.93
C SER J 491 -12.00 -25.63 -24.05
N TYR J 492 -13.22 -25.58 -24.60
CA TYR J 492 -14.41 -26.07 -23.92
C TYR J 492 -15.23 -26.90 -24.88
N SER J 493 -16.13 -27.70 -24.32
CA SER J 493 -16.95 -28.62 -25.09
C SER J 493 -18.23 -27.94 -25.56
N PHE J 494 -18.88 -28.58 -26.54
CA PHE J 494 -20.16 -28.09 -27.09
C PHE J 494 -21.09 -29.28 -27.25
N ARG J 495 -21.87 -29.55 -26.20
CA ARG J 495 -22.87 -30.61 -26.18
C ARG J 495 -24.27 -30.00 -26.31
N PRO J 496 -25.15 -30.59 -27.13
CA PRO J 496 -26.48 -30.00 -27.30
C PRO J 496 -27.41 -30.25 -26.12
N THR J 497 -26.89 -30.08 -24.91
CA THR J 497 -27.69 -30.17 -23.69
C THR J 497 -27.34 -29.10 -22.67
N TYR J 498 -26.41 -28.19 -22.99
CA TYR J 498 -25.99 -27.18 -22.04
C TYR J 498 -27.10 -26.17 -21.80
N GLY J 499 -26.87 -25.30 -20.82
CA GLY J 499 -27.80 -24.22 -20.55
C GLY J 499 -27.72 -23.12 -21.60
N VAL J 500 -28.55 -22.10 -21.40
CA VAL J 500 -28.59 -20.99 -22.34
C VAL J 500 -27.27 -20.23 -22.35
N GLY J 501 -26.60 -20.14 -21.20
CA GLY J 501 -25.36 -19.42 -21.07
C GLY J 501 -24.12 -20.12 -21.56
N HIS J 502 -24.26 -21.27 -22.24
CA HIS J 502 -23.11 -21.99 -22.75
C HIS J 502 -23.30 -22.49 -24.17
N GLN J 503 -24.36 -22.07 -24.87
CA GLN J 503 -24.59 -22.50 -26.23
C GLN J 503 -23.68 -21.74 -27.19
N PRO J 504 -23.43 -22.29 -28.39
CA PRO J 504 -22.58 -21.59 -29.36
C PRO J 504 -23.21 -20.28 -29.81
N TYR J 505 -22.46 -19.20 -29.63
CA TYR J 505 -22.88 -17.86 -30.06
C TYR J 505 -21.97 -17.39 -31.18
N ARG J 506 -22.54 -17.22 -32.37
CA ARG J 506 -21.80 -16.67 -33.51
C ARG J 506 -21.73 -15.16 -33.36
N VAL J 507 -20.54 -14.65 -33.06
CA VAL J 507 -20.33 -13.22 -32.81
C VAL J 507 -19.46 -12.65 -33.91
N VAL J 508 -19.88 -11.53 -34.49
CA VAL J 508 -19.15 -10.84 -35.54
C VAL J 508 -19.28 -9.33 -35.33
N VAL J 509 -18.15 -8.64 -35.29
CA VAL J 509 -18.13 -7.20 -35.10
C VAL J 509 -17.74 -6.54 -36.41
N LEU J 510 -18.18 -5.30 -36.59
CA LEU J 510 -17.92 -4.52 -37.80
C LEU J 510 -17.17 -3.26 -37.43
N SER J 511 -16.07 -3.00 -38.14
CA SER J 511 -15.26 -1.81 -37.95
C SER J 511 -15.53 -0.83 -39.10
N PHE J 512 -15.68 0.45 -38.77
CA PHE J 512 -15.98 1.49 -39.73
C PHE J 512 -14.82 2.48 -39.76
N GLU J 513 -14.01 2.43 -40.81
CA GLU J 513 -12.89 3.34 -40.98
C GLU J 513 -13.26 4.50 -41.89
N LEU J 514 -12.49 5.57 -41.80
CA LEU J 514 -12.73 6.77 -42.61
C LEU J 514 -11.37 7.40 -42.89
N LEU J 515 -10.82 7.09 -44.07
CA LEU J 515 -9.53 7.61 -44.52
C LEU J 515 -9.71 8.39 -45.82
N HIS J 516 -8.60 8.84 -46.37
CA HIS J 516 -8.60 9.58 -47.63
C HIS J 516 -8.83 8.60 -48.76
N ALA J 517 -10.10 8.39 -49.09
CA ALA J 517 -10.51 7.43 -50.10
C ALA J 517 -11.67 8.01 -50.89
N PRO J 518 -11.89 7.54 -52.12
CA PRO J 518 -13.02 8.03 -52.92
C PRO J 518 -14.37 7.62 -52.34
N ALA J 519 -15.45 7.93 -53.05
CA ALA J 519 -16.79 7.66 -52.55
C ALA J 519 -17.08 6.16 -52.54
N THR J 520 -16.84 5.52 -51.41
CA THR J 520 -17.02 4.08 -51.24
C THR J 520 -18.44 3.82 -50.74
N VAL J 521 -18.68 2.60 -50.24
CA VAL J 521 -20.00 2.16 -49.77
C VAL J 521 -20.65 3.19 -48.87
N CYS J 522 -21.86 3.63 -49.25
CA CYS J 522 -22.59 4.61 -48.44
C CYS J 522 -24.08 4.46 -48.76
N GLY J 523 -24.80 3.76 -47.89
CA GLY J 523 -26.23 3.60 -48.02
C GLY J 523 -26.61 2.64 -49.14
N PRO J 524 -27.69 1.89 -48.94
CA PRO J 524 -28.14 0.98 -50.00
C PRO J 524 -28.63 1.72 -51.24
N LYS J 525 -29.65 2.56 -51.07
CA LYS J 525 -30.25 3.36 -52.14
C LYS J 525 -31.37 4.24 -51.58
N LYS J 526 -31.96 5.08 -52.42
CA LYS J 526 -33.10 5.90 -52.01
C LYS J 526 -33.91 6.25 -53.24
N SER J 527 -35.10 5.66 -53.36
CA SER J 527 -36.01 5.92 -54.45
C SER J 527 -37.37 6.35 -53.90
N THR J 528 -38.13 7.10 -54.71
CA THR J 528 -39.40 7.63 -54.25
C THR J 528 -40.51 7.53 -55.30
N ASN J 529 -40.35 6.66 -56.30
CA ASN J 529 -41.39 6.42 -57.31
C ASN J 529 -41.77 7.72 -58.04
N LEU J 530 -40.79 8.21 -58.80
CA LEU J 530 -40.91 9.49 -59.50
C LEU J 530 -42.20 9.56 -60.32
N VAL J 531 -42.96 10.64 -60.14
CA VAL J 531 -44.17 10.91 -60.89
C VAL J 531 -43.97 12.23 -61.64
N LYS J 532 -44.43 12.27 -62.88
CA LYS J 532 -44.25 13.43 -63.76
C LYS J 532 -45.62 13.97 -64.13
N ASN J 533 -46.19 14.83 -63.28
CA ASN J 533 -47.44 15.49 -63.61
C ASN J 533 -47.49 16.96 -63.22
N LYS J 534 -46.61 17.45 -62.35
CA LYS J 534 -46.68 18.82 -61.87
C LYS J 534 -45.27 19.31 -61.53
N CYS J 535 -45.21 20.50 -60.94
CA CYS J 535 -43.96 21.06 -60.46
C CYS J 535 -43.68 20.54 -59.06
N VAL J 536 -42.66 19.69 -58.93
CA VAL J 536 -42.29 19.07 -57.67
C VAL J 536 -40.77 19.07 -57.54
N ASN J 537 -40.30 18.81 -56.32
CA ASN J 537 -38.87 18.70 -56.08
C ASN J 537 -38.32 17.43 -56.73
N PHE J 538 -37.01 17.41 -56.95
CA PHE J 538 -36.33 16.27 -57.55
C PHE J 538 -34.93 16.16 -56.98
N ASN J 539 -34.43 14.92 -56.93
CA ASN J 539 -33.07 14.63 -56.46
C ASN J 539 -32.47 13.59 -57.41
N PHE J 540 -31.80 14.06 -58.46
CA PHE J 540 -31.19 13.19 -59.46
C PHE J 540 -29.72 13.03 -59.15
N ASN J 541 -29.43 12.22 -58.12
CA ASN J 541 -28.06 11.85 -57.74
C ASN J 541 -27.21 13.08 -57.42
N GLY J 542 -27.78 14.01 -56.65
CA GLY J 542 -27.02 15.17 -56.20
C GLY J 542 -27.70 16.49 -56.46
N LEU J 543 -28.37 16.61 -57.61
CA LEU J 543 -29.07 17.85 -57.95
C LEU J 543 -30.36 17.95 -57.16
N LYS J 544 -30.51 19.03 -56.39
CA LYS J 544 -31.66 19.18 -55.51
C LYS J 544 -32.41 20.48 -55.79
N GLY J 545 -32.66 20.76 -57.06
CA GLY J 545 -33.40 21.95 -57.46
C GLY J 545 -34.89 21.68 -57.59
N THR J 546 -35.58 22.70 -58.12
CA THR J 546 -37.01 22.62 -58.35
C THR J 546 -37.29 22.82 -59.84
N GLY J 547 -38.44 22.32 -60.28
CA GLY J 547 -38.81 22.45 -61.67
C GLY J 547 -39.95 21.53 -62.02
N VAL J 548 -40.31 21.54 -63.30
CA VAL J 548 -41.39 20.74 -63.85
C VAL J 548 -40.77 19.72 -64.80
N LEU J 549 -40.95 18.44 -64.51
CA LEU J 549 -40.47 17.38 -65.38
C LEU J 549 -41.33 17.32 -66.64
N THR J 550 -40.68 17.33 -67.81
CA THR J 550 -41.39 17.33 -69.08
C THR J 550 -40.95 16.24 -70.04
N GLU J 551 -39.77 15.63 -69.86
CA GLU J 551 -39.27 14.57 -70.72
C GLU J 551 -39.17 15.05 -72.17
N SER J 552 -38.27 16.02 -72.37
CA SER J 552 -38.07 16.60 -73.68
C SER J 552 -37.47 15.57 -74.65
N ASN J 553 -37.33 15.98 -75.90
CA ASN J 553 -36.87 15.09 -76.98
C ASN J 553 -35.40 15.36 -77.33
N LYS J 554 -34.59 15.68 -76.34
CA LYS J 554 -33.16 15.87 -76.58
C LYS J 554 -32.47 14.52 -76.77
N LYS J 555 -31.30 14.56 -77.39
CA LYS J 555 -30.50 13.37 -77.69
C LYS J 555 -29.14 13.52 -77.02
N PHE J 556 -29.02 13.04 -75.79
CA PHE J 556 -27.78 13.13 -75.04
C PHE J 556 -26.82 12.02 -75.47
N LEU J 557 -25.67 12.01 -74.82
CA LEU J 557 -24.64 10.99 -75.00
C LEU J 557 -24.66 10.01 -73.83
N PRO J 558 -24.16 8.79 -74.03
CA PRO J 558 -24.26 7.79 -72.95
C PRO J 558 -23.54 8.19 -71.67
N PHE J 559 -22.33 8.75 -71.78
CA PHE J 559 -21.59 9.14 -70.58
C PHE J 559 -22.19 10.38 -69.93
N GLN J 560 -22.90 11.20 -70.70
CA GLN J 560 -23.48 12.42 -70.15
C GLN J 560 -24.71 12.09 -69.30
N GLN J 561 -24.84 12.79 -68.18
CA GLN J 561 -25.96 12.61 -67.27
C GLN J 561 -26.75 13.88 -67.02
N PHE J 562 -26.10 15.03 -66.99
CA PHE J 562 -26.75 16.31 -66.78
C PHE J 562 -26.70 17.14 -68.05
N GLY J 563 -27.64 18.07 -68.18
CA GLY J 563 -27.67 18.98 -69.31
C GLY J 563 -27.79 20.42 -68.88
N ARG J 564 -26.95 21.30 -69.43
CA ARG J 564 -26.96 22.71 -69.07
C ARG J 564 -26.84 23.56 -70.33
N ASP J 565 -27.76 24.51 -70.48
CA ASP J 565 -27.64 25.54 -71.49
C ASP J 565 -26.69 26.63 -70.97
N ILE J 566 -26.67 27.79 -71.63
CA ILE J 566 -25.80 28.89 -71.18
C ILE J 566 -26.61 29.68 -70.16
N ALA J 567 -26.67 29.13 -68.94
CA ALA J 567 -27.26 29.84 -67.82
C ALA J 567 -26.58 29.54 -66.49
N ASP J 568 -25.51 28.74 -66.47
CA ASP J 568 -24.88 28.27 -65.23
C ASP J 568 -25.90 27.58 -64.32
N THR J 569 -26.84 26.86 -64.94
CA THR J 569 -27.90 26.18 -64.20
C THR J 569 -28.39 25.00 -65.02
N THR J 570 -28.59 23.86 -64.36
CA THR J 570 -29.03 22.65 -65.04
C THR J 570 -30.47 22.79 -65.51
N ASP J 571 -30.71 22.42 -66.78
CA ASP J 571 -32.05 22.46 -67.34
C ASP J 571 -32.51 21.13 -67.92
N ALA J 572 -31.69 20.08 -67.83
CA ALA J 572 -32.07 18.77 -68.33
C ALA J 572 -31.25 17.72 -67.61
N VAL J 573 -31.91 16.65 -67.17
CA VAL J 573 -31.26 15.56 -66.43
C VAL J 573 -31.67 14.23 -67.04
N ARG J 574 -30.84 13.22 -66.80
CA ARG J 574 -31.10 11.86 -67.22
C ARG J 574 -31.51 11.03 -66.01
N ASP J 575 -32.62 10.31 -66.15
CA ASP J 575 -33.10 9.47 -65.06
C ASP J 575 -32.11 8.34 -64.80
N PRO J 576 -31.67 8.13 -63.56
CA PRO J 576 -30.67 7.07 -63.32
C PRO J 576 -31.20 5.67 -63.60
N GLN J 577 -32.47 5.40 -63.29
CA GLN J 577 -33.01 4.06 -63.48
C GLN J 577 -33.30 3.78 -64.95
N THR J 578 -34.19 4.56 -65.55
CA THR J 578 -34.54 4.41 -66.96
C THR J 578 -33.77 5.42 -67.79
N LEU J 579 -33.22 4.97 -68.91
CA LEU J 579 -32.40 5.82 -69.78
C LEU J 579 -33.32 6.78 -70.56
N GLU J 580 -33.83 7.76 -69.83
CA GLU J 580 -34.70 8.78 -70.39
C GLU J 580 -34.02 10.14 -70.32
N ILE J 581 -34.49 11.07 -71.15
CA ILE J 581 -33.95 12.42 -71.24
C ILE J 581 -35.05 13.36 -70.77
N LEU J 582 -34.91 13.88 -69.55
CA LEU J 582 -35.88 14.78 -68.95
C LEU J 582 -35.45 16.23 -69.14
N ASP J 583 -36.37 17.14 -68.84
CA ASP J 583 -36.13 18.57 -68.92
C ASP J 583 -36.84 19.26 -67.77
N ILE J 584 -36.08 19.91 -66.90
CA ILE J 584 -36.63 20.55 -65.70
C ILE J 584 -36.85 22.02 -66.04
N THR J 585 -38.03 22.33 -66.55
CA THR J 585 -38.38 23.73 -66.67
C THR J 585 -38.81 24.28 -65.31
N PRO J 586 -38.36 25.48 -64.95
CA PRO J 586 -38.63 25.99 -63.60
C PRO J 586 -40.12 26.13 -63.33
N CYS J 587 -40.47 26.15 -62.04
CA CYS J 587 -41.85 26.26 -61.61
C CYS J 587 -42.43 27.60 -62.05
N SER J 588 -43.76 27.71 -61.95
CA SER J 588 -44.47 28.91 -62.39
C SER J 588 -44.14 30.06 -61.44
N PHE J 589 -43.55 31.12 -62.00
CA PHE J 589 -43.21 32.32 -61.24
C PHE J 589 -43.53 33.55 -62.08
N GLY J 590 -43.34 34.73 -61.49
CA GLY J 590 -43.59 35.96 -62.21
C GLY J 590 -43.67 37.15 -61.27
N GLY J 591 -44.48 38.13 -61.68
CA GLY J 591 -44.65 39.33 -60.89
C GLY J 591 -46.10 39.77 -60.79
N VAL J 592 -46.50 40.24 -59.61
CA VAL J 592 -47.88 40.64 -59.35
C VAL J 592 -47.99 42.15 -59.50
N SER J 593 -48.89 42.59 -60.38
CA SER J 593 -49.19 44.00 -60.57
C SER J 593 -50.63 44.28 -60.16
N VAL J 594 -50.86 45.49 -59.64
CA VAL J 594 -52.16 45.88 -59.11
C VAL J 594 -52.61 47.14 -59.84
N ILE J 595 -53.68 47.02 -60.62
CA ILE J 595 -54.29 48.16 -61.28
C ILE J 595 -55.37 48.71 -60.36
N THR J 596 -55.25 49.98 -59.99
CA THR J 596 -56.21 50.59 -59.06
C THR J 596 -56.54 52.02 -59.47
N PRO J 597 -57.82 52.35 -59.64
CA PRO J 597 -58.18 53.74 -59.96
C PRO J 597 -57.91 54.72 -58.83
N GLY J 598 -57.58 54.24 -57.63
CA GLY J 598 -57.31 55.11 -56.51
C GLY J 598 -58.36 54.98 -55.42
N THR J 599 -57.95 55.13 -54.17
CA THR J 599 -58.88 55.04 -53.04
C THR J 599 -59.60 56.37 -52.81
N ASN J 600 -60.23 56.86 -53.88
CA ASN J 600 -61.03 58.08 -53.82
C ASN J 600 -62.33 58.00 -54.60
N THR J 601 -62.49 57.06 -55.53
CA THR J 601 -63.73 56.92 -56.28
C THR J 601 -64.26 55.50 -56.17
N SER J 602 -63.36 54.53 -55.98
CA SER J 602 -63.76 53.14 -55.85
C SER J 602 -62.65 52.38 -55.13
N ASN J 603 -62.95 51.12 -54.80
CA ASN J 603 -61.98 50.25 -54.14
C ASN J 603 -61.75 48.96 -54.91
N GLN J 604 -62.18 48.87 -56.15
CA GLN J 604 -61.98 47.68 -56.98
C GLN J 604 -60.59 47.70 -57.59
N VAL J 605 -59.99 46.53 -57.72
CA VAL J 605 -58.65 46.37 -58.27
C VAL J 605 -58.71 45.37 -59.42
N ALA J 606 -57.56 45.17 -60.06
CA ALA J 606 -57.45 44.23 -61.17
C ALA J 606 -56.02 43.67 -61.16
N VAL J 607 -55.88 42.43 -60.70
CA VAL J 607 -54.56 41.81 -60.61
C VAL J 607 -54.00 41.58 -62.00
N LEU J 608 -52.69 41.76 -62.14
CA LEU J 608 -51.99 41.60 -63.41
C LEU J 608 -50.72 40.79 -63.17
N TYR J 609 -50.77 39.50 -63.50
CA TYR J 609 -49.58 38.66 -63.42
C TYR J 609 -48.73 38.83 -64.67
N GLN J 610 -47.42 38.67 -64.50
CA GLN J 610 -46.46 38.84 -65.58
C GLN J 610 -45.75 37.53 -65.84
N GLY J 611 -45.89 37.01 -67.06
CA GLY J 611 -45.24 35.77 -67.43
C GLY J 611 -46.08 34.52 -67.22
N VAL J 612 -47.40 34.65 -67.14
CA VAL J 612 -48.29 33.53 -66.94
C VAL J 612 -49.29 33.49 -68.09
N ASN J 613 -49.57 32.27 -68.58
CA ASN J 613 -50.51 32.07 -69.68
C ASN J 613 -51.94 31.88 -69.18
N CYS J 614 -52.28 32.43 -68.01
CA CYS J 614 -53.59 32.30 -67.39
C CYS J 614 -53.95 30.85 -67.08
N THR J 615 -52.95 29.95 -67.08
CA THR J 615 -53.17 28.55 -66.75
C THR J 615 -52.22 28.06 -65.67
N GLU J 616 -51.45 28.96 -65.04
CA GLU J 616 -50.49 28.59 -64.01
C GLU J 616 -50.70 29.39 -62.73
N VAL J 617 -51.83 30.07 -62.60
CA VAL J 617 -52.11 30.88 -61.42
C VAL J 617 -52.58 29.98 -60.27
N ASN J 638 -63.32 38.57 -64.90
CA ASN J 638 -62.86 38.11 -66.20
C ASN J 638 -61.35 37.87 -66.18
N VAL J 639 -60.91 36.87 -66.93
CA VAL J 639 -59.50 36.50 -67.02
C VAL J 639 -59.11 36.57 -68.49
N PHE J 640 -58.43 37.65 -68.87
CA PHE J 640 -58.00 37.86 -70.24
C PHE J 640 -56.49 37.63 -70.37
N GLN J 641 -56.05 37.35 -71.59
CA GLN J 641 -54.66 37.05 -71.90
C GLN J 641 -54.13 38.11 -72.86
N THR J 642 -53.30 39.01 -72.34
CA THR J 642 -52.61 40.00 -73.15
C THR J 642 -51.16 39.58 -73.34
N ARG J 643 -50.43 40.37 -74.13
CA ARG J 643 -49.01 40.09 -74.33
C ARG J 643 -48.19 40.75 -73.23
N ALA J 644 -48.60 40.54 -71.97
CA ALA J 644 -47.85 41.00 -70.82
C ALA J 644 -47.93 40.04 -69.65
N GLY J 645 -48.57 38.89 -69.79
CA GLY J 645 -48.80 37.98 -68.70
C GLY J 645 -50.24 37.52 -68.65
N CYS J 646 -50.88 37.66 -67.49
CA CYS J 646 -52.29 37.30 -67.32
C CYS J 646 -52.99 38.38 -66.52
N LEU J 647 -54.03 38.97 -67.10
CA LEU J 647 -54.81 40.02 -66.46
C LEU J 647 -56.10 39.41 -65.93
N ILE J 648 -56.29 39.48 -64.61
CA ILE J 648 -57.45 38.89 -63.96
C ILE J 648 -58.22 40.00 -63.26
N GLY J 649 -59.42 40.30 -63.76
CA GLY J 649 -60.26 41.29 -63.13
C GLY J 649 -60.59 42.48 -64.00
N ALA J 650 -60.56 42.31 -65.31
CA ALA J 650 -60.85 43.39 -66.24
C ALA J 650 -61.51 42.84 -67.49
N GLU J 651 -62.33 43.67 -68.12
CA GLU J 651 -63.03 43.30 -69.35
C GLU J 651 -62.15 43.60 -70.56
N TYR J 652 -62.68 43.32 -71.75
CA TYR J 652 -61.98 43.52 -73.02
C TYR J 652 -62.88 44.22 -74.03
N VAL J 653 -63.47 45.34 -73.60
CA VAL J 653 -64.31 46.11 -74.50
C VAL J 653 -63.52 46.53 -75.74
N ASN J 654 -64.14 46.38 -76.90
CA ASN J 654 -63.50 46.63 -78.18
C ASN J 654 -63.52 48.11 -78.58
N ASN J 655 -63.78 49.01 -77.64
CA ASN J 655 -63.77 50.43 -77.93
C ASN J 655 -62.33 50.96 -77.88
N SER J 656 -62.17 52.26 -78.03
CA SER J 656 -60.84 52.87 -78.03
C SER J 656 -60.95 54.29 -77.50
N TYR J 657 -60.29 54.55 -76.35
CA TYR J 657 -60.27 55.89 -75.77
C TYR J 657 -58.84 56.31 -75.46
N GLU J 658 -58.70 57.43 -74.75
CA GLU J 658 -57.36 57.84 -74.30
C GLU J 658 -56.80 56.81 -73.34
N CYS J 659 -55.49 56.60 -73.41
CA CYS J 659 -54.84 55.54 -72.65
C CYS J 659 -54.79 55.91 -71.18
N ASP J 660 -55.57 55.19 -70.36
CA ASP J 660 -55.47 55.25 -68.91
C ASP J 660 -54.30 54.38 -68.48
N ILE J 661 -54.27 53.99 -67.20
CA ILE J 661 -53.19 53.21 -66.59
C ILE J 661 -52.64 52.17 -67.57
N PRO J 662 -51.37 52.24 -67.93
CA PRO J 662 -50.84 51.31 -68.93
C PRO J 662 -50.60 49.93 -68.36
N ILE J 663 -50.78 48.93 -69.22
CA ILE J 663 -50.56 47.53 -68.88
C ILE J 663 -49.39 46.95 -69.67
N GLY J 664 -49.39 47.14 -70.97
CA GLY J 664 -48.34 46.63 -71.83
C GLY J 664 -48.93 46.17 -73.15
N ALA J 665 -48.10 46.25 -74.20
CA ALA J 665 -48.48 45.85 -75.55
C ALA J 665 -49.70 46.64 -76.05
N GLY J 666 -49.83 47.89 -75.62
CA GLY J 666 -50.91 48.74 -76.05
C GLY J 666 -52.16 48.66 -75.21
N ILE J 667 -52.25 47.69 -74.30
CA ILE J 667 -53.43 47.52 -73.46
C ILE J 667 -53.42 48.59 -72.38
N CYS J 668 -54.47 49.40 -72.33
CA CYS J 668 -54.68 50.40 -71.30
C CYS J 668 -55.94 50.07 -70.51
N ALA J 669 -55.88 50.33 -69.21
CA ALA J 669 -56.97 49.95 -68.32
C ALA J 669 -57.54 51.19 -67.67
N SER J 670 -58.83 51.42 -67.88
CA SER J 670 -59.54 52.58 -67.35
C SER J 670 -60.64 52.13 -66.41
N TYR J 671 -61.37 53.10 -65.87
CA TYR J 671 -62.49 52.87 -64.94
C TYR J 671 -63.68 53.68 -65.47
N GLN J 672 -64.45 53.08 -66.37
CA GLN J 672 -65.58 53.73 -66.99
C GLN J 672 -66.87 53.00 -66.65
N THR J 673 -67.99 53.64 -66.99
CA THR J 673 -69.30 53.06 -66.73
C THR J 673 -69.62 51.94 -67.72
N SER J 686 -73.58 50.99 -63.26
CA SER J 686 -72.59 49.92 -63.16
C SER J 686 -71.20 50.43 -63.53
N GLN J 687 -70.25 50.27 -62.60
CA GLN J 687 -68.88 50.71 -62.79
C GLN J 687 -67.94 49.51 -62.66
N SER J 688 -66.98 49.43 -63.58
CA SER J 688 -66.02 48.33 -63.57
C SER J 688 -64.71 48.82 -64.18
N ILE J 689 -63.67 48.01 -64.01
CA ILE J 689 -62.34 48.33 -64.53
C ILE J 689 -62.22 47.64 -65.88
N ILE J 690 -62.36 48.41 -66.96
CA ILE J 690 -62.25 47.87 -68.30
C ILE J 690 -60.78 47.89 -68.74
N ALA J 691 -60.49 47.10 -69.77
CA ALA J 691 -59.14 47.04 -70.35
C ALA J 691 -59.28 46.96 -71.86
N TYR J 692 -58.96 48.04 -72.55
CA TYR J 692 -59.15 48.17 -73.98
C TYR J 692 -57.81 48.42 -74.67
N THR J 693 -57.87 48.59 -75.98
CA THR J 693 -56.71 48.92 -76.79
C THR J 693 -56.64 50.42 -76.99
N MET J 694 -55.44 50.98 -76.81
CA MET J 694 -55.29 52.43 -76.87
C MET J 694 -55.53 52.94 -78.29
N SER J 695 -56.00 54.19 -78.37
CA SER J 695 -56.22 54.87 -79.63
C SER J 695 -55.16 55.95 -79.80
N LEU J 696 -54.57 56.01 -81.00
CA LEU J 696 -53.51 56.96 -81.30
C LEU J 696 -54.04 58.33 -81.69
N GLY J 697 -55.30 58.62 -81.39
CA GLY J 697 -55.92 59.88 -81.74
C GLY J 697 -57.03 59.70 -82.76
N ALA J 698 -57.59 60.83 -83.17
CA ALA J 698 -58.66 60.81 -84.16
C ALA J 698 -58.10 60.47 -85.54
N GLU J 699 -59.00 60.11 -86.45
CA GLU J 699 -58.66 59.74 -87.81
C GLU J 699 -59.02 60.90 -88.74
N ASN J 700 -58.04 61.38 -89.50
CA ASN J 700 -58.25 62.49 -90.42
C ASN J 700 -57.58 62.17 -91.75
N SER J 701 -58.16 62.70 -92.83
CA SER J 701 -57.64 62.49 -94.17
C SER J 701 -57.73 63.80 -94.93
N VAL J 702 -56.57 64.40 -95.21
CA VAL J 702 -56.52 65.66 -95.94
C VAL J 702 -56.78 65.39 -97.41
N ALA J 703 -57.72 66.13 -98.00
CA ALA J 703 -58.09 65.95 -99.41
C ALA J 703 -57.00 66.57 -100.28
N TYR J 704 -55.96 65.78 -100.53
CA TYR J 704 -54.86 66.25 -101.37
C TYR J 704 -55.29 66.35 -102.82
N SER J 705 -54.83 67.40 -103.49
CA SER J 705 -55.14 67.62 -104.90
C SER J 705 -54.04 68.45 -105.52
N ASN J 706 -53.90 68.31 -106.85
CA ASN J 706 -52.86 69.02 -107.58
C ASN J 706 -53.18 70.49 -107.81
N ASN J 707 -54.40 70.93 -107.48
CA ASN J 707 -54.78 72.33 -107.68
C ASN J 707 -55.61 72.86 -106.52
N SER J 708 -55.37 72.37 -105.30
CA SER J 708 -56.13 72.76 -104.13
C SER J 708 -55.18 73.19 -103.02
N ILE J 709 -55.42 74.37 -102.45
CA ILE J 709 -54.62 74.91 -101.37
C ILE J 709 -55.55 75.42 -100.27
N ALA J 710 -55.08 75.36 -99.04
CA ALA J 710 -55.83 75.80 -97.87
C ALA J 710 -55.10 76.97 -97.23
N ILE J 711 -55.67 78.16 -97.31
CA ILE J 711 -55.11 79.37 -96.73
C ILE J 711 -56.00 79.80 -95.57
N PRO J 712 -55.47 79.99 -94.37
CA PRO J 712 -56.31 80.40 -93.25
C PRO J 712 -56.82 81.82 -93.41
N THR J 713 -57.94 82.09 -92.74
CA THR J 713 -58.57 83.40 -92.79
C THR J 713 -58.69 84.06 -91.43
N ASN J 714 -58.08 83.50 -90.40
CA ASN J 714 -58.08 84.09 -89.10
C ASN J 714 -57.07 83.44 -88.24
N PHE J 715 -56.66 84.15 -87.23
CA PHE J 715 -55.59 83.72 -86.34
C PHE J 715 -56.08 83.61 -84.91
N THR J 716 -55.52 82.64 -84.18
CA THR J 716 -55.84 82.44 -82.77
C THR J 716 -54.53 82.38 -81.99
N ILE J 717 -54.32 83.37 -81.12
CA ILE J 717 -53.10 83.47 -80.33
C ILE J 717 -53.33 82.71 -79.02
N SER J 718 -52.54 81.66 -78.81
CA SER J 718 -52.62 80.86 -77.61
C SER J 718 -51.33 80.96 -76.81
N VAL J 719 -51.45 80.73 -75.50
CA VAL J 719 -50.32 80.78 -74.58
C VAL J 719 -50.22 79.43 -73.89
N THR J 720 -49.09 78.75 -74.08
CA THR J 720 -48.83 77.45 -73.47
C THR J 720 -47.80 77.60 -72.36
N THR J 721 -47.50 76.49 -71.69
CA THR J 721 -46.52 76.47 -70.62
C THR J 721 -45.57 75.30 -70.80
N GLU J 722 -44.39 75.43 -70.23
CA GLU J 722 -43.37 74.38 -70.31
C GLU J 722 -42.48 74.51 -69.07
N ILE J 723 -42.57 73.53 -68.19
CA ILE J 723 -41.85 73.55 -66.92
C ILE J 723 -40.53 72.80 -67.08
N LEU J 724 -39.47 73.34 -66.51
CA LEU J 724 -38.15 72.72 -66.59
C LEU J 724 -37.41 72.85 -65.26
N PRO J 725 -36.96 71.74 -64.67
CA PRO J 725 -36.16 71.83 -63.45
C PRO J 725 -34.82 72.49 -63.73
N VAL J 726 -34.47 73.45 -62.88
CA VAL J 726 -33.23 74.20 -63.05
C VAL J 726 -32.23 73.97 -61.92
N SER J 727 -32.68 73.70 -60.69
CA SER J 727 -31.76 73.51 -59.58
C SER J 727 -32.23 72.33 -58.73
N MET J 728 -31.29 71.81 -57.95
CA MET J 728 -31.55 70.69 -57.04
C MET J 728 -31.13 71.10 -55.64
N THR J 729 -31.81 70.53 -54.64
CA THR J 729 -31.54 70.86 -53.25
C THR J 729 -30.13 70.43 -52.87
N LYS J 730 -29.31 71.40 -52.47
CA LYS J 730 -27.95 71.11 -52.06
C LYS J 730 -27.95 70.39 -50.72
N THR J 731 -27.08 69.39 -50.58
CA THR J 731 -27.02 68.59 -49.37
C THR J 731 -25.56 68.37 -49.00
N SER J 732 -25.35 67.85 -47.80
CA SER J 732 -24.02 67.54 -47.30
C SER J 732 -24.14 66.47 -46.22
N VAL J 733 -23.14 65.61 -46.14
CA VAL J 733 -23.15 64.49 -45.21
C VAL J 733 -21.98 64.64 -44.25
N ASP J 734 -22.16 64.09 -43.05
CA ASP J 734 -21.13 64.07 -42.02
C ASP J 734 -20.63 62.64 -41.87
N CYS J 735 -19.33 62.44 -42.04
CA CYS J 735 -18.77 61.10 -42.03
C CYS J 735 -18.83 60.49 -40.64
N THR J 736 -18.39 61.24 -39.62
CA THR J 736 -18.33 60.74 -38.25
C THR J 736 -19.64 60.92 -37.50
N MET J 737 -20.74 61.11 -38.20
CA MET J 737 -22.04 61.25 -37.55
C MET J 737 -23.03 60.24 -38.10
N TYR J 738 -22.95 59.96 -39.41
CA TYR J 738 -23.82 58.96 -40.02
C TYR J 738 -23.35 57.55 -39.70
N ILE J 739 -22.02 57.33 -39.71
CA ILE J 739 -21.49 56.01 -39.37
C ILE J 739 -21.51 55.80 -37.87
N CYS J 740 -20.84 56.68 -37.12
CA CYS J 740 -20.81 56.62 -35.66
C CYS J 740 -21.75 57.70 -35.13
N GLY J 741 -22.93 57.29 -34.68
CA GLY J 741 -23.89 58.22 -34.13
C GLY J 741 -23.90 58.22 -32.61
N ASP J 742 -23.41 59.32 -32.01
CA ASP J 742 -23.28 59.44 -30.57
C ASP J 742 -22.47 58.28 -29.99
N SER J 743 -21.42 57.90 -30.72
CA SER J 743 -20.62 56.71 -30.41
C SER J 743 -19.14 57.05 -30.52
N THR J 744 -18.72 58.08 -29.77
CA THR J 744 -17.35 58.58 -29.80
C THR J 744 -16.28 57.49 -29.79
N GLU J 745 -16.59 56.34 -29.18
CA GLU J 745 -15.67 55.21 -29.25
C GLU J 745 -15.57 54.66 -30.67
N CYS J 746 -16.68 54.67 -31.40
CA CYS J 746 -16.66 54.22 -32.79
C CYS J 746 -15.81 55.14 -33.66
N SER J 747 -15.79 56.43 -33.33
CA SER J 747 -15.01 57.38 -34.14
C SER J 747 -13.52 57.12 -34.04
N ASN J 748 -13.07 56.52 -32.94
CA ASN J 748 -11.64 56.22 -32.80
C ASN J 748 -11.18 55.22 -33.85
N LEU J 749 -12.01 54.21 -34.14
CA LEU J 749 -11.66 53.25 -35.17
C LEU J 749 -12.00 53.76 -36.57
N LEU J 750 -12.99 54.66 -36.67
CA LEU J 750 -13.36 55.19 -37.98
C LEU J 750 -12.27 56.07 -38.56
N LEU J 751 -11.56 56.83 -37.72
CA LEU J 751 -10.48 57.67 -38.20
C LEU J 751 -9.31 56.84 -38.73
N GLN J 752 -8.96 55.77 -38.00
CA GLN J 752 -7.88 54.87 -38.43
C GLN J 752 -8.47 53.72 -39.23
N TYR J 753 -9.13 54.09 -40.33
CA TYR J 753 -9.75 53.13 -41.22
C TYR J 753 -9.44 53.37 -42.70
N GLY J 754 -9.09 54.59 -43.08
CA GLY J 754 -8.80 54.90 -44.47
C GLY J 754 -9.33 56.25 -44.89
N SER J 755 -8.62 56.91 -45.80
CA SER J 755 -9.02 58.23 -46.30
C SER J 755 -10.15 58.06 -47.29
N PHE J 756 -11.36 57.86 -46.75
CA PHE J 756 -12.56 57.68 -47.56
C PHE J 756 -13.60 58.77 -47.35
N CYS J 757 -13.55 59.47 -46.22
CA CYS J 757 -14.53 60.53 -45.96
C CYS J 757 -14.38 61.72 -46.90
N THR J 758 -13.19 61.97 -47.43
CA THR J 758 -12.98 63.08 -48.36
C THR J 758 -13.61 62.81 -49.73
N GLN J 759 -13.68 61.53 -50.13
CA GLN J 759 -14.29 61.20 -51.40
C GLN J 759 -15.79 61.50 -51.39
N LEU J 760 -16.48 61.12 -50.32
CA LEU J 760 -17.92 61.32 -50.24
C LEU J 760 -18.30 62.73 -49.82
N LYS J 761 -17.33 63.56 -49.41
CA LYS J 761 -17.61 64.93 -49.01
C LYS J 761 -17.23 65.95 -50.08
N ARG J 762 -16.14 65.73 -50.81
CA ARG J 762 -15.77 66.64 -51.88
C ARG J 762 -16.63 66.46 -53.12
N ALA J 763 -17.14 65.24 -53.35
CA ALA J 763 -18.01 65.01 -54.48
C ALA J 763 -19.36 65.70 -54.31
N LEU J 764 -19.93 65.63 -53.11
CA LEU J 764 -21.18 66.35 -52.85
C LEU J 764 -20.98 67.86 -52.82
N THR J 765 -19.76 68.33 -52.55
CA THR J 765 -19.47 69.76 -52.61
C THR J 765 -19.48 70.29 -54.02
N GLY J 766 -18.98 69.52 -55.00
CA GLY J 766 -19.04 69.95 -56.38
C GLY J 766 -20.45 70.02 -56.92
N ILE J 767 -21.36 69.21 -56.37
CA ILE J 767 -22.76 69.30 -56.77
C ILE J 767 -23.38 70.59 -56.25
N ALA J 768 -23.03 70.98 -55.02
CA ALA J 768 -23.56 72.23 -54.46
C ALA J 768 -23.11 73.43 -55.28
N VAL J 769 -21.86 73.42 -55.74
CA VAL J 769 -21.39 74.51 -56.60
C VAL J 769 -22.06 74.45 -57.96
N GLU J 770 -22.40 73.23 -58.43
CA GLU J 770 -23.07 73.09 -59.71
C GLU J 770 -24.48 73.67 -59.66
N GLN J 771 -25.19 73.47 -58.55
CA GLN J 771 -26.54 74.00 -58.43
C GLN J 771 -26.54 75.52 -58.38
N ASP J 772 -25.49 76.12 -57.81
CA ASP J 772 -25.35 77.57 -57.82
C ASP J 772 -24.95 78.10 -59.20
N LYS J 773 -24.39 77.25 -60.05
CA LYS J 773 -24.03 77.63 -61.41
C LYS J 773 -25.18 77.42 -62.39
N ASN J 774 -26.01 76.41 -62.15
CA ASN J 774 -27.16 76.19 -63.03
C ASN J 774 -28.17 77.32 -62.94
N THR J 775 -28.28 77.96 -61.77
CA THR J 775 -29.13 79.13 -61.62
C THR J 775 -28.45 80.41 -62.09
N GLN J 776 -27.13 80.50 -61.99
CA GLN J 776 -26.37 81.64 -62.44
C GLN J 776 -26.14 81.64 -63.95
N GLU J 777 -26.60 80.60 -64.65
CA GLU J 777 -26.50 80.54 -66.09
C GLU J 777 -27.85 80.65 -66.80
N VAL J 778 -28.95 80.63 -66.06
CA VAL J 778 -30.28 80.74 -66.65
C VAL J 778 -30.81 82.16 -66.43
N PHE J 779 -30.89 82.57 -65.17
CA PHE J 779 -31.35 83.92 -64.83
C PHE J 779 -30.18 84.90 -64.73
N ALA J 780 -29.35 84.94 -65.78
CA ALA J 780 -28.25 85.90 -65.81
C ALA J 780 -27.92 86.39 -67.21
N GLN J 781 -28.84 86.26 -68.17
CA GLN J 781 -28.55 86.64 -69.54
C GLN J 781 -28.43 88.16 -69.71
N VAL J 782 -29.02 88.93 -68.81
CA VAL J 782 -28.92 90.39 -68.83
C VAL J 782 -27.94 90.83 -67.76
N LYS J 783 -27.10 91.80 -68.11
CA LYS J 783 -26.14 92.32 -67.14
C LYS J 783 -26.79 93.35 -66.22
N GLN J 784 -27.64 94.21 -66.76
CA GLN J 784 -28.33 95.22 -65.97
C GLN J 784 -29.69 94.70 -65.51
N ILE J 785 -30.29 95.41 -64.57
CA ILE J 785 -31.59 95.07 -64.01
C ILE J 785 -32.57 96.12 -64.50
N TYR J 786 -33.37 95.77 -65.51
CA TYR J 786 -34.33 96.71 -66.06
C TYR J 786 -35.56 96.80 -65.17
N LYS J 787 -36.21 97.97 -65.21
CA LYS J 787 -37.40 98.23 -64.41
C LYS J 787 -38.55 98.65 -65.32
N THR J 788 -39.75 98.24 -64.96
CA THR J 788 -40.92 98.56 -65.76
C THR J 788 -41.29 100.03 -65.57
N PRO J 789 -41.74 100.71 -66.62
CA PRO J 789 -42.15 102.11 -66.50
C PRO J 789 -43.41 102.24 -65.67
N PRO J 790 -43.70 103.43 -65.13
CA PRO J 790 -44.93 103.58 -64.35
C PRO J 790 -46.20 103.39 -65.16
N ILE J 791 -46.21 103.88 -66.41
CA ILE J 791 -47.37 103.69 -67.27
C ILE J 791 -47.41 102.24 -67.74
N LYS J 792 -48.61 101.65 -67.73
CA LYS J 792 -48.81 100.26 -68.09
C LYS J 792 -49.75 100.13 -69.29
N TYR J 793 -49.56 100.99 -70.29
CA TYR J 793 -50.33 100.95 -71.53
C TYR J 793 -49.37 100.57 -72.66
N PHE J 794 -49.39 99.30 -73.03
CA PHE J 794 -48.49 98.75 -74.05
C PHE J 794 -49.24 98.46 -75.34
N GLY J 795 -50.21 99.29 -75.69
CA GLY J 795 -50.97 99.15 -76.91
C GLY J 795 -52.33 98.52 -76.74
N GLY J 796 -52.61 97.92 -75.59
CA GLY J 796 -53.88 97.28 -75.35
C GLY J 796 -53.77 96.00 -74.57
N PHE J 797 -52.55 95.50 -74.42
CA PHE J 797 -52.31 94.28 -73.66
C PHE J 797 -52.33 94.58 -72.16
N ASN J 798 -52.42 93.49 -71.43
CA ASN J 798 -52.57 93.59 -70.03
C ASN J 798 -51.59 92.70 -69.38
N PHE J 799 -50.54 93.33 -68.95
CA PHE J 799 -49.46 92.61 -68.27
C PHE J 799 -49.61 92.73 -66.76
N SER J 800 -50.81 92.39 -66.28
CA SER J 800 -51.13 92.44 -64.86
C SER J 800 -51.01 91.07 -64.20
N GLN J 801 -50.48 90.08 -64.92
CA GLN J 801 -50.30 88.74 -64.38
C GLN J 801 -48.85 88.26 -64.37
N ILE J 802 -47.99 88.82 -65.23
CA ILE J 802 -46.59 88.41 -65.30
C ILE J 802 -45.69 89.42 -64.60
N LEU J 803 -46.05 90.70 -64.60
CA LEU J 803 -45.26 91.70 -63.93
C LEU J 803 -45.43 91.59 -62.43
N PRO J 804 -44.39 91.96 -61.65
CA PRO J 804 -44.50 91.88 -60.19
C PRO J 804 -45.52 92.88 -59.64
N ASP J 805 -46.00 92.57 -58.44
CA ASP J 805 -46.99 93.38 -57.77
C ASP J 805 -46.35 94.11 -56.59
N PRO J 806 -46.48 95.44 -56.50
CA PRO J 806 -45.85 96.15 -55.38
C PRO J 806 -46.52 95.89 -54.04
N SER J 807 -47.84 95.61 -54.04
CA SER J 807 -48.53 95.36 -52.79
C SER J 807 -48.16 94.01 -52.19
N LYS J 808 -47.65 93.09 -53.01
CA LYS J 808 -47.24 91.79 -52.51
C LYS J 808 -45.98 91.93 -51.66
N PRO J 809 -45.95 91.38 -50.45
CA PRO J 809 -44.73 91.48 -49.64
C PRO J 809 -43.53 90.80 -50.29
N SER J 810 -43.75 89.69 -51.00
CA SER J 810 -42.66 88.99 -51.67
C SER J 810 -42.27 89.61 -52.99
N LYS J 811 -43.02 90.61 -53.47
CA LYS J 811 -42.72 91.31 -54.73
C LYS J 811 -42.64 90.34 -55.90
N ARG J 812 -43.70 89.55 -56.07
CA ARG J 812 -43.80 88.59 -57.18
C ARG J 812 -45.05 88.92 -58.00
N SER J 813 -45.32 88.06 -58.98
CA SER J 813 -46.46 88.21 -59.87
C SER J 813 -47.58 87.27 -59.48
N PRO J 814 -48.83 87.56 -59.88
CA PRO J 814 -49.93 86.66 -59.50
C PRO J 814 -49.75 85.24 -60.01
N ILE J 815 -49.12 85.05 -61.16
CA ILE J 815 -48.90 83.70 -61.67
C ILE J 815 -47.85 82.99 -60.83
N GLU J 816 -46.76 83.70 -60.49
CA GLU J 816 -45.72 83.10 -59.65
C GLU J 816 -46.20 82.82 -58.24
N ASP J 817 -47.20 83.55 -57.76
CA ASP J 817 -47.74 83.28 -56.43
C ASP J 817 -48.42 81.92 -56.37
N LEU J 818 -49.05 81.50 -57.46
CA LEU J 818 -49.67 80.18 -57.50
C LEU J 818 -48.64 79.07 -57.59
N LEU J 819 -47.42 79.38 -58.05
CA LEU J 819 -46.39 78.36 -58.19
C LEU J 819 -45.72 78.04 -56.86
N PHE J 820 -45.45 79.06 -56.05
CA PHE J 820 -44.83 78.87 -54.74
C PHE J 820 -45.81 78.41 -53.67
N ASN J 821 -47.09 78.26 -54.01
CA ASN J 821 -48.09 77.77 -53.07
C ASN J 821 -48.59 76.37 -53.43
N LYS J 822 -48.27 75.85 -54.61
CA LYS J 822 -48.68 74.52 -55.02
C LYS J 822 -47.56 73.49 -54.94
N VAL J 823 -46.32 73.90 -55.21
CA VAL J 823 -45.18 73.00 -55.16
C VAL J 823 -44.58 73.11 -53.76
N THR J 824 -44.94 72.17 -52.89
CA THR J 824 -44.45 72.17 -51.52
C THR J 824 -43.62 70.92 -51.24
N ARG J 844 -41.28 68.67 -35.22
CA ARG J 844 -40.29 67.70 -35.69
C ARG J 844 -40.67 67.14 -37.06
N ASP J 845 -40.60 68.00 -38.08
CA ASP J 845 -40.93 67.58 -39.43
C ASP J 845 -39.80 66.75 -40.02
N LEU J 846 -40.01 66.30 -41.27
CA LEU J 846 -39.01 65.48 -41.94
C LEU J 846 -37.75 66.26 -42.28
N ILE J 847 -37.85 67.57 -42.50
CA ILE J 847 -36.67 68.37 -42.82
C ILE J 847 -35.74 68.47 -41.61
N CYS J 848 -36.31 68.55 -40.41
CA CYS J 848 -35.52 68.64 -39.19
C CYS J 848 -35.09 67.30 -38.64
N ALA J 849 -35.88 66.24 -38.88
CA ALA J 849 -35.51 64.92 -38.38
C ALA J 849 -34.31 64.36 -39.12
N GLN J 850 -34.15 64.70 -40.40
CA GLN J 850 -33.02 64.25 -41.19
C GLN J 850 -31.75 65.03 -40.92
N LYS J 851 -31.87 66.29 -40.46
CA LYS J 851 -30.69 67.09 -40.14
C LYS J 851 -29.93 66.53 -38.95
N PHE J 852 -30.61 65.90 -38.00
CA PHE J 852 -30.00 65.36 -36.81
C PHE J 852 -29.25 64.05 -37.07
N LYS J 853 -29.12 63.64 -38.33
CA LYS J 853 -28.35 62.45 -38.69
C LYS J 853 -27.07 62.77 -39.45
N GLY J 854 -26.84 64.03 -39.79
CA GLY J 854 -25.66 64.41 -40.55
C GLY J 854 -26.00 64.84 -41.96
N LEU J 855 -27.30 64.80 -42.30
CA LEU J 855 -27.78 65.14 -43.63
C LEU J 855 -28.35 66.56 -43.57
N THR J 856 -27.47 67.55 -43.72
CA THR J 856 -27.87 68.94 -43.72
C THR J 856 -28.24 69.40 -45.13
N VAL J 857 -28.95 70.53 -45.20
CA VAL J 857 -29.39 71.11 -46.46
C VAL J 857 -28.83 72.53 -46.53
N LEU J 858 -27.87 72.73 -47.42
CA LEU J 858 -27.25 74.05 -47.56
C LEU J 858 -28.21 75.00 -48.29
N PRO J 859 -28.31 76.25 -47.86
CA PRO J 859 -29.20 77.20 -48.52
C PRO J 859 -28.63 77.64 -49.86
N PRO J 860 -29.48 77.83 -50.86
CA PRO J 860 -28.99 78.27 -52.17
C PRO J 860 -28.41 79.68 -52.11
N LEU J 861 -27.58 80.00 -53.10
CA LEU J 861 -26.97 81.33 -53.16
C LEU J 861 -28.02 82.38 -53.51
N LEU J 862 -28.69 82.23 -54.65
CA LEU J 862 -29.74 83.14 -55.05
C LEU J 862 -31.05 82.78 -54.34
N THR J 863 -31.62 83.75 -53.63
CA THR J 863 -32.86 83.53 -52.90
C THR J 863 -34.06 83.71 -53.83
N ASP J 864 -35.25 83.48 -53.29
CA ASP J 864 -36.47 83.66 -54.07
C ASP J 864 -36.70 85.12 -54.44
N GLU J 865 -36.15 86.04 -53.65
CA GLU J 865 -36.28 87.46 -53.97
C GLU J 865 -35.32 87.88 -55.07
N MET J 866 -34.09 87.38 -55.04
CA MET J 866 -33.11 87.74 -56.06
C MET J 866 -33.44 87.11 -57.41
N ILE J 867 -34.01 85.90 -57.41
CA ILE J 867 -34.44 85.29 -58.65
C ILE J 867 -35.63 86.03 -59.23
N ALA J 868 -36.53 86.52 -58.37
CA ALA J 868 -37.66 87.31 -58.85
C ALA J 868 -37.21 88.62 -59.47
N GLN J 869 -36.12 89.21 -58.96
CA GLN J 869 -35.59 90.42 -59.56
C GLN J 869 -34.86 90.13 -60.88
N TYR J 870 -34.20 88.98 -60.96
CA TYR J 870 -33.58 88.57 -62.22
C TYR J 870 -34.61 88.33 -63.30
N THR J 871 -35.75 87.73 -62.95
CA THR J 871 -36.85 87.57 -63.89
C THR J 871 -37.53 88.89 -64.23
N SER J 872 -37.69 89.78 -63.25
CA SER J 872 -38.28 91.10 -63.50
C SER J 872 -37.48 91.91 -64.51
N ALA J 873 -36.15 91.76 -64.53
CA ALA J 873 -35.35 92.40 -65.56
C ALA J 873 -35.64 91.79 -66.92
N LEU J 874 -35.97 90.50 -66.96
CA LEU J 874 -36.41 89.87 -68.21
C LEU J 874 -37.91 90.05 -68.43
N LEU J 875 -38.68 90.23 -67.36
CA LEU J 875 -40.10 90.51 -67.51
C LEU J 875 -40.31 91.86 -68.19
N ALA J 876 -39.58 92.88 -67.76
CA ALA J 876 -39.57 94.15 -68.49
C ALA J 876 -39.02 93.89 -69.89
N GLY J 877 -37.74 93.53 -69.95
CA GLY J 877 -37.16 92.79 -71.06
C GLY J 877 -37.67 93.12 -72.46
N THR J 878 -38.27 92.12 -73.10
CA THR J 878 -38.78 92.27 -74.45
C THR J 878 -39.90 93.29 -74.55
N ILE J 879 -40.64 93.50 -73.45
CA ILE J 879 -41.80 94.39 -73.49
C ILE J 879 -41.36 95.83 -73.75
N THR J 880 -40.24 96.25 -73.15
CA THR J 880 -39.76 97.61 -73.28
C THR J 880 -38.54 97.75 -74.18
N SER J 881 -37.92 96.65 -74.57
CA SER J 881 -36.72 96.71 -75.40
C SER J 881 -36.82 95.88 -76.67
N GLY J 882 -37.47 94.73 -76.62
CA GLY J 882 -37.66 93.91 -77.81
C GLY J 882 -36.52 92.89 -78.00
N TRP J 883 -35.71 93.11 -79.02
CA TRP J 883 -34.65 92.17 -79.38
C TRP J 883 -33.29 92.56 -78.81
N THR J 884 -33.09 93.82 -78.45
CA THR J 884 -31.77 94.36 -78.15
C THR J 884 -31.48 94.44 -76.65
N PHE J 885 -32.01 93.51 -75.86
CA PHE J 885 -31.68 93.43 -74.44
C PHE J 885 -30.92 92.15 -74.11
N GLY J 886 -30.60 91.34 -75.10
CA GLY J 886 -29.78 90.16 -74.91
C GLY J 886 -28.60 90.16 -75.87
N ALA J 887 -28.58 91.12 -76.78
CA ALA J 887 -27.52 91.27 -77.76
C ALA J 887 -26.58 92.43 -77.44
N GLY J 888 -27.12 93.63 -77.25
CA GLY J 888 -26.33 94.78 -76.94
C GLY J 888 -27.05 95.75 -76.03
N PRO J 889 -26.95 97.06 -76.34
CA PRO J 889 -27.64 98.05 -75.52
C PRO J 889 -29.14 98.03 -75.78
N ALA J 890 -29.91 98.27 -74.71
CA ALA J 890 -31.36 98.21 -74.80
C ALA J 890 -31.87 99.38 -75.66
N LEU J 891 -32.68 99.06 -76.66
CA LEU J 891 -33.27 100.06 -77.54
C LEU J 891 -34.77 100.11 -77.31
N GLN J 892 -35.29 101.31 -77.08
CA GLN J 892 -36.71 101.48 -76.82
C GLN J 892 -37.51 101.29 -78.11
N ILE J 893 -38.69 100.71 -77.98
CA ILE J 893 -39.56 100.44 -79.12
C ILE J 893 -40.99 100.27 -78.62
N PRO J 894 -41.98 100.89 -79.26
CA PRO J 894 -43.38 100.70 -78.84
C PRO J 894 -43.81 99.26 -79.02
N PHE J 895 -44.59 98.77 -78.04
CA PHE J 895 -45.05 97.38 -78.10
C PHE J 895 -45.98 97.10 -79.26
N PRO J 896 -46.96 97.95 -79.59
CA PRO J 896 -47.78 97.69 -80.79
C PRO J 896 -46.97 97.64 -82.07
N MET J 897 -45.86 98.39 -82.14
CA MET J 897 -44.95 98.29 -83.28
C MET J 897 -43.89 97.23 -83.09
N GLN J 898 -43.74 96.71 -81.86
CA GLN J 898 -42.78 95.63 -81.62
C GLN J 898 -43.29 94.30 -82.16
N MET J 899 -44.58 94.02 -81.97
CA MET J 899 -45.17 92.80 -82.51
C MET J 899 -45.18 92.78 -84.03
N ALA J 900 -45.03 93.94 -84.67
CA ALA J 900 -44.97 93.97 -86.13
C ALA J 900 -43.72 93.28 -86.65
N TYR J 901 -42.62 93.32 -85.89
CA TYR J 901 -41.42 92.60 -86.29
C TYR J 901 -41.54 91.11 -86.02
N ARG J 902 -42.21 90.73 -84.93
CA ARG J 902 -42.39 89.32 -84.59
C ARG J 902 -43.48 88.66 -85.42
N PHE J 903 -44.45 89.43 -85.90
CA PHE J 903 -45.42 88.91 -86.86
C PHE J 903 -44.84 88.79 -88.26
N ASN J 904 -43.79 89.55 -88.57
CA ASN J 904 -43.12 89.49 -89.86
C ASN J 904 -42.08 88.38 -89.93
N GLY J 905 -41.80 87.71 -88.80
CA GLY J 905 -40.82 86.64 -88.78
C GLY J 905 -41.43 85.28 -89.03
N ILE J 906 -42.76 85.23 -89.18
CA ILE J 906 -43.47 84.00 -89.45
C ILE J 906 -44.12 84.02 -90.83
N GLY J 907 -43.68 84.93 -91.70
CA GLY J 907 -44.21 85.06 -93.04
C GLY J 907 -45.38 86.00 -93.17
N VAL J 908 -46.13 86.22 -92.10
CA VAL J 908 -47.28 87.12 -92.15
C VAL J 908 -46.82 88.56 -92.27
N THR J 909 -47.54 89.36 -93.04
CA THR J 909 -47.21 90.76 -93.20
C THR J 909 -47.54 91.53 -91.93
N GLN J 910 -46.95 92.72 -91.81
CA GLN J 910 -47.16 93.57 -90.64
C GLN J 910 -48.43 94.39 -90.71
N ASN J 911 -49.14 94.37 -91.85
CA ASN J 911 -50.36 95.14 -91.97
C ASN J 911 -51.53 94.49 -91.23
N VAL J 912 -51.51 93.16 -91.08
CA VAL J 912 -52.61 92.47 -90.41
C VAL J 912 -52.62 92.75 -88.92
N LEU J 913 -51.50 93.21 -88.36
CA LEU J 913 -51.44 93.49 -86.92
C LEU J 913 -52.21 94.76 -86.59
N TYR J 914 -51.86 95.87 -87.25
CA TYR J 914 -52.51 97.15 -86.94
C TYR J 914 -53.97 97.14 -87.36
N GLU J 915 -54.34 96.34 -88.37
CA GLU J 915 -55.74 96.23 -88.76
C GLU J 915 -56.55 95.38 -87.79
N ASN J 916 -55.90 94.58 -86.96
CA ASN J 916 -56.57 93.75 -85.97
C ASN J 916 -55.88 93.88 -84.62
N GLN J 917 -55.44 95.10 -84.29
CA GLN J 917 -54.75 95.32 -83.02
C GLN J 917 -55.69 95.09 -81.84
N LYS J 918 -56.96 95.48 -81.97
CA LYS J 918 -57.92 95.24 -80.91
C LYS J 918 -58.23 93.75 -80.75
N LEU J 919 -58.03 92.95 -81.79
CA LEU J 919 -58.26 91.52 -81.69
C LEU J 919 -57.07 90.79 -81.09
N ILE J 920 -55.84 91.26 -81.37
CA ILE J 920 -54.66 90.64 -80.80
C ILE J 920 -54.65 90.80 -79.28
N ALA J 921 -55.05 91.98 -78.80
CA ALA J 921 -55.04 92.23 -77.36
C ALA J 921 -56.11 91.42 -76.65
N ASN J 922 -57.30 91.30 -77.27
CA ASN J 922 -58.37 90.54 -76.64
C ASN J 922 -58.06 89.05 -76.58
N GLN J 923 -57.39 88.53 -77.61
CA GLN J 923 -57.02 87.11 -77.60
C GLN J 923 -55.83 86.82 -76.70
N PHE J 924 -55.03 87.84 -76.39
CA PHE J 924 -53.88 87.65 -75.50
C PHE J 924 -54.23 87.87 -74.05
N ASN J 925 -55.10 88.85 -73.76
CA ASN J 925 -55.51 89.09 -72.38
C ASN J 925 -56.33 87.94 -71.83
N SER J 926 -57.06 87.24 -72.69
CA SER J 926 -57.84 86.07 -72.27
C SER J 926 -57.00 84.81 -72.20
N ALA J 927 -55.90 84.74 -72.95
CA ALA J 927 -55.04 83.57 -72.92
C ALA J 927 -54.19 83.56 -71.64
N ILE J 928 -53.71 84.72 -71.22
CA ILE J 928 -52.93 84.80 -69.98
C ILE J 928 -53.81 84.51 -68.78
N GLY J 929 -55.08 84.93 -68.83
CA GLY J 929 -55.97 84.67 -67.72
C GLY J 929 -56.25 83.20 -67.50
N LYS J 930 -56.29 82.42 -68.59
CA LYS J 930 -56.53 80.99 -68.47
C LYS J 930 -55.29 80.24 -67.99
N ILE J 931 -54.12 80.88 -68.00
CA ILE J 931 -52.92 80.22 -67.52
C ILE J 931 -53.00 79.97 -66.01
N GLN J 932 -53.47 80.97 -65.26
CA GLN J 932 -53.59 80.81 -63.81
C GLN J 932 -54.64 79.75 -63.46
N ASP J 933 -55.69 79.64 -64.28
CA ASP J 933 -56.73 78.64 -64.00
C ASP J 933 -56.30 77.25 -64.45
N SER J 934 -55.50 77.16 -65.52
CA SER J 934 -55.07 75.86 -66.02
C SER J 934 -54.13 75.17 -65.04
N LEU J 935 -53.24 75.93 -64.39
CA LEU J 935 -52.32 75.34 -63.44
C LEU J 935 -53.02 74.89 -62.16
N SER J 936 -54.14 75.52 -61.82
CA SER J 936 -54.87 75.18 -60.60
C SER J 936 -55.91 74.09 -60.83
N SER J 937 -56.62 74.14 -61.97
CA SER J 937 -57.65 73.14 -62.24
C SER J 937 -57.03 71.78 -62.52
N THR J 938 -55.86 71.75 -63.15
CA THR J 938 -55.20 70.48 -63.44
C THR J 938 -54.72 69.84 -62.15
N PRO J 939 -55.07 68.58 -61.88
CA PRO J 939 -54.59 67.96 -60.63
C PRO J 939 -53.09 67.73 -60.62
N SER J 940 -52.49 67.41 -61.76
CA SER J 940 -51.05 67.19 -61.88
C SER J 940 -50.52 68.09 -62.99
N ALA J 941 -50.18 69.33 -62.63
CA ALA J 941 -49.64 70.30 -63.58
C ALA J 941 -48.15 70.52 -63.39
N LEU J 942 -47.71 70.84 -62.18
CA LEU J 942 -46.28 71.02 -61.89
C LEU J 942 -45.69 69.67 -61.46
N GLY J 943 -45.75 68.72 -62.38
CA GLY J 943 -45.27 67.38 -62.11
C GLY J 943 -43.78 67.22 -62.27
N LYS J 944 -43.17 68.11 -63.07
CA LYS J 944 -41.73 68.04 -63.26
C LYS J 944 -40.96 68.68 -62.12
N LEU J 945 -41.59 69.62 -61.39
CA LEU J 945 -40.96 70.20 -60.21
C LEU J 945 -41.09 69.31 -58.99
N GLN J 946 -42.13 68.47 -58.92
CA GLN J 946 -42.28 67.52 -57.83
C GLN J 946 -41.46 66.25 -58.05
N ASP J 947 -41.09 65.96 -59.30
CA ASP J 947 -40.30 64.76 -59.56
C ASP J 947 -38.88 64.91 -58.99
N VAL J 948 -38.31 66.11 -59.07
CA VAL J 948 -36.98 66.33 -58.51
C VAL J 948 -37.00 66.44 -57.00
N VAL J 949 -38.17 66.73 -56.41
CA VAL J 949 -38.26 66.80 -54.95
C VAL J 949 -38.56 65.44 -54.37
N ASN J 950 -39.43 64.67 -55.02
CA ASN J 950 -39.75 63.33 -54.53
C ASN J 950 -38.56 62.38 -54.67
N HIS J 951 -37.73 62.57 -55.70
CA HIS J 951 -36.54 61.74 -55.85
C HIS J 951 -35.47 62.10 -54.82
N ASN J 952 -35.36 63.37 -54.45
CA ASN J 952 -34.42 63.76 -53.41
C ASN J 952 -34.92 63.39 -52.01
N ALA J 953 -36.24 63.43 -51.80
CA ALA J 953 -36.79 63.00 -50.53
C ALA J 953 -36.69 61.49 -50.37
N GLN J 954 -36.90 60.74 -51.46
CA GLN J 954 -36.77 59.29 -51.41
C GLN J 954 -35.33 58.87 -51.17
N ALA J 955 -34.37 59.57 -51.78
CA ALA J 955 -32.97 59.23 -51.58
C ALA J 955 -32.53 59.51 -50.15
N LEU J 956 -33.05 60.59 -49.54
CA LEU J 956 -32.73 60.88 -48.15
C LEU J 956 -33.45 59.91 -47.20
N ASN J 957 -34.71 59.59 -47.50
CA ASN J 957 -35.42 58.62 -46.68
C ASN J 957 -34.77 57.25 -46.77
N THR J 958 -34.23 56.90 -47.95
CA THR J 958 -33.53 55.63 -48.09
C THR J 958 -32.22 55.64 -47.31
N LEU J 959 -31.47 56.73 -47.38
CA LEU J 959 -30.21 56.82 -46.66
C LEU J 959 -30.42 56.83 -45.14
N VAL J 960 -31.50 57.46 -44.68
CA VAL J 960 -31.78 57.47 -43.25
C VAL J 960 -32.26 56.09 -42.79
N LYS J 961 -33.14 55.46 -43.57
CA LYS J 961 -33.69 54.16 -43.18
C LYS J 961 -32.74 53.03 -43.56
N GLN J 962 -31.47 53.16 -43.19
CA GLN J 962 -30.51 52.07 -43.33
C GLN J 962 -29.58 51.94 -42.14
N LEU J 963 -29.75 52.76 -41.10
CA LEU J 963 -28.94 52.64 -39.89
C LEU J 963 -29.37 51.47 -39.02
N SER J 964 -30.57 50.94 -39.21
CA SER J 964 -31.07 49.77 -38.50
C SER J 964 -31.27 48.67 -39.54
N SER J 965 -30.21 47.91 -39.80
CA SER J 965 -30.24 46.87 -40.82
C SER J 965 -29.19 45.83 -40.48
N LYS J 966 -29.53 44.55 -40.67
CA LYS J 966 -28.65 43.45 -40.31
C LYS J 966 -27.52 43.36 -41.33
N PHE J 967 -26.39 44.01 -41.03
CA PHE J 967 -25.21 43.94 -41.86
C PHE J 967 -24.03 43.40 -41.07
N GLY J 968 -24.23 42.31 -40.35
CA GLY J 968 -23.20 41.78 -39.48
C GLY J 968 -23.73 41.35 -38.13
N ALA J 969 -23.27 42.00 -37.06
CA ALA J 969 -23.66 41.66 -35.70
C ALA J 969 -25.17 41.64 -35.52
N ILE J 970 -25.64 40.93 -34.49
CA ILE J 970 -27.07 40.74 -34.30
C ILE J 970 -27.76 42.06 -33.94
N SER J 971 -27.00 43.04 -33.47
CA SER J 971 -27.56 44.33 -33.09
C SER J 971 -27.25 45.37 -34.15
N SER J 972 -28.20 46.29 -34.33
CA SER J 972 -28.06 47.39 -35.29
C SER J 972 -27.84 48.73 -34.59
N VAL J 973 -27.60 48.71 -33.28
CA VAL J 973 -27.35 49.92 -32.51
C VAL J 973 -25.92 49.87 -32.01
N LEU J 974 -25.17 50.95 -32.23
CA LEU J 974 -23.77 51.00 -31.85
C LEU J 974 -23.58 50.99 -30.33
N ASN J 975 -24.59 51.40 -29.58
CA ASN J 975 -24.48 51.35 -28.12
C ASN J 975 -24.48 49.91 -27.62
N ASP J 976 -25.20 49.02 -28.30
CA ASP J 976 -25.24 47.61 -27.92
C ASP J 976 -24.04 46.83 -28.44
N ILE J 977 -23.14 47.46 -29.20
CA ILE J 977 -21.96 46.76 -29.69
C ILE J 977 -20.89 46.69 -28.61
N PHE J 978 -20.62 47.81 -27.94
CA PHE J 978 -19.65 47.86 -26.87
C PHE J 978 -20.16 47.22 -25.58
N SER J 979 -21.45 46.94 -25.49
CA SER J 979 -22.04 46.27 -24.34
C SER J 979 -22.46 44.86 -24.72
N ARG J 980 -22.65 44.01 -23.71
CA ARG J 980 -23.03 42.61 -23.88
C ARG J 980 -22.00 41.82 -24.68
N LEU J 981 -20.81 42.38 -24.88
CA LEU J 981 -19.76 41.73 -25.65
C LEU J 981 -18.43 42.01 -24.97
N ASP J 982 -17.34 41.67 -25.66
CA ASP J 982 -15.99 41.87 -25.17
C ASP J 982 -15.20 42.76 -26.12
N PRO J 983 -14.30 43.60 -25.61
CA PRO J 983 -13.53 44.50 -26.47
C PRO J 983 -12.77 43.77 -27.56
N PRO J 984 -12.03 42.68 -27.26
CA PRO J 984 -11.27 42.02 -28.34
C PRO J 984 -12.13 41.37 -29.40
N GLU J 985 -13.44 41.20 -29.17
CA GLU J 985 -14.33 40.60 -30.16
C GLU J 985 -15.34 41.59 -30.74
N ALA J 986 -15.78 42.57 -29.95
CA ALA J 986 -16.72 43.56 -30.47
C ALA J 986 -16.08 44.41 -31.55
N GLU J 987 -14.80 44.74 -31.39
CA GLU J 987 -14.10 45.49 -32.42
C GLU J 987 -13.91 44.70 -33.71
N VAL J 988 -14.00 43.37 -33.63
CA VAL J 988 -13.90 42.55 -34.84
C VAL J 988 -15.21 42.62 -35.62
N GLN J 989 -16.34 42.38 -34.95
CA GLN J 989 -17.64 42.44 -35.60
C GLN J 989 -18.27 43.83 -35.48
N ILE J 990 -17.50 44.85 -35.85
CA ILE J 990 -18.01 46.22 -35.93
C ILE J 990 -17.69 46.89 -37.25
N ASP J 991 -16.71 46.41 -38.02
CA ASP J 991 -16.46 46.96 -39.34
C ASP J 991 -17.50 46.52 -40.37
N ARG J 992 -18.23 45.44 -40.08
CA ARG J 992 -19.32 45.03 -40.96
C ARG J 992 -20.46 46.01 -40.95
N LEU J 993 -20.65 46.72 -39.83
CA LEU J 993 -21.64 47.78 -39.75
C LEU J 993 -21.08 49.14 -40.13
N ILE J 994 -19.75 49.27 -40.21
CA ILE J 994 -19.14 50.50 -40.70
C ILE J 994 -19.01 50.47 -42.22
N THR J 995 -18.54 49.35 -42.77
CA THR J 995 -18.48 49.21 -44.23
C THR J 995 -19.89 49.17 -44.83
N GLY J 996 -20.83 48.53 -44.13
CA GLY J 996 -22.19 48.49 -44.62
C GLY J 996 -22.84 49.86 -44.69
N ARG J 997 -22.47 50.75 -43.78
CA ARG J 997 -22.95 52.13 -43.82
C ARG J 997 -22.07 53.02 -44.67
N LEU J 998 -20.84 52.59 -44.99
CA LEU J 998 -19.99 53.38 -45.86
C LEU J 998 -20.31 53.15 -47.34
N GLN J 999 -20.81 51.95 -47.68
CA GLN J 999 -21.23 51.69 -49.05
C GLN J 999 -22.61 52.25 -49.32
N SER J 1000 -23.47 52.33 -48.29
CA SER J 1000 -24.77 52.96 -48.46
C SER J 1000 -24.64 54.46 -48.70
N LEU J 1001 -23.69 55.11 -48.02
CA LEU J 1001 -23.42 56.52 -48.27
C LEU J 1001 -22.71 56.72 -49.59
N GLN J 1002 -21.91 55.73 -50.02
CA GLN J 1002 -21.23 55.83 -51.30
C GLN J 1002 -22.22 55.68 -52.47
N THR J 1003 -23.26 54.88 -52.28
CA THR J 1003 -24.29 54.76 -53.32
C THR J 1003 -25.08 56.06 -53.46
N TYR J 1004 -25.37 56.73 -52.35
CA TYR J 1004 -26.07 58.00 -52.40
C TYR J 1004 -25.28 59.04 -53.19
N VAL J 1005 -23.96 59.10 -52.98
CA VAL J 1005 -23.13 60.02 -53.73
C VAL J 1005 -23.10 59.64 -55.20
N THR J 1006 -23.09 58.34 -55.49
CA THR J 1006 -23.08 57.89 -56.88
C THR J 1006 -24.40 58.19 -57.57
N GLN J 1007 -25.51 58.01 -56.85
CA GLN J 1007 -26.82 58.30 -57.43
C GLN J 1007 -27.11 59.79 -57.52
N GLN J 1008 -26.43 60.62 -56.73
CA GLN J 1008 -26.57 62.07 -56.86
C GLN J 1008 -25.81 62.63 -58.06
N LEU J 1009 -24.74 61.95 -58.49
CA LEU J 1009 -24.03 62.38 -59.69
C LEU J 1009 -24.81 62.05 -60.95
N ILE J 1010 -25.54 60.94 -60.95
CA ILE J 1010 -26.41 60.62 -62.09
C ILE J 1010 -27.62 61.54 -62.11
N ARG J 1011 -28.15 61.88 -60.94
CA ARG J 1011 -29.29 62.78 -60.86
C ARG J 1011 -28.90 64.21 -61.21
N ALA J 1012 -27.68 64.62 -60.86
CA ALA J 1012 -27.21 65.95 -61.24
C ALA J 1012 -26.93 66.06 -62.72
N ALA J 1013 -26.63 64.95 -63.40
CA ALA J 1013 -26.43 64.97 -64.84
C ALA J 1013 -27.73 65.23 -65.59
N GLU J 1014 -28.87 64.86 -65.00
CA GLU J 1014 -30.16 65.16 -65.61
C GLU J 1014 -30.63 66.57 -65.32
N ILE J 1015 -30.28 67.12 -64.16
CA ILE J 1015 -30.61 68.51 -63.85
C ILE J 1015 -29.75 69.45 -64.69
N ARG J 1016 -28.49 69.09 -64.91
CA ARG J 1016 -27.62 69.91 -65.75
C ARG J 1016 -28.10 69.91 -67.19
N ALA J 1017 -28.59 68.77 -67.69
CA ALA J 1017 -29.15 68.72 -69.03
C ALA J 1017 -30.42 69.55 -69.13
N SER J 1018 -31.20 69.62 -68.06
CA SER J 1018 -32.40 70.46 -68.06
C SER J 1018 -32.06 71.92 -67.78
N ALA J 1019 -30.97 72.18 -67.07
CA ALA J 1019 -30.56 73.57 -66.84
C ALA J 1019 -30.02 74.19 -68.12
N ASN J 1020 -29.24 73.43 -68.89
CA ASN J 1020 -28.77 73.93 -70.18
C ASN J 1020 -29.91 74.05 -71.17
N LEU J 1021 -30.96 73.25 -71.00
CA LEU J 1021 -32.14 73.37 -71.86
C LEU J 1021 -32.96 74.60 -71.49
N ALA J 1022 -33.07 74.89 -70.19
CA ALA J 1022 -33.79 76.08 -69.76
C ALA J 1022 -33.00 77.34 -70.06
N ALA J 1023 -31.67 77.27 -70.02
CA ALA J 1023 -30.85 78.42 -70.38
C ALA J 1023 -30.93 78.71 -71.87
N THR J 1024 -31.22 77.69 -72.69
CA THR J 1024 -31.34 77.91 -74.12
C THR J 1024 -32.71 78.47 -74.49
N LYS J 1025 -33.77 78.00 -73.80
CA LYS J 1025 -35.11 78.51 -74.06
C LYS J 1025 -35.29 79.94 -73.57
N MET J 1026 -34.52 80.38 -72.58
CA MET J 1026 -34.56 81.76 -72.11
C MET J 1026 -33.72 82.68 -72.97
N SER J 1027 -32.93 82.14 -73.89
CA SER J 1027 -32.12 82.93 -74.80
C SER J 1027 -32.60 82.88 -76.25
N GLU J 1028 -33.40 81.87 -76.63
CA GLU J 1028 -33.94 81.77 -77.97
C GLU J 1028 -35.42 82.09 -78.06
N CYS J 1029 -36.14 82.11 -76.93
CA CYS J 1029 -37.54 82.49 -76.92
C CYS J 1029 -37.80 83.83 -76.25
N VAL J 1030 -36.97 84.22 -75.28
CA VAL J 1030 -37.14 85.49 -74.59
C VAL J 1030 -36.28 86.58 -75.23
N LEU J 1031 -35.00 86.28 -75.48
CA LEU J 1031 -34.10 87.23 -76.11
C LEU J 1031 -34.36 87.38 -77.61
N GLY J 1032 -35.25 86.57 -78.18
CA GLY J 1032 -35.51 86.64 -79.60
C GLY J 1032 -36.59 85.66 -79.99
N GLN J 1033 -36.84 85.60 -81.29
CA GLN J 1033 -37.85 84.72 -81.87
C GLN J 1033 -37.17 83.61 -82.65
N SER J 1034 -37.63 82.37 -82.43
CA SER J 1034 -37.10 81.21 -83.10
C SER J 1034 -37.97 80.84 -84.30
N LYS J 1035 -37.32 80.26 -85.32
CA LYS J 1035 -38.00 79.87 -86.54
C LYS J 1035 -38.27 78.37 -86.62
N ARG J 1036 -37.63 77.58 -85.75
CA ARG J 1036 -37.90 76.15 -85.64
C ARG J 1036 -38.70 75.96 -84.35
N VAL J 1037 -39.99 75.71 -84.50
CA VAL J 1037 -40.93 75.78 -83.36
C VAL J 1037 -40.92 74.40 -82.71
N ASP J 1038 -39.91 74.15 -81.88
CA ASP J 1038 -39.94 73.08 -80.92
C ASP J 1038 -39.31 73.47 -79.59
N PHE J 1039 -38.85 74.72 -79.44
CA PHE J 1039 -38.26 75.21 -78.21
C PHE J 1039 -39.15 76.22 -77.52
N CYS J 1040 -40.05 76.88 -78.25
CA CYS J 1040 -40.92 77.91 -77.69
C CYS J 1040 -42.39 77.59 -77.87
N GLY J 1041 -42.80 76.35 -77.60
CA GLY J 1041 -44.19 75.98 -77.65
C GLY J 1041 -44.58 75.16 -78.86
N LYS J 1042 -45.82 75.30 -79.31
CA LYS J 1042 -46.34 74.56 -80.46
C LYS J 1042 -47.13 75.53 -81.33
N GLY J 1043 -46.69 75.68 -82.58
CA GLY J 1043 -47.33 76.59 -83.50
C GLY J 1043 -46.35 77.47 -84.23
N TYR J 1044 -46.50 78.79 -84.07
CA TYR J 1044 -45.57 79.76 -84.63
C TYR J 1044 -45.14 80.70 -83.51
N HIS J 1045 -43.87 80.63 -83.12
CA HIS J 1045 -43.38 81.37 -81.96
C HIS J 1045 -43.42 82.87 -82.21
N LEU J 1046 -43.95 83.60 -81.24
CA LEU J 1046 -43.94 85.06 -81.26
C LEU J 1046 -43.08 85.63 -80.14
N MET J 1047 -43.36 85.28 -78.89
CA MET J 1047 -42.59 85.77 -77.76
C MET J 1047 -42.84 84.85 -76.58
N SER J 1048 -42.03 85.02 -75.54
CA SER J 1048 -42.14 84.22 -74.33
C SER J 1048 -41.88 85.10 -73.12
N PHE J 1049 -42.25 84.60 -71.94
CA PHE J 1049 -42.10 85.34 -70.70
C PHE J 1049 -41.60 84.42 -69.59
N PRO J 1050 -40.39 84.65 -69.09
CA PRO J 1050 -39.87 83.78 -68.02
C PRO J 1050 -40.48 84.13 -66.67
N GLN J 1051 -40.61 83.10 -65.83
CA GLN J 1051 -41.16 83.26 -64.49
C GLN J 1051 -40.41 82.34 -63.54
N SER J 1052 -40.31 82.77 -62.29
CA SER J 1052 -39.63 81.97 -61.27
C SER J 1052 -40.47 80.76 -60.90
N ALA J 1053 -39.85 79.85 -60.14
CA ALA J 1053 -40.49 78.60 -59.75
C ALA J 1053 -39.72 78.02 -58.57
N PRO J 1054 -40.31 77.08 -57.83
CA PRO J 1054 -39.57 76.42 -56.74
C PRO J 1054 -38.52 75.46 -57.27
N HIS J 1055 -37.33 76.00 -57.55
CA HIS J 1055 -36.21 75.23 -58.10
C HIS J 1055 -36.50 74.78 -59.53
N GLY J 1056 -37.04 75.69 -60.33
CA GLY J 1056 -37.33 75.40 -61.72
C GLY J 1056 -37.56 76.67 -62.50
N VAL J 1057 -38.29 76.56 -63.59
CA VAL J 1057 -38.61 77.70 -64.44
C VAL J 1057 -39.93 77.42 -65.15
N VAL J 1058 -40.71 78.48 -65.37
CA VAL J 1058 -42.02 78.39 -66.00
C VAL J 1058 -42.05 79.39 -67.15
N PHE J 1059 -42.04 78.89 -68.38
CA PHE J 1059 -42.13 79.73 -69.56
C PHE J 1059 -43.59 79.87 -70.00
N LEU J 1060 -43.91 81.04 -70.55
CA LEU J 1060 -45.23 81.33 -71.09
C LEU J 1060 -45.05 81.68 -72.57
N HIS J 1061 -45.06 80.65 -73.41
CA HIS J 1061 -44.81 80.84 -74.83
C HIS J 1061 -46.07 81.35 -75.52
N VAL J 1062 -45.91 82.39 -76.34
CA VAL J 1062 -47.01 82.97 -77.12
C VAL J 1062 -46.88 82.43 -78.53
N THR J 1063 -47.86 81.64 -78.97
CA THR J 1063 -47.82 80.97 -80.25
C THR J 1063 -48.88 81.54 -81.19
N TYR J 1064 -48.57 81.50 -82.49
CA TYR J 1064 -49.47 81.94 -83.54
C TYR J 1064 -50.07 80.70 -84.19
N VAL J 1065 -51.33 80.43 -83.91
CA VAL J 1065 -52.02 79.24 -84.40
C VAL J 1065 -53.11 79.70 -85.37
N PRO J 1066 -52.96 79.44 -86.67
CA PRO J 1066 -54.01 79.81 -87.62
C PRO J 1066 -55.26 78.97 -87.41
N ALA J 1067 -56.40 79.50 -87.86
CA ALA J 1067 -57.68 78.83 -87.74
C ALA J 1067 -58.60 79.29 -88.87
N GLN J 1068 -59.76 78.64 -88.97
CA GLN J 1068 -60.78 78.97 -89.95
C GLN J 1068 -60.20 78.93 -91.38
N GLU J 1069 -59.74 77.74 -91.77
CA GLU J 1069 -59.20 77.55 -93.10
C GLU J 1069 -60.33 77.49 -94.13
N LYS J 1070 -59.95 77.68 -95.39
CA LYS J 1070 -60.91 77.67 -96.49
C LYS J 1070 -60.20 77.23 -97.75
N ASN J 1071 -60.78 76.26 -98.45
CA ASN J 1071 -60.15 75.70 -99.64
C ASN J 1071 -60.18 76.71 -100.79
N PHE J 1072 -59.20 76.57 -101.68
CA PHE J 1072 -59.09 77.45 -102.83
C PHE J 1072 -58.42 76.68 -103.97
N THR J 1073 -58.35 77.33 -105.13
CA THR J 1073 -57.70 76.77 -106.31
C THR J 1073 -56.41 77.53 -106.57
N THR J 1074 -55.29 76.80 -106.60
CA THR J 1074 -53.97 77.40 -106.76
C THR J 1074 -53.38 77.04 -108.12
N ALA J 1075 -52.30 77.72 -108.46
CA ALA J 1075 -51.60 77.51 -109.72
C ALA J 1075 -50.15 77.92 -109.58
N PRO J 1076 -49.21 77.18 -110.19
CA PRO J 1076 -47.80 77.55 -110.05
C PRO J 1076 -47.47 78.91 -110.63
N ALA J 1077 -47.97 79.23 -111.83
CA ALA J 1077 -47.70 80.51 -112.46
C ALA J 1077 -48.86 80.85 -113.39
N ILE J 1078 -48.75 82.01 -114.03
CA ILE J 1078 -49.75 82.50 -114.97
C ILE J 1078 -49.04 83.00 -116.22
N CYS J 1079 -49.70 82.88 -117.36
CA CYS J 1079 -49.15 83.25 -118.65
C CYS J 1079 -49.97 84.39 -119.23
N HIS J 1080 -49.35 85.56 -119.40
CA HIS J 1080 -50.02 86.74 -119.93
C HIS J 1080 -49.49 87.14 -121.29
N ASP J 1081 -48.19 87.37 -121.42
CA ASP J 1081 -47.56 87.78 -122.68
C ASP J 1081 -46.62 86.70 -123.21
N GLY J 1082 -47.01 85.45 -123.06
CA GLY J 1082 -46.17 84.33 -123.47
C GLY J 1082 -45.05 83.99 -122.51
N LYS J 1083 -44.89 84.72 -121.42
CA LYS J 1083 -43.87 84.45 -120.43
C LYS J 1083 -44.52 84.18 -119.08
N ALA J 1084 -43.91 83.26 -118.33
CA ALA J 1084 -44.47 82.87 -117.03
C ALA J 1084 -44.29 83.99 -116.01
N HIS J 1085 -45.23 84.03 -115.06
CA HIS J 1085 -45.20 85.00 -113.97
C HIS J 1085 -45.29 84.26 -112.65
N PHE J 1086 -44.20 84.26 -111.90
CA PHE J 1086 -44.17 83.57 -110.61
C PHE J 1086 -44.36 84.55 -109.47
N PRO J 1087 -45.04 84.14 -108.40
CA PRO J 1087 -45.21 85.04 -107.25
C PRO J 1087 -43.88 85.35 -106.58
N ARG J 1088 -43.70 86.63 -106.25
CA ARG J 1088 -42.48 87.05 -105.57
C ARG J 1088 -42.47 86.58 -104.12
N GLU J 1089 -43.50 86.95 -103.35
CA GLU J 1089 -43.65 86.52 -101.96
C GLU J 1089 -45.14 86.26 -101.73
N GLY J 1090 -45.56 85.02 -101.93
CA GLY J 1090 -46.95 84.65 -101.76
C GLY J 1090 -47.29 83.49 -102.66
N VAL J 1091 -48.60 83.28 -102.83
CA VAL J 1091 -49.13 82.18 -103.63
C VAL J 1091 -50.34 82.67 -104.40
N PHE J 1092 -50.52 82.12 -105.61
CA PHE J 1092 -51.67 82.45 -106.43
C PHE J 1092 -52.91 81.69 -105.95
N VAL J 1093 -54.00 82.42 -105.74
CA VAL J 1093 -55.26 81.83 -105.32
C VAL J 1093 -56.32 82.16 -106.37
N SER J 1094 -57.46 81.50 -106.25
CA SER J 1094 -58.57 81.70 -107.18
C SER J 1094 -59.87 81.38 -106.49
N ASN J 1095 -60.91 82.16 -106.79
CA ASN J 1095 -62.24 81.94 -106.26
C ASN J 1095 -63.22 81.51 -107.35
N GLY J 1096 -62.72 80.89 -108.40
CA GLY J 1096 -63.55 80.44 -109.50
C GLY J 1096 -63.66 81.43 -110.63
N THR J 1097 -63.78 82.71 -110.30
CA THR J 1097 -63.95 83.76 -111.30
C THR J 1097 -62.64 84.49 -111.58
N HIS J 1098 -62.03 85.06 -110.56
CA HIS J 1098 -60.80 85.84 -110.70
C HIS J 1098 -59.63 85.13 -110.03
N TRP J 1099 -58.45 85.71 -110.22
CA TRP J 1099 -57.22 85.20 -109.62
C TRP J 1099 -56.56 86.30 -108.80
N PHE J 1100 -56.09 85.94 -107.61
CA PHE J 1100 -55.46 86.87 -106.70
C PHE J 1100 -54.18 86.24 -106.15
N VAL J 1101 -53.44 87.03 -105.36
CA VAL J 1101 -52.20 86.58 -104.75
C VAL J 1101 -52.27 86.95 -103.26
N THR J 1102 -52.20 85.94 -102.40
CA THR J 1102 -52.24 86.13 -100.96
C THR J 1102 -50.90 85.69 -100.35
N GLN J 1103 -50.84 85.76 -99.02
CA GLN J 1103 -49.68 85.30 -98.28
C GLN J 1103 -49.90 83.88 -97.79
N ARG J 1104 -48.79 83.21 -97.45
CA ARG J 1104 -48.82 81.79 -97.13
C ARG J 1104 -49.49 81.49 -95.80
N ASN J 1105 -49.75 82.50 -94.96
CA ASN J 1105 -50.31 82.27 -93.64
C ASN J 1105 -51.55 83.13 -93.36
N PHE J 1106 -52.07 83.82 -94.36
CA PHE J 1106 -53.26 84.65 -94.17
C PHE J 1106 -53.89 84.91 -95.53
N TYR J 1107 -55.20 85.18 -95.51
CA TYR J 1107 -55.97 85.44 -96.73
C TYR J 1107 -56.08 86.94 -96.92
N GLU J 1108 -55.24 87.48 -97.81
CA GLU J 1108 -55.26 88.90 -98.17
C GLU J 1108 -55.20 88.99 -99.69
N PRO J 1109 -56.34 88.89 -100.36
CA PRO J 1109 -56.34 88.89 -101.83
C PRO J 1109 -56.05 90.26 -102.43
N GLN J 1110 -54.99 90.35 -103.23
CA GLN J 1110 -54.62 91.57 -103.93
C GLN J 1110 -54.64 91.32 -105.43
N ILE J 1111 -54.46 92.40 -106.19
CA ILE J 1111 -54.43 92.32 -107.65
C ILE J 1111 -53.04 91.92 -108.10
N ILE J 1112 -52.98 91.16 -109.19
CA ILE J 1112 -51.72 90.62 -109.70
C ILE J 1112 -51.14 91.69 -110.63
N THR J 1113 -50.33 92.58 -110.05
CA THR J 1113 -49.66 93.63 -110.80
C THR J 1113 -48.28 93.15 -111.24
N THR J 1114 -47.47 94.06 -111.76
CA THR J 1114 -46.11 93.74 -112.19
C THR J 1114 -45.12 93.70 -111.03
N ASP J 1115 -45.41 94.39 -109.93
CA ASP J 1115 -44.51 94.40 -108.78
C ASP J 1115 -44.66 93.18 -107.90
N ASN J 1116 -45.87 92.62 -107.80
CA ASN J 1116 -46.11 91.47 -106.95
C ASN J 1116 -45.54 90.18 -107.53
N THR J 1117 -45.25 90.15 -108.83
CA THR J 1117 -44.75 88.96 -109.49
C THR J 1117 -43.46 89.29 -110.24
N PHE J 1118 -42.85 88.25 -110.80
CA PHE J 1118 -41.63 88.41 -111.59
C PHE J 1118 -41.64 87.38 -112.71
N VAL J 1119 -41.11 87.77 -113.86
CA VAL J 1119 -41.09 86.91 -115.04
C VAL J 1119 -39.80 86.11 -115.06
N SER J 1120 -39.91 84.84 -115.49
CA SER J 1120 -38.74 83.96 -115.58
C SER J 1120 -39.06 82.90 -116.63
N GLY J 1121 -38.50 83.06 -117.82
CA GLY J 1121 -38.70 82.11 -118.89
C GLY J 1121 -40.00 82.32 -119.64
N ASN J 1122 -40.41 81.27 -120.36
CA ASN J 1122 -41.63 81.29 -121.14
C ASN J 1122 -42.53 80.14 -120.69
N CYS J 1123 -43.77 80.15 -121.21
CA CYS J 1123 -44.79 79.20 -120.79
C CYS J 1123 -44.69 77.92 -121.62
N ASP J 1124 -43.60 77.19 -121.37
CA ASP J 1124 -43.35 75.92 -122.05
C ASP J 1124 -42.92 74.78 -121.15
N VAL J 1125 -42.38 75.06 -119.96
CA VAL J 1125 -41.85 74.02 -119.10
C VAL J 1125 -42.64 73.88 -117.79
N VAL J 1126 -43.24 74.96 -117.30
CA VAL J 1126 -44.01 74.89 -116.06
C VAL J 1126 -45.28 74.10 -116.31
N ILE J 1127 -45.49 73.06 -115.50
CA ILE J 1127 -46.63 72.16 -115.65
C ILE J 1127 -47.75 72.65 -114.75
N GLY J 1128 -48.92 72.88 -115.33
CA GLY J 1128 -50.07 73.36 -114.59
C GLY J 1128 -50.26 74.86 -114.58
N ILE J 1129 -49.61 75.59 -115.48
CA ILE J 1129 -49.70 77.05 -115.50
C ILE J 1129 -51.02 77.45 -116.15
N VAL J 1130 -51.84 78.19 -115.41
CA VAL J 1130 -53.11 78.69 -115.94
C VAL J 1130 -52.84 79.98 -116.71
N ASN J 1131 -53.79 80.49 -117.43
CA ASN J 1131 -53.49 81.76 -117.95
C ASN J 1131 -54.43 82.75 -117.42
N ASN J 1132 -53.97 83.94 -117.56
CA ASN J 1132 -54.65 85.10 -116.98
C ASN J 1132 -53.93 86.36 -117.47
N THR J 1133 -54.56 87.51 -117.22
CA THR J 1133 -54.02 88.80 -117.64
C THR J 1133 -53.56 89.55 -116.39
N VAL J 1134 -52.25 89.82 -116.33
CA VAL J 1134 -51.67 90.54 -115.19
C VAL J 1134 -51.95 92.03 -115.35
N TYR J 1135 -51.71 92.79 -114.30
CA TYR J 1135 -51.91 94.24 -114.30
C TYR J 1135 -50.56 94.94 -114.33
N ASP J 1136 -50.61 96.24 -114.62
CA ASP J 1136 -49.41 97.05 -114.70
C ASP J 1136 -49.76 98.48 -114.27
N PRO J 1137 -48.99 99.06 -113.36
CA PRO J 1137 -49.32 100.43 -112.91
C PRO J 1137 -49.04 101.49 -113.97
N LEU J 1138 -48.11 101.24 -114.89
CA LEU J 1138 -47.77 102.24 -115.89
C LEU J 1138 -48.81 102.32 -117.00
N GLN J 1139 -49.59 101.26 -117.20
CA GLN J 1139 -50.56 101.25 -118.29
C GLN J 1139 -51.65 102.31 -118.12
N PRO J 1140 -52.31 102.46 -116.96
CA PRO J 1140 -53.33 103.51 -116.85
C PRO J 1140 -52.74 104.91 -116.91
N GLU J 1141 -51.53 105.11 -116.37
CA GLU J 1141 -50.88 106.41 -116.38
C GLU J 1141 -50.00 106.62 -117.61
N LEU J 1142 -50.28 105.89 -118.70
CA LEU J 1142 -49.53 106.04 -119.93
C LEU J 1142 -50.13 107.06 -120.88
N ASP J 1143 -51.37 107.48 -120.64
CA ASP J 1143 -52.00 108.47 -121.53
C ASP J 1143 -51.40 109.86 -121.30
N SER J 1144 -51.34 110.30 -120.05
CA SER J 1144 -50.79 111.61 -119.73
C SER J 1144 -49.27 111.61 -119.82
N GLU K 1 1.45 -22.83 -61.91
CA GLU K 1 0.29 -22.13 -61.39
C GLU K 1 0.28 -22.19 -59.86
N VAL K 2 -0.49 -23.12 -59.31
CA VAL K 2 -0.56 -23.26 -57.86
C VAL K 2 0.72 -23.92 -57.35
N GLN K 3 1.36 -23.28 -56.37
CA GLN K 3 2.61 -23.76 -55.78
C GLN K 3 2.43 -23.81 -54.26
N LEU K 4 1.99 -24.96 -53.76
CA LEU K 4 1.77 -25.16 -52.33
C LEU K 4 3.05 -25.69 -51.70
N VAL K 5 3.99 -24.78 -51.47
CA VAL K 5 5.26 -25.14 -50.86
C VAL K 5 5.06 -25.35 -49.36
N GLU K 6 5.59 -26.46 -48.85
CA GLU K 6 5.44 -26.83 -47.46
C GLU K 6 6.79 -26.75 -46.75
N SER K 7 6.81 -26.09 -45.60
CA SER K 7 8.02 -25.93 -44.80
C SER K 7 7.78 -26.47 -43.39
N GLY K 8 8.86 -26.86 -42.73
CA GLY K 8 8.79 -27.41 -41.39
C GLY K 8 8.67 -28.91 -41.38
N GLY K 9 9.66 -29.58 -40.78
CA GLY K 9 9.65 -31.03 -40.70
C GLY K 9 11.03 -31.61 -40.48
N GLY K 10 11.11 -32.66 -39.67
CA GLY K 10 12.38 -33.28 -39.39
C GLY K 10 12.25 -34.29 -38.27
N LEU K 11 13.39 -34.58 -37.63
CA LEU K 11 13.44 -35.56 -36.54
C LEU K 11 13.24 -34.83 -35.21
N VAL K 12 12.25 -35.27 -34.44
CA VAL K 12 11.96 -34.70 -33.13
C VAL K 12 11.73 -35.85 -32.15
N GLN K 13 12.06 -35.61 -30.88
CA GLN K 13 11.88 -36.62 -29.87
C GLN K 13 10.39 -36.80 -29.55
N PRO K 14 9.98 -38.01 -29.20
CA PRO K 14 8.56 -38.23 -28.83
C PRO K 14 8.19 -37.44 -27.59
N GLY K 15 7.15 -36.61 -27.74
CA GLY K 15 6.67 -35.76 -26.66
C GLY K 15 6.94 -34.29 -26.87
N ARG K 16 7.65 -33.91 -27.93
CA ARG K 16 7.95 -32.52 -28.21
C ARG K 16 6.92 -31.95 -29.18
N SER K 17 7.12 -30.69 -29.58
CA SER K 17 6.21 -29.99 -30.46
C SER K 17 6.97 -29.34 -31.60
N LEU K 18 6.27 -29.09 -32.71
CA LEU K 18 6.84 -28.44 -33.87
C LEU K 18 5.75 -27.68 -34.61
N ARG K 19 6.17 -26.80 -35.51
CA ARG K 19 5.27 -25.96 -36.29
C ARG K 19 5.45 -26.26 -37.77
N LEU K 20 4.35 -26.60 -38.44
CA LEU K 20 4.35 -26.84 -39.87
C LEU K 20 3.69 -25.67 -40.60
N SER K 21 4.20 -25.37 -41.79
CA SER K 21 3.70 -24.27 -42.59
C SER K 21 3.50 -24.72 -44.02
N CYS K 22 2.62 -24.00 -44.73
CA CYS K 22 2.34 -24.29 -46.13
C CYS K 22 2.05 -22.95 -46.82
N ALA K 23 3.08 -22.38 -47.44
CA ALA K 23 2.95 -21.09 -48.12
C ALA K 23 2.26 -21.28 -49.46
N ALA K 24 1.11 -20.65 -49.64
CA ALA K 24 0.35 -20.75 -50.89
C ALA K 24 0.81 -19.69 -51.87
N SER K 25 0.73 -20.03 -53.17
CA SER K 25 1.13 -19.13 -54.22
C SER K 25 0.49 -19.58 -55.52
N GLY K 26 -0.21 -18.66 -56.19
CA GLY K 26 -0.86 -18.97 -57.45
C GLY K 26 -2.33 -18.61 -57.45
N PHE K 27 -2.98 -18.75 -56.31
CA PHE K 27 -4.40 -18.46 -56.16
C PHE K 27 -4.60 -17.46 -55.01
N THR K 28 -5.85 -17.15 -54.73
CA THR K 28 -6.21 -16.22 -53.66
C THR K 28 -6.48 -17.02 -52.39
N PHE K 29 -5.73 -16.71 -51.33
CA PHE K 29 -5.88 -17.41 -50.06
C PHE K 29 -7.02 -16.81 -49.24
N ASP K 30 -8.17 -16.61 -49.89
CA ASP K 30 -9.36 -16.14 -49.21
C ASP K 30 -10.64 -16.83 -49.66
N ASP K 31 -10.57 -17.72 -50.66
CA ASP K 31 -11.77 -18.38 -51.18
C ASP K 31 -11.58 -19.86 -51.45
N TYR K 32 -10.52 -20.48 -50.95
CA TYR K 32 -10.27 -21.90 -51.17
C TYR K 32 -9.85 -22.56 -49.87
N ALA K 33 -10.48 -23.69 -49.56
CA ALA K 33 -10.16 -24.41 -48.33
C ALA K 33 -8.90 -25.26 -48.52
N ILE K 34 -8.05 -25.28 -47.51
CA ILE K 34 -6.83 -26.06 -47.52
C ILE K 34 -6.80 -26.94 -46.27
N HIS K 35 -6.52 -28.22 -46.46
CA HIS K 35 -6.53 -29.20 -45.38
C HIS K 35 -5.14 -29.80 -45.20
N TRP K 36 -5.00 -30.60 -44.15
CA TRP K 36 -3.79 -31.36 -43.87
C TRP K 36 -4.11 -32.84 -43.90
N VAL K 37 -3.30 -33.61 -44.62
CA VAL K 37 -3.50 -35.06 -44.75
C VAL K 37 -2.13 -35.72 -44.73
N ARG K 38 -1.95 -36.71 -43.85
CA ARG K 38 -0.72 -37.46 -43.76
C ARG K 38 -0.79 -38.71 -44.62
N GLN K 39 0.37 -39.31 -44.86
CA GLN K 39 0.44 -40.53 -45.66
C GLN K 39 1.62 -41.35 -45.14
N ALA K 40 1.31 -42.42 -44.41
CA ALA K 40 2.35 -43.33 -43.94
C ALA K 40 3.00 -44.02 -45.14
N PRO K 41 4.30 -44.33 -45.06
CA PRO K 41 4.98 -44.98 -46.19
C PRO K 41 4.36 -46.32 -46.55
N GLY K 42 3.77 -46.39 -47.74
CA GLY K 42 3.16 -47.63 -48.20
C GLY K 42 2.01 -48.12 -47.37
N LYS K 43 1.35 -47.22 -46.63
CA LYS K 43 0.23 -47.60 -45.78
C LYS K 43 -0.90 -46.59 -45.92
N GLY K 44 -1.19 -46.16 -47.15
CA GLY K 44 -2.31 -45.29 -47.42
C GLY K 44 -2.14 -43.90 -46.84
N LEU K 45 -3.20 -43.11 -46.97
CA LEU K 45 -3.26 -41.75 -46.46
C LEU K 45 -4.19 -41.67 -45.25
N GLU K 46 -4.18 -40.51 -44.61
CA GLU K 46 -5.02 -40.29 -43.43
C GLU K 46 -5.22 -38.79 -43.26
N TRP K 47 -6.48 -38.38 -43.16
CA TRP K 47 -6.83 -36.97 -43.02
C TRP K 47 -6.59 -36.51 -41.59
N VAL K 48 -5.98 -35.34 -41.45
CA VAL K 48 -5.62 -34.82 -40.13
C VAL K 48 -6.63 -33.78 -39.70
N SER K 49 -6.73 -32.69 -40.45
CA SER K 49 -7.62 -31.58 -40.14
C SER K 49 -7.76 -30.72 -41.39
N GLY K 50 -8.47 -29.61 -41.26
CA GLY K 50 -8.66 -28.70 -42.39
C GLY K 50 -9.37 -27.44 -41.96
N ILE K 51 -9.23 -26.41 -42.79
CA ILE K 51 -9.85 -25.11 -42.55
C ILE K 51 -10.49 -24.64 -43.84
N THR K 52 -11.65 -24.00 -43.73
CA THR K 52 -12.39 -23.52 -44.89
C THR K 52 -11.75 -22.24 -45.41
N TRP K 53 -12.45 -21.55 -46.32
CA TRP K 53 -11.91 -20.32 -46.89
C TRP K 53 -11.68 -19.27 -45.81
N ASN K 54 -12.60 -19.15 -44.86
CA ASN K 54 -12.42 -18.25 -43.73
C ASN K 54 -11.76 -19.00 -42.58
N SER K 55 -11.56 -18.30 -41.47
CA SER K 55 -11.00 -18.94 -40.29
C SER K 55 -12.04 -19.86 -39.65
N GLY K 56 -12.02 -21.13 -40.03
CA GLY K 56 -12.97 -22.08 -39.48
C GLY K 56 -12.47 -23.51 -39.45
N THR K 57 -12.52 -24.15 -38.29
CA THR K 57 -12.08 -25.53 -38.18
C THR K 57 -13.20 -26.47 -38.58
N ILE K 58 -12.86 -27.46 -39.41
CA ILE K 58 -13.83 -28.42 -39.93
C ILE K 58 -13.77 -29.75 -39.19
N GLY K 59 -12.93 -29.85 -38.17
CA GLY K 59 -12.84 -31.06 -37.36
C GLY K 59 -11.47 -31.72 -37.48
N TYR K 60 -11.32 -32.77 -36.68
CA TYR K 60 -10.10 -33.55 -36.65
C TYR K 60 -10.44 -35.03 -36.83
N ALA K 61 -9.42 -35.87 -36.68
CA ALA K 61 -9.61 -37.31 -36.77
C ALA K 61 -9.98 -37.86 -35.39
N ASP K 62 -10.01 -39.19 -35.27
CA ASP K 62 -10.31 -39.83 -34.00
C ASP K 62 -9.08 -40.12 -33.15
N SER K 63 -7.91 -39.67 -33.58
CA SER K 63 -6.67 -39.92 -32.84
C SER K 63 -5.79 -38.69 -32.70
N VAL K 64 -6.25 -37.52 -33.13
CA VAL K 64 -5.47 -36.29 -33.05
C VAL K 64 -6.21 -35.21 -32.28
N LYS K 65 -7.32 -35.53 -31.64
CA LYS K 65 -8.07 -34.55 -30.88
C LYS K 65 -7.32 -34.15 -29.62
N GLY K 66 -7.32 -32.85 -29.33
CA GLY K 66 -6.64 -32.32 -28.16
C GLY K 66 -5.15 -32.10 -28.32
N ARG K 67 -4.48 -32.85 -29.20
CA ARG K 67 -3.06 -32.70 -29.42
C ARG K 67 -2.72 -31.78 -30.59
N PHE K 68 -3.52 -31.80 -31.65
CA PHE K 68 -3.27 -31.00 -32.84
C PHE K 68 -4.20 -29.80 -32.88
N THR K 69 -3.65 -28.67 -33.31
CA THR K 69 -4.41 -27.43 -33.45
C THR K 69 -4.00 -26.75 -34.74
N ILE K 70 -4.95 -26.56 -35.65
CA ILE K 70 -4.70 -25.98 -36.96
C ILE K 70 -5.13 -24.51 -36.93
N SER K 71 -4.37 -23.67 -37.61
CA SER K 71 -4.65 -22.24 -37.67
C SER K 71 -4.42 -21.73 -39.09
N ARG K 72 -5.20 -20.73 -39.48
CA ARG K 72 -5.12 -20.15 -40.81
C ARG K 72 -4.75 -18.68 -40.71
N ASP K 73 -3.86 -18.24 -41.60
CA ASP K 73 -3.39 -16.85 -41.65
C ASP K 73 -3.61 -16.34 -43.06
N ASN K 74 -4.70 -15.60 -43.28
CA ASN K 74 -5.00 -15.06 -44.60
C ASN K 74 -4.11 -13.88 -44.97
N ALA K 75 -3.47 -13.24 -44.00
CA ALA K 75 -2.63 -12.09 -44.29
C ALA K 75 -1.31 -12.50 -44.95
N LYS K 76 -0.67 -13.54 -44.43
CA LYS K 76 0.60 -14.02 -44.96
C LYS K 76 0.42 -15.14 -45.98
N ASN K 77 -0.81 -15.57 -46.25
CA ASN K 77 -1.11 -16.63 -47.21
C ASN K 77 -0.33 -17.91 -46.88
N SER K 78 -0.59 -18.43 -45.69
CA SER K 78 0.07 -19.65 -45.22
C SER K 78 -0.81 -20.32 -44.18
N LEU K 79 -0.91 -21.64 -44.28
CA LEU K 79 -1.68 -22.44 -43.33
C LEU K 79 -0.71 -23.13 -42.37
N TYR K 80 -1.02 -23.07 -41.07
CA TYR K 80 -0.17 -23.62 -40.04
C TYR K 80 -0.88 -24.74 -39.31
N LEU K 81 -0.09 -25.71 -38.82
CA LEU K 81 -0.62 -26.85 -38.08
C LEU K 81 0.31 -27.14 -36.91
N GLN K 82 -0.23 -27.03 -35.70
CA GLN K 82 0.53 -27.28 -34.49
C GLN K 82 0.33 -28.72 -34.03
N MET K 83 1.43 -29.37 -33.66
CA MET K 83 1.42 -30.77 -33.23
C MET K 83 2.03 -30.85 -31.82
N ASN K 84 1.25 -31.33 -30.87
CA ASN K 84 1.70 -31.50 -29.49
C ASN K 84 1.67 -32.97 -29.10
N SER K 85 2.63 -33.35 -28.25
CA SER K 85 2.72 -34.72 -27.72
C SER K 85 2.77 -35.75 -28.85
N LEU K 86 3.79 -35.63 -29.69
CA LEU K 86 3.96 -36.56 -30.79
C LEU K 86 4.38 -37.94 -30.27
N ARG K 87 3.85 -38.98 -30.90
CA ARG K 87 4.14 -40.36 -30.53
C ARG K 87 4.73 -41.10 -31.72
N ALA K 88 4.91 -42.42 -31.55
CA ALA K 88 5.54 -43.22 -32.59
C ALA K 88 4.65 -43.44 -33.80
N GLU K 89 3.33 -43.29 -33.64
CA GLU K 89 2.39 -43.48 -34.74
C GLU K 89 2.06 -42.18 -35.47
N ASP K 90 2.97 -41.20 -35.44
CA ASP K 90 2.76 -39.92 -36.12
C ASP K 90 3.82 -39.68 -37.20
N THR K 91 4.47 -40.73 -37.68
CA THR K 91 5.50 -40.61 -38.71
C THR K 91 4.86 -40.84 -40.07
N ALA K 92 4.65 -39.77 -40.82
CA ALA K 92 4.02 -39.85 -42.13
C ALA K 92 4.31 -38.57 -42.88
N LEU K 93 3.98 -38.58 -44.18
CA LEU K 93 4.18 -37.42 -45.05
C LEU K 93 2.93 -36.55 -44.98
N TYR K 94 2.99 -35.49 -44.18
CA TYR K 94 1.87 -34.57 -44.05
C TYR K 94 1.80 -33.68 -45.30
N TYR K 95 0.70 -33.80 -46.05
CA TYR K 95 0.53 -33.04 -47.26
C TYR K 95 -0.30 -31.78 -47.01
N CYS K 96 -0.32 -30.91 -48.02
CA CYS K 96 -1.05 -29.63 -47.97
C CYS K 96 -1.95 -29.59 -49.21
N ALA K 97 -3.18 -30.07 -49.07
CA ALA K 97 -4.11 -30.15 -50.19
C ALA K 97 -5.12 -29.02 -50.14
N LYS K 98 -5.46 -28.49 -51.31
CA LYS K 98 -6.41 -27.40 -51.47
C LYS K 98 -7.80 -27.96 -51.75
N HIS K 99 -8.73 -27.09 -52.10
CA HIS K 99 -10.09 -27.47 -52.46
C HIS K 99 -10.44 -26.88 -53.82
N HIS K 100 -11.30 -27.58 -54.57
CA HIS K 100 -11.65 -27.13 -55.90
C HIS K 100 -12.73 -26.05 -55.88
N GLN K 101 -13.82 -26.28 -55.16
CA GLN K 101 -14.93 -25.34 -55.15
C GLN K 101 -14.54 -24.06 -54.40
N ILE K 102 -15.36 -23.03 -54.60
CA ILE K 102 -15.14 -21.73 -53.97
C ILE K 102 -15.83 -21.63 -52.62
N ALA K 103 -16.56 -22.67 -52.20
CA ALA K 103 -17.24 -22.72 -50.90
C ALA K 103 -18.23 -21.56 -50.76
N VAL K 104 -19.26 -21.58 -51.61
CA VAL K 104 -20.29 -20.55 -51.55
C VAL K 104 -21.04 -20.66 -50.21
N ALA K 105 -21.77 -19.59 -49.88
CA ALA K 105 -22.43 -19.47 -48.58
C ALA K 105 -23.46 -20.58 -48.36
N GLY K 106 -24.50 -20.61 -49.18
CA GLY K 106 -25.54 -21.61 -49.00
C GLY K 106 -25.36 -22.85 -49.85
N ASP K 107 -24.76 -23.88 -49.27
CA ASP K 107 -24.53 -25.15 -49.95
C ASP K 107 -24.54 -26.27 -48.91
N ALA K 108 -24.06 -27.44 -49.32
CA ALA K 108 -23.91 -28.58 -48.42
C ALA K 108 -22.43 -28.85 -48.20
N GLU K 109 -22.09 -29.30 -46.99
CA GLU K 109 -20.70 -29.56 -46.66
C GLU K 109 -20.17 -30.73 -47.46
N ASP K 110 -19.30 -30.44 -48.43
CA ASP K 110 -18.71 -31.47 -49.27
C ASP K 110 -17.36 -30.96 -49.77
N TYR K 111 -16.29 -31.44 -49.15
CA TYR K 111 -14.93 -31.00 -49.45
C TYR K 111 -14.17 -32.11 -50.16
N TYR K 112 -13.54 -31.78 -51.28
CA TYR K 112 -12.71 -32.72 -52.02
C TYR K 112 -11.49 -31.97 -52.53
N PHE K 113 -10.32 -32.63 -52.46
CA PHE K 113 -9.06 -31.98 -52.77
C PHE K 113 -8.85 -31.91 -54.28
N ASP K 114 -8.18 -30.83 -54.71
CA ASP K 114 -7.89 -30.62 -56.13
C ASP K 114 -6.42 -30.39 -56.42
N TYR K 115 -5.70 -29.66 -55.57
CA TYR K 115 -4.27 -29.42 -55.74
C TYR K 115 -3.51 -30.02 -54.57
N TRP K 116 -2.47 -30.78 -54.88
CA TRP K 116 -1.65 -31.44 -53.88
C TRP K 116 -0.24 -30.86 -53.90
N GLY K 117 0.53 -31.19 -52.86
CA GLY K 117 1.91 -30.74 -52.76
C GLY K 117 2.90 -31.88 -52.70
N GLN K 118 3.99 -31.69 -51.96
CA GLN K 118 5.02 -32.71 -51.81
C GLN K 118 5.11 -33.28 -50.41
N GLY K 119 4.89 -32.47 -49.38
CA GLY K 119 4.91 -32.95 -48.01
C GLY K 119 6.30 -32.89 -47.39
N THR K 120 6.32 -32.95 -46.06
CA THR K 120 7.55 -32.93 -45.29
C THR K 120 7.59 -34.17 -44.40
N LEU K 121 8.70 -34.91 -44.46
CA LEU K 121 8.87 -36.12 -43.68
C LEU K 121 9.06 -35.73 -42.21
N VAL K 122 8.02 -35.92 -41.42
CA VAL K 122 8.04 -35.61 -39.98
C VAL K 122 8.24 -36.94 -39.26
N THR K 123 9.50 -37.28 -38.99
CA THR K 123 9.83 -38.51 -38.28
C THR K 123 9.97 -38.23 -36.79
N VAL K 124 9.41 -39.13 -35.98
CA VAL K 124 9.40 -39.00 -34.53
C VAL K 124 9.97 -40.28 -33.96
N SER K 125 11.17 -40.21 -33.41
CA SER K 125 11.82 -41.37 -32.79
C SER K 125 12.83 -40.88 -31.76
N SER K 126 13.48 -41.83 -31.11
CA SER K 126 14.47 -41.53 -30.08
C SER K 126 15.88 -41.41 -30.64
N ALA K 127 16.09 -41.71 -31.92
CA ALA K 127 17.42 -41.62 -32.51
C ALA K 127 17.81 -40.16 -32.72
N SER K 128 19.05 -39.97 -33.14
CA SER K 128 19.61 -38.65 -33.39
C SER K 128 19.98 -38.51 -34.87
N THR K 129 20.09 -37.26 -35.30
CA THR K 129 20.46 -36.97 -36.68
C THR K 129 21.94 -37.22 -36.91
N LYS K 130 22.27 -37.82 -38.05
CA LYS K 130 23.64 -38.12 -38.43
C LYS K 130 24.00 -37.38 -39.70
N GLY K 131 25.28 -37.02 -39.81
CA GLY K 131 25.77 -36.30 -40.97
C GLY K 131 26.01 -37.21 -42.15
N PRO K 132 25.58 -36.78 -43.34
CA PRO K 132 25.79 -37.58 -44.54
C PRO K 132 27.27 -37.70 -44.89
N SER K 133 27.56 -38.67 -45.76
CA SER K 133 28.93 -38.94 -46.19
C SER K 133 28.91 -39.16 -47.70
N VAL K 134 29.18 -38.10 -48.45
CA VAL K 134 29.20 -38.17 -49.91
C VAL K 134 30.56 -38.66 -50.37
N PHE K 135 30.57 -39.57 -51.34
CA PHE K 135 31.81 -40.12 -51.86
C PHE K 135 31.81 -40.09 -53.39
N PRO K 136 32.94 -39.73 -54.00
CA PRO K 136 33.00 -39.64 -55.47
C PRO K 136 33.23 -41.00 -56.13
N LEU K 137 32.15 -41.74 -56.37
CA LEU K 137 32.23 -43.04 -57.04
C LEU K 137 33.03 -42.93 -58.33
N ALA K 138 34.04 -43.79 -58.47
CA ALA K 138 34.96 -43.68 -59.59
C ALA K 138 34.30 -44.13 -60.89
N PRO K 139 34.25 -43.27 -61.91
CA PRO K 139 33.78 -43.68 -63.25
C PRO K 139 34.85 -44.48 -63.99
N SER K 140 34.90 -45.77 -63.70
CA SER K 140 35.91 -46.68 -64.23
C SER K 140 36.00 -46.63 -65.75
N SER K 141 37.15 -47.02 -66.30
CA SER K 141 37.44 -46.89 -67.72
C SER K 141 36.84 -48.01 -68.56
N LYS K 142 35.87 -48.75 -68.05
CA LYS K 142 35.18 -49.77 -68.84
C LYS K 142 34.35 -49.08 -69.92
N SER K 143 34.86 -49.09 -71.15
CA SER K 143 34.24 -48.37 -72.26
C SER K 143 33.94 -49.37 -73.38
N THR K 144 32.67 -49.75 -73.49
CA THR K 144 32.20 -50.60 -74.58
C THR K 144 31.24 -49.85 -75.50
N SER K 145 30.17 -49.29 -74.95
CA SER K 145 29.25 -48.45 -75.70
C SER K 145 29.60 -46.98 -75.50
N GLY K 146 28.72 -46.08 -75.96
CA GLY K 146 28.95 -44.66 -75.83
C GLY K 146 28.93 -44.17 -74.40
N GLY K 147 27.81 -44.35 -73.71
CA GLY K 147 27.67 -43.89 -72.35
C GLY K 147 27.64 -44.99 -71.32
N THR K 148 28.48 -46.01 -71.48
CA THR K 148 28.50 -47.12 -70.55
C THR K 148 29.12 -46.75 -69.21
N ALA K 149 29.98 -45.73 -69.17
CA ALA K 149 30.59 -45.28 -67.93
C ALA K 149 29.65 -44.36 -67.19
N ALA K 150 29.60 -44.48 -65.87
CA ALA K 150 28.71 -43.68 -65.03
C ALA K 150 29.38 -43.37 -63.70
N LEU K 151 29.11 -42.19 -63.18
CA LEU K 151 29.61 -41.75 -61.88
C LEU K 151 28.45 -41.26 -61.03
N GLY K 152 28.65 -41.30 -59.71
CA GLY K 152 27.61 -40.87 -58.80
C GLY K 152 28.16 -40.62 -57.42
N CYS K 153 27.25 -40.51 -56.46
CA CYS K 153 27.58 -40.25 -55.07
C CYS K 153 27.21 -41.45 -54.22
N LEU K 154 27.75 -41.50 -53.00
CA LEU K 154 27.59 -42.62 -52.09
C LEU K 154 27.17 -42.13 -50.71
N VAL K 155 26.14 -41.29 -50.68
CA VAL K 155 25.61 -40.73 -49.43
C VAL K 155 25.15 -41.86 -48.52
N LYS K 156 25.59 -41.83 -47.26
CA LYS K 156 25.26 -42.86 -46.29
C LYS K 156 25.34 -42.25 -44.89
N ASP K 157 24.96 -43.05 -43.89
CA ASP K 157 25.02 -42.67 -42.48
C ASP K 157 24.15 -41.44 -42.20
N TYR K 158 22.85 -41.60 -42.42
CA TYR K 158 21.87 -40.54 -42.14
C TYR K 158 20.55 -41.18 -41.75
N PHE K 159 20.03 -40.79 -40.58
CA PHE K 159 18.80 -41.39 -40.07
C PHE K 159 17.58 -40.81 -40.77
N PRO K 160 17.38 -39.48 -40.82
CA PRO K 160 16.23 -38.95 -41.57
C PRO K 160 16.49 -39.02 -43.06
N GLU K 161 15.39 -39.02 -43.83
CA GLU K 161 15.56 -39.09 -45.27
C GLU K 161 14.83 -37.98 -46.03
N PRO K 162 15.13 -36.68 -45.77
CA PRO K 162 14.71 -35.61 -46.69
C PRO K 162 15.79 -35.31 -47.73
N VAL K 163 16.24 -36.34 -48.43
CA VAL K 163 17.40 -36.24 -49.30
C VAL K 163 17.00 -35.65 -50.64
N THR K 164 17.77 -34.66 -51.09
CA THR K 164 17.59 -34.05 -52.40
C THR K 164 18.97 -33.87 -53.02
N VAL K 165 19.20 -34.49 -54.17
CA VAL K 165 20.50 -34.46 -54.83
C VAL K 165 20.43 -33.51 -56.02
N SER K 166 21.44 -32.66 -56.14
CA SER K 166 21.59 -31.74 -57.26
C SER K 166 22.93 -32.01 -57.94
N TRP K 167 23.05 -31.55 -59.18
CA TRP K 167 24.27 -31.77 -59.95
C TRP K 167 24.99 -30.48 -60.29
N ASN K 168 24.31 -29.51 -60.93
CA ASN K 168 24.94 -28.23 -61.23
C ASN K 168 24.29 -27.08 -60.47
N SER K 169 22.97 -26.89 -60.61
CA SER K 169 22.30 -25.84 -59.86
C SER K 169 20.86 -26.20 -59.50
N GLY K 170 20.45 -27.45 -59.66
CA GLY K 170 19.04 -27.80 -59.59
C GLY K 170 18.47 -27.94 -60.98
N ALA K 171 19.23 -28.61 -61.85
CA ALA K 171 18.93 -28.69 -63.27
C ALA K 171 19.44 -30.04 -63.78
N LEU K 172 19.55 -30.17 -65.10
CA LEU K 172 19.93 -31.42 -65.77
C LEU K 172 18.93 -32.52 -65.42
N THR K 173 17.70 -32.31 -65.91
CA THR K 173 16.59 -33.23 -65.70
C THR K 173 16.68 -34.48 -66.57
N SER K 174 17.86 -34.79 -67.10
CA SER K 174 18.03 -35.97 -67.95
C SER K 174 18.02 -37.23 -67.09
N GLY K 175 18.36 -38.36 -67.68
CA GLY K 175 18.35 -39.63 -66.99
C GLY K 175 19.25 -39.68 -65.78
N VAL K 176 18.66 -39.68 -64.59
CA VAL K 176 19.38 -39.78 -63.32
C VAL K 176 18.59 -40.74 -62.45
N HIS K 177 19.10 -41.96 -62.27
CA HIS K 177 18.42 -42.99 -61.51
C HIS K 177 18.84 -42.88 -60.04
N THR K 178 18.04 -42.16 -59.26
CA THR K 178 18.29 -42.00 -57.82
C THR K 178 17.67 -43.20 -57.11
N PHE K 179 18.51 -44.14 -56.69
CA PHE K 179 18.02 -45.35 -56.05
C PHE K 179 17.51 -45.02 -54.64
N PRO K 180 16.41 -45.64 -54.23
CA PRO K 180 15.87 -45.39 -52.88
C PRO K 180 16.83 -45.88 -51.81
N ALA K 181 16.64 -45.33 -50.61
CA ALA K 181 17.48 -45.68 -49.47
C ALA K 181 17.02 -47.01 -48.86
N VAL K 182 17.77 -47.49 -47.87
CA VAL K 182 17.47 -48.75 -47.21
C VAL K 182 18.05 -48.71 -45.80
N LEU K 183 17.26 -49.15 -44.83
CA LEU K 183 17.72 -49.21 -43.44
C LEU K 183 18.69 -50.39 -43.29
N GLN K 184 19.97 -50.07 -43.07
CA GLN K 184 20.99 -51.10 -42.99
C GLN K 184 21.10 -51.69 -41.58
N SER K 185 19.98 -52.12 -41.02
CA SER K 185 19.88 -52.77 -39.72
C SER K 185 20.45 -51.92 -38.59
N SER K 186 20.62 -50.61 -38.80
CA SER K 186 21.17 -49.73 -37.78
C SER K 186 20.44 -48.39 -37.73
N GLY K 187 19.38 -48.20 -38.51
CA GLY K 187 18.66 -46.96 -38.57
C GLY K 187 19.13 -46.01 -39.65
N LEU K 188 20.38 -46.15 -40.11
CA LEU K 188 20.92 -45.28 -41.13
C LEU K 188 20.40 -45.71 -42.51
N TYR K 189 20.72 -44.91 -43.53
CA TYR K 189 20.27 -45.18 -44.89
C TYR K 189 21.44 -44.94 -45.83
N SER K 190 21.22 -45.19 -47.12
CA SER K 190 22.27 -45.06 -48.12
C SER K 190 21.66 -44.57 -49.42
N LEU K 191 22.26 -43.53 -50.00
CA LEU K 191 21.78 -42.94 -51.25
C LEU K 191 22.84 -43.06 -52.33
N SER K 192 22.37 -43.16 -53.58
CA SER K 192 23.26 -43.27 -54.73
C SER K 192 22.49 -42.86 -55.98
N SER K 193 23.23 -42.36 -56.96
CA SER K 193 22.64 -41.92 -58.22
C SER K 193 23.52 -42.35 -59.38
N VAL K 194 22.91 -42.47 -60.55
CA VAL K 194 23.61 -42.88 -61.76
C VAL K 194 23.21 -41.95 -62.89
N VAL K 195 24.20 -41.39 -63.58
CA VAL K 195 23.96 -40.47 -64.70
C VAL K 195 24.41 -41.14 -65.99
N THR K 196 24.14 -40.50 -67.13
CA THR K 196 24.59 -41.03 -68.41
C THR K 196 26.11 -41.00 -68.51
N VAL K 197 26.71 -39.85 -68.22
CA VAL K 197 28.17 -39.66 -68.21
C VAL K 197 28.77 -40.12 -69.54
N PRO K 198 28.59 -39.37 -70.62
CA PRO K 198 29.20 -39.77 -71.90
C PRO K 198 30.71 -39.65 -71.89
N SER K 199 31.33 -39.91 -73.04
CA SER K 199 32.79 -39.84 -73.18
C SER K 199 33.34 -38.53 -72.64
N SER K 200 34.21 -38.62 -71.65
CA SER K 200 34.75 -37.45 -70.97
C SER K 200 35.88 -36.85 -71.80
N SER K 201 35.60 -35.71 -72.44
CA SER K 201 36.59 -34.97 -73.21
C SER K 201 36.52 -33.49 -72.87
N LEU K 202 36.47 -33.19 -71.57
CA LEU K 202 36.34 -31.83 -71.05
C LEU K 202 35.06 -31.16 -71.54
N GLY K 203 34.09 -31.97 -71.98
CA GLY K 203 32.82 -31.47 -72.43
C GLY K 203 31.65 -32.10 -71.70
N THR K 204 31.81 -32.33 -70.39
CA THR K 204 30.79 -33.01 -69.60
C THR K 204 30.37 -32.16 -68.42
N GLN K 205 29.58 -32.74 -67.51
CA GLN K 205 29.09 -32.01 -66.36
C GLN K 205 30.23 -31.60 -65.44
N THR K 206 29.92 -30.69 -64.51
CA THR K 206 30.92 -30.14 -63.60
C THR K 206 31.37 -31.12 -62.52
N TYR K 207 30.79 -32.33 -62.49
CA TYR K 207 31.15 -33.36 -61.51
C TYR K 207 30.93 -32.85 -60.09
N ILE K 208 29.67 -32.53 -59.79
CA ILE K 208 29.28 -32.01 -58.48
C ILE K 208 28.00 -32.73 -58.04
N CYS K 209 27.96 -33.15 -56.79
CA CYS K 209 26.80 -33.83 -56.21
C CYS K 209 26.40 -33.08 -54.94
N ASN K 210 25.53 -32.08 -55.10
CA ASN K 210 25.05 -31.29 -53.96
C ASN K 210 23.95 -32.07 -53.25
N VAL K 211 24.16 -32.36 -51.97
CA VAL K 211 23.21 -33.12 -51.16
C VAL K 211 22.75 -32.21 -50.03
N ASN K 212 21.45 -31.97 -49.94
CA ASN K 212 20.87 -31.10 -48.92
C ASN K 212 20.06 -31.97 -47.96
N HIS K 213 20.42 -31.92 -46.69
CA HIS K 213 19.73 -32.65 -45.62
C HIS K 213 19.39 -31.65 -44.53
N LYS K 214 18.08 -31.40 -44.34
CA LYS K 214 17.63 -30.36 -43.42
C LYS K 214 17.92 -30.70 -41.96
N PRO K 215 17.59 -31.90 -41.45
CA PRO K 215 17.91 -32.20 -40.05
C PRO K 215 19.40 -32.25 -39.76
N SER K 216 20.25 -32.30 -40.79
CA SER K 216 21.70 -32.35 -40.65
C SER K 216 22.34 -31.35 -41.59
N ASN K 217 21.86 -30.11 -41.54
CA ASN K 217 22.23 -29.05 -42.48
C ASN K 217 23.73 -28.95 -42.67
N THR K 218 24.19 -29.24 -43.89
CA THR K 218 25.59 -29.19 -44.27
C THR K 218 25.70 -29.18 -45.79
N LYS K 219 26.39 -28.17 -46.34
CA LYS K 219 26.52 -28.01 -47.79
C LYS K 219 27.78 -28.73 -48.24
N VAL K 220 27.60 -29.89 -48.87
CA VAL K 220 28.71 -30.68 -49.40
C VAL K 220 28.88 -30.34 -50.87
N ASP K 221 30.08 -29.88 -51.23
CA ASP K 221 30.40 -29.48 -52.60
C ASP K 221 31.68 -30.16 -53.06
N LYS K 222 31.79 -31.45 -52.79
CA LYS K 222 32.95 -32.22 -53.21
C LYS K 222 32.79 -32.71 -54.64
N LYS K 223 33.90 -32.69 -55.38
CA LYS K 223 33.88 -33.05 -56.79
C LYS K 223 34.17 -34.53 -56.98
N VAL K 224 33.93 -35.01 -58.20
CA VAL K 224 34.14 -36.40 -58.57
C VAL K 224 35.17 -36.43 -59.69
N GLU K 225 36.15 -37.33 -59.57
CA GLU K 225 37.21 -37.47 -60.56
C GLU K 225 37.42 -38.95 -60.86
N PRO K 226 37.78 -39.29 -62.11
CA PRO K 226 38.04 -40.67 -62.51
C PRO K 226 39.22 -41.29 -61.75
N TYR L 2 -17.28 -42.92 -40.41
CA TYR L 2 -17.62 -43.93 -41.41
C TYR L 2 -16.47 -44.90 -41.59
N GLU L 3 -16.66 -45.89 -42.47
CA GLU L 3 -15.63 -46.88 -42.73
C GLU L 3 -15.84 -47.41 -44.15
N LEU L 4 -14.89 -47.13 -45.03
CA LEU L 4 -14.94 -47.60 -46.41
C LEU L 4 -14.08 -48.84 -46.57
N THR L 5 -14.56 -49.79 -47.37
CA THR L 5 -13.87 -51.04 -47.62
C THR L 5 -13.49 -51.13 -49.09
N GLN L 6 -12.20 -51.31 -49.37
CA GLN L 6 -11.70 -51.40 -50.73
C GLN L 6 -10.94 -52.70 -50.92
N PRO L 7 -10.95 -53.25 -52.14
CA PRO L 7 -10.15 -54.44 -52.42
C PRO L 7 -8.67 -54.16 -52.25
N PRO L 8 -7.92 -55.08 -51.63
CA PRO L 8 -6.48 -54.84 -51.43
C PRO L 8 -5.70 -54.72 -52.71
N SER L 9 -6.08 -55.46 -53.77
CA SER L 9 -5.37 -55.40 -55.03
C SER L 9 -6.27 -55.94 -56.12
N VAL L 10 -6.32 -55.22 -57.25
CA VAL L 10 -7.13 -55.62 -58.40
C VAL L 10 -6.25 -55.52 -59.63
N SER L 11 -6.01 -56.64 -60.31
CA SER L 11 -5.22 -56.69 -61.52
C SER L 11 -6.10 -57.06 -62.70
N VAL L 12 -5.76 -56.51 -63.86
CA VAL L 12 -6.53 -56.76 -65.09
C VAL L 12 -5.59 -56.58 -66.27
N ALA L 13 -5.79 -57.40 -67.31
CA ALA L 13 -4.99 -57.28 -68.52
C ALA L 13 -5.34 -55.97 -69.24
N PRO L 14 -4.40 -55.42 -70.01
CA PRO L 14 -4.69 -54.15 -70.72
C PRO L 14 -5.53 -54.37 -71.97
N GLY L 15 -6.59 -55.14 -71.86
CA GLY L 15 -7.51 -55.36 -72.95
C GLY L 15 -8.94 -55.01 -72.61
N GLN L 16 -9.26 -55.04 -71.32
CA GLN L 16 -10.60 -54.76 -70.81
C GLN L 16 -10.53 -53.67 -69.74
N THR L 17 -11.64 -53.48 -69.05
CA THR L 17 -11.75 -52.49 -67.98
C THR L 17 -11.54 -53.14 -66.62
N ALA L 18 -11.30 -52.30 -65.62
CA ALA L 18 -11.10 -52.73 -64.25
C ALA L 18 -12.34 -52.41 -63.42
N ARG L 19 -12.42 -53.01 -62.24
CA ARG L 19 -13.56 -52.86 -61.34
C ARG L 19 -13.05 -52.51 -59.95
N ILE L 20 -13.06 -51.21 -59.63
CA ILE L 20 -12.66 -50.72 -58.31
C ILE L 20 -13.92 -50.21 -57.61
N THR L 21 -14.23 -50.79 -56.46
CA THR L 21 -15.45 -50.46 -55.72
C THR L 21 -15.12 -49.99 -54.32
N CYS L 22 -16.00 -49.16 -53.77
CA CYS L 22 -15.91 -48.68 -52.40
C CYS L 22 -17.31 -48.68 -51.80
N GLY L 23 -17.54 -49.60 -50.86
CA GLY L 23 -18.86 -49.74 -50.24
C GLY L 23 -18.82 -49.42 -48.77
N GLY L 24 -19.97 -48.99 -48.24
CA GLY L 24 -20.08 -48.69 -46.83
C GLY L 24 -21.33 -49.24 -46.20
N ASN L 25 -22.01 -48.43 -45.38
CA ASN L 25 -23.25 -48.85 -44.72
C ASN L 25 -24.48 -48.31 -45.44
N ASN L 26 -24.56 -46.98 -45.60
CA ASN L 26 -25.68 -46.34 -46.27
C ASN L 26 -25.17 -45.22 -47.17
N ILE L 27 -24.10 -45.50 -47.91
CA ILE L 27 -23.49 -44.49 -48.79
C ILE L 27 -24.18 -44.62 -50.14
N GLY L 28 -25.32 -43.94 -50.26
CA GLY L 28 -26.08 -43.96 -51.50
C GLY L 28 -26.43 -42.58 -52.01
N SER L 29 -26.38 -41.58 -51.14
CA SER L 29 -26.70 -40.20 -51.48
C SER L 29 -25.53 -39.24 -51.33
N LYS L 30 -24.66 -39.47 -50.34
CA LYS L 30 -23.51 -38.60 -50.14
C LYS L 30 -22.53 -38.75 -51.29
N SER L 31 -21.87 -37.65 -51.63
CA SER L 31 -20.96 -37.63 -52.77
C SER L 31 -19.76 -38.54 -52.53
N VAL L 32 -19.30 -39.18 -53.59
CA VAL L 32 -18.15 -40.08 -53.55
C VAL L 32 -17.09 -39.53 -54.48
N HIS L 33 -15.93 -39.17 -53.90
CA HIS L 33 -14.81 -38.64 -54.67
C HIS L 33 -13.68 -39.65 -54.71
N TRP L 34 -12.92 -39.62 -55.80
CA TRP L 34 -11.82 -40.55 -56.01
C TRP L 34 -10.52 -39.78 -56.20
N TYR L 35 -9.40 -40.49 -56.03
CA TYR L 35 -8.08 -39.91 -56.19
C TYR L 35 -7.13 -40.96 -56.77
N GLN L 36 -6.11 -40.49 -57.48
CA GLN L 36 -5.08 -41.34 -58.05
C GLN L 36 -3.71 -40.78 -57.66
N GLN L 37 -2.85 -41.63 -57.12
CA GLN L 37 -1.52 -41.22 -56.67
C GLN L 37 -0.48 -42.13 -57.32
N LYS L 38 0.34 -41.54 -58.18
CA LYS L 38 1.46 -42.28 -58.76
C LYS L 38 2.48 -42.59 -57.66
N PRO L 39 3.18 -43.72 -57.77
CA PRO L 39 4.15 -44.08 -56.72
C PRO L 39 5.35 -43.14 -56.68
N GLY L 40 5.46 -42.37 -55.60
CA GLY L 40 6.55 -41.42 -55.46
C GLY L 40 6.13 -40.00 -55.74
N GLN L 41 5.20 -39.82 -56.66
CA GLN L 41 4.73 -38.49 -57.05
C GLN L 41 3.58 -38.07 -56.13
N ALA L 42 2.92 -36.96 -56.48
CA ALA L 42 1.81 -36.42 -55.72
C ALA L 42 0.48 -36.98 -56.23
N PRO L 43 -0.52 -37.10 -55.35
CA PRO L 43 -1.82 -37.62 -55.80
C PRO L 43 -2.48 -36.66 -56.78
N VAL L 44 -2.97 -37.23 -57.88
CA VAL L 44 -3.69 -36.46 -58.90
C VAL L 44 -5.18 -36.70 -58.74
N LEU L 45 -5.98 -35.78 -59.25
CA LEU L 45 -7.43 -35.87 -59.15
C LEU L 45 -8.00 -36.63 -60.33
N VAL L 46 -8.99 -37.48 -60.06
CA VAL L 46 -9.71 -38.23 -61.07
C VAL L 46 -11.19 -37.91 -60.94
N VAL L 47 -12.02 -38.61 -61.71
CA VAL L 47 -13.47 -38.40 -61.74
C VAL L 47 -14.03 -38.33 -60.32
N TYR L 48 -14.72 -37.23 -60.01
CA TYR L 48 -15.31 -37.00 -58.70
C TYR L 48 -16.82 -36.83 -58.83
N ASP L 49 -17.51 -37.01 -57.70
CA ASP L 49 -18.96 -36.94 -57.61
C ASP L 49 -19.68 -37.95 -58.50
N ASP L 50 -18.93 -38.88 -59.11
CA ASP L 50 -19.48 -39.93 -59.95
C ASP L 50 -20.29 -39.39 -61.13
N SER L 51 -20.15 -38.10 -61.42
CA SER L 51 -20.88 -37.50 -62.52
C SER L 51 -20.08 -36.51 -63.36
N ASP L 52 -18.80 -36.31 -63.07
CA ASP L 52 -17.99 -35.36 -63.83
C ASP L 52 -16.52 -35.60 -63.51
N ARG L 53 -15.66 -35.15 -64.41
CA ARG L 53 -14.22 -35.27 -64.30
C ARG L 53 -13.55 -33.90 -64.33
N PRO L 54 -12.40 -33.75 -63.67
CA PRO L 54 -11.70 -32.46 -63.72
C PRO L 54 -11.11 -32.16 -65.09
N SER L 55 -10.44 -31.01 -65.22
CA SER L 55 -9.84 -30.62 -66.48
C SER L 55 -8.50 -31.34 -66.65
N GLY L 56 -8.36 -32.09 -67.75
CA GLY L 56 -7.15 -32.83 -68.06
C GLY L 56 -7.36 -34.33 -68.08
N ILE L 57 -8.26 -34.84 -67.24
CA ILE L 57 -8.51 -36.28 -67.20
C ILE L 57 -9.24 -36.70 -68.47
N PRO L 58 -8.77 -37.73 -69.17
CA PRO L 58 -9.44 -38.15 -70.41
C PRO L 58 -10.79 -38.79 -70.12
N GLU L 59 -11.51 -39.09 -71.20
CA GLU L 59 -12.82 -39.73 -71.11
C GLU L 59 -12.73 -41.18 -70.63
N ARG L 60 -11.53 -41.75 -70.58
CA ARG L 60 -11.37 -43.14 -70.16
C ARG L 60 -11.82 -43.34 -68.71
N PHE L 61 -11.61 -42.34 -67.86
CA PHE L 61 -12.00 -42.44 -66.46
C PHE L 61 -13.49 -42.16 -66.30
N SER L 62 -14.18 -43.03 -65.57
CA SER L 62 -15.60 -42.88 -65.32
C SER L 62 -15.95 -43.44 -63.95
N GLY L 63 -17.10 -43.01 -63.44
CA GLY L 63 -17.54 -43.46 -62.13
C GLY L 63 -19.05 -43.60 -62.10
N SER L 64 -19.52 -44.40 -61.13
CA SER L 64 -20.94 -44.65 -60.96
C SER L 64 -21.19 -45.22 -59.58
N ASN L 65 -22.23 -44.72 -58.90
CA ASN L 65 -22.62 -45.17 -57.58
C ASN L 65 -24.08 -45.61 -57.61
N SER L 66 -24.38 -46.72 -56.95
CA SER L 66 -25.73 -47.27 -56.95
C SER L 66 -25.98 -47.96 -55.61
N GLY L 67 -26.62 -47.24 -54.69
CA GLY L 67 -27.03 -47.82 -53.43
C GLY L 67 -25.94 -47.88 -52.37
N ASN L 68 -25.02 -48.84 -52.52
CA ASN L 68 -23.93 -49.00 -51.55
C ASN L 68 -22.64 -49.39 -52.23
N THR L 69 -22.47 -49.02 -53.50
CA THR L 69 -21.27 -49.39 -54.24
C THR L 69 -20.95 -48.30 -55.26
N ALA L 70 -19.75 -47.75 -55.18
CA ALA L 70 -19.27 -46.76 -56.13
C ALA L 70 -18.17 -47.39 -56.97
N THR L 71 -18.41 -47.52 -58.27
CA THR L 71 -17.50 -48.19 -59.18
C THR L 71 -16.75 -47.16 -60.01
N LEU L 72 -15.43 -47.17 -59.90
CA LEU L 72 -14.55 -46.30 -60.70
C LEU L 72 -14.16 -47.10 -61.94
N THR L 73 -14.97 -46.97 -62.99
CA THR L 73 -14.79 -47.76 -64.22
C THR L 73 -13.78 -47.06 -65.12
N ILE L 74 -12.55 -47.54 -65.12
CA ILE L 74 -11.51 -47.01 -66.00
C ILE L 74 -11.48 -47.85 -67.28
N SER L 75 -11.51 -47.19 -68.42
CA SER L 75 -11.54 -47.85 -69.71
C SER L 75 -10.17 -47.82 -70.37
N ARG L 76 -9.82 -48.91 -71.04
CA ARG L 76 -8.56 -49.04 -71.79
C ARG L 76 -7.37 -48.77 -70.88
N VAL L 77 -7.20 -49.63 -69.87
CA VAL L 77 -6.10 -49.49 -68.92
C VAL L 77 -4.79 -49.75 -69.64
N GLU L 78 -3.80 -48.91 -69.36
CA GLU L 78 -2.47 -49.01 -69.96
C GLU L 78 -1.43 -49.20 -68.88
N ALA L 79 -0.16 -49.25 -69.30
CA ALA L 79 0.92 -49.43 -68.34
C ALA L 79 1.12 -48.19 -67.46
N GLY L 80 0.95 -47.01 -68.05
CA GLY L 80 1.10 -45.77 -67.30
C GLY L 80 -0.03 -45.46 -66.34
N ASP L 81 -1.00 -46.35 -66.18
CA ASP L 81 -2.14 -46.13 -65.30
C ASP L 81 -2.02 -46.88 -63.98
N GLU L 82 -0.90 -47.59 -63.76
CA GLU L 82 -0.70 -48.32 -62.52
C GLU L 82 -0.37 -47.33 -61.40
N ALA L 83 -1.31 -47.15 -60.48
CA ALA L 83 -1.12 -46.21 -59.37
C ALA L 83 -2.02 -46.67 -58.22
N ASP L 84 -1.96 -45.93 -57.12
CA ASP L 84 -2.74 -46.22 -55.93
C ASP L 84 -4.00 -45.35 -55.96
N TYR L 85 -5.15 -45.99 -56.14
CA TYR L 85 -6.43 -45.30 -56.27
C TYR L 85 -7.14 -45.29 -54.92
N TYR L 86 -7.56 -44.11 -54.48
CA TYR L 86 -8.28 -43.94 -53.23
C TYR L 86 -9.66 -43.34 -53.50
N CYS L 87 -10.61 -43.67 -52.63
CA CYS L 87 -11.96 -43.12 -52.69
C CYS L 87 -12.25 -42.32 -51.43
N GLN L 88 -12.93 -41.19 -51.59
CA GLN L 88 -13.16 -40.25 -50.50
C GLN L 88 -14.65 -40.15 -50.21
N VAL L 89 -14.97 -39.89 -48.94
CA VAL L 89 -16.34 -39.68 -48.49
C VAL L 89 -16.31 -38.62 -47.40
N TRP L 90 -17.46 -37.99 -47.15
CA TRP L 90 -17.52 -36.91 -46.18
C TRP L 90 -17.98 -37.40 -44.80
N ASP L 91 -19.15 -38.05 -44.73
CA ASP L 91 -19.70 -38.56 -43.48
C ASP L 91 -19.88 -37.43 -42.46
N SER L 92 -20.82 -36.54 -42.80
CA SER L 92 -21.13 -35.37 -41.99
C SER L 92 -21.62 -35.75 -40.59
N ARG L 93 -21.88 -37.03 -40.35
CA ARG L 93 -22.33 -37.46 -39.04
C ARG L 93 -21.19 -37.39 -38.02
N SER L 94 -19.94 -37.52 -38.47
CA SER L 94 -18.78 -37.48 -37.58
C SER L 94 -17.87 -36.29 -37.84
N ASP L 95 -18.15 -35.46 -38.84
CA ASP L 95 -17.35 -34.28 -39.17
C ASP L 95 -15.90 -34.66 -39.43
N ARG L 96 -15.71 -35.62 -40.34
CA ARG L 96 -14.38 -36.10 -40.68
C ARG L 96 -14.19 -36.22 -42.18
N VAL L 97 -13.07 -36.78 -42.61
CA VAL L 97 -12.85 -37.14 -44.01
C VAL L 97 -12.32 -38.57 -44.03
N VAL L 98 -13.23 -39.53 -44.22
CA VAL L 98 -12.91 -40.94 -44.10
C VAL L 98 -12.28 -41.43 -45.39
N PHE L 99 -11.01 -41.82 -45.33
CA PHE L 99 -10.32 -42.44 -46.44
C PHE L 99 -10.35 -43.96 -46.26
N GLY L 100 -9.61 -44.67 -47.11
CA GLY L 100 -9.56 -46.11 -47.04
C GLY L 100 -8.31 -46.65 -47.70
N GLY L 101 -8.02 -47.92 -47.41
CA GLY L 101 -6.89 -48.59 -48.01
C GLY L 101 -6.99 -48.69 -49.52
N GLY L 102 -6.15 -47.95 -50.22
CA GLY L 102 -6.22 -47.90 -51.67
C GLY L 102 -5.92 -49.23 -52.33
N THR L 103 -6.33 -49.33 -53.59
CA THR L 103 -6.14 -50.52 -54.39
C THR L 103 -4.97 -50.32 -55.34
N LYS L 104 -4.10 -51.34 -55.41
CA LYS L 104 -2.91 -51.29 -56.26
C LYS L 104 -3.26 -51.90 -57.62
N LEU L 105 -3.73 -51.05 -58.53
CA LEU L 105 -4.06 -51.51 -59.87
C LEU L 105 -2.78 -51.81 -60.65
N THR L 106 -2.63 -53.07 -61.06
CA THR L 106 -1.44 -53.52 -61.79
C THR L 106 -1.89 -54.19 -63.08
N ALA L 107 -1.46 -53.65 -64.22
CA ALA L 107 -1.81 -54.22 -65.52
C ALA L 107 -1.05 -55.54 -65.70
N LEU L 108 -1.76 -56.65 -65.61
CA LEU L 108 -1.16 -57.96 -65.74
C LEU L 108 -0.92 -58.30 -67.21
N GLY L 109 0.24 -58.86 -67.50
CA GLY L 109 0.57 -59.26 -68.86
C GLY L 109 1.44 -58.27 -69.59
N GLN L 110 2.48 -57.77 -68.91
CA GLN L 110 3.41 -56.85 -69.56
C GLN L 110 4.68 -57.59 -70.00
N PRO L 111 5.34 -57.09 -71.04
CA PRO L 111 6.57 -57.74 -71.50
C PRO L 111 7.66 -57.71 -70.43
N LYS L 112 8.55 -58.70 -70.51
CA LYS L 112 9.63 -58.80 -69.55
C LYS L 112 10.68 -57.72 -69.78
N ALA L 113 11.55 -57.53 -68.79
CA ALA L 113 12.63 -56.54 -68.89
C ALA L 113 13.85 -57.11 -68.20
N ALA L 114 14.93 -57.28 -68.95
CA ALA L 114 16.16 -57.84 -68.39
C ALA L 114 16.91 -56.77 -67.60
N PRO L 115 17.18 -56.99 -66.32
CA PRO L 115 17.89 -55.98 -65.53
C PRO L 115 19.38 -55.96 -65.87
N SER L 116 19.95 -54.76 -65.88
CA SER L 116 21.36 -54.56 -66.13
C SER L 116 22.07 -54.22 -64.82
N VAL L 117 23.17 -54.92 -64.55
CA VAL L 117 23.93 -54.71 -63.31
C VAL L 117 25.05 -53.73 -63.60
N THR L 118 25.31 -52.84 -62.64
CA THR L 118 26.36 -51.83 -62.77
C THR L 118 27.21 -51.86 -61.51
N LEU L 119 28.47 -52.27 -61.66
CA LEU L 119 29.38 -52.37 -60.53
C LEU L 119 30.10 -51.05 -60.31
N PHE L 120 30.12 -50.61 -59.05
CA PHE L 120 30.83 -49.40 -58.66
C PHE L 120 31.84 -49.75 -57.57
N PRO L 121 33.14 -49.77 -57.90
CA PRO L 121 34.15 -50.08 -56.90
C PRO L 121 34.26 -48.98 -55.87
N PRO L 122 34.93 -49.22 -54.74
CA PRO L 122 35.13 -48.16 -53.75
C PRO L 122 35.85 -46.96 -54.37
N SER L 123 35.50 -45.77 -53.89
CA SER L 123 36.04 -44.54 -54.44
C SER L 123 37.53 -44.41 -54.09
N SER L 124 38.13 -43.33 -54.58
CA SER L 124 39.55 -43.12 -54.34
C SER L 124 39.80 -42.50 -52.96
N GLU L 125 38.99 -41.52 -52.57
CA GLU L 125 39.18 -40.83 -51.30
C GLU L 125 38.44 -41.53 -50.16
N GLU L 126 38.68 -42.83 -49.99
CA GLU L 126 38.18 -43.55 -48.83
C GLU L 126 39.14 -44.60 -48.30
N LEU L 127 40.20 -44.96 -49.02
CA LEU L 127 41.12 -45.98 -48.54
C LEU L 127 41.94 -45.49 -47.35
N GLN L 128 42.11 -44.17 -47.23
CA GLN L 128 42.84 -43.64 -46.08
C GLN L 128 42.06 -43.82 -44.78
N ALA L 129 40.73 -43.88 -44.88
CA ALA L 129 39.88 -44.13 -43.73
C ALA L 129 39.31 -45.55 -43.81
N ASN L 130 38.42 -45.88 -42.89
CA ASN L 130 37.77 -47.19 -42.83
C ASN L 130 36.27 -46.98 -43.03
N LYS L 131 35.84 -46.98 -44.30
CA LYS L 131 34.43 -46.79 -44.63
C LYS L 131 33.75 -48.11 -44.97
N ALA L 132 34.29 -48.85 -45.95
CA ALA L 132 33.78 -50.16 -46.35
C ALA L 132 32.31 -50.08 -46.79
N THR L 133 32.11 -49.36 -47.89
CA THR L 133 30.78 -49.12 -48.44
C THR L 133 30.73 -49.53 -49.92
N LEU L 134 31.21 -50.73 -50.21
CA LEU L 134 31.12 -51.26 -51.56
C LEU L 134 29.66 -51.40 -51.98
N VAL L 135 29.34 -50.86 -53.16
CA VAL L 135 27.96 -50.78 -53.64
C VAL L 135 27.86 -51.56 -54.96
N CYS L 136 26.80 -52.35 -55.08
CA CYS L 136 26.49 -53.08 -56.32
C CYS L 136 25.09 -52.70 -56.74
N LEU L 137 24.98 -52.03 -57.89
CA LEU L 137 23.71 -51.49 -58.37
C LEU L 137 23.20 -52.29 -59.56
N ILE L 138 21.89 -52.24 -59.76
CA ILE L 138 21.21 -52.89 -60.88
C ILE L 138 20.28 -51.89 -61.54
N SER L 139 20.02 -52.06 -62.83
CA SER L 139 19.17 -51.15 -63.57
C SER L 139 17.70 -51.50 -63.34
N ASP L 140 16.82 -50.89 -64.14
CA ASP L 140 15.38 -51.12 -63.99
C ASP L 140 14.99 -52.47 -64.58
N PHE L 141 13.86 -52.99 -64.10
CA PHE L 141 13.35 -54.27 -64.57
C PHE L 141 11.87 -54.39 -64.19
N TYR L 142 11.08 -54.99 -65.07
CA TYR L 142 9.67 -55.18 -64.80
C TYR L 142 9.42 -56.34 -63.84
N PRO L 143 9.95 -57.55 -64.08
CA PRO L 143 9.68 -58.64 -63.14
C PRO L 143 10.47 -58.46 -61.85
N GLY L 144 9.76 -58.16 -60.76
CA GLY L 144 10.40 -57.94 -59.48
C GLY L 144 10.81 -59.21 -58.77
N ALA L 145 10.97 -59.13 -57.45
CA ALA L 145 11.36 -60.27 -56.62
C ALA L 145 12.69 -60.86 -57.10
N VAL L 146 13.72 -60.04 -57.06
CA VAL L 146 15.06 -60.42 -57.49
C VAL L 146 15.93 -60.63 -56.25
N THR L 147 16.76 -61.66 -56.30
CA THR L 147 17.68 -61.98 -55.21
C THR L 147 19.11 -61.70 -55.65
N VAL L 148 19.75 -60.75 -54.97
CA VAL L 148 21.12 -60.35 -55.29
C VAL L 148 22.06 -61.23 -54.48
N ALA L 149 22.75 -62.15 -55.17
CA ALA L 149 23.71 -63.04 -54.52
C ALA L 149 25.10 -62.43 -54.64
N TRP L 150 25.77 -62.28 -53.49
CA TRP L 150 27.10 -61.69 -53.44
C TRP L 150 28.16 -62.77 -53.55
N LYS L 151 29.18 -62.51 -54.37
CA LYS L 151 30.32 -63.41 -54.54
C LYS L 151 31.55 -62.63 -54.06
N ALA L 152 31.82 -62.69 -52.76
CA ALA L 152 32.93 -61.98 -52.16
C ALA L 152 34.16 -62.89 -52.17
N ASP L 153 35.25 -62.39 -52.77
CA ASP L 153 36.50 -63.14 -52.88
C ASP L 153 36.29 -64.46 -53.62
N SER L 154 35.49 -64.41 -54.69
CA SER L 154 35.20 -65.57 -55.53
C SER L 154 34.61 -66.72 -54.71
N SER L 155 33.83 -66.40 -53.69
CA SER L 155 33.23 -67.40 -52.82
C SER L 155 31.94 -66.85 -52.26
N PRO L 156 30.92 -67.69 -52.04
CA PRO L 156 29.66 -67.19 -51.47
C PRO L 156 29.82 -66.74 -50.03
N VAL L 157 29.71 -65.43 -49.80
CA VAL L 157 29.84 -64.84 -48.47
C VAL L 157 28.57 -64.03 -48.21
N LYS L 158 27.71 -64.55 -47.33
CA LYS L 158 26.46 -63.88 -47.00
C LYS L 158 26.31 -63.56 -45.52
N ALA L 159 27.28 -63.94 -44.69
CA ALA L 159 27.18 -63.67 -43.25
C ALA L 159 27.40 -62.21 -42.92
N GLY L 160 27.96 -61.42 -43.83
CA GLY L 160 28.20 -60.02 -43.57
C GLY L 160 26.92 -59.21 -43.51
N VAL L 161 27.09 -57.94 -43.11
CA VAL L 161 25.97 -57.03 -42.97
C VAL L 161 25.51 -56.63 -44.38
N GLU L 162 24.27 -56.98 -44.72
CA GLU L 162 23.69 -56.66 -46.02
C GLU L 162 22.47 -55.77 -45.84
N THR L 163 21.94 -55.31 -46.98
CA THR L 163 20.75 -54.47 -46.99
C THR L 163 19.56 -55.18 -47.63
N THR L 164 19.71 -55.67 -48.85
CA THR L 164 18.67 -56.38 -49.59
C THR L 164 17.36 -55.59 -49.58
N THR L 165 17.42 -54.40 -50.15
CA THR L 165 16.25 -53.54 -50.20
C THR L 165 15.22 -54.12 -51.18
N PRO L 166 13.93 -54.02 -50.86
CA PRO L 166 12.91 -54.52 -51.79
C PRO L 166 12.79 -53.62 -53.01
N SER L 167 12.27 -54.21 -54.10
CA SER L 167 12.12 -53.46 -55.33
C SER L 167 11.05 -52.38 -55.17
N LYS L 168 11.39 -51.17 -55.57
CA LYS L 168 10.49 -50.02 -55.50
C LYS L 168 9.93 -49.75 -56.89
N GLN L 169 9.13 -48.68 -57.00
CA GLN L 169 8.48 -48.30 -58.24
C GLN L 169 9.19 -47.09 -58.86
N SER L 170 9.44 -47.17 -60.16
CA SER L 170 10.09 -46.06 -60.88
C SER L 170 9.71 -46.21 -62.36
N ASN L 171 8.93 -45.25 -62.86
CA ASN L 171 8.42 -45.26 -64.24
C ASN L 171 7.96 -46.65 -64.67
N ASN L 172 7.16 -47.28 -63.81
CA ASN L 172 6.61 -48.62 -64.04
C ASN L 172 7.71 -49.65 -64.24
N LYS L 173 8.84 -49.48 -63.55
CA LYS L 173 9.96 -50.39 -63.63
C LYS L 173 10.56 -50.56 -62.24
N TYR L 174 10.68 -51.80 -61.78
CA TYR L 174 11.22 -52.06 -60.46
C TYR L 174 12.74 -51.96 -60.46
N ALA L 175 13.28 -51.57 -59.32
CA ALA L 175 14.73 -51.43 -59.17
C ALA L 175 15.07 -51.52 -57.69
N ALA L 176 16.31 -51.93 -57.41
CA ALA L 176 16.78 -52.08 -56.04
C ALA L 176 18.29 -51.86 -56.02
N SER L 177 18.91 -52.16 -54.88
CA SER L 177 20.35 -52.00 -54.71
C SER L 177 20.85 -53.09 -53.77
N SER L 178 22.13 -53.02 -53.45
CA SER L 178 22.75 -54.01 -52.55
C SER L 178 24.03 -53.43 -51.99
N TYR L 179 24.31 -53.74 -50.73
CA TYR L 179 25.51 -53.26 -50.04
C TYR L 179 26.07 -54.38 -49.18
N LEU L 180 27.31 -54.78 -49.45
CA LEU L 180 27.98 -55.79 -48.64
C LEU L 180 29.47 -55.57 -48.73
N SER L 181 30.07 -55.00 -47.69
CA SER L 181 31.50 -54.74 -47.63
C SER L 181 32.06 -55.16 -46.27
N LEU L 182 31.72 -56.39 -45.85
CA LEU L 182 32.15 -56.90 -44.56
C LEU L 182 33.65 -57.06 -44.44
N THR L 183 34.42 -56.74 -45.48
CA THR L 183 35.87 -56.85 -45.50
C THR L 183 36.50 -56.02 -44.38
N PRO L 184 37.76 -56.30 -44.01
CA PRO L 184 38.43 -55.48 -42.99
C PRO L 184 38.89 -54.14 -43.53
N GLU L 185 38.32 -53.72 -44.66
CA GLU L 185 38.63 -52.53 -45.46
C GLU L 185 39.85 -52.74 -46.33
N GLN L 186 40.51 -53.89 -46.23
CA GLN L 186 41.54 -54.29 -47.20
C GLN L 186 40.93 -55.24 -48.24
N TRP L 187 39.95 -54.69 -48.98
CA TRP L 187 39.20 -55.51 -49.93
C TRP L 187 40.03 -55.92 -51.13
N LYS L 188 41.16 -55.24 -51.37
CA LYS L 188 42.03 -55.57 -52.51
C LYS L 188 42.97 -56.73 -52.14
N SER L 189 42.38 -57.81 -51.67
CA SER L 189 43.18 -58.96 -51.25
C SER L 189 43.61 -59.82 -52.44
N HIS L 190 42.64 -60.44 -53.11
CA HIS L 190 42.89 -61.30 -54.26
C HIS L 190 41.57 -61.82 -54.80
N ARG L 191 41.65 -62.46 -55.97
CA ARG L 191 40.58 -63.28 -56.54
C ARG L 191 39.32 -62.48 -56.86
N SER L 192 39.46 -61.17 -57.09
CA SER L 192 38.46 -60.36 -57.79
C SER L 192 37.09 -60.42 -57.10
N TYR L 193 37.04 -59.82 -55.92
CA TYR L 193 35.77 -59.59 -55.23
C TYR L 193 34.74 -59.03 -56.20
N SER L 194 33.65 -59.77 -56.40
CA SER L 194 32.69 -59.47 -57.45
C SER L 194 31.29 -59.39 -56.88
N CYS L 195 30.30 -59.24 -57.78
CA CYS L 195 28.89 -59.16 -57.42
C CYS L 195 28.08 -59.88 -58.49
N GLN L 196 26.97 -60.48 -58.08
CA GLN L 196 26.11 -61.24 -58.96
C GLN L 196 24.65 -60.87 -58.73
N VAL L 197 23.84 -60.97 -59.78
CA VAL L 197 22.40 -60.74 -59.72
C VAL L 197 21.71 -61.93 -60.36
N THR L 198 20.79 -62.55 -59.62
CA THR L 198 20.09 -63.75 -60.07
C THR L 198 18.62 -63.43 -60.22
N HIS L 199 18.16 -63.31 -61.47
CA HIS L 199 16.76 -63.07 -61.76
C HIS L 199 16.06 -64.41 -62.02
N GLU L 200 14.74 -64.35 -62.22
CA GLU L 200 13.97 -65.55 -62.53
C GLU L 200 14.29 -65.99 -63.96
N GLY L 201 15.05 -67.08 -64.08
CA GLY L 201 15.47 -67.56 -65.38
C GLY L 201 16.96 -67.40 -65.59
N SER L 202 17.35 -66.49 -66.48
CA SER L 202 18.76 -66.21 -66.71
C SER L 202 19.28 -65.20 -65.70
N THR L 203 20.59 -65.29 -65.43
CA THR L 203 21.25 -64.41 -64.49
C THR L 203 22.34 -63.62 -65.20
N VAL L 204 22.63 -62.43 -64.69
CA VAL L 204 23.63 -61.53 -65.26
C VAL L 204 24.84 -61.51 -64.33
N GLU L 205 26.02 -61.52 -64.91
CA GLU L 205 27.28 -61.52 -64.17
C GLU L 205 28.12 -60.32 -64.57
N LYS L 206 28.84 -59.76 -63.59
CA LYS L 206 29.73 -58.63 -63.84
C LYS L 206 30.68 -58.51 -62.66
N THR L 207 31.98 -58.42 -62.95
CA THR L 207 33.02 -58.33 -61.94
C THR L 207 33.77 -57.01 -62.09
N VAL L 208 34.76 -56.81 -61.22
CA VAL L 208 35.59 -55.62 -61.25
C VAL L 208 37.04 -56.03 -61.41
N ALA L 209 37.94 -55.05 -61.43
CA ALA L 209 39.36 -55.35 -61.57
C ALA L 209 39.86 -56.07 -60.32
N PRO L 210 40.70 -57.10 -60.48
CA PRO L 210 41.21 -57.87 -59.32
C PRO L 210 42.28 -57.10 -58.55
N THR L 211 41.92 -55.91 -58.08
CA THR L 211 42.84 -55.08 -57.31
C THR L 211 42.09 -54.19 -56.35
N GLN M 14 28.40 63.11 -2.16
CA GLN M 14 27.35 63.46 -1.22
C GLN M 14 26.58 64.69 -1.70
N CYS M 15 25.36 64.85 -1.19
CA CYS M 15 24.53 65.99 -1.58
C CYS M 15 25.06 67.27 -0.96
N VAL M 16 25.24 68.29 -1.80
CA VAL M 16 25.72 69.60 -1.36
C VAL M 16 24.75 70.66 -1.85
N ASN M 17 24.91 71.87 -1.31
CA ASN M 17 24.06 73.00 -1.67
C ASN M 17 24.85 74.28 -1.45
N LEU M 18 25.16 74.98 -2.53
CA LEU M 18 25.92 76.22 -2.43
C LEU M 18 25.06 77.34 -1.87
N THR M 19 25.71 78.45 -1.53
CA THR M 19 25.02 79.61 -0.99
C THR M 19 24.44 80.45 -2.12
N THR M 20 23.87 81.60 -1.78
CA THR M 20 23.28 82.55 -2.71
C THR M 20 22.17 81.93 -3.56
N ARG M 21 21.60 80.80 -3.11
CA ARG M 21 20.50 80.15 -3.81
C ARG M 21 19.17 80.56 -3.17
N THR M 22 18.82 81.83 -3.40
CA THR M 22 17.65 82.43 -2.76
C THR M 22 16.35 81.75 -3.19
N GLN M 23 16.00 81.87 -4.46
CA GLN M 23 14.72 81.35 -4.96
C GLN M 23 14.69 81.46 -6.47
N LEU M 24 14.05 80.49 -7.12
CA LEU M 24 13.84 80.52 -8.57
C LEU M 24 12.60 79.72 -8.88
N PRO M 25 11.43 80.35 -8.83
CA PRO M 25 10.19 79.64 -9.15
C PRO M 25 10.06 79.41 -10.64
N PRO M 26 9.43 78.31 -11.06
CA PRO M 26 9.22 78.05 -12.49
C PRO M 26 8.53 79.21 -13.20
N ALA M 27 8.78 79.36 -14.49
CA ALA M 27 8.18 80.40 -15.30
C ALA M 27 7.61 79.77 -16.56
N TYR M 28 7.21 80.59 -17.52
CA TYR M 28 6.65 80.07 -18.73
C TYR M 28 7.07 80.96 -19.86
N THR M 29 7.02 80.45 -21.05
CA THR M 29 7.36 81.19 -22.26
C THR M 29 6.44 80.74 -23.39
N ASN M 30 6.50 81.48 -24.50
CA ASN M 30 5.69 81.21 -25.68
C ASN M 30 6.61 80.70 -26.78
N SER M 31 6.75 79.38 -26.87
CA SER M 31 7.60 78.78 -27.89
C SER M 31 6.99 78.97 -29.27
N PHE M 32 7.80 79.45 -30.22
CA PHE M 32 7.34 79.67 -31.58
C PHE M 32 7.31 78.36 -32.37
N THR M 33 7.21 78.46 -33.69
CA THR M 33 7.16 77.27 -34.54
C THR M 33 8.54 76.62 -34.55
N ARG M 34 8.72 75.59 -33.74
CA ARG M 34 9.99 74.90 -33.61
C ARG M 34 9.76 73.60 -32.83
N GLY M 35 10.42 72.53 -33.27
CA GLY M 35 10.30 71.26 -32.59
C GLY M 35 9.76 70.15 -33.46
N VAL M 36 9.95 70.27 -34.77
CA VAL M 36 9.49 69.25 -35.72
C VAL M 36 10.65 68.30 -36.02
N TYR M 37 10.38 67.00 -35.89
CA TYR M 37 11.38 65.98 -36.15
C TYR M 37 10.91 65.07 -37.28
N TYR M 38 11.86 64.35 -37.85
CA TYR M 38 11.55 63.38 -38.89
C TYR M 38 10.89 62.16 -38.28
N PRO M 39 9.61 61.88 -38.60
CA PRO M 39 8.93 60.74 -37.98
C PRO M 39 9.32 59.39 -38.54
N ASP M 40 10.09 59.34 -39.63
CA ASP M 40 10.44 58.07 -40.24
C ASP M 40 11.69 58.27 -41.09
N LYS M 41 12.33 57.15 -41.44
CA LYS M 41 13.55 57.17 -42.23
C LYS M 41 13.20 56.96 -43.71
N VAL M 42 12.48 57.94 -44.25
CA VAL M 42 12.00 57.89 -45.63
C VAL M 42 12.39 59.20 -46.32
N PHE M 43 12.97 59.08 -47.50
CA PHE M 43 13.36 60.25 -48.28
C PHE M 43 12.18 60.76 -49.10
N ARG M 44 11.96 62.07 -49.06
CA ARG M 44 10.90 62.70 -49.82
C ARG M 44 11.44 63.99 -50.43
N SER M 45 11.21 64.18 -51.72
CA SER M 45 11.79 65.29 -52.48
C SER M 45 10.67 66.17 -53.05
N SER M 46 10.62 67.42 -52.59
CA SER M 46 9.70 68.42 -53.13
C SER M 46 8.25 67.96 -53.08
N VAL M 47 7.89 67.27 -52.00
CA VAL M 47 6.53 66.79 -51.81
C VAL M 47 6.12 67.03 -50.36
N LEU M 48 4.82 67.21 -50.16
CA LEU M 48 4.26 67.38 -48.83
C LEU M 48 3.84 66.02 -48.26
N HIS M 49 3.68 65.97 -46.94
CA HIS M 49 3.33 64.72 -46.28
C HIS M 49 2.66 65.05 -44.95
N SER M 50 1.63 64.27 -44.63
CA SER M 50 0.90 64.40 -43.36
C SER M 50 1.14 63.14 -42.54
N THR M 51 1.47 63.33 -41.26
CA THR M 51 1.77 62.21 -40.37
C THR M 51 1.10 62.43 -39.03
N GLN M 52 0.81 61.33 -38.34
CA GLN M 52 0.19 61.34 -37.02
C GLN M 52 1.18 60.74 -36.03
N ASP M 53 1.85 61.58 -35.27
CA ASP M 53 2.82 61.13 -34.27
C ASP M 53 2.76 62.09 -33.09
N LEU M 54 3.73 61.97 -32.18
CA LEU M 54 3.79 62.80 -30.98
C LEU M 54 4.73 63.97 -31.25
N PHE M 55 4.17 65.07 -31.73
CA PHE M 55 4.93 66.27 -32.02
C PHE M 55 4.72 67.30 -30.91
N LEU M 56 5.34 68.47 -31.09
CA LEU M 56 5.20 69.56 -30.14
C LEU M 56 4.25 70.60 -30.72
N PRO M 57 3.16 70.93 -30.04
CA PRO M 57 2.23 71.94 -30.58
C PRO M 57 2.89 73.30 -30.71
N PHE M 58 2.60 73.98 -31.82
CA PHE M 58 3.14 75.31 -32.04
C PHE M 58 2.41 76.33 -31.17
N PHE M 59 3.14 77.38 -30.77
CA PHE M 59 2.62 78.43 -29.91
C PHE M 59 2.04 77.86 -28.62
N SER M 60 2.74 76.88 -28.05
CA SER M 60 2.31 76.24 -26.82
C SER M 60 2.91 76.97 -25.61
N ASN M 61 2.82 76.39 -24.42
CA ASN M 61 3.38 77.03 -23.21
C ASN M 61 4.37 76.08 -22.64
N VAL M 62 5.61 76.40 -22.87
CA VAL M 62 6.75 75.62 -22.41
C VAL M 62 7.33 76.28 -21.17
N THR M 63 7.83 75.46 -20.24
CA THR M 63 8.39 75.98 -19.01
C THR M 63 9.67 76.77 -19.29
N TRP M 64 10.04 77.62 -18.34
CA TRP M 64 11.15 78.54 -18.52
C TRP M 64 12.18 78.41 -17.39
N PHE M 65 12.64 77.19 -17.12
CA PHE M 65 13.65 76.98 -16.10
C PHE M 65 14.96 77.60 -16.54
N HIS M 66 15.33 78.72 -15.93
CA HIS M 66 16.57 79.42 -16.23
C HIS M 66 17.68 78.82 -15.37
N VAL M 67 18.76 78.38 -16.01
CA VAL M 67 19.87 77.75 -15.28
C VAL M 67 20.82 78.88 -14.89
N ILE M 68 20.44 79.60 -13.83
CA ILE M 68 21.28 80.60 -13.20
C ILE M 68 21.50 80.29 -11.73
N ASP M 78 18.64 74.78 -9.25
CA ASP M 78 17.29 74.21 -9.20
C ASP M 78 17.17 73.19 -10.31
N ASN M 79 16.82 71.95 -9.94
CA ASN M 79 16.62 70.86 -10.91
C ASN M 79 15.45 70.02 -10.44
N PRO M 80 14.22 70.48 -10.68
CA PRO M 80 13.05 69.72 -10.22
C PRO M 80 12.90 68.41 -10.99
N VAL M 81 12.09 67.52 -10.42
CA VAL M 81 11.78 66.23 -11.02
C VAL M 81 10.48 66.39 -11.79
N LEU M 82 10.58 66.57 -13.11
CA LEU M 82 9.36 66.75 -13.89
C LEU M 82 8.92 65.42 -14.50
N PRO M 83 7.61 65.19 -14.62
CA PRO M 83 7.13 63.92 -15.15
C PRO M 83 7.39 63.81 -16.65
N PHE M 84 7.40 62.57 -17.12
CA PHE M 84 7.64 62.24 -18.53
C PHE M 84 6.38 61.55 -19.05
N ASN M 85 5.44 62.35 -19.54
CA ASN M 85 4.17 61.79 -20.01
C ASN M 85 4.32 61.14 -21.39
N ASP M 86 4.74 61.91 -22.39
CA ASP M 86 4.90 61.38 -23.74
C ASP M 86 6.27 61.76 -24.31
N GLY M 87 6.83 62.87 -23.85
CA GLY M 87 8.12 63.30 -24.35
C GLY M 87 8.41 64.72 -23.94
N VAL M 88 9.66 65.12 -24.14
CA VAL M 88 10.14 66.46 -23.81
C VAL M 88 10.91 67.00 -25.00
N TYR M 89 11.09 68.33 -25.01
CA TYR M 89 11.83 69.00 -26.07
C TYR M 89 13.23 69.42 -25.62
N PHE M 90 13.37 69.97 -24.42
CA PHE M 90 14.66 70.29 -23.82
C PHE M 90 15.50 71.20 -24.71
N ALA M 91 14.99 72.42 -24.91
CA ALA M 91 15.74 73.44 -25.61
C ALA M 91 16.74 74.10 -24.66
N SER M 92 17.97 74.27 -25.14
CA SER M 92 19.04 74.82 -24.31
C SER M 92 19.84 75.84 -25.10
N ILE M 93 20.15 76.96 -24.44
CA ILE M 93 20.98 78.01 -25.00
C ILE M 93 21.98 78.44 -23.93
N GLU M 94 23.26 78.21 -24.19
CA GLU M 94 24.31 78.54 -23.23
C GLU M 94 25.61 78.79 -23.98
N LYS M 95 26.60 79.26 -23.23
CA LYS M 95 27.94 79.51 -23.75
C LYS M 95 28.99 78.59 -23.12
N SER M 96 28.55 77.45 -22.58
CA SER M 96 29.45 76.52 -21.93
C SER M 96 28.90 75.11 -22.12
N ASN M 97 29.42 74.16 -21.34
CA ASN M 97 29.00 72.77 -21.36
C ASN M 97 28.54 72.32 -19.99
N ILE M 98 27.74 73.15 -19.32
CA ILE M 98 27.30 72.82 -17.97
C ILE M 98 26.23 71.74 -18.00
N ILE M 99 25.32 71.81 -18.97
CA ILE M 99 24.27 70.80 -19.13
C ILE M 99 24.84 69.68 -19.98
N ARG M 100 25.19 68.56 -19.35
CA ARG M 100 25.79 67.44 -20.05
C ARG M 100 25.26 66.09 -19.57
N GLY M 101 24.00 66.03 -19.15
CA GLY M 101 23.47 64.77 -18.66
C GLY M 101 21.96 64.83 -18.50
N TRP M 102 21.37 63.64 -18.49
CA TRP M 102 19.95 63.46 -18.21
C TRP M 102 19.76 62.21 -17.36
N ILE M 103 18.64 62.15 -16.66
CA ILE M 103 18.29 61.02 -15.81
C ILE M 103 16.85 60.62 -16.10
N PHE M 104 16.64 59.37 -16.49
CA PHE M 104 15.32 58.84 -16.77
C PHE M 104 15.00 57.69 -15.82
N GLY M 105 13.71 57.47 -15.61
CA GLY M 105 13.27 56.41 -14.74
C GLY M 105 11.86 56.66 -14.25
N THR M 106 11.33 55.65 -13.56
CA THR M 106 9.98 55.72 -13.01
C THR M 106 9.97 56.03 -11.52
N THR M 107 11.01 55.64 -10.79
CA THR M 107 11.10 55.93 -9.36
C THR M 107 12.38 56.67 -8.97
N LEU M 108 13.42 56.65 -9.80
CA LEU M 108 14.68 57.34 -9.53
C LEU M 108 15.32 56.85 -8.24
N ASP M 109 15.31 55.54 -8.04
CA ASP M 109 15.93 54.92 -6.87
C ASP M 109 16.31 53.48 -7.23
N SER M 110 16.83 52.76 -6.24
CA SER M 110 17.29 51.40 -6.44
C SER M 110 16.17 50.36 -6.42
N LYS M 111 14.92 50.79 -6.28
CA LYS M 111 13.82 49.83 -6.26
C LYS M 111 13.48 49.33 -7.66
N THR M 112 13.37 50.24 -8.63
CA THR M 112 13.05 49.91 -10.00
C THR M 112 14.21 50.29 -10.92
N GLN M 113 14.01 50.05 -12.21
CA GLN M 113 15.04 50.34 -13.20
C GLN M 113 15.17 51.84 -13.41
N SER M 114 16.33 52.25 -13.95
CA SER M 114 16.62 53.65 -14.21
C SER M 114 17.46 53.75 -15.46
N LEU M 115 17.79 54.99 -15.84
CA LEU M 115 18.55 55.25 -17.05
C LEU M 115 19.16 56.64 -16.94
N LEU M 116 20.42 56.76 -17.38
CA LEU M 116 21.11 58.04 -17.39
C LEU M 116 21.91 58.17 -18.68
N ILE M 117 22.04 59.40 -19.17
CA ILE M 117 22.75 59.70 -20.41
C ILE M 117 23.78 60.78 -20.06
N VAL M 118 24.99 60.36 -19.72
CA VAL M 118 26.06 61.29 -19.38
C VAL M 118 26.84 61.62 -20.64
N ASN M 119 27.14 62.90 -20.83
CA ASN M 119 27.86 63.40 -22.01
C ASN M 119 29.17 63.99 -21.53
N ASN M 120 30.22 63.19 -21.47
CA ASN M 120 31.50 63.76 -21.03
C ASN M 120 32.31 64.30 -22.16
N ALA M 121 33.26 65.11 -21.79
CA ALA M 121 33.91 66.05 -22.70
C ALA M 121 34.47 65.38 -23.96
N THR M 122 34.54 64.06 -24.02
CA THR M 122 35.08 63.39 -25.19
C THR M 122 34.19 62.27 -25.75
N ASN M 123 33.18 61.82 -25.00
CA ASN M 123 32.28 60.78 -25.49
C ASN M 123 31.00 60.82 -24.68
N VAL M 124 30.06 59.95 -25.06
CA VAL M 124 28.78 59.83 -24.39
C VAL M 124 28.62 58.40 -23.90
N VAL M 125 28.09 58.25 -22.68
CA VAL M 125 27.86 56.94 -22.09
C VAL M 125 26.40 56.84 -21.67
N ILE M 126 25.87 55.62 -21.75
CA ILE M 126 24.50 55.33 -21.36
C ILE M 126 24.49 53.99 -20.64
N LYS M 127 23.89 53.96 -19.44
CA LYS M 127 23.87 52.76 -18.62
C LYS M 127 22.47 52.59 -18.03
N VAL M 128 21.97 51.36 -18.08
CA VAL M 128 20.66 51.03 -17.54
C VAL M 128 20.78 50.26 -16.23
N CYS M 129 21.92 50.35 -15.55
CA CYS M 129 22.07 49.75 -14.23
C CYS M 129 20.99 50.27 -13.29
N GLU M 130 20.58 49.45 -12.33
CA GLU M 130 19.57 49.84 -11.35
C GLU M 130 20.22 50.78 -10.35
N PHE M 131 20.40 52.04 -10.75
CA PHE M 131 21.09 53.02 -9.93
C PHE M 131 20.22 53.47 -8.76
N GLN M 132 20.84 54.22 -7.85
CA GLN M 132 20.16 54.80 -6.69
C GLN M 132 20.59 56.26 -6.61
N PHE M 133 19.73 57.17 -7.04
CA PHE M 133 20.03 58.59 -7.06
C PHE M 133 19.63 59.22 -5.73
N CYS M 134 20.38 60.26 -5.36
CA CYS M 134 20.11 60.99 -4.13
C CYS M 134 18.97 61.99 -4.37
N ASN M 135 18.74 62.86 -3.39
CA ASN M 135 17.68 63.86 -3.50
C ASN M 135 18.08 65.05 -4.38
N ASP M 136 19.32 65.11 -4.84
CA ASP M 136 19.77 66.21 -5.69
C ASP M 136 21.01 65.78 -6.48
N PRO M 137 20.84 65.04 -7.57
CA PRO M 137 22.00 64.64 -8.37
C PRO M 137 22.67 65.85 -9.02
N PHE M 138 23.98 65.79 -9.13
CA PHE M 138 24.75 66.89 -9.72
C PHE M 138 26.08 66.36 -10.21
N LEU M 139 26.57 66.96 -11.28
CA LEU M 139 27.86 66.57 -11.86
C LEU M 139 28.78 67.78 -12.03
N GLU M 151 32.91 63.19 -13.44
CA GLU M 151 32.88 62.34 -12.26
C GLU M 151 31.64 61.44 -12.27
N PHE M 152 31.46 60.68 -11.18
CA PHE M 152 30.32 59.79 -11.04
C PHE M 152 29.64 59.96 -9.70
N ARG M 153 29.71 61.15 -9.12
CA ARG M 153 29.10 61.40 -7.82
C ARG M 153 27.62 61.77 -7.97
N VAL M 154 26.87 60.92 -8.69
CA VAL M 154 25.44 61.12 -8.88
C VAL M 154 24.63 60.01 -8.24
N TYR M 155 25.12 58.78 -8.28
CA TYR M 155 24.46 57.64 -7.67
C TYR M 155 25.34 57.08 -6.56
N SER M 156 24.70 56.57 -5.50
CA SER M 156 25.42 56.03 -4.36
C SER M 156 25.82 54.57 -4.60
N SER M 157 24.83 53.71 -4.87
CA SER M 157 25.05 52.29 -5.11
C SER M 157 24.49 51.92 -6.46
N ALA M 158 25.34 51.35 -7.33
CA ALA M 158 24.91 50.91 -8.64
C ALA M 158 24.41 49.48 -8.57
N ASN M 159 24.12 48.87 -9.72
CA ASN M 159 23.61 47.51 -9.79
C ASN M 159 23.93 46.97 -11.17
N ASN M 160 23.30 45.85 -11.53
CA ASN M 160 23.57 45.21 -12.80
C ASN M 160 22.93 45.98 -13.95
N CYS M 161 23.69 46.18 -15.03
CA CYS M 161 23.19 46.77 -16.25
C CYS M 161 22.69 45.69 -17.20
N THR M 162 21.77 46.08 -18.08
CA THR M 162 21.28 45.18 -19.12
C THR M 162 21.56 45.70 -20.52
N PHE M 163 22.14 46.89 -20.65
CA PHE M 163 22.42 47.48 -21.96
C PHE M 163 23.46 48.58 -21.79
N GLU M 164 24.34 48.70 -22.79
CA GLU M 164 25.35 49.74 -22.80
C GLU M 164 25.72 50.03 -24.25
N TYR M 165 26.13 51.28 -24.51
CA TYR M 165 26.51 51.70 -25.84
C TYR M 165 27.72 52.62 -25.74
N VAL M 166 28.56 52.58 -26.77
CA VAL M 166 29.83 53.32 -26.75
C VAL M 166 29.63 54.79 -27.09
N SER M 167 28.83 55.09 -28.12
CA SER M 167 28.57 56.46 -28.56
C SER M 167 29.87 57.19 -28.87
N GLN M 168 30.55 56.69 -29.91
CA GLN M 168 31.83 57.24 -30.35
C GLN M 168 31.88 58.76 -30.46
N PRO M 169 30.90 59.45 -31.05
CA PRO M 169 30.92 60.91 -31.05
C PRO M 169 30.15 61.48 -29.87
N PHE M 170 30.34 62.78 -29.65
CA PHE M 170 29.68 63.50 -28.56
C PHE M 170 28.39 64.10 -29.05
N LEU M 171 27.35 64.02 -28.21
CA LEU M 171 26.05 64.56 -28.59
C LEU M 171 25.99 66.07 -28.35
N MET M 172 26.18 66.50 -27.11
CA MET M 172 26.08 67.91 -26.76
C MET M 172 27.42 68.62 -26.98
N GLN M 178 33.35 80.84 -28.99
CA GLN M 178 33.44 81.43 -30.32
C GLN M 178 33.32 82.95 -30.24
N GLY M 179 32.58 83.43 -29.24
CA GLY M 179 32.38 84.85 -29.05
C GLY M 179 30.93 85.26 -28.98
N ASN M 180 30.47 86.04 -29.94
CA ASN M 180 29.09 86.51 -29.93
C ASN M 180 28.10 85.36 -30.19
N PHE M 181 28.48 84.42 -31.06
CA PHE M 181 27.59 83.32 -31.40
C PHE M 181 27.54 82.32 -30.26
N LYS M 182 26.35 82.13 -29.69
CA LYS M 182 26.16 81.17 -28.61
C LYS M 182 25.83 79.80 -29.20
N ASN M 183 25.43 78.86 -28.33
CA ASN M 183 25.14 77.49 -28.74
C ASN M 183 23.68 77.19 -28.43
N LEU M 184 22.94 76.76 -29.44
CA LEU M 184 21.55 76.34 -29.30
C LEU M 184 21.45 74.84 -29.58
N ARG M 185 20.81 74.12 -28.66
CA ARG M 185 20.68 72.67 -28.78
C ARG M 185 19.34 72.24 -28.21
N GLU M 186 18.72 71.24 -28.84
CA GLU M 186 17.45 70.70 -28.41
C GLU M 186 17.46 69.19 -28.62
N PHE M 187 16.88 68.46 -27.67
CA PHE M 187 16.92 67.00 -27.69
C PHE M 187 15.53 66.45 -27.39
N VAL M 188 14.92 65.78 -28.36
CA VAL M 188 13.60 65.20 -28.21
C VAL M 188 13.75 63.75 -27.80
N PHE M 189 12.96 63.33 -26.81
CA PHE M 189 12.99 61.98 -26.28
C PHE M 189 11.58 61.40 -26.32
N LYS M 190 11.46 60.15 -26.76
CA LYS M 190 10.17 59.48 -26.84
C LYS M 190 10.34 58.03 -26.38
N ASN M 191 9.21 57.32 -26.31
CA ASN M 191 9.23 55.90 -25.95
C ASN M 191 7.92 55.29 -26.48
N ILE M 192 8.01 54.58 -27.61
CA ILE M 192 6.82 54.02 -28.24
C ILE M 192 6.49 52.67 -27.62
N ASP M 193 7.34 51.67 -27.86
CA ASP M 193 7.21 50.38 -27.20
C ASP M 193 8.42 50.06 -26.33
N GLY M 194 9.63 50.06 -26.89
CA GLY M 194 10.83 49.89 -26.11
C GLY M 194 11.93 50.85 -26.51
N TYR M 195 11.75 51.53 -27.63
CA TYR M 195 12.79 52.36 -28.21
C TYR M 195 12.73 53.79 -27.68
N PHE M 196 13.90 54.41 -27.55
CA PHE M 196 14.00 55.78 -27.09
C PHE M 196 13.99 56.77 -28.24
N LYS M 197 14.78 56.52 -29.30
CA LYS M 197 14.76 57.32 -30.52
C LYS M 197 15.08 58.79 -30.21
N ILE M 198 16.30 59.02 -29.74
CA ILE M 198 16.71 60.37 -29.35
C ILE M 198 16.94 61.20 -30.60
N TYR M 199 16.40 62.42 -30.59
CA TYR M 199 16.62 63.40 -31.64
C TYR M 199 17.51 64.52 -31.13
N SER M 200 18.16 65.21 -32.06
CA SER M 200 19.08 66.28 -31.69
C SER M 200 19.35 67.17 -32.90
N LYS M 201 19.59 68.45 -32.62
CA LYS M 201 19.96 69.42 -33.64
C LYS M 201 20.63 70.60 -32.96
N HIS M 202 21.85 70.92 -33.41
CA HIS M 202 22.63 72.02 -32.86
C HIS M 202 22.89 73.05 -33.96
N THR M 203 22.56 74.31 -33.67
CA THR M 203 22.76 75.39 -34.61
C THR M 203 23.21 76.63 -33.84
N PRO M 204 24.26 77.31 -34.29
CA PRO M 204 24.74 78.50 -33.57
C PRO M 204 23.76 79.65 -33.72
N ILE M 205 23.34 80.20 -32.58
CA ILE M 205 22.45 81.35 -32.56
C ILE M 205 23.28 82.62 -32.63
N ILE M 206 22.91 83.53 -33.53
CA ILE M 206 23.70 84.73 -33.76
C ILE M 206 23.20 85.94 -33.00
N VAL M 207 21.96 85.93 -32.51
CA VAL M 207 21.37 87.08 -31.84
C VAL M 207 21.26 86.76 -30.35
N ARG M 208 21.22 87.83 -29.55
CA ARG M 208 21.06 87.73 -28.11
C ARG M 208 19.67 88.19 -27.70
N GLU M 209 19.05 87.43 -26.80
CA GLU M 209 17.71 87.72 -26.34
C GLU M 209 17.61 87.35 -24.87
N PRO M 210 16.71 87.98 -24.11
CA PRO M 210 16.59 87.67 -22.68
C PRO M 210 15.99 86.29 -22.43
N GLU M 211 16.74 85.24 -22.77
CA GLU M 211 16.33 83.85 -22.56
C GLU M 211 14.99 83.56 -23.23
N ASP M 212 14.99 83.69 -24.56
CA ASP M 212 13.81 83.45 -25.37
C ASP M 212 14.18 82.52 -26.53
N LEU M 213 13.20 81.75 -26.98
CA LEU M 213 13.42 80.85 -28.10
C LEU M 213 13.54 81.66 -29.39
N PRO M 214 14.49 81.32 -30.25
CA PRO M 214 14.68 82.08 -31.50
C PRO M 214 13.56 81.79 -32.49
N GLN M 215 13.55 82.59 -33.55
CA GLN M 215 12.56 82.45 -34.62
C GLN M 215 13.07 81.44 -35.65
N GLY M 216 12.36 81.35 -36.77
CA GLY M 216 12.77 80.45 -37.84
C GLY M 216 12.23 79.05 -37.65
N PHE M 217 12.86 78.11 -38.35
CA PHE M 217 12.48 76.71 -38.31
C PHE M 217 13.73 75.85 -38.25
N SER M 218 13.60 74.70 -37.59
CA SER M 218 14.72 73.77 -37.45
C SER M 218 14.17 72.36 -37.28
N ALA M 219 14.80 71.40 -37.97
CA ALA M 219 14.38 70.01 -37.94
C ALA M 219 15.29 69.22 -37.02
N LEU M 220 14.71 68.25 -36.30
CA LEU M 220 15.45 67.40 -35.37
C LEU M 220 15.91 66.16 -36.12
N GLU M 221 17.22 65.96 -36.20
CA GLU M 221 17.77 64.81 -36.90
C GLU M 221 17.93 63.64 -35.92
N PRO M 222 17.48 62.44 -36.30
CA PRO M 222 17.69 61.27 -35.43
C PRO M 222 19.16 60.86 -35.42
N LEU M 223 19.74 60.83 -34.21
CA LEU M 223 21.15 60.48 -34.05
C LEU M 223 21.33 59.03 -33.62
N VAL M 224 20.73 58.64 -32.49
CA VAL M 224 20.92 57.30 -31.94
C VAL M 224 19.57 56.72 -31.54
N ASP M 225 19.47 55.40 -31.65
CA ASP M 225 18.30 54.64 -31.21
C ASP M 225 18.72 53.68 -30.10
N LEU M 226 17.80 53.44 -29.17
CA LEU M 226 18.10 52.61 -28.02
C LEU M 226 17.12 51.46 -27.88
N PRO M 227 17.56 50.21 -28.00
CA PRO M 227 16.67 49.06 -27.80
C PRO M 227 16.49 48.73 -26.32
N ILE M 228 16.83 49.70 -25.46
CA ILE M 228 16.88 49.47 -24.02
C ILE M 228 15.57 48.85 -23.51
N GLY M 229 14.45 49.49 -23.81
CA GLY M 229 13.16 48.97 -23.41
C GLY M 229 12.74 49.27 -21.99
N ILE M 230 13.10 50.45 -21.47
CA ILE M 230 12.74 50.81 -20.10
C ILE M 230 11.38 51.51 -20.09
N ASN M 231 10.68 51.40 -18.96
CA ASN M 231 9.39 52.04 -18.76
C ASN M 231 9.60 53.25 -17.85
N ILE M 232 9.77 54.42 -18.45
CA ILE M 232 10.03 55.65 -17.72
C ILE M 232 8.74 56.44 -17.57
N THR M 233 8.61 57.14 -16.45
CA THR M 233 7.48 58.03 -16.21
C THR M 233 7.88 59.38 -15.64
N ARG M 234 9.16 59.61 -15.38
CA ARG M 234 9.63 60.87 -14.82
C ARG M 234 10.87 61.31 -15.59
N PHE M 235 11.36 62.51 -15.29
CA PHE M 235 12.51 63.07 -15.98
C PHE M 235 13.32 63.91 -15.00
N GLN M 236 14.64 63.88 -15.17
CA GLN M 236 15.55 64.63 -14.33
C GLN M 236 16.80 64.98 -15.13
N THR M 237 17.23 66.23 -15.03
CA THR M 237 18.39 66.70 -15.76
C THR M 237 19.65 66.55 -14.90
N LEU M 238 20.80 66.82 -15.51
CA LEU M 238 22.08 66.74 -14.80
C LEU M 238 22.92 67.95 -15.19
N LEU M 239 23.27 68.75 -14.19
CA LEU M 239 24.00 69.99 -14.39
C LEU M 239 25.40 69.90 -13.80
N ALA M 240 26.38 70.41 -14.51
CA ALA M 240 27.74 70.50 -14.01
C ALA M 240 27.94 71.78 -13.21
N LEU M 241 28.92 71.76 -12.31
CA LEU M 241 29.18 72.89 -11.42
C LEU M 241 30.52 73.56 -11.73
N HIS M 242 31.61 72.80 -11.69
CA HIS M 242 32.96 73.34 -11.90
C HIS M 242 33.22 74.53 -11.00
N ARG M 243 32.87 74.40 -9.72
CA ARG M 243 33.04 75.50 -8.78
C ARG M 243 34.51 75.77 -8.50
N SER M 244 35.22 74.76 -8.00
CA SER M 244 36.64 74.86 -7.67
C SER M 244 36.93 76.01 -6.72
N TRP M 255 31.21 80.53 -6.85
CA TRP M 255 30.50 79.61 -7.73
C TRP M 255 30.47 80.15 -9.16
N THR M 256 30.67 79.26 -10.12
CA THR M 256 30.67 79.61 -11.55
C THR M 256 29.63 78.73 -12.25
N ALA M 257 28.42 79.24 -12.35
CA ALA M 257 27.33 78.53 -13.01
C ALA M 257 27.06 79.00 -14.43
N GLY M 258 27.60 80.15 -14.82
CA GLY M 258 27.38 80.64 -16.17
C GLY M 258 25.94 81.09 -16.36
N ALA M 259 25.36 80.71 -17.48
CA ALA M 259 23.98 81.08 -17.79
C ALA M 259 23.44 80.10 -18.82
N ALA M 260 22.28 79.50 -18.53
CA ALA M 260 21.67 78.54 -19.43
C ALA M 260 20.18 78.46 -19.09
N ALA M 261 19.47 77.62 -19.85
CA ALA M 261 18.05 77.39 -19.61
C ALA M 261 17.57 76.17 -20.39
N TYR M 262 16.92 75.22 -19.72
CA TYR M 262 16.34 74.06 -20.37
C TYR M 262 14.83 74.23 -20.43
N TYR M 263 14.26 74.08 -21.63
CA TYR M 263 12.84 74.29 -21.87
C TYR M 263 12.19 72.93 -22.08
N VAL M 264 11.54 72.42 -21.03
CA VAL M 264 10.86 71.13 -21.09
C VAL M 264 9.46 71.33 -21.66
N GLY M 265 9.21 70.76 -22.84
CA GLY M 265 7.92 70.88 -23.48
C GLY M 265 7.28 69.53 -23.75
N TYR M 266 6.10 69.30 -23.18
CA TYR M 266 5.43 68.02 -23.35
C TYR M 266 4.93 67.86 -24.77
N LEU M 267 4.94 66.62 -25.26
CA LEU M 267 4.51 66.29 -26.61
C LEU M 267 3.08 65.77 -26.59
N GLN M 268 2.34 66.10 -27.64
CA GLN M 268 0.94 65.68 -27.80
C GLN M 268 0.73 65.14 -29.20
N PRO M 269 -0.21 64.19 -29.37
CA PRO M 269 -0.49 63.67 -30.71
C PRO M 269 -1.15 64.69 -31.61
N ARG M 270 -0.43 65.13 -32.64
CA ARG M 270 -0.92 66.12 -33.59
C ARG M 270 -0.73 65.59 -35.02
N THR M 271 -1.19 66.37 -35.99
CA THR M 271 -1.04 66.05 -37.41
C THR M 271 -0.35 67.22 -38.08
N PHE M 272 0.88 66.99 -38.54
CA PHE M 272 1.67 68.02 -39.19
C PHE M 272 1.72 67.81 -40.69
N LEU M 273 1.83 68.91 -41.43
CA LEU M 273 1.98 68.89 -42.87
C LEU M 273 3.40 69.33 -43.20
N LEU M 274 4.29 68.36 -43.44
CA LEU M 274 5.69 68.64 -43.65
C LEU M 274 5.94 69.20 -45.04
N LYS M 275 7.15 69.72 -45.25
CA LYS M 275 7.54 70.45 -46.45
C LYS M 275 8.89 69.95 -46.96
N TYR M 276 9.01 68.64 -47.12
CA TYR M 276 10.23 68.03 -47.63
C TYR M 276 10.71 68.73 -48.89
N ASN M 277 11.91 69.29 -48.84
CA ASN M 277 12.50 69.99 -49.98
C ASN M 277 13.14 68.97 -50.92
N GLU M 278 13.78 69.46 -51.98
CA GLU M 278 14.39 68.57 -52.96
C GLU M 278 15.63 67.87 -52.44
N ASN M 279 16.13 68.18 -51.28
CA ASN M 279 17.26 67.40 -50.88
C ASN M 279 16.90 66.52 -49.68
N GLY M 280 15.67 66.55 -49.28
CA GLY M 280 15.19 65.78 -48.14
C GLY M 280 14.98 66.57 -46.87
N THR M 281 15.42 67.82 -46.80
CA THR M 281 15.24 68.61 -45.59
C THR M 281 13.82 69.15 -45.49
N ILE M 282 13.47 69.58 -44.28
CA ILE M 282 12.15 70.12 -43.99
C ILE M 282 12.28 71.63 -43.83
N THR M 283 11.55 72.39 -44.64
CA THR M 283 11.61 73.84 -44.60
C THR M 283 10.63 74.43 -43.60
N ASP M 284 9.40 73.92 -43.56
CA ASP M 284 8.39 74.43 -42.64
C ASP M 284 7.35 73.33 -42.41
N ALA M 285 6.36 73.64 -41.58
CA ALA M 285 5.31 72.68 -41.25
C ALA M 285 4.09 73.46 -40.77
N VAL M 286 2.97 72.74 -40.65
CA VAL M 286 1.71 73.29 -40.18
C VAL M 286 1.26 72.50 -38.95
N ASP M 287 0.94 73.21 -37.88
CA ASP M 287 0.55 72.54 -36.64
C ASP M 287 -0.85 71.93 -36.75
N CYS M 288 -1.69 72.47 -37.63
CA CYS M 288 -3.06 72.00 -37.83
C CYS M 288 -3.89 72.07 -36.55
N ALA M 289 -3.53 72.99 -35.66
CA ALA M 289 -4.34 73.28 -34.48
C ALA M 289 -4.49 74.77 -34.25
N LEU M 290 -3.88 75.61 -35.07
CA LEU M 290 -4.03 77.06 -34.99
C LEU M 290 -5.34 77.47 -35.67
N ASP M 291 -5.48 78.77 -35.95
CA ASP M 291 -6.63 79.36 -36.63
C ASP M 291 -7.05 78.54 -37.84
N PRO M 292 -8.34 78.55 -38.21
CA PRO M 292 -8.84 77.63 -39.26
C PRO M 292 -8.10 77.68 -40.58
N LEU M 293 -7.27 78.71 -40.80
CA LEU M 293 -6.41 78.72 -41.97
C LEU M 293 -5.48 77.51 -41.98
N SER M 294 -4.98 77.14 -40.81
CA SER M 294 -4.12 75.96 -40.70
C SER M 294 -4.86 74.71 -41.14
N GLU M 295 -6.04 74.46 -40.57
CA GLU M 295 -6.80 73.27 -40.93
C GLU M 295 -7.22 73.28 -42.40
N THR M 296 -7.47 74.47 -42.95
CA THR M 296 -7.71 74.58 -44.38
C THR M 296 -6.50 74.11 -45.17
N LYS M 297 -5.31 74.53 -44.75
CA LYS M 297 -4.09 74.07 -45.41
C LYS M 297 -3.89 72.57 -45.25
N CYS M 298 -4.35 71.99 -44.14
CA CYS M 298 -4.22 70.55 -43.97
C CYS M 298 -5.15 69.80 -44.92
N THR M 299 -6.43 70.20 -44.95
CA THR M 299 -7.41 69.51 -45.79
C THR M 299 -7.28 69.85 -47.26
N LEU M 300 -6.45 70.85 -47.61
CA LEU M 300 -6.22 71.28 -48.99
C LEU M 300 -4.73 71.43 -49.23
N LYS M 301 -3.97 70.35 -48.97
CA LYS M 301 -2.53 70.41 -48.75
C LYS M 301 -1.82 71.27 -49.78
N SER M 302 -1.28 72.40 -49.30
CA SER M 302 -0.59 73.38 -50.12
C SER M 302 -0.01 74.47 -49.21
N PHE M 303 0.56 75.52 -49.80
CA PHE M 303 0.96 76.69 -49.03
C PHE M 303 0.61 77.98 -49.75
N THR M 304 -0.11 77.92 -50.86
CA THR M 304 -0.57 79.09 -51.62
C THR M 304 -2.04 78.94 -51.97
N VAL M 305 -2.85 78.62 -50.96
CA VAL M 305 -4.29 78.38 -51.18
C VAL M 305 -4.92 79.62 -51.80
N GLU M 306 -5.80 79.40 -52.78
CA GLU M 306 -6.40 80.48 -53.54
C GLU M 306 -7.57 81.08 -52.76
N LYS M 307 -8.30 81.98 -53.41
CA LYS M 307 -9.41 82.67 -52.77
C LYS M 307 -10.68 81.83 -52.89
N GLY M 308 -11.34 81.62 -51.76
CA GLY M 308 -12.57 80.85 -51.75
C GLY M 308 -12.88 80.32 -50.37
N ILE M 309 -14.01 79.61 -50.30
CA ILE M 309 -14.50 79.00 -49.07
C ILE M 309 -14.32 77.49 -49.17
N TYR M 310 -13.88 76.87 -48.08
CA TYR M 310 -13.61 75.45 -48.07
C TYR M 310 -14.11 74.83 -46.78
N GLN M 311 -14.73 73.65 -46.89
CA GLN M 311 -15.18 72.91 -45.72
C GLN M 311 -14.00 72.13 -45.13
N THR M 312 -13.65 72.44 -43.89
CA THR M 312 -12.47 71.87 -43.25
C THR M 312 -12.82 70.96 -42.08
N SER M 313 -13.55 71.45 -41.10
CA SER M 313 -13.86 70.71 -39.88
C SER M 313 -15.37 70.50 -39.76
N ASN M 314 -15.73 69.86 -38.67
CA ASN M 314 -17.11 69.73 -38.35
C ASN M 314 -17.12 70.04 -36.88
N PHE M 315 -18.01 70.91 -36.39
CA PHE M 315 -18.01 71.31 -35.00
C PHE M 315 -18.99 70.49 -34.25
N ARG M 316 -18.69 70.19 -33.02
CA ARG M 316 -19.57 69.36 -32.25
C ARG M 316 -19.49 69.67 -30.77
N VAL M 317 -20.57 70.14 -30.18
CA VAL M 317 -20.56 70.53 -28.80
C VAL M 317 -20.62 69.29 -27.99
N GLN M 318 -19.80 69.17 -26.96
CA GLN M 318 -19.60 67.86 -26.39
C GLN M 318 -20.23 67.84 -25.03
N PRO M 319 -20.56 66.67 -24.48
CA PRO M 319 -21.29 66.64 -23.21
C PRO M 319 -20.58 67.11 -21.93
N THR M 320 -21.16 66.94 -20.74
CA THR M 320 -20.57 67.35 -19.45
C THR M 320 -20.90 66.43 -18.27
N GLU M 321 -22.11 65.91 -18.14
CA GLU M 321 -22.60 65.03 -17.10
C GLU M 321 -22.80 63.62 -17.62
N SER M 322 -23.15 62.72 -16.69
CA SER M 322 -23.40 61.31 -16.97
C SER M 322 -24.71 60.89 -16.29
N ILE M 323 -25.76 61.68 -16.52
CA ILE M 323 -27.03 61.48 -15.82
C ILE M 323 -27.59 60.10 -16.13
N VAL M 324 -27.94 59.37 -15.07
CA VAL M 324 -28.63 58.09 -15.18
C VAL M 324 -29.90 58.17 -14.33
N ARG M 325 -31.04 57.95 -14.96
CA ARG M 325 -32.34 58.13 -14.31
C ARG M 325 -33.12 56.81 -14.36
N PHE M 326 -33.24 56.15 -13.23
CA PHE M 326 -34.00 54.93 -13.05
C PHE M 326 -35.17 55.17 -12.10
N PRO M 327 -36.21 54.33 -12.16
CA PRO M 327 -37.37 54.53 -11.28
C PRO M 327 -37.05 54.31 -9.80
N ASN M 328 -38.06 54.49 -8.97
CA ASN M 328 -37.95 54.43 -7.52
C ASN M 328 -37.88 52.99 -7.07
N ILE M 329 -37.21 52.70 -5.94
CA ILE M 329 -37.20 51.36 -5.37
C ILE M 329 -38.57 51.06 -4.75
N THR M 330 -38.99 49.81 -4.83
CA THR M 330 -40.27 49.41 -4.29
C THR M 330 -40.29 47.89 -4.12
N ASN M 331 -41.01 47.44 -3.10
CA ASN M 331 -41.19 46.01 -2.81
C ASN M 331 -39.83 45.32 -2.61
N LEU M 332 -39.15 45.75 -1.55
CA LEU M 332 -37.86 45.17 -1.21
C LEU M 332 -37.99 43.69 -0.88
N CYS M 333 -36.92 42.94 -1.15
CA CYS M 333 -36.97 41.50 -0.99
C CYS M 333 -36.97 41.12 0.48
N PRO M 334 -37.53 39.96 0.83
CA PRO M 334 -37.58 39.55 2.24
C PRO M 334 -36.22 39.12 2.78
N PHE M 335 -35.26 40.05 2.81
CA PHE M 335 -33.97 39.80 3.42
C PHE M 335 -33.91 40.26 4.87
N ASP M 336 -35.00 40.83 5.39
CA ASP M 336 -35.09 41.23 6.78
C ASP M 336 -35.61 40.12 7.67
N GLU M 337 -36.17 39.06 7.10
CA GLU M 337 -36.64 37.92 7.87
C GLU M 337 -35.74 36.69 7.69
N VAL M 338 -34.69 36.79 6.90
CA VAL M 338 -33.72 35.70 6.78
C VAL M 338 -32.35 36.07 7.34
N PHE M 339 -32.04 37.36 7.50
CA PHE M 339 -30.82 37.78 8.17
C PHE M 339 -31.07 38.35 9.56
N ASN M 340 -32.30 38.59 9.92
CA ASN M 340 -32.57 39.03 11.26
C ASN M 340 -33.73 38.29 11.77
N ALA M 341 -33.68 37.01 11.57
CA ALA M 341 -34.66 36.08 12.12
C ALA M 341 -34.39 35.86 13.61
N THR M 342 -35.24 35.02 14.22
CA THR M 342 -35.17 34.75 15.64
C THR M 342 -34.43 33.45 15.96
N ARG M 343 -34.83 32.34 15.35
CA ARG M 343 -34.25 31.04 15.63
C ARG M 343 -34.06 30.24 14.35
N PHE M 344 -33.00 29.45 14.32
CA PHE M 344 -32.76 28.44 13.30
C PHE M 344 -32.94 27.06 13.93
N ALA M 345 -32.74 26.01 13.14
CA ALA M 345 -32.96 24.65 13.62
C ALA M 345 -31.66 23.87 13.79
N SER M 346 -30.89 23.69 12.71
CA SER M 346 -29.68 22.88 12.78
C SER M 346 -28.86 22.99 11.51
N VAL M 347 -27.78 22.20 11.42
CA VAL M 347 -26.94 22.17 10.23
C VAL M 347 -27.32 21.06 9.27
N TYR M 348 -28.07 20.06 9.72
CA TYR M 348 -28.55 19.00 8.84
C TYR M 348 -29.91 19.31 8.24
N ALA M 349 -30.73 20.11 8.92
CA ALA M 349 -32.05 20.52 8.43
C ALA M 349 -32.01 22.04 8.26
N TRP M 350 -31.57 22.48 7.09
CA TRP M 350 -31.43 23.90 6.80
C TRP M 350 -32.57 24.37 5.91
N ASN M 351 -33.14 25.52 6.26
CA ASN M 351 -34.20 26.11 5.46
C ASN M 351 -33.66 26.63 4.14
N ARG M 352 -34.53 26.65 3.13
CA ARG M 352 -34.18 27.13 1.80
C ARG M 352 -35.29 28.05 1.31
N LYS M 353 -35.07 29.35 1.42
CA LYS M 353 -36.05 30.35 1.02
C LYS M 353 -35.87 30.68 -0.45
N ARG M 354 -36.98 30.65 -1.20
CA ARG M 354 -36.98 30.96 -2.63
C ARG M 354 -37.43 32.41 -2.83
N ILE M 355 -36.55 33.23 -3.35
CA ILE M 355 -36.84 34.65 -3.59
C ILE M 355 -37.42 34.78 -4.99
N SER M 356 -38.27 35.79 -5.17
CA SER M 356 -38.95 36.06 -6.43
C SER M 356 -38.50 37.42 -6.96
N ASN M 357 -39.16 37.88 -8.02
CA ASN M 357 -38.81 39.16 -8.64
C ASN M 357 -38.88 40.29 -7.63
N CYS M 358 -37.77 41.00 -7.47
CA CYS M 358 -37.63 42.07 -6.48
C CYS M 358 -36.38 42.86 -6.84
N VAL M 359 -35.99 43.77 -5.95
CA VAL M 359 -34.78 44.58 -6.11
C VAL M 359 -33.95 44.38 -4.84
N ALA M 360 -32.92 43.54 -4.93
CA ALA M 360 -32.09 43.20 -3.77
C ALA M 360 -30.97 44.22 -3.62
N ASP M 361 -30.87 44.83 -2.45
CA ASP M 361 -29.82 45.79 -2.13
C ASP M 361 -28.78 45.07 -1.28
N TYR M 362 -27.67 44.67 -1.91
CA TYR M 362 -26.61 43.98 -1.19
C TYR M 362 -25.71 44.96 -0.48
N SER M 363 -26.30 45.84 0.32
CA SER M 363 -25.54 46.79 1.14
C SER M 363 -25.92 46.77 2.61
N VAL M 364 -27.09 46.27 2.97
CA VAL M 364 -27.47 46.13 4.38
C VAL M 364 -26.85 44.90 5.02
N LEU M 365 -26.15 44.07 4.24
CA LEU M 365 -25.55 42.86 4.79
C LEU M 365 -24.46 43.18 5.81
N TYR M 366 -23.78 44.32 5.67
CA TYR M 366 -22.73 44.74 6.59
C TYR M 366 -23.20 45.82 7.57
N ASN M 367 -24.48 45.78 7.96
CA ASN M 367 -25.01 46.70 8.95
C ASN M 367 -25.24 46.06 10.32
N LEU M 368 -25.12 44.74 10.42
CA LEU M 368 -25.41 44.04 11.66
C LEU M 368 -24.24 44.17 12.63
N ALA M 369 -24.27 43.37 13.69
CA ALA M 369 -23.24 43.41 14.72
C ALA M 369 -21.87 43.12 14.10
N PRO M 370 -20.80 43.67 14.69
CA PRO M 370 -19.46 43.44 14.15
C PRO M 370 -19.00 41.99 14.23
N PHE M 371 -17.78 41.73 13.77
CA PHE M 371 -17.20 40.38 13.75
C PHE M 371 -18.07 39.44 12.91
N PHE M 372 -18.18 39.77 11.63
CA PHE M 372 -18.93 38.98 10.66
C PHE M 372 -18.12 38.84 9.39
N THR M 373 -18.14 37.65 8.80
CA THR M 373 -17.39 37.42 7.58
C THR M 373 -18.24 37.74 6.35
N PHE M 374 -17.54 38.02 5.25
CA PHE M 374 -18.20 38.32 3.98
C PHE M 374 -17.49 37.64 2.82
N LYS M 375 -16.90 36.46 3.06
CA LYS M 375 -16.13 35.77 2.04
C LYS M 375 -17.05 35.27 0.94
N CYS M 376 -16.75 35.65 -0.30
CA CYS M 376 -17.51 35.22 -1.47
C CYS M 376 -16.72 34.20 -2.26
N TYR M 377 -17.40 33.55 -3.20
CA TYR M 377 -16.79 32.51 -4.04
C TYR M 377 -17.25 32.76 -5.48
N GLY M 378 -16.34 33.28 -6.31
CA GLY M 378 -16.63 33.55 -7.69
C GLY M 378 -17.20 34.93 -7.96
N VAL M 379 -17.61 35.67 -6.93
CA VAL M 379 -18.15 37.01 -7.06
C VAL M 379 -17.43 37.93 -6.09
N SER M 380 -17.85 39.18 -6.07
CA SER M 380 -17.28 40.19 -5.19
C SER M 380 -18.37 41.14 -4.74
N PRO M 381 -18.28 41.67 -3.51
CA PRO M 381 -19.32 42.59 -3.04
C PRO M 381 -19.35 43.91 -3.80
N THR M 382 -18.22 44.36 -4.33
CA THR M 382 -18.21 45.60 -5.10
C THR M 382 -18.90 45.42 -6.45
N LYS M 383 -18.77 44.23 -7.06
CA LYS M 383 -19.43 43.91 -8.31
C LYS M 383 -20.66 43.04 -8.11
N LEU M 384 -21.24 43.02 -6.91
CA LEU M 384 -22.41 42.19 -6.66
C LEU M 384 -23.63 42.74 -7.38
N ASN M 385 -23.82 44.05 -7.34
CA ASN M 385 -24.97 44.69 -7.98
C ASN M 385 -24.67 45.04 -9.44
N ASP M 386 -24.07 44.10 -10.17
CA ASP M 386 -23.78 44.26 -11.59
C ASP M 386 -24.33 43.12 -12.44
N LEU M 387 -24.33 41.90 -11.91
CA LEU M 387 -24.84 40.75 -12.63
C LEU M 387 -26.31 40.50 -12.28
N CYS M 388 -27.02 39.86 -13.21
CA CYS M 388 -28.44 39.58 -13.05
C CYS M 388 -28.64 38.10 -12.76
N PHE M 389 -29.43 37.80 -11.72
CA PHE M 389 -29.70 36.44 -11.30
C PHE M 389 -31.19 36.19 -11.26
N THR M 390 -31.60 34.97 -11.63
CA THR M 390 -33.01 34.63 -11.67
C THR M 390 -33.56 34.34 -10.27
N ASN M 391 -32.97 33.35 -9.59
CA ASN M 391 -33.44 32.95 -8.26
C ASN M 391 -32.25 32.85 -7.32
N VAL M 392 -32.38 33.42 -6.13
CA VAL M 392 -31.36 33.36 -5.10
C VAL M 392 -31.93 32.58 -3.92
N TYR M 393 -31.17 31.61 -3.43
CA TYR M 393 -31.60 30.74 -2.34
C TYR M 393 -30.75 31.00 -1.11
N ALA M 394 -31.43 31.19 0.02
CA ALA M 394 -30.76 31.41 1.31
C ALA M 394 -30.89 30.16 2.15
N ASP M 395 -29.75 29.64 2.63
CA ASP M 395 -29.70 28.43 3.43
C ASP M 395 -29.16 28.80 4.82
N SER M 396 -30.03 28.76 5.82
CA SER M 396 -29.68 29.13 7.18
C SER M 396 -29.33 27.90 8.00
N PHE M 397 -28.25 28.00 8.78
CA PHE M 397 -27.79 26.90 9.62
C PHE M 397 -26.83 27.46 10.67
N VAL M 398 -26.78 26.78 11.81
CA VAL M 398 -26.20 27.33 13.03
C VAL M 398 -24.80 26.80 13.28
N ILE M 399 -24.09 26.42 12.22
CA ILE M 399 -22.73 25.92 12.38
C ILE M 399 -21.87 26.98 13.08
N ARG M 400 -21.04 26.54 14.02
CA ARG M 400 -20.17 27.42 14.77
C ARG M 400 -18.80 26.76 14.92
N GLY M 401 -17.86 27.53 15.46
CA GLY M 401 -16.53 27.02 15.72
C GLY M 401 -15.60 27.15 14.53
N ASP M 402 -14.50 26.40 14.61
CA ASP M 402 -13.49 26.42 13.56
C ASP M 402 -13.88 25.49 12.42
N GLU M 403 -15.11 25.66 11.91
CA GLU M 403 -15.57 24.89 10.77
C GLU M 403 -16.17 25.77 9.68
N VAL M 404 -16.19 27.09 9.86
CA VAL M 404 -16.63 27.99 8.81
C VAL M 404 -15.59 28.09 7.71
N ARG M 405 -14.32 27.85 8.03
CA ARG M 405 -13.27 27.92 7.03
C ARG M 405 -13.38 26.80 6.00
N GLN M 406 -13.94 25.66 6.39
CA GLN M 406 -14.11 24.53 5.49
C GLN M 406 -15.49 24.51 4.82
N ILE M 407 -16.26 25.59 4.96
CA ILE M 407 -17.52 25.73 4.22
C ILE M 407 -17.15 26.40 2.89
N ALA M 408 -16.71 25.59 1.94
CA ALA M 408 -16.21 26.08 0.67
C ALA M 408 -16.14 24.89 -0.30
N PRO M 409 -16.19 25.17 -1.60
CA PRO M 409 -16.05 24.08 -2.58
C PRO M 409 -14.71 23.39 -2.47
N GLY M 410 -14.76 22.06 -2.39
CA GLY M 410 -13.54 21.27 -2.32
C GLY M 410 -12.81 21.35 -1.00
N GLN M 411 -13.54 21.49 0.11
CA GLN M 411 -12.94 21.56 1.45
C GLN M 411 -13.81 20.72 2.38
N THR M 412 -13.32 19.55 2.74
CA THR M 412 -14.06 18.65 3.62
C THR M 412 -13.82 19.04 5.08
N GLY M 413 -14.47 18.32 5.99
CA GLY M 413 -14.31 18.60 7.40
C GLY M 413 -15.13 17.65 8.25
N ASN M 414 -15.61 18.16 9.38
CA ASN M 414 -16.43 17.39 10.30
C ASN M 414 -17.89 17.83 10.35
N ILE M 415 -18.22 19.01 9.83
CA ILE M 415 -19.60 19.46 9.74
C ILE M 415 -20.09 19.58 8.31
N ALA M 416 -19.22 19.90 7.34
CA ALA M 416 -19.60 19.98 5.95
C ALA M 416 -19.37 18.65 5.23
N ASP M 417 -19.32 17.56 5.98
CA ASP M 417 -19.13 16.23 5.42
C ASP M 417 -20.41 15.40 5.39
N TYR M 418 -21.33 15.62 6.33
CA TYR M 418 -22.60 14.89 6.33
C TYR M 418 -23.78 15.80 6.67
N ASN M 419 -23.62 17.10 6.53
CA ASN M 419 -24.71 18.05 6.76
C ASN M 419 -24.92 19.01 5.61
N TYR M 420 -23.85 19.44 4.94
CA TYR M 420 -23.97 20.38 3.83
C TYR M 420 -22.74 20.23 2.94
N LYS M 421 -22.99 20.04 1.64
CA LYS M 421 -21.92 19.83 0.67
C LYS M 421 -22.13 20.81 -0.48
N LEU M 422 -21.06 21.50 -0.87
CA LEU M 422 -21.13 22.47 -1.97
C LEU M 422 -20.23 22.04 -3.11
N PRO M 423 -20.75 21.96 -4.34
CA PRO M 423 -19.89 21.58 -5.48
C PRO M 423 -18.92 22.68 -5.84
N ASP M 424 -18.08 22.45 -6.87
CA ASP M 424 -17.13 23.46 -7.30
C ASP M 424 -17.74 24.39 -8.34
N ASP M 425 -18.93 24.92 -8.02
CA ASP M 425 -19.59 25.91 -8.86
C ASP M 425 -20.34 26.94 -8.02
N PHE M 426 -20.04 27.05 -6.73
CA PHE M 426 -20.80 27.95 -5.86
C PHE M 426 -20.48 29.41 -6.18
N THR M 427 -21.54 30.21 -6.26
CA THR M 427 -21.44 31.64 -6.54
C THR M 427 -22.28 32.37 -5.49
N GLY M 428 -21.64 32.81 -4.42
CA GLY M 428 -22.34 33.53 -3.38
C GLY M 428 -21.40 33.92 -2.27
N CYS M 429 -21.96 34.64 -1.29
CA CYS M 429 -21.21 35.13 -0.14
C CYS M 429 -21.86 34.61 1.12
N VAL M 430 -21.04 34.08 2.03
CA VAL M 430 -21.52 33.51 3.29
C VAL M 430 -21.33 34.54 4.40
N ILE M 431 -22.36 34.72 5.21
CA ILE M 431 -22.33 35.61 6.37
C ILE M 431 -22.50 34.79 7.63
N ALA M 432 -21.63 35.00 8.61
CA ALA M 432 -21.56 34.17 9.80
C ALA M 432 -21.49 35.05 11.06
N TRP M 433 -22.39 36.01 11.17
CA TRP M 433 -22.41 36.87 12.35
C TRP M 433 -22.77 36.06 13.59
N ASN M 434 -22.24 36.47 14.73
CA ASN M 434 -22.38 35.74 15.98
C ASN M 434 -23.47 36.40 16.83
N SER M 435 -24.47 35.61 17.22
CA SER M 435 -25.56 36.10 18.08
C SER M 435 -25.49 35.36 19.42
N ASN M 436 -24.72 35.93 20.33
CA ASN M 436 -24.55 35.39 21.68
C ASN M 436 -25.40 36.15 22.70
N LYS M 437 -26.55 36.66 22.27
CA LYS M 437 -27.43 37.40 23.17
C LYS M 437 -28.85 36.87 23.21
N LEU M 438 -29.37 36.30 22.12
CA LEU M 438 -30.73 35.75 22.09
C LEU M 438 -30.78 34.27 21.76
N ASP M 439 -29.64 33.62 21.49
CA ASP M 439 -29.61 32.20 21.19
C ASP M 439 -29.08 31.37 22.36
N SER M 440 -27.91 31.74 22.90
CA SER M 440 -27.32 30.99 24.00
C SER M 440 -28.06 31.33 25.29
N LYS M 441 -28.89 30.39 25.75
CA LYS M 441 -29.65 30.57 26.98
C LYS M 441 -29.66 29.26 27.75
N VAL M 442 -29.92 29.36 29.06
CA VAL M 442 -29.99 28.18 29.92
C VAL M 442 -31.35 27.50 29.87
N SER M 443 -32.28 28.00 29.04
CA SER M 443 -33.59 27.37 28.95
C SER M 443 -33.50 26.00 28.29
N GLY M 444 -32.66 25.87 27.26
CA GLY M 444 -32.49 24.60 26.58
C GLY M 444 -31.19 24.53 25.80
N ASN M 445 -30.43 23.45 26.01
CA ASN M 445 -29.16 23.26 25.33
C ASN M 445 -29.27 22.40 24.07
N TYR M 446 -30.34 21.62 23.93
CA TYR M 446 -30.56 20.78 22.76
C TYR M 446 -31.55 21.40 21.79
N ASN M 447 -31.74 22.72 21.85
CA ASN M 447 -32.61 23.39 20.89
C ASN M 447 -32.08 23.23 19.47
N TYR M 448 -30.77 23.32 19.30
CA TYR M 448 -30.14 23.05 18.02
C TYR M 448 -29.64 21.61 17.98
N LEU M 449 -29.42 21.12 16.76
CA LEU M 449 -29.00 19.74 16.55
C LEU M 449 -27.71 19.71 15.74
N TYR M 450 -27.15 18.52 15.57
CA TYR M 450 -25.95 18.32 14.79
C TYR M 450 -25.80 16.83 14.51
N ARG M 451 -25.53 16.49 13.24
CA ARG M 451 -25.45 15.12 12.79
C ARG M 451 -23.99 14.66 12.79
N LEU M 452 -23.77 13.45 12.31
CA LEU M 452 -22.44 12.84 12.32
C LEU M 452 -22.30 11.98 11.07
N PHE M 453 -21.31 11.08 11.07
CA PHE M 453 -21.04 10.25 9.91
C PHE M 453 -22.24 9.39 9.55
N ARG M 454 -22.43 9.16 8.25
CA ARG M 454 -23.52 8.38 7.71
C ARG M 454 -22.95 7.22 6.91
N LYS M 455 -23.84 6.38 6.38
CA LYS M 455 -23.41 5.26 5.55
C LYS M 455 -22.77 5.74 4.26
N SER M 456 -23.07 6.95 3.82
CA SER M 456 -22.49 7.51 2.61
C SER M 456 -22.48 9.04 2.73
N ASN M 457 -21.66 9.66 1.88
CA ASN M 457 -21.56 11.11 1.88
C ASN M 457 -22.83 11.74 1.32
N LEU M 458 -23.20 12.90 1.86
CA LEU M 458 -24.39 13.59 1.42
C LEU M 458 -24.21 14.14 0.01
N LYS M 459 -25.27 14.06 -0.79
CA LYS M 459 -25.25 14.68 -2.10
C LYS M 459 -25.30 16.20 -1.96
N PRO M 460 -24.47 16.94 -2.70
CA PRO M 460 -24.46 18.40 -2.58
C PRO M 460 -25.85 19.01 -2.71
N PHE M 461 -26.14 19.98 -1.84
CA PHE M 461 -27.40 20.72 -1.85
C PHE M 461 -28.61 19.78 -1.70
N GLU M 462 -28.50 18.83 -0.78
CA GLU M 462 -29.61 17.93 -0.45
C GLU M 462 -29.72 17.79 1.06
N ARG M 463 -30.95 17.76 1.54
CA ARG M 463 -31.24 17.64 2.97
C ARG M 463 -31.51 16.18 3.31
N ASP M 464 -31.02 15.76 4.48
CA ASP M 464 -31.02 14.36 4.89
C ASP M 464 -31.82 14.17 6.17
N ILE M 465 -33.03 14.76 6.21
CA ILE M 465 -33.91 14.57 7.36
C ILE M 465 -34.20 13.10 7.53
N SER M 466 -33.73 12.54 8.65
CA SER M 466 -33.90 11.13 8.90
C SER M 466 -34.33 10.87 10.33
N THR M 467 -34.93 9.72 10.57
CA THR M 467 -35.35 9.35 11.92
C THR M 467 -34.65 8.06 12.25
N GLU M 468 -34.44 7.23 11.23
CA GLU M 468 -33.80 5.95 11.42
C GLU M 468 -32.58 6.05 12.29
N ILE M 469 -32.50 5.17 13.30
CA ILE M 469 -31.29 5.17 14.10
C ILE M 469 -30.16 4.60 13.27
N TYR M 470 -28.93 4.99 13.61
CA TYR M 470 -27.76 4.59 12.86
C TYR M 470 -27.50 3.10 13.01
N GLN M 471 -26.82 2.53 12.01
CA GLN M 471 -26.49 1.11 11.96
C GLN M 471 -25.00 0.95 11.74
N ALA M 472 -24.37 0.13 12.57
CA ALA M 472 -22.93 -0.12 12.48
C ALA M 472 -22.55 -1.01 11.30
N GLY M 473 -23.52 -1.66 10.68
CA GLY M 473 -23.24 -2.49 9.51
C GLY M 473 -23.70 -3.93 9.65
N ASN M 474 -23.50 -4.52 10.83
CA ASN M 474 -23.95 -5.89 11.08
C ASN M 474 -24.33 -6.00 12.56
N LYS M 475 -25.61 -5.75 12.84
CA LYS M 475 -26.20 -5.91 14.17
C LYS M 475 -27.70 -5.62 14.09
N PRO M 476 -28.52 -6.18 14.97
CA PRO M 476 -29.93 -5.79 15.03
C PRO M 476 -30.15 -4.59 15.92
N CYS M 477 -30.73 -3.54 15.33
CA CYS M 477 -31.04 -2.31 16.05
C CYS M 477 -32.38 -2.40 16.77
N ASN M 478 -33.45 -2.69 16.02
CA ASN M 478 -34.80 -2.83 16.58
C ASN M 478 -35.27 -1.56 17.28
N GLY M 479 -34.71 -0.41 16.91
CA GLY M 479 -35.14 0.85 17.46
C GLY M 479 -34.81 1.08 18.91
N VAL M 480 -33.75 0.44 19.41
CA VAL M 480 -33.31 0.61 20.79
C VAL M 480 -31.96 1.31 20.79
N ALA M 481 -31.56 1.78 21.96
CA ALA M 481 -30.30 2.49 22.16
C ALA M 481 -29.33 1.54 22.86
N GLY M 482 -28.61 0.74 22.07
CA GLY M 482 -27.66 -0.21 22.62
C GLY M 482 -26.27 -0.04 22.04
N PHE M 483 -25.46 -1.09 22.14
CA PHE M 483 -24.10 -1.03 21.61
C PHE M 483 -24.12 -1.06 20.09
N ASN M 484 -23.31 -0.21 19.47
CA ASN M 484 -23.17 -0.08 18.03
C ASN M 484 -24.46 0.32 17.34
N CYS M 485 -25.47 0.77 18.09
CA CYS M 485 -26.72 1.28 17.54
C CYS M 485 -27.13 2.48 18.38
N TYR M 486 -26.75 3.68 17.92
CA TYR M 486 -27.00 4.90 18.68
C TYR M 486 -27.40 6.01 17.72
N PHE M 487 -28.09 7.01 18.27
CA PHE M 487 -28.57 8.17 17.53
C PHE M 487 -27.39 9.00 17.02
N PRO M 488 -27.20 9.10 15.70
CA PRO M 488 -26.08 9.90 15.17
C PRO M 488 -26.27 11.40 15.31
N LEU M 489 -27.42 11.86 15.80
CA LEU M 489 -27.68 13.29 15.97
C LEU M 489 -27.10 13.77 17.30
N ARG M 490 -25.77 13.78 17.35
CA ARG M 490 -25.06 14.22 18.55
C ARG M 490 -25.04 15.75 18.58
N SER M 491 -25.75 16.33 19.54
CA SER M 491 -25.87 17.77 19.66
C SER M 491 -24.85 18.31 20.67
N TYR M 492 -24.80 19.63 20.78
CA TYR M 492 -23.92 20.30 21.73
C TYR M 492 -24.71 21.36 22.48
N SER M 493 -24.17 21.78 23.61
CA SER M 493 -24.83 22.74 24.49
C SER M 493 -24.50 24.17 24.09
N PHE M 494 -25.29 25.11 24.60
CA PHE M 494 -25.10 26.54 24.35
C PHE M 494 -25.29 27.27 25.68
N ARG M 495 -24.19 27.44 26.42
CA ARG M 495 -24.16 28.16 27.68
C ARG M 495 -23.50 29.52 27.48
N PRO M 496 -24.05 30.60 28.05
CA PRO M 496 -23.46 31.92 27.84
C PRO M 496 -22.19 32.14 28.64
N THR M 497 -21.30 31.14 28.65
CA THR M 497 -19.99 31.27 29.27
C THR M 497 -18.89 30.63 28.43
N TYR M 498 -19.19 30.09 27.27
CA TYR M 498 -18.20 29.43 26.44
C TYR M 498 -17.19 30.43 25.88
N GLY M 499 -16.15 29.89 25.26
CA GLY M 499 -15.17 30.73 24.59
C GLY M 499 -15.71 31.30 23.30
N VAL M 500 -14.86 32.07 22.62
CA VAL M 500 -15.25 32.69 21.36
C VAL M 500 -15.50 31.64 20.29
N GLY M 501 -14.76 30.54 20.33
CA GLY M 501 -14.88 29.47 19.35
C GLY M 501 -16.03 28.52 19.54
N HIS M 502 -16.96 28.82 20.46
CA HIS M 502 -18.11 27.94 20.68
C HIS M 502 -19.41 28.70 20.83
N GLN M 503 -19.43 30.00 20.57
CA GLN M 503 -20.66 30.78 20.67
C GLN M 503 -21.55 30.53 19.46
N PRO M 504 -22.85 30.79 19.60
CA PRO M 504 -23.77 30.59 18.46
C PRO M 504 -23.44 31.52 17.30
N TYR M 505 -23.18 30.92 16.14
CA TYR M 505 -22.89 31.65 14.91
C TYR M 505 -24.03 31.43 13.93
N ARG M 506 -24.76 32.50 13.61
CA ARG M 506 -25.81 32.46 12.60
C ARG M 506 -25.17 32.51 11.22
N VAL M 507 -25.20 31.40 10.49
CA VAL M 507 -24.55 31.29 9.19
C VAL M 507 -25.63 31.08 8.13
N VAL M 508 -25.54 31.85 7.06
CA VAL M 508 -26.48 31.75 5.95
C VAL M 508 -25.72 31.96 4.64
N VAL M 509 -25.86 31.03 3.70
CA VAL M 509 -25.20 31.11 2.41
C VAL M 509 -26.23 31.47 1.35
N LEU M 510 -25.76 32.12 0.29
CA LEU M 510 -26.61 32.55 -0.81
C LEU M 510 -26.15 31.90 -2.10
N SER M 511 -27.10 31.33 -2.83
CA SER M 511 -26.83 30.69 -4.12
C SER M 511 -27.34 31.57 -5.23
N PHE M 512 -26.54 31.71 -6.29
CA PHE M 512 -26.87 32.56 -7.44
C PHE M 512 -26.99 31.67 -8.67
N GLU M 513 -28.23 31.40 -9.09
CA GLU M 513 -28.49 30.61 -10.28
C GLU M 513 -28.69 31.51 -11.49
N LEU M 514 -28.54 30.93 -12.68
CA LEU M 514 -28.71 31.66 -13.94
C LEU M 514 -29.26 30.67 -14.96
N LEU M 515 -30.58 30.70 -15.13
CA LEU M 515 -31.27 29.85 -16.08
C LEU M 515 -32.01 30.72 -17.10
N HIS M 516 -32.76 30.04 -17.98
CA HIS M 516 -33.56 30.72 -19.00
C HIS M 516 -34.78 31.34 -18.33
N ALA M 517 -34.64 32.57 -17.88
CA ALA M 517 -35.69 33.27 -17.15
C ALA M 517 -35.70 34.72 -17.58
N PRO M 518 -36.83 35.43 -17.40
CA PRO M 518 -36.88 36.85 -17.76
C PRO M 518 -36.01 37.71 -16.84
N ALA M 519 -36.08 39.03 -17.02
CA ALA M 519 -35.24 39.94 -16.27
C ALA M 519 -35.67 39.99 -14.81
N THR M 520 -35.03 39.17 -13.98
CA THR M 520 -35.34 39.07 -12.57
C THR M 520 -34.44 40.05 -11.79
N VAL M 521 -34.36 39.88 -10.46
CA VAL M 521 -33.62 40.76 -9.57
C VAL M 521 -32.23 41.05 -10.11
N CYS M 522 -31.92 42.35 -10.28
CA CYS M 522 -30.61 42.75 -10.78
C CYS M 522 -30.35 44.19 -10.30
N GLY M 523 -29.58 44.32 -9.23
CA GLY M 523 -29.20 45.62 -8.71
C GLY M 523 -30.34 46.34 -8.03
N PRO M 524 -30.03 47.10 -6.98
CA PRO M 524 -31.08 47.88 -6.30
C PRO M 524 -31.67 48.96 -7.18
N LYS M 525 -30.83 49.88 -7.64
CA LYS M 525 -31.22 51.00 -8.49
C LYS M 525 -29.99 51.84 -8.86
N LYS M 526 -30.18 52.86 -9.69
CA LYS M 526 -29.09 53.77 -10.04
C LYS M 526 -29.69 55.10 -10.46
N SER M 527 -29.54 56.12 -9.62
CA SER M 527 -30.02 57.47 -9.92
C SER M 527 -28.87 58.46 -9.80
N THR M 528 -29.00 59.58 -10.51
CA THR M 528 -27.91 60.56 -10.54
C THR M 528 -28.41 62.00 -10.43
N ASN M 529 -29.62 62.23 -9.93
CA ASN M 529 -30.16 63.56 -9.70
C ASN M 529 -30.15 64.39 -10.99
N LEU M 530 -31.01 63.95 -11.92
CA LEU M 530 -31.10 64.55 -13.25
C LEU M 530 -31.26 66.06 -13.18
N VAL M 531 -30.40 66.77 -13.90
CA VAL M 531 -30.45 68.22 -14.03
C VAL M 531 -30.69 68.57 -15.48
N LYS M 532 -31.56 69.54 -15.72
CA LYS M 532 -31.98 69.94 -17.07
C LYS M 532 -31.57 71.40 -17.28
N ASN M 533 -30.32 71.61 -17.71
CA ASN M 533 -29.88 72.95 -18.06
C ASN M 533 -29.01 73.01 -19.32
N LYS M 534 -28.43 71.90 -19.77
CA LYS M 534 -27.50 71.92 -20.89
C LYS M 534 -27.58 70.60 -21.64
N CYS M 535 -26.68 70.44 -22.62
CA CYS M 535 -26.54 69.20 -23.36
C CYS M 535 -25.67 68.23 -22.56
N VAL M 536 -26.28 67.17 -22.03
CA VAL M 536 -25.58 66.19 -21.21
C VAL M 536 -26.07 64.80 -21.59
N ASN M 537 -25.32 63.79 -21.15
CA ASN M 537 -25.71 62.41 -21.37
C ASN M 537 -26.92 62.05 -20.51
N PHE M 538 -27.64 61.01 -20.94
CA PHE M 538 -28.81 60.54 -20.22
C PHE M 538 -28.91 59.03 -20.33
N ASN M 539 -29.52 58.41 -19.32
CA ASN M 539 -29.75 56.96 -19.30
C ASN M 539 -31.16 56.73 -18.76
N PHE M 540 -32.14 56.66 -19.66
CA PHE M 540 -33.54 56.47 -19.29
C PHE M 540 -33.90 55.00 -19.46
N ASN M 541 -33.43 54.18 -18.51
CA ASN M 541 -33.77 52.76 -18.45
C ASN M 541 -33.40 52.02 -19.73
N GLY M 542 -32.19 52.28 -20.23
CA GLY M 542 -31.70 51.56 -21.39
C GLY M 542 -31.18 52.45 -22.51
N LEU M 543 -31.83 53.59 -22.73
CA LEU M 543 -31.42 54.52 -23.77
C LEU M 543 -30.20 55.29 -23.29
N LYS M 544 -29.11 55.21 -24.06
CA LYS M 544 -27.85 55.84 -23.65
C LYS M 544 -27.34 56.79 -24.72
N GLY M 545 -28.21 57.64 -25.25
CA GLY M 545 -27.84 58.61 -26.24
C GLY M 545 -27.45 59.95 -25.64
N THR M 546 -27.28 60.94 -26.51
CA THR M 546 -26.95 62.30 -26.12
C THR M 546 -28.03 63.26 -26.60
N GLY M 547 -28.13 64.40 -25.94
CA GLY M 547 -29.11 65.38 -26.32
C GLY M 547 -29.29 66.43 -25.25
N VAL M 548 -30.23 67.34 -25.50
CA VAL M 548 -30.55 68.43 -24.59
C VAL M 548 -31.97 68.20 -24.07
N LEU M 549 -32.10 68.07 -22.75
CA LEU M 549 -33.41 67.91 -22.15
C LEU M 549 -34.16 69.24 -22.18
N THR M 550 -35.41 69.20 -22.67
CA THR M 550 -36.21 70.41 -22.82
C THR M 550 -37.58 70.34 -22.18
N GLU M 551 -38.10 69.13 -21.89
CA GLU M 551 -39.41 68.94 -21.27
C GLU M 551 -40.51 69.59 -22.13
N SER M 552 -40.68 69.02 -23.32
CA SER M 552 -41.66 69.52 -24.27
C SER M 552 -43.08 69.32 -23.74
N ASN M 553 -44.05 69.83 -24.50
CA ASN M 553 -45.46 69.80 -24.11
C ASN M 553 -46.23 68.72 -24.84
N LYS M 554 -45.59 67.58 -25.09
CA LYS M 554 -46.28 66.46 -25.72
C LYS M 554 -47.20 65.77 -24.71
N LYS M 555 -48.16 65.02 -25.23
CA LYS M 555 -49.15 64.30 -24.43
C LYS M 555 -49.07 62.82 -24.77
N PHE M 556 -48.26 62.08 -24.01
CA PHE M 556 -48.07 60.66 -24.24
C PHE M 556 -49.20 59.86 -23.59
N LEU M 557 -49.12 58.55 -23.75
CA LEU M 557 -50.04 57.60 -23.14
C LEU M 557 -49.40 56.96 -21.92
N PRO M 558 -50.20 56.45 -20.99
CA PRO M 558 -49.62 55.92 -19.74
C PRO M 558 -48.66 54.76 -19.96
N PHE M 559 -49.02 53.81 -20.85
CA PHE M 559 -48.14 52.66 -21.07
C PHE M 559 -46.90 53.04 -21.87
N GLN M 560 -46.97 54.13 -22.64
CA GLN M 560 -45.85 54.56 -23.46
C GLN M 560 -44.76 55.18 -22.60
N GLN M 561 -43.51 54.87 -22.91
CA GLN M 561 -42.36 55.40 -22.19
C GLN M 561 -41.39 56.15 -23.07
N PHE M 562 -41.21 55.72 -24.32
CA PHE M 562 -40.31 56.39 -25.26
C PHE M 562 -41.12 57.00 -26.40
N GLY M 563 -40.55 58.02 -27.03
CA GLY M 563 -41.17 58.65 -28.18
C GLY M 563 -40.23 58.77 -29.35
N ARG M 564 -40.70 58.39 -30.55
CA ARG M 564 -39.87 58.43 -31.75
C ARG M 564 -40.67 58.99 -32.90
N ASP M 565 -40.12 59.99 -33.57
CA ASP M 565 -40.67 60.48 -34.82
C ASP M 565 -40.20 59.57 -35.94
N ILE M 566 -40.37 59.98 -37.19
CA ILE M 566 -39.93 59.15 -38.33
C ILE M 566 -38.46 59.50 -38.57
N ALA M 567 -37.60 58.92 -37.73
CA ALA M 567 -36.16 59.01 -37.94
C ALA M 567 -35.42 57.77 -37.50
N ASP M 568 -36.10 56.73 -37.04
CA ASP M 568 -35.45 55.55 -36.43
C ASP M 568 -34.53 55.95 -35.29
N THR M 569 -34.95 56.95 -34.52
CA THR M 569 -34.15 57.47 -33.41
C THR M 569 -35.08 58.13 -32.40
N THR M 570 -34.84 57.87 -31.12
CA THR M 570 -35.67 58.41 -30.05
C THR M 570 -35.47 59.91 -29.92
N ASP M 571 -36.58 60.65 -29.83
CA ASP M 571 -36.53 62.09 -29.66
C ASP M 571 -37.30 62.58 -28.45
N ALA M 572 -37.94 61.69 -27.69
CA ALA M 572 -38.69 62.09 -26.51
C ALA M 572 -38.79 60.89 -25.57
N VAL M 573 -38.49 61.13 -24.28
CA VAL M 573 -38.54 60.08 -23.27
C VAL M 573 -39.35 60.56 -22.08
N ARG M 574 -39.84 59.59 -21.32
CA ARG M 574 -40.59 59.85 -20.10
C ARG M 574 -39.71 59.55 -18.90
N ASP M 575 -39.65 60.49 -17.95
CA ASP M 575 -38.84 60.29 -16.75
C ASP M 575 -39.44 59.17 -15.92
N PRO M 576 -38.65 58.17 -15.51
CA PRO M 576 -39.22 57.05 -14.74
C PRO M 576 -39.75 57.47 -13.38
N GLN M 577 -39.06 58.38 -12.69
CA GLN M 577 -39.49 58.77 -11.35
C GLN M 577 -40.71 59.69 -11.39
N THR M 578 -40.58 60.85 -12.03
CA THR M 578 -41.68 61.79 -12.17
C THR M 578 -42.33 61.63 -13.54
N LEU M 579 -43.65 61.58 -13.56
CA LEU M 579 -44.40 61.36 -14.80
C LEU M 579 -44.38 62.64 -15.64
N GLU M 580 -43.23 62.90 -16.22
CA GLU M 580 -43.01 64.06 -17.09
C GLU M 580 -42.71 63.59 -18.51
N ILE M 581 -42.89 64.50 -19.46
CA ILE M 581 -42.67 64.23 -20.88
C ILE M 581 -41.51 65.12 -21.32
N LEU M 582 -40.36 64.50 -21.56
CA LEU M 582 -39.16 65.21 -21.97
C LEU M 582 -38.96 65.12 -23.48
N ASP M 583 -38.01 65.89 -23.98
CA ASP M 583 -37.67 65.90 -25.39
C ASP M 583 -36.16 66.08 -25.52
N ILE M 584 -35.49 65.08 -26.11
CA ILE M 584 -34.03 65.10 -26.23
C ILE M 584 -33.70 65.63 -27.62
N THR M 585 -33.55 66.95 -27.71
CA THR M 585 -33.03 67.50 -28.95
C THR M 585 -31.51 67.31 -28.98
N PRO M 586 -30.95 66.90 -30.13
CA PRO M 586 -29.52 66.58 -30.17
C PRO M 586 -28.65 67.78 -29.83
N CYS M 587 -27.41 67.48 -29.43
CA CYS M 587 -26.47 68.52 -29.04
C CYS M 587 -26.12 69.40 -30.24
N SER M 588 -25.46 70.52 -29.95
CA SER M 588 -25.11 71.49 -30.99
C SER M 588 -24.04 70.90 -31.90
N PHE M 589 -24.36 70.78 -33.19
CA PHE M 589 -23.43 70.27 -34.19
C PHE M 589 -23.58 71.09 -35.47
N GLY M 590 -22.74 70.80 -36.45
CA GLY M 590 -22.79 71.51 -37.71
C GLY M 590 -21.54 71.30 -38.53
N GLY M 591 -21.22 72.30 -39.35
CA GLY M 591 -20.06 72.26 -40.21
C GLY M 591 -19.27 73.55 -40.22
N VAL M 592 -17.95 73.45 -40.16
CA VAL M 592 -17.08 74.62 -40.10
C VAL M 592 -16.62 74.98 -41.50
N SER M 593 -16.87 76.21 -41.92
CA SER M 593 -16.41 76.73 -43.19
C SER M 593 -15.41 77.86 -42.94
N VAL M 594 -14.45 77.99 -43.85
CA VAL M 594 -13.35 78.95 -43.71
C VAL M 594 -13.35 79.85 -44.93
N ILE M 595 -13.61 81.14 -44.73
CA ILE M 595 -13.52 82.13 -45.79
C ILE M 595 -12.12 82.73 -45.76
N THR M 596 -11.40 82.63 -46.87
CA THR M 596 -10.02 83.10 -46.92
C THR M 596 -9.74 83.79 -48.25
N PRO M 597 -9.26 85.03 -48.24
CA PRO M 597 -8.88 85.70 -49.50
C PRO M 597 -7.69 85.08 -50.19
N GLY M 598 -6.97 84.17 -49.53
CA GLY M 598 -5.80 83.55 -50.12
C GLY M 598 -4.52 83.94 -49.43
N THR M 599 -3.56 83.03 -49.36
CA THR M 599 -2.27 83.29 -48.74
C THR M 599 -1.33 84.02 -49.70
N ASN M 600 -1.81 85.12 -50.26
CA ASN M 600 -1.01 85.96 -51.14
C ASN M 600 -1.19 87.45 -50.91
N THR M 601 -2.26 87.89 -50.24
CA THR M 601 -2.48 89.30 -49.97
C THR M 601 -2.67 89.54 -48.48
N SER M 602 -3.19 88.53 -47.78
CA SER M 602 -3.42 88.64 -46.34
C SER M 602 -3.50 87.24 -45.76
N ASN M 603 -3.60 87.19 -44.42
CA ASN M 603 -3.72 85.92 -43.71
C ASN M 603 -4.92 85.90 -42.77
N GLN M 604 -5.86 86.81 -42.93
CA GLN M 604 -7.06 86.84 -42.11
C GLN M 604 -8.11 85.90 -42.67
N VAL M 605 -8.87 85.27 -41.77
CA VAL M 605 -9.91 84.32 -42.13
C VAL M 605 -11.22 84.76 -41.50
N ALA M 606 -12.28 84.01 -41.80
CA ALA M 606 -13.61 84.29 -41.26
C ALA M 606 -14.35 82.96 -41.15
N VAL M 607 -14.47 82.46 -39.92
CA VAL M 607 -15.12 81.18 -39.69
C VAL M 607 -16.61 81.30 -40.01
N LEU M 608 -17.18 80.24 -40.58
CA LEU M 608 -18.59 80.19 -40.96
C LEU M 608 -19.16 78.86 -40.51
N TYR M 609 -19.89 78.88 -39.39
CA TYR M 609 -20.57 77.68 -38.92
C TYR M 609 -21.89 77.52 -39.66
N GLN M 610 -22.33 76.26 -39.77
CA GLN M 610 -23.56 75.92 -40.49
C GLN M 610 -24.53 75.26 -39.51
N GLY M 611 -25.69 75.87 -39.34
CA GLY M 611 -26.71 75.33 -38.45
C GLY M 611 -26.63 75.83 -37.02
N VAL M 612 -25.98 76.96 -36.78
CA VAL M 612 -25.83 77.52 -35.44
C VAL M 612 -26.43 78.92 -35.44
N ASN M 613 -27.14 79.25 -34.36
CA ASN M 613 -27.78 80.55 -34.21
C ASN M 613 -26.88 81.55 -33.49
N CYS M 614 -25.56 81.40 -33.61
CA CYS M 614 -24.56 82.25 -32.95
C CYS M 614 -24.70 82.23 -31.43
N THR M 615 -25.40 81.23 -30.89
CA THR M 615 -25.55 81.07 -29.44
C THR M 615 -25.17 79.68 -28.97
N GLU M 616 -24.60 78.84 -29.84
CA GLU M 616 -24.21 77.49 -29.49
C GLU M 616 -22.75 77.20 -29.84
N VAL M 617 -21.97 78.24 -30.12
CA VAL M 617 -20.57 78.07 -30.47
C VAL M 617 -19.74 77.78 -29.22
N ASN M 638 -16.40 90.48 -35.51
CA ASN M 638 -17.85 90.60 -35.50
C ASN M 638 -18.51 89.24 -35.67
N VAL M 639 -19.68 89.08 -35.06
CA VAL M 639 -20.44 87.83 -35.11
C VAL M 639 -21.81 88.17 -35.68
N PHE M 640 -22.02 87.88 -36.95
CA PHE M 640 -23.28 88.15 -37.63
C PHE M 640 -24.06 86.85 -37.84
N GLN M 641 -25.36 87.01 -38.06
CA GLN M 641 -26.28 85.88 -38.23
C GLN M 641 -26.93 85.98 -39.60
N THR M 642 -26.49 85.15 -40.54
CA THR M 642 -27.10 85.04 -41.85
C THR M 642 -27.99 83.80 -41.90
N ARG M 643 -28.66 83.60 -43.04
CA ARG M 643 -29.47 82.41 -43.21
C ARG M 643 -28.61 81.26 -43.75
N ALA M 644 -27.46 81.03 -43.11
CA ALA M 644 -26.60 79.90 -43.44
C ALA M 644 -25.91 79.32 -42.21
N GLY M 645 -26.21 79.82 -41.01
CA GLY M 645 -25.50 79.40 -39.82
C GLY M 645 -25.05 80.59 -39.00
N CYS M 646 -23.76 80.63 -38.66
CA CYS M 646 -23.19 81.74 -37.89
C CYS M 646 -21.86 82.13 -38.51
N LEU M 647 -21.70 83.40 -38.84
CA LEU M 647 -20.48 83.92 -39.45
C LEU M 647 -19.73 84.74 -38.40
N ILE M 648 -18.53 84.31 -38.05
CA ILE M 648 -17.72 84.96 -37.03
C ILE M 648 -16.43 85.44 -37.70
N GLY M 649 -16.29 86.76 -37.82
CA GLY M 649 -15.07 87.33 -38.38
C GLY M 649 -15.28 88.15 -39.63
N ALA M 650 -16.48 88.72 -39.79
CA ALA M 650 -16.79 89.53 -40.95
C ALA M 650 -17.82 90.60 -40.58
N GLU M 651 -17.75 91.72 -41.28
CA GLU M 651 -18.66 92.83 -41.05
C GLU M 651 -19.93 92.65 -41.90
N TYR M 652 -20.83 93.62 -41.80
CA TYR M 652 -22.11 93.60 -42.52
C TYR M 652 -22.37 94.96 -43.16
N VAL M 653 -21.38 95.46 -43.91
CA VAL M 653 -21.53 96.73 -44.61
C VAL M 653 -22.75 96.65 -45.54
N ASN M 654 -23.53 97.72 -45.56
CA ASN M 654 -24.78 97.77 -46.31
C ASN M 654 -24.58 98.19 -47.76
N ASN M 655 -23.37 98.06 -48.28
CA ASN M 655 -23.10 98.39 -49.68
C ASN M 655 -23.43 97.18 -50.55
N SER M 656 -23.14 97.28 -51.85
CA SER M 656 -23.43 96.19 -52.78
C SER M 656 -22.43 96.23 -53.91
N TYR M 657 -21.62 95.16 -54.03
CA TYR M 657 -20.64 95.05 -55.10
C TYR M 657 -20.78 93.71 -55.81
N GLU M 658 -19.83 93.40 -56.69
CA GLU M 658 -19.81 92.08 -57.32
C GLU M 658 -19.60 91.00 -56.27
N CYS M 659 -20.26 89.86 -56.46
CA CYS M 659 -20.25 88.80 -55.46
C CYS M 659 -18.89 88.12 -55.43
N ASP M 660 -18.16 88.33 -54.34
CA ASP M 660 -16.95 87.57 -54.03
C ASP M 660 -17.35 86.23 -53.43
N ILE M 661 -16.43 85.56 -52.74
CA ILE M 661 -16.63 84.24 -52.16
C ILE M 661 -18.04 84.09 -51.61
N PRO M 662 -18.83 83.14 -52.12
CA PRO M 662 -20.22 83.01 -51.67
C PRO M 662 -20.33 82.36 -50.30
N ILE M 663 -21.34 82.79 -49.56
CA ILE M 663 -21.64 82.25 -48.24
C ILE M 663 -22.96 81.50 -48.22
N GLY M 664 -24.01 82.13 -48.72
CA GLY M 664 -25.33 81.55 -48.75
C GLY M 664 -26.39 82.61 -48.53
N ALA M 665 -27.57 82.37 -49.10
CA ALA M 665 -28.71 83.28 -49.01
C ALA M 665 -28.38 84.67 -49.56
N GLY M 666 -27.50 84.73 -50.56
CA GLY M 666 -27.13 85.98 -51.19
C GLY M 666 -25.96 86.70 -50.55
N ILE M 667 -25.52 86.26 -49.37
CA ILE M 667 -24.41 86.91 -48.68
C ILE M 667 -23.11 86.53 -49.37
N CYS M 668 -22.37 87.54 -49.82
CA CYS M 668 -21.06 87.36 -50.42
C CYS M 668 -20.01 88.06 -49.55
N ALA M 669 -18.84 87.43 -49.45
CA ALA M 669 -17.80 87.91 -48.56
C ALA M 669 -16.57 88.29 -49.38
N SER M 670 -16.17 89.56 -49.29
CA SER M 670 -15.03 90.09 -50.02
C SER M 670 -13.97 90.58 -49.04
N TYR M 671 -12.88 91.11 -49.60
CA TYR M 671 -11.76 91.65 -48.83
C TYR M 671 -11.46 93.03 -49.38
N GLN M 672 -12.14 94.04 -48.86
CA GLN M 672 -12.01 95.41 -49.32
C GLN M 672 -11.48 96.30 -48.20
N THR M 673 -11.07 97.51 -48.58
CA THR M 673 -10.54 98.48 -47.63
C THR M 673 -11.66 99.09 -46.79
N SER M 686 -6.64 100.42 -43.60
CA SER M 686 -7.29 99.33 -42.86
C SER M 686 -7.97 98.36 -43.81
N GLN M 687 -7.62 97.08 -43.69
CA GLN M 687 -8.18 96.02 -44.52
C GLN M 687 -8.86 94.99 -43.64
N SER M 688 -10.03 94.53 -44.07
CA SER M 688 -10.80 93.54 -43.32
C SER M 688 -11.65 92.74 -44.30
N ILE M 689 -12.20 91.64 -43.79
CA ILE M 689 -13.04 90.75 -44.58
C ILE M 689 -14.49 91.18 -44.36
N ILE M 690 -15.07 91.84 -45.35
CA ILE M 690 -16.46 92.29 -45.24
C ILE M 690 -17.39 91.20 -45.77
N ALA M 691 -18.66 91.30 -45.38
CA ALA M 691 -19.69 90.37 -45.83
C ALA M 691 -20.95 91.18 -46.09
N TYR M 692 -21.29 91.36 -47.37
CA TYR M 692 -22.40 92.20 -47.79
C TYR M 692 -23.41 91.38 -48.58
N THR M 693 -24.44 92.06 -49.06
CA THR M 693 -25.46 91.46 -49.91
C THR M 693 -25.10 91.69 -51.37
N MET M 694 -25.21 90.64 -52.18
CA MET M 694 -24.80 90.72 -53.56
C MET M 694 -25.68 91.69 -54.34
N SER M 695 -25.09 92.29 -55.38
CA SER M 695 -25.81 93.17 -56.29
C SER M 695 -26.01 92.46 -57.62
N LEU M 696 -27.24 92.50 -58.13
CA LEU M 696 -27.59 91.82 -59.36
C LEU M 696 -27.24 92.63 -60.60
N GLY M 697 -26.39 93.63 -60.47
CA GLY M 697 -26.00 94.49 -61.57
C GLY M 697 -26.50 95.91 -61.38
N ALA M 698 -26.23 96.73 -62.38
CA ALA M 698 -26.67 98.12 -62.35
C ALA M 698 -28.17 98.22 -62.54
N GLU M 699 -28.72 99.38 -62.20
CA GLU M 699 -30.14 99.66 -62.32
C GLU M 699 -30.37 100.55 -63.53
N ASN M 700 -31.23 100.11 -64.44
CA ASN M 700 -31.53 100.86 -65.65
C ASN M 700 -33.04 100.83 -65.89
N SER M 701 -33.54 101.89 -66.50
CA SER M 701 -34.96 102.03 -66.80
C SER M 701 -35.10 102.62 -68.20
N VAL M 702 -35.57 101.80 -69.14
CA VAL M 702 -35.76 102.25 -70.52
C VAL M 702 -37.01 103.14 -70.58
N ALA M 703 -36.85 104.32 -71.15
CA ALA M 703 -37.95 105.29 -71.25
C ALA M 703 -38.91 104.83 -72.35
N TYR M 704 -39.81 103.93 -71.97
CA TYR M 704 -40.79 103.41 -72.91
C TYR M 704 -41.82 104.48 -73.25
N SER M 705 -42.21 104.52 -74.53
CA SER M 705 -43.19 105.48 -75.01
C SER M 705 -43.86 104.92 -76.25
N ASN M 706 -45.02 105.47 -76.51
CA ASN M 706 -45.80 104.99 -77.57
C ASN M 706 -45.51 105.65 -78.91
N ASN M 707 -44.49 106.48 -78.96
CA ASN M 707 -44.02 107.09 -80.20
C ASN M 707 -42.52 107.35 -80.16
N SER M 708 -41.76 106.50 -79.46
CA SER M 708 -40.33 106.68 -79.32
C SER M 708 -39.61 105.38 -79.67
N ILE M 709 -38.60 105.48 -80.54
CA ILE M 709 -37.81 104.33 -80.96
C ILE M 709 -36.33 104.72 -80.89
N ALA M 710 -35.48 103.72 -80.66
CA ALA M 710 -34.04 103.91 -80.56
C ALA M 710 -33.37 103.12 -81.68
N ILE M 711 -32.80 103.83 -82.64
CA ILE M 711 -32.09 103.23 -83.76
C ILE M 711 -30.61 103.53 -83.61
N PRO M 712 -29.72 102.54 -83.64
CA PRO M 712 -28.30 102.81 -83.47
C PRO M 712 -27.71 103.51 -84.68
N THR M 713 -26.58 104.18 -84.46
CA THR M 713 -25.89 104.93 -85.51
C THR M 713 -24.46 104.49 -85.73
N ASN M 714 -23.99 103.45 -85.04
CA ASN M 714 -22.65 102.97 -85.26
C ASN M 714 -22.59 101.58 -84.72
N PHE M 715 -21.70 100.81 -85.27
CA PHE M 715 -21.53 99.40 -84.92
C PHE M 715 -20.15 99.16 -84.33
N THR M 716 -20.08 98.24 -83.37
CA THR M 716 -18.84 97.86 -82.72
C THR M 716 -18.72 96.35 -82.78
N ILE M 717 -17.76 95.85 -83.55
CA ILE M 717 -17.54 94.42 -83.73
C ILE M 717 -16.67 93.93 -82.58
N SER M 718 -17.21 92.99 -81.80
CA SER M 718 -16.50 92.41 -80.67
C SER M 718 -16.26 90.92 -80.93
N VAL M 719 -15.17 90.42 -80.36
CA VAL M 719 -14.78 89.02 -80.50
C VAL M 719 -14.67 88.42 -79.11
N THR M 720 -15.49 87.41 -78.83
CA THR M 720 -15.50 86.71 -77.56
C THR M 720 -14.93 85.31 -77.73
N THR M 721 -14.87 84.57 -76.62
CA THR M 721 -14.36 83.22 -76.62
C THR M 721 -15.31 82.33 -75.82
N GLU M 722 -15.28 81.03 -76.14
CA GLU M 722 -16.11 80.05 -75.45
C GLU M 722 -15.37 78.72 -75.47
N ILE M 723 -14.93 78.27 -74.30
CA ILE M 723 -14.14 77.06 -74.18
C ILE M 723 -15.06 75.89 -73.90
N LEU M 724 -14.78 74.75 -74.52
CA LEU M 724 -15.59 73.54 -74.35
C LEU M 724 -14.67 72.33 -74.35
N PRO M 725 -14.72 71.51 -73.29
CA PRO M 725 -13.94 70.26 -73.29
C PRO M 725 -14.45 69.29 -74.34
N VAL M 726 -13.53 68.73 -75.11
CA VAL M 726 -13.89 67.81 -76.18
C VAL M 726 -13.43 66.38 -75.93
N SER M 727 -12.30 66.18 -75.22
CA SER M 727 -11.79 64.84 -74.99
C SER M 727 -11.34 64.71 -73.55
N MET M 728 -11.23 63.46 -73.10
CA MET M 728 -10.79 63.13 -71.76
C MET M 728 -9.61 62.17 -71.85
N THR M 729 -8.72 62.24 -70.86
CA THR M 729 -7.52 61.41 -70.85
C THR M 729 -7.91 59.94 -70.74
N LYS M 730 -7.56 59.16 -71.75
CA LYS M 730 -7.84 57.74 -71.73
C LYS M 730 -6.95 57.03 -70.73
N THR M 731 -7.52 56.07 -70.00
CA THR M 731 -6.79 55.33 -68.98
C THR M 731 -7.13 53.86 -69.08
N SER M 732 -6.32 53.04 -68.40
CA SER M 732 -6.53 51.61 -68.36
C SER M 732 -5.95 51.07 -67.07
N VAL M 733 -6.60 50.03 -66.53
CA VAL M 733 -6.21 49.46 -65.25
C VAL M 733 -5.80 48.00 -65.46
N ASP M 734 -4.94 47.52 -64.57
CA ASP M 734 -4.50 46.13 -64.57
C ASP M 734 -5.08 45.45 -63.34
N CYS M 735 -5.80 44.34 -63.56
CA CYS M 735 -6.49 43.67 -62.46
C CYS M 735 -5.50 43.02 -61.51
N THR M 736 -4.53 42.28 -62.04
CA THR M 736 -3.58 41.53 -61.24
C THR M 736 -2.35 42.36 -60.85
N MET M 737 -2.44 43.69 -60.91
CA MET M 737 -1.33 44.54 -60.51
C MET M 737 -1.78 45.54 -59.45
N TYR M 738 -3.02 46.03 -59.57
CA TYR M 738 -3.55 46.95 -58.56
C TYR M 738 -3.95 46.22 -57.29
N ILE M 739 -4.57 45.04 -57.44
CA ILE M 739 -4.96 44.26 -56.26
C ILE M 739 -3.74 43.55 -55.67
N CYS M 740 -3.07 42.72 -56.48
CA CYS M 740 -1.87 42.01 -56.06
C CYS M 740 -0.67 42.73 -56.67
N GLY M 741 0.04 43.50 -55.84
CA GLY M 741 1.21 44.21 -56.32
C GLY M 741 2.50 43.53 -55.92
N ASP M 742 3.21 42.96 -56.91
CA ASP M 742 4.43 42.19 -56.69
C ASP M 742 4.19 41.06 -55.69
N SER M 743 3.03 40.42 -55.80
CA SER M 743 2.55 39.44 -54.83
C SER M 743 2.00 38.22 -55.59
N THR M 744 2.82 37.65 -56.46
CA THR M 744 2.44 36.52 -57.31
C THR M 744 1.64 35.45 -56.58
N GLU M 745 1.87 35.29 -55.28
CA GLU M 745 1.06 34.36 -54.49
C GLU M 745 -0.37 34.85 -54.38
N CYS M 746 -0.56 36.18 -54.28
CA CYS M 746 -1.90 36.74 -54.22
C CYS M 746 -2.66 36.52 -55.52
N SER M 747 -1.94 36.50 -56.65
CA SER M 747 -2.60 36.33 -57.93
C SER M 747 -3.18 34.93 -58.09
N ASN M 748 -2.65 33.95 -57.36
CA ASN M 748 -3.18 32.59 -57.43
C ASN M 748 -4.62 32.55 -56.92
N LEU M 749 -4.90 33.27 -55.84
CA LEU M 749 -6.26 33.33 -55.31
C LEU M 749 -7.13 34.33 -56.07
N LEU M 750 -6.51 35.36 -56.66
CA LEU M 750 -7.29 36.36 -57.39
C LEU M 750 -7.91 35.78 -58.65
N LEU M 751 -7.20 34.86 -59.32
CA LEU M 751 -7.75 34.23 -60.52
C LEU M 751 -8.95 33.36 -60.19
N GLN M 752 -8.85 32.58 -59.11
CA GLN M 752 -9.96 31.72 -58.68
C GLN M 752 -10.82 32.46 -57.67
N TYR M 753 -11.35 33.60 -58.11
CA TYR M 753 -12.19 34.44 -57.29
C TYR M 753 -13.47 34.90 -57.98
N GLY M 754 -13.52 34.88 -59.31
CA GLY M 754 -14.69 35.32 -60.04
C GLY M 754 -14.36 36.15 -61.26
N SER M 755 -15.17 36.02 -62.31
CA SER M 755 -14.96 36.76 -63.55
C SER M 755 -15.40 38.21 -63.36
N PHE M 756 -14.55 38.98 -62.69
CA PHE M 756 -14.81 40.38 -62.42
C PHE M 756 -13.82 41.32 -63.09
N CYS M 757 -12.63 40.84 -63.47
CA CYS M 757 -11.64 41.68 -64.13
C CYS M 757 -12.09 42.16 -65.50
N THR M 758 -12.93 41.39 -66.19
CA THR M 758 -13.41 41.78 -67.51
C THR M 758 -14.40 42.93 -67.44
N GLN M 759 -15.17 43.02 -66.34
CA GLN M 759 -16.14 44.10 -66.20
C GLN M 759 -15.44 45.45 -66.07
N LEU M 760 -14.38 45.52 -65.26
CA LEU M 760 -13.67 46.77 -65.04
C LEU M 760 -12.69 47.11 -66.15
N LYS M 761 -12.40 46.17 -67.05
CA LYS M 761 -11.48 46.40 -68.15
C LYS M 761 -12.18 46.69 -69.48
N ARG M 762 -13.31 46.03 -69.74
CA ARG M 762 -14.05 46.31 -70.97
C ARG M 762 -14.83 47.60 -70.88
N ALA M 763 -15.25 47.99 -69.67
CA ALA M 763 -15.97 49.26 -69.51
C ALA M 763 -15.05 50.45 -69.75
N LEU M 764 -13.83 50.40 -69.21
CA LEU M 764 -12.86 51.46 -69.47
C LEU M 764 -12.39 51.49 -70.91
N THR M 765 -12.48 50.36 -71.61
CA THR M 765 -12.12 50.32 -73.02
C THR M 765 -13.14 51.07 -73.89
N GLY M 766 -14.43 50.98 -73.57
CA GLY M 766 -15.42 51.74 -74.30
C GLY M 766 -15.30 53.23 -74.11
N ILE M 767 -14.74 53.67 -72.98
CA ILE M 767 -14.49 55.09 -72.78
C ILE M 767 -13.35 55.56 -73.67
N ALA M 768 -12.31 54.73 -73.81
CA ALA M 768 -11.18 55.09 -74.66
C ALA M 768 -11.60 55.22 -76.12
N VAL M 769 -12.49 54.34 -76.58
CA VAL M 769 -13.01 54.46 -77.94
C VAL M 769 -13.94 55.66 -78.06
N GLU M 770 -14.63 56.01 -76.97
CA GLU M 770 -15.52 57.16 -76.99
C GLU M 770 -14.73 58.45 -77.14
N GLN M 771 -13.59 58.57 -76.44
CA GLN M 771 -12.79 59.78 -76.54
C GLN M 771 -12.18 59.94 -77.94
N ASP M 772 -11.89 58.84 -78.61
CA ASP M 772 -11.44 58.91 -80.00
C ASP M 772 -12.56 59.24 -80.96
N LYS M 773 -13.81 59.02 -80.56
CA LYS M 773 -14.96 59.39 -81.38
C LYS M 773 -15.44 60.80 -81.12
N ASN M 774 -15.28 61.30 -79.88
CA ASN M 774 -15.64 62.67 -79.57
C ASN M 774 -14.77 63.66 -80.33
N THR M 775 -13.52 63.30 -80.61
CA THR M 775 -12.65 64.13 -81.42
C THR M 775 -12.85 63.93 -82.92
N GLN M 776 -13.25 62.72 -83.32
CA GLN M 776 -13.52 62.43 -84.73
C GLN M 776 -14.90 62.91 -85.17
N GLU M 777 -15.67 63.53 -84.27
CA GLU M 777 -16.95 64.12 -84.62
C GLU M 777 -16.97 65.63 -84.54
N VAL M 778 -15.93 66.25 -83.99
CA VAL M 778 -15.85 67.70 -83.88
C VAL M 778 -14.95 68.24 -84.98
N PHE M 779 -13.71 67.79 -85.01
CA PHE M 779 -12.75 68.20 -86.04
C PHE M 779 -12.78 67.26 -87.23
N ALA M 780 -13.98 67.02 -87.78
CA ALA M 780 -14.08 66.20 -88.99
C ALA M 780 -15.23 66.63 -89.90
N GLN M 781 -15.71 67.86 -89.78
CA GLN M 781 -16.85 68.30 -90.58
C GLN M 781 -16.52 68.44 -92.05
N VAL M 782 -15.25 68.65 -92.39
CA VAL M 782 -14.80 68.76 -93.77
C VAL M 782 -14.11 67.47 -94.17
N LYS M 783 -14.37 67.02 -95.40
CA LYS M 783 -13.72 65.81 -95.88
C LYS M 783 -12.32 66.09 -96.40
N GLN M 784 -12.14 67.22 -97.08
CA GLN M 784 -10.83 67.61 -97.61
C GLN M 784 -10.11 68.52 -96.63
N ILE M 785 -8.82 68.71 -96.87
CA ILE M 785 -7.97 69.56 -96.05
C ILE M 785 -7.62 70.79 -96.89
N TYR M 786 -8.30 71.90 -96.63
CA TYR M 786 -8.07 73.12 -97.39
C TYR M 786 -6.81 73.82 -96.88
N LYS M 787 -6.15 74.53 -97.80
CA LYS M 787 -4.93 75.25 -97.50
C LYS M 787 -5.11 76.72 -97.83
N THR M 788 -4.49 77.58 -97.03
CA THR M 788 -4.59 79.01 -97.24
C THR M 788 -3.75 79.42 -98.45
N PRO M 789 -4.20 80.38 -99.24
CA PRO M 789 -3.42 80.83 -100.40
C PRO M 789 -2.18 81.58 -99.95
N PRO M 790 -1.17 81.73 -100.81
CA PRO M 790 0.03 82.47 -100.41
C PRO M 790 -0.23 83.93 -100.12
N ILE M 791 -1.14 84.56 -100.88
CA ILE M 791 -1.50 85.95 -100.61
C ILE M 791 -2.36 86.03 -99.36
N LYS M 792 -2.08 87.01 -98.51
CA LYS M 792 -2.78 87.19 -97.24
C LYS M 792 -3.46 88.55 -97.19
N TYR M 793 -4.12 88.93 -98.28
CA TYR M 793 -4.88 90.17 -98.35
C TYR M 793 -6.35 89.81 -98.59
N PHE M 794 -7.13 89.79 -97.53
CA PHE M 794 -8.55 89.42 -97.57
C PHE M 794 -9.46 90.63 -97.45
N GLY M 795 -9.04 91.75 -98.03
CA GLY M 795 -9.81 92.98 -98.01
C GLY M 795 -9.37 94.00 -97.00
N GLY M 796 -8.50 93.62 -96.06
CA GLY M 796 -8.03 94.54 -95.04
C GLY M 796 -7.90 93.88 -93.68
N PHE M 797 -8.44 92.68 -93.55
CA PHE M 797 -8.35 91.94 -92.30
C PHE M 797 -6.97 91.31 -92.15
N ASN M 798 -6.63 91.06 -90.91
CA ASN M 798 -5.36 90.54 -90.57
C ASN M 798 -5.58 89.27 -89.87
N PHE M 799 -5.36 88.22 -90.62
CA PHE M 799 -5.47 86.88 -90.06
C PHE M 799 -4.07 86.32 -89.73
N SER M 800 -3.32 87.11 -88.97
CA SER M 800 -1.98 86.75 -88.54
C SER M 800 -1.96 86.16 -87.13
N GLN M 801 -3.13 85.90 -86.55
CA GLN M 801 -3.23 85.33 -85.22
C GLN M 801 -3.96 84.00 -85.19
N ILE M 802 -4.84 83.72 -86.15
CA ILE M 802 -5.58 82.47 -86.18
C ILE M 802 -4.97 81.48 -87.17
N LEU M 803 -4.38 81.98 -88.25
CA LEU M 803 -3.76 81.10 -89.22
C LEU M 803 -2.45 80.54 -88.68
N PRO M 804 -2.08 79.32 -89.07
CA PRO M 804 -0.83 78.74 -88.57
C PRO M 804 0.39 79.48 -89.07
N ASP M 805 1.50 79.31 -88.33
CA ASP M 805 2.74 79.98 -88.65
C ASP M 805 3.74 78.96 -89.18
N PRO M 806 4.35 79.19 -90.35
CA PRO M 806 5.31 78.19 -90.87
C PRO M 806 6.60 78.13 -90.09
N SER M 807 7.03 79.23 -89.48
CA SER M 807 8.28 79.22 -88.72
C SER M 807 8.14 78.46 -87.42
N LYS M 808 6.92 78.27 -86.93
CA LYS M 808 6.71 77.52 -85.70
C LYS M 808 6.99 76.04 -85.95
N PRO M 809 7.81 75.38 -85.13
CA PRO M 809 8.05 73.94 -85.34
C PRO M 809 6.80 73.11 -85.23
N SER M 810 5.88 73.46 -84.32
CA SER M 810 4.64 72.72 -84.17
C SER M 810 3.59 73.08 -85.22
N LYS M 811 3.85 74.10 -86.03
CA LYS M 811 2.94 74.51 -87.11
C LYS M 811 1.56 74.87 -86.56
N ARG M 812 1.53 75.75 -85.57
CA ARG M 812 0.31 76.23 -84.98
C ARG M 812 0.21 77.75 -85.15
N SER M 813 -0.83 78.33 -84.57
CA SER M 813 -1.09 79.76 -84.63
C SER M 813 -0.62 80.44 -83.35
N PRO M 814 -0.37 81.76 -83.40
CA PRO M 814 0.07 82.45 -82.18
C PRO M 814 -0.91 82.34 -81.03
N ILE M 815 -2.21 82.28 -81.31
CA ILE M 815 -3.20 82.15 -80.23
C ILE M 815 -3.16 80.74 -79.66
N GLU M 816 -3.04 79.73 -80.51
CA GLU M 816 -2.95 78.35 -80.03
C GLU M 816 -1.67 78.08 -79.27
N ASP M 817 -0.60 78.84 -79.53
CA ASP M 817 0.64 78.66 -78.79
C ASP M 817 0.48 79.06 -77.33
N LEU M 818 -0.36 80.07 -77.05
CA LEU M 818 -0.62 80.46 -75.67
C LEU M 818 -1.50 79.46 -74.94
N LEU M 819 -2.30 78.68 -75.68
CA LEU M 819 -3.18 77.71 -75.04
C LEU M 819 -2.43 76.48 -74.56
N PHE M 820 -1.52 75.95 -75.37
CA PHE M 820 -0.74 74.78 -75.01
C PHE M 820 0.36 75.09 -73.99
N ASN M 821 0.59 76.36 -73.67
CA ASN M 821 1.57 76.75 -72.68
C ASN M 821 0.96 77.17 -71.36
N LYS M 822 -0.36 77.35 -71.30
CA LYS M 822 -1.04 77.71 -70.07
C LYS M 822 -1.77 76.54 -69.41
N VAL M 823 -2.28 75.61 -70.20
CA VAL M 823 -3.00 74.44 -69.69
C VAL M 823 -1.99 73.30 -69.61
N THR M 824 -1.44 73.08 -68.43
CA THR M 824 -0.47 72.02 -68.22
C THR M 824 -0.99 70.99 -67.22
N ARG M 844 10.84 61.32 -61.58
CA ARG M 844 9.71 60.55 -61.05
C ARG M 844 8.51 61.45 -60.79
N ASP M 845 7.90 61.94 -61.87
CA ASP M 845 6.73 62.80 -61.74
C ASP M 845 5.49 61.97 -61.42
N LEU M 846 4.36 62.67 -61.29
CA LEU M 846 3.11 62.01 -60.97
C LEU M 846 2.59 61.14 -62.12
N ILE M 847 2.91 61.50 -63.36
CA ILE M 847 2.45 60.71 -64.50
C ILE M 847 3.13 59.35 -64.53
N CYS M 848 4.41 59.30 -64.15
CA CYS M 848 5.16 58.06 -64.13
C CYS M 848 4.99 57.27 -62.84
N ALA M 849 4.75 57.95 -61.72
CA ALA M 849 4.55 57.23 -60.46
C ALA M 849 3.25 56.46 -60.45
N GLN M 850 2.22 56.95 -61.13
CA GLN M 850 0.94 56.26 -61.22
C GLN M 850 0.95 55.10 -62.21
N LYS M 851 1.81 55.16 -63.23
CA LYS M 851 1.91 54.07 -64.19
C LYS M 851 2.43 52.78 -63.56
N PHE M 852 3.28 52.89 -62.55
CA PHE M 852 3.87 51.73 -61.89
C PHE M 852 2.88 51.03 -60.94
N LYS M 853 1.63 51.47 -60.92
CA LYS M 853 0.60 50.81 -60.12
C LYS M 853 -0.43 50.07 -60.96
N GLY M 854 -0.37 50.20 -62.28
CA GLY M 854 -1.34 49.57 -63.16
C GLY M 854 -2.24 50.56 -63.85
N LEU M 855 -2.06 51.84 -63.55
CA LEU M 855 -2.87 52.92 -64.10
C LEU M 855 -2.09 53.57 -65.24
N THR M 856 -2.20 52.99 -66.43
CA THR M 856 -1.55 53.52 -67.60
C THR M 856 -2.44 54.55 -68.31
N VAL M 857 -1.82 55.33 -69.20
CA VAL M 857 -2.50 56.37 -69.96
C VAL M 857 -2.29 56.06 -71.44
N LEU M 858 -3.36 55.66 -72.12
CA LEU M 858 -3.26 55.34 -73.54
C LEU M 858 -3.16 56.64 -74.35
N PRO M 859 -2.29 56.67 -75.36
CA PRO M 859 -2.15 57.89 -76.17
C PRO M 859 -3.35 58.06 -77.09
N PRO M 860 -3.79 59.30 -77.31
CA PRO M 860 -4.94 59.54 -78.20
C PRO M 860 -4.59 59.19 -79.64
N LEU M 861 -5.64 58.99 -80.44
CA LEU M 861 -5.45 58.68 -81.85
C LEU M 861 -4.96 59.90 -82.61
N LEU M 862 -5.72 60.99 -82.56
CA LEU M 862 -5.30 62.23 -83.20
C LEU M 862 -4.33 62.98 -82.31
N THR M 863 -3.16 63.33 -82.85
CA THR M 863 -2.15 64.04 -82.11
C THR M 863 -2.40 65.55 -82.19
N ASP M 864 -1.54 66.32 -81.52
CA ASP M 864 -1.67 67.77 -81.56
C ASP M 864 -1.39 68.32 -82.95
N GLU M 865 -0.61 67.60 -83.75
CA GLU M 865 -0.34 68.03 -85.11
C GLU M 865 -1.51 67.76 -86.05
N MET M 866 -2.15 66.59 -85.90
CA MET M 866 -3.26 66.24 -86.76
C MET M 866 -4.50 67.08 -86.46
N ILE M 867 -4.70 67.45 -85.18
CA ILE M 867 -5.80 68.34 -84.84
C ILE M 867 -5.54 69.74 -85.36
N ALA M 868 -4.27 70.18 -85.35
CA ALA M 868 -3.92 71.47 -85.90
C ALA M 868 -4.17 71.52 -87.40
N GLN M 869 -4.01 70.40 -88.09
CA GLN M 869 -4.30 70.36 -89.52
C GLN M 869 -5.80 70.31 -89.78
N TYR M 870 -6.56 69.63 -88.91
CA TYR M 870 -8.01 69.63 -89.04
C TYR M 870 -8.60 71.01 -88.81
N THR M 871 -8.06 71.75 -87.85
CA THR M 871 -8.47 73.14 -87.64
C THR M 871 -8.01 74.06 -88.76
N SER M 872 -6.80 73.87 -89.27
CA SER M 872 -6.30 74.68 -90.38
C SER M 872 -7.17 74.55 -91.63
N ALA M 873 -7.75 73.38 -91.87
CA ALA M 873 -8.71 73.24 -92.95
C ALA M 873 -9.98 74.05 -92.68
N LEU M 874 -10.37 74.16 -91.41
CA LEU M 874 -11.48 75.04 -91.05
C LEU M 874 -11.02 76.48 -90.86
N LEU M 875 -9.74 76.69 -90.51
CA LEU M 875 -9.22 78.04 -90.43
C LEU M 875 -9.23 78.72 -91.78
N ALA M 876 -8.77 78.03 -92.83
CA ALA M 876 -8.95 78.53 -94.19
C ALA M 876 -10.44 78.62 -94.46
N GLY M 877 -11.11 77.47 -94.50
CA GLY M 877 -12.54 77.35 -94.28
C GLY M 877 -13.42 78.47 -94.81
N THR M 878 -14.10 79.14 -93.88
CA THR M 878 -15.02 80.22 -94.24
C THR M 878 -14.31 81.38 -94.91
N ILE M 879 -13.02 81.59 -94.60
CA ILE M 879 -12.30 82.75 -95.12
C ILE M 879 -12.18 82.68 -96.63
N THR M 880 -11.94 81.49 -97.18
CA THR M 880 -11.75 81.33 -98.61
C THR M 880 -12.93 80.67 -99.32
N SER M 881 -13.90 80.16 -98.57
CA SER M 881 -15.05 79.49 -99.18
C SER M 881 -16.38 80.06 -98.74
N GLY M 882 -16.52 80.46 -97.48
CA GLY M 882 -17.75 81.06 -96.99
C GLY M 882 -18.71 80.01 -96.42
N TRP M 883 -19.82 79.78 -97.12
CA TRP M 883 -20.86 78.88 -96.65
C TRP M 883 -20.76 77.48 -97.23
N THR M 884 -20.08 77.30 -98.36
CA THR M 884 -20.16 76.07 -99.14
C THR M 884 -18.96 75.15 -98.91
N PHE M 885 -18.41 75.13 -97.71
CA PHE M 885 -17.35 74.18 -97.37
C PHE M 885 -17.79 73.18 -96.32
N GLY M 886 -19.05 73.25 -95.89
CA GLY M 886 -19.60 72.27 -94.97
C GLY M 886 -20.89 71.67 -95.52
N ALA M 887 -21.32 72.19 -96.66
CA ALA M 887 -22.53 71.72 -97.34
C ALA M 887 -22.23 70.90 -98.57
N GLY M 888 -21.43 71.45 -99.50
CA GLY M 888 -21.07 70.74 -100.71
C GLY M 888 -19.68 71.10 -101.19
N PRO M 889 -19.54 71.30 -102.50
CA PRO M 889 -18.23 71.67 -103.04
C PRO M 889 -17.86 73.10 -102.67
N ALA M 890 -16.57 73.31 -102.40
CA ALA M 890 -16.09 74.63 -101.97
C ALA M 890 -16.21 75.62 -103.12
N LEU M 891 -16.84 76.75 -102.86
CA LEU M 891 -17.01 77.81 -103.85
C LEU M 891 -16.21 79.02 -103.40
N GLN M 892 -15.38 79.56 -104.31
CA GLN M 892 -14.56 80.71 -104.01
C GLN M 892 -15.41 81.97 -103.96
N ILE M 893 -15.04 82.89 -103.07
CA ILE M 893 -15.77 84.14 -102.89
C ILE M 893 -14.85 85.15 -102.22
N PRO M 894 -14.80 86.41 -102.70
CA PRO M 894 -13.96 87.41 -102.03
C PRO M 894 -14.44 87.69 -100.62
N PHE M 895 -13.49 87.83 -99.71
CA PHE M 895 -13.83 88.06 -98.30
C PHE M 895 -14.54 89.39 -98.07
N PRO M 896 -14.12 90.52 -98.65
CA PRO M 896 -14.89 91.76 -98.46
C PRO M 896 -16.31 91.66 -98.99
N MET M 897 -16.55 90.84 -100.02
CA MET M 897 -17.90 90.59 -100.49
C MET M 897 -18.57 89.43 -99.76
N GLN M 898 -17.79 88.63 -99.04
CA GLN M 898 -18.37 87.52 -98.26
C GLN M 898 -19.06 88.04 -97.02
N MET M 899 -18.47 89.03 -96.33
CA MET M 899 -19.11 89.61 -95.16
C MET M 899 -20.40 90.34 -95.51
N ALA M 900 -20.60 90.69 -96.79
CA ALA M 900 -21.84 91.33 -97.19
C ALA M 900 -23.04 90.40 -97.04
N TYR M 901 -22.82 89.10 -97.22
CA TYR M 901 -23.89 88.14 -97.01
C TYR M 901 -24.14 87.89 -95.52
N ARG M 902 -23.08 87.93 -94.71
CA ARG M 902 -23.22 87.74 -93.27
C ARG M 902 -23.71 89.00 -92.56
N PHE M 903 -23.46 90.18 -93.12
CA PHE M 903 -24.08 91.40 -92.63
C PHE M 903 -25.53 91.51 -93.05
N ASN M 904 -25.92 90.83 -94.13
CA ASN M 904 -27.30 90.83 -94.61
C ASN M 904 -28.17 89.80 -93.88
N GLY M 905 -27.57 88.95 -93.06
CA GLY M 905 -28.33 87.94 -92.34
C GLY M 905 -28.77 88.40 -90.97
N ILE M 906 -28.40 89.62 -90.61
CA ILE M 906 -28.78 90.21 -89.32
C ILE M 906 -29.70 91.42 -89.52
N GLY M 907 -30.28 91.56 -90.71
CA GLY M 907 -31.18 92.65 -91.01
C GLY M 907 -30.51 93.86 -91.61
N VAL M 908 -29.22 94.07 -91.33
CA VAL M 908 -28.51 95.23 -91.86
C VAL M 908 -28.27 95.04 -93.35
N THR M 909 -28.36 96.14 -94.10
CA THR M 909 -28.12 96.08 -95.54
C THR M 909 -26.63 95.88 -95.81
N GLN M 910 -26.33 95.49 -97.05
CA GLN M 910 -24.96 95.23 -97.46
C GLN M 910 -24.21 96.48 -97.88
N ASN M 911 -24.90 97.62 -97.98
CA ASN M 911 -24.23 98.86 -98.38
C ASN M 911 -23.38 99.44 -97.26
N VAL M 912 -23.75 99.19 -96.01
CA VAL M 912 -23.00 99.76 -94.89
C VAL M 912 -21.63 99.12 -94.74
N LEU M 913 -21.43 97.93 -95.32
CA LEU M 913 -20.13 97.27 -95.21
C LEU M 913 -19.09 97.93 -96.13
N TYR M 914 -19.44 98.07 -97.41
CA TYR M 914 -18.50 98.66 -98.35
C TYR M 914 -18.25 100.13 -98.06
N GLU M 915 -19.23 100.82 -97.48
CA GLU M 915 -19.04 102.22 -97.12
C GLU M 915 -18.22 102.38 -95.85
N ASN M 916 -18.05 101.32 -95.07
CA ASN M 916 -17.26 101.34 -93.84
C ASN M 916 -16.33 100.15 -93.79
N GLN M 917 -15.77 99.76 -94.95
CA GLN M 917 -14.88 98.61 -95.00
C GLN M 917 -13.59 98.87 -94.22
N LYS M 918 -13.09 100.10 -94.26
CA LYS M 918 -11.90 100.44 -93.50
C LYS M 918 -12.17 100.46 -92.00
N LEU M 919 -13.42 100.65 -91.58
CA LEU M 919 -13.76 100.63 -90.17
C LEU M 919 -13.96 99.21 -89.66
N ILE M 920 -14.50 98.32 -90.49
CA ILE M 920 -14.69 96.93 -90.08
C ILE M 920 -13.34 96.26 -89.84
N ALA M 921 -12.36 96.54 -90.71
CA ALA M 921 -11.05 95.92 -90.56
C ALA M 921 -10.33 96.43 -89.32
N ASN M 922 -10.44 97.73 -89.04
CA ASN M 922 -9.76 98.30 -87.87
C ASN M 922 -10.39 97.80 -86.58
N GLN M 923 -11.70 97.61 -86.54
CA GLN M 923 -12.36 97.08 -85.35
C GLN M 923 -12.16 95.59 -85.18
N PHE M 924 -11.85 94.87 -86.26
CA PHE M 924 -11.62 93.44 -86.19
C PHE M 924 -10.17 93.09 -85.89
N ASN M 925 -9.23 93.83 -86.48
CA ASN M 925 -7.82 93.57 -86.21
C ASN M 925 -7.46 93.91 -84.77
N SER M 926 -8.14 94.88 -84.16
CA SER M 926 -7.91 95.22 -82.77
C SER M 926 -8.65 94.30 -81.81
N ALA M 927 -9.72 93.66 -82.26
CA ALA M 927 -10.45 92.73 -81.40
C ALA M 927 -9.72 91.40 -81.29
N ILE M 928 -9.14 90.92 -82.38
CA ILE M 928 -8.39 89.67 -82.34
C ILE M 928 -7.11 89.84 -81.53
N GLY M 929 -6.50 91.03 -81.59
CA GLY M 929 -5.28 91.26 -80.83
C GLY M 929 -5.51 91.22 -79.33
N LYS M 930 -6.68 91.68 -78.89
CA LYS M 930 -6.99 91.67 -77.45
C LYS M 930 -7.33 90.27 -76.95
N ILE M 931 -7.58 89.32 -77.86
CA ILE M 931 -7.89 87.96 -77.44
C ILE M 931 -6.67 87.31 -76.79
N GLN M 932 -5.49 87.48 -77.39
CA GLN M 932 -4.28 86.90 -76.83
C GLN M 932 -3.94 87.54 -75.48
N ASP M 933 -4.23 88.82 -75.31
CA ASP M 933 -3.96 89.48 -74.03
C ASP M 933 -5.00 89.12 -72.98
N SER M 934 -6.25 88.90 -73.40
CA SER M 934 -7.31 88.58 -72.45
C SER M 934 -7.08 87.21 -71.80
N LEU M 935 -6.60 86.24 -72.58
CA LEU M 935 -6.37 84.91 -72.03
C LEU M 935 -5.19 84.89 -71.08
N SER M 936 -4.21 85.78 -71.27
CA SER M 936 -3.03 85.82 -70.41
C SER M 936 -3.25 86.70 -69.18
N SER M 937 -3.91 87.84 -69.34
CA SER M 937 -4.11 88.73 -68.21
C SER M 937 -5.10 88.14 -67.20
N THR M 938 -6.08 87.39 -67.68
CA THR M 938 -7.05 86.78 -66.77
C THR M 938 -6.37 85.67 -65.98
N PRO M 939 -6.47 85.67 -64.65
CA PRO M 939 -5.83 84.59 -63.88
C PRO M 939 -6.48 83.24 -64.09
N SER M 940 -7.80 83.21 -64.28
CA SER M 940 -8.54 81.96 -64.51
C SER M 940 -9.36 82.13 -65.78
N ALA M 941 -8.74 81.82 -66.93
CA ALA M 941 -9.39 81.90 -68.23
C ALA M 941 -9.74 80.52 -68.79
N LEU M 942 -8.77 79.63 -68.87
CA LEU M 942 -9.02 78.26 -69.33
C LEU M 942 -9.37 77.37 -68.14
N GLY M 943 -10.48 77.74 -67.49
CA GLY M 943 -10.93 77.04 -66.30
C GLY M 943 -11.70 75.77 -66.60
N LYS M 944 -12.28 75.70 -67.80
CA LYS M 944 -13.04 74.50 -68.17
C LYS M 944 -12.13 73.39 -68.66
N LEU M 945 -10.94 73.73 -69.18
CA LEU M 945 -9.98 72.71 -69.58
C LEU M 945 -9.20 72.17 -68.39
N GLN M 946 -9.02 72.96 -67.33
CA GLN M 946 -8.36 72.48 -66.13
C GLN M 946 -9.30 71.72 -65.21
N ASP M 947 -10.62 71.95 -65.33
CA ASP M 947 -11.57 71.23 -64.49
C ASP M 947 -11.62 69.74 -64.86
N VAL M 948 -11.51 69.43 -66.15
CA VAL M 948 -11.52 68.04 -66.57
C VAL M 948 -10.18 67.34 -66.29
N VAL M 949 -9.11 68.11 -66.10
CA VAL M 949 -7.82 67.51 -65.78
C VAL M 949 -7.66 67.34 -64.28
N ASN M 950 -8.13 68.32 -63.49
CA ASN M 950 -8.05 68.22 -62.04
C ASN M 950 -8.97 67.13 -61.51
N HIS M 951 -10.11 66.89 -62.18
CA HIS M 951 -10.99 65.82 -61.76
C HIS M 951 -10.44 64.45 -62.12
N ASN M 952 -9.72 64.35 -63.24
CA ASN M 952 -9.09 63.08 -63.59
C ASN M 952 -7.84 62.82 -62.75
N ALA M 953 -7.11 63.88 -62.38
CA ALA M 953 -5.97 63.70 -61.49
C ALA M 953 -6.41 63.36 -60.07
N GLN M 954 -7.52 63.95 -59.63
CA GLN M 954 -8.05 63.63 -58.30
C GLN M 954 -8.54 62.20 -58.23
N ALA M 955 -9.19 61.71 -59.28
CA ALA M 955 -9.68 60.33 -59.28
C ALA M 955 -8.53 59.34 -59.29
N LEU M 956 -7.44 59.66 -59.99
CA LEU M 956 -6.28 58.78 -59.98
C LEU M 956 -5.53 58.87 -58.66
N ASN M 957 -5.39 60.07 -58.10
CA ASN M 957 -4.75 60.21 -56.79
C ASN M 957 -5.56 59.51 -55.71
N THR M 958 -6.89 59.54 -55.82
CA THR M 958 -7.73 58.83 -54.86
C THR M 958 -7.60 57.32 -55.04
N LEU M 959 -7.55 56.85 -56.28
CA LEU M 959 -7.41 55.42 -56.52
C LEU M 959 -6.05 54.89 -56.10
N VAL M 960 -5.00 55.70 -56.27
CA VAL M 960 -3.67 55.28 -55.83
C VAL M 960 -3.58 55.30 -54.31
N LYS M 961 -4.11 56.33 -53.68
CA LYS M 961 -4.02 56.47 -52.23
C LYS M 961 -5.13 55.68 -51.54
N GLN M 962 -5.26 54.40 -51.90
CA GLN M 962 -6.14 53.48 -51.20
C GLN M 962 -5.54 52.09 -51.04
N LEU M 963 -4.31 51.86 -51.47
CA LEU M 963 -3.65 50.59 -51.28
C LEU M 963 -3.14 50.39 -49.85
N SER M 964 -3.05 51.47 -49.08
CA SER M 964 -2.64 51.42 -47.67
C SER M 964 -3.80 51.95 -46.85
N SER M 965 -4.73 51.05 -46.49
CA SER M 965 -5.92 51.44 -45.75
C SER M 965 -6.44 50.23 -45.00
N LYS M 966 -6.92 50.45 -43.78
CA LYS M 966 -7.38 49.36 -42.92
C LYS M 966 -8.72 48.83 -43.43
N PHE M 967 -8.66 47.80 -44.27
CA PHE M 967 -9.86 47.16 -44.77
C PHE M 967 -9.86 45.67 -44.41
N GLY M 968 -9.59 45.37 -43.14
CA GLY M 968 -9.44 43.99 -42.72
C GLY M 968 -8.27 43.76 -41.80
N ALA M 969 -7.30 42.96 -42.23
CA ALA M 969 -6.14 42.61 -41.41
C ALA M 969 -5.39 43.84 -40.93
N ILE M 970 -4.56 43.67 -39.89
CA ILE M 970 -3.88 44.81 -39.27
C ILE M 970 -2.86 45.42 -40.22
N SER M 971 -2.43 44.68 -41.23
CA SER M 971 -1.43 45.15 -42.17
C SER M 971 -2.09 45.49 -43.51
N SER M 972 -1.55 46.52 -44.16
CA SER M 972 -2.02 46.96 -45.46
C SER M 972 -1.04 46.63 -46.58
N VAL M 973 0.01 45.87 -46.27
CA VAL M 973 1.00 45.45 -47.23
C VAL M 973 0.85 43.95 -47.45
N LEU M 974 0.76 43.54 -48.72
CA LEU M 974 0.56 42.13 -49.03
C LEU M 974 1.77 41.27 -48.67
N ASN M 975 2.96 41.88 -48.56
CA ASN M 975 4.13 41.11 -48.15
C ASN M 975 4.02 40.67 -46.69
N ASP M 976 3.42 41.51 -45.85
CA ASP M 976 3.24 41.18 -44.44
C ASP M 976 2.05 40.28 -44.19
N ILE M 977 1.28 39.92 -45.22
CA ILE M 977 0.15 39.01 -45.04
C ILE M 977 0.63 37.56 -44.98
N PHE M 978 1.49 37.18 -45.93
CA PHE M 978 2.04 35.83 -45.96
C PHE M 978 3.11 35.60 -44.88
N SER M 979 3.58 36.66 -44.24
CA SER M 979 4.55 36.55 -43.15
C SER M 979 3.88 36.91 -41.83
N ARG M 980 4.52 36.50 -40.74
CA ARG M 980 4.02 36.73 -39.38
C ARG M 980 2.65 36.09 -39.14
N LEU M 981 2.21 35.23 -40.05
CA LEU M 981 0.91 34.57 -39.94
C LEU M 981 1.06 33.12 -40.37
N ASP M 982 -0.07 32.45 -40.55
CA ASP M 982 -0.11 31.06 -40.98
C ASP M 982 -0.92 30.93 -42.27
N PRO M 983 -0.52 30.00 -43.16
CA PRO M 983 -1.24 29.83 -44.43
C PRO M 983 -2.72 29.56 -44.25
N PRO M 984 -3.15 28.65 -43.36
CA PRO M 984 -4.58 28.38 -43.24
C PRO M 984 -5.40 29.54 -42.68
N GLU M 985 -4.75 30.56 -42.11
CA GLU M 985 -5.46 31.72 -41.57
C GLU M 985 -5.21 32.99 -42.35
N ALA M 986 -4.00 33.17 -42.93
CA ALA M 986 -3.73 34.37 -43.71
C ALA M 986 -4.59 34.41 -44.96
N GLU M 987 -4.84 33.25 -45.58
CA GLU M 987 -5.72 33.20 -46.74
C GLU M 987 -7.16 33.52 -46.40
N VAL M 988 -7.55 33.39 -45.12
CA VAL M 988 -8.89 33.76 -44.71
C VAL M 988 -9.02 35.28 -44.62
N GLN M 989 -8.09 35.93 -43.92
CA GLN M 989 -8.10 37.38 -43.79
C GLN M 989 -7.26 38.04 -44.88
N ILE M 990 -7.52 37.67 -46.13
CA ILE M 990 -6.89 38.33 -47.26
C ILE M 990 -7.90 38.76 -48.32
N ASP M 991 -9.11 38.19 -48.36
CA ASP M 991 -10.13 38.64 -49.29
C ASP M 991 -10.74 39.97 -48.87
N ARG M 992 -10.58 40.36 -47.60
CA ARG M 992 -11.05 41.69 -47.18
C ARG M 992 -10.22 42.79 -47.79
N LEU M 993 -8.96 42.52 -48.12
CA LEU M 993 -8.12 43.48 -48.83
C LEU M 993 -8.19 43.30 -50.34
N ILE M 994 -8.74 42.19 -50.82
CA ILE M 994 -8.98 42.01 -52.25
C ILE M 994 -10.33 42.58 -52.65
N THR M 995 -11.38 42.30 -51.87
CA THR M 995 -12.68 42.89 -52.14
C THR M 995 -12.68 44.38 -51.86
N GLY M 996 -11.95 44.81 -50.83
CA GLY M 996 -11.86 46.23 -50.54
C GLY M 996 -11.18 47.03 -51.63
N ARG M 997 -10.23 46.42 -52.34
CA ARG M 997 -9.59 47.05 -53.47
C ARG M 997 -10.33 46.80 -54.78
N LEU M 998 -11.20 45.79 -54.83
CA LEU M 998 -11.99 45.54 -56.02
C LEU M 998 -13.20 46.47 -56.10
N GLN M 999 -13.73 46.89 -54.94
CA GLN M 999 -14.82 47.85 -54.93
C GLN M 999 -14.32 49.27 -55.12
N SER M 1000 -13.10 49.57 -54.68
CA SER M 1000 -12.52 50.88 -54.93
C SER M 1000 -12.23 51.09 -56.41
N LEU M 1001 -11.79 50.04 -57.10
CA LEU M 1001 -11.60 50.12 -58.54
C LEU M 1001 -12.93 50.10 -59.28
N GLN M 1002 -13.95 49.45 -58.71
CA GLN M 1002 -15.27 49.44 -59.32
C GLN M 1002 -15.93 50.81 -59.25
N THR M 1003 -15.68 51.56 -58.17
CA THR M 1003 -16.22 52.91 -58.06
C THR M 1003 -15.57 53.84 -59.08
N TYR M 1004 -14.26 53.68 -59.31
CA TYR M 1004 -13.57 54.50 -60.30
C TYR M 1004 -14.15 54.29 -61.69
N VAL M 1005 -14.45 53.04 -62.04
CA VAL M 1005 -15.07 52.77 -63.34
C VAL M 1005 -16.47 53.34 -63.40
N THR M 1006 -17.20 53.29 -62.29
CA THR M 1006 -18.55 53.85 -62.25
C THR M 1006 -18.52 55.37 -62.36
N GLN M 1007 -17.59 56.01 -61.66
CA GLN M 1007 -17.47 57.47 -61.72
C GLN M 1007 -16.90 57.96 -63.04
N GLN M 1008 -16.16 57.13 -63.77
CA GLN M 1008 -15.68 57.52 -65.09
C GLN M 1008 -16.79 57.46 -66.15
N LEU M 1009 -17.81 56.63 -65.94
CA LEU M 1009 -18.94 56.61 -66.86
C LEU M 1009 -19.83 57.83 -66.67
N ILE M 1010 -19.93 58.35 -65.45
CA ILE M 1010 -20.67 59.58 -65.22
C ILE M 1010 -19.88 60.78 -65.72
N ARG M 1011 -18.55 60.74 -65.56
CA ARG M 1011 -17.72 61.84 -66.04
C ARG M 1011 -17.63 61.86 -67.55
N ALA M 1012 -17.65 60.69 -68.19
CA ALA M 1012 -17.65 60.64 -69.65
C ALA M 1012 -18.98 61.09 -70.24
N ALA M 1013 -20.07 61.01 -69.47
CA ALA M 1013 -21.35 61.50 -69.94
C ALA M 1013 -21.39 63.02 -70.02
N GLU M 1014 -20.63 63.71 -69.16
CA GLU M 1014 -20.52 65.17 -69.24
C GLU M 1014 -19.59 65.62 -70.35
N ILE M 1015 -18.54 64.84 -70.63
CA ILE M 1015 -17.66 65.17 -71.75
C ILE M 1015 -18.37 64.92 -73.08
N ARG M 1016 -19.18 63.85 -73.14
CA ARG M 1016 -19.94 63.58 -74.37
C ARG M 1016 -20.96 64.66 -74.62
N ALA M 1017 -21.60 65.17 -73.57
CA ALA M 1017 -22.55 66.28 -73.74
C ALA M 1017 -21.84 67.55 -74.17
N SER M 1018 -20.59 67.75 -73.73
CA SER M 1018 -19.81 68.90 -74.17
C SER M 1018 -19.20 68.68 -75.53
N ALA M 1019 -18.91 67.43 -75.90
CA ALA M 1019 -18.39 67.15 -77.23
C ALA M 1019 -19.47 67.31 -78.29
N ASN M 1020 -20.69 66.88 -78.00
CA ASN M 1020 -21.81 67.11 -78.92
C ASN M 1020 -22.17 68.58 -78.98
N LEU M 1021 -21.92 69.32 -77.90
CA LEU M 1021 -22.16 70.77 -77.92
C LEU M 1021 -21.08 71.48 -78.73
N ALA M 1022 -19.84 71.01 -78.64
CA ALA M 1022 -18.77 71.61 -79.44
C ALA M 1022 -18.89 71.22 -80.91
N ALA M 1023 -19.40 70.02 -81.20
CA ALA M 1023 -19.61 69.62 -82.57
C ALA M 1023 -20.74 70.41 -83.23
N THR M 1024 -21.68 70.91 -82.42
CA THR M 1024 -22.78 71.71 -82.98
C THR M 1024 -22.36 73.15 -83.18
N LYS M 1025 -21.53 73.68 -82.27
CA LYS M 1025 -21.04 75.05 -82.42
C LYS M 1025 -20.02 75.19 -83.54
N MET M 1026 -19.35 74.12 -83.93
CA MET M 1026 -18.42 74.14 -85.06
C MET M 1026 -19.13 73.95 -86.39
N SER M 1027 -20.40 73.54 -86.36
CA SER M 1027 -21.19 73.36 -87.57
C SER M 1027 -22.26 74.43 -87.77
N GLU M 1028 -22.64 75.17 -86.72
CA GLU M 1028 -23.60 76.24 -86.85
C GLU M 1028 -22.99 77.63 -86.75
N CYS M 1029 -21.75 77.76 -86.30
CA CYS M 1029 -21.06 79.04 -86.26
C CYS M 1029 -19.92 79.13 -87.27
N VAL M 1030 -19.28 78.03 -87.60
CA VAL M 1030 -18.18 78.04 -88.57
C VAL M 1030 -18.68 77.70 -89.96
N LEU M 1031 -19.49 76.65 -90.09
CA LEU M 1031 -20.06 76.26 -91.38
C LEU M 1031 -21.18 77.18 -91.84
N GLY M 1032 -21.60 78.12 -91.01
CA GLY M 1032 -22.68 79.02 -91.38
C GLY M 1032 -22.94 80.01 -90.28
N GLN M 1033 -23.94 80.86 -90.53
CA GLN M 1033 -24.34 81.91 -89.59
C GLN M 1033 -25.66 81.52 -88.94
N SER M 1034 -25.73 81.65 -87.62
CA SER M 1034 -26.93 81.34 -86.86
C SER M 1034 -27.73 82.61 -86.58
N LYS M 1035 -29.05 82.44 -86.49
CA LYS M 1035 -29.95 83.55 -86.25
C LYS M 1035 -30.44 83.62 -84.81
N ARG M 1036 -30.27 82.56 -84.04
CA ARG M 1036 -30.58 82.55 -82.61
C ARG M 1036 -29.25 82.64 -81.88
N VAL M 1037 -28.95 83.82 -81.34
CA VAL M 1037 -27.61 84.12 -80.84
C VAL M 1037 -27.56 83.65 -79.39
N ASP M 1038 -27.33 82.35 -79.23
CA ASP M 1038 -26.88 81.79 -77.97
C ASP M 1038 -25.86 80.67 -78.16
N PHE M 1039 -25.51 80.36 -79.41
CA PHE M 1039 -24.55 79.31 -79.73
C PHE M 1039 -23.23 79.88 -80.23
N CYS M 1040 -23.23 81.11 -80.73
CA CYS M 1040 -22.04 81.74 -81.30
C CYS M 1040 -21.73 83.08 -80.65
N GLY M 1041 -21.78 83.15 -79.32
CA GLY M 1041 -21.38 84.35 -78.61
C GLY M 1041 -22.55 85.15 -78.05
N LYS M 1042 -22.39 86.48 -78.01
CA LYS M 1042 -23.42 87.37 -77.48
C LYS M 1042 -23.52 88.58 -78.40
N GLY M 1043 -24.69 88.79 -78.99
CA GLY M 1043 -24.90 89.90 -79.89
C GLY M 1043 -25.60 89.48 -81.17
N TYR M 1044 -24.95 89.71 -82.31
CA TYR M 1044 -25.44 89.25 -83.61
C TYR M 1044 -24.32 88.48 -84.28
N HIS M 1045 -24.52 87.18 -84.46
CA HIS M 1045 -23.45 86.32 -84.95
C HIS M 1045 -23.11 86.65 -86.40
N LEU M 1046 -21.82 86.78 -86.67
CA LEU M 1046 -21.32 86.97 -88.03
C LEU M 1046 -20.49 85.78 -88.50
N MET M 1047 -19.46 85.42 -87.76
CA MET M 1047 -18.61 84.29 -88.12
C MET M 1047 -17.85 83.84 -86.88
N SER M 1048 -17.22 82.67 -86.98
CA SER M 1048 -16.43 82.10 -85.89
C SER M 1048 -15.20 81.43 -86.47
N PHE M 1049 -14.24 81.16 -85.58
CA PHE M 1049 -12.98 80.55 -86.00
C PHE M 1049 -12.55 79.49 -84.99
N PRO M 1050 -12.54 78.22 -85.37
CA PRO M 1050 -12.14 77.17 -84.42
C PRO M 1050 -10.63 77.10 -84.25
N GLN M 1051 -10.21 76.70 -83.06
CA GLN M 1051 -8.80 76.56 -82.72
C GLN M 1051 -8.61 75.36 -81.81
N SER M 1052 -7.45 74.72 -81.93
CA SER M 1052 -7.14 73.56 -81.12
C SER M 1052 -6.93 73.98 -79.66
N ALA M 1053 -6.86 72.98 -78.78
CA ALA M 1053 -6.72 73.21 -77.36
C ALA M 1053 -6.26 71.92 -76.70
N PRO M 1054 -5.73 71.99 -75.48
CA PRO M 1054 -5.34 70.75 -74.77
C PRO M 1054 -6.54 69.97 -74.30
N HIS M 1055 -7.08 69.11 -75.17
CA HIS M 1055 -8.27 68.30 -74.91
C HIS M 1055 -9.52 69.17 -74.79
N GLY M 1056 -9.65 70.13 -75.70
CA GLY M 1056 -10.81 70.99 -75.73
C GLY M 1056 -10.91 71.71 -77.05
N VAL M 1057 -11.59 72.86 -77.04
CA VAL M 1057 -11.76 73.68 -78.23
C VAL M 1057 -11.96 75.12 -77.79
N VAL M 1058 -11.46 76.05 -78.61
CA VAL M 1058 -11.54 77.48 -78.32
C VAL M 1058 -12.13 78.16 -79.54
N PHE M 1059 -13.37 78.62 -79.43
CA PHE M 1059 -14.02 79.36 -80.51
C PHE M 1059 -13.79 80.85 -80.34
N LEU M 1060 -13.69 81.54 -81.48
CA LEU M 1060 -13.53 82.99 -81.53
C LEU M 1060 -14.74 83.55 -82.27
N HIS M 1061 -15.82 83.82 -81.53
CA HIS M 1061 -17.06 84.28 -82.14
C HIS M 1061 -16.96 85.77 -82.46
N VAL M 1062 -17.33 86.13 -83.68
CA VAL M 1062 -17.35 87.51 -84.13
C VAL M 1062 -18.80 87.98 -84.08
N THR M 1063 -19.08 88.94 -83.20
CA THR M 1063 -20.44 89.41 -82.97
C THR M 1063 -20.62 90.84 -83.45
N TYR M 1064 -21.86 91.18 -83.80
CA TYR M 1064 -22.22 92.51 -84.24
C TYR M 1064 -22.99 93.19 -83.10
N VAL M 1065 -22.32 94.11 -82.42
CA VAL M 1065 -22.88 94.79 -81.26
C VAL M 1065 -23.12 96.25 -81.63
N PRO M 1066 -24.37 96.69 -81.78
CA PRO M 1066 -24.63 98.10 -82.08
C PRO M 1066 -24.24 98.99 -80.91
N ALA M 1067 -24.04 100.28 -81.21
CA ALA M 1067 -23.67 101.25 -80.19
C ALA M 1067 -24.12 102.63 -80.67
N GLN M 1068 -23.98 103.61 -79.77
CA GLN M 1068 -24.30 105.02 -80.06
C GLN M 1068 -25.74 105.16 -80.55
N GLU M 1069 -26.68 104.77 -79.70
CA GLU M 1069 -28.09 104.89 -80.02
C GLU M 1069 -28.54 106.34 -79.93
N LYS M 1070 -29.69 106.63 -80.54
CA LYS M 1070 -30.24 107.98 -80.54
C LYS M 1070 -31.75 107.88 -80.67
N ASN M 1071 -32.46 108.55 -79.77
CA ASN M 1071 -33.91 108.48 -79.74
C ASN M 1071 -34.51 109.18 -80.96
N PHE M 1072 -35.69 108.71 -81.36
CA PHE M 1072 -36.40 109.27 -82.51
C PHE M 1072 -37.90 109.12 -82.26
N THR M 1073 -38.68 109.70 -83.17
CA THR M 1073 -40.14 109.59 -83.14
C THR M 1073 -40.60 108.67 -84.25
N THR M 1074 -41.30 107.61 -83.88
CA THR M 1074 -41.74 106.59 -84.83
C THR M 1074 -43.25 106.65 -85.02
N ALA M 1075 -43.72 105.95 -86.04
CA ALA M 1075 -45.14 105.88 -86.36
C ALA M 1075 -45.43 104.58 -87.10
N PRO M 1076 -46.58 103.94 -86.84
CA PRO M 1076 -46.88 102.68 -87.54
C PRO M 1076 -47.01 102.85 -89.05
N ALA M 1077 -47.71 103.87 -89.51
CA ALA M 1077 -47.89 104.09 -90.94
C ALA M 1077 -48.12 105.59 -91.18
N ILE M 1078 -48.28 105.92 -92.45
CA ILE M 1078 -48.52 107.31 -92.87
C ILE M 1078 -49.70 107.32 -93.85
N CYS M 1079 -50.43 108.43 -93.86
CA CYS M 1079 -51.62 108.58 -94.69
C CYS M 1079 -51.37 109.71 -95.68
N HIS M 1080 -51.38 109.39 -96.97
CA HIS M 1080 -51.15 110.37 -98.03
C HIS M 1080 -52.38 110.59 -98.88
N ASP M 1081 -52.95 109.54 -99.47
CA ASP M 1081 -54.12 109.66 -100.33
C ASP M 1081 -55.32 108.91 -99.75
N GLY M 1082 -55.49 109.01 -98.42
CA GLY M 1082 -56.55 108.31 -97.74
C GLY M 1082 -56.29 106.85 -97.46
N LYS M 1083 -55.19 106.29 -97.95
CA LYS M 1083 -54.82 104.90 -97.72
C LYS M 1083 -53.51 104.84 -96.94
N ALA M 1084 -53.40 103.83 -96.08
CA ALA M 1084 -52.22 103.68 -95.25
C ALA M 1084 -51.03 103.21 -96.07
N HIS M 1085 -49.84 103.55 -95.58
CA HIS M 1085 -48.58 103.15 -96.22
C HIS M 1085 -47.70 102.50 -95.16
N PHE M 1086 -47.51 101.19 -95.26
CA PHE M 1086 -46.69 100.48 -94.31
C PHE M 1086 -45.28 100.25 -94.87
N PRO M 1087 -44.26 100.31 -94.03
CA PRO M 1087 -42.90 100.06 -94.52
C PRO M 1087 -42.72 98.62 -94.98
N ARG M 1088 -42.07 98.46 -96.13
CA ARG M 1088 -41.80 97.13 -96.66
C ARG M 1088 -40.74 96.41 -95.84
N GLU M 1089 -39.55 97.02 -95.72
CA GLU M 1089 -38.47 96.48 -94.91
C GLU M 1089 -37.78 97.67 -94.24
N GLY M 1090 -38.21 97.99 -93.04
CA GLY M 1090 -37.66 99.11 -92.30
C GLY M 1090 -38.67 99.64 -91.30
N VAL M 1091 -38.39 100.85 -90.82
CA VAL M 1091 -39.23 101.50 -89.82
C VAL M 1091 -39.27 103.00 -90.11
N PHE M 1092 -40.42 103.61 -89.85
CA PHE M 1092 -40.58 105.04 -90.05
C PHE M 1092 -39.97 105.80 -88.88
N VAL M 1093 -39.13 106.77 -89.19
CA VAL M 1093 -38.50 107.63 -88.19
C VAL M 1093 -38.85 109.08 -88.50
N SER M 1094 -38.55 109.95 -87.54
CA SER M 1094 -38.83 111.37 -87.69
C SER M 1094 -37.84 112.16 -86.86
N ASN M 1095 -37.36 113.27 -87.42
CA ASN M 1095 -36.43 114.17 -86.74
C ASN M 1095 -37.12 115.48 -86.35
N GLY M 1096 -38.44 115.45 -86.18
CA GLY M 1096 -39.18 116.63 -85.81
C GLY M 1096 -39.75 117.38 -87.01
N THR M 1097 -38.97 117.50 -88.07
CA THR M 1097 -39.37 118.24 -89.26
C THR M 1097 -39.87 117.31 -90.38
N HIS M 1098 -39.05 116.36 -90.79
CA HIS M 1098 -39.37 115.46 -91.88
C HIS M 1098 -39.55 114.03 -91.37
N TRP M 1099 -39.98 113.16 -92.28
CA TRP M 1099 -40.15 111.75 -91.99
C TRP M 1099 -39.32 110.92 -92.95
N PHE M 1100 -38.64 109.91 -92.42
CA PHE M 1100 -37.78 109.03 -93.21
C PHE M 1100 -38.06 107.58 -92.83
N VAL M 1101 -37.38 106.67 -93.53
CA VAL M 1101 -37.49 105.23 -93.30
C VAL M 1101 -36.08 104.67 -93.19
N THR M 1102 -35.76 104.09 -92.05
CA THR M 1102 -34.46 103.49 -91.79
C THR M 1102 -34.62 102.00 -91.52
N GLN M 1103 -33.50 101.30 -91.45
CA GLN M 1103 -33.49 99.88 -91.12
C GLN M 1103 -33.47 99.68 -89.62
N ARG M 1104 -33.86 98.47 -89.19
CA ARG M 1104 -34.08 98.19 -87.78
C ARG M 1104 -32.79 98.13 -86.98
N ASN M 1105 -31.62 98.09 -87.62
CA ASN M 1105 -30.36 97.95 -86.91
C ASN M 1105 -29.33 99.00 -87.29
N PHE M 1106 -29.71 100.01 -88.06
CA PHE M 1106 -28.79 101.07 -88.46
C PHE M 1106 -29.59 102.29 -88.89
N TYR M 1107 -28.96 103.45 -88.78
CA TYR M 1107 -29.61 104.73 -89.12
C TYR M 1107 -29.19 105.11 -90.55
N GLU M 1108 -30.09 104.86 -91.50
CA GLU M 1108 -29.89 105.23 -92.91
C GLU M 1108 -31.15 105.90 -93.39
N PRO M 1109 -31.30 107.20 -93.16
CA PRO M 1109 -32.54 107.90 -93.54
C PRO M 1109 -32.69 108.08 -95.04
N GLN M 1110 -33.75 107.51 -95.61
CA GLN M 1110 -34.06 107.65 -97.02
C GLN M 1110 -35.42 108.33 -97.18
N ILE M 1111 -35.74 108.69 -98.42
CA ILE M 1111 -37.01 109.33 -98.74
C ILE M 1111 -38.09 108.26 -98.87
N ILE M 1112 -39.30 108.60 -98.48
CA ILE M 1112 -40.42 107.65 -98.47
C ILE M 1112 -41.04 107.69 -99.87
N THR M 1113 -40.54 106.84 -100.75
CA THR M 1113 -41.07 106.73 -102.11
C THR M 1113 -42.15 105.65 -102.15
N THR M 1114 -42.59 105.30 -103.36
CA THR M 1114 -43.60 104.27 -103.54
C THR M 1114 -43.02 102.87 -103.48
N ASP M 1115 -41.72 102.70 -103.75
CA ASP M 1115 -41.09 101.38 -103.72
C ASP M 1115 -40.73 100.95 -102.31
N ASN M 1116 -40.38 101.89 -101.43
CA ASN M 1116 -39.98 101.55 -100.07
C ASN M 1116 -41.16 101.15 -99.19
N THR M 1117 -42.39 101.50 -99.58
CA THR M 1117 -43.58 101.20 -98.79
C THR M 1117 -44.60 100.47 -99.65
N PHE M 1118 -45.69 100.05 -99.01
CA PHE M 1118 -46.78 99.38 -99.70
C PHE M 1118 -48.08 99.76 -99.02
N VAL M 1119 -49.14 99.87 -99.83
CA VAL M 1119 -50.45 100.29 -99.35
C VAL M 1119 -51.26 99.06 -98.96
N SER M 1120 -52.01 99.18 -97.86
CA SER M 1120 -52.86 98.08 -97.40
C SER M 1120 -54.00 98.70 -96.59
N GLY M 1121 -55.17 98.79 -97.19
CA GLY M 1121 -56.33 99.34 -96.52
C GLY M 1121 -56.38 100.86 -96.58
N ASN M 1122 -57.19 101.42 -95.69
CA ASN M 1122 -57.36 102.85 -95.59
C ASN M 1122 -57.05 103.30 -94.16
N CYS M 1123 -56.99 104.62 -93.98
CA CYS M 1123 -56.58 105.23 -92.71
C CYS M 1123 -57.80 105.34 -91.77
N ASP M 1124 -58.27 104.17 -91.34
CA ASP M 1124 -59.41 104.11 -90.42
C ASP M 1124 -59.21 103.16 -89.24
N VAL M 1125 -58.32 102.18 -89.33
CA VAL M 1125 -58.16 101.19 -88.28
C VAL M 1125 -56.80 101.26 -87.60
N VAL M 1126 -55.75 101.69 -88.30
CA VAL M 1126 -54.43 101.78 -87.70
C VAL M 1126 -54.42 102.91 -86.68
N ILE M 1127 -54.03 102.59 -85.45
CA ILE M 1127 -54.02 103.54 -84.34
C ILE M 1127 -52.63 104.15 -84.26
N GLY M 1128 -52.57 105.48 -84.33
CA GLY M 1128 -51.32 106.20 -84.26
C GLY M 1128 -50.71 106.57 -85.59
N ILE M 1129 -51.48 106.51 -86.68
CA ILE M 1129 -50.96 106.80 -88.01
C ILE M 1129 -50.85 108.31 -88.19
N VAL M 1130 -49.63 108.78 -88.46
CA VAL M 1130 -49.39 110.19 -88.72
C VAL M 1130 -49.70 110.49 -90.18
N ASN M 1131 -49.78 111.76 -90.53
CA ASN M 1131 -50.01 112.11 -91.90
C ASN M 1131 -48.70 112.56 -92.48
N ASN M 1132 -48.58 112.37 -93.78
CA ASN M 1132 -47.40 112.82 -94.52
C ASN M 1132 -47.66 112.59 -96.00
N THR M 1133 -46.80 113.17 -96.84
CA THR M 1133 -46.91 113.05 -98.29
C THR M 1133 -45.78 112.16 -98.78
N VAL M 1134 -46.13 111.03 -99.38
CA VAL M 1134 -45.15 110.08 -99.91
C VAL M 1134 -44.63 110.59 -101.24
N TYR M 1135 -43.53 110.01 -101.72
CA TYR M 1135 -42.93 110.38 -103.00
C TYR M 1135 -43.22 109.30 -104.02
N ASP M 1136 -43.02 109.66 -105.29
CA ASP M 1136 -43.25 108.74 -106.40
C ASP M 1136 -42.24 109.04 -107.50
N PRO M 1137 -41.55 108.02 -108.01
CA PRO M 1137 -40.55 108.29 -109.08
C PRO M 1137 -41.17 108.69 -110.40
N LEU M 1138 -42.41 108.26 -110.67
CA LEU M 1138 -43.04 108.57 -111.95
C LEU M 1138 -43.54 110.00 -112.02
N GLN M 1139 -43.77 110.64 -110.88
CA GLN M 1139 -44.30 112.00 -110.87
C GLN M 1139 -43.34 113.01 -111.50
N PRO M 1140 -42.05 113.06 -111.15
CA PRO M 1140 -41.17 114.04 -111.82
C PRO M 1140 -40.98 113.74 -113.30
N GLU M 1141 -40.94 112.45 -113.68
CA GLU M 1141 -40.75 112.05 -115.06
C GLU M 1141 -42.08 111.90 -115.81
N LEU M 1142 -43.14 112.55 -115.34
CA LEU M 1142 -44.44 112.49 -115.98
C LEU M 1142 -44.64 113.60 -117.01
N ASP M 1143 -43.78 114.62 -117.01
CA ASP M 1143 -43.92 115.69 -117.99
C ASP M 1143 -43.48 115.24 -119.38
N SER M 1144 -42.30 114.64 -119.48
CA SER M 1144 -41.79 114.16 -120.75
C SER M 1144 -42.50 112.89 -121.19
N GLU N 1 -61.21 24.30 4.47
CA GLU N 1 -60.05 25.18 4.30
C GLU N 1 -58.78 24.47 4.74
N VAL N 2 -58.35 24.77 5.96
CA VAL N 2 -57.14 24.15 6.49
C VAL N 2 -57.45 22.70 6.87
N GLN N 3 -56.64 21.77 6.36
CA GLN N 3 -56.80 20.33 6.62
C GLN N 3 -55.46 19.79 7.11
N LEU N 4 -55.28 19.79 8.43
CA LEU N 4 -54.05 19.29 9.04
C LEU N 4 -54.21 17.81 9.36
N VAL N 5 -54.05 17.00 8.32
CA VAL N 5 -54.17 15.56 8.46
C VAL N 5 -52.90 15.02 9.12
N GLU N 6 -53.07 14.17 10.12
CA GLU N 6 -51.96 13.62 10.89
C GLU N 6 -51.86 12.12 10.63
N SER N 7 -50.66 11.65 10.32
CA SER N 7 -50.40 10.24 10.08
C SER N 7 -49.31 9.75 11.01
N GLY N 8 -49.31 8.44 11.24
CA GLY N 8 -48.35 7.82 12.13
C GLY N 8 -48.83 7.71 13.56
N GLY N 9 -48.95 6.49 14.06
CA GLY N 9 -49.40 6.27 15.43
C GLY N 9 -49.96 4.88 15.65
N GLY N 10 -49.67 4.30 16.80
CA GLY N 10 -50.16 2.97 17.11
C GLY N 10 -49.52 2.44 18.38
N LEU N 11 -49.52 1.12 18.50
CA LEU N 11 -48.96 0.44 19.66
C LEU N 11 -47.49 0.10 19.39
N VAL N 12 -46.61 0.56 20.27
CA VAL N 12 -45.18 0.29 20.17
C VAL N 12 -44.66 -0.10 21.55
N GLN N 13 -43.62 -0.94 21.56
CA GLN N 13 -43.05 -1.37 22.82
C GLN N 13 -42.25 -0.25 23.47
N PRO N 14 -42.20 -0.20 24.80
CA PRO N 14 -41.41 0.83 25.48
C PRO N 14 -39.93 0.69 25.16
N GLY N 15 -39.34 1.76 24.64
CA GLY N 15 -37.95 1.79 24.26
C GLY N 15 -37.71 1.84 22.76
N ARG N 16 -38.75 1.77 21.95
CA ARG N 16 -38.62 1.82 20.51
C ARG N 16 -38.82 3.25 20.01
N SER N 17 -38.84 3.40 18.69
CA SER N 17 -38.97 4.71 18.06
C SER N 17 -40.01 4.65 16.95
N LEU N 18 -40.57 5.82 16.62
CA LEU N 18 -41.55 5.94 15.56
C LEU N 18 -41.47 7.34 14.97
N ARG N 19 -42.10 7.51 13.80
CA ARG N 19 -42.09 8.77 13.08
C ARG N 19 -43.53 9.26 12.91
N LEU N 20 -43.79 10.48 13.36
CA LEU N 20 -45.09 11.11 13.19
C LEU N 20 -45.03 12.16 12.09
N SER N 21 -46.13 12.29 11.36
CA SER N 21 -46.22 13.24 10.26
C SER N 21 -47.53 14.02 10.36
N CYS N 22 -47.51 15.22 9.77
CA CYS N 22 -48.70 16.07 9.73
C CYS N 22 -48.69 16.81 8.39
N ALA N 23 -49.41 16.27 7.41
CA ALA N 23 -49.47 16.87 6.09
C ALA N 23 -50.42 18.06 6.11
N ALA N 24 -49.90 19.24 5.80
CA ALA N 24 -50.70 20.46 5.77
C ALA N 24 -51.33 20.66 4.41
N SER N 25 -52.52 21.27 4.40
CA SER N 25 -53.25 21.53 3.17
C SER N 25 -54.27 22.62 3.43
N GLY N 26 -54.23 23.66 2.59
CA GLY N 26 -55.15 24.78 2.73
C GLY N 26 -54.46 26.12 2.80
N PHE N 27 -53.28 26.15 3.41
CA PHE N 27 -52.48 27.36 3.57
C PHE N 27 -51.09 27.13 3.00
N THR N 28 -50.25 28.15 3.13
CA THR N 28 -48.87 28.09 2.66
C THR N 28 -47.96 27.64 3.79
N PHE N 29 -47.25 26.53 3.58
CA PHE N 29 -46.36 25.99 4.61
C PHE N 29 -45.01 26.70 4.57
N ASP N 30 -45.04 28.03 4.52
CA ASP N 30 -43.82 28.82 4.58
C ASP N 30 -43.95 30.07 5.44
N ASP N 31 -45.14 30.35 5.99
CA ASP N 31 -45.35 31.56 6.79
C ASP N 31 -46.17 31.33 8.04
N TYR N 32 -46.40 30.08 8.46
CA TYR N 32 -47.19 29.78 9.64
C TYR N 32 -46.48 28.73 10.48
N ALA N 33 -46.37 28.98 11.77
CA ALA N 33 -45.72 28.04 12.66
C ALA N 33 -46.68 26.92 13.06
N ILE N 34 -46.16 25.70 13.11
CA ILE N 34 -46.93 24.53 13.52
C ILE N 34 -46.19 23.82 14.64
N HIS N 35 -46.91 23.50 15.71
CA HIS N 35 -46.34 22.89 16.89
C HIS N 35 -46.95 21.50 17.11
N TRP N 36 -46.39 20.80 18.11
CA TRP N 36 -46.90 19.51 18.54
C TRP N 36 -47.33 19.61 20.00
N VAL N 37 -48.53 19.13 20.29
CA VAL N 37 -49.09 19.16 21.64
C VAL N 37 -49.84 17.87 21.89
N ARG N 38 -49.51 17.18 22.98
CA ARG N 38 -50.19 15.96 23.37
C ARG N 38 -51.34 16.27 24.32
N GLN N 39 -52.21 15.28 24.50
CA GLN N 39 -53.35 15.43 25.41
C GLN N 39 -53.67 14.04 25.98
N ALA N 40 -53.30 13.85 27.25
CA ALA N 40 -53.63 12.60 27.92
C ALA N 40 -55.15 12.49 28.08
N PRO N 41 -55.69 11.27 28.02
CA PRO N 41 -57.15 11.11 28.13
C PRO N 41 -57.71 11.64 29.44
N GLY N 42 -58.51 12.70 29.36
CA GLY N 42 -59.11 13.29 30.54
C GLY N 42 -58.12 13.87 31.53
N LYS N 43 -56.91 14.21 31.08
CA LYS N 43 -55.89 14.76 31.95
C LYS N 43 -55.20 15.95 31.30
N GLY N 44 -55.98 16.81 30.65
CA GLY N 44 -55.45 18.03 30.08
C GLY N 44 -54.52 17.80 28.90
N LEU N 45 -53.97 18.91 28.41
CA LEU N 45 -53.02 18.90 27.30
C LEU N 45 -51.61 19.16 27.80
N GLU N 46 -50.65 19.01 26.90
CA GLU N 46 -49.25 19.22 27.23
C GLU N 46 -48.48 19.51 25.95
N TRP N 47 -47.76 20.63 25.94
CA TRP N 47 -47.00 21.05 24.78
C TRP N 47 -45.70 20.25 24.67
N VAL N 48 -45.40 19.79 23.45
CA VAL N 48 -44.24 18.95 23.23
C VAL N 48 -43.10 19.78 22.64
N SER N 49 -43.32 20.35 21.48
CA SER N 49 -42.31 21.15 20.79
C SER N 49 -43.01 21.96 19.70
N GLY N 50 -42.23 22.66 18.89
CA GLY N 50 -42.78 23.46 17.82
C GLY N 50 -41.69 24.04 16.95
N ILE N 51 -42.10 24.46 15.76
CA ILE N 51 -41.18 25.04 14.77
C ILE N 51 -41.86 26.27 14.16
N THR N 52 -41.08 27.31 13.91
CA THR N 52 -41.59 28.56 13.38
C THR N 52 -41.82 28.39 11.87
N TRP N 53 -42.08 29.52 11.18
CA TRP N 53 -42.33 29.46 9.75
C TRP N 53 -41.13 28.89 8.99
N ASN N 54 -39.93 29.28 9.38
CA ASN N 54 -38.72 28.72 8.79
C ASN N 54 -38.27 27.51 9.61
N SER N 55 -37.15 26.92 9.20
CA SER N 55 -36.60 25.79 9.94
C SER N 55 -35.98 26.27 11.23
N GLY N 56 -36.76 26.26 12.32
CA GLY N 56 -36.26 26.71 13.60
C GLY N 56 -36.96 26.08 14.78
N THR N 57 -36.19 25.48 15.68
CA THR N 57 -36.77 24.87 16.88
C THR N 57 -37.04 25.93 17.94
N ILE N 58 -38.22 25.87 18.53
CA ILE N 58 -38.63 26.85 19.53
C ILE N 58 -38.53 26.29 20.95
N GLY N 59 -38.01 25.08 21.10
CA GLY N 59 -37.80 24.48 22.41
C GLY N 59 -38.67 23.24 22.61
N TYR N 60 -38.43 22.60 23.76
CA TYR N 60 -39.14 21.41 24.16
C TYR N 60 -39.71 21.61 25.57
N ALA N 61 -40.23 20.54 26.14
CA ALA N 61 -40.74 20.55 27.49
C ALA N 61 -39.61 20.19 28.47
N ASP N 62 -39.95 19.99 29.74
CA ASP N 62 -38.97 19.63 30.75
C ASP N 62 -38.82 18.12 30.91
N SER N 63 -39.47 17.32 30.06
CA SER N 63 -39.41 15.88 30.16
C SER N 63 -39.18 15.18 28.83
N VAL N 64 -39.00 15.93 27.74
CA VAL N 64 -38.81 15.36 26.41
C VAL N 64 -37.50 15.79 25.79
N LYS N 65 -36.64 16.48 26.54
CA LYS N 65 -35.36 16.91 26.02
C LYS N 65 -34.43 15.73 25.81
N GLY N 66 -33.75 15.71 24.67
CA GLY N 66 -32.84 14.64 24.33
C GLY N 66 -33.48 13.42 23.71
N ARG N 67 -34.76 13.17 23.97
CA ARG N 67 -35.45 12.02 23.41
C ARG N 67 -36.26 12.36 22.16
N PHE N 68 -36.85 13.55 22.11
CA PHE N 68 -37.67 13.95 20.97
C PHE N 68 -36.90 14.94 20.09
N THR N 69 -37.07 14.79 18.79
CA THR N 69 -36.45 15.67 17.81
C THR N 69 -37.46 16.02 16.74
N ILE N 70 -37.76 17.30 16.58
CA ILE N 70 -38.76 17.78 15.64
C ILE N 70 -38.04 18.34 14.41
N SER N 71 -38.63 18.12 13.24
CA SER N 71 -38.07 18.59 11.99
C SER N 71 -39.18 19.11 11.10
N ARG N 72 -38.83 20.06 10.23
CA ARG N 72 -39.78 20.70 9.32
C ARG N 72 -39.32 20.49 7.89
N ASP N 73 -40.28 20.22 7.00
CA ASP N 73 -40.02 20.01 5.58
C ASP N 73 -40.96 20.92 4.79
N ASN N 74 -40.44 22.05 4.32
CA ASN N 74 -41.25 22.99 3.56
C ASN N 74 -41.49 22.55 2.13
N ALA N 75 -40.69 21.62 1.61
CA ALA N 75 -40.86 21.17 0.23
C ALA N 75 -42.08 20.27 0.09
N LYS N 76 -42.28 19.35 1.02
CA LYS N 76 -43.41 18.43 0.97
C LYS N 76 -44.60 18.90 1.79
N ASN N 77 -44.48 20.04 2.46
CA ASN N 77 -45.55 20.62 3.28
C ASN N 77 -46.04 19.61 4.33
N SER N 78 -45.11 19.22 5.21
CA SER N 78 -45.41 18.27 6.27
C SER N 78 -44.43 18.47 7.41
N LEU N 79 -44.93 18.44 8.64
CA LEU N 79 -44.12 18.56 9.83
C LEU N 79 -43.93 17.18 10.46
N TYR N 80 -42.69 16.88 10.85
CA TYR N 80 -42.35 15.58 11.40
C TYR N 80 -41.85 15.72 12.83
N LEU N 81 -42.10 14.69 13.63
CA LEU N 81 -41.67 14.64 15.03
C LEU N 81 -41.15 13.25 15.33
N GLN N 82 -39.88 13.17 15.70
CA GLN N 82 -39.24 11.91 16.03
C GLN N 82 -39.28 11.68 17.54
N MET N 83 -39.61 10.46 17.94
CA MET N 83 -39.72 10.08 19.35
C MET N 83 -38.80 8.90 19.61
N ASN N 84 -37.84 9.08 20.53
CA ASN N 84 -36.92 8.03 20.91
C ASN N 84 -37.08 7.70 22.38
N SER N 85 -36.88 6.43 22.72
CA SER N 85 -36.95 5.93 24.09
C SER N 85 -38.29 6.27 24.73
N LEU N 86 -39.36 5.75 24.14
CA LEU N 86 -40.69 5.98 24.67
C LEU N 86 -40.90 5.21 25.97
N ARG N 87 -41.61 5.82 26.91
CA ARG N 87 -41.91 5.23 28.21
C ARG N 87 -43.42 5.15 28.40
N ALA N 88 -43.82 4.74 29.60
CA ALA N 88 -45.24 4.54 29.89
C ALA N 88 -46.00 5.85 30.01
N GLU N 89 -45.32 6.96 30.27
CA GLU N 89 -45.97 8.26 30.41
C GLU N 89 -46.00 9.05 29.10
N ASP N 90 -46.00 8.36 27.96
CA ASP N 90 -46.05 9.01 26.66
C ASP N 90 -47.29 8.61 25.88
N THR N 91 -48.34 8.15 26.55
CA THR N 91 -49.58 7.73 25.90
C THR N 91 -50.55 8.90 25.93
N ALA N 92 -50.72 9.56 24.80
CA ALA N 92 -51.59 10.73 24.70
C ALA N 92 -51.91 10.97 23.23
N LEU N 93 -52.83 11.90 22.99
CA LEU N 93 -53.22 12.28 21.63
C LEU N 93 -52.35 13.46 21.20
N TYR N 94 -51.32 13.16 20.41
CA TYR N 94 -50.44 14.21 19.90
C TYR N 94 -51.14 14.96 18.77
N TYR N 95 -51.40 16.24 19.00
CA TYR N 95 -52.10 17.06 18.02
C TYR N 95 -51.11 17.82 17.15
N CYS N 96 -51.63 18.43 16.09
CA CYS N 96 -50.86 19.21 15.12
C CYS N 96 -51.54 20.57 15.00
N ALA N 97 -51.10 21.53 15.80
CA ALA N 97 -51.72 22.85 15.86
C ALA N 97 -50.87 23.86 15.10
N LYS N 98 -51.55 24.77 14.40
CA LYS N 98 -50.91 25.81 13.60
C LYS N 98 -50.80 27.09 14.44
N HIS N 99 -50.41 28.19 13.79
CA HIS N 99 -50.32 29.50 14.43
C HIS N 99 -51.11 30.51 13.62
N HIS N 100 -51.68 31.50 14.32
CA HIS N 100 -52.53 32.49 13.65
C HIS N 100 -51.69 33.56 12.94
N GLN N 101 -50.73 34.16 13.64
CA GLN N 101 -49.96 35.25 13.06
C GLN N 101 -49.03 34.74 11.97
N ILE N 102 -48.49 35.67 11.19
CA ILE N 102 -47.59 35.36 10.10
C ILE N 102 -46.13 35.36 10.54
N ALA N 103 -45.86 35.67 11.82
CA ALA N 103 -44.51 35.66 12.39
C ALA N 103 -43.58 36.61 11.62
N VAL N 104 -43.91 37.90 11.70
CA VAL N 104 -43.08 38.91 11.06
C VAL N 104 -41.70 38.93 11.71
N ALA N 105 -40.74 39.56 11.00
CA ALA N 105 -39.35 39.56 11.41
C ALA N 105 -39.14 40.20 12.78
N GLY N 106 -39.43 41.51 12.88
CA GLY N 106 -39.22 42.20 14.13
C GLY N 106 -40.46 42.27 15.00
N ASP N 107 -40.57 41.35 15.96
CA ASP N 107 -41.70 41.31 16.89
C ASP N 107 -41.21 40.68 18.19
N ALA N 108 -42.16 40.30 19.04
CA ALA N 108 -41.87 39.60 20.28
C ALA N 108 -42.38 38.16 20.18
N GLU N 109 -41.65 37.24 20.81
CA GLU N 109 -42.02 35.83 20.75
C GLU N 109 -43.34 35.60 21.48
N ASP N 110 -44.40 35.34 20.72
CA ASP N 110 -45.72 35.10 21.29
C ASP N 110 -46.48 34.19 20.33
N TYR N 111 -46.53 32.90 20.65
CA TYR N 111 -47.15 31.89 19.80
C TYR N 111 -48.43 31.41 20.43
N TYR N 112 -49.52 31.44 19.66
CA TYR N 112 -50.81 30.92 20.11
C TYR N 112 -51.47 30.19 18.96
N PHE N 113 -52.07 29.04 19.26
CA PHE N 113 -52.60 28.16 18.22
C PHE N 113 -53.94 28.67 17.71
N ASP N 114 -54.19 28.43 16.42
CA ASP N 114 -55.42 28.86 15.77
C ASP N 114 -56.17 27.73 15.08
N TYR N 115 -55.47 26.80 14.43
CA TYR N 115 -56.09 25.65 13.77
C TYR N 115 -55.62 24.38 14.44
N TRP N 116 -56.56 23.50 14.77
CA TRP N 116 -56.26 22.23 15.42
C TRP N 116 -56.64 21.07 14.49
N GLY N 117 -56.16 19.88 14.86
CA GLY N 117 -56.45 18.69 14.10
C GLY N 117 -57.19 17.64 14.90
N GLN N 118 -56.92 16.36 14.61
CA GLN N 118 -57.56 15.26 15.32
C GLN N 118 -56.60 14.46 16.19
N GLY N 119 -55.35 14.29 15.76
CA GLY N 119 -54.36 13.57 16.53
C GLY N 119 -54.39 12.07 16.29
N THR N 120 -53.29 11.42 16.67
CA THR N 120 -53.13 9.99 16.54
C THR N 120 -52.83 9.39 17.91
N LEU N 121 -53.59 8.37 18.29
CA LEU N 121 -53.41 7.71 19.58
C LEU N 121 -52.12 6.90 19.54
N VAL N 122 -51.10 7.39 20.24
CA VAL N 122 -49.80 6.71 20.30
C VAL N 122 -49.74 6.04 21.68
N THR N 123 -50.11 4.77 21.72
CA THR N 123 -50.06 3.99 22.95
C THR N 123 -48.75 3.22 23.04
N VAL N 124 -48.16 3.23 24.24
CA VAL N 124 -46.87 2.59 24.49
C VAL N 124 -47.07 1.66 25.68
N SER N 125 -47.04 0.35 25.42
CA SER N 125 -47.18 -0.65 26.47
C SER N 125 -46.53 -1.95 26.01
N SER N 126 -46.57 -2.95 26.88
CA SER N 126 -45.99 -4.25 26.59
C SER N 126 -46.99 -5.21 25.94
N ALA N 127 -48.25 -4.83 25.83
CA ALA N 127 -49.25 -5.71 25.23
C ALA N 127 -49.06 -5.76 23.72
N SER N 128 -49.83 -6.65 23.08
CA SER N 128 -49.77 -6.84 21.64
C SER N 128 -51.12 -6.47 21.01
N THR N 129 -51.09 -6.19 19.72
CA THR N 129 -52.31 -5.84 18.99
C THR N 129 -53.16 -7.07 18.77
N LYS N 130 -54.48 -6.90 18.93
CA LYS N 130 -55.44 -7.97 18.74
C LYS N 130 -56.40 -7.61 17.62
N GLY N 131 -56.87 -8.63 16.91
CA GLY N 131 -57.79 -8.44 15.80
C GLY N 131 -59.21 -8.23 16.26
N PRO N 132 -59.89 -7.24 15.69
CA PRO N 132 -61.28 -6.97 16.07
C PRO N 132 -62.19 -8.12 15.67
N SER N 133 -63.39 -8.11 16.26
CA SER N 133 -64.39 -9.14 16.01
C SER N 133 -65.74 -8.46 15.83
N VAL N 134 -66.10 -8.20 14.58
CA VAL N 134 -67.38 -7.55 14.26
C VAL N 134 -68.47 -8.61 14.22
N PHE N 135 -69.62 -8.29 14.81
CA PHE N 135 -70.74 -9.21 14.83
C PHE N 135 -72.02 -8.50 14.40
N PRO N 136 -72.85 -9.17 13.60
CA PRO N 136 -74.09 -8.53 13.12
C PRO N 136 -75.22 -8.61 14.13
N LEU N 137 -75.27 -7.65 15.05
CA LEU N 137 -76.35 -7.58 16.05
C LEU N 137 -77.71 -7.66 15.38
N ALA N 138 -78.53 -8.59 15.86
CA ALA N 138 -79.80 -8.87 15.20
C ALA N 138 -80.80 -7.74 15.45
N PRO N 139 -81.34 -7.11 14.42
CA PRO N 139 -82.44 -6.13 14.57
C PRO N 139 -83.77 -6.84 14.81
N SER N 140 -84.02 -7.18 16.07
CA SER N 140 -85.18 -7.95 16.49
C SER N 140 -86.49 -7.32 16.01
N SER N 141 -87.54 -8.12 15.90
CA SER N 141 -88.81 -7.70 15.33
C SER N 141 -89.70 -6.94 16.30
N LYS N 142 -89.14 -6.42 17.39
CA LYS N 142 -89.92 -5.60 18.33
C LYS N 142 -90.28 -4.29 17.63
N SER N 143 -91.53 -4.17 17.20
CA SER N 143 -91.99 -3.02 16.43
C SER N 143 -93.15 -2.36 17.16
N THR N 144 -92.88 -1.23 17.81
CA THR N 144 -93.90 -0.42 18.45
C THR N 144 -94.04 0.94 17.77
N SER N 145 -92.95 1.69 17.66
CA SER N 145 -92.93 2.95 16.93
C SER N 145 -92.39 2.71 15.53
N GLY N 146 -92.12 3.80 14.82
CA GLY N 146 -91.60 3.70 13.46
C GLY N 146 -90.20 3.11 13.39
N GLY N 147 -89.24 3.77 14.03
CA GLY N 147 -87.86 3.32 14.00
C GLY N 147 -87.37 2.76 15.31
N THR N 148 -88.20 1.96 15.98
CA THR N 148 -87.82 1.39 17.26
C THR N 148 -86.78 0.27 17.11
N ALA N 149 -86.73 -0.39 15.95
CA ALA N 149 -85.76 -1.44 15.70
C ALA N 149 -84.42 -0.82 15.30
N ALA N 150 -83.33 -1.41 15.77
CA ALA N 150 -81.99 -0.90 15.49
C ALA N 150 -81.01 -2.06 15.38
N LEU N 151 -80.03 -1.91 14.48
CA LEU N 151 -78.99 -2.88 14.28
C LEU N 151 -77.63 -2.19 14.38
N GLY N 152 -76.61 -2.97 14.72
CA GLY N 152 -75.28 -2.44 14.86
C GLY N 152 -74.23 -3.53 14.83
N CYS N 153 -73.02 -3.15 15.23
CA CYS N 153 -71.88 -4.05 15.26
C CYS N 153 -71.44 -4.27 16.71
N LEU N 154 -70.63 -5.31 16.91
CA LEU N 154 -70.19 -5.74 18.24
C LEU N 154 -68.68 -5.93 18.27
N VAL N 155 -67.95 -4.94 17.76
CA VAL N 155 -66.49 -4.97 17.72
C VAL N 155 -65.93 -5.16 19.13
N LYS N 156 -65.01 -6.09 19.29
CA LYS N 156 -64.42 -6.39 20.59
C LYS N 156 -63.05 -7.02 20.37
N ASP N 157 -62.35 -7.26 21.47
CA ASP N 157 -61.03 -7.92 21.48
C ASP N 157 -60.02 -7.14 20.64
N TYR N 158 -59.74 -5.91 21.09
CA TYR N 158 -58.75 -5.06 20.46
C TYR N 158 -58.13 -4.16 21.52
N PHE N 159 -56.80 -4.19 21.61
CA PHE N 159 -56.09 -3.42 22.63
C PHE N 159 -56.00 -1.94 22.26
N PRO N 160 -55.50 -1.57 21.07
CA PRO N 160 -55.49 -0.15 20.72
C PRO N 160 -56.88 0.31 20.33
N GLU N 161 -57.10 1.63 20.41
CA GLU N 161 -58.42 2.15 20.06
C GLU N 161 -58.38 3.27 19.04
N PRO N 162 -57.80 3.06 17.82
CA PRO N 162 -58.03 3.98 16.70
C PRO N 162 -59.22 3.55 15.85
N VAL N 163 -60.36 3.35 16.50
CA VAL N 163 -61.52 2.73 15.85
C VAL N 163 -62.30 3.78 15.07
N THR N 164 -62.64 3.45 13.83
CA THR N 164 -63.48 4.29 12.99
C THR N 164 -64.48 3.38 12.27
N VAL N 165 -65.77 3.65 12.47
CA VAL N 165 -66.84 2.82 11.91
C VAL N 165 -67.45 3.55 10.73
N SER N 166 -67.67 2.82 9.64
CA SER N 166 -68.36 3.32 8.46
C SER N 166 -69.54 2.41 8.14
N TRP N 167 -70.48 2.94 7.37
CA TRP N 167 -71.69 2.20 7.02
C TRP N 167 -71.80 1.87 5.54
N ASN N 168 -71.72 2.89 4.66
CA ASN N 168 -71.75 2.64 3.22
C ASN N 168 -70.44 3.01 2.55
N SER N 169 -69.98 4.26 2.70
CA SER N 169 -68.70 4.64 2.11
C SER N 169 -67.98 5.70 2.93
N GLY N 170 -68.39 5.98 4.17
CA GLY N 170 -67.91 7.14 4.89
C GLY N 170 -68.93 8.25 4.81
N ALA N 171 -70.19 7.90 4.99
CA ALA N 171 -71.31 8.80 4.78
C ALA N 171 -72.42 8.42 5.75
N LEU N 172 -73.63 8.91 5.50
CA LEU N 172 -74.79 8.72 6.38
C LEU N 172 -74.49 9.31 7.77
N THR N 173 -74.36 10.64 7.77
CA THR N 173 -74.07 11.39 8.98
C THR N 173 -75.29 11.57 9.88
N SER N 174 -76.31 10.74 9.72
CA SER N 174 -77.52 10.83 10.52
C SER N 174 -77.23 10.28 11.92
N GLY N 175 -78.29 10.10 12.72
CA GLY N 175 -78.15 9.63 14.08
C GLY N 175 -77.49 8.27 14.20
N VAL N 176 -76.24 8.25 14.67
CA VAL N 176 -75.50 7.02 14.90
C VAL N 176 -74.78 7.18 16.24
N HIS N 177 -75.28 6.49 17.27
CA HIS N 177 -74.73 6.62 18.62
C HIS N 177 -73.62 5.58 18.77
N THR N 178 -72.39 6.00 18.51
CA THR N 178 -71.22 5.14 18.67
C THR N 178 -70.78 5.21 20.13
N PHE N 179 -71.10 4.17 20.89
CA PHE N 179 -70.78 4.17 22.31
C PHE N 179 -69.26 4.01 22.51
N PRO N 180 -68.71 4.71 23.51
CA PRO N 180 -67.27 4.58 23.77
C PRO N 180 -66.90 3.18 24.24
N ALA N 181 -65.61 2.85 24.10
CA ALA N 181 -65.11 1.56 24.50
C ALA N 181 -64.88 1.51 26.01
N VAL N 182 -64.52 0.33 26.50
CA VAL N 182 -64.29 0.13 27.93
C VAL N 182 -63.30 -1.03 28.10
N LEU N 183 -62.33 -0.85 28.98
CA LEU N 183 -61.35 -1.89 29.28
C LEU N 183 -62.02 -2.96 30.14
N GLN N 184 -62.22 -4.14 29.57
CA GLN N 184 -62.92 -5.21 30.27
C GLN N 184 -61.97 -6.03 31.15
N SER N 185 -61.22 -5.34 32.01
CA SER N 185 -60.30 -5.93 32.98
C SER N 185 -59.27 -6.85 32.33
N SER N 186 -59.06 -6.74 31.02
CA SER N 186 -58.08 -7.58 30.32
C SER N 186 -57.28 -6.80 29.29
N GLY N 187 -57.46 -5.48 29.20
CA GLY N 187 -56.78 -4.66 28.23
C GLY N 187 -57.53 -4.46 26.94
N LEU N 188 -58.46 -5.35 26.61
CA LEU N 188 -59.23 -5.24 25.39
C LEU N 188 -60.35 -4.21 25.56
N TYR N 189 -61.05 -3.92 24.47
CA TYR N 189 -62.12 -2.94 24.48
C TYR N 189 -63.29 -3.51 23.69
N SER N 190 -64.39 -2.74 23.63
CA SER N 190 -65.60 -3.20 22.96
C SER N 190 -66.30 -2.00 22.33
N LEU N 191 -66.65 -2.11 21.06
CA LEU N 191 -67.30 -1.04 20.31
C LEU N 191 -68.68 -1.49 19.85
N SER N 192 -69.59 -0.52 19.75
CA SER N 192 -70.95 -0.78 19.31
C SER N 192 -71.57 0.53 18.83
N SER N 193 -72.52 0.41 17.90
CA SER N 193 -73.19 1.56 17.33
C SER N 193 -74.68 1.25 17.19
N VAL N 194 -75.48 2.31 17.16
CA VAL N 194 -76.93 2.20 17.03
C VAL N 194 -77.40 3.19 15.98
N VAL N 195 -78.17 2.71 15.00
CA VAL N 195 -78.71 3.55 13.94
C VAL N 195 -80.22 3.65 14.09
N THR N 196 -80.85 4.51 13.28
CA THR N 196 -82.29 4.62 13.31
C THR N 196 -82.96 3.33 12.84
N VAL N 197 -82.53 2.82 11.69
CA VAL N 197 -83.03 1.57 11.11
C VAL N 197 -84.55 1.59 11.03
N PRO N 198 -85.15 2.34 10.10
CA PRO N 198 -86.61 2.34 9.96
C PRO N 198 -87.15 1.02 9.44
N SER N 199 -88.46 0.96 9.19
CA SER N 199 -89.11 -0.24 8.70
C SER N 199 -88.41 -0.79 7.47
N SER N 200 -87.90 -2.02 7.58
CA SER N 200 -87.10 -2.63 6.53
C SER N 200 -88.04 -3.18 5.46
N SER N 201 -88.08 -2.52 4.31
CA SER N 201 -88.87 -2.96 3.15
C SER N 201 -88.03 -2.85 1.89
N LEU N 202 -86.79 -3.35 1.96
CA LEU N 202 -85.83 -3.29 0.87
C LEU N 202 -85.52 -1.85 0.49
N GLY N 203 -85.81 -0.91 1.39
CA GLY N 203 -85.53 0.49 1.17
C GLY N 203 -84.68 1.10 2.28
N THR N 204 -83.72 0.32 2.78
CA THR N 204 -82.89 0.76 3.90
C THR N 204 -81.42 0.70 3.55
N GLN N 205 -80.56 0.89 4.54
CA GLN N 205 -79.12 0.90 4.32
C GLN N 205 -78.64 -0.47 3.83
N THR N 206 -77.41 -0.49 3.32
CA THR N 206 -76.82 -1.71 2.75
C THR N 206 -76.43 -2.74 3.81
N TYR N 207 -76.63 -2.44 5.09
CA TYR N 207 -76.31 -3.34 6.20
C TYR N 207 -74.83 -3.74 6.16
N ILE N 208 -73.97 -2.73 6.30
CA ILE N 208 -72.52 -2.92 6.26
C ILE N 208 -71.91 -2.09 7.39
N CYS N 209 -70.98 -2.69 8.14
CA CYS N 209 -70.28 -2.02 9.23
C CYS N 209 -68.78 -2.15 8.99
N ASN N 210 -68.21 -1.20 8.25
CA ASN N 210 -66.78 -1.20 7.97
C ASN N 210 -66.03 -0.65 9.16
N VAL N 211 -65.11 -1.45 9.71
CA VAL N 211 -64.31 -1.07 10.87
C VAL N 211 -62.85 -1.07 10.46
N ASN N 212 -62.18 0.06 10.64
CA ASN N 212 -60.77 0.21 10.27
C ASN N 212 -59.95 0.35 11.54
N HIS N 213 -58.96 -0.53 11.71
CA HIS N 213 -58.04 -0.52 12.85
C HIS N 213 -56.62 -0.56 12.30
N LYS N 214 -55.87 0.51 12.50
CA LYS N 214 -54.54 0.63 11.90
C LYS N 214 -53.53 -0.36 12.50
N PRO N 215 -53.39 -0.46 13.83
CA PRO N 215 -52.43 -1.44 14.37
C PRO N 215 -52.80 -2.88 14.09
N SER N 216 -54.03 -3.15 13.64
CA SER N 216 -54.51 -4.50 13.33
C SER N 216 -55.22 -4.49 11.97
N ASN N 217 -54.54 -3.93 10.97
CA ASN N 217 -55.11 -3.69 9.65
C ASN N 217 -55.84 -4.92 9.11
N THR N 218 -57.14 -4.78 8.93
CA THR N 218 -58.01 -5.82 8.39
C THR N 218 -59.33 -5.21 7.96
N LYS N 219 -59.72 -5.44 6.70
CA LYS N 219 -60.94 -4.86 6.14
C LYS N 219 -62.07 -5.84 6.35
N VAL N 220 -62.94 -5.55 7.32
CA VAL N 220 -64.10 -6.37 7.62
C VAL N 220 -65.30 -5.80 6.88
N ASP N 221 -65.90 -6.61 6.01
CA ASP N 221 -67.04 -6.21 5.20
C ASP N 221 -68.17 -7.21 5.34
N LYS N 222 -68.45 -7.62 6.58
CA LYS N 222 -69.53 -8.56 6.85
C LYS N 222 -70.87 -7.82 6.97
N LYS N 223 -71.91 -8.46 6.46
CA LYS N 223 -73.23 -7.85 6.42
C LYS N 223 -74.04 -8.21 7.67
N VAL N 224 -75.15 -7.50 7.86
CA VAL N 224 -76.04 -7.70 8.98
C VAL N 224 -77.42 -8.09 8.45
N GLU N 225 -78.03 -9.10 9.05
CA GLU N 225 -79.33 -9.59 8.64
C GLU N 225 -80.19 -9.81 9.87
N PRO N 226 -81.51 -9.60 9.76
CA PRO N 226 -82.44 -9.82 10.87
C PRO N 226 -82.49 -11.28 11.33
N TYR O 2 -42.77 28.30 33.85
CA TYR O 2 -43.85 28.93 34.60
C TYR O 2 -44.81 27.86 35.13
N GLU O 3 -45.83 28.30 35.86
CA GLU O 3 -46.82 27.39 36.42
C GLU O 3 -48.12 28.15 36.61
N LEU O 4 -49.15 27.76 35.87
CA LEU O 4 -50.47 28.39 35.97
C LEU O 4 -51.38 27.54 36.85
N THR O 5 -52.22 28.21 37.62
CA THR O 5 -53.16 27.56 38.53
C THR O 5 -54.58 27.90 38.11
N GLN O 6 -55.39 26.87 37.86
CA GLN O 6 -56.77 27.03 37.45
C GLN O 6 -57.70 26.30 38.39
N PRO O 7 -58.93 26.78 38.58
CA PRO O 7 -59.90 26.05 39.39
C PRO O 7 -60.24 24.71 38.76
N PRO O 8 -60.33 23.65 39.55
CA PRO O 8 -60.63 22.32 38.98
C PRO O 8 -61.99 22.24 38.31
N SER O 9 -62.99 22.95 38.83
CA SER O 9 -64.32 22.93 38.25
C SER O 9 -65.09 24.15 38.73
N VAL O 10 -65.77 24.81 37.80
CA VAL O 10 -66.58 25.99 38.10
C VAL O 10 -67.93 25.81 37.44
N SER O 11 -68.99 25.77 38.23
CA SER O 11 -70.35 25.63 37.74
C SER O 11 -71.14 26.90 38.01
N VAL O 12 -72.05 27.22 37.11
CA VAL O 12 -72.88 28.42 37.24
C VAL O 12 -74.19 28.18 36.50
N ALA O 13 -75.28 28.72 37.04
CA ALA O 13 -76.57 28.61 36.40
C ALA O 13 -76.58 29.42 35.09
N PRO O 14 -77.41 29.02 34.11
CA PRO O 14 -77.45 29.75 32.85
C PRO O 14 -78.25 31.04 32.95
N GLY O 15 -78.00 31.83 33.99
CA GLY O 15 -78.66 33.12 34.14
C GLY O 15 -77.66 34.26 34.30
N GLN O 16 -76.45 33.94 34.74
CA GLN O 16 -75.40 34.92 34.98
C GLN O 16 -74.14 34.50 34.23
N THR O 17 -73.04 35.18 34.53
CA THR O 17 -71.74 34.91 33.92
C THR O 17 -70.91 34.01 34.83
N ALA O 18 -69.86 33.44 34.23
CA ALA O 18 -68.92 32.59 34.95
C ALA O 18 -67.61 33.33 35.19
N ARG O 19 -66.81 32.79 36.10
CA ARG O 19 -65.55 33.41 36.51
C ARG O 19 -64.44 32.36 36.42
N ILE O 20 -63.70 32.37 35.31
CA ILE O 20 -62.56 31.48 35.11
C ILE O 20 -61.29 32.31 35.16
N THR O 21 -60.40 31.99 36.09
CA THR O 21 -59.19 32.75 36.32
C THR O 21 -57.95 31.87 36.14
N CYS O 22 -56.85 32.51 35.77
CA CYS O 22 -55.54 31.84 35.67
C CYS O 22 -54.49 32.79 36.22
N GLY O 23 -53.92 32.43 37.37
CA GLY O 23 -52.94 33.28 38.03
C GLY O 23 -51.59 32.60 38.10
N GLY O 24 -50.55 33.42 38.17
CA GLY O 24 -49.19 32.91 38.28
C GLY O 24 -48.35 33.66 39.29
N ASN O 25 -47.11 33.99 38.94
CA ASN O 25 -46.20 34.71 39.83
C ASN O 25 -46.14 36.20 39.47
N ASN O 26 -45.78 36.52 38.24
CA ASN O 26 -45.68 37.89 37.77
C ASN O 26 -46.26 38.00 36.36
N ILE O 27 -47.40 37.36 36.13
CA ILE O 27 -48.03 37.36 34.80
C ILE O 27 -48.96 38.57 34.77
N GLY O 28 -48.37 39.71 34.42
CA GLY O 28 -49.13 40.95 34.31
C GLY O 28 -48.93 41.67 33.00
N SER O 29 -47.84 41.35 32.30
CA SER O 29 -47.51 41.97 31.03
C SER O 29 -47.49 41.01 29.87
N LYS O 30 -47.10 39.76 30.10
CA LYS O 30 -47.07 38.77 29.02
C LYS O 30 -48.49 38.41 28.58
N SER O 31 -48.63 38.15 27.29
CA SER O 31 -49.95 37.88 26.73
C SER O 31 -50.54 36.60 27.30
N VAL O 32 -51.86 36.60 27.48
CA VAL O 32 -52.59 35.46 28.02
C VAL O 32 -53.60 35.01 26.96
N HIS O 33 -53.43 33.79 26.46
CA HIS O 33 -54.33 33.22 25.47
C HIS O 33 -55.17 32.11 26.09
N TRP O 34 -56.38 31.95 25.57
CA TRP O 34 -57.32 30.96 26.06
C TRP O 34 -57.72 30.00 24.94
N TYR O 35 -58.26 28.84 25.34
CA TYR O 35 -58.72 27.83 24.40
C TYR O 35 -59.94 27.14 24.96
N GLN O 36 -60.78 26.62 24.07
CA GLN O 36 -61.97 25.87 24.42
C GLN O 36 -61.99 24.57 23.63
N GLN O 37 -62.18 23.46 24.33
CA GLN O 37 -62.16 22.13 23.71
C GLN O 37 -63.45 21.40 24.08
N LYS O 38 -64.30 21.15 23.09
CA LYS O 38 -65.49 20.34 23.32
C LYS O 38 -65.07 18.90 23.60
N PRO O 39 -65.84 18.18 24.44
CA PRO O 39 -65.46 16.81 24.78
C PRO O 39 -65.56 15.86 23.59
N GLY O 40 -64.41 15.37 23.14
CA GLY O 40 -64.37 14.45 22.01
C GLY O 40 -63.94 15.13 20.72
N GLN O 41 -64.29 16.40 20.56
CA GLN O 41 -63.96 17.16 19.38
C GLN O 41 -62.58 17.80 19.53
N ALA O 42 -62.23 18.69 18.58
CA ALA O 42 -60.95 19.39 18.59
C ALA O 42 -61.07 20.72 19.33
N PRO O 43 -59.98 21.18 19.94
CA PRO O 43 -60.03 22.46 20.67
C PRO O 43 -60.28 23.62 19.71
N VAL O 44 -61.21 24.49 20.08
CA VAL O 44 -61.53 25.67 19.30
C VAL O 44 -60.88 26.88 19.98
N LEU O 45 -60.68 27.93 19.19
CA LEU O 45 -60.05 29.15 19.70
C LEU O 45 -61.11 30.10 20.26
N VAL O 46 -60.78 30.73 21.38
CA VAL O 46 -61.61 31.74 22.01
C VAL O 46 -60.80 33.02 22.15
N VAL O 47 -61.37 34.01 22.83
CA VAL O 47 -60.75 35.32 23.02
C VAL O 47 -59.30 35.16 23.47
N TYR O 48 -58.38 35.78 22.73
CA TYR O 48 -56.96 35.72 23.01
C TYR O 48 -56.41 37.12 23.23
N ASP O 49 -55.25 37.19 23.87
CA ASP O 49 -54.56 38.44 24.23
C ASP O 49 -55.39 39.34 25.12
N ASP O 50 -56.54 38.85 25.62
CA ASP O 50 -57.41 39.59 26.53
C ASP O 50 -57.89 40.91 25.94
N SER O 51 -57.75 41.08 24.62
CA SER O 51 -58.18 42.31 23.98
C SER O 51 -58.87 42.12 22.63
N ASP O 52 -59.05 40.88 22.18
CA ASP O 52 -59.68 40.63 20.88
C ASP O 52 -60.06 39.16 20.78
N ARG O 53 -61.01 38.87 19.89
CA ARG O 53 -61.51 37.54 19.66
C ARG O 53 -61.31 37.14 18.20
N PRO O 54 -61.17 35.84 17.91
CA PRO O 54 -61.02 35.40 16.53
C PRO O 54 -62.30 35.57 15.73
N SER O 55 -62.26 35.18 14.45
CA SER O 55 -63.43 35.29 13.59
C SER O 55 -64.36 34.09 13.83
N GLY O 56 -65.60 34.38 14.19
CA GLY O 56 -66.61 33.36 14.47
C GLY O 56 -67.09 33.36 15.91
N ILE O 57 -66.20 33.70 16.84
CA ILE O 57 -66.59 33.72 18.27
C ILE O 57 -67.52 34.90 18.51
N PRO O 58 -68.68 34.68 19.14
CA PRO O 58 -69.60 35.79 19.39
C PRO O 58 -69.05 36.77 20.42
N GLU O 59 -69.79 37.86 20.61
CA GLU O 59 -69.43 38.88 21.58
C GLU O 59 -69.57 38.41 23.02
N ARG O 60 -70.22 37.26 23.24
CA ARG O 60 -70.41 36.75 24.59
C ARG O 60 -69.08 36.45 25.28
N PHE O 61 -68.09 36.01 24.53
CA PHE O 61 -66.78 35.69 25.11
C PHE O 61 -65.96 36.96 25.30
N SER O 62 -65.39 37.12 26.50
CA SER O 62 -64.57 38.28 26.81
C SER O 62 -63.48 37.87 27.79
N GLY O 63 -62.44 38.70 27.85
CA GLY O 63 -61.31 38.43 28.72
C GLY O 63 -60.73 39.71 29.28
N SER O 64 -60.01 39.57 30.40
CA SER O 64 -59.41 40.72 31.06
C SER O 64 -58.33 40.22 32.02
N ASN O 65 -57.18 40.88 32.01
CA ASN O 65 -56.07 40.55 32.89
C ASN O 65 -55.67 41.79 33.67
N SER O 66 -55.39 41.61 34.96
CA SER O 66 -55.04 42.73 35.83
C SER O 66 -54.06 42.23 36.89
N GLY O 67 -52.77 42.45 36.65
CA GLY O 67 -51.74 42.15 37.63
C GLY O 67 -51.30 40.71 37.68
N ASN O 68 -52.13 39.84 38.27
CA ASN O 68 -51.80 38.42 38.38
C ASN O 68 -53.04 37.55 38.20
N THR O 69 -54.05 38.04 37.48
CA THR O 69 -55.28 37.29 37.30
C THR O 69 -55.88 37.62 35.95
N ALA O 70 -56.08 36.60 35.12
CA ALA O 70 -56.71 36.74 33.82
C ALA O 70 -58.10 36.10 33.88
N THR O 71 -59.14 36.90 33.73
CA THR O 71 -60.51 36.46 33.87
C THR O 71 -61.15 36.32 32.49
N LEU O 72 -61.57 35.10 32.16
CA LEU O 72 -62.27 34.82 30.91
C LEU O 72 -63.76 34.92 31.21
N THR O 73 -64.30 36.13 31.04
CA THR O 73 -65.69 36.42 31.39
C THR O 73 -66.60 36.06 30.23
N ILE O 74 -67.25 34.90 30.33
CA ILE O 74 -68.21 34.46 29.33
C ILE O 74 -69.60 34.92 29.76
N SER O 75 -70.33 35.57 28.86
CA SER O 75 -71.65 36.10 29.14
C SER O 75 -72.73 35.20 28.56
N ARG O 76 -73.82 35.07 29.30
CA ARG O 76 -74.99 34.29 28.88
C ARG O 76 -74.60 32.85 28.54
N VAL O 77 -74.12 32.14 29.57
CA VAL O 77 -73.71 30.75 29.39
C VAL O 77 -74.93 29.89 29.07
N GLU O 78 -74.79 29.01 28.10
CA GLU O 78 -75.85 28.12 27.66
C GLU O 78 -75.42 26.67 27.85
N ALA O 79 -76.30 25.75 27.42
CA ALA O 79 -75.99 24.33 27.56
C ALA O 79 -74.88 23.90 26.61
N GLY O 80 -74.86 24.47 25.41
CA GLY O 80 -73.83 24.13 24.43
C GLY O 80 -72.47 24.74 24.69
N ASP O 81 -72.28 25.41 25.83
CA ASP O 81 -71.01 26.04 26.18
C ASP O 81 -70.20 25.22 27.18
N GLU O 82 -70.69 24.05 27.58
CA GLU O 82 -69.96 23.20 28.51
C GLU O 82 -68.80 22.53 27.80
N ALA O 83 -67.58 22.95 28.12
CA ALA O 83 -66.38 22.41 27.51
C ALA O 83 -65.21 22.61 28.47
N ASP O 84 -64.04 22.15 28.06
CA ASP O 84 -62.82 22.25 28.86
C ASP O 84 -62.05 23.48 28.39
N TYR O 85 -61.99 24.49 29.25
CA TYR O 85 -61.35 25.76 28.93
C TYR O 85 -59.93 25.77 29.48
N TYR O 86 -58.97 26.06 28.61
CA TYR O 86 -57.56 26.14 28.98
C TYR O 86 -57.04 27.56 28.72
N CYS O 87 -56.04 27.94 29.51
CA CYS O 87 -55.36 29.24 29.35
C CYS O 87 -53.90 29.00 29.02
N GLN O 88 -53.37 29.82 28.12
CA GLN O 88 -52.02 29.65 27.60
C GLN O 88 -51.14 30.84 27.98
N VAL O 89 -49.85 30.56 28.16
CA VAL O 89 -48.86 31.59 28.45
C VAL O 89 -47.56 31.19 27.75
N TRP O 90 -46.69 32.17 27.55
CA TRP O 90 -45.45 31.92 26.83
C TRP O 90 -44.27 31.62 27.76
N ASP O 91 -43.99 32.53 28.70
CA ASP O 91 -42.90 32.37 29.66
C ASP O 91 -41.55 32.22 28.93
N SER O 92 -41.16 33.31 28.27
CA SER O 92 -39.93 33.35 27.50
C SER O 92 -38.69 33.10 28.34
N ARG O 93 -38.84 33.06 29.67
CA ARG O 93 -37.71 32.78 30.55
C ARG O 93 -37.26 31.33 30.43
N SER O 94 -38.17 30.42 30.09
CA SER O 94 -37.86 29.00 29.97
C SER O 94 -38.00 28.47 28.55
N ASP O 95 -38.45 29.30 27.61
CA ASP O 95 -38.62 28.91 26.21
C ASP O 95 -39.55 27.70 26.08
N ARG O 96 -40.74 27.83 26.67
CA ARG O 96 -41.72 26.75 26.66
C ARG O 96 -43.10 27.26 26.32
N VAL O 97 -44.11 26.40 26.41
CA VAL O 97 -45.51 26.79 26.30
C VAL O 97 -46.26 26.15 27.48
N VAL O 98 -46.42 26.92 28.55
CA VAL O 98 -46.95 26.38 29.81
C VAL O 98 -48.47 26.38 29.74
N PHE O 99 -49.06 25.18 29.80
CA PHE O 99 -50.49 25.01 29.91
C PHE O 99 -50.87 24.77 31.37
N GLY O 100 -52.13 24.43 31.61
CA GLY O 100 -52.59 24.15 32.96
C GLY O 100 -53.84 23.30 32.93
N GLY O 101 -54.15 22.74 34.11
CA GLY O 101 -55.34 21.92 34.26
C GLY O 101 -56.61 22.70 33.98
N GLY O 102 -57.28 22.38 32.88
CA GLY O 102 -58.46 23.12 32.47
C GLY O 102 -59.61 22.98 33.45
N THR O 103 -60.55 23.92 33.32
CA THR O 103 -61.73 23.96 34.17
C THR O 103 -62.93 23.39 33.41
N LYS O 104 -63.69 22.53 34.10
CA LYS O 104 -64.86 21.89 33.50
C LYS O 104 -66.09 22.73 33.81
N LEU O 105 -66.37 23.68 32.92
CA LEU O 105 -67.54 24.53 33.07
C LEU O 105 -68.80 23.72 32.80
N THR O 106 -69.67 23.61 33.80
CA THR O 106 -70.91 22.86 33.69
C THR O 106 -72.07 23.76 34.10
N ALA O 107 -73.00 23.98 33.17
CA ALA O 107 -74.17 24.81 33.45
C ALA O 107 -75.09 24.07 34.42
N LEU O 108 -75.12 24.52 35.67
CA LEU O 108 -75.93 23.88 36.69
C LEU O 108 -77.39 24.30 36.55
N GLY O 109 -78.30 23.32 36.68
CA GLY O 109 -79.72 23.60 36.61
C GLY O 109 -80.33 23.28 35.26
N GLN O 110 -79.98 22.12 34.69
CA GLN O 110 -80.55 21.72 33.42
C GLN O 110 -81.69 20.73 33.64
N PRO O 111 -82.66 20.69 32.72
CA PRO O 111 -83.78 19.74 32.87
C PRO O 111 -83.30 18.29 32.83
N LYS O 112 -84.08 17.42 33.45
CA LYS O 112 -83.74 16.01 33.50
C LYS O 112 -83.95 15.35 32.14
N ALA O 113 -83.41 14.14 32.00
CA ALA O 113 -83.55 13.37 30.78
C ALA O 113 -83.64 11.89 31.14
N ALA O 114 -84.76 11.27 30.80
CA ALA O 114 -84.96 9.87 31.13
C ALA O 114 -84.20 8.99 30.13
N PRO O 115 -83.29 8.14 30.60
CA PRO O 115 -82.55 7.28 29.68
C PRO O 115 -83.41 6.13 29.17
N SER O 116 -83.21 5.80 27.89
CA SER O 116 -83.91 4.70 27.26
C SER O 116 -82.96 3.51 27.09
N VAL O 117 -83.38 2.34 27.54
CA VAL O 117 -82.57 1.13 27.47
C VAL O 117 -82.90 0.41 26.18
N THR O 118 -81.88 -0.15 25.52
CA THR O 118 -82.03 -0.87 24.27
C THR O 118 -81.33 -2.21 24.40
N LEU O 119 -82.10 -3.30 24.40
CA LEU O 119 -81.54 -4.64 24.53
C LEU O 119 -81.17 -5.20 23.17
N PHE O 120 -79.97 -5.75 23.07
CA PHE O 120 -79.49 -6.40 21.86
C PHE O 120 -79.12 -7.84 22.18
N PRO O 121 -79.90 -8.82 21.73
CA PRO O 121 -79.58 -10.21 22.01
C PRO O 121 -78.34 -10.65 21.25
N PRO O 122 -77.75 -11.78 21.60
CA PRO O 122 -76.60 -12.29 20.83
C PRO O 122 -76.96 -12.48 19.36
N SER O 123 -75.98 -12.24 18.50
CA SER O 123 -76.19 -12.31 17.06
C SER O 123 -76.44 -13.75 16.62
N SER O 124 -76.70 -13.92 15.33
CA SER O 124 -76.97 -15.26 14.79
C SER O 124 -75.69 -16.03 14.54
N GLU O 125 -74.67 -15.37 13.97
CA GLU O 125 -73.42 -16.04 13.62
C GLU O 125 -72.42 -16.00 14.77
N GLU O 126 -72.85 -16.45 15.94
CA GLU O 126 -71.94 -16.64 17.07
C GLU O 126 -72.24 -17.86 17.91
N LEU O 127 -73.40 -18.50 17.76
CA LEU O 127 -73.72 -19.66 18.59
C LEU O 127 -72.87 -20.87 18.21
N GLN O 128 -72.36 -20.91 16.97
CA GLN O 128 -71.49 -22.01 16.57
C GLN O 128 -70.15 -21.94 17.29
N ALA O 129 -69.70 -20.75 17.66
CA ALA O 129 -68.48 -20.56 18.41
C ALA O 129 -68.84 -20.23 19.87
N ASN O 130 -67.83 -19.88 20.66
CA ASN O 130 -67.99 -19.52 22.06
C ASN O 130 -67.49 -18.09 22.25
N LYS O 131 -68.39 -17.12 22.03
CA LYS O 131 -68.05 -15.71 22.16
C LYS O 131 -68.55 -15.12 23.49
N ALA O 132 -69.86 -15.25 23.76
CA ALA O 132 -70.47 -14.79 25.01
C ALA O 132 -70.22 -13.30 25.23
N THR O 133 -70.82 -12.51 24.33
CA THR O 133 -70.68 -11.05 24.34
C THR O 133 -72.04 -10.38 24.33
N LEU O 134 -72.92 -10.82 25.23
CA LEU O 134 -74.22 -10.17 25.38
C LEU O 134 -74.05 -8.72 25.79
N VAL O 135 -74.73 -7.82 25.07
CA VAL O 135 -74.57 -6.38 25.25
C VAL O 135 -75.91 -5.78 25.65
N CYS O 136 -75.88 -4.90 26.64
CA CYS O 136 -77.06 -4.15 27.08
C CYS O 136 -76.73 -2.66 26.99
N LEU O 137 -77.45 -1.94 26.13
CA LEU O 137 -77.17 -0.54 25.85
C LEU O 137 -78.27 0.35 26.40
N ILE O 138 -77.91 1.61 26.67
CA ILE O 138 -78.83 2.63 27.15
C ILE O 138 -78.64 3.88 26.31
N SER O 139 -79.70 4.67 26.20
CA SER O 139 -79.67 5.89 25.40
C SER O 139 -79.02 7.03 26.19
N ASP O 140 -79.12 8.24 25.66
CA ASP O 140 -78.52 9.39 26.31
C ASP O 140 -79.34 9.84 27.52
N PHE O 141 -78.68 10.55 28.43
CA PHE O 141 -79.33 11.04 29.64
C PHE O 141 -78.47 12.15 30.24
N TYR O 142 -79.13 13.17 30.79
CA TYR O 142 -78.42 14.27 31.42
C TYR O 142 -77.90 13.89 32.81
N PRO O 143 -78.74 13.38 33.73
CA PRO O 143 -78.22 13.05 35.06
C PRO O 143 -77.37 11.79 35.01
N GLY O 144 -76.06 11.95 35.20
CA GLY O 144 -75.14 10.83 35.15
C GLY O 144 -75.15 9.99 36.41
N ALA O 145 -74.06 9.25 36.63
CA ALA O 145 -73.90 8.39 37.81
C ALA O 145 -75.04 7.37 37.89
N VAL O 146 -75.13 6.53 36.86
CA VAL O 146 -76.16 5.51 36.76
C VAL O 146 -75.53 4.15 37.01
N THR O 147 -76.25 3.28 37.71
CA THR O 147 -75.80 1.93 38.02
C THR O 147 -76.64 0.93 37.24
N VAL O 148 -75.99 0.16 36.37
CA VAL O 148 -76.67 -0.83 35.56
C VAL O 148 -76.69 -2.14 36.32
N ALA O 149 -77.87 -2.56 36.78
CA ALA O 149 -78.03 -3.80 37.50
C ALA O 149 -78.43 -4.90 36.53
N TRP O 150 -77.68 -6.01 36.53
CA TRP O 150 -77.94 -7.13 35.64
C TRP O 150 -78.84 -8.14 36.33
N LYS O 151 -79.85 -8.61 35.61
CA LYS O 151 -80.75 -9.66 36.07
C LYS O 151 -80.58 -10.85 35.14
N ALA O 152 -79.59 -11.69 35.44
CA ALA O 152 -79.28 -12.86 34.61
C ALA O 152 -80.08 -14.05 35.11
N ASP O 153 -80.84 -14.67 34.20
CA ASP O 153 -81.68 -15.82 34.51
C ASP O 153 -82.71 -15.47 35.58
N SER O 154 -83.29 -14.27 35.47
CA SER O 154 -84.31 -13.77 36.40
C SER O 154 -83.80 -13.77 37.85
N SER O 155 -82.51 -13.51 38.03
CA SER O 155 -81.90 -13.50 39.36
C SER O 155 -80.72 -12.54 39.34
N PRO O 156 -80.45 -11.86 40.45
CA PRO O 156 -79.30 -10.94 40.50
C PRO O 156 -77.97 -11.69 40.41
N VAL O 157 -77.26 -11.52 39.31
CA VAL O 157 -75.97 -12.17 39.07
C VAL O 157 -74.97 -11.07 38.76
N LYS O 158 -74.07 -10.80 39.70
CA LYS O 158 -73.05 -9.76 39.53
C LYS O 158 -71.63 -10.28 39.67
N ALA O 159 -71.45 -11.57 39.99
CA ALA O 159 -70.10 -12.11 40.15
C ALA O 159 -69.37 -12.28 38.83
N GLY O 160 -70.08 -12.25 37.71
CA GLY O 160 -69.45 -12.43 36.41
C GLY O 160 -68.59 -11.23 36.02
N VAL O 161 -67.87 -11.41 34.92
CA VAL O 161 -66.99 -10.37 34.41
C VAL O 161 -67.85 -9.26 33.79
N GLU O 162 -67.78 -8.07 34.36
CA GLU O 162 -68.54 -6.92 33.87
C GLU O 162 -67.59 -5.82 33.42
N THR O 163 -68.17 -4.77 32.84
CA THR O 163 -67.42 -3.61 32.38
C THR O 163 -67.73 -2.37 33.21
N THR O 164 -69.01 -1.99 33.30
CA THR O 164 -69.46 -0.83 34.06
C THR O 164 -68.66 0.42 33.69
N THR O 165 -68.75 0.78 32.42
CA THR O 165 -68.04 1.95 31.93
C THR O 165 -68.65 3.23 32.49
N PRO O 166 -67.83 4.22 32.83
CA PRO O 166 -68.38 5.48 33.32
C PRO O 166 -69.06 6.26 32.21
N SER O 167 -69.99 7.12 32.60
CA SER O 167 -70.71 7.93 31.62
C SER O 167 -69.78 8.95 30.97
N LYS O 168 -69.81 8.98 29.65
CA LYS O 168 -69.00 9.90 28.86
C LYS O 168 -69.86 11.08 28.40
N GLN O 169 -69.27 11.96 27.60
CA GLN O 169 -69.94 13.15 27.11
C GLN O 169 -70.29 12.99 25.64
N SER O 170 -71.51 13.36 25.28
CA SER O 170 -71.98 13.27 23.90
C SER O 170 -73.13 14.26 23.74
N ASN O 171 -72.93 15.30 22.93
CA ASN O 171 -73.89 16.39 22.72
C ASN O 171 -74.57 16.80 24.02
N ASN O 172 -73.75 17.03 25.04
CA ASN O 172 -74.20 17.45 26.37
C ASN O 172 -75.17 16.44 26.98
N LYS O 173 -74.98 15.16 26.68
CA LYS O 173 -75.82 14.09 27.21
C LYS O 173 -74.93 12.90 27.56
N TYR O 174 -75.03 12.42 28.79
CA TYR O 174 -74.22 11.31 29.24
C TYR O 174 -74.79 9.99 28.73
N ALA O 175 -73.90 9.02 28.51
CA ALA O 175 -74.29 7.71 28.04
C ALA O 175 -73.22 6.70 28.42
N ALA O 176 -73.62 5.44 28.56
CA ALA O 176 -72.70 4.38 28.93
C ALA O 176 -73.20 3.07 28.31
N SER O 177 -72.57 1.97 28.71
CA SER O 177 -72.91 0.65 28.21
C SER O 177 -72.68 -0.37 29.31
N SER O 178 -72.92 -1.64 28.99
CA SER O 178 -72.74 -2.71 29.96
C SER O 178 -72.57 -4.03 29.21
N TYR O 179 -71.71 -4.89 29.76
CA TYR O 179 -71.44 -6.20 29.16
C TYR O 179 -71.32 -7.23 30.27
N LEU O 180 -72.18 -8.25 30.23
CA LEU O 180 -72.11 -9.34 31.20
C LEU O 180 -72.70 -10.59 30.56
N SER O 181 -71.85 -11.52 30.14
CA SER O 181 -72.28 -12.77 29.54
C SER O 181 -71.50 -13.93 30.14
N LEU O 182 -71.45 -13.98 31.47
CA LEU O 182 -70.70 -15.02 32.18
C LEU O 182 -71.24 -16.43 31.93
N THR O 183 -72.31 -16.57 31.16
CA THR O 183 -72.93 -17.86 30.85
C THR O 183 -71.92 -18.82 30.21
N PRO O 184 -72.20 -20.13 30.23
CA PRO O 184 -71.30 -21.09 29.58
C PRO O 184 -71.45 -21.08 28.05
N GLU O 185 -72.03 -20.01 27.52
CA GLU O 185 -72.39 -19.77 26.13
C GLU O 185 -73.70 -20.47 25.77
N GLN O 186 -74.29 -21.23 26.69
CA GLN O 186 -75.65 -21.73 26.52
C GLN O 186 -76.63 -20.82 27.27
N TRP O 187 -76.67 -19.56 26.82
CA TRP O 187 -77.47 -18.55 27.51
C TRP O 187 -78.97 -18.78 27.35
N LYS O 188 -79.38 -19.56 26.36
CA LYS O 188 -80.79 -19.85 26.12
C LYS O 188 -81.27 -20.99 27.02
N SER O 189 -81.03 -20.82 28.33
CA SER O 189 -81.39 -21.87 29.28
C SER O 189 -82.87 -21.81 29.64
N HIS O 190 -83.29 -20.73 30.30
CA HIS O 190 -84.67 -20.53 30.72
C HIS O 190 -84.80 -19.19 31.43
N ARG O 191 -86.05 -18.80 31.68
CA ARG O 191 -86.41 -17.71 32.58
C ARG O 191 -85.89 -16.35 32.11
N SER O 192 -85.67 -16.20 30.80
CA SER O 192 -85.58 -14.89 30.15
C SER O 192 -84.48 -14.02 30.76
N TYR O 193 -83.24 -14.44 30.53
CA TYR O 193 -82.08 -13.61 30.86
C TYR O 193 -82.30 -12.18 30.38
N SER O 194 -82.31 -11.23 31.31
CA SER O 194 -82.73 -9.87 31.04
C SER O 194 -81.66 -8.89 31.50
N CYS O 195 -81.97 -7.60 31.38
CA CYS O 195 -81.09 -6.51 31.78
C CYS O 195 -81.94 -5.39 32.37
N GLN O 196 -81.36 -4.68 33.34
CA GLN O 196 -82.05 -3.61 34.04
C GLN O 196 -81.16 -2.38 34.15
N VAL O 197 -81.77 -1.21 34.20
CA VAL O 197 -81.07 0.06 34.41
C VAL O 197 -81.79 0.81 35.53
N THR O 198 -81.02 1.19 36.55
CA THR O 198 -81.57 1.85 37.75
C THR O 198 -81.00 3.27 37.81
N HIS O 199 -81.83 4.25 37.48
CA HIS O 199 -81.44 5.65 37.57
C HIS O 199 -81.88 6.22 38.92
N GLU O 200 -81.48 7.46 39.19
CA GLU O 200 -81.87 8.14 40.43
C GLU O 200 -83.36 8.46 40.36
N GLY O 201 -84.16 7.73 41.13
CA GLY O 201 -85.61 7.90 41.10
C GLY O 201 -86.31 6.70 40.49
N SER O 202 -86.87 6.87 39.30
CA SER O 202 -87.52 5.77 38.62
C SER O 202 -86.51 4.97 37.81
N THR O 203 -86.81 3.69 37.63
CA THR O 203 -85.95 2.78 36.88
C THR O 203 -86.70 2.25 35.66
N VAL O 204 -85.94 1.92 34.61
CA VAL O 204 -86.51 1.40 33.36
C VAL O 204 -86.19 -0.08 33.27
N GLU O 205 -87.15 -0.86 32.80
CA GLU O 205 -87.01 -2.30 32.65
C GLU O 205 -87.27 -2.71 31.22
N LYS O 206 -86.53 -3.71 30.76
CA LYS O 206 -86.68 -4.24 29.41
C LYS O 206 -86.02 -5.60 29.34
N THR O 207 -86.74 -6.59 28.83
CA THR O 207 -86.27 -7.96 28.72
C THR O 207 -86.22 -8.38 27.25
N VAL O 208 -85.81 -9.63 27.03
CA VAL O 208 -85.73 -10.19 25.69
C VAL O 208 -86.59 -11.45 25.63
N ALA O 209 -86.61 -12.10 24.47
CA ALA O 209 -87.39 -13.32 24.33
C ALA O 209 -86.79 -14.43 25.19
N PRO O 210 -87.61 -15.23 25.87
CA PRO O 210 -87.08 -16.31 26.73
C PRO O 210 -86.57 -17.51 25.93
N THR O 211 -85.61 -17.25 25.05
CA THR O 211 -85.03 -18.30 24.21
C THR O 211 -83.59 -17.95 23.84
N GLN P 14 9.60 -15.73 -66.74
CA GLN P 14 10.94 -15.21 -66.50
C GLN P 14 11.29 -14.14 -67.52
N CYS P 15 12.28 -13.30 -67.19
CA CYS P 15 12.69 -12.24 -68.08
C CYS P 15 13.43 -12.82 -69.28
N VAL P 16 12.98 -12.46 -70.49
CA VAL P 16 13.59 -12.91 -71.73
C VAL P 16 13.91 -11.68 -72.59
N ASN P 17 14.71 -11.91 -73.63
CA ASN P 17 15.10 -10.85 -74.55
C ASN P 17 15.46 -11.48 -75.88
N LEU P 18 14.69 -11.17 -76.92
CA LEU P 18 14.93 -11.73 -78.23
C LEU P 18 16.17 -11.10 -78.88
N THR P 19 16.59 -11.68 -79.99
CA THR P 19 17.76 -11.20 -80.72
C THR P 19 17.34 -10.08 -81.66
N THR P 20 18.29 -9.61 -82.48
CA THR P 20 18.09 -8.53 -83.45
C THR P 20 17.58 -7.25 -82.81
N ARG P 21 17.78 -7.09 -81.51
CA ARG P 21 17.37 -5.87 -80.79
C ARG P 21 18.58 -4.94 -80.66
N THR P 22 18.98 -4.37 -81.79
CA THR P 22 20.18 -3.56 -81.87
C THR P 22 20.10 -2.31 -80.99
N GLN P 23 19.19 -1.38 -81.34
CA GLN P 23 19.09 -0.10 -80.65
C GLN P 23 17.85 0.63 -81.13
N LEU P 24 17.21 1.36 -80.23
CA LEU P 24 16.08 2.22 -80.56
C LEU P 24 16.03 3.37 -79.57
N PRO P 25 16.75 4.44 -79.84
CA PRO P 25 16.72 5.60 -78.94
C PRO P 25 15.43 6.37 -79.07
N PRO P 26 14.92 6.94 -77.97
CA PRO P 26 13.70 7.75 -78.05
C PRO P 26 13.77 8.86 -79.09
N ALA P 27 12.63 9.24 -79.63
CA ALA P 27 12.54 10.29 -80.63
C ALA P 27 11.44 11.27 -80.22
N TYR P 28 11.08 12.16 -81.13
CA TYR P 28 10.07 13.12 -80.82
C TYR P 28 9.27 13.39 -82.06
N THR P 29 8.08 13.92 -81.89
CA THR P 29 7.19 14.27 -82.97
C THR P 29 6.44 15.54 -82.61
N ASN P 30 5.74 16.09 -83.61
CA ASN P 30 4.96 17.31 -83.45
C ASN P 30 3.48 16.95 -83.50
N SER P 31 2.89 16.72 -82.34
CA SER P 31 1.48 16.37 -82.26
C SER P 31 0.62 17.57 -82.64
N PHE P 32 -0.32 17.36 -83.55
CA PHE P 32 -1.21 18.43 -84.00
C PHE P 32 -2.34 18.64 -82.99
N THR P 33 -3.39 19.34 -83.40
CA THR P 33 -4.52 19.62 -82.52
C THR P 33 -5.30 18.32 -82.29
N ARG P 34 -5.05 17.67 -81.16
CA ARG P 34 -5.67 16.40 -80.83
C ARG P 34 -5.39 16.09 -79.36
N GLY P 35 -6.41 15.57 -78.67
CA GLY P 35 -6.25 15.22 -77.28
C GLY P 35 -7.20 15.95 -76.36
N VAL P 36 -8.34 16.38 -76.88
CA VAL P 36 -9.35 17.08 -76.10
C VAL P 36 -10.37 16.08 -75.60
N TYR P 37 -10.61 16.08 -74.29
CA TYR P 37 -11.57 15.18 -73.67
C TYR P 37 -12.67 15.98 -72.99
N TYR P 38 -13.80 15.31 -72.77
CA TYR P 38 -14.91 15.94 -72.06
C TYR P 38 -14.56 16.08 -70.59
N PRO P 39 -14.45 17.31 -70.07
CA PRO P 39 -14.04 17.48 -68.67
C PRO P 39 -15.13 17.21 -67.66
N ASP P 40 -16.38 17.04 -68.10
CA ASP P 40 -17.49 16.83 -67.17
C ASP P 40 -18.64 16.16 -67.92
N LYS P 41 -19.57 15.61 -67.15
CA LYS P 41 -20.72 14.90 -67.70
C LYS P 41 -21.90 15.88 -67.80
N VAL P 42 -21.72 16.90 -68.64
CA VAL P 42 -22.71 17.94 -68.83
C VAL P 42 -22.98 18.09 -70.32
N PHE P 43 -24.26 18.12 -70.70
CA PHE P 43 -24.65 18.29 -72.09
C PHE P 43 -24.70 19.77 -72.44
N ARG P 44 -24.16 20.12 -73.60
CA ARG P 44 -24.19 21.49 -74.10
C ARG P 44 -24.48 21.46 -75.59
N SER P 45 -25.42 22.30 -76.03
CA SER P 45 -25.89 22.28 -77.42
C SER P 45 -25.61 23.62 -78.07
N SER P 46 -24.75 23.61 -79.09
CA SER P 46 -24.48 24.79 -79.92
C SER P 46 -24.04 25.99 -79.09
N VAL P 47 -23.23 25.73 -78.06
CA VAL P 47 -22.71 26.77 -77.20
C VAL P 47 -21.23 26.50 -76.92
N LEU P 48 -20.49 27.57 -76.67
CA LEU P 48 -19.08 27.47 -76.31
C LEU P 48 -18.93 27.40 -74.80
N HIS P 49 -17.76 26.91 -74.37
CA HIS P 49 -17.50 26.74 -72.95
C HIS P 49 -16.00 26.75 -72.72
N SER P 50 -15.59 27.40 -71.63
CA SER P 50 -14.19 27.47 -71.22
C SER P 50 -14.03 26.71 -69.91
N THR P 51 -13.01 25.85 -69.85
CA THR P 51 -12.77 25.03 -68.68
C THR P 51 -11.29 25.02 -68.36
N GLN P 52 -10.97 24.82 -67.08
CA GLN P 52 -9.60 24.76 -66.58
C GLN P 52 -9.36 23.36 -66.02
N ASP P 53 -8.64 22.53 -66.77
CA ASP P 53 -8.33 21.19 -66.35
C ASP P 53 -6.95 20.82 -66.92
N LEU P 54 -6.60 19.54 -66.80
CA LEU P 54 -5.30 19.04 -67.27
C LEU P 54 -5.49 18.50 -68.69
N PHE P 55 -5.28 19.38 -69.67
CA PHE P 55 -5.40 19.01 -71.07
C PHE P 55 -4.02 18.80 -71.69
N LEU P 56 -4.01 18.46 -72.97
CA LEU P 56 -2.77 18.29 -73.71
C LEU P 56 -2.52 19.51 -74.59
N PRO P 57 -1.40 20.21 -74.41
CA PRO P 57 -1.16 21.41 -75.22
C PRO P 57 -1.02 21.08 -76.70
N PHE P 58 -1.60 21.92 -77.54
CA PHE P 58 -1.50 21.74 -78.98
C PHE P 58 -0.12 22.12 -79.48
N PHE P 59 0.31 21.43 -80.54
CA PHE P 59 1.64 21.64 -81.14
C PHE P 59 2.74 21.46 -80.10
N SER P 60 2.60 20.44 -79.26
CA SER P 60 3.56 20.15 -78.22
C SER P 60 4.63 19.19 -78.75
N ASN P 61 5.40 18.58 -77.85
CA ASN P 61 6.48 17.67 -78.26
C ASN P 61 6.30 16.38 -77.55
N VAL P 62 5.70 15.45 -78.24
CA VAL P 62 5.37 14.14 -77.71
C VAL P 62 6.43 13.14 -78.15
N THR P 63 6.73 12.18 -77.28
CA THR P 63 7.75 11.18 -77.59
C THR P 63 7.29 10.29 -78.74
N TRP P 64 8.27 9.70 -79.44
CA TRP P 64 8.00 8.92 -80.64
C TRP P 64 8.48 7.48 -80.48
N PHE P 65 8.09 6.82 -79.39
CA PHE P 65 8.45 5.42 -79.18
C PHE P 65 7.79 4.56 -80.26
N HIS P 66 8.59 4.06 -81.19
CA HIS P 66 8.09 3.19 -82.25
C HIS P 66 8.18 1.74 -81.79
N VAL P 67 7.06 1.02 -81.86
CA VAL P 67 7.02 -0.37 -81.40
C VAL P 67 7.39 -1.22 -82.62
N ILE P 68 8.70 -1.27 -82.89
CA ILE P 68 9.28 -2.15 -83.89
C ILE P 68 10.34 -3.07 -83.27
N ASP P 78 11.57 -2.40 -76.74
CA ASP P 78 11.93 -1.31 -75.84
C ASP P 78 10.68 -0.82 -75.15
N ASN P 79 10.69 -0.84 -73.81
CA ASN P 79 9.57 -0.36 -73.00
C ASN P 79 10.12 0.33 -71.76
N PRO P 80 10.56 1.57 -71.90
CA PRO P 80 11.14 2.28 -70.75
C PRO P 80 10.08 2.61 -69.71
N VAL P 81 10.55 2.94 -68.51
CA VAL P 81 9.70 3.32 -67.40
C VAL P 81 9.62 4.84 -67.39
N LEU P 82 8.53 5.38 -67.94
CA LEU P 82 8.40 6.83 -67.97
C LEU P 82 7.58 7.32 -66.77
N PRO P 83 7.90 8.48 -66.23
CA PRO P 83 7.17 8.99 -65.07
C PRO P 83 5.76 9.42 -65.43
N PHE P 84 4.91 9.48 -64.42
CA PHE P 84 3.50 9.87 -64.55
C PHE P 84 3.30 11.12 -63.70
N ASN P 85 3.53 12.29 -64.31
CA ASN P 85 3.44 13.54 -63.57
C ASN P 85 1.99 13.96 -63.36
N ASP P 86 1.24 14.15 -64.47
CA ASP P 86 -0.15 14.55 -64.36
C ASP P 86 -1.04 13.66 -65.24
N GLY P 87 -0.48 13.11 -66.29
CA GLY P 87 -1.24 12.26 -67.18
C GLY P 87 -0.49 12.02 -68.48
N VAL P 88 -0.99 11.05 -69.23
CA VAL P 88 -0.43 10.68 -70.52
C VAL P 88 -1.55 10.60 -71.55
N TYR P 89 -1.16 10.61 -72.82
CA TYR P 89 -2.10 10.52 -73.93
C TYR P 89 -2.14 9.15 -74.58
N PHE P 90 -0.97 8.55 -74.81
CA PHE P 90 -0.84 7.17 -75.29
C PHE P 90 -1.62 6.96 -76.60
N ALA P 91 -1.16 7.65 -77.64
CA ALA P 91 -1.69 7.44 -78.98
C ALA P 91 -1.04 6.21 -79.61
N SER P 92 -1.86 5.38 -80.25
CA SER P 92 -1.37 4.14 -80.84
C SER P 92 -1.99 3.92 -82.20
N ILE P 93 -1.17 3.49 -83.15
CA ILE P 93 -1.59 3.15 -84.50
C ILE P 93 -0.93 1.83 -84.89
N GLU P 94 -1.73 0.80 -85.08
CA GLU P 94 -1.21 -0.53 -85.41
C GLU P 94 -2.25 -1.29 -86.20
N LYS P 95 -1.84 -2.45 -86.71
CA LYS P 95 -2.72 -3.35 -87.45
C LYS P 95 -2.92 -4.68 -86.72
N SER P 96 -2.71 -4.70 -85.41
CA SER P 96 -2.84 -5.92 -84.62
C SER P 96 -3.29 -5.53 -83.21
N ASN P 97 -3.18 -6.47 -82.29
CA ASN P 97 -3.55 -6.27 -80.89
C ASN P 97 -2.37 -6.56 -79.97
N ILE P 98 -1.20 -6.05 -80.32
CA ILE P 98 0.00 -6.31 -79.53
C ILE P 98 -0.02 -5.48 -78.25
N ILE P 99 -0.42 -4.22 -78.34
CA ILE P 99 -0.52 -3.35 -77.17
C ILE P 99 -1.86 -3.62 -76.52
N ARG P 100 -1.85 -4.36 -75.41
CA ARG P 100 -3.08 -4.72 -74.72
C ARG P 100 -2.94 -4.67 -73.20
N GLY P 101 -2.11 -3.76 -72.68
CA GLY P 101 -1.93 -3.68 -71.25
C GLY P 101 -1.19 -2.43 -70.84
N TRP P 102 -1.36 -2.06 -69.57
CA TRP P 102 -0.64 -0.97 -68.96
C TRP P 102 -0.29 -1.36 -67.53
N ILE P 103 0.72 -0.68 -66.98
CA ILE P 103 1.18 -0.91 -65.61
C ILE P 103 1.37 0.44 -64.94
N PHE P 104 0.69 0.64 -63.82
CA PHE P 104 0.79 1.87 -63.05
C PHE P 104 1.32 1.57 -61.66
N GLY P 105 1.92 2.58 -61.03
CA GLY P 105 2.44 2.43 -59.70
C GLY P 105 3.50 3.48 -59.42
N THR P 106 3.92 3.51 -58.16
CA THR P 106 4.95 4.44 -57.71
C THR P 106 6.32 3.82 -57.60
N THR P 107 6.41 2.51 -57.34
CA THR P 107 7.67 1.80 -57.26
C THR P 107 7.77 0.60 -58.19
N LEU P 108 6.63 0.07 -58.66
CA LEU P 108 6.61 -1.08 -59.57
C LEU P 108 7.28 -2.30 -58.96
N ASP P 109 6.97 -2.55 -57.69
CA ASP P 109 7.52 -3.70 -56.97
C ASP P 109 6.55 -4.07 -55.84
N SER P 110 6.94 -5.06 -55.06
CA SER P 110 6.09 -5.55 -53.97
C SER P 110 6.17 -4.70 -52.71
N LYS P 111 6.95 -3.62 -52.72
CA LYS P 111 7.07 -2.77 -51.54
C LYS P 111 5.83 -1.91 -51.36
N THR P 112 5.37 -1.26 -52.43
CA THR P 112 4.22 -0.39 -52.40
C THR P 112 3.12 -0.93 -53.31
N GLN P 113 2.01 -0.20 -53.37
CA GLN P 113 0.88 -0.62 -54.17
C GLN P 113 1.17 -0.44 -55.66
N SER P 114 0.43 -1.18 -56.48
CA SER P 114 0.60 -1.13 -57.92
C SER P 114 -0.76 -1.27 -58.59
N LEU P 115 -0.78 -1.23 -59.92
CA LEU P 115 -2.00 -1.30 -60.68
C LEU P 115 -1.67 -1.71 -62.11
N LEU P 116 -2.50 -2.59 -62.68
CA LEU P 116 -2.33 -3.03 -64.05
C LEU P 116 -3.69 -3.13 -64.73
N ILE P 117 -3.71 -2.84 -66.02
CA ILE P 117 -4.94 -2.85 -66.83
C ILE P 117 -4.67 -3.78 -68.01
N VAL P 118 -5.03 -5.06 -67.86
CA VAL P 118 -4.82 -6.05 -68.91
C VAL P 118 -6.08 -6.12 -69.77
N ASN P 119 -5.90 -6.08 -71.08
CA ASN P 119 -7.00 -6.11 -72.04
C ASN P 119 -6.90 -7.42 -72.83
N ASN P 120 -7.57 -8.46 -72.36
CA ASN P 120 -7.49 -9.72 -73.09
C ASN P 120 -8.56 -9.86 -74.14
N ALA P 121 -8.29 -10.75 -75.06
CA ALA P 121 -8.98 -10.78 -76.34
C ALA P 121 -10.50 -10.78 -76.23
N THR P 122 -11.06 -10.99 -75.04
CA THR P 122 -12.50 -11.01 -74.88
C THR P 122 -13.03 -10.12 -73.75
N ASN P 123 -12.18 -9.64 -72.85
CA ASN P 123 -12.61 -8.75 -71.78
C ASN P 123 -11.40 -8.01 -71.25
N VAL P 124 -11.66 -7.13 -70.28
CA VAL P 124 -10.64 -6.32 -69.64
C VAL P 124 -10.66 -6.61 -68.14
N VAL P 125 -9.48 -6.73 -67.55
CA VAL P 125 -9.35 -6.97 -66.12
C VAL P 125 -8.44 -5.92 -65.51
N ILE P 126 -8.74 -5.56 -64.26
CA ILE P 126 -7.95 -4.58 -63.51
C ILE P 126 -7.82 -5.06 -62.08
N LYS P 127 -6.59 -5.09 -61.58
CA LYS P 127 -6.31 -5.58 -60.23
C LYS P 127 -5.34 -4.65 -59.54
N VAL P 128 -5.61 -4.36 -58.27
CA VAL P 128 -4.75 -3.49 -57.48
C VAL P 128 -3.97 -4.30 -56.43
N CYS P 129 -3.81 -5.60 -56.64
CA CYS P 129 -2.96 -6.40 -55.76
C CYS P 129 -1.56 -5.82 -55.72
N GLU P 130 -0.89 -5.99 -54.59
CA GLU P 130 0.48 -5.50 -54.41
C GLU P 130 1.42 -6.41 -55.21
N PHE P 131 1.45 -6.22 -56.53
CA PHE P 131 2.23 -7.07 -57.41
C PHE P 131 3.72 -6.78 -57.28
N GLN P 132 4.52 -7.63 -57.92
CA GLN P 132 5.97 -7.48 -57.97
C GLN P 132 6.40 -7.73 -59.41
N PHE P 133 6.67 -6.66 -60.14
CA PHE P 133 7.05 -6.74 -61.54
C PHE P 133 8.56 -6.94 -61.66
N CYS P 134 8.96 -7.62 -62.73
CA CYS P 134 10.37 -7.87 -63.01
C CYS P 134 10.98 -6.63 -63.67
N ASN P 135 12.22 -6.76 -64.15
CA ASN P 135 12.90 -5.66 -64.81
C ASN P 135 12.43 -5.45 -66.24
N ASP P 136 11.57 -6.31 -66.77
CA ASP P 136 11.07 -6.17 -68.13
C ASP P 136 9.76 -6.95 -68.28
N PRO P 137 8.64 -6.38 -67.84
CA PRO P 137 7.35 -7.07 -68.02
C PRO P 137 6.99 -7.20 -69.49
N PHE P 138 6.35 -8.32 -69.83
CA PHE P 138 5.97 -8.58 -71.20
C PHE P 138 4.84 -9.60 -71.22
N LEU P 139 3.97 -9.47 -72.22
CA LEU P 139 2.83 -10.37 -72.36
C LEU P 139 2.79 -10.96 -73.77
N GLU P 151 -1.73 -14.48 -70.95
CA GLU P 151 -1.02 -15.10 -69.84
C GLU P 151 -0.83 -14.12 -68.69
N PHE P 152 -0.18 -14.57 -67.62
CA PHE P 152 0.07 -13.74 -66.45
C PHE P 152 1.54 -13.76 -66.07
N ARG P 153 2.43 -13.94 -67.05
CA ARG P 153 3.87 -13.97 -66.78
C ARG P 153 4.45 -12.56 -66.75
N VAL P 154 3.85 -11.68 -65.97
CA VAL P 154 4.32 -10.31 -65.81
C VAL P 154 4.79 -10.03 -64.39
N TYR P 155 4.12 -10.61 -63.39
CA TYR P 155 4.50 -10.46 -62.00
C TYR P 155 4.89 -11.82 -61.43
N SER P 156 5.86 -11.81 -60.52
CA SER P 156 6.34 -13.04 -59.91
C SER P 156 5.50 -13.43 -58.69
N SER P 157 5.40 -12.54 -57.71
CA SER P 157 4.64 -12.78 -56.49
C SER P 157 3.54 -11.74 -56.38
N ALA P 158 2.30 -12.20 -56.26
CA ALA P 158 1.16 -11.30 -56.11
C ALA P 158 0.87 -11.09 -54.63
N ASN P 159 -0.23 -10.40 -54.32
CA ASN P 159 -0.62 -10.10 -52.96
C ASN P 159 -2.12 -9.86 -52.93
N ASN P 160 -2.60 -9.29 -51.83
CA ASN P 160 -4.04 -9.06 -51.68
C ASN P 160 -4.46 -7.83 -52.49
N CYS P 161 -5.57 -7.96 -53.20
CA CYS P 161 -6.18 -6.84 -53.91
C CYS P 161 -7.17 -6.12 -53.01
N THR P 162 -7.43 -4.85 -53.34
CA THR P 162 -8.44 -4.06 -52.65
C THR P 162 -9.55 -3.61 -53.59
N PHE P 163 -9.47 -3.89 -54.88
CA PHE P 163 -10.46 -3.46 -55.84
C PHE P 163 -10.34 -4.31 -57.10
N GLU P 164 -11.48 -4.63 -57.71
CA GLU P 164 -11.52 -5.37 -58.95
C GLU P 164 -12.80 -5.00 -59.70
N TYR P 165 -12.73 -5.07 -61.03
CA TYR P 165 -13.87 -4.74 -61.87
C TYR P 165 -13.94 -5.72 -63.03
N VAL P 166 -15.16 -5.98 -63.49
CA VAL P 166 -15.39 -7.00 -64.51
C VAL P 166 -15.06 -6.48 -65.91
N SER P 167 -15.51 -5.26 -66.25
CA SER P 167 -15.28 -4.65 -67.55
C SER P 167 -15.78 -5.56 -68.67
N GLN P 168 -17.11 -5.75 -68.68
CA GLN P 168 -17.79 -6.60 -69.67
C GLN P 168 -17.34 -6.38 -71.10
N PRO P 169 -17.23 -5.16 -71.63
CA PRO P 169 -16.71 -4.99 -72.99
C PRO P 169 -15.20 -4.78 -72.99
N PHE P 170 -14.62 -4.88 -74.18
CA PHE P 170 -13.19 -4.72 -74.38
C PHE P 170 -12.87 -3.26 -74.70
N LEU P 171 -11.79 -2.75 -74.13
CA LEU P 171 -11.41 -1.35 -74.36
C LEU P 171 -10.63 -1.22 -75.67
N MET P 172 -9.49 -1.90 -75.78
CA MET P 172 -8.65 -1.79 -76.96
C MET P 172 -9.09 -2.76 -78.04
N GLN P 178 -8.80 -5.48 -91.55
CA GLN P 178 -9.76 -4.89 -92.47
C GLN P 178 -9.10 -4.62 -93.81
N GLY P 179 -7.80 -4.36 -93.79
CA GLY P 179 -7.07 -4.09 -95.01
C GLY P 179 -6.28 -2.79 -94.97
N ASN P 180 -6.65 -1.84 -95.83
CA ASN P 180 -5.94 -0.58 -95.88
C ASN P 180 -6.18 0.26 -94.63
N PHE P 181 -7.39 0.20 -94.08
CA PHE P 181 -7.73 1.01 -92.90
C PHE P 181 -7.10 0.39 -91.66
N LYS P 182 -6.22 1.15 -91.01
CA LYS P 182 -5.57 0.71 -89.79
C LYS P 182 -6.43 1.08 -88.58
N ASN P 183 -5.88 0.91 -87.37
CA ASN P 183 -6.58 1.18 -86.14
C ASN P 183 -5.85 2.27 -85.37
N LEU P 184 -6.58 3.34 -85.03
CA LEU P 184 -6.06 4.43 -84.22
C LEU P 184 -6.77 4.45 -82.88
N ARG P 185 -6.01 4.50 -81.79
CA ARG P 185 -6.57 4.49 -80.46
C ARG P 185 -5.72 5.35 -79.54
N GLU P 186 -6.38 6.05 -78.62
CA GLU P 186 -5.71 6.89 -77.64
C GLU P 186 -6.44 6.80 -76.31
N PHE P 187 -5.69 6.78 -75.22
CA PHE P 187 -6.25 6.58 -73.88
C PHE P 187 -5.63 7.59 -72.93
N VAL P 188 -6.45 8.50 -72.42
CA VAL P 188 -6.00 9.52 -71.47
C VAL P 188 -6.22 9.01 -70.06
N PHE P 189 -5.20 9.15 -69.22
CA PHE P 189 -5.24 8.70 -67.83
C PHE P 189 -4.93 9.88 -66.92
N LYS P 190 -5.72 10.02 -65.85
CA LYS P 190 -5.54 11.10 -64.89
C LYS P 190 -5.74 10.56 -63.49
N ASN P 191 -5.47 11.41 -62.49
CA ASN P 191 -5.67 11.06 -61.10
C ASN P 191 -5.80 12.36 -60.31
N ILE P 192 -7.04 12.74 -59.98
CA ILE P 192 -7.29 14.00 -59.31
C ILE P 192 -7.12 13.83 -57.80
N ASP P 193 -8.03 13.09 -57.17
CA ASP P 193 -7.89 12.74 -55.76
C ASP P 193 -7.76 11.24 -55.56
N GLY P 194 -8.71 10.44 -56.04
CA GLY P 194 -8.60 9.00 -56.00
C GLY P 194 -9.05 8.34 -57.28
N TYR P 195 -9.67 9.13 -58.16
CA TYR P 195 -10.29 8.59 -59.36
C TYR P 195 -9.32 8.58 -60.53
N PHE P 196 -9.44 7.56 -61.37
CA PHE P 196 -8.60 7.42 -62.55
C PHE P 196 -9.23 8.08 -63.78
N LYS P 197 -10.51 7.80 -64.02
CA LYS P 197 -11.28 8.45 -65.09
C LYS P 197 -10.62 8.25 -66.46
N ILE P 198 -10.58 6.98 -66.87
CA ILE P 198 -9.93 6.62 -68.13
C ILE P 198 -10.77 7.09 -69.30
N TYR P 199 -10.12 7.73 -70.27
CA TYR P 199 -10.75 8.15 -71.50
C TYR P 199 -10.29 7.25 -72.65
N SER P 200 -11.09 7.20 -73.70
CA SER P 200 -10.77 6.35 -74.84
C SER P 200 -11.57 6.79 -76.06
N LYS P 201 -10.96 6.62 -77.23
CA LYS P 201 -11.63 6.90 -78.50
C LYS P 201 -10.89 6.15 -79.60
N HIS P 202 -11.61 5.33 -80.36
CA HIS P 202 -11.05 4.55 -81.44
C HIS P 202 -11.71 4.96 -82.75
N THR P 203 -10.88 5.28 -83.75
CA THR P 203 -11.37 5.69 -85.06
C THR P 203 -10.44 5.10 -86.13
N PRO P 204 -10.99 4.47 -87.16
CA PRO P 204 -10.14 3.88 -88.20
C PRO P 204 -9.47 4.97 -89.04
N ILE P 205 -8.14 4.88 -89.14
CA ILE P 205 -7.36 5.81 -89.94
C ILE P 205 -7.31 5.27 -91.37
N ILE P 206 -7.60 6.13 -92.35
CA ILE P 206 -7.68 5.70 -93.74
C ILE P 206 -6.39 5.96 -94.53
N VAL P 207 -5.51 6.82 -94.03
CA VAL P 207 -4.30 7.18 -94.75
C VAL P 207 -3.10 6.57 -94.05
N ARG P 208 -2.03 6.38 -94.81
CA ARG P 208 -0.78 5.83 -94.30
C ARG P 208 0.28 6.93 -94.25
N GLU P 209 1.00 6.98 -93.13
CA GLU P 209 2.02 7.99 -92.90
C GLU P 209 3.18 7.35 -92.17
N PRO P 210 4.40 7.86 -92.33
CA PRO P 210 5.55 7.27 -91.63
C PRO P 210 5.52 7.50 -90.13
N GLU P 211 4.58 6.85 -89.44
CA GLU P 211 4.45 6.92 -88.00
C GLU P 211 4.28 8.38 -87.52
N ASP P 212 3.19 8.99 -87.96
CA ASP P 212 2.88 10.37 -87.61
C ASP P 212 1.42 10.46 -87.18
N LEU P 213 1.14 11.42 -86.30
CA LEU P 213 -0.22 11.63 -85.84
C LEU P 213 -1.07 12.21 -86.96
N PRO P 214 -2.29 11.71 -87.16
CA PRO P 214 -3.13 12.21 -88.25
C PRO P 214 -3.67 13.60 -87.94
N GLN P 215 -4.27 14.19 -88.97
CA GLN P 215 -4.86 15.52 -88.85
C GLN P 215 -6.30 15.40 -88.34
N GLY P 216 -7.02 16.51 -88.37
CA GLY P 216 -8.41 16.51 -87.93
C GLY P 216 -8.54 16.75 -86.43
N PHE P 217 -9.71 16.37 -85.91
CA PHE P 217 -10.02 16.52 -84.50
C PHE P 217 -10.75 15.28 -84.02
N SER P 218 -10.55 14.96 -82.74
CA SER P 218 -11.16 13.78 -82.13
C SER P 218 -11.33 14.03 -80.64
N ALA P 219 -12.48 13.65 -80.11
CA ALA P 219 -12.81 13.83 -78.71
C ALA P 219 -12.68 12.51 -77.97
N LEU P 220 -12.21 12.57 -76.72
CA LEU P 220 -12.02 11.39 -75.89
C LEU P 220 -13.27 11.18 -75.05
N GLU P 221 -13.94 10.04 -75.26
CA GLU P 221 -15.15 9.74 -74.51
C GLU P 221 -14.81 9.00 -73.23
N PRO P 222 -15.34 9.44 -72.08
CA PRO P 222 -15.10 8.73 -70.83
C PRO P 222 -15.84 7.39 -70.82
N LEU P 223 -15.08 6.30 -70.64
CA LEU P 223 -15.65 4.96 -70.64
C LEU P 223 -15.87 4.43 -69.23
N VAL P 224 -14.81 4.35 -68.42
CA VAL P 224 -14.89 3.76 -67.09
C VAL P 224 -14.22 4.68 -66.09
N ASP P 225 -14.73 4.66 -64.86
CA ASP P 225 -14.17 5.38 -63.74
C ASP P 225 -13.70 4.39 -62.67
N LEU P 226 -12.67 4.78 -61.94
CA LEU P 226 -12.07 3.88 -60.96
C LEU P 226 -11.98 4.52 -59.58
N PRO P 227 -12.71 3.99 -58.59
CA PRO P 227 -12.59 4.51 -57.23
C PRO P 227 -11.39 3.93 -56.49
N ILE P 228 -10.44 3.38 -57.27
CA ILE P 228 -9.31 2.65 -56.69
C ILE P 228 -8.59 3.48 -55.65
N GLY P 229 -8.21 4.72 -56.00
CA GLY P 229 -7.55 5.60 -55.06
C GLY P 229 -6.07 5.35 -54.86
N ILE P 230 -5.35 4.93 -55.90
CA ILE P 230 -3.93 4.67 -55.76
C ILE P 230 -3.12 5.94 -56.03
N ASN P 231 -1.94 6.01 -55.45
CA ASN P 231 -1.02 7.14 -55.63
C ASN P 231 0.10 6.67 -56.56
N ILE P 232 -0.06 6.96 -57.85
CA ILE P 232 0.90 6.55 -58.87
C ILE P 232 1.80 7.72 -59.22
N THR P 233 3.06 7.41 -59.53
CA THR P 233 4.01 8.42 -59.99
C THR P 233 4.82 7.97 -61.20
N ARG P 234 4.63 6.75 -61.69
CA ARG P 234 5.36 6.24 -62.85
C ARG P 234 4.37 5.57 -63.79
N PHE P 235 4.86 5.16 -64.95
CA PHE P 235 4.03 4.54 -65.97
C PHE P 235 4.84 3.49 -66.71
N GLN P 236 4.17 2.40 -67.09
CA GLN P 236 4.81 1.31 -67.82
C GLN P 236 3.77 0.63 -68.69
N THR P 237 4.14 0.37 -69.94
CA THR P 237 3.23 -0.27 -70.89
C THR P 237 3.40 -1.78 -70.85
N LEU P 238 2.58 -2.47 -71.64
CA LEU P 238 2.63 -3.93 -71.72
C LEU P 238 2.43 -4.34 -73.16
N LEU P 239 3.41 -5.00 -73.74
CA LEU P 239 3.40 -5.40 -75.15
C LEU P 239 3.32 -6.91 -75.27
N ALA P 240 2.51 -7.38 -76.21
CA ALA P 240 2.43 -8.79 -76.52
C ALA P 240 3.49 -9.17 -77.55
N LEU P 241 3.86 -10.46 -77.55
CA LEU P 241 4.91 -10.95 -78.42
C LEU P 241 4.38 -11.90 -79.49
N HIS P 242 3.70 -12.98 -79.08
CA HIS P 242 3.21 -13.99 -80.01
C HIS P 242 4.30 -14.48 -80.95
N ARG P 243 5.48 -14.78 -80.38
CA ARG P 243 6.61 -15.21 -81.19
C ARG P 243 6.36 -16.60 -81.77
N SER P 244 6.15 -17.58 -80.89
CA SER P 244 5.92 -18.97 -81.29
C SER P 244 7.02 -19.51 -82.19
N TRP P 255 10.72 -13.84 -84.81
CA TRP P 255 9.92 -12.92 -84.00
C TRP P 255 8.92 -12.17 -84.87
N THR P 256 7.70 -12.01 -84.35
CA THR P 256 6.62 -11.33 -85.05
C THR P 256 6.11 -10.21 -84.14
N ALA P 257 6.67 -9.02 -84.30
CA ALA P 257 6.28 -7.85 -83.52
C ALA P 257 5.35 -6.92 -84.26
N GLY P 258 5.22 -7.06 -85.58
CA GLY P 258 4.33 -6.18 -86.33
C GLY P 258 4.89 -4.78 -86.41
N ALA P 259 4.02 -3.80 -86.20
CA ALA P 259 4.43 -2.39 -86.26
C ALA P 259 3.42 -1.57 -85.48
N ALA P 260 3.91 -0.80 -84.51
CA ALA P 260 3.05 0.04 -83.69
C ALA P 260 3.89 1.18 -83.12
N ALA P 261 3.24 2.06 -82.35
CA ALA P 261 3.91 3.16 -81.69
C ALA P 261 3.01 3.78 -80.64
N TYR P 262 3.52 3.94 -79.42
CA TYR P 262 2.78 4.59 -78.34
C TYR P 262 3.39 5.97 -78.10
N TYR P 263 2.55 7.00 -78.14
CA TYR P 263 2.98 8.39 -78.00
C TYR P 263 2.58 8.88 -76.61
N VAL P 264 3.55 8.93 -75.71
CA VAL P 264 3.32 9.39 -74.34
C VAL P 264 3.45 10.90 -74.29
N GLY P 265 2.33 11.58 -74.01
CA GLY P 265 2.32 13.03 -73.92
C GLY P 265 1.86 13.53 -72.58
N TYR P 266 2.71 14.28 -71.88
CA TYR P 266 2.38 14.78 -70.56
C TYR P 266 1.30 15.87 -70.65
N LEU P 267 0.43 15.89 -69.65
CA LEU P 267 -0.66 16.84 -69.58
C LEU P 267 -0.28 18.03 -68.72
N GLN P 268 -0.76 19.22 -69.10
CA GLN P 268 -0.50 20.45 -68.40
C GLN P 268 -1.79 21.22 -68.20
N PRO P 269 -1.91 21.98 -67.11
CA PRO P 269 -3.13 22.76 -66.89
C PRO P 269 -3.29 23.90 -67.88
N ARG P 270 -4.30 23.81 -68.75
CA ARG P 270 -4.57 24.82 -69.76
C ARG P 270 -6.03 25.23 -69.68
N THR P 271 -6.42 26.18 -70.53
CA THR P 271 -7.79 26.66 -70.63
C THR P 271 -8.24 26.53 -72.07
N PHE P 272 -9.15 25.60 -72.34
CA PHE P 272 -9.64 25.34 -73.68
C PHE P 272 -11.02 25.96 -73.87
N LEU P 273 -11.30 26.37 -75.11
CA LEU P 273 -12.60 26.90 -75.50
C LEU P 273 -13.28 25.86 -76.39
N LEU P 274 -14.16 25.06 -75.79
CA LEU P 274 -14.78 23.95 -76.50
C LEU P 274 -15.86 24.45 -77.46
N LYS P 275 -16.33 23.55 -78.33
CA LYS P 275 -17.24 23.86 -79.42
C LYS P 275 -18.37 22.84 -79.47
N TYR P 276 -19.02 22.63 -78.32
CA TYR P 276 -20.16 21.71 -78.24
C TYR P 276 -21.18 21.99 -79.34
N ASN P 277 -21.40 20.98 -80.18
CA ASN P 277 -22.34 21.11 -81.29
C ASN P 277 -23.76 20.85 -80.78
N GLU P 278 -24.73 20.82 -81.68
CA GLU P 278 -26.12 20.62 -81.29
C GLU P 278 -26.42 19.20 -80.86
N ASN P 279 -25.50 18.28 -80.93
CA ASN P 279 -25.89 16.98 -80.44
C ASN P 279 -25.08 16.64 -79.20
N GLY P 280 -24.21 17.53 -78.80
CA GLY P 280 -23.33 17.31 -77.67
C GLY P 280 -21.89 17.01 -78.01
N THR P 281 -21.57 16.78 -79.28
CA THR P 281 -20.20 16.46 -79.67
C THR P 281 -19.36 17.73 -79.74
N ILE P 282 -18.04 17.54 -79.70
CA ILE P 282 -17.07 18.62 -79.76
C ILE P 282 -16.46 18.63 -81.15
N THR P 283 -16.55 19.77 -81.84
CA THR P 283 -16.02 19.89 -83.19
C THR P 283 -14.57 20.38 -83.20
N ASP P 284 -14.25 21.37 -82.38
CA ASP P 284 -12.89 21.92 -82.34
C ASP P 284 -12.70 22.58 -80.97
N ALA P 285 -11.48 23.09 -80.76
CA ALA P 285 -11.14 23.75 -79.51
C ALA P 285 -9.96 24.69 -79.76
N VAL P 286 -9.68 25.52 -78.75
CA VAL P 286 -8.58 26.48 -78.80
C VAL P 286 -7.66 26.20 -77.62
N ASP P 287 -6.36 26.10 -77.91
CA ASP P 287 -5.39 25.79 -76.87
C ASP P 287 -5.16 26.97 -75.92
N CYS P 288 -5.40 28.18 -76.41
CA CYS P 288 -5.20 29.42 -75.66
C CYS P 288 -3.75 29.56 -75.15
N ALA P 289 -2.81 28.94 -75.86
CA ALA P 289 -1.40 29.15 -75.59
C ALA P 289 -0.60 29.36 -76.86
N LEU P 290 -1.24 29.31 -78.03
CA LEU P 290 -0.60 29.58 -79.31
C LEU P 290 -0.52 31.10 -79.51
N ASP P 291 -0.22 31.52 -80.74
CA ASP P 291 -0.12 32.92 -81.15
C ASP P 291 -1.29 33.73 -80.61
N PRO P 292 -1.10 35.05 -80.36
CA PRO P 292 -2.12 35.84 -79.66
C PRO P 292 -3.51 35.81 -80.29
N LEU P 293 -3.64 35.31 -81.52
CA LEU P 293 -4.96 35.11 -82.09
C LEU P 293 -5.77 34.13 -81.25
N SER P 294 -5.11 33.10 -80.72
CA SER P 294 -5.79 32.15 -79.84
C SER P 294 -6.32 32.84 -78.60
N GLU P 295 -5.47 33.60 -77.90
CA GLU P 295 -5.91 34.27 -76.69
C GLU P 295 -6.99 35.31 -76.98
N THR P 296 -6.94 35.95 -78.16
CA THR P 296 -8.02 36.83 -78.58
C THR P 296 -9.32 36.04 -78.69
N LYS P 297 -9.27 34.85 -79.28
CA LYS P 297 -10.46 34.01 -79.38
C LYS P 297 -10.96 33.57 -78.01
N CYS P 298 -10.05 33.40 -77.04
CA CYS P 298 -10.48 33.03 -75.69
C CYS P 298 -11.20 34.20 -75.02
N THR P 299 -10.58 35.38 -75.04
CA THR P 299 -11.16 36.54 -74.37
C THR P 299 -12.34 37.14 -75.12
N LEU P 300 -12.60 36.72 -76.35
CA LEU P 300 -13.69 37.20 -77.19
C LEU P 300 -14.42 36.02 -77.82
N LYS P 301 -14.88 35.09 -76.97
CA LYS P 301 -15.23 33.74 -77.37
C LYS P 301 -16.07 33.69 -78.65
N SER P 302 -15.46 33.16 -79.70
CA SER P 302 -16.08 33.06 -81.03
C SER P 302 -15.13 32.29 -81.94
N PHE P 303 -15.49 32.19 -83.24
CA PHE P 303 -14.57 31.64 -84.22
C PHE P 303 -14.58 32.44 -85.51
N THR P 304 -15.27 33.58 -85.55
CA THR P 304 -15.31 34.48 -86.69
C THR P 304 -15.12 35.91 -86.24
N VAL P 305 -14.08 36.13 -85.43
CA VAL P 305 -13.82 37.45 -84.86
C VAL P 305 -13.63 38.47 -85.99
N GLU P 306 -14.21 39.65 -85.80
CA GLU P 306 -14.22 40.67 -86.84
C GLU P 306 -12.89 41.42 -86.83
N LYS P 307 -12.80 42.48 -87.64
CA LYS P 307 -11.58 43.26 -87.77
C LYS P 307 -11.48 44.29 -86.65
N GLY P 308 -10.32 44.36 -86.02
CA GLY P 308 -10.13 45.33 -84.96
C GLY P 308 -9.01 44.90 -84.03
N ILE P 309 -8.76 45.75 -83.03
CA ILE P 309 -7.74 45.52 -82.02
C ILE P 309 -8.43 45.20 -80.71
N TYR P 310 -7.89 44.23 -79.97
CA TYR P 310 -8.49 43.78 -78.73
C TYR P 310 -7.42 43.55 -77.68
N GLN P 311 -7.69 44.00 -76.45
CA GLN P 311 -6.79 43.78 -75.34
C GLN P 311 -7.03 42.38 -74.78
N THR P 312 -5.99 41.54 -74.83
CA THR P 312 -6.12 40.13 -74.44
C THR P 312 -5.32 39.79 -73.20
N SER P 313 -4.01 40.06 -73.20
CA SER P 313 -3.13 39.67 -72.10
C SER P 313 -2.52 40.91 -71.47
N ASN P 314 -1.57 40.63 -70.57
CA ASN P 314 -0.80 41.67 -69.96
C ASN P 314 0.62 41.19 -69.71
N PHE P 315 1.63 41.61 -70.47
CA PHE P 315 3.03 41.19 -70.33
C PHE P 315 3.53 41.46 -68.96
N ARG P 316 4.56 40.76 -68.52
CA ARG P 316 5.15 41.05 -67.23
C ARG P 316 6.48 40.35 -67.10
N VAL P 317 7.57 41.04 -67.25
CA VAL P 317 8.87 40.41 -67.21
C VAL P 317 9.04 39.94 -65.83
N GLN P 318 9.56 38.74 -65.64
CA GLN P 318 9.53 38.15 -64.33
C GLN P 318 10.95 38.03 -63.84
N PRO P 319 11.16 37.88 -62.53
CA PRO P 319 12.51 37.87 -61.95
C PRO P 319 13.43 36.66 -62.15
N THR P 320 14.65 36.63 -61.57
CA THR P 320 15.53 35.47 -61.64
C THR P 320 16.27 35.20 -60.34
N GLU P 321 16.76 36.23 -59.66
CA GLU P 321 17.54 36.09 -58.44
C GLU P 321 16.67 36.30 -57.21
N SER P 322 17.28 36.08 -56.05
CA SER P 322 16.65 36.25 -54.74
C SER P 322 17.59 37.03 -53.83
N ILE P 323 18.08 38.16 -54.33
CA ILE P 323 19.10 38.94 -53.62
C ILE P 323 18.58 39.39 -52.26
N VAL P 324 19.36 39.12 -51.22
CA VAL P 324 19.09 39.62 -49.88
C VAL P 324 20.33 40.36 -49.40
N ARG P 325 20.17 41.63 -49.05
CA ARG P 325 21.30 42.49 -48.70
C ARG P 325 21.08 43.05 -47.29
N PHE P 326 21.80 42.49 -46.33
CA PHE P 326 21.81 42.94 -44.95
C PHE P 326 23.16 43.55 -44.59
N PRO P 327 23.23 44.39 -43.55
CA PRO P 327 24.51 45.02 -43.20
C PRO P 327 25.55 44.03 -42.69
N ASN P 328 26.74 44.55 -42.38
CA ASN P 328 27.90 43.77 -42.01
C ASN P 328 27.76 43.33 -40.57
N ILE P 329 28.32 42.17 -40.18
CA ILE P 329 28.32 41.74 -38.79
C ILE P 329 29.29 42.61 -38.00
N THR P 330 28.95 42.86 -36.74
CA THR P 330 29.78 43.68 -35.86
C THR P 330 29.38 43.44 -34.42
N ASN P 331 30.37 43.54 -33.53
CA ASN P 331 30.17 43.40 -32.09
C ASN P 331 29.56 42.03 -31.75
N LEU P 332 30.35 40.99 -32.04
CA LEU P 332 29.93 39.63 -31.76
C LEU P 332 29.73 39.42 -30.26
N CYS P 333 28.84 38.50 -29.92
CA CYS P 333 28.47 38.30 -28.53
C CYS P 333 29.60 37.57 -27.79
N PRO P 334 29.69 37.76 -26.46
CA PRO P 334 30.75 37.09 -25.70
C PRO P 334 30.54 35.59 -25.55
N PHE P 335 30.53 34.87 -26.67
CA PHE P 335 30.46 33.41 -26.65
C PHE P 335 31.84 32.77 -26.71
N ASP P 336 32.90 33.57 -26.78
CA ASP P 336 34.26 33.07 -26.78
C ASP P 336 34.84 32.97 -25.38
N GLU P 337 34.21 33.61 -24.40
CA GLU P 337 34.65 33.53 -23.01
C GLU P 337 33.71 32.69 -22.15
N VAL P 338 32.63 32.16 -22.72
CA VAL P 338 31.75 31.25 -22.00
C VAL P 338 31.79 29.83 -22.56
N PHE P 339 32.27 29.63 -23.79
CA PHE P 339 32.48 28.30 -24.32
C PHE P 339 33.95 27.92 -24.42
N ASN P 340 34.85 28.85 -24.25
CA ASN P 340 36.26 28.50 -24.20
C ASN P 340 36.87 29.19 -23.06
N ALA P 341 36.22 29.04 -21.93
CA ALA P 341 36.73 29.51 -20.65
C ALA P 341 37.80 28.55 -20.13
N THR P 342 38.36 28.88 -18.96
CA THR P 342 39.44 28.10 -18.37
C THR P 342 38.95 27.18 -17.27
N ARG P 343 38.20 27.69 -16.31
CA ARG P 343 37.75 26.92 -15.16
C ARG P 343 36.30 27.24 -14.80
N PHE P 344 35.58 26.21 -14.37
CA PHE P 344 34.25 26.35 -13.80
C PHE P 344 34.32 25.99 -12.31
N ALA P 345 33.22 26.21 -11.59
CA ALA P 345 33.20 26.01 -10.15
C ALA P 345 32.61 24.66 -9.76
N SER P 346 31.33 24.42 -10.09
CA SER P 346 30.66 23.20 -9.66
C SER P 346 29.30 23.05 -10.33
N VAL P 347 28.54 22.03 -9.93
CA VAL P 347 27.20 21.81 -10.45
C VAL P 347 26.12 22.42 -9.57
N TYR P 348 26.43 22.76 -8.31
CA TYR P 348 25.48 23.45 -7.44
C TYR P 348 25.59 24.95 -7.52
N ALA P 349 26.76 25.48 -7.85
CA ALA P 349 27.00 26.91 -8.01
C ALA P 349 27.39 27.16 -9.46
N TRP P 350 26.38 27.35 -10.31
CA TRP P 350 26.60 27.54 -11.73
C TRP P 350 26.49 29.02 -12.09
N ASN P 351 27.42 29.50 -12.92
CA ASN P 351 27.38 30.87 -13.36
C ASN P 351 26.24 31.09 -14.35
N ARG P 352 25.70 32.30 -14.36
CA ARG P 352 24.62 32.68 -15.26
C ARG P 352 24.97 34.00 -15.92
N LYS P 353 25.41 33.93 -17.18
CA LYS P 353 25.81 35.11 -17.92
C LYS P 353 24.61 35.67 -18.67
N ARG P 354 24.40 36.98 -18.54
CA ARG P 354 23.30 37.67 -19.21
C ARG P 354 23.84 38.37 -20.45
N ILE P 355 23.36 37.95 -21.62
CA ILE P 355 23.78 38.51 -22.89
C ILE P 355 22.89 39.70 -23.23
N SER P 356 23.45 40.65 -23.96
CA SER P 356 22.74 41.87 -24.36
C SER P 356 22.60 41.89 -25.88
N ASN P 357 22.13 43.02 -26.41
CA ASN P 357 21.91 43.17 -27.84
C ASN P 357 23.20 42.90 -28.62
N CYS P 358 23.13 41.94 -29.53
CA CYS P 358 24.27 41.49 -30.30
C CYS P 358 23.75 40.65 -31.46
N VAL P 359 24.67 39.98 -32.17
CA VAL P 359 24.32 39.08 -33.28
C VAL P 359 25.00 37.76 -33.00
N ALA P 360 24.24 36.78 -32.52
CA ALA P 360 24.78 35.48 -32.12
C ALA P 360 24.84 34.56 -33.33
N ASP P 361 26.03 34.02 -33.59
CA ASP P 361 26.25 33.08 -34.68
C ASP P 361 26.29 31.67 -34.08
N TYR P 362 25.17 30.95 -34.19
CA TYR P 362 25.09 29.60 -33.66
C TYR P 362 25.69 28.60 -34.65
N SER P 363 26.92 28.85 -35.06
CA SER P 363 27.66 27.94 -35.94
C SER P 363 29.05 27.60 -35.44
N VAL P 364 29.65 28.43 -34.57
CA VAL P 364 30.94 28.09 -33.99
C VAL P 364 30.81 27.10 -32.85
N LEU P 365 29.60 26.71 -32.48
CA LEU P 365 29.40 25.76 -31.39
C LEU P 365 29.96 24.38 -31.73
N TYR P 366 29.97 24.01 -33.01
CA TYR P 366 30.50 22.73 -33.45
C TYR P 366 31.89 22.83 -34.07
N ASN P 367 32.71 23.75 -33.56
CA ASN P 367 34.09 23.89 -34.02
C ASN P 367 35.10 23.41 -32.99
N LEU P 368 34.67 23.10 -31.77
CA LEU P 368 35.58 22.70 -30.71
C LEU P 368 36.01 21.25 -30.89
N ALA P 369 36.63 20.70 -29.84
CA ALA P 369 37.11 19.33 -29.88
C ALA P 369 35.95 18.37 -30.13
N PRO P 370 36.24 17.23 -30.77
CA PRO P 370 35.17 16.26 -31.08
C PRO P 370 34.54 15.64 -29.84
N PHE P 371 33.56 14.75 -30.05
CA PHE P 371 32.83 14.09 -28.97
C PHE P 371 32.11 15.11 -28.10
N PHE P 372 31.19 15.85 -28.72
CA PHE P 372 30.38 16.85 -28.05
C PHE P 372 28.94 16.69 -28.49
N THR P 373 28.01 16.83 -27.54
CA THR P 373 26.60 16.68 -27.84
C THR P 373 26.00 18.01 -28.25
N PHE P 374 24.89 17.95 -28.99
CA PHE P 374 24.16 19.13 -29.44
C PHE P 374 22.67 18.94 -29.30
N LYS P 375 22.23 18.16 -28.31
CA LYS P 375 20.81 17.86 -28.14
C LYS P 375 20.06 19.11 -27.70
N CYS P 376 19.03 19.46 -28.47
CA CYS P 376 18.18 20.62 -28.18
C CYS P 376 16.82 20.14 -27.66
N TYR P 377 16.06 21.09 -27.12
CA TYR P 377 14.74 20.80 -26.56
C TYR P 377 13.79 21.90 -27.03
N GLY P 378 12.91 21.56 -27.97
CA GLY P 378 11.95 22.50 -28.51
C GLY P 378 12.44 23.31 -29.69
N VAL P 379 13.73 23.27 -30.00
CA VAL P 379 14.31 23.98 -31.12
C VAL P 379 15.19 23.02 -31.91
N SER P 380 15.82 23.54 -32.95
CA SER P 380 16.71 22.76 -33.81
C SER P 380 17.86 23.64 -34.27
N PRO P 381 19.05 23.07 -34.45
CA PRO P 381 20.19 23.90 -34.89
C PRO P 381 20.02 24.44 -36.29
N THR P 382 19.29 23.75 -37.17
CA THR P 382 19.09 24.26 -38.52
C THR P 382 18.14 25.45 -38.52
N LYS P 383 17.15 25.45 -37.63
CA LYS P 383 16.22 26.56 -37.48
C LYS P 383 16.54 27.45 -36.29
N LEU P 384 17.78 27.39 -35.78
CA LEU P 384 18.15 28.20 -34.64
C LEU P 384 18.21 29.68 -35.02
N ASN P 385 18.80 29.99 -36.16
CA ASN P 385 18.94 31.38 -36.61
C ASN P 385 17.71 31.83 -37.39
N ASP P 386 16.52 31.53 -36.87
CA ASP P 386 15.25 31.95 -37.45
C ASP P 386 14.36 32.69 -36.46
N LEU P 387 14.37 32.29 -35.20
CA LEU P 387 13.56 32.92 -34.18
C LEU P 387 14.35 34.02 -33.46
N CYS P 388 13.62 34.99 -32.91
CA CYS P 388 14.21 36.12 -32.22
C CYS P 388 14.01 35.96 -30.72
N PHE P 389 15.07 36.15 -29.95
CA PHE P 389 15.05 36.01 -28.50
C PHE P 389 15.58 37.28 -27.86
N THR P 390 14.98 37.64 -26.71
CA THR P 390 15.38 38.87 -26.03
C THR P 390 16.66 38.66 -25.22
N ASN P 391 16.66 37.70 -24.32
CA ASN P 391 17.81 37.44 -23.46
C ASN P 391 18.12 35.95 -23.45
N VAL P 392 19.39 35.62 -23.63
CA VAL P 392 19.86 34.24 -23.59
C VAL P 392 20.80 34.09 -22.40
N TYR P 393 20.57 33.06 -21.59
CA TYR P 393 21.34 32.82 -20.37
C TYR P 393 22.14 31.55 -20.53
N ALA P 394 23.44 31.63 -20.22
CA ALA P 394 24.34 30.49 -20.28
C ALA P 394 24.65 30.02 -18.86
N ASP P 395 24.40 28.75 -18.58
CA ASP P 395 24.64 28.16 -17.27
C ASP P 395 25.68 27.06 -17.42
N SER P 396 26.88 27.32 -16.90
CA SER P 396 28.00 26.39 -17.02
C SER P 396 28.16 25.58 -15.74
N PHE P 397 28.45 24.29 -15.90
CA PHE P 397 28.68 23.40 -14.78
C PHE P 397 29.48 22.20 -15.26
N VAL P 398 30.16 21.54 -14.32
CA VAL P 398 31.18 20.56 -14.64
C VAL P 398 30.67 19.13 -14.48
N ILE P 399 29.35 18.95 -14.60
CA ILE P 399 28.77 17.62 -14.47
C ILE P 399 29.39 16.69 -15.50
N ARG P 400 29.64 15.45 -15.10
CA ARG P 400 30.24 14.44 -15.96
C ARG P 400 29.59 13.09 -15.69
N GLY P 401 29.95 12.11 -16.51
CA GLY P 401 29.47 10.76 -16.32
C GLY P 401 28.14 10.49 -17.01
N ASP P 402 27.52 9.40 -16.58
CA ASP P 402 26.24 8.99 -17.16
C ASP P 402 25.08 9.73 -16.49
N GLU P 403 25.18 11.05 -16.42
CA GLU P 403 24.10 11.88 -15.89
C GLU P 403 23.76 13.04 -16.81
N VAL P 404 24.39 13.15 -17.98
CA VAL P 404 24.00 14.16 -18.94
C VAL P 404 22.70 13.78 -19.64
N ARG P 405 22.38 12.48 -19.70
CA ARG P 405 21.14 12.05 -20.34
C ARG P 405 19.91 12.49 -19.55
N GLN P 406 20.04 12.62 -18.23
CA GLN P 406 18.94 13.04 -17.38
C GLN P 406 18.90 14.55 -17.17
N ILE P 407 19.69 15.30 -17.91
CA ILE P 407 19.61 16.77 -17.90
C ILE P 407 18.60 17.15 -18.96
N ALA P 408 17.32 17.09 -18.59
CA ALA P 408 16.23 17.31 -19.51
C ALA P 408 14.96 17.55 -18.70
N PRO P 409 13.97 18.23 -19.28
CA PRO P 409 12.70 18.44 -18.58
C PRO P 409 12.01 17.11 -18.26
N GLY P 410 11.62 16.96 -16.99
CA GLY P 410 10.91 15.77 -16.56
C GLY P 410 11.78 14.53 -16.49
N GLN P 411 13.05 14.67 -16.14
CA GLN P 411 13.97 13.54 -16.01
C GLN P 411 14.81 13.75 -14.76
N THR P 412 14.50 13.02 -13.70
CA THR P 412 15.22 13.14 -12.44
C THR P 412 16.49 12.29 -12.48
N GLY P 413 17.24 12.31 -11.39
CA GLY P 413 18.47 11.54 -11.32
C GLY P 413 19.17 11.75 -9.99
N ASN P 414 20.50 11.69 -10.04
CA ASN P 414 21.32 11.88 -8.85
C ASN P 414 22.10 13.19 -8.84
N ILE P 415 22.23 13.86 -9.99
CA ILE P 415 22.88 15.17 -10.04
C ILE P 415 21.92 16.29 -10.40
N ALA P 416 20.88 16.02 -11.20
CA ALA P 416 19.88 17.03 -11.55
C ALA P 416 18.71 17.00 -10.57
N ASP P 417 18.92 16.48 -9.37
CA ASP P 417 17.90 16.41 -8.35
C ASP P 417 18.09 17.43 -7.24
N TYR P 418 19.33 17.83 -6.94
CA TYR P 418 19.57 18.84 -5.91
C TYR P 418 20.65 19.83 -6.35
N ASN P 419 20.94 19.93 -7.64
CA ASN P 419 21.91 20.90 -8.15
C ASN P 419 21.36 21.75 -9.29
N TYR P 420 20.51 21.18 -10.14
CA TYR P 420 19.95 21.92 -11.26
C TYR P 420 18.66 21.24 -11.70
N LYS P 421 17.58 22.01 -11.78
CA LYS P 421 16.26 21.49 -12.16
C LYS P 421 15.72 22.34 -13.31
N LEU P 422 15.19 21.68 -14.33
CA LEU P 422 14.64 22.37 -15.49
C LEU P 422 13.17 22.05 -15.65
N PRO P 423 12.29 23.06 -15.75
CA PRO P 423 10.86 22.78 -15.93
C PRO P 423 10.55 22.23 -17.32
N ASP P 424 9.29 21.95 -17.60
CA ASP P 424 8.90 21.46 -18.92
C ASP P 424 8.60 22.61 -19.88
N ASP P 425 9.53 23.56 -19.95
CA ASP P 425 9.44 24.65 -20.91
C ASP P 425 10.81 25.07 -21.44
N PHE P 426 11.82 24.22 -21.29
CA PHE P 426 13.17 24.58 -21.69
C PHE P 426 13.29 24.63 -23.21
N THR P 427 13.90 25.72 -23.70
CA THR P 427 14.12 25.93 -25.13
C THR P 427 15.60 26.29 -25.31
N GLY P 428 16.42 25.29 -25.60
CA GLY P 428 17.83 25.53 -25.80
C GLY P 428 18.56 24.25 -26.12
N CYS P 429 19.85 24.39 -26.36
CA CYS P 429 20.72 23.27 -26.71
C CYS P 429 21.86 23.19 -25.71
N VAL P 430 22.14 21.98 -25.23
CA VAL P 430 23.19 21.76 -24.24
C VAL P 430 24.43 21.21 -24.94
N ILE P 431 25.59 21.77 -24.61
CA ILE P 431 26.87 21.33 -25.14
C ILE P 431 27.70 20.78 -23.99
N ALA P 432 28.26 19.59 -24.17
CA ALA P 432 28.97 18.86 -23.12
C ALA P 432 30.29 18.32 -23.61
N TRP P 433 31.09 19.18 -24.24
CA TRP P 433 32.40 18.76 -24.72
C TRP P 433 33.30 18.41 -23.55
N ASN P 434 34.20 17.45 -23.77
CA ASN P 434 35.06 16.91 -22.74
C ASN P 434 36.43 17.58 -22.79
N SER P 435 36.87 18.14 -21.66
CA SER P 435 38.18 18.78 -21.57
C SER P 435 39.03 18.01 -20.57
N ASN P 436 39.73 17.00 -21.09
CA ASN P 436 40.62 16.15 -20.29
C ASN P 436 42.08 16.52 -20.50
N LYS P 437 42.36 17.79 -20.79
CA LYS P 437 43.72 18.26 -21.01
C LYS P 437 44.14 19.41 -20.12
N LEU P 438 43.21 20.30 -19.73
CA LEU P 438 43.54 21.42 -18.87
C LEU P 438 42.77 21.44 -17.56
N ASP P 439 41.85 20.50 -17.33
CA ASP P 439 41.09 20.42 -16.10
C ASP P 439 41.57 19.31 -15.18
N SER P 440 41.69 18.09 -15.68
CA SER P 440 42.13 16.96 -14.88
C SER P 440 43.64 17.05 -14.64
N LYS P 441 44.03 17.45 -13.43
CA LYS P 441 45.43 17.57 -13.08
C LYS P 441 45.64 17.06 -11.66
N VAL P 442 46.88 16.71 -11.35
CA VAL P 442 47.24 16.21 -10.01
C VAL P 442 47.48 17.34 -9.03
N SER P 443 47.30 18.60 -9.44
CA SER P 443 47.52 19.72 -8.52
C SER P 443 46.43 19.76 -7.45
N GLY P 444 45.20 19.47 -7.83
CA GLY P 444 44.10 19.46 -6.89
C GLY P 444 42.90 18.66 -7.38
N ASN P 445 42.39 17.77 -6.52
CA ASN P 445 41.26 16.93 -6.87
C ASN P 445 39.93 17.50 -6.39
N TYR P 446 39.95 18.41 -5.42
CA TYR P 446 38.73 19.03 -4.90
C TYR P 446 38.51 20.43 -5.46
N ASN P 447 39.11 20.73 -6.61
CA ASN P 447 38.87 22.03 -7.25
C ASN P 447 37.40 22.20 -7.61
N TYR P 448 36.77 21.13 -8.09
CA TYR P 448 35.34 21.13 -8.35
C TYR P 448 34.59 20.55 -7.15
N LEU P 449 33.31 20.85 -7.08
CA LEU P 449 32.47 20.43 -5.96
C LEU P 449 31.27 19.66 -6.50
N TYR P 450 30.48 19.12 -5.57
CA TYR P 450 29.28 18.37 -5.90
C TYR P 450 28.45 18.21 -4.64
N ARG P 451 27.15 18.46 -4.75
CA ARG P 451 26.24 18.42 -3.62
C ARG P 451 25.50 17.08 -3.60
N LEU P 452 24.57 16.96 -2.66
CA LEU P 452 23.85 15.71 -2.44
C LEU P 452 22.42 16.06 -2.02
N PHE P 453 21.71 15.08 -1.47
CA PHE P 453 20.32 15.26 -1.07
C PHE P 453 20.19 16.38 -0.05
N ARG P 454 19.07 17.11 -0.14
CA ARG P 454 18.76 18.21 0.75
C ARG P 454 17.44 17.94 1.45
N LYS P 455 17.04 18.85 2.34
CA LYS P 455 15.77 18.71 3.04
C LYS P 455 14.59 18.80 2.08
N SER P 456 14.79 19.44 0.92
CA SER P 456 13.73 19.57 -0.07
C SER P 456 14.36 19.68 -1.45
N ASN P 457 13.55 19.45 -2.48
CA ASN P 457 14.02 19.54 -3.84
C ASN P 457 14.27 20.99 -4.22
N LEU P 458 15.30 21.21 -5.06
CA LEU P 458 15.63 22.55 -5.49
C LEU P 458 14.57 23.10 -6.43
N LYS P 459 14.28 24.39 -6.28
CA LYS P 459 13.38 25.05 -7.21
C LYS P 459 14.07 25.22 -8.57
N PRO P 460 13.39 24.91 -9.67
CA PRO P 460 14.00 25.04 -10.99
C PRO P 460 14.64 26.41 -11.22
N PHE P 461 15.83 26.40 -11.81
CA PHE P 461 16.57 27.61 -12.16
C PHE P 461 16.84 28.47 -10.93
N GLU P 462 17.23 27.85 -9.82
CA GLU P 462 17.61 28.54 -8.60
C GLU P 462 18.88 27.93 -8.04
N ARG P 463 19.77 28.77 -7.54
CA ARG P 463 21.04 28.35 -6.98
C ARG P 463 20.92 28.24 -5.47
N ASP P 464 21.60 27.24 -4.90
CA ASP P 464 21.45 26.87 -3.50
C ASP P 464 22.78 27.00 -2.77
N ILE P 465 23.47 28.12 -2.97
CA ILE P 465 24.71 28.38 -2.24
C ILE P 465 24.43 28.37 -0.75
N SER P 466 25.04 27.44 -0.04
CA SER P 466 24.78 27.26 1.39
C SER P 466 26.10 27.11 2.13
N THR P 467 26.12 27.51 3.40
CA THR P 467 27.32 27.32 4.22
C THR P 467 26.99 26.27 5.26
N GLU P 468 25.72 26.22 5.67
CA GLU P 468 25.30 25.30 6.72
C GLU P 468 25.63 23.84 6.53
N ILE P 469 25.81 23.13 7.64
CA ILE P 469 26.03 21.70 7.53
C ILE P 469 24.67 21.00 7.53
N TYR P 470 24.63 19.82 6.93
CA TYR P 470 23.39 19.07 6.78
C TYR P 470 22.87 18.59 8.13
N GLN P 471 21.57 18.39 8.18
CA GLN P 471 20.89 17.93 9.40
C GLN P 471 20.06 16.71 9.09
N ALA P 472 20.23 15.66 9.90
CA ALA P 472 19.52 14.41 9.72
C ALA P 472 18.05 14.49 10.12
N GLY P 473 17.65 15.55 10.82
CA GLY P 473 16.26 15.74 11.19
C GLY P 473 16.04 15.89 12.68
N ASN P 474 16.74 15.10 13.49
CA ASN P 474 16.64 15.20 14.95
C ASN P 474 18.01 14.84 15.54
N LYS P 475 18.84 15.86 15.74
CA LYS P 475 20.14 15.75 16.40
C LYS P 475 20.77 17.13 16.52
N PRO P 476 21.64 17.36 17.50
CA PRO P 476 22.38 18.63 17.55
C PRO P 476 23.66 18.57 16.72
N CYS P 477 23.76 19.48 15.75
CA CYS P 477 24.92 19.58 14.89
C CYS P 477 26.04 20.40 15.53
N ASN P 478 25.73 21.65 15.89
CA ASN P 478 26.69 22.55 16.54
C ASN P 478 27.92 22.80 15.68
N GLY P 479 27.78 22.64 14.36
CA GLY P 479 28.87 22.92 13.45
C GLY P 479 30.05 21.98 13.54
N VAL P 480 29.84 20.74 13.97
CA VAL P 480 30.90 19.75 14.07
C VAL P 480 30.64 18.65 13.03
N ALA P 481 31.65 17.81 12.84
CA ALA P 481 31.59 16.70 11.90
C ALA P 481 31.44 15.41 12.70
N GLY P 482 30.21 15.03 13.01
CA GLY P 482 29.94 13.82 13.76
C GLY P 482 28.97 12.90 13.06
N PHE P 483 28.35 12.00 13.82
CA PHE P 483 27.39 11.07 13.25
C PHE P 483 26.10 11.80 12.89
N ASN P 484 25.54 11.47 11.72
CA ASN P 484 24.31 12.05 11.19
C ASN P 484 24.39 13.55 10.98
N CYS P 485 25.58 14.14 11.06
CA CYS P 485 25.79 15.56 10.79
C CYS P 485 27.10 15.69 10.02
N TYR P 486 27.00 15.76 8.69
CA TYR P 486 28.18 15.81 7.84
C TYR P 486 27.93 16.74 6.67
N PHE P 487 29.02 17.22 6.07
CA PHE P 487 29.00 18.13 4.95
C PHE P 487 28.40 17.43 3.72
N PRO P 488 27.25 17.87 3.22
CA PRO P 488 26.65 17.23 2.03
C PRO P 488 27.37 17.53 0.74
N LEU P 489 28.41 18.37 0.75
CA LEU P 489 29.16 18.71 -0.46
C LEU P 489 30.24 17.66 -0.69
N ARG P 490 29.79 16.46 -1.05
CA ARG P 490 30.68 15.34 -1.33
C ARG P 490 31.22 15.50 -2.76
N SER P 491 32.53 15.72 -2.87
CA SER P 491 33.17 15.95 -4.16
C SER P 491 33.83 14.67 -4.66
N TYR P 492 34.38 14.74 -5.86
CA TYR P 492 35.08 13.62 -6.47
C TYR P 492 36.41 14.10 -7.03
N SER P 493 37.31 13.15 -7.26
CA SER P 493 38.66 13.45 -7.73
C SER P 493 38.70 13.54 -9.26
N PHE P 494 39.78 14.12 -9.76
CA PHE P 494 40.00 14.28 -11.21
C PHE P 494 41.46 13.92 -11.49
N ARG P 495 41.70 12.65 -11.79
CA ARG P 495 43.01 12.14 -12.14
C ARG P 495 43.06 11.82 -13.63
N PRO P 496 44.14 12.17 -14.33
CA PRO P 496 44.20 11.93 -15.78
C PRO P 496 44.46 10.46 -16.11
N THR P 497 43.76 9.55 -15.43
CA THR P 497 43.83 8.14 -15.73
C THR P 497 42.47 7.45 -15.68
N TYR P 498 41.39 8.18 -15.43
CA TYR P 498 40.07 7.59 -15.32
C TYR P 498 39.58 7.11 -16.69
N GLY P 499 38.46 6.40 -16.66
CA GLY P 499 37.82 5.97 -17.89
C GLY P 499 37.13 7.13 -18.60
N VAL P 500 36.49 6.79 -19.72
CA VAL P 500 35.78 7.80 -20.50
C VAL P 500 34.61 8.37 -19.72
N GLY P 501 33.96 7.55 -18.90
CA GLY P 501 32.80 7.97 -18.13
C GLY P 501 33.08 8.76 -16.88
N HIS P 502 34.32 9.19 -16.66
CA HIS P 502 34.64 9.97 -15.48
C HIS P 502 35.55 11.16 -15.77
N GLN P 503 35.80 11.47 -17.04
CA GLN P 503 36.63 12.61 -17.40
C GLN P 503 35.86 13.92 -17.23
N PRO P 504 36.57 15.04 -17.08
CA PRO P 504 35.87 16.33 -16.93
C PRO P 504 35.09 16.69 -18.19
N TYR P 505 33.79 16.92 -18.01
CA TYR P 505 32.90 17.34 -19.10
C TYR P 505 32.43 18.76 -18.83
N ARG P 506 32.84 19.69 -19.70
CA ARG P 506 32.38 21.07 -19.62
C ARG P 506 30.98 21.15 -20.23
N VAL P 507 29.98 21.38 -19.38
CA VAL P 507 28.59 21.42 -19.81
C VAL P 507 28.05 22.82 -19.59
N VAL P 508 27.39 23.36 -20.61
CA VAL P 508 26.78 24.68 -20.55
C VAL P 508 25.45 24.64 -21.32
N VAL P 509 24.38 25.07 -20.66
CA VAL P 509 23.05 25.08 -21.26
C VAL P 509 22.68 26.52 -21.59
N LEU P 510 21.82 26.67 -22.59
CA LEU P 510 21.37 27.97 -23.06
C LEU P 510 19.86 28.07 -22.92
N SER P 511 19.40 29.14 -22.28
CA SER P 511 17.99 29.42 -22.10
C SER P 511 17.55 30.53 -23.06
N PHE P 512 16.41 30.33 -23.70
CA PHE P 512 15.88 31.27 -24.69
C PHE P 512 14.56 31.82 -24.16
N GLU P 513 14.58 33.08 -23.72
CA GLU P 513 13.38 33.75 -23.24
C GLU P 513 12.77 34.61 -24.33
N LEU P 514 11.49 34.94 -24.15
CA LEU P 514 10.76 35.76 -25.12
C LEU P 514 9.74 36.59 -24.33
N LEU P 515 10.12 37.83 -24.03
CA LEU P 515 9.27 38.75 -23.29
C LEU P 515 9.00 40.00 -24.13
N HIS P 516 8.32 40.96 -23.53
CA HIS P 516 7.99 42.22 -24.20
C HIS P 516 9.25 43.07 -24.24
N ALA P 517 10.04 42.89 -25.29
CA ALA P 517 11.31 43.57 -25.45
C ALA P 517 11.47 43.96 -26.91
N PRO P 518 12.32 44.96 -27.21
CA PRO P 518 12.55 45.34 -28.61
C PRO P 518 13.30 44.27 -29.40
N ALA P 519 13.65 44.58 -30.65
CA ALA P 519 14.29 43.61 -31.52
C ALA P 519 15.71 43.33 -31.06
N THR P 520 15.87 42.28 -30.25
CA THR P 520 17.16 41.89 -29.71
C THR P 520 17.82 40.88 -30.66
N VAL P 521 18.84 40.18 -30.18
CA VAL P 521 19.64 39.22 -30.95
C VAL P 521 18.73 38.29 -31.76
N CYS P 522 18.92 38.27 -33.08
CA CYS P 522 18.12 37.39 -33.94
C CYS P 522 18.93 37.13 -35.21
N GLY P 523 19.59 35.97 -35.27
CA GLY P 523 20.31 35.56 -36.45
C GLY P 523 21.60 36.33 -36.65
N PRO P 524 22.63 35.66 -37.18
CA PRO P 524 23.90 36.35 -37.45
C PRO P 524 23.76 37.43 -38.51
N LYS P 525 23.36 37.02 -39.73
CA LYS P 525 23.16 37.90 -40.87
C LYS P 525 22.67 37.10 -42.07
N LYS P 526 22.37 37.77 -43.18
CA LYS P 526 21.97 37.10 -44.40
C LYS P 526 22.32 37.98 -45.58
N SER P 527 23.36 37.60 -46.34
CA SER P 527 23.79 38.33 -47.52
C SER P 527 23.82 37.38 -48.71
N THR P 528 23.66 37.95 -49.92
CA THR P 528 23.57 37.11 -51.11
C THR P 528 24.35 37.69 -52.30
N ASN P 529 25.34 38.55 -52.04
CA ASN P 529 26.24 39.08 -53.09
C ASN P 529 25.43 39.77 -54.19
N LEU P 530 24.84 40.90 -53.80
CA LEU P 530 23.97 41.67 -54.67
C LEU P 530 24.64 41.98 -56.01
N VAL P 531 23.91 41.67 -57.09
CA VAL P 531 24.35 41.96 -58.46
C VAL P 531 23.34 42.89 -59.10
N LYS P 532 23.83 43.90 -59.82
CA LYS P 532 22.99 44.93 -60.44
C LYS P 532 23.17 44.86 -61.94
N ASN P 533 22.40 43.98 -62.60
CA ASN P 533 22.41 43.94 -64.06
C ASN P 533 21.03 43.77 -64.69
N LYS P 534 20.01 43.32 -63.93
CA LYS P 534 18.71 43.03 -64.50
C LYS P 534 17.63 43.30 -63.45
N CYS P 535 16.40 42.92 -63.78
CA CYS P 535 15.27 42.99 -62.86
C CYS P 535 15.26 41.72 -62.01
N VAL P 536 15.56 41.87 -60.72
CA VAL P 536 15.62 40.74 -59.78
C VAL P 536 14.99 41.18 -58.46
N ASN P 537 14.71 40.19 -57.62
CA ASN P 537 14.18 40.46 -56.29
C ASN P 537 15.27 41.06 -55.40
N PHE P 538 14.83 41.77 -54.36
CA PHE P 538 15.74 42.39 -53.42
C PHE P 538 15.14 42.36 -52.02
N ASN P 539 16.03 42.35 -51.02
CA ASN P 539 15.62 42.36 -49.61
C ASN P 539 16.56 43.32 -48.88
N PHE P 540 16.16 44.59 -48.80
CA PHE P 540 16.96 45.62 -48.14
C PHE P 540 16.44 45.84 -46.72
N ASN P 541 16.76 44.89 -45.85
CA ASN P 541 16.47 44.98 -44.42
C ASN P 541 14.96 45.14 -44.17
N GLY P 542 14.16 44.34 -44.86
CA GLY P 542 12.73 44.34 -44.64
C GLY P 542 11.89 44.51 -45.89
N LEU P 543 12.35 45.34 -46.82
CA LEU P 543 11.63 45.58 -48.07
C LEU P 543 11.85 44.39 -49.01
N LYS P 544 10.75 43.76 -49.42
CA LYS P 544 10.84 42.56 -50.24
C LYS P 544 10.07 42.70 -51.54
N GLY P 545 10.25 43.83 -52.23
CA GLY P 545 9.59 44.08 -53.49
C GLY P 545 10.43 43.63 -54.67
N THR P 546 9.95 44.00 -55.87
CA THR P 546 10.63 43.70 -57.11
C THR P 546 10.98 45.00 -57.83
N GLY P 547 11.97 44.92 -58.71
CA GLY P 547 12.38 46.09 -59.46
C GLY P 547 13.75 45.89 -60.08
N VAL P 548 14.21 46.96 -60.72
CA VAL P 548 15.50 46.97 -61.42
C VAL P 548 16.42 47.94 -60.67
N LEU P 549 17.53 47.41 -60.16
CA LEU P 549 18.51 48.25 -59.49
C LEU P 549 19.24 49.12 -60.52
N THR P 550 19.31 50.42 -60.26
CA THR P 550 19.93 51.36 -61.18
C THR P 550 20.99 52.26 -60.57
N GLU P 551 20.98 52.45 -59.24
CA GLU P 551 21.96 53.29 -58.55
C GLU P 551 21.92 54.72 -59.09
N SER P 552 20.77 55.36 -58.85
CA SER P 552 20.55 56.72 -59.31
C SER P 552 21.48 57.71 -58.58
N ASN P 553 21.40 58.97 -58.97
CA ASN P 553 22.27 60.03 -58.45
C ASN P 553 21.55 60.90 -57.43
N LYS P 554 20.69 60.31 -56.62
CA LYS P 554 20.03 61.04 -55.56
C LYS P 554 21.00 61.31 -54.41
N LYS P 555 20.65 62.30 -53.59
CA LYS P 555 21.46 62.72 -52.44
C LYS P 555 20.61 62.60 -51.19
N PHE P 556 20.68 61.45 -50.53
CA PHE P 556 19.91 61.20 -49.32
C PHE P 556 20.61 61.80 -48.10
N LEU P 557 19.99 61.59 -46.95
CA LEU P 557 20.52 62.01 -45.66
C LEU P 557 21.06 60.80 -44.90
N PRO P 558 21.98 61.02 -43.96
CA PRO P 558 22.60 59.86 -43.28
C PRO P 558 21.60 59.00 -42.51
N PHE P 559 20.66 59.61 -41.79
CA PHE P 559 19.69 58.82 -41.03
C PHE P 559 18.67 58.15 -41.94
N GLN P 560 18.44 58.71 -43.12
CA GLN P 560 17.45 58.14 -44.04
C GLN P 560 18.01 56.88 -44.69
N GLN P 561 17.15 55.87 -44.83
CA GLN P 561 17.53 54.60 -45.45
C GLN P 561 16.69 54.27 -46.68
N PHE P 562 15.42 54.61 -46.68
CA PHE P 562 14.52 54.34 -47.80
C PHE P 562 14.09 55.65 -48.44
N GLY P 563 13.67 55.57 -49.71
CA GLY P 563 13.17 56.73 -50.41
C GLY P 563 11.83 56.47 -51.07
N ARG P 564 10.88 57.38 -50.91
CA ARG P 564 9.55 57.22 -51.47
C ARG P 564 9.09 58.53 -52.08
N ASP P 565 8.66 58.48 -53.34
CA ASP P 565 7.98 59.59 -53.98
C ASP P 565 6.52 59.58 -53.53
N ILE P 566 5.67 60.35 -54.22
CA ILE P 566 4.24 60.39 -53.87
C ILE P 566 3.58 59.26 -54.63
N ALA P 567 3.75 58.05 -54.10
CA ALA P 567 3.04 56.88 -54.61
C ALA P 567 2.68 55.87 -53.54
N ASP P 568 2.99 56.14 -52.26
CA ASP P 568 2.83 55.16 -51.18
C ASP P 568 3.58 53.87 -51.49
N THR P 569 4.74 53.99 -52.12
CA THR P 569 5.54 52.85 -52.53
C THR P 569 7.00 53.27 -52.63
N THR P 570 7.89 52.43 -52.12
CA THR P 570 9.31 52.74 -52.12
C THR P 570 9.88 52.66 -53.53
N ASP P 571 10.67 53.67 -53.91
CA ASP P 571 11.32 53.70 -55.22
C ASP P 571 12.82 53.89 -55.15
N ALA P 572 13.40 54.02 -53.96
CA ALA P 572 14.84 54.20 -53.81
C ALA P 572 15.26 53.72 -52.43
N VAL P 573 16.32 52.91 -52.37
CA VAL P 573 16.81 52.36 -51.13
C VAL P 573 18.32 52.58 -51.03
N ARG P 574 18.82 52.52 -49.81
CA ARG P 574 20.25 52.64 -49.52
C ARG P 574 20.80 51.28 -49.18
N ASP P 575 21.91 50.91 -49.80
CA ASP P 575 22.53 49.62 -49.54
C ASP P 575 23.05 49.59 -48.11
N PRO P 576 22.72 48.56 -47.32
CA PRO P 576 23.17 48.55 -45.93
C PRO P 576 24.69 48.44 -45.79
N GLN P 577 25.34 47.64 -46.64
CA GLN P 577 26.77 47.45 -46.52
C GLN P 577 27.55 48.66 -47.01
N THR P 578 27.39 49.01 -48.29
CA THR P 578 28.06 50.16 -48.87
C THR P 578 27.10 51.34 -48.92
N LEU P 579 27.59 52.52 -48.53
CA LEU P 579 26.77 53.72 -48.47
C LEU P 579 26.51 54.24 -49.89
N GLU P 580 25.61 53.54 -50.58
CA GLU P 580 25.23 53.88 -51.94
C GLU P 580 23.74 54.23 -51.97
N ILE P 581 23.34 54.92 -53.03
CA ILE P 581 21.97 55.36 -53.22
C ILE P 581 21.44 54.66 -54.46
N LEU P 582 20.55 53.68 -54.27
CA LEU P 582 19.98 52.91 -55.36
C LEU P 582 18.59 53.44 -55.72
N ASP P 583 18.06 52.93 -56.83
CA ASP P 583 16.74 53.30 -57.31
C ASP P 583 16.10 52.06 -57.93
N ILE P 584 15.00 51.59 -57.34
CA ILE P 584 14.34 50.37 -57.78
C ILE P 584 13.22 50.79 -58.73
N THR P 585 13.53 50.86 -60.01
CA THR P 585 12.47 51.04 -60.98
C THR P 585 11.78 49.70 -61.24
N PRO P 586 10.45 49.68 -61.32
CA PRO P 586 9.74 48.40 -61.43
C PRO P 586 10.12 47.64 -62.68
N CYS P 587 9.88 46.33 -62.65
CA CYS P 587 10.21 45.46 -63.76
C CYS P 587 9.39 45.83 -64.99
N SER P 588 9.78 45.28 -66.14
CA SER P 588 9.12 45.59 -67.40
C SER P 588 7.72 44.98 -67.40
N PHE P 589 6.70 45.83 -67.54
CA PHE P 589 5.31 45.40 -67.60
C PHE P 589 4.58 46.24 -68.65
N GLY P 590 3.31 45.90 -68.86
CA GLY P 590 2.51 46.63 -69.83
C GLY P 590 1.24 45.89 -70.20
N GLY P 591 0.80 46.10 -71.43
CA GLY P 591 -0.41 45.47 -71.92
C GLY P 591 -0.26 44.92 -73.32
N VAL P 592 -0.84 43.76 -73.58
CA VAL P 592 -0.73 43.08 -74.87
C VAL P 592 -1.97 43.39 -75.70
N SER P 593 -1.76 43.95 -76.89
CA SER P 593 -2.83 44.21 -77.84
C SER P 593 -2.60 43.37 -79.09
N VAL P 594 -3.69 42.95 -79.71
CA VAL P 594 -3.65 42.05 -80.87
C VAL P 594 -4.38 42.72 -82.01
N ILE P 595 -3.65 43.07 -83.06
CA ILE P 595 -4.24 43.61 -84.29
C ILE P 595 -4.55 42.44 -85.21
N THR P 596 -5.82 42.29 -85.58
CA THR P 596 -6.23 41.16 -86.39
C THR P 596 -7.23 41.61 -87.47
N PRO P 597 -6.94 41.34 -88.74
CA PRO P 597 -7.90 41.68 -89.80
C PRO P 597 -9.19 40.87 -89.74
N GLY P 598 -9.23 39.80 -88.94
CA GLY P 598 -10.41 38.97 -88.85
C GLY P 598 -10.18 37.57 -89.38
N THR P 599 -10.83 36.58 -88.77
CA THR P 599 -10.71 35.19 -89.21
C THR P 599 -11.64 34.90 -90.37
N ASN P 600 -11.52 35.71 -91.42
CA ASN P 600 -12.29 35.52 -92.65
C ASN P 600 -11.49 35.75 -93.92
N THR P 601 -10.34 36.41 -93.86
CA THR P 601 -9.52 36.64 -95.04
C THR P 601 -8.11 36.15 -94.81
N SER P 602 -7.66 36.18 -93.55
CA SER P 602 -6.32 35.73 -93.20
C SER P 602 -6.30 35.37 -91.72
N ASN P 603 -5.16 34.85 -91.27
CA ASN P 603 -4.97 34.48 -89.88
C ASN P 603 -3.73 35.12 -89.28
N GLN P 604 -3.14 36.11 -89.95
CA GLN P 604 -1.96 36.80 -89.43
C GLN P 604 -2.37 37.86 -88.42
N VAL P 605 -1.55 38.04 -87.39
CA VAL P 605 -1.80 39.00 -86.33
C VAL P 605 -0.59 39.91 -86.19
N ALA P 606 -0.70 40.89 -85.30
CA ALA P 606 0.39 41.84 -85.05
C ALA P 606 0.29 42.26 -83.59
N VAL P 607 1.19 41.73 -82.75
CA VAL P 607 1.17 42.04 -81.33
C VAL P 607 1.53 43.50 -81.13
N LEU P 608 0.88 44.15 -80.15
CA LEU P 608 1.12 45.55 -79.82
C LEU P 608 1.28 45.67 -78.31
N TYR P 609 2.53 45.78 -77.85
CA TYR P 609 2.79 46.02 -76.45
C TYR P 609 2.63 47.50 -76.12
N GLN P 610 2.27 47.78 -74.87
CA GLN P 610 2.03 49.14 -74.40
C GLN P 610 3.02 49.47 -73.30
N GLY P 611 3.81 50.51 -73.51
CA GLY P 611 4.78 50.95 -72.52
C GLY P 611 6.13 50.28 -72.61
N VAL P 612 6.47 49.72 -73.77
CA VAL P 612 7.75 49.04 -73.97
C VAL P 612 8.50 49.74 -75.10
N ASN P 613 9.81 49.76 -74.97
CA ASN P 613 10.66 50.50 -75.85
C ASN P 613 11.26 49.56 -76.87
N CYS P 614 10.57 48.46 -77.13
CA CYS P 614 11.03 47.40 -78.04
C CYS P 614 12.36 46.80 -77.59
N THR P 615 12.75 47.03 -76.34
CA THR P 615 13.98 46.47 -75.80
C THR P 615 13.75 45.75 -74.48
N GLU P 616 12.49 45.55 -74.07
CA GLU P 616 12.18 44.88 -72.82
C GLU P 616 11.19 43.73 -73.03
N VAL P 617 11.00 43.30 -74.27
CA VAL P 617 10.08 42.21 -74.57
C VAL P 617 10.72 40.87 -74.23
N ASN P 638 9.03 42.38 -88.48
CA ASN P 638 9.41 43.78 -88.27
C ASN P 638 8.99 44.26 -86.90
N VAL P 639 9.88 44.98 -86.23
CA VAL P 639 9.64 45.51 -84.89
C VAL P 639 9.83 47.02 -84.96
N PHE P 640 8.73 47.76 -85.01
CA PHE P 640 8.76 49.21 -85.09
C PHE P 640 8.39 49.83 -83.74
N GLN P 641 8.81 51.07 -83.56
CA GLN P 641 8.60 51.80 -82.31
C GLN P 641 7.72 53.02 -82.59
N THR P 642 6.46 52.94 -82.18
CA THR P 642 5.53 54.06 -82.27
C THR P 642 5.37 54.70 -80.89
N ARG P 643 4.63 55.80 -80.84
CA ARG P 643 4.36 56.44 -79.56
C ARG P 643 3.15 55.80 -78.88
N ALA P 644 3.15 54.47 -78.82
CA ALA P 644 2.13 53.73 -78.10
C ALA P 644 2.67 52.47 -77.42
N GLY P 645 3.98 52.24 -77.47
CA GLY P 645 4.55 51.02 -76.96
C GLY P 645 5.50 50.38 -77.95
N CYS P 646 5.28 49.10 -78.27
CA CYS P 646 6.10 48.40 -79.24
C CYS P 646 5.20 47.56 -80.12
N LEU P 647 5.27 47.76 -81.43
CA LEU P 647 4.48 47.03 -82.40
C LEU P 647 5.37 45.99 -83.08
N ILE P 648 5.03 44.72 -82.90
CA ILE P 648 5.82 43.61 -83.44
C ILE P 648 4.94 42.85 -84.43
N GLY P 649 5.27 42.93 -85.71
CA GLY P 649 4.55 42.18 -86.72
C GLY P 649 3.87 43.05 -87.77
N ALA P 650 4.40 44.23 -88.01
CA ALA P 650 3.83 45.16 -88.99
C ALA P 650 4.94 46.00 -89.61
N GLU P 651 4.71 46.41 -90.86
CA GLU P 651 5.65 47.25 -91.58
C GLU P 651 5.38 48.72 -91.29
N TYR P 652 6.15 49.60 -91.93
CA TYR P 652 6.04 51.04 -91.75
C TYR P 652 6.06 51.75 -93.10
N VAL P 653 5.19 51.29 -94.01
CA VAL P 653 5.10 51.92 -95.33
C VAL P 653 4.76 53.40 -95.16
N ASN P 654 5.45 54.24 -95.92
CA ASN P 654 5.32 55.69 -95.82
C ASN P 654 4.15 56.24 -96.63
N ASN P 655 3.21 55.40 -97.03
CA ASN P 655 2.03 55.84 -97.76
C ASN P 655 1.00 56.39 -96.78
N SER P 656 -0.18 56.75 -97.29
CA SER P 656 -1.23 57.30 -96.45
C SER P 656 -2.58 56.95 -97.06
N TYR P 657 -3.37 56.18 -96.33
CA TYR P 657 -4.72 55.80 -96.76
C TYR P 657 -5.74 56.08 -95.66
N GLU P 658 -6.96 55.63 -95.85
CA GLU P 658 -7.97 55.74 -94.80
C GLU P 658 -7.53 54.92 -93.59
N CYS P 659 -7.84 55.44 -92.40
CA CYS P 659 -7.34 54.82 -91.16
C CYS P 659 -8.10 53.54 -90.90
N ASP P 660 -7.39 52.41 -91.00
CA ASP P 660 -7.89 51.11 -90.55
C ASP P 660 -7.70 51.03 -89.04
N ILE P 661 -7.72 49.81 -88.49
CA ILE P 661 -7.62 49.55 -87.05
C ILE P 661 -6.65 50.51 -86.39
N PRO P 662 -7.10 51.32 -85.43
CA PRO P 662 -6.22 52.30 -84.81
C PRO P 662 -5.24 51.67 -83.82
N ILE P 663 -4.08 52.30 -83.71
CA ILE P 663 -3.03 51.85 -82.80
C ILE P 663 -2.73 52.92 -81.75
N GLY P 664 -2.56 54.15 -82.17
CA GLY P 664 -2.25 55.26 -81.28
C GLY P 664 -1.29 56.22 -81.95
N ALA P 665 -1.40 57.49 -81.57
CA ALA P 665 -0.56 58.56 -82.10
C ALA P 665 -0.68 58.68 -83.62
N GLY P 666 -1.84 58.32 -84.17
CA GLY P 666 -2.09 58.43 -85.59
C GLY P 666 -1.75 57.18 -86.39
N ILE P 667 -1.10 56.20 -85.77
CA ILE P 667 -0.70 54.99 -86.47
C ILE P 667 -1.94 54.12 -86.68
N CYS P 668 -2.23 53.80 -87.94
CA CYS P 668 -3.32 52.90 -88.30
C CYS P 668 -2.75 51.67 -88.99
N ALA P 669 -3.37 50.52 -88.71
CA ALA P 669 -2.87 49.25 -89.21
C ALA P 669 -3.91 48.62 -90.13
N SER P 670 -3.53 48.43 -91.39
CA SER P 670 -4.40 47.84 -92.40
C SER P 670 -3.82 46.53 -92.89
N TYR P 671 -4.54 45.89 -93.82
CA TYR P 671 -4.14 44.62 -94.42
C TYR P 671 -4.23 44.80 -95.93
N GLN P 672 -3.15 45.28 -96.54
CA GLN P 672 -3.10 45.55 -97.96
C GLN P 672 -2.05 44.69 -98.62
N THR P 673 -2.08 44.66 -99.95
CA THR P 673 -1.13 43.89 -100.74
C THR P 673 0.24 44.57 -100.78
N SER P 686 1.49 38.89 -102.46
CA SER P 686 1.99 39.01 -101.10
C SER P 686 1.08 39.90 -100.26
N GLN P 687 0.59 39.36 -99.15
CA GLN P 687 -0.30 40.08 -98.25
C GLN P 687 0.33 40.14 -96.86
N SER P 688 0.27 41.33 -96.25
CA SER P 688 0.84 41.52 -94.93
C SER P 688 0.05 42.62 -94.21
N ILE P 689 0.30 42.73 -92.91
CA ILE P 689 -0.37 43.73 -92.07
C ILE P 689 0.55 44.94 -92.00
N ILE P 690 0.22 45.98 -92.78
CA ILE P 690 1.02 47.19 -92.77
C ILE P 690 0.56 48.12 -91.65
N ALA P 691 1.42 49.08 -91.31
CA ALA P 691 1.11 50.08 -90.28
C ALA P 691 1.66 51.42 -90.76
N TYR P 692 0.77 52.31 -91.16
CA TYR P 692 1.13 53.59 -91.74
C TYR P 692 0.56 54.72 -90.89
N THR P 693 0.77 55.95 -91.37
CA THR P 693 0.24 57.15 -90.74
C THR P 693 -1.06 57.55 -91.43
N MET P 694 -2.07 57.88 -90.64
CA MET P 694 -3.38 58.18 -91.19
C MET P 694 -3.35 59.44 -92.04
N SER P 695 -4.24 59.49 -93.02
CA SER P 695 -4.39 60.64 -93.90
C SER P 695 -5.71 61.33 -93.57
N LEU P 696 -5.66 62.65 -93.41
CA LEU P 696 -6.83 63.44 -93.04
C LEU P 696 -7.68 63.81 -94.24
N GLY P 697 -7.51 63.12 -95.36
CA GLY P 697 -8.26 63.40 -96.57
C GLY P 697 -7.38 63.98 -97.66
N ALA P 698 -8.01 64.28 -98.79
CA ALA P 698 -7.30 64.87 -99.90
C ALA P 698 -6.89 66.31 -99.59
N GLU P 699 -5.90 66.80 -100.34
CA GLU P 699 -5.39 68.16 -100.18
C GLU P 699 -5.99 69.03 -101.26
N ASN P 700 -6.64 70.12 -100.86
CA ASN P 700 -7.28 71.04 -101.79
C ASN P 700 -6.87 72.47 -101.44
N SER P 701 -6.83 73.31 -102.47
CA SER P 701 -6.48 74.72 -102.31
C SER P 701 -7.39 75.55 -103.18
N VAL P 702 -8.31 76.27 -102.55
CA VAL P 702 -9.25 77.12 -103.28
C VAL P 702 -8.51 78.36 -103.78
N ALA P 703 -8.64 78.64 -105.07
CA ALA P 703 -7.95 79.78 -105.70
C ALA P 703 -8.68 81.06 -105.30
N TYR P 704 -8.33 81.57 -104.13
CA TYR P 704 -8.93 82.80 -103.62
C TYR P 704 -8.44 83.99 -104.44
N SER P 705 -9.36 84.92 -104.71
CA SER P 705 -9.03 86.13 -105.44
C SER P 705 -10.03 87.22 -105.06
N ASN P 706 -9.59 88.42 -105.32
CA ASN P 706 -10.35 89.55 -104.97
C ASN P 706 -11.34 90.00 -106.01
N ASN P 707 -11.52 89.21 -107.05
CA ASN P 707 -12.55 89.42 -108.07
C ASN P 707 -12.99 88.11 -108.70
N SER P 708 -12.99 87.02 -107.93
CA SER P 708 -13.36 85.71 -108.45
C SER P 708 -14.41 85.09 -107.55
N ILE P 709 -15.51 84.62 -108.14
CA ILE P 709 -16.58 83.96 -107.42
C ILE P 709 -16.97 82.70 -108.16
N ALA P 710 -17.47 81.71 -107.42
CA ALA P 710 -17.89 80.43 -107.97
C ALA P 710 -19.38 80.26 -107.72
N ILE P 711 -20.17 80.29 -108.78
CA ILE P 711 -21.62 80.10 -108.72
C ILE P 711 -21.95 78.77 -109.38
N PRO P 712 -22.66 77.88 -108.72
CA PRO P 712 -22.98 76.59 -109.34
C PRO P 712 -24.00 76.74 -110.46
N THR P 713 -23.99 75.74 -111.34
CA THR P 713 -24.89 75.72 -112.50
C THR P 713 -25.80 74.50 -112.51
N ASN P 714 -25.80 73.65 -111.51
CA ASN P 714 -26.72 72.55 -111.43
C ASN P 714 -26.77 72.09 -110.02
N PHE P 715 -27.80 71.34 -109.71
CA PHE P 715 -28.07 70.85 -108.37
C PHE P 715 -28.19 69.34 -108.37
N THR P 716 -27.75 68.72 -107.27
CA THR P 716 -27.84 67.28 -107.07
C THR P 716 -28.51 67.03 -105.73
N ILE P 717 -29.71 66.45 -105.76
CA ILE P 717 -30.48 66.16 -104.56
C ILE P 717 -30.07 64.78 -104.06
N SER P 718 -29.52 64.74 -102.85
CA SER P 718 -29.08 63.50 -102.23
C SER P 718 -29.90 63.23 -100.97
N VAL P 719 -30.02 61.95 -100.62
CA VAL P 719 -30.75 61.52 -99.45
C VAL P 719 -29.81 60.73 -98.55
N THR P 720 -29.60 61.22 -97.33
CA THR P 720 -28.73 60.57 -96.37
C THR P 720 -29.58 59.95 -95.26
N THR P 721 -28.91 59.30 -94.31
CA THR P 721 -29.57 58.66 -93.19
C THR P 721 -28.85 59.02 -91.90
N GLU P 722 -29.59 58.96 -90.79
CA GLU P 722 -29.04 59.25 -89.47
C GLU P 722 -29.81 58.43 -88.46
N ILE P 723 -29.13 57.48 -87.82
CA ILE P 723 -29.76 56.56 -86.88
C ILE P 723 -29.61 57.11 -85.48
N LEU P 724 -30.67 57.00 -84.68
CA LEU P 724 -30.68 57.48 -83.31
C LEU P 724 -31.45 56.50 -82.43
N PRO P 725 -30.83 55.93 -81.41
CA PRO P 725 -31.57 55.05 -80.48
C PRO P 725 -32.59 55.86 -79.69
N VAL P 726 -33.81 55.36 -79.62
CA VAL P 726 -34.88 56.05 -78.92
C VAL P 726 -35.35 55.33 -77.66
N SER P 727 -35.28 54.00 -77.61
CA SER P 727 -35.78 53.27 -76.45
C SER P 727 -34.79 52.18 -76.08
N MET P 728 -34.90 51.72 -74.83
CA MET P 728 -34.07 50.65 -74.30
C MET P 728 -34.98 49.56 -73.76
N THR P 729 -34.49 48.31 -73.82
CA THR P 729 -35.26 47.17 -73.39
C THR P 729 -35.53 47.25 -71.88
N LYS P 730 -36.81 47.31 -71.52
CA LYS P 730 -37.19 47.37 -70.11
C LYS P 730 -36.92 46.03 -69.44
N THR P 731 -36.41 46.09 -68.21
CA THR P 731 -36.06 44.90 -67.46
C THR P 731 -36.55 45.04 -66.02
N SER P 732 -36.55 43.93 -65.31
CA SER P 732 -36.95 43.89 -63.91
C SER P 732 -36.26 42.72 -63.23
N VAL P 733 -35.93 42.90 -61.96
CA VAL P 733 -35.22 41.89 -61.19
C VAL P 733 -36.08 41.43 -60.03
N ASP P 734 -35.83 40.20 -59.59
CA ASP P 734 -36.51 39.61 -58.44
C ASP P 734 -35.50 39.46 -57.33
N CYS P 735 -35.80 40.04 -56.16
CA CYS P 735 -34.84 40.05 -55.06
C CYS P 735 -34.67 38.65 -54.48
N THR P 736 -35.78 37.95 -54.21
CA THR P 736 -35.74 36.65 -53.58
C THR P 736 -35.61 35.50 -54.58
N MET P 737 -35.13 35.79 -55.79
CA MET P 737 -34.93 34.74 -56.79
C MET P 737 -33.51 34.79 -57.33
N TYR P 738 -32.92 35.98 -57.38
CA TYR P 738 -31.54 36.12 -57.84
C TYR P 738 -30.56 35.79 -56.73
N ILE P 739 -30.84 36.25 -55.50
CA ILE P 739 -29.97 35.95 -54.36
C ILE P 739 -30.20 34.52 -53.89
N CYS P 740 -31.44 34.21 -53.51
CA CYS P 740 -31.83 32.87 -53.06
C CYS P 740 -32.54 32.19 -54.23
N GLY P 741 -31.84 31.30 -54.91
CA GLY P 741 -32.43 30.56 -56.02
C GLY P 741 -32.86 29.16 -55.64
N ASP P 742 -34.16 28.93 -55.57
CA ASP P 742 -34.73 27.64 -55.15
C ASP P 742 -34.20 27.25 -53.77
N SER P 743 -34.06 28.24 -52.90
CA SER P 743 -33.41 28.08 -51.59
C SER P 743 -34.27 28.75 -50.52
N THR P 744 -35.54 28.36 -50.45
CA THR P 744 -36.52 28.95 -49.53
C THR P 744 -35.98 29.17 -48.13
N GLU P 745 -35.03 28.35 -47.69
CA GLU P 745 -34.38 28.59 -46.40
C GLU P 745 -33.54 29.86 -46.43
N CYS P 746 -32.92 30.16 -47.57
CA CYS P 746 -32.14 31.38 -47.71
C CYS P 746 -33.04 32.61 -47.63
N SER P 747 -34.27 32.50 -48.11
CA SER P 747 -35.17 33.65 -48.10
C SER P 747 -35.56 34.05 -46.67
N ASN P 748 -35.50 33.12 -45.72
CA ASN P 748 -35.82 33.45 -44.35
C ASN P 748 -34.83 34.46 -43.78
N LEU P 749 -33.55 34.33 -44.13
CA LEU P 749 -32.55 35.28 -43.67
C LEU P 749 -32.50 36.52 -44.56
N LEU P 750 -32.87 36.39 -45.84
CA LEU P 750 -32.83 37.53 -46.74
C LEU P 750 -33.87 38.58 -46.37
N LEU P 751 -35.03 38.15 -45.89
CA LEU P 751 -36.06 39.11 -45.48
C LEU P 751 -35.62 39.89 -44.25
N GLN P 752 -35.02 39.21 -43.27
CA GLN P 752 -34.54 39.87 -42.06
C GLN P 752 -33.07 40.25 -42.24
N TYR P 753 -32.84 41.06 -43.27
CA TYR P 753 -31.50 41.53 -43.60
C TYR P 753 -31.43 43.04 -43.86
N GLY P 754 -32.53 43.69 -44.18
CA GLY P 754 -32.53 45.10 -44.46
C GLY P 754 -33.40 45.48 -45.65
N SER P 755 -34.01 46.66 -45.60
CA SER P 755 -34.89 47.13 -46.65
C SER P 755 -34.03 47.62 -47.83
N PHE P 756 -33.52 46.66 -48.59
CA PHE P 756 -32.70 46.95 -49.75
C PHE P 756 -33.31 46.50 -51.07
N CYS P 757 -34.27 45.57 -51.04
CA CYS P 757 -34.92 45.11 -52.26
C CYS P 757 -35.74 46.19 -52.94
N THR P 758 -36.28 47.15 -52.19
CA THR P 758 -37.07 48.22 -52.77
C THR P 758 -36.20 49.21 -53.54
N GLN P 759 -34.97 49.42 -53.10
CA GLN P 759 -34.07 50.34 -53.80
C GLN P 759 -33.74 49.83 -55.20
N LEU P 760 -33.44 48.55 -55.33
CA LEU P 760 -33.06 47.97 -56.61
C LEU P 760 -34.27 47.64 -57.49
N LYS P 761 -35.49 47.71 -56.94
CA LYS P 761 -36.70 47.44 -57.71
C LYS P 761 -37.44 48.70 -58.13
N ARG P 762 -37.49 49.73 -57.29
CA ARG P 762 -38.15 50.97 -57.67
C ARG P 762 -37.31 51.79 -58.62
N ALA P 763 -35.98 51.69 -58.54
CA ALA P 763 -35.12 52.41 -59.48
C ALA P 763 -35.26 51.86 -60.89
N LEU P 764 -35.35 50.53 -61.04
CA LEU P 764 -35.57 49.94 -62.35
C LEU P 764 -36.98 50.22 -62.87
N THR P 765 -37.93 50.48 -61.98
CA THR P 765 -39.28 50.83 -62.40
C THR P 765 -39.33 52.21 -63.07
N GLY P 766 -38.59 53.18 -62.55
CA GLY P 766 -38.54 54.49 -63.19
C GLY P 766 -37.88 54.46 -64.55
N ILE P 767 -36.97 53.52 -64.78
CA ILE P 767 -36.37 53.36 -66.10
C ILE P 767 -37.39 52.82 -67.09
N ALA P 768 -38.24 51.89 -66.64
CA ALA P 768 -39.26 51.33 -67.52
C ALA P 768 -40.28 52.39 -67.93
N VAL P 769 -40.65 53.27 -67.00
CA VAL P 769 -41.56 54.36 -67.35
C VAL P 769 -40.85 55.38 -68.23
N GLU P 770 -39.54 55.54 -68.06
CA GLU P 770 -38.78 56.48 -68.89
C GLU P 770 -38.73 56.00 -70.34
N GLN P 771 -38.53 54.70 -70.56
CA GLN P 771 -38.48 54.18 -71.92
C GLN P 771 -39.82 54.30 -72.61
N ASP P 772 -40.92 54.20 -71.87
CA ASP P 772 -42.24 54.41 -72.44
C ASP P 772 -42.51 55.89 -72.70
N LYS P 773 -41.80 56.79 -72.03
CA LYS P 773 -41.92 58.22 -72.28
C LYS P 773 -41.02 58.69 -73.41
N ASN P 774 -39.87 58.06 -73.59
CA ASN P 774 -38.99 58.41 -74.70
C ASN P 774 -39.64 58.13 -76.04
N THR P 775 -40.48 57.10 -76.12
CA THR P 775 -41.22 56.81 -77.34
C THR P 775 -42.47 57.67 -77.47
N GLN P 776 -43.09 58.06 -76.35
CA GLN P 776 -44.27 58.91 -76.35
C GLN P 776 -43.92 60.38 -76.53
N GLU P 777 -42.64 60.72 -76.64
CA GLU P 777 -42.22 62.08 -76.90
C GLU P 777 -41.59 62.28 -78.27
N VAL P 778 -41.35 61.21 -79.01
CA VAL P 778 -40.76 61.29 -80.35
C VAL P 778 -41.85 61.08 -81.39
N PHE P 779 -42.52 59.93 -81.32
CA PHE P 779 -43.61 59.63 -82.26
C PHE P 779 -44.96 60.07 -81.68
N ALA P 780 -45.05 61.35 -81.27
CA ALA P 780 -46.32 61.87 -80.79
C ALA P 780 -46.50 63.36 -81.11
N GLN P 781 -45.79 63.89 -82.10
CA GLN P 781 -45.85 65.32 -82.39
C GLN P 781 -47.19 65.72 -82.99
N VAL P 782 -47.92 64.78 -83.56
CA VAL P 782 -49.23 65.04 -84.15
C VAL P 782 -50.30 64.45 -83.24
N LYS P 783 -51.42 65.18 -83.10
CA LYS P 783 -52.52 64.68 -82.28
C LYS P 783 -53.41 63.72 -83.07
N GLN P 784 -53.67 64.02 -84.34
CA GLN P 784 -54.48 63.19 -85.20
C GLN P 784 -53.61 62.23 -86.00
N ILE P 785 -54.24 61.20 -86.55
CA ILE P 785 -53.57 60.20 -87.36
C ILE P 785 -54.00 60.42 -88.81
N TYR P 786 -53.11 61.02 -89.60
CA TYR P 786 -53.41 61.29 -90.99
C TYR P 786 -53.25 60.03 -91.84
N LYS P 787 -53.97 60.00 -92.96
CA LYS P 787 -53.93 58.88 -93.88
C LYS P 787 -53.60 59.37 -95.27
N THR P 788 -52.87 58.54 -96.02
CA THR P 788 -52.48 58.90 -97.37
C THR P 788 -53.69 58.82 -98.31
N PRO P 789 -53.80 59.72 -99.27
CA PRO P 789 -54.92 59.66 -100.22
C PRO P 789 -54.78 58.47 -101.15
N PRO P 790 -55.87 58.04 -101.79
CA PRO P 790 -55.76 56.90 -102.71
C PRO P 790 -54.87 57.19 -103.92
N ILE P 791 -54.94 58.41 -104.46
CA ILE P 791 -54.07 58.77 -105.58
C ILE P 791 -52.65 59.01 -105.07
N LYS P 792 -51.67 58.49 -105.81
CA LYS P 792 -50.27 58.58 -105.43
C LYS P 792 -49.45 59.32 -106.48
N TYR P 793 -50.00 60.41 -107.00
CA TYR P 793 -49.31 61.27 -107.96
C TYR P 793 -49.05 62.60 -107.29
N PHE P 794 -47.82 62.79 -106.79
CA PHE P 794 -47.43 63.99 -106.07
C PHE P 794 -46.52 64.88 -106.91
N GLY P 795 -46.77 64.92 -108.22
CA GLY P 795 -46.01 65.76 -109.13
C GLY P 795 -44.95 65.01 -109.92
N GLY P 796 -44.64 63.78 -109.54
CA GLY P 796 -43.62 63.01 -110.23
C GLY P 796 -42.77 62.19 -109.29
N PHE P 797 -42.90 62.45 -107.99
CA PHE P 797 -42.15 61.71 -106.99
C PHE P 797 -42.79 60.35 -106.75
N ASN P 798 -41.97 59.47 -106.25
CA ASN P 798 -42.37 58.12 -106.06
C ASN P 798 -42.18 57.76 -104.65
N PHE P 799 -43.27 57.83 -103.95
CA PHE P 799 -43.27 57.51 -102.52
C PHE P 799 -43.76 56.07 -102.31
N SER P 800 -43.10 55.15 -103.01
CA SER P 800 -43.42 53.73 -102.93
C SER P 800 -42.44 52.97 -102.04
N GLN P 801 -41.57 53.70 -101.33
CA GLN P 801 -40.60 53.09 -100.44
C GLN P 801 -40.74 53.52 -98.98
N ILE P 802 -41.32 54.69 -98.73
CA ILE P 802 -41.49 55.19 -97.37
C ILE P 802 -42.92 55.00 -96.87
N LEU P 803 -43.89 55.05 -97.78
CA LEU P 803 -45.28 54.85 -97.39
C LEU P 803 -45.53 53.37 -97.09
N PRO P 804 -46.47 53.07 -96.19
CA PRO P 804 -46.76 51.68 -95.86
C PRO P 804 -47.37 50.93 -97.02
N ASP P 805 -47.24 49.61 -96.98
CA ASP P 805 -47.75 48.73 -98.02
C ASP P 805 -48.96 47.97 -97.51
N PRO P 806 -50.09 47.99 -98.23
CA PRO P 806 -51.27 47.26 -97.73
C PRO P 806 -51.13 45.76 -97.82
N SER P 807 -50.35 45.25 -98.77
CA SER P 807 -50.20 43.80 -98.91
C SER P 807 -49.34 43.22 -97.80
N LYS P 808 -48.52 44.05 -97.15
CA LYS P 808 -47.69 43.59 -96.05
C LYS P 808 -48.56 43.29 -94.83
N PRO P 809 -48.43 42.10 -94.23
CA PRO P 809 -49.23 41.83 -93.02
C PRO P 809 -48.93 42.77 -91.87
N SER P 810 -47.67 43.18 -91.71
CA SER P 810 -47.30 44.09 -90.64
C SER P 810 -47.63 45.55 -90.95
N LYS P 811 -48.07 45.84 -92.18
CA LYS P 811 -48.45 47.19 -92.59
C LYS P 811 -47.30 48.18 -92.39
N ARG P 812 -46.14 47.85 -92.96
CA ARG P 812 -44.96 48.70 -92.92
C ARG P 812 -44.56 49.06 -94.35
N SER P 813 -43.43 49.76 -94.46
CA SER P 813 -42.88 50.19 -95.74
C SER P 813 -41.73 49.30 -96.15
N PRO P 814 -41.40 49.26 -97.45
CA PRO P 814 -40.28 48.40 -97.89
C PRO P 814 -38.95 48.74 -97.22
N ILE P 815 -38.72 50.02 -96.91
CA ILE P 815 -37.47 50.38 -96.24
C ILE P 815 -37.49 49.91 -94.79
N GLU P 816 -38.62 50.07 -94.11
CA GLU P 816 -38.72 49.61 -92.72
C GLU P 816 -38.68 48.10 -92.61
N ASP P 817 -39.05 47.37 -93.66
CA ASP P 817 -38.97 45.92 -93.61
C ASP P 817 -37.53 45.44 -93.55
N LEU P 818 -36.60 46.17 -94.18
CA LEU P 818 -35.18 45.81 -94.10
C LEU P 818 -34.59 46.13 -92.74
N LEU P 819 -35.21 47.04 -91.98
CA LEU P 819 -34.68 47.41 -90.67
C LEU P 819 -35.05 46.40 -89.60
N PHE P 820 -36.26 45.84 -89.67
CA PHE P 820 -36.71 44.84 -88.71
C PHE P 820 -36.22 43.45 -89.04
N ASN P 821 -35.48 43.28 -90.14
CA ASN P 821 -34.92 41.99 -90.50
C ASN P 821 -33.40 41.94 -90.37
N LYS P 822 -32.75 43.08 -90.17
CA LYS P 822 -31.30 43.13 -90.00
C LYS P 822 -30.88 43.32 -88.55
N VAL P 823 -31.66 44.06 -87.76
CA VAL P 823 -31.35 44.30 -86.35
C VAL P 823 -32.10 43.24 -85.54
N THR P 824 -31.40 42.17 -85.18
CA THR P 824 -32.00 41.08 -84.41
C THR P 824 -31.34 40.97 -83.04
N ARG P 844 -34.54 26.79 -75.86
CA ARG P 844 -33.93 27.43 -74.70
C ARG P 844 -32.93 28.49 -75.13
N ASP P 845 -33.42 29.57 -75.71
CA ASP P 845 -32.55 30.66 -76.16
C ASP P 845 -32.10 31.51 -74.97
N LEU P 846 -31.29 32.53 -75.27
CA LEU P 846 -30.78 33.40 -74.22
C LEU P 846 -31.88 34.25 -73.60
N ILE P 847 -32.92 34.60 -74.35
CA ILE P 847 -34.00 35.41 -73.80
C ILE P 847 -34.77 34.63 -72.74
N CYS P 848 -34.95 33.32 -72.95
CA CYS P 848 -35.66 32.48 -72.00
C CYS P 848 -34.79 31.95 -70.88
N ALA P 849 -33.50 31.75 -71.14
CA ALA P 849 -32.61 31.24 -70.09
C ALA P 849 -32.37 32.28 -69.00
N GLN P 850 -32.40 33.56 -69.36
CA GLN P 850 -32.23 34.63 -68.38
C GLN P 850 -33.50 34.93 -67.60
N LYS P 851 -34.67 34.65 -68.16
CA LYS P 851 -35.92 34.86 -67.45
C LYS P 851 -36.07 33.96 -66.24
N PHE P 852 -35.50 32.75 -66.29
CA PHE P 852 -35.59 31.79 -65.21
C PHE P 852 -34.67 32.13 -64.03
N LYS P 853 -34.01 33.29 -64.07
CA LYS P 853 -33.17 33.73 -62.96
C LYS P 853 -33.74 34.93 -62.22
N GLY P 854 -34.85 35.49 -62.68
CA GLY P 854 -35.43 36.66 -62.05
C GLY P 854 -35.29 37.90 -62.90
N LEU P 855 -34.66 37.76 -64.06
CA LEU P 855 -34.40 38.87 -64.97
C LEU P 855 -35.45 38.80 -66.09
N THR P 856 -36.62 39.37 -65.83
CA THR P 856 -37.69 39.39 -66.81
C THR P 856 -37.58 40.64 -67.70
N VAL P 857 -38.30 40.61 -68.82
CA VAL P 857 -38.31 41.70 -69.79
C VAL P 857 -39.75 42.15 -69.96
N LEU P 858 -40.06 43.35 -69.48
CA LEU P 858 -41.41 43.87 -69.61
C LEU P 858 -41.67 44.31 -71.04
N PRO P 859 -42.85 44.02 -71.58
CA PRO P 859 -43.17 44.41 -72.95
C PRO P 859 -43.39 45.91 -73.05
N PRO P 860 -42.96 46.53 -74.15
CA PRO P 860 -43.16 47.97 -74.31
C PRO P 860 -44.64 48.32 -74.45
N LEU P 861 -44.94 49.58 -74.15
CA LEU P 861 -46.33 50.05 -74.27
C LEU P 861 -46.75 50.12 -75.73
N LEU P 862 -46.03 50.89 -76.54
CA LEU P 862 -46.33 50.98 -77.96
C LEU P 862 -45.67 49.82 -78.71
N THR P 863 -46.48 49.07 -79.44
CA THR P 863 -45.98 47.93 -80.21
C THR P 863 -45.42 48.40 -81.55
N ASP P 864 -44.91 47.46 -82.33
CA ASP P 864 -44.38 47.80 -83.65
C ASP P 864 -45.48 48.24 -84.60
N GLU P 865 -46.72 47.80 -84.36
CA GLU P 865 -47.84 48.22 -85.20
C GLU P 865 -48.27 49.64 -84.88
N MET P 866 -48.29 50.01 -83.59
CA MET P 866 -48.70 51.36 -83.21
C MET P 866 -47.64 52.39 -83.57
N ILE P 867 -46.36 52.03 -83.48
CA ILE P 867 -45.31 52.95 -83.89
C ILE P 867 -45.33 53.16 -85.40
N ALA P 868 -45.66 52.10 -86.15
CA ALA P 868 -45.79 52.23 -87.60
C ALA P 868 -46.93 53.15 -87.99
N GLN P 869 -47.99 53.18 -87.18
CA GLN P 869 -49.09 54.10 -87.45
C GLN P 869 -48.75 55.52 -87.04
N TYR P 870 -47.98 55.69 -85.96
CA TYR P 870 -47.52 57.01 -85.57
C TYR P 870 -46.58 57.61 -86.62
N THR P 871 -45.73 56.78 -87.23
CA THR P 871 -44.90 57.24 -88.34
C THR P 871 -45.70 57.46 -89.61
N SER P 872 -46.69 56.60 -89.89
CA SER P 872 -47.54 56.78 -91.07
C SER P 872 -48.30 58.11 -91.05
N ALA P 873 -48.68 58.58 -89.87
CA ALA P 873 -49.28 59.91 -89.78
C ALA P 873 -48.26 61.00 -90.12
N LEU P 874 -46.99 60.76 -89.81
CA LEU P 874 -45.93 61.67 -90.22
C LEU P 874 -45.43 61.34 -91.62
N LEU P 875 -45.58 60.09 -92.06
CA LEU P 875 -45.22 59.74 -93.43
C LEU P 875 -46.11 60.47 -94.42
N ALA P 876 -47.42 60.48 -94.20
CA ALA P 876 -48.31 61.35 -94.97
C ALA P 876 -47.89 62.79 -94.73
N GLY P 877 -48.06 63.26 -93.49
CA GLY P 877 -47.36 64.40 -92.94
C GLY P 877 -47.08 65.56 -93.89
N THR P 878 -45.79 65.84 -94.10
CA THR P 878 -45.38 66.95 -94.94
C THR P 878 -45.83 66.77 -96.39
N ILE P 879 -45.99 65.52 -96.84
CA ILE P 879 -46.31 65.28 -98.24
C ILE P 879 -47.68 65.85 -98.59
N THR P 880 -48.64 65.73 -97.68
CA THR P 880 -50.00 66.19 -97.94
C THR P 880 -50.36 67.47 -97.19
N SER P 881 -49.52 67.92 -96.27
CA SER P 881 -49.83 69.11 -95.48
C SER P 881 -48.74 70.17 -95.53
N GLY P 882 -47.48 69.77 -95.55
CA GLY P 882 -46.37 70.72 -95.65
C GLY P 882 -45.88 71.15 -94.27
N TRP P 883 -46.09 72.42 -93.94
CA TRP P 883 -45.59 73.00 -92.70
C TRP P 883 -46.61 73.00 -91.56
N THR P 884 -47.90 72.90 -91.88
CA THR P 884 -48.97 73.15 -90.92
C THR P 884 -49.56 71.87 -90.34
N PHE P 885 -48.75 70.83 -90.15
CA PHE P 885 -49.21 69.62 -89.48
C PHE P 885 -48.50 69.40 -88.15
N GLY P 886 -47.59 70.30 -87.77
CA GLY P 886 -46.95 70.25 -86.47
C GLY P 886 -47.13 71.54 -85.72
N ALA P 887 -47.75 72.52 -86.38
CA ALA P 887 -48.02 73.83 -85.80
C ALA P 887 -49.50 74.02 -85.44
N GLY P 888 -50.39 73.78 -86.40
CA GLY P 888 -51.81 73.93 -86.15
C GLY P 888 -52.64 72.97 -86.98
N PRO P 889 -53.74 73.46 -87.55
CA PRO P 889 -54.57 72.59 -88.39
C PRO P 889 -53.91 72.30 -89.72
N ALA P 890 -54.11 71.08 -90.21
CA ALA P 890 -53.49 70.64 -91.45
C ALA P 890 -54.08 71.40 -92.63
N LEU P 891 -53.21 71.98 -93.46
CA LEU P 891 -53.62 72.73 -94.64
C LEU P 891 -53.14 71.99 -95.89
N GLN P 892 -54.07 71.74 -96.81
CA GLN P 892 -53.74 71.05 -98.04
C GLN P 892 -52.91 71.93 -98.96
N ILE P 893 -51.98 71.31 -99.68
CA ILE P 893 -51.09 72.03 -100.58
C ILE P 893 -50.49 71.05 -101.59
N PRO P 894 -50.47 71.39 -102.88
CA PRO P 894 -49.87 70.47 -103.86
C PRO P 894 -48.38 70.30 -103.61
N PHE P 895 -47.91 69.06 -103.78
CA PHE P 895 -46.51 68.76 -103.53
C PHE P 895 -45.56 69.48 -104.50
N PRO P 896 -45.82 69.53 -105.81
CA PRO P 896 -44.90 70.29 -106.68
C PRO P 896 -44.83 71.76 -106.34
N MET P 897 -45.91 72.34 -105.79
CA MET P 897 -45.88 73.71 -105.31
C MET P 897 -45.42 73.83 -103.87
N GLN P 898 -45.40 72.71 -103.13
CA GLN P 898 -44.92 72.73 -101.76
C GLN P 898 -43.40 72.84 -101.70
N MET P 899 -42.69 72.13 -102.59
CA MET P 899 -41.24 72.24 -102.64
C MET P 899 -40.77 73.63 -103.04
N ALA P 900 -41.65 74.44 -103.65
CA ALA P 900 -41.29 75.81 -104.00
C ALA P 900 -41.03 76.64 -102.75
N TYR P 901 -41.73 76.35 -101.66
CA TYR P 901 -41.46 77.05 -100.40
C TYR P 901 -40.18 76.56 -99.75
N ARG P 902 -39.90 75.26 -99.85
CA ARG P 902 -38.68 74.69 -99.28
C ARG P 902 -37.45 74.98 -100.12
N PHE P 903 -37.63 75.16 -101.44
CA PHE P 903 -36.52 75.62 -102.28
C PHE P 903 -36.26 77.10 -102.11
N ASN P 904 -37.24 77.87 -101.64
CA ASN P 904 -37.07 79.30 -101.39
C ASN P 904 -36.48 79.58 -100.01
N GLY P 905 -36.31 78.57 -99.17
CA GLY P 905 -35.75 78.76 -97.85
C GLY P 905 -34.25 78.56 -97.82
N ILE P 906 -33.67 78.23 -98.96
CA ILE P 906 -32.22 78.05 -99.08
C ILE P 906 -31.60 79.09 -99.99
N GLY P 907 -32.32 80.19 -100.25
CA GLY P 907 -31.84 81.26 -101.09
C GLY P 907 -32.18 81.11 -102.57
N VAL P 908 -32.40 79.88 -103.03
CA VAL P 908 -32.72 79.66 -104.43
C VAL P 908 -34.14 80.10 -104.71
N THR P 909 -34.36 80.67 -105.89
CA THR P 909 -35.69 81.11 -106.28
C THR P 909 -36.59 79.91 -106.57
N GLN P 910 -37.89 80.16 -106.61
CA GLN P 910 -38.87 79.10 -106.86
C GLN P 910 -39.08 78.82 -108.34
N ASN P 911 -38.50 79.62 -109.23
CA ASN P 911 -38.66 79.39 -110.65
C ASN P 911 -37.83 78.21 -111.14
N VAL P 912 -36.71 77.91 -110.49
CA VAL P 912 -35.85 76.82 -110.93
C VAL P 912 -36.49 75.47 -110.67
N LEU P 913 -37.48 75.40 -109.77
CA LEU P 913 -38.13 74.13 -109.48
C LEU P 913 -39.05 73.71 -110.61
N TYR P 914 -39.97 74.60 -111.01
CA TYR P 914 -40.92 74.26 -112.07
C TYR P 914 -40.22 74.10 -113.41
N GLU P 915 -39.10 74.80 -113.62
CA GLU P 915 -38.35 74.65 -114.86
C GLU P 915 -37.55 73.36 -114.92
N ASN P 916 -37.33 72.71 -113.77
CA ASN P 916 -36.60 71.45 -113.69
C ASN P 916 -37.36 70.45 -112.84
N GLN P 917 -38.70 70.47 -112.93
CA GLN P 917 -39.50 69.56 -112.12
C GLN P 917 -39.26 68.11 -112.51
N LYS P 918 -39.06 67.85 -113.81
CA LYS P 918 -38.77 66.50 -114.25
C LYS P 918 -37.39 66.02 -113.78
N LEU P 919 -36.46 66.95 -113.52
CA LEU P 919 -35.15 66.57 -113.03
C LEU P 919 -35.15 66.36 -111.52
N ILE P 920 -35.98 67.11 -110.78
CA ILE P 920 -36.06 66.93 -109.35
C ILE P 920 -36.62 65.55 -109.02
N ALA P 921 -37.64 65.11 -109.76
CA ALA P 921 -38.23 63.80 -109.50
C ALA P 921 -37.28 62.67 -109.84
N ASN P 922 -36.53 62.81 -110.94
CA ASN P 922 -35.59 61.75 -111.32
C ASN P 922 -34.43 61.64 -110.35
N GLN P 923 -33.96 62.77 -109.81
CA GLN P 923 -32.88 62.73 -108.83
C GLN P 923 -33.35 62.29 -107.45
N PHE P 924 -34.65 62.41 -107.17
CA PHE P 924 -35.18 61.98 -105.88
C PHE P 924 -35.62 60.52 -105.90
N ASN P 925 -36.23 60.07 -106.99
CA ASN P 925 -36.64 58.67 -107.08
C ASN P 925 -35.44 57.73 -107.14
N SER P 926 -34.32 58.20 -107.68
CA SER P 926 -33.11 57.39 -107.71
C SER P 926 -32.33 57.45 -106.40
N ALA P 927 -32.52 58.50 -105.61
CA ALA P 927 -31.83 58.59 -104.32
C ALA P 927 -32.50 57.70 -103.28
N ILE P 928 -33.83 57.65 -103.29
CA ILE P 928 -34.54 56.80 -102.33
C ILE P 928 -34.29 55.33 -102.63
N GLY P 929 -34.14 54.98 -103.91
CA GLY P 929 -33.88 53.60 -104.27
C GLY P 929 -32.54 53.11 -103.76
N LYS P 930 -31.54 53.99 -103.74
CA LYS P 930 -30.22 53.60 -103.26
C LYS P 930 -30.17 53.51 -101.74
N ILE P 931 -31.19 54.02 -101.04
CA ILE P 931 -31.21 53.93 -99.58
C ILE P 931 -31.36 52.49 -99.13
N GLN P 932 -32.27 51.74 -99.76
CA GLN P 932 -32.46 50.34 -99.41
C GLN P 932 -31.23 49.51 -99.72
N ASP P 933 -30.51 49.85 -100.80
CA ASP P 933 -29.30 49.11 -101.15
C ASP P 933 -28.12 49.50 -100.26
N SER P 934 -28.07 50.76 -99.82
CA SER P 934 -26.95 51.20 -98.99
C SER P 934 -26.98 50.53 -97.62
N LEU P 935 -28.17 50.35 -97.04
CA LEU P 935 -28.26 49.72 -95.74
C LEU P 935 -27.95 48.23 -95.80
N SER P 936 -28.16 47.59 -96.95
CA SER P 936 -27.90 46.17 -97.11
C SER P 936 -26.47 45.89 -97.54
N SER P 937 -25.93 46.70 -98.46
CA SER P 937 -24.56 46.47 -98.93
C SER P 937 -23.53 46.76 -97.84
N THR P 938 -23.81 47.76 -97.01
CA THR P 938 -22.88 48.10 -95.94
C THR P 938 -22.88 47.01 -94.88
N PRO P 939 -21.72 46.47 -94.51
CA PRO P 939 -21.71 45.41 -93.48
C PRO P 939 -22.11 45.91 -92.11
N SER P 940 -21.78 47.16 -91.78
CA SER P 940 -22.10 47.76 -90.48
C SER P 940 -22.82 49.08 -90.76
N ALA P 941 -24.15 49.01 -90.91
CA ALA P 941 -24.98 50.18 -91.16
C ALA P 941 -25.78 50.58 -89.93
N LEU P 942 -26.55 49.66 -89.35
CA LEU P 942 -27.31 49.94 -88.14
C LEU P 942 -26.46 49.58 -86.91
N GLY P 943 -25.35 50.30 -86.79
CA GLY P 943 -24.41 50.05 -85.71
C GLY P 943 -24.81 50.73 -84.43
N LYS P 944 -25.63 51.78 -84.52
CA LYS P 944 -26.08 52.48 -83.32
C LYS P 944 -27.24 51.78 -82.65
N LEU P 945 -28.05 51.03 -83.40
CA LEU P 945 -29.12 50.25 -82.81
C LEU P 945 -28.63 48.93 -82.22
N GLN P 946 -27.54 48.38 -82.75
CA GLN P 946 -26.94 47.18 -82.18
C GLN P 946 -26.05 47.48 -80.98
N ASP P 947 -25.60 48.73 -80.84
CA ASP P 947 -24.77 49.09 -79.69
C ASP P 947 -25.57 49.06 -78.40
N VAL P 948 -26.83 49.51 -78.45
CA VAL P 948 -27.67 49.49 -77.26
C VAL P 948 -28.16 48.09 -76.94
N VAL P 949 -28.16 47.17 -77.91
CA VAL P 949 -28.58 45.81 -77.65
C VAL P 949 -27.40 44.97 -77.14
N ASN P 950 -26.22 45.18 -77.72
CA ASN P 950 -25.04 44.45 -77.26
C ASN P 950 -24.62 44.87 -75.85
N HIS P 951 -24.91 46.12 -75.47
CA HIS P 951 -24.60 46.56 -74.12
C HIS P 951 -25.60 46.04 -73.09
N ASN P 952 -26.88 45.93 -73.48
CA ASN P 952 -27.88 45.36 -72.58
C ASN P 952 -27.73 43.85 -72.47
N ALA P 953 -27.31 43.19 -73.54
CA ALA P 953 -27.06 41.75 -73.47
C ALA P 953 -25.81 41.46 -72.65
N GLN P 954 -24.78 42.30 -72.78
CA GLN P 954 -23.57 42.12 -71.98
C GLN P 954 -23.84 42.34 -70.49
N ALA P 955 -24.67 43.34 -70.16
CA ALA P 955 -24.98 43.59 -68.76
C ALA P 955 -25.79 42.46 -68.15
N LEU P 956 -26.69 41.86 -68.94
CA LEU P 956 -27.46 40.73 -68.44
C LEU P 956 -26.61 39.47 -68.36
N ASN P 957 -25.74 39.25 -69.35
CA ASN P 957 -24.83 38.11 -69.30
C ASN P 957 -23.87 38.24 -68.12
N THR P 958 -23.43 39.46 -67.82
CA THR P 958 -22.55 39.66 -66.68
C THR P 958 -23.29 39.43 -65.37
N LEU P 959 -24.53 39.91 -65.28
CA LEU P 959 -25.31 39.72 -64.05
C LEU P 959 -25.66 38.26 -63.82
N VAL P 960 -25.92 37.50 -64.90
CA VAL P 960 -26.21 36.09 -64.75
C VAL P 960 -24.95 35.31 -64.41
N LYS P 961 -23.83 35.62 -65.08
CA LYS P 961 -22.59 34.88 -64.85
C LYS P 961 -21.84 35.43 -63.64
N GLN P 962 -22.54 35.55 -62.51
CA GLN P 962 -21.91 35.88 -61.24
C GLN P 962 -22.48 35.11 -60.07
N LEU P 963 -23.42 34.20 -60.30
CA LEU P 963 -23.96 33.37 -59.23
C LEU P 963 -23.02 32.24 -58.83
N SER P 964 -22.04 31.91 -59.66
CA SER P 964 -21.01 30.92 -59.37
C SER P 964 -19.67 31.65 -59.32
N SER P 965 -19.34 32.17 -58.13
CA SER P 965 -18.12 32.95 -57.96
C SER P 965 -17.71 32.89 -56.50
N LYS P 966 -16.42 32.79 -56.24
CA LYS P 966 -15.89 32.67 -54.89
C LYS P 966 -16.00 34.01 -54.17
N PHE P 967 -17.09 34.20 -53.45
CA PHE P 967 -17.30 35.40 -52.64
C PHE P 967 -17.51 35.02 -51.18
N GLY P 968 -16.65 34.16 -50.65
CA GLY P 968 -16.83 33.66 -49.30
C GLY P 968 -16.59 32.18 -49.18
N ALA P 969 -17.62 31.41 -48.81
CA ALA P 969 -17.50 29.98 -48.60
C ALA P 969 -16.95 29.26 -49.83
N ILE P 970 -16.45 28.04 -49.64
CA ILE P 970 -15.79 27.31 -50.72
C ILE P 970 -16.79 26.93 -51.80
N SER P 971 -18.07 26.90 -51.49
CA SER P 971 -19.11 26.53 -52.45
C SER P 971 -19.84 27.76 -52.94
N SER P 972 -20.25 27.72 -54.20
CA SER P 972 -20.99 28.81 -54.83
C SER P 972 -22.45 28.43 -55.08
N VAL P 973 -22.87 27.25 -54.59
CA VAL P 973 -24.24 26.78 -54.73
C VAL P 973 -24.89 26.80 -53.36
N LEU P 974 -26.08 27.41 -53.27
CA LEU P 974 -26.76 27.53 -51.99
C LEU P 974 -27.23 26.19 -51.45
N ASN P 975 -27.38 25.19 -52.31
CA ASN P 975 -27.76 23.86 -51.84
C ASN P 975 -26.65 23.22 -51.02
N ASP P 976 -25.39 23.48 -51.40
CA ASP P 976 -24.24 22.94 -50.68
C ASP P 976 -23.89 23.76 -49.44
N ILE P 977 -24.61 24.85 -49.17
CA ILE P 977 -24.33 25.64 -47.97
C ILE P 977 -24.98 25.01 -46.75
N PHE P 978 -26.26 24.63 -46.87
CA PHE P 978 -26.96 23.98 -45.78
C PHE P 978 -26.55 22.53 -45.58
N SER P 979 -25.80 21.95 -46.51
CA SER P 979 -25.29 20.60 -46.40
C SER P 979 -23.78 20.64 -46.21
N ARG P 980 -23.23 19.52 -45.72
CA ARG P 980 -21.80 19.37 -45.45
C ARG P 980 -21.30 20.38 -44.42
N LEU P 981 -22.20 21.06 -43.72
CA LEU P 981 -21.84 22.06 -42.73
C LEU P 981 -22.80 21.95 -41.55
N ASP P 982 -22.74 22.93 -40.65
CA ASP P 982 -23.58 22.98 -39.48
C ASP P 982 -24.42 24.25 -39.46
N PRO P 983 -25.64 24.20 -38.95
CA PRO P 983 -26.50 25.39 -38.93
C PRO P 983 -25.86 26.57 -38.23
N PRO P 984 -25.27 26.42 -37.04
CA PRO P 984 -24.70 27.60 -36.36
C PRO P 984 -23.50 28.20 -37.09
N GLU P 985 -22.91 27.50 -38.05
CA GLU P 985 -21.77 28.02 -38.80
C GLU P 985 -22.08 28.33 -40.25
N ALA P 986 -23.00 27.57 -40.88
CA ALA P 986 -23.36 27.84 -42.26
C ALA P 986 -24.07 29.19 -42.39
N GLU P 987 -24.90 29.54 -41.40
CA GLU P 987 -25.57 30.84 -41.42
C GLU P 987 -24.58 31.98 -41.23
N VAL P 988 -23.40 31.72 -40.66
CA VAL P 988 -22.39 32.75 -40.52
C VAL P 988 -21.72 33.04 -41.87
N GLN P 989 -21.25 31.98 -42.53
CA GLN P 989 -20.61 32.12 -43.83
C GLN P 989 -21.62 31.97 -44.97
N ILE P 990 -22.71 32.73 -44.89
CA ILE P 990 -23.67 32.81 -45.98
C ILE P 990 -24.02 34.23 -46.37
N ASP P 991 -23.79 35.23 -45.51
CA ASP P 991 -24.00 36.61 -45.88
C ASP P 991 -22.93 37.13 -46.83
N ARG P 992 -21.78 36.46 -46.89
CA ARG P 992 -20.75 36.84 -47.87
C ARG P 992 -21.19 36.55 -49.30
N LEU P 993 -22.05 35.54 -49.48
CA LEU P 993 -22.63 35.25 -50.78
C LEU P 993 -23.94 35.99 -51.02
N ILE P 994 -24.57 36.52 -49.97
CA ILE P 994 -25.74 37.36 -50.14
C ILE P 994 -25.36 38.81 -50.41
N THR P 995 -24.40 39.34 -49.64
CA THR P 995 -23.91 40.69 -49.91
C THR P 995 -23.15 40.75 -51.22
N GLY P 996 -22.41 39.69 -51.55
CA GLY P 996 -21.69 39.66 -52.82
C GLY P 996 -22.62 39.68 -54.02
N ARG P 997 -23.78 39.05 -53.90
CA ARG P 997 -24.78 39.09 -54.96
C ARG P 997 -25.69 40.32 -54.87
N LEU P 998 -25.74 40.97 -53.71
CA LEU P 998 -26.53 42.19 -53.58
C LEU P 998 -25.79 43.40 -54.11
N GLN P 999 -24.45 43.39 -54.05
CA GLN P 999 -23.67 44.47 -54.64
C GLN P 999 -23.53 44.31 -56.15
N SER P 1000 -23.49 43.06 -56.64
CA SER P 1000 -23.45 42.84 -58.07
C SER P 1000 -24.76 43.26 -58.74
N LEU P 1001 -25.88 43.05 -58.06
CA LEU P 1001 -27.16 43.54 -58.56
C LEU P 1001 -27.28 45.05 -58.38
N GLN P 1002 -26.63 45.61 -57.36
CA GLN P 1002 -26.64 47.06 -57.16
C GLN P 1002 -25.84 47.78 -58.23
N THR P 1003 -24.76 47.15 -58.71
CA THR P 1003 -23.97 47.76 -59.79
C THR P 1003 -24.77 47.77 -61.09
N TYR P 1004 -25.54 46.72 -61.35
CA TYR P 1004 -26.36 46.67 -62.56
C TYR P 1004 -27.39 47.81 -62.57
N VAL P 1005 -28.01 48.07 -61.42
CA VAL P 1005 -28.96 49.18 -61.35
C VAL P 1005 -28.25 50.51 -61.52
N THR P 1006 -27.03 50.63 -60.98
CA THR P 1006 -26.28 51.87 -61.13
C THR P 1006 -25.84 52.09 -62.57
N GLN P 1007 -25.40 51.02 -63.24
CA GLN P 1007 -24.99 51.11 -64.63
C GLN P 1007 -26.16 51.31 -65.59
N GLN P 1008 -27.37 50.90 -65.20
CA GLN P 1008 -28.55 51.16 -66.02
C GLN P 1008 -29.02 52.60 -65.93
N LEU P 1009 -28.69 53.31 -64.85
CA LEU P 1009 -29.02 54.72 -64.76
C LEU P 1009 -28.08 55.57 -65.61
N ILE P 1010 -26.82 55.17 -65.70
CA ILE P 1010 -25.88 55.87 -66.58
C ILE P 1010 -26.20 55.57 -68.04
N ARG P 1011 -26.60 54.34 -68.33
CA ARG P 1011 -26.94 53.97 -69.71
C ARG P 1011 -28.25 54.60 -70.15
N ALA P 1012 -29.21 54.77 -69.22
CA ALA P 1012 -30.46 55.45 -69.55
C ALA P 1012 -30.26 56.94 -69.77
N ALA P 1013 -29.23 57.54 -69.16
CA ALA P 1013 -28.95 58.94 -69.39
C ALA P 1013 -28.46 59.21 -70.81
N GLU P 1014 -27.83 58.22 -71.45
CA GLU P 1014 -27.43 58.35 -72.84
C GLU P 1014 -28.58 58.10 -73.80
N ILE P 1015 -29.50 57.20 -73.45
CA ILE P 1015 -30.69 56.99 -74.27
C ILE P 1015 -31.61 58.19 -74.19
N ARG P 1016 -31.73 58.79 -73.00
CA ARG P 1016 -32.56 59.98 -72.86
C ARG P 1016 -31.99 61.15 -73.65
N ALA P 1017 -30.66 61.29 -73.67
CA ALA P 1017 -30.04 62.33 -74.49
C ALA P 1017 -30.23 62.07 -75.98
N SER P 1018 -30.29 60.80 -76.38
CA SER P 1018 -30.57 60.46 -77.77
C SER P 1018 -32.05 60.53 -78.09
N ALA P 1019 -32.91 60.31 -77.10
CA ALA P 1019 -34.35 60.44 -77.32
C ALA P 1019 -34.76 61.89 -77.49
N ASN P 1020 -34.20 62.78 -76.66
CA ASN P 1020 -34.45 64.21 -76.83
C ASN P 1020 -33.82 64.75 -78.10
N LEU P 1021 -32.75 64.10 -78.58
CA LEU P 1021 -32.16 64.51 -79.85
C LEU P 1021 -33.01 64.05 -81.02
N ALA P 1022 -33.58 62.84 -80.92
CA ALA P 1022 -34.46 62.36 -81.98
C ALA P 1022 -35.80 63.10 -81.99
N ALA P 1023 -36.27 63.53 -80.82
CA ALA P 1023 -37.50 64.32 -80.76
C ALA P 1023 -37.30 65.70 -81.36
N THR P 1024 -36.06 66.21 -81.34
CA THR P 1024 -35.79 67.52 -81.92
C THR P 1024 -35.62 67.42 -83.43
N LYS P 1025 -35.04 66.32 -83.92
CA LYS P 1025 -34.87 66.14 -85.36
C LYS P 1025 -36.17 65.78 -86.06
N MET P 1026 -37.16 65.23 -85.34
CA MET P 1026 -38.47 64.95 -85.91
C MET P 1026 -39.38 66.17 -85.86
N SER P 1027 -38.96 67.23 -85.19
CA SER P 1027 -39.74 68.47 -85.11
C SER P 1027 -39.10 69.63 -85.86
N GLU P 1028 -37.80 69.57 -86.16
CA GLU P 1028 -37.14 70.61 -86.92
C GLU P 1028 -36.81 70.20 -88.34
N CYS P 1029 -36.84 68.91 -88.68
CA CYS P 1029 -36.62 68.43 -90.04
C CYS P 1029 -37.88 67.89 -90.69
N VAL P 1030 -38.80 67.34 -89.92
CA VAL P 1030 -40.05 66.80 -90.48
C VAL P 1030 -41.17 67.83 -90.41
N LEU P 1031 -41.35 68.47 -89.26
CA LEU P 1031 -42.36 69.49 -89.09
C LEU P 1031 -42.00 70.81 -89.76
N GLY P 1032 -40.79 70.93 -90.30
CA GLY P 1032 -40.37 72.16 -90.93
C GLY P 1032 -38.98 72.03 -91.49
N GLN P 1033 -38.48 73.14 -92.02
CA GLN P 1033 -37.15 73.21 -92.62
C GLN P 1033 -36.23 74.03 -91.73
N SER P 1034 -35.03 73.50 -91.50
CA SER P 1034 -34.02 74.17 -90.68
C SER P 1034 -33.03 74.92 -91.56
N LYS P 1035 -32.48 75.99 -91.02
CA LYS P 1035 -31.51 76.82 -91.74
C LYS P 1035 -30.09 76.59 -91.29
N ARG P 1036 -29.88 75.99 -90.12
CA ARG P 1036 -28.56 75.60 -89.64
C ARG P 1036 -28.43 74.10 -89.90
N VAL P 1037 -27.67 73.75 -90.94
CA VAL P 1037 -27.69 72.38 -91.48
C VAL P 1037 -26.67 71.58 -90.67
N ASP P 1038 -27.09 71.14 -89.49
CA ASP P 1038 -26.39 70.09 -88.77
C ASP P 1038 -27.35 69.12 -88.08
N PHE P 1039 -28.65 69.32 -88.21
CA PHE P 1039 -29.65 68.45 -87.62
C PHE P 1039 -30.39 67.62 -88.65
N CYS P 1040 -30.38 68.05 -89.92
CA CYS P 1040 -31.09 67.37 -90.98
C CYS P 1040 -30.17 66.94 -92.13
N GLY P 1041 -29.02 66.36 -91.81
CA GLY P 1041 -28.14 65.84 -92.84
C GLY P 1041 -26.93 66.71 -93.11
N LYS P 1042 -26.48 66.73 -94.36
CA LYS P 1042 -25.31 67.51 -94.76
C LYS P 1042 -25.62 68.17 -96.09
N GLY P 1043 -25.58 69.50 -96.12
CA GLY P 1043 -25.88 70.24 -97.34
C GLY P 1043 -26.84 71.40 -97.09
N TYR P 1044 -27.97 71.37 -97.78
CA TYR P 1044 -29.04 72.35 -97.59
C TYR P 1044 -30.34 71.58 -97.36
N HIS P 1045 -30.87 71.68 -96.16
CA HIS P 1045 -32.03 70.86 -95.78
C HIS P 1045 -33.26 71.26 -96.58
N LEU P 1046 -33.95 70.25 -97.12
CA LEU P 1046 -35.21 70.46 -97.81
C LEU P 1046 -36.37 69.81 -97.07
N MET P 1047 -36.29 68.50 -96.80
CA MET P 1047 -37.33 67.79 -96.08
C MET P 1047 -36.75 66.50 -95.54
N SER P 1048 -37.51 65.86 -94.64
CA SER P 1048 -37.11 64.60 -94.05
C SER P 1048 -38.32 63.69 -93.91
N PHE P 1049 -38.06 62.41 -93.69
CA PHE P 1049 -39.13 61.42 -93.55
C PHE P 1049 -38.80 60.44 -92.43
N PRO P 1050 -39.59 60.42 -91.37
CA PRO P 1050 -39.32 59.50 -90.26
C PRO P 1050 -39.75 58.08 -90.59
N GLN P 1051 -39.03 57.13 -90.01
CA GLN P 1051 -39.31 55.71 -90.20
C GLN P 1051 -39.07 54.96 -88.89
N SER P 1052 -39.83 53.90 -88.69
CA SER P 1052 -39.69 53.10 -87.49
C SER P 1052 -38.38 52.30 -87.53
N ALA P 1053 -38.04 51.71 -86.38
CA ALA P 1053 -36.80 50.97 -86.23
C ALA P 1053 -36.91 50.10 -84.99
N PRO P 1054 -36.05 49.09 -84.86
CA PRO P 1054 -36.07 48.26 -83.65
C PRO P 1054 -35.52 49.01 -82.44
N HIS P 1055 -36.39 49.76 -81.77
CA HIS P 1055 -36.03 50.58 -80.60
C HIS P 1055 -35.13 51.75 -81.01
N GLY P 1056 -35.47 52.39 -82.10
CA GLY P 1056 -34.73 53.55 -82.58
C GLY P 1056 -35.54 54.32 -83.59
N VAL P 1057 -34.84 55.07 -84.44
CA VAL P 1057 -35.47 55.87 -85.48
C VAL P 1057 -34.48 56.03 -86.62
N VAL P 1058 -35.00 56.09 -87.85
CA VAL P 1058 -34.20 56.22 -89.05
C VAL P 1058 -34.75 57.39 -89.85
N PHE P 1059 -34.01 58.49 -89.91
CA PHE P 1059 -34.41 59.66 -90.69
C PHE P 1059 -33.84 59.57 -92.10
N LEU P 1060 -34.60 60.09 -93.06
CA LEU P 1060 -34.19 60.16 -94.45
C LEU P 1060 -34.17 61.63 -94.84
N HIS P 1061 -33.02 62.29 -94.61
CA HIS P 1061 -32.89 63.71 -94.87
C HIS P 1061 -32.67 63.96 -96.35
N VAL P 1062 -33.42 64.90 -96.91
CA VAL P 1062 -33.29 65.31 -98.30
C VAL P 1062 -32.50 66.60 -98.32
N THR P 1063 -31.30 66.56 -98.92
CA THR P 1063 -30.39 67.69 -98.92
C THR P 1063 -30.24 68.26 -100.33
N TYR P 1064 -29.94 69.55 -100.39
CA TYR P 1064 -29.71 70.25 -101.65
C TYR P 1064 -28.21 70.50 -101.76
N VAL P 1065 -27.54 69.72 -102.61
CA VAL P 1065 -26.10 69.77 -102.78
C VAL P 1065 -25.81 70.34 -104.17
N PRO P 1066 -25.28 71.56 -104.28
CA PRO P 1066 -24.94 72.10 -105.59
C PRO P 1066 -23.79 71.33 -106.23
N ALA P 1067 -23.68 71.44 -107.55
CA ALA P 1067 -22.62 70.78 -108.30
C ALA P 1067 -22.35 71.56 -109.58
N GLN P 1068 -21.31 71.16 -110.30
CA GLN P 1068 -20.92 71.75 -111.57
C GLN P 1068 -20.72 73.26 -111.43
N GLU P 1069 -19.74 73.62 -110.60
CA GLU P 1069 -19.41 75.02 -110.38
C GLU P 1069 -18.65 75.58 -111.59
N LYS P 1070 -18.59 76.90 -111.67
CA LYS P 1070 -17.91 77.59 -112.76
C LYS P 1070 -17.48 78.95 -112.27
N ASN P 1071 -16.21 79.28 -112.48
CA ASN P 1071 -15.66 80.54 -111.99
C ASN P 1071 -16.22 81.72 -112.79
N PHE P 1072 -16.27 82.87 -112.13
CA PHE P 1072 -16.76 84.10 -112.73
C PHE P 1072 -16.03 85.28 -112.11
N THR P 1073 -16.26 86.46 -112.67
CA THR P 1073 -15.71 87.71 -112.16
C THR P 1073 -16.80 88.53 -111.50
N THR P 1074 -16.61 88.85 -110.23
CA THR P 1074 -17.61 89.55 -109.44
C THR P 1074 -17.14 90.97 -109.13
N ALA P 1075 -18.06 91.77 -108.61
CA ALA P 1075 -17.79 93.15 -108.24
C ALA P 1075 -18.75 93.59 -107.14
N PRO P 1076 -18.28 94.38 -106.17
CA PRO P 1076 -19.20 94.82 -105.10
C PRO P 1076 -20.37 95.64 -105.60
N ALA P 1077 -20.13 96.58 -106.51
CA ALA P 1077 -21.20 97.42 -107.04
C ALA P 1077 -20.79 97.91 -108.42
N ILE P 1078 -21.67 98.71 -109.02
CA ILE P 1078 -21.45 99.29 -110.34
C ILE P 1078 -21.81 100.76 -110.30
N CYS P 1079 -21.13 101.55 -111.13
CA CYS P 1079 -21.31 103.00 -111.17
C CYS P 1079 -21.83 103.38 -112.55
N HIS P 1080 -23.05 103.91 -112.60
CA HIS P 1080 -23.68 104.31 -113.85
C HIS P 1080 -23.87 105.82 -113.95
N ASP P 1081 -24.56 106.42 -112.99
CA ASP P 1081 -24.83 107.86 -113.00
C ASP P 1081 -24.10 108.55 -111.85
N GLY P 1082 -22.87 108.11 -111.57
CA GLY P 1082 -22.09 108.64 -110.47
C GLY P 1082 -22.49 108.13 -109.10
N LYS P 1083 -23.49 107.27 -109.00
CA LYS P 1083 -23.92 106.68 -107.74
C LYS P 1083 -23.80 105.17 -107.80
N ALA P 1084 -23.44 104.57 -106.67
CA ALA P 1084 -23.24 103.13 -106.62
C ALA P 1084 -24.58 102.40 -106.70
N HIS P 1085 -24.54 101.19 -107.26
CA HIS P 1085 -25.70 100.33 -107.39
C HIS P 1085 -25.39 98.98 -106.77
N PHE P 1086 -26.02 98.67 -105.65
CA PHE P 1086 -25.78 97.41 -104.97
C PHE P 1086 -26.89 96.42 -105.26
N PRO P 1087 -26.57 95.14 -105.38
CA PRO P 1087 -27.61 94.14 -105.65
C PRO P 1087 -28.58 94.02 -104.48
N ARG P 1088 -29.87 93.95 -104.83
CA ARG P 1088 -30.90 93.80 -103.80
C ARG P 1088 -30.89 92.38 -103.23
N GLU P 1089 -31.06 91.38 -104.08
CA GLU P 1089 -31.00 89.96 -103.68
C GLU P 1089 -30.29 89.20 -104.80
N GLY P 1090 -28.98 89.06 -104.67
CA GLY P 1090 -28.19 88.39 -105.68
C GLY P 1090 -26.75 88.85 -105.62
N VAL P 1091 -26.02 88.55 -106.69
CA VAL P 1091 -24.60 88.88 -106.80
C VAL P 1091 -24.30 89.27 -108.24
N PHE P 1092 -23.42 90.27 -108.40
CA PHE P 1092 -23.01 90.70 -109.72
C PHE P 1092 -21.97 89.74 -110.28
N VAL P 1093 -22.22 89.23 -111.49
CA VAL P 1093 -21.30 88.33 -112.18
C VAL P 1093 -20.90 88.96 -113.50
N SER P 1094 -19.89 88.38 -114.14
CA SER P 1094 -19.40 88.87 -115.42
C SER P 1094 -18.75 87.73 -116.18
N ASN P 1095 -18.95 87.72 -117.49
CA ASN P 1095 -18.35 86.72 -118.37
C ASN P 1095 -17.32 87.34 -119.30
N GLY P 1096 -16.71 88.44 -118.88
CA GLY P 1096 -15.71 89.11 -119.69
C GLY P 1096 -16.26 90.22 -120.56
N THR P 1097 -17.43 89.98 -121.15
CA THR P 1097 -18.06 90.94 -122.07
C THR P 1097 -19.13 91.76 -121.39
N HIS P 1098 -20.14 91.12 -120.81
CA HIS P 1098 -21.26 91.79 -120.18
C HIS P 1098 -21.29 91.49 -118.69
N TRP P 1099 -22.19 92.18 -117.99
CA TRP P 1099 -22.39 92.00 -116.56
C TRP P 1099 -23.84 91.61 -116.29
N PHE P 1100 -24.02 90.63 -115.41
CA PHE P 1100 -25.34 90.13 -115.06
C PHE P 1100 -25.43 90.00 -113.53
N VAL P 1101 -26.62 89.64 -113.05
CA VAL P 1101 -26.87 89.47 -111.63
C VAL P 1101 -27.54 88.11 -111.45
N THR P 1102 -26.88 87.21 -110.72
CA THR P 1102 -27.38 85.88 -110.43
C THR P 1102 -27.62 85.73 -108.94
N GLN P 1103 -28.23 84.60 -108.57
CA GLN P 1103 -28.46 84.27 -107.17
C GLN P 1103 -27.26 83.52 -106.60
N ARG P 1104 -27.17 83.52 -105.27
CA ARG P 1104 -25.99 83.02 -104.58
C ARG P 1104 -25.85 81.50 -104.66
N ASN P 1105 -26.88 80.78 -105.11
CA ASN P 1105 -26.83 79.33 -105.15
C ASN P 1105 -27.20 78.74 -106.51
N PHE P 1106 -27.33 79.58 -107.54
CA PHE P 1106 -27.66 79.09 -108.87
C PHE P 1106 -27.28 80.14 -109.89
N TYR P 1107 -27.01 79.70 -111.11
CA TYR P 1107 -26.59 80.59 -112.20
C TYR P 1107 -27.83 80.92 -113.04
N GLU P 1108 -28.38 82.12 -112.81
CA GLU P 1108 -29.51 82.63 -113.58
C GLU P 1108 -29.20 84.06 -113.97
N PRO P 1109 -28.48 84.26 -115.07
CA PRO P 1109 -28.07 85.62 -115.46
C PRO P 1109 -29.23 86.45 -115.99
N GLN P 1110 -29.52 87.56 -115.33
CA GLN P 1110 -30.55 88.50 -115.74
C GLN P 1110 -29.91 89.86 -116.05
N ILE P 1111 -30.72 90.76 -116.60
CA ILE P 1111 -30.27 92.10 -116.94
C ILE P 1111 -30.32 92.96 -115.68
N ILE P 1112 -29.39 93.90 -115.59
CA ILE P 1112 -29.27 94.77 -114.41
C ILE P 1112 -30.19 95.96 -114.65
N THR P 1113 -31.43 95.82 -114.20
CA THR P 1113 -32.42 96.89 -114.32
C THR P 1113 -32.42 97.73 -113.04
N THR P 1114 -33.40 98.62 -112.91
CA THR P 1114 -33.53 99.46 -111.73
C THR P 1114 -34.20 98.74 -110.57
N ASP P 1115 -35.00 97.70 -110.84
CA ASP P 1115 -35.68 96.97 -109.78
C ASP P 1115 -34.78 95.93 -109.11
N ASN P 1116 -33.85 95.34 -109.85
CA ASN P 1116 -32.98 94.32 -109.29
C ASN P 1116 -31.90 94.90 -108.36
N THR P 1117 -31.62 96.20 -108.47
CA THR P 1117 -30.59 96.84 -107.66
C THR P 1117 -31.17 98.03 -106.93
N PHE P 1118 -30.35 98.63 -106.07
CA PHE P 1118 -30.75 99.82 -105.33
C PHE P 1118 -29.52 100.71 -105.14
N VAL P 1119 -29.74 102.02 -105.16
CA VAL P 1119 -28.67 102.99 -105.06
C VAL P 1119 -28.44 103.35 -103.60
N SER P 1120 -27.18 103.55 -103.23
CA SER P 1120 -26.83 103.93 -101.86
C SER P 1120 -25.49 104.66 -101.91
N GLY P 1121 -25.54 105.98 -101.83
CA GLY P 1121 -24.33 106.78 -101.84
C GLY P 1121 -23.81 107.03 -103.24
N ASN P 1122 -22.54 107.42 -103.30
CA ASN P 1122 -21.86 107.69 -104.56
C ASN P 1122 -20.63 106.82 -104.68
N CYS P 1123 -19.99 106.88 -105.86
CA CYS P 1123 -18.86 106.02 -106.19
C CYS P 1123 -17.56 106.65 -105.71
N ASP P 1124 -17.41 106.71 -104.39
CA ASP P 1124 -16.21 107.27 -103.78
C ASP P 1124 -15.63 106.43 -102.65
N VAL P 1125 -16.40 105.56 -102.01
CA VAL P 1125 -15.94 104.82 -100.86
C VAL P 1125 -15.88 103.31 -101.12
N VAL P 1126 -16.73 102.78 -102.00
CA VAL P 1126 -16.71 101.35 -102.29
C VAL P 1126 -15.44 101.01 -103.06
N ILE P 1127 -14.66 100.08 -102.53
CA ILE P 1127 -13.37 99.70 -103.11
C ILE P 1127 -13.62 98.52 -104.03
N GLY P 1128 -13.26 98.68 -105.31
CA GLY P 1128 -13.44 97.64 -106.30
C GLY P 1128 -14.68 97.76 -107.15
N ILE P 1129 -15.32 98.92 -107.19
CA ILE P 1129 -16.55 99.10 -107.94
C ILE P 1129 -16.21 99.28 -109.42
N VAL P 1130 -16.75 98.40 -110.26
CA VAL P 1130 -16.55 98.48 -111.70
C VAL P 1130 -17.57 99.47 -112.27
N ASN P 1131 -17.44 99.88 -113.49
CA ASN P 1131 -18.53 100.67 -113.95
C ASN P 1131 -19.24 99.85 -114.93
N ASN P 1132 -20.37 100.37 -115.29
CA ASN P 1132 -21.29 99.74 -116.23
C ASN P 1132 -22.52 100.62 -116.34
N THR P 1133 -23.37 100.30 -117.31
CA THR P 1133 -24.61 101.04 -117.56
C THR P 1133 -25.79 100.16 -117.18
N VAL P 1134 -26.56 100.60 -116.19
CA VAL P 1134 -27.73 99.85 -115.73
C VAL P 1134 -28.88 100.09 -116.69
N TYR P 1135 -29.93 99.28 -116.57
CA TYR P 1135 -31.10 99.39 -117.41
C TYR P 1135 -32.26 99.99 -116.61
N ASP P 1136 -33.28 100.46 -117.34
CA ASP P 1136 -34.45 101.05 -116.72
C ASP P 1136 -35.67 100.72 -117.57
N PRO P 1137 -36.74 100.22 -116.95
CA PRO P 1137 -37.94 99.88 -117.76
C PRO P 1137 -38.67 101.09 -118.28
N LEU P 1138 -38.57 102.24 -117.62
CA LEU P 1138 -39.31 103.41 -118.05
C LEU P 1138 -38.67 104.09 -119.26
N GLN P 1139 -37.37 103.86 -119.48
CA GLN P 1139 -36.68 104.51 -120.60
C GLN P 1139 -37.23 104.10 -121.95
N PRO P 1140 -37.42 102.81 -122.27
CA PRO P 1140 -37.98 102.49 -123.60
C PRO P 1140 -39.42 102.93 -123.75
N GLU P 1141 -40.21 102.89 -122.68
CA GLU P 1141 -41.61 103.29 -122.71
C GLU P 1141 -41.80 104.77 -122.40
N LEU P 1142 -40.76 105.59 -122.58
CA LEU P 1142 -40.85 107.02 -122.35
C LEU P 1142 -41.26 107.81 -123.58
N ASP P 1143 -41.21 107.20 -124.77
CA ASP P 1143 -41.59 107.91 -125.98
C ASP P 1143 -43.10 108.08 -126.06
N SER P 1144 -43.85 107.00 -125.87
CA SER P 1144 -45.31 107.07 -125.92
C SER P 1144 -45.88 107.67 -124.64
N GLU Q 1 36.53 54.87 -4.50
CA GLU Q 1 36.21 54.07 -5.67
C GLU Q 1 35.82 52.65 -5.26
N VAL Q 2 36.77 51.73 -5.34
CA VAL Q 2 36.53 50.35 -4.96
C VAL Q 2 36.45 50.24 -3.44
N GLN Q 3 35.37 49.65 -2.94
CA GLN Q 3 35.14 49.49 -1.50
C GLN Q 3 34.85 48.01 -1.24
N LEU Q 4 35.92 47.25 -0.93
CA LEU Q 4 35.79 45.83 -0.67
C LEU Q 4 35.57 45.62 0.83
N VAL Q 5 34.34 45.84 1.25
CA VAL Q 5 33.96 45.69 2.65
C VAL Q 5 33.85 44.20 2.97
N GLU Q 6 34.46 43.77 4.07
CA GLU Q 6 34.47 42.38 4.47
C GLU Q 6 33.68 42.21 5.76
N SER Q 7 32.78 41.24 5.78
CA SER Q 7 31.96 40.94 6.94
C SER Q 7 32.15 39.48 7.34
N GLY Q 8 31.87 39.20 8.61
CA GLY Q 8 32.01 37.86 9.14
C GLY Q 8 33.37 37.61 9.76
N GLY Q 9 33.40 37.32 11.06
CA GLY Q 9 34.64 37.07 11.75
C GLY Q 9 34.54 37.27 13.25
N GLY Q 10 35.20 36.41 14.01
CA GLY Q 10 35.16 36.52 15.46
C GLY Q 10 35.79 35.31 16.12
N LEU Q 11 35.43 35.09 17.37
CA LEU Q 11 35.97 33.99 18.16
C LEU Q 11 35.05 32.78 18.01
N VAL Q 12 35.62 31.65 17.58
CA VAL Q 12 34.89 30.41 17.41
C VAL Q 12 35.71 29.27 18.01
N GLN Q 13 35.03 28.25 18.51
CA GLN Q 13 35.72 27.12 19.09
C GLN Q 13 36.37 26.27 17.99
N PRO Q 14 37.50 25.64 18.28
CA PRO Q 14 38.15 24.77 17.29
C PRO Q 14 37.27 23.60 16.92
N GLY Q 15 36.96 23.47 15.63
CA GLY Q 15 36.11 22.42 15.12
C GLY Q 15 34.77 22.89 14.61
N ARG Q 16 34.45 24.17 14.75
CA ARG Q 16 33.19 24.72 14.29
C ARG Q 16 33.35 25.30 12.89
N SER Q 17 32.29 25.94 12.40
CA SER Q 17 32.27 26.52 11.07
C SER Q 17 31.71 27.93 11.12
N LEU Q 18 32.07 28.73 10.10
CA LEU Q 18 31.59 30.09 9.98
C LEU Q 18 31.56 30.48 8.51
N ARG Q 19 30.88 31.59 8.23
CA ARG Q 19 30.71 32.09 6.87
C ARG Q 19 31.31 33.48 6.77
N LEU Q 20 32.23 33.66 5.83
CA LEU Q 20 32.83 34.96 5.55
C LEU Q 20 32.26 35.54 4.26
N SER Q 21 32.12 36.86 4.25
CA SER Q 21 31.57 37.57 3.10
C SER Q 21 32.44 38.77 2.76
N CYS Q 22 32.35 39.19 1.50
CA CYS Q 22 33.09 40.37 1.03
C CYS Q 22 32.22 41.07 -0.02
N ALA Q 23 31.48 42.08 0.41
CA ALA Q 23 30.59 42.82 -0.48
C ALA Q 23 31.41 43.82 -1.29
N ALA Q 24 31.38 43.67 -2.61
CA ALA Q 24 32.12 44.56 -3.50
C ALA Q 24 31.26 45.76 -3.88
N SER Q 25 31.93 46.89 -4.10
CA SER Q 25 31.25 48.13 -4.46
C SER Q 25 32.24 49.05 -5.14
N GLY Q 26 31.89 49.54 -6.34
CA GLY Q 26 32.76 50.42 -7.08
C GLY Q 26 33.03 49.95 -8.49
N PHE Q 27 33.10 48.63 -8.68
CA PHE Q 27 33.35 48.03 -9.98
C PHE Q 27 32.25 47.03 -10.29
N THR Q 28 32.39 46.36 -11.43
CA THR Q 28 31.43 45.35 -11.87
C THR Q 28 31.87 43.98 -11.39
N PHE Q 29 31.02 43.31 -10.63
CA PHE Q 29 31.35 42.00 -10.10
C PHE Q 29 31.05 40.91 -11.14
N ASP Q 30 31.50 41.13 -12.37
CA ASP Q 30 31.36 40.13 -13.41
C ASP Q 30 32.58 40.00 -14.30
N ASP Q 31 33.62 40.83 -14.10
CA ASP Q 31 34.80 40.81 -14.95
C ASP Q 31 36.11 40.92 -14.19
N TYR Q 32 36.11 40.76 -12.87
CA TYR Q 32 37.32 40.87 -12.07
C TYR Q 32 37.38 39.73 -11.07
N ALA Q 33 38.52 39.06 -11.00
CA ALA Q 33 38.69 37.96 -10.07
C ALA Q 33 39.01 38.47 -8.68
N ILE Q 34 38.40 37.83 -7.67
CA ILE Q 34 38.61 38.17 -6.27
C ILE Q 34 39.02 36.92 -5.53
N HIS Q 35 40.09 37.02 -4.75
CA HIS Q 35 40.66 35.89 -4.03
C HIS Q 35 40.58 36.12 -2.52
N TRP Q 36 40.96 35.10 -1.76
CA TRP Q 36 41.05 35.17 -0.31
C TRP Q 36 42.49 34.88 0.09
N VAL Q 37 43.04 35.73 0.95
CA VAL Q 37 44.42 35.60 1.42
C VAL Q 37 44.46 36.00 2.89
N ARG Q 38 45.02 35.13 3.72
CA ARG Q 38 45.17 35.39 5.15
C ARG Q 38 46.53 36.00 5.42
N GLN Q 39 46.68 36.56 6.62
CA GLN Q 39 47.94 37.18 7.03
C GLN Q 39 48.06 37.01 8.54
N ALA Q 40 48.92 36.09 8.96
CA ALA Q 40 49.19 35.91 10.39
C ALA Q 40 49.87 37.16 10.94
N PRO Q 41 49.61 37.50 12.20
CA PRO Q 41 50.22 38.71 12.78
C PRO Q 41 51.74 38.66 12.78
N GLY Q 42 52.36 39.53 11.99
CA GLY Q 42 53.82 39.59 11.92
C GLY Q 42 54.47 38.34 11.37
N LYS Q 43 53.73 37.53 10.60
CA LYS Q 43 54.27 36.31 10.04
C LYS Q 43 53.85 36.16 8.58
N GLY Q 44 53.92 37.25 7.82
CA GLY Q 44 53.67 37.22 6.39
C GLY Q 44 52.21 36.92 6.05
N LEU Q 45 51.98 36.77 4.76
CA LEU Q 45 50.66 36.45 4.23
C LEU Q 45 50.62 35.02 3.72
N GLU Q 46 49.42 34.57 3.37
CA GLU Q 46 49.23 33.22 2.86
C GLU Q 46 47.94 33.17 2.07
N TRP Q 47 48.04 32.73 0.82
CA TRP Q 47 46.89 32.66 -0.08
C TRP Q 47 46.01 31.47 0.28
N VAL Q 48 44.70 31.71 0.33
CA VAL Q 48 43.76 30.69 0.74
C VAL Q 48 43.12 30.05 -0.48
N SER Q 49 42.41 30.84 -1.28
CA SER Q 49 41.72 30.36 -2.47
C SER Q 49 41.36 31.57 -3.32
N GLY Q 50 40.64 31.34 -4.41
CA GLY Q 50 40.24 32.42 -5.28
C GLY Q 50 39.29 31.93 -6.35
N ILE Q 51 38.57 32.88 -6.94
CA ILE Q 51 37.60 32.60 -7.99
C ILE Q 51 37.78 33.64 -9.09
N THR Q 52 37.66 33.21 -10.35
CA THR Q 52 37.84 34.08 -11.49
C THR Q 52 36.61 34.95 -11.68
N TRP Q 53 36.52 35.66 -12.82
CA TRP Q 53 35.39 36.53 -13.08
C TRP Q 53 34.08 35.75 -13.09
N ASN Q 54 34.08 34.56 -13.67
CA ASN Q 54 32.91 33.69 -13.64
C ASN Q 54 32.99 32.76 -12.44
N SER Q 55 31.99 31.90 -12.30
CA SER Q 55 32.00 30.93 -11.22
C SER Q 55 33.02 29.84 -11.52
N GLY Q 56 34.24 30.01 -11.02
CA GLY Q 56 35.29 29.04 -11.22
C GLY Q 56 36.34 29.02 -10.13
N THR Q 57 36.58 27.85 -9.56
CA THR Q 57 37.59 27.72 -8.51
C THR Q 57 38.98 27.60 -9.13
N ILE Q 58 39.92 28.37 -8.61
CA ILE Q 58 41.28 28.41 -9.14
C ILE Q 58 42.24 27.56 -8.28
N GLY Q 59 41.73 26.91 -7.25
CA GLY Q 59 42.54 26.04 -6.41
C GLY Q 59 42.61 26.54 -4.98
N TYR Q 60 43.30 25.73 -4.16
CA TYR Q 60 43.50 26.02 -2.76
C TYR Q 60 44.98 25.88 -2.43
N ALA Q 61 45.28 25.95 -1.14
CA ALA Q 61 46.65 25.77 -0.66
C ALA Q 61 46.89 24.29 -0.36
N ASP Q 62 48.03 23.98 0.27
CA ASP Q 62 48.37 22.61 0.61
C ASP Q 62 47.91 22.22 2.00
N SER Q 63 47.20 23.10 2.71
CA SER Q 63 46.73 22.82 4.06
C SER Q 63 45.27 23.17 4.28
N VAL Q 64 44.54 23.60 3.25
CA VAL Q 64 43.14 23.98 3.37
C VAL Q 64 42.24 23.14 2.47
N LYS Q 65 42.79 22.12 1.82
CA LYS Q 65 41.98 21.28 0.93
C LYS Q 65 41.02 20.42 1.75
N GLY Q 66 39.79 20.30 1.24
CA GLY Q 66 38.76 19.51 1.89
C GLY Q 66 38.03 20.20 3.01
N ARG Q 67 38.64 21.20 3.65
CA ARG Q 67 38.01 21.92 4.75
C ARG Q 67 37.39 23.25 4.32
N PHE Q 68 37.99 23.94 3.35
CA PHE Q 68 37.52 25.23 2.90
C PHE Q 68 36.81 25.10 1.55
N THR Q 69 35.71 25.83 1.40
CA THR Q 69 34.94 25.86 0.16
C THR Q 69 34.56 27.29 -0.15
N ILE Q 70 35.00 27.79 -1.30
CA ILE Q 70 34.77 29.16 -1.72
C ILE Q 70 33.65 29.17 -2.76
N SER Q 71 32.80 30.18 -2.69
CA SER Q 71 31.68 30.32 -3.62
C SER Q 71 31.52 31.78 -4.01
N ARG Q 72 31.07 32.00 -5.24
CA ARG Q 72 30.90 33.34 -5.79
C ARG Q 72 29.44 33.57 -6.13
N ASP Q 73 28.95 34.77 -5.81
CA ASP Q 73 27.57 35.16 -6.09
C ASP Q 73 27.60 36.47 -6.86
N ASN Q 74 27.42 36.39 -8.18
CA ASN Q 74 27.44 37.58 -9.02
C ASN Q 74 26.15 38.40 -8.91
N ALA Q 75 25.07 37.81 -8.41
CA ALA Q 75 23.82 38.53 -8.31
C ALA Q 75 23.84 39.55 -7.17
N LYS Q 76 24.36 39.17 -6.02
CA LYS Q 76 24.44 40.06 -4.86
C LYS Q 76 25.76 40.80 -4.77
N ASN Q 77 26.70 40.55 -5.69
CA ASN Q 77 28.01 41.19 -5.71
C ASN Q 77 28.73 41.00 -4.38
N SER Q 78 28.98 39.73 -4.04
CA SER Q 78 29.64 39.37 -2.80
C SER Q 78 30.29 38.01 -2.96
N LEU Q 79 31.52 37.87 -2.46
CA LEU Q 79 32.25 36.61 -2.48
C LEU Q 79 32.19 35.98 -1.10
N TYR Q 80 31.94 34.67 -1.05
CA TYR Q 80 31.79 33.95 0.20
C TYR Q 80 32.86 32.87 0.30
N LEU Q 81 33.27 32.58 1.54
CA LEU Q 81 34.27 31.56 1.82
C LEU Q 81 33.84 30.76 3.04
N GLN Q 82 33.62 29.46 2.86
CA GLN Q 82 33.21 28.59 3.95
C GLN Q 82 34.42 27.91 4.56
N MET Q 83 34.46 27.86 5.89
CA MET Q 83 35.56 27.26 6.64
C MET Q 83 35.01 26.18 7.55
N ASN Q 84 35.50 24.95 7.39
CA ASN Q 84 35.10 23.82 8.21
C ASN Q 84 36.29 23.26 8.96
N SER Q 85 36.02 22.76 10.17
CA SER Q 85 37.04 22.13 11.02
C SER Q 85 38.22 23.06 11.25
N LEU Q 86 37.95 24.23 11.83
CA LEU Q 86 39.01 25.19 12.12
C LEU Q 86 39.90 24.68 13.24
N ARG Q 87 41.19 24.95 13.12
CA ARG Q 87 42.19 24.53 14.08
C ARG Q 87 42.92 25.76 14.63
N ALA Q 88 43.95 25.50 15.43
CA ALA Q 88 44.69 26.57 16.09
C ALA Q 88 45.57 27.35 15.12
N GLU Q 89 45.93 26.76 13.98
CA GLU Q 89 46.78 27.43 13.00
C GLU Q 89 45.98 28.16 11.93
N ASP Q 90 44.76 28.59 12.23
CA ASP Q 90 43.92 29.33 11.29
C ASP Q 90 43.58 30.73 11.80
N THR Q 91 44.40 31.26 12.71
CA THR Q 91 44.17 32.60 13.26
C THR Q 91 44.99 33.60 12.46
N ALA Q 92 44.33 34.34 11.57
CA ALA Q 92 45.00 35.31 10.71
C ALA Q 92 43.97 36.28 10.19
N LEU Q 93 44.46 37.33 9.53
CA LEU Q 93 43.59 38.36 8.94
C LEU Q 93 43.31 37.95 7.49
N TYR Q 94 42.13 37.38 7.26
CA TYR Q 94 41.72 36.98 5.93
C TYR Q 94 41.32 38.21 5.13
N TYR Q 95 42.07 38.50 4.07
CA TYR Q 95 41.80 39.67 3.24
C TYR Q 95 40.95 39.30 2.03
N CYS Q 96 40.47 40.33 1.33
CA CYS Q 96 39.63 40.20 0.15
C CYS Q 96 40.28 41.04 -0.96
N ALA Q 97 41.12 40.41 -1.77
CA ALA Q 97 41.86 41.11 -2.80
C ALA Q 97 41.25 40.84 -4.18
N LYS Q 98 41.26 41.88 -5.03
CA LYS Q 98 40.71 41.81 -6.37
C LYS Q 98 41.84 41.48 -7.36
N HIS Q 99 41.54 41.57 -8.65
CA HIS Q 99 42.50 41.35 -9.71
C HIS Q 99 42.50 42.55 -10.66
N HIS Q 100 43.66 42.88 -11.20
CA HIS Q 100 43.78 44.05 -12.06
C HIS Q 100 43.24 43.80 -13.46
N GLN Q 101 43.66 42.71 -14.09
CA GLN Q 101 43.27 42.44 -15.47
C GLN Q 101 41.79 42.06 -15.53
N ILE Q 102 41.25 42.07 -16.75
CA ILE Q 102 39.86 41.74 -16.99
C ILE Q 102 39.66 40.25 -17.27
N ALA Q 103 40.75 39.47 -17.30
CA ALA Q 103 40.70 38.02 -17.53
C ALA Q 103 40.02 37.69 -18.85
N VAL Q 104 40.68 38.10 -19.95
CA VAL Q 104 40.17 37.81 -21.27
C VAL Q 104 40.17 36.29 -21.51
N ALA Q 105 39.41 35.88 -22.53
CA ALA Q 105 39.20 34.45 -22.80
C ALA Q 105 40.50 33.72 -23.10
N GLY Q 106 41.18 34.08 -24.19
CA GLY Q 106 42.39 33.40 -24.57
C GLY Q 106 43.65 34.09 -24.07
N ASP Q 107 44.16 33.62 -22.93
CA ASP Q 107 45.38 34.16 -22.33
C ASP Q 107 46.07 33.04 -21.55
N ALA Q 108 47.01 33.43 -20.70
CA ALA Q 108 47.69 32.52 -19.81
C ALA Q 108 47.32 32.83 -18.37
N GLU Q 109 47.22 31.79 -17.54
CA GLU Q 109 46.82 31.97 -16.15
C GLU Q 109 47.89 32.75 -15.39
N ASP Q 110 47.57 34.00 -15.05
CA ASP Q 110 48.50 34.85 -14.30
C ASP Q 110 47.67 35.86 -13.52
N TYR Q 111 47.51 35.62 -12.23
CA TYR Q 111 46.66 36.43 -11.37
C TYR Q 111 47.54 37.22 -10.41
N TYR Q 112 47.32 38.54 -10.34
CA TYR Q 112 48.01 39.40 -9.40
C TYR Q 112 47.03 40.42 -8.84
N PHE Q 113 47.11 40.67 -7.54
CA PHE Q 113 46.13 41.49 -6.86
C PHE Q 113 46.40 42.98 -7.08
N ASP Q 114 45.33 43.76 -7.14
CA ASP Q 114 45.41 45.20 -7.35
C ASP Q 114 44.71 46.03 -6.28
N TYR Q 115 43.55 45.58 -5.79
CA TYR Q 115 42.83 46.29 -4.74
C TYR Q 115 42.76 45.40 -3.51
N TRP Q 116 43.09 45.95 -2.35
CA TRP Q 116 43.07 45.23 -1.09
C TRP Q 116 42.03 45.84 -0.16
N GLY Q 117 41.73 45.10 0.91
CA GLY Q 117 40.77 45.56 1.89
C GLY Q 117 41.37 45.69 3.28
N GLN Q 118 40.58 45.43 4.31
CA GLN Q 118 41.04 45.51 5.69
C GLN Q 118 41.10 44.16 6.40
N GLY Q 119 40.17 43.25 6.10
CA GLY Q 119 40.18 41.94 6.69
C GLY Q 119 39.42 41.87 8.00
N THR Q 120 39.12 40.65 8.42
CA THR Q 120 38.42 40.38 9.66
C THR Q 120 39.24 39.41 10.50
N LEU Q 121 39.44 39.76 11.77
CA LEU Q 121 40.22 38.93 12.69
C LEU Q 121 39.41 37.70 13.05
N VAL Q 122 39.77 36.56 12.48
CA VAL Q 122 39.09 35.29 12.75
C VAL Q 122 39.99 34.52 13.70
N THR Q 123 39.72 34.64 14.99
CA THR Q 123 40.47 33.93 16.02
C THR Q 123 39.76 32.63 16.38
N VAL Q 124 40.55 31.57 16.53
CA VAL Q 124 40.04 30.23 16.83
C VAL Q 124 40.78 29.74 18.07
N SER Q 125 40.08 29.67 19.19
CA SER Q 125 40.66 29.18 20.44
C SER Q 125 39.55 28.67 21.34
N SER Q 126 39.95 28.17 22.51
CA SER Q 126 39.00 27.64 23.48
C SER Q 126 38.51 28.67 24.47
N ALA Q 127 39.04 29.89 24.43
CA ALA Q 127 38.62 30.94 25.35
C ALA Q 127 37.22 31.45 24.98
N SER Q 128 36.69 32.32 25.84
CA SER Q 128 35.38 32.91 25.65
C SER Q 128 35.51 34.42 25.52
N THR Q 129 34.49 35.02 24.90
CA THR Q 129 34.49 36.46 24.71
C THR Q 129 34.19 37.18 26.03
N LYS Q 130 34.90 38.27 26.26
CA LYS Q 130 34.74 39.07 27.47
C LYS Q 130 34.30 40.48 27.10
N GLY Q 131 33.53 41.09 28.01
CA GLY Q 131 33.01 42.41 27.79
C GLY Q 131 34.03 43.49 28.11
N PRO Q 132 34.17 44.48 27.23
CA PRO Q 132 35.12 45.56 27.46
C PRO Q 132 34.73 46.38 28.67
N SER Q 133 35.70 47.17 29.14
CA SER Q 133 35.51 48.04 30.32
C SER Q 133 36.13 49.39 30.00
N VAL Q 134 35.31 50.33 29.53
CA VAL Q 134 35.77 51.67 29.20
C VAL Q 134 35.78 52.52 30.47
N PHE Q 135 36.85 53.29 30.65
CA PHE Q 135 36.99 54.15 31.82
C PHE Q 135 37.38 55.56 31.40
N PRO Q 136 36.79 56.58 32.04
CA PRO Q 136 37.09 57.96 31.66
C PRO Q 136 38.36 58.49 32.30
N LEU Q 137 39.51 58.23 31.67
CA LEU Q 137 40.79 58.72 32.15
C LEU Q 137 40.74 60.22 32.42
N ALA Q 138 41.14 60.60 33.62
CA ALA Q 138 40.99 61.98 34.06
C ALA Q 138 42.00 62.88 33.36
N PRO Q 139 41.54 63.92 32.66
CA PRO Q 139 42.45 64.94 32.09
C PRO Q 139 42.94 65.91 33.17
N SER Q 140 43.99 65.48 33.87
CA SER Q 140 44.54 66.22 35.01
C SER Q 140 44.88 67.67 34.65
N SER Q 141 44.92 68.53 35.67
CA SER Q 141 45.08 69.97 35.49
C SER Q 141 46.53 70.39 35.28
N LYS Q 142 47.42 69.47 34.92
CA LYS Q 142 48.80 69.82 34.61
C LYS Q 142 48.82 70.61 33.31
N SER Q 143 48.98 71.94 33.43
CA SER Q 143 48.90 72.85 32.28
C SER Q 143 50.20 73.63 32.18
N THR Q 144 51.06 73.25 31.25
CA THR Q 144 52.29 73.97 30.96
C THR Q 144 52.26 74.59 29.57
N SER Q 145 52.01 73.78 28.55
CA SER Q 145 51.85 74.26 27.18
C SER Q 145 50.36 74.39 26.87
N GLY Q 146 50.04 74.62 25.61
CA GLY Q 146 48.65 74.76 25.19
C GLY Q 146 47.83 73.50 25.34
N GLY Q 147 48.24 72.45 24.63
CA GLY Q 147 47.50 71.20 24.66
C GLY Q 147 48.22 70.07 25.38
N THR Q 148 48.84 70.39 26.52
CA THR Q 148 49.56 69.37 27.27
C THR Q 148 48.62 68.40 27.99
N ALA Q 149 47.39 68.81 28.26
CA ALA Q 149 46.42 67.94 28.91
C ALA Q 149 45.77 67.03 27.87
N ALA Q 150 45.53 65.77 28.24
CA ALA Q 150 44.96 64.78 27.35
C ALA Q 150 44.07 63.84 28.13
N LEU Q 151 42.98 63.41 27.48
CA LEU Q 151 42.04 62.45 28.05
C LEU Q 151 41.83 61.31 27.08
N GLY Q 152 41.44 60.15 27.61
CA GLY Q 152 41.23 58.99 26.77
C GLY Q 152 40.40 57.94 27.49
N CYS Q 153 40.39 56.74 26.92
CA CYS Q 153 39.65 55.61 27.45
C CYS Q 153 40.62 54.53 27.92
N LEU Q 154 40.10 53.60 28.71
CA LEU Q 154 40.90 52.56 29.34
C LEU Q 154 40.26 51.19 29.12
N VAL Q 155 39.91 50.90 27.86
CA VAL Q 155 39.29 49.64 27.49
C VAL Q 155 40.20 48.48 27.86
N LYS Q 156 39.66 47.48 28.54
CA LYS Q 156 40.42 46.32 28.99
C LYS Q 156 39.48 45.13 29.13
N ASP Q 157 40.06 43.97 29.45
CA ASP Q 157 39.31 42.73 29.69
C ASP Q 157 38.49 42.33 28.47
N TYR Q 158 39.19 42.04 27.37
CA TYR Q 158 38.56 41.58 26.15
C TYR Q 158 39.54 40.66 25.42
N PHE Q 159 39.08 39.44 25.11
CA PHE Q 159 39.94 38.45 24.47
C PHE Q 159 40.11 38.74 22.97
N PRO Q 160 39.04 38.89 22.19
CA PRO Q 160 39.23 39.23 20.78
C PRO Q 160 39.61 40.69 20.63
N GLU Q 161 40.24 41.02 19.50
CA GLU Q 161 40.65 42.40 19.30
C GLU Q 161 40.16 42.99 17.97
N PRO Q 162 38.82 43.02 17.70
CA PRO Q 162 38.30 43.87 16.62
C PRO Q 162 37.90 45.25 17.11
N VAL Q 163 38.83 45.93 17.78
CA VAL Q 163 38.53 47.16 18.50
C VAL Q 163 38.56 48.33 17.53
N THR Q 164 37.53 49.17 17.61
CA THR Q 164 37.45 50.41 16.84
C THR Q 164 36.92 51.49 17.76
N VAL Q 165 37.69 52.57 17.91
CA VAL Q 165 37.34 53.66 18.83
C VAL Q 165 36.83 54.84 18.02
N SER Q 166 35.71 55.40 18.47
CA SER Q 166 35.14 56.61 17.88
C SER Q 166 35.02 57.68 18.95
N TRP Q 167 34.90 58.93 18.52
CA TRP Q 167 34.81 60.05 19.45
C TRP Q 167 33.48 60.79 19.37
N ASN Q 168 33.07 61.25 18.19
CA ASN Q 168 31.78 61.92 18.05
C ASN Q 168 30.82 61.10 17.18
N SER Q 169 31.20 60.80 15.93
CA SER Q 169 30.35 59.98 15.09
C SER Q 169 31.13 59.10 14.12
N GLY Q 170 32.44 58.91 14.33
CA GLY Q 170 33.28 58.31 13.32
C GLY Q 170 34.01 59.39 12.54
N ALA Q 171 34.54 60.36 13.27
CA ALA Q 171 35.12 61.57 12.69
C ALA Q 171 36.24 62.04 13.60
N LEU Q 172 36.67 63.29 13.42
CA LEU Q 172 37.80 63.87 14.14
C LEU Q 172 39.07 63.06 13.87
N THR Q 173 39.49 63.12 12.61
CA THR Q 173 40.67 62.41 12.14
C THR Q 173 41.98 63.09 12.54
N SER Q 174 41.94 63.96 13.55
CA SER Q 174 43.14 64.66 14.01
C SER Q 174 44.01 63.69 14.81
N GLY Q 175 45.04 64.23 15.46
CA GLY Q 175 45.98 63.41 16.21
C GLY Q 175 45.33 62.60 17.32
N VAL Q 176 45.23 61.29 17.12
CA VAL Q 176 44.70 60.37 18.11
C VAL Q 176 45.62 59.15 18.12
N HIS Q 177 46.43 59.03 19.17
CA HIS Q 177 47.41 57.95 19.26
C HIS Q 177 46.74 56.76 19.95
N THR Q 178 46.19 55.86 19.14
CA THR Q 178 45.56 54.64 19.66
C THR Q 178 46.65 53.60 19.86
N PHE Q 179 47.04 53.38 21.11
CA PHE Q 179 48.12 52.44 21.42
C PHE Q 179 47.64 51.00 21.20
N PRO Q 180 48.50 50.15 20.65
CA PRO Q 180 48.12 48.75 20.43
C PRO Q 180 47.90 48.03 21.75
N ALA Q 181 47.12 46.94 21.66
CA ALA Q 181 46.79 46.15 22.83
C ALA Q 181 47.97 45.25 23.21
N VAL Q 182 47.83 44.54 24.33
CA VAL Q 182 48.88 43.66 24.83
C VAL Q 182 48.22 42.56 25.67
N LEU Q 183 48.65 41.32 25.46
CA LEU Q 183 48.15 40.19 26.23
C LEU Q 183 48.76 40.24 27.63
N GLN Q 184 47.94 40.51 28.64
CA GLN Q 184 48.43 40.66 30.00
C GLN Q 184 48.50 39.31 30.72
N SER Q 185 49.17 38.34 30.10
CA SER Q 185 49.40 37.00 30.64
C SER Q 185 48.12 36.28 31.04
N SER Q 186 46.96 36.73 30.53
CA SER Q 186 45.68 36.10 30.85
C SER Q 186 44.77 35.99 29.65
N GLY Q 187 45.25 36.34 28.45
CA GLY Q 187 44.45 36.31 27.25
C GLY Q 187 43.73 37.60 26.95
N LEU Q 188 43.49 38.43 27.96
CA LEU Q 188 42.80 39.71 27.76
C LEU Q 188 43.77 40.73 27.16
N TYR Q 189 43.23 41.88 26.79
CA TYR Q 189 44.01 42.95 26.18
C TYR Q 189 43.61 44.27 26.81
N SER Q 190 44.27 45.35 26.39
CA SER Q 190 44.02 46.67 26.97
C SER Q 190 44.18 47.72 25.89
N LEU Q 191 43.20 48.61 25.77
CA LEU Q 191 43.21 49.66 24.76
C LEU Q 191 43.20 51.03 25.43
N SER Q 192 43.82 52.00 24.75
CA SER Q 192 43.88 53.36 25.26
C SER Q 192 44.18 54.29 24.09
N SER Q 193 43.73 55.54 24.21
CA SER Q 193 43.93 56.54 23.18
C SER Q 193 44.28 57.88 23.83
N VAL Q 194 44.94 58.73 23.06
CA VAL Q 194 45.37 60.05 23.52
C VAL Q 194 45.01 61.07 22.45
N VAL Q 195 44.33 62.13 22.85
CA VAL Q 195 43.92 63.19 21.93
C VAL Q 195 44.67 64.46 22.28
N THR Q 196 44.54 65.50 21.45
CA THR Q 196 45.17 66.77 21.74
C THR Q 196 44.58 67.42 22.99
N VAL Q 197 43.25 67.51 23.04
CA VAL Q 197 42.51 68.05 24.18
C VAL Q 197 43.04 69.43 24.54
N PRO Q 198 42.72 70.47 23.76
CA PRO Q 198 43.17 71.82 24.11
C PRO Q 198 42.48 72.37 25.34
N SER Q 199 42.75 73.62 25.68
CA SER Q 199 42.17 74.28 26.84
C SER Q 199 40.65 74.13 26.86
N SER Q 200 40.13 73.51 27.91
CA SER Q 200 38.70 73.21 28.02
C SER Q 200 37.97 74.46 28.48
N SER Q 201 37.23 75.07 27.55
CA SER Q 201 36.40 76.24 27.83
C SER Q 201 35.02 76.08 27.20
N LEU Q 202 34.44 74.89 27.34
CA LEU Q 202 33.15 74.54 26.75
C LEU Q 202 33.20 74.62 25.23
N GLY Q 203 34.40 74.59 24.67
CA GLY Q 203 34.57 74.62 23.23
C GLY Q 203 35.43 73.48 22.72
N THR Q 204 35.24 72.29 23.28
CA THR Q 204 36.03 71.12 22.96
C THR Q 204 35.10 69.98 22.52
N GLN Q 205 35.68 68.80 22.38
CA GLN Q 205 34.92 67.63 21.94
C GLN Q 205 33.85 67.25 22.97
N THR Q 206 32.92 66.41 22.54
CA THR Q 206 31.79 66.01 23.37
C THR Q 206 32.18 65.04 24.49
N TYR Q 207 33.46 64.66 24.58
CA TYR Q 207 33.95 63.75 25.61
C TYR Q 207 33.20 62.41 25.58
N ILE Q 208 33.34 61.73 24.43
CA ILE Q 208 32.67 60.45 24.20
C ILE Q 208 33.68 59.50 23.57
N CYS Q 209 33.73 58.26 24.06
CA CYS Q 209 34.63 57.23 23.53
C CYS Q 209 33.78 56.00 23.19
N ASN Q 210 33.30 55.98 21.94
CA ASN Q 210 32.50 54.85 21.47
C ASN Q 210 33.42 53.71 21.08
N VAL Q 211 33.22 52.54 21.71
CA VAL Q 211 34.03 51.36 21.47
C VAL Q 211 33.10 50.27 20.96
N ASN Q 212 33.40 49.75 19.77
CA ASN Q 212 32.60 48.71 19.12
C ASN Q 212 33.40 47.42 19.11
N HIS Q 213 32.84 46.37 19.71
CA HIS Q 213 33.45 45.05 19.76
C HIS Q 213 32.41 44.04 19.29
N LYS Q 214 32.65 43.43 18.13
CA LYS Q 214 31.67 42.55 17.50
C LYS Q 214 31.43 41.26 18.30
N PRO Q 215 32.47 40.51 18.70
CA PRO Q 215 32.22 39.29 19.48
C PRO Q 215 31.60 39.55 20.84
N SER Q 216 31.61 40.80 21.31
CA SER Q 216 31.03 41.20 22.60
C SER Q 216 30.17 42.43 22.44
N ASN Q 217 29.26 42.37 21.47
CA ASN Q 217 28.44 43.50 21.05
C ASN Q 217 27.82 44.23 22.22
N THR Q 218 28.23 45.48 22.42
CA THR Q 218 27.73 46.35 23.48
C THR Q 218 28.09 47.80 23.17
N LYS Q 219 27.09 48.68 23.16
CA LYS Q 219 27.28 50.08 22.81
C LYS Q 219 27.57 50.85 24.10
N VAL Q 220 28.83 51.21 24.30
CA VAL Q 220 29.26 51.99 25.46
C VAL Q 220 29.30 53.45 25.06
N ASP Q 221 28.52 54.28 25.76
CA ASP Q 221 28.41 55.70 25.48
C ASP Q 221 28.62 56.50 26.76
N LYS Q 222 29.64 56.13 27.53
CA LYS Q 222 29.96 56.83 28.76
C LYS Q 222 30.84 58.05 28.48
N LYS Q 223 30.59 59.12 29.22
CA LYS Q 223 31.30 60.37 29.01
C LYS Q 223 32.55 60.46 29.90
N VAL Q 224 33.39 61.43 29.59
CA VAL Q 224 34.63 61.67 30.33
C VAL Q 224 34.58 63.08 30.92
N GLU Q 225 34.96 63.20 32.18
CA GLU Q 225 34.94 64.48 32.89
C GLU Q 225 36.24 64.64 33.67
N PRO Q 226 36.75 65.87 33.78
CA PRO Q 226 37.97 66.15 34.55
C PRO Q 226 37.84 65.80 36.03
N TYR R 2 55.56 25.72 -5.58
CA TYR R 2 56.85 26.39 -5.66
C TYR R 2 57.31 26.82 -4.28
N GLU R 3 58.48 27.44 -4.21
CA GLU R 3 59.03 27.91 -2.94
C GLU R 3 59.97 29.08 -3.23
N LEU R 4 59.61 30.27 -2.79
CA LEU R 4 60.41 31.46 -2.97
C LEU R 4 61.21 31.75 -1.71
N THR R 5 62.43 32.23 -1.88
CA THR R 5 63.33 32.56 -0.77
C THR R 5 63.66 34.04 -0.81
N GLN R 6 63.39 34.73 0.28
CA GLN R 6 63.64 36.16 0.39
C GLN R 6 64.55 36.45 1.57
N PRO R 7 65.36 37.51 1.50
CA PRO R 7 66.18 37.90 2.65
C PRO R 7 65.30 38.33 3.81
N PRO R 8 65.62 37.88 5.03
CA PRO R 8 64.78 38.24 6.19
C PRO R 8 64.73 39.73 6.46
N SER R 9 65.82 40.45 6.22
CA SER R 9 65.86 41.90 6.47
C SER R 9 66.99 42.51 5.67
N VAL R 10 66.71 43.62 5.01
CA VAL R 10 67.70 44.35 4.21
C VAL R 10 67.60 45.82 4.59
N SER R 11 68.69 46.37 5.13
CA SER R 11 68.76 47.77 5.50
C SER R 11 69.76 48.50 4.61
N VAL R 12 69.48 49.77 4.35
CA VAL R 12 70.33 50.59 3.50
C VAL R 12 70.13 52.05 3.88
N ALA R 13 71.21 52.82 3.81
CA ALA R 13 71.13 54.24 4.09
C ALA R 13 70.31 54.95 3.01
N PRO R 14 69.63 56.05 3.34
CA PRO R 14 68.81 56.74 2.35
C PRO R 14 69.63 57.58 1.38
N GLY R 15 70.71 57.02 0.86
CA GLY R 15 71.53 57.69 -0.13
C GLY R 15 71.69 56.88 -1.40
N GLN R 16 71.54 55.57 -1.29
CA GLN R 16 71.69 54.64 -2.41
C GLN R 16 70.41 53.82 -2.55
N THR R 17 70.46 52.83 -3.44
CA THR R 17 69.34 51.95 -3.70
C THR R 17 69.42 50.68 -2.87
N ALA R 18 68.31 49.98 -2.78
CA ALA R 18 68.21 48.72 -2.05
C ALA R 18 68.18 47.55 -3.02
N ARG R 19 68.44 46.36 -2.48
CA ARG R 19 68.53 45.14 -3.28
C ARG R 19 67.63 44.07 -2.65
N ILE R 20 66.42 43.93 -3.16
CA ILE R 20 65.48 42.90 -2.71
C ILE R 20 65.34 41.87 -3.82
N THR R 21 65.64 40.61 -3.51
CA THR R 21 65.63 39.54 -4.50
C THR R 21 64.68 38.43 -4.07
N CYS R 22 64.18 37.70 -5.06
CA CYS R 22 63.34 36.52 -4.85
C CYS R 22 63.74 35.47 -5.88
N GLY R 23 64.36 34.40 -5.42
CA GLY R 23 64.84 33.35 -6.30
C GLY R 23 64.14 32.03 -6.03
N GLY R 24 64.08 31.19 -7.05
CA GLY R 24 63.46 29.88 -6.93
C GLY R 24 64.29 28.79 -7.57
N ASN R 25 63.62 27.89 -8.31
CA ASN R 25 64.29 26.78 -8.99
C ASN R 25 64.49 27.08 -10.48
N ASN R 26 63.42 27.36 -11.19
CA ASN R 26 63.47 27.67 -12.62
C ASN R 26 62.52 28.82 -12.94
N ILE R 27 62.55 29.85 -12.09
CA ILE R 27 61.65 31.02 -12.27
C ILE R 27 62.41 32.00 -13.15
N GLY R 28 62.29 31.79 -14.46
CA GLY R 28 62.94 32.67 -15.43
C GLY R 28 61.99 33.18 -16.49
N SER R 29 60.86 32.49 -16.67
CA SER R 29 59.87 32.84 -17.67
C SER R 29 58.54 33.26 -17.08
N LYS R 30 58.14 32.65 -15.97
CA LYS R 30 56.88 33.01 -15.33
C LYS R 30 56.96 34.41 -14.73
N SER R 31 55.84 35.12 -14.75
CA SER R 31 55.81 36.50 -14.30
C SER R 31 56.05 36.59 -12.80
N VAL R 32 56.72 37.67 -12.39
CA VAL R 32 57.03 37.92 -10.99
C VAL R 32 56.36 39.23 -10.59
N HIS R 33 55.44 39.16 -9.62
CA HIS R 33 54.74 40.32 -9.13
C HIS R 33 55.19 40.64 -7.71
N TRP R 34 55.20 41.93 -7.38
CA TRP R 34 55.63 42.40 -6.08
C TRP R 34 54.51 43.14 -5.37
N TYR R 35 54.63 43.28 -4.05
CA TYR R 35 53.65 43.99 -3.24
C TYR R 35 54.36 44.71 -2.11
N GLN R 36 53.74 45.80 -1.64
CA GLN R 36 54.23 46.58 -0.52
C GLN R 36 53.10 46.78 0.48
N GLN R 37 53.37 46.50 1.75
CA GLN R 37 52.36 46.60 2.80
C GLN R 37 52.92 47.46 3.93
N LYS R 38 52.34 48.64 4.12
CA LYS R 38 52.70 49.46 5.26
C LYS R 38 52.26 48.77 6.55
N PRO R 39 53.01 48.95 7.63
CA PRO R 39 52.66 48.26 8.89
C PRO R 39 51.36 48.76 9.49
N GLY R 40 50.34 47.91 9.51
CA GLY R 40 49.04 48.27 10.03
C GLY R 40 48.04 48.59 8.95
N GLN R 41 48.50 49.16 7.85
CA GLN R 41 47.64 49.54 6.74
C GLN R 41 47.45 48.34 5.80
N ALA R 42 46.83 48.59 4.64
CA ALA R 42 46.57 47.56 3.64
C ALA R 42 47.73 47.48 2.65
N PRO R 43 47.97 46.29 2.08
CA PRO R 43 49.06 46.15 1.11
C PRO R 43 48.77 46.95 -0.16
N VAL R 44 49.75 47.74 -0.58
CA VAL R 44 49.64 48.53 -1.80
C VAL R 44 50.39 47.81 -2.91
N LEU R 45 50.04 48.13 -4.15
CA LEU R 45 50.66 47.51 -5.30
C LEU R 45 51.88 48.29 -5.75
N VAL R 46 52.93 47.56 -6.12
CA VAL R 46 54.15 48.13 -6.66
C VAL R 46 54.41 47.51 -8.03
N VAL R 47 55.56 47.83 -8.63
CA VAL R 47 55.94 47.36 -9.96
C VAL R 47 55.69 45.86 -10.09
N TYR R 48 54.92 45.48 -11.11
CA TYR R 48 54.57 44.10 -11.37
C TYR R 48 55.04 43.70 -12.76
N ASP R 49 55.16 42.38 -12.96
CA ASP R 49 55.64 41.78 -14.21
C ASP R 49 57.05 42.21 -14.58
N ASP R 50 57.74 42.92 -13.69
CA ASP R 50 59.12 43.36 -13.89
C ASP R 50 59.28 44.24 -15.13
N SER R 51 58.17 44.74 -15.68
CA SER R 51 58.25 45.57 -16.87
C SER R 51 57.30 46.77 -16.85
N ASP R 52 56.54 46.99 -15.78
CA ASP R 52 55.61 48.11 -15.72
C ASP R 52 55.16 48.30 -14.28
N ARG R 53 54.70 49.51 -13.99
CA ARG R 53 54.21 49.89 -12.67
C ARG R 53 52.75 50.32 -12.75
N PRO R 54 52.00 50.17 -11.65
CA PRO R 54 50.60 50.62 -11.66
C PRO R 54 50.48 52.13 -11.67
N SER R 55 49.25 52.64 -11.67
CA SER R 55 49.01 54.08 -11.68
C SER R 55 49.14 54.63 -10.28
N GLY R 56 50.04 55.61 -10.11
CA GLY R 56 50.30 56.25 -8.82
C GLY R 56 51.70 55.99 -8.29
N ILE R 57 52.27 54.83 -8.61
CA ILE R 57 53.61 54.50 -8.13
C ILE R 57 54.63 55.36 -8.89
N PRO R 58 55.53 56.05 -8.20
CA PRO R 58 56.51 56.89 -8.89
C PRO R 58 57.51 56.05 -9.68
N GLU R 59 58.34 56.75 -10.45
CA GLU R 59 59.38 56.12 -11.25
C GLU R 59 60.49 55.52 -10.40
N ARG R 60 60.53 55.83 -9.09
CA ARG R 60 61.59 55.31 -8.23
C ARG R 60 61.53 53.79 -8.13
N PHE R 61 60.34 53.20 -8.20
CA PHE R 61 60.20 51.75 -8.12
C PHE R 61 60.49 51.11 -9.47
N SER R 62 61.34 50.08 -9.45
CA SER R 62 61.70 49.36 -10.67
C SER R 62 61.95 47.90 -10.34
N GLY R 63 61.89 47.07 -11.37
CA GLY R 63 62.10 45.64 -11.20
C GLY R 63 62.81 45.06 -12.40
N SER R 64 63.43 43.89 -12.18
CA SER R 64 64.16 43.20 -13.23
C SER R 64 64.37 41.75 -12.81
N ASN R 65 64.14 40.83 -13.74
CA ASN R 65 64.32 39.40 -13.52
C ASN R 65 65.28 38.85 -14.57
N SER R 66 66.20 37.99 -14.14
CA SER R 66 67.20 37.43 -15.04
C SER R 66 67.53 36.02 -14.58
N GLY R 67 66.90 35.02 -15.20
CA GLY R 67 67.22 33.63 -14.96
C GLY R 67 66.57 33.04 -13.73
N ASN R 68 67.08 33.38 -12.54
CA ASN R 68 66.53 32.86 -11.29
C ASN R 68 66.57 33.91 -10.19
N THR R 69 66.56 35.19 -10.56
CA THR R 69 66.63 36.26 -9.57
C THR R 69 65.82 37.46 -10.08
N ALA R 70 64.84 37.88 -9.28
CA ALA R 70 64.04 39.06 -9.58
C ALA R 70 64.40 40.14 -8.58
N THR R 71 64.95 41.25 -9.07
CA THR R 71 65.44 42.33 -8.22
C THR R 71 64.47 43.50 -8.29
N LEU R 72 63.89 43.85 -7.14
CA LEU R 72 63.02 45.01 -7.02
C LEU R 72 63.90 46.20 -6.64
N THR R 73 64.40 46.89 -7.66
CA THR R 73 65.36 47.98 -7.47
C THR R 73 64.59 49.27 -7.19
N ILE R 74 64.53 49.65 -5.92
CA ILE R 74 63.91 50.92 -5.52
C ILE R 74 64.98 51.98 -5.43
N SER R 75 64.74 53.12 -6.07
CA SER R 75 65.69 54.22 -6.12
C SER R 75 65.31 55.32 -5.14
N ARG R 76 66.32 55.91 -4.51
CA ARG R 76 66.15 57.02 -3.58
C ARG R 76 65.18 56.65 -2.46
N VAL R 77 65.60 55.66 -1.67
CA VAL R 77 64.77 55.20 -0.55
C VAL R 77 64.68 56.30 0.51
N GLU R 78 63.49 56.50 1.04
CA GLU R 78 63.23 57.52 2.04
C GLU R 78 62.69 56.86 3.30
N ALA R 79 62.33 57.70 4.29
CA ALA R 79 61.82 57.19 5.55
C ALA R 79 60.42 56.59 5.37
N GLY R 80 59.60 57.21 4.53
CA GLY R 80 58.26 56.72 4.27
C GLY R 80 58.17 55.47 3.43
N ASP R 81 59.30 54.87 3.07
CA ASP R 81 59.32 53.67 2.24
C ASP R 81 59.56 52.39 3.06
N GLU R 82 59.66 52.50 4.38
CA GLU R 82 59.88 51.34 5.22
C GLU R 82 58.57 50.55 5.34
N ALA R 83 58.52 49.38 4.71
CA ALA R 83 57.33 48.54 4.73
C ALA R 83 57.76 47.10 4.46
N ASP R 84 56.78 46.21 4.46
CA ASP R 84 57.02 44.78 4.23
C ASP R 84 56.78 44.48 2.76
N TYR R 85 57.85 44.17 2.04
CA TYR R 85 57.78 43.93 0.60
C TYR R 85 57.71 42.43 0.33
N TYR R 86 56.67 42.02 -0.40
CA TYR R 86 56.47 40.62 -0.77
C TYR R 86 56.56 40.46 -2.28
N CYS R 87 56.93 39.27 -2.72
CA CYS R 87 56.99 38.92 -4.12
C CYS R 87 56.06 37.75 -4.40
N GLN R 88 55.38 37.80 -5.55
CA GLN R 88 54.34 36.84 -5.90
C GLN R 88 54.76 36.04 -7.13
N VAL R 89 54.30 34.79 -7.19
CA VAL R 89 54.53 33.92 -8.33
C VAL R 89 53.29 33.05 -8.51
N TRP R 90 53.13 32.49 -9.70
CA TRP R 90 51.94 31.70 -10.01
C TRP R 90 52.16 30.21 -9.79
N ASP R 91 53.17 29.64 -10.45
CA ASP R 91 53.49 28.22 -10.35
C ASP R 91 52.31 27.36 -10.77
N SER R 92 52.00 27.45 -12.07
CA SER R 92 50.87 26.74 -12.66
C SER R 92 51.00 25.22 -12.53
N ARG R 93 52.16 24.74 -12.10
CA ARG R 93 52.35 23.31 -11.92
C ARG R 93 51.55 22.78 -10.74
N SER R 94 51.30 23.63 -9.74
CA SER R 94 50.56 23.24 -8.55
C SER R 94 49.23 23.94 -8.40
N ASP R 95 48.90 24.89 -9.28
CA ASP R 95 47.64 25.63 -9.24
C ASP R 95 47.47 26.34 -7.89
N ARG R 96 48.49 27.13 -7.54
CA ARG R 96 48.48 27.85 -6.27
C ARG R 96 48.92 29.30 -6.46
N VAL R 97 49.08 30.02 -5.35
CA VAL R 97 49.68 31.35 -5.35
C VAL R 97 50.74 31.37 -4.25
N VAL R 98 51.99 31.12 -4.63
CA VAL R 98 53.07 30.94 -3.67
C VAL R 98 53.62 32.30 -3.26
N PHE R 99 53.47 32.64 -1.98
CA PHE R 99 54.06 33.83 -1.40
C PHE R 99 55.37 33.46 -0.71
N GLY R 100 55.94 34.42 0.01
CA GLY R 100 57.17 34.18 0.75
C GLY R 100 57.33 35.18 1.87
N GLY R 101 58.23 34.84 2.79
CA GLY R 101 58.54 35.73 3.91
C GLY R 101 59.09 37.06 3.45
N GLY R 102 58.31 38.12 3.63
CA GLY R 102 58.69 39.42 3.16
C GLY R 102 59.92 39.97 3.87
N THR R 103 60.53 40.97 3.21
CA THR R 103 61.73 41.63 3.72
C THR R 103 61.35 42.94 4.39
N LYS R 104 61.91 43.19 5.57
CA LYS R 104 61.64 44.41 6.34
C LYS R 104 62.69 45.45 5.97
N LEU R 105 62.39 46.24 4.94
CA LEU R 105 63.29 47.30 4.51
C LEU R 105 63.25 48.44 5.53
N THR R 106 64.40 48.72 6.14
CA THR R 106 64.53 49.76 7.15
C THR R 106 65.66 50.70 6.74
N ALA R 107 65.33 51.97 6.53
CA ALA R 107 66.31 52.97 6.17
C ALA R 107 67.22 53.25 7.36
N LEU R 108 68.46 52.75 7.30
CA LEU R 108 69.40 52.93 8.39
C LEU R 108 70.02 54.32 8.36
N GLY R 109 70.12 54.94 9.53
CA GLY R 109 70.72 56.25 9.64
C GLY R 109 69.71 57.38 9.71
N GLN R 110 68.69 57.22 10.54
CA GLN R 110 67.67 58.24 10.74
C GLN R 110 67.94 59.00 12.03
N PRO R 111 67.51 60.27 12.10
CA PRO R 111 67.73 61.04 13.32
C PRO R 111 66.99 60.45 14.51
N LYS R 112 67.52 60.72 15.70
CA LYS R 112 66.92 60.20 16.93
C LYS R 112 65.62 60.95 17.24
N ALA R 113 64.85 60.37 18.16
CA ALA R 113 63.60 60.96 18.60
C ALA R 113 63.42 60.68 20.08
N ALA R 114 63.35 61.74 20.88
CA ALA R 114 63.21 61.59 22.32
C ALA R 114 61.76 61.26 22.67
N PRO R 115 61.50 60.14 23.33
CA PRO R 115 60.12 59.80 23.69
C PRO R 115 59.61 60.64 24.86
N SER R 116 58.34 61.01 24.79
CA SER R 116 57.69 61.78 25.83
C SER R 116 56.76 60.86 26.62
N VAL R 117 56.86 60.91 27.94
CA VAL R 117 56.04 60.08 28.82
C VAL R 117 54.81 60.87 29.24
N THR R 118 53.67 60.19 29.31
CA THR R 118 52.40 60.81 29.69
C THR R 118 51.76 59.95 30.77
N LEU R 119 51.66 60.49 31.98
CA LEU R 119 51.09 59.77 33.10
C LEU R 119 49.58 59.99 33.16
N PHE R 120 48.85 58.89 33.32
CA PHE R 120 47.39 58.93 33.46
C PHE R 120 47.01 58.25 34.77
N PRO R 121 46.60 59.02 35.78
CA PRO R 121 46.21 58.42 37.06
C PRO R 121 44.92 57.65 36.91
N PRO R 122 44.57 56.82 37.90
CA PRO R 122 43.28 56.10 37.84
C PRO R 122 42.12 57.07 37.74
N SER R 123 41.08 56.65 37.02
CA SER R 123 39.93 57.50 36.77
C SER R 123 39.14 57.73 38.06
N SER R 124 38.08 58.55 37.95
CA SER R 124 37.27 58.87 39.11
C SER R 124 36.26 57.76 39.40
N GLU R 125 35.61 57.23 38.36
CA GLU R 125 34.58 56.21 38.55
C GLU R 125 35.16 54.81 38.54
N GLU R 126 36.16 54.57 39.39
CA GLU R 126 36.68 53.22 39.59
C GLU R 126 37.07 52.93 41.03
N LEU R 127 37.18 53.93 41.90
CA LEU R 127 37.58 53.68 43.28
C LEU R 127 36.50 52.94 44.06
N GLN R 128 35.24 53.05 43.63
CA GLN R 128 34.17 52.32 44.31
C GLN R 128 34.29 50.82 44.06
N ALA R 129 34.89 50.42 42.94
CA ALA R 129 35.12 49.03 42.64
C ALA R 129 36.61 48.71 42.79
N ASN R 130 37.00 47.50 42.42
CA ASN R 130 38.39 47.04 42.50
C ASN R 130 38.85 46.72 41.07
N LYS R 131 39.36 47.73 40.37
CA LYS R 131 39.85 47.55 39.00
C LYS R 131 41.37 47.46 38.94
N ALA R 132 42.07 48.46 39.49
CA ALA R 132 43.53 48.49 39.56
C ALA R 132 44.15 48.37 38.16
N THR R 133 43.90 49.41 37.35
CA THR R 133 44.36 49.48 35.97
C THR R 133 45.14 50.77 35.72
N LEU R 134 46.09 51.07 36.61
CA LEU R 134 46.96 52.22 36.42
C LEU R 134 47.76 52.07 35.12
N VAL R 135 47.74 53.11 34.29
CA VAL R 135 48.34 53.08 32.97
C VAL R 135 49.42 54.14 32.89
N CYS R 136 50.57 53.78 32.32
CA CYS R 136 51.67 54.71 32.08
C CYS R 136 52.00 54.66 30.59
N LEU R 137 51.78 55.76 29.90
CA LEU R 137 51.93 55.83 28.44
C LEU R 137 53.16 56.65 28.06
N ILE R 138 53.68 56.37 26.87
CA ILE R 138 54.82 57.08 26.31
C ILE R 138 54.49 57.48 24.88
N SER R 139 55.10 58.57 24.42
CA SER R 139 54.84 59.08 23.07
C SER R 139 55.66 58.29 22.05
N ASP R 140 55.70 58.79 20.82
CA ASP R 140 56.41 58.12 19.75
C ASP R 140 57.92 58.33 19.89
N PHE R 141 58.68 57.42 19.29
CA PHE R 141 60.14 57.49 19.32
C PHE R 141 60.70 56.61 18.22
N TYR R 142 61.79 57.06 17.60
CA TYR R 142 62.45 56.28 16.55
C TYR R 142 63.28 55.15 17.13
N PRO R 143 64.20 55.39 18.07
CA PRO R 143 65.02 54.27 18.58
C PRO R 143 64.19 53.39 19.51
N GLY R 144 63.93 52.16 19.05
CA GLY R 144 63.15 51.23 19.83
C GLY R 144 63.92 50.57 20.96
N ALA R 145 63.44 49.41 21.41
CA ALA R 145 64.07 48.65 22.50
C ALA R 145 64.19 49.50 23.76
N VAL R 146 63.04 49.93 24.27
CA VAL R 146 62.95 50.75 25.46
C VAL R 146 62.44 49.89 26.61
N THR R 147 63.01 50.10 27.79
CA THR R 147 62.62 49.39 29.00
C THR R 147 61.93 50.34 29.96
N VAL R 148 60.66 50.07 30.26
CA VAL R 148 59.87 50.90 31.14
C VAL R 148 60.05 50.38 32.57
N ALA R 149 60.79 51.14 33.38
CA ALA R 149 61.02 50.79 34.78
C ALA R 149 59.97 51.46 35.65
N TRP R 150 59.28 50.67 36.46
CA TRP R 150 58.22 51.17 37.32
C TRP R 150 58.79 51.52 38.69
N LYS R 151 58.39 52.66 39.22
CA LYS R 151 58.76 53.11 40.56
C LYS R 151 57.47 53.22 41.37
N ALA R 152 57.06 52.11 41.97
CA ALA R 152 55.83 52.04 42.75
C ALA R 152 56.14 52.37 44.19
N ASP R 153 55.44 53.39 44.73
CA ASP R 153 55.63 53.84 46.11
C ASP R 153 57.08 54.27 46.35
N SER R 154 57.64 54.99 45.37
CA SER R 154 59.01 55.50 45.45
C SER R 154 60.03 54.39 45.70
N SER R 155 59.78 53.20 45.15
CA SER R 155 60.65 52.06 45.33
C SER R 155 60.52 51.15 44.11
N PRO R 156 61.60 50.48 43.70
CA PRO R 156 61.51 49.57 42.56
C PRO R 156 60.65 48.35 42.86
N VAL R 157 59.48 48.26 42.21
CA VAL R 157 58.55 47.16 42.39
C VAL R 157 58.28 46.58 41.00
N LYS R 158 58.83 45.40 40.74
CA LYS R 158 58.64 44.73 39.46
C LYS R 158 58.01 43.34 39.58
N ALA R 159 57.74 42.87 40.79
CA ALA R 159 57.17 41.53 40.95
C ALA R 159 55.69 41.49 40.57
N GLY R 160 55.04 42.63 40.43
CA GLY R 160 53.64 42.66 40.08
C GLY R 160 53.39 42.25 38.64
N VAL R 161 52.10 42.10 38.32
CA VAL R 161 51.69 41.71 36.98
C VAL R 161 51.89 42.89 36.04
N GLU R 162 52.78 42.72 35.06
CA GLU R 162 53.09 43.75 34.09
C GLU R 162 52.72 43.26 32.69
N THR R 163 52.84 44.17 31.72
CA THR R 163 52.56 43.86 30.32
C THR R 163 53.83 43.92 29.48
N THR R 164 54.53 45.05 29.49
CA THR R 164 55.78 45.25 28.75
C THR R 164 55.60 44.88 27.27
N THR R 165 54.68 45.60 26.63
CA THR R 165 54.40 45.34 25.22
C THR R 165 55.58 45.78 24.35
N PRO R 166 55.90 45.04 23.30
CA PRO R 166 56.99 45.46 22.42
C PRO R 166 56.59 46.67 21.59
N SER R 167 57.61 47.40 21.13
CA SER R 167 57.37 48.59 20.32
C SER R 167 56.79 48.20 18.97
N LYS R 168 55.70 48.85 18.60
CA LYS R 168 55.03 48.63 17.33
C LYS R 168 55.40 49.74 16.35
N GLN R 169 54.79 49.71 15.17
CA GLN R 169 55.06 50.68 14.12
C GLN R 169 53.88 51.64 13.99
N SER R 170 54.21 52.93 13.89
CA SER R 170 53.18 53.96 13.72
C SER R 170 53.85 55.18 13.09
N ASN R 171 53.47 55.50 11.86
CA ASN R 171 54.05 56.58 11.06
C ASN R 171 55.57 56.64 11.22
N ASN R 172 56.21 55.47 11.04
CA ASN R 172 57.65 55.33 11.14
C ASN R 172 58.19 55.77 12.50
N LYS R 173 57.39 55.56 13.55
CA LYS R 173 57.78 55.92 14.91
C LYS R 173 57.30 54.83 15.85
N TYR R 174 58.22 54.29 16.65
CA TYR R 174 57.88 53.22 17.58
C TYR R 174 57.20 53.78 18.82
N ALA R 175 56.32 52.98 19.40
CA ALA R 175 55.59 53.36 20.60
C ALA R 175 55.13 52.10 21.33
N ALA R 176 54.93 52.24 22.64
CA ALA R 176 54.50 51.12 23.47
C ALA R 176 53.71 51.67 24.64
N SER R 177 53.42 50.81 25.62
CA SER R 177 52.66 51.18 26.80
C SER R 177 53.16 50.35 27.98
N SER R 178 52.53 50.54 29.13
CA SER R 178 52.91 49.81 30.33
C SER R 178 51.75 49.82 31.30
N TYR R 179 51.57 48.71 32.01
CA TYR R 179 50.49 48.56 32.99
C TYR R 179 51.02 47.82 34.20
N LEU R 180 50.96 48.46 35.37
CA LEU R 180 51.36 47.80 36.61
C LEU R 180 50.60 48.46 37.76
N SER R 181 49.59 47.78 38.28
CA SER R 181 48.78 48.27 39.39
C SER R 181 48.57 47.16 40.41
N LEU R 182 49.67 46.50 40.80
CA LEU R 182 49.61 45.37 41.74
C LEU R 182 49.12 45.78 43.12
N THR R 183 48.82 47.06 43.34
CA THR R 183 48.35 47.57 44.63
C THR R 183 47.08 46.87 45.08
N PRO R 184 46.73 46.94 46.37
CA PRO R 184 45.47 46.34 46.83
C PRO R 184 44.24 47.17 46.46
N GLU R 185 44.41 48.07 45.48
CA GLU R 185 43.46 49.07 44.98
C GLU R 185 43.41 50.28 45.89
N GLN R 186 44.14 50.29 47.01
CA GLN R 186 44.35 51.50 47.80
C GLN R 186 45.69 52.13 47.44
N TRP R 187 45.79 52.53 46.17
CA TRP R 187 47.05 53.04 45.64
C TRP R 187 47.42 54.39 46.22
N LYS R 188 46.46 55.11 46.79
CA LYS R 188 46.71 56.43 47.39
C LYS R 188 47.25 56.28 48.81
N SER R 189 48.32 55.49 48.93
CA SER R 189 48.90 55.23 50.25
C SER R 189 49.81 56.37 50.70
N HIS R 190 50.92 56.57 49.98
CA HIS R 190 51.88 57.62 50.30
C HIS R 190 53.01 57.58 49.27
N ARG R 191 53.85 58.61 49.33
CA ARG R 191 55.15 58.65 48.66
C ARG R 191 55.04 58.60 47.13
N SER R 192 53.90 59.03 46.58
CA SER R 192 53.78 59.43 45.18
C SER R 192 54.17 58.30 44.23
N TYR R 193 53.33 57.26 44.22
CA TYR R 193 53.44 56.20 43.22
C TYR R 193 53.60 56.80 41.83
N SER R 194 54.73 56.50 41.20
CA SER R 194 55.13 57.17 39.96
C SER R 194 55.48 56.14 38.89
N CYS R 195 55.97 56.64 37.75
CA CYS R 195 56.36 55.82 36.62
C CYS R 195 57.61 56.42 35.99
N GLN R 196 58.46 55.56 35.43
CA GLN R 196 59.72 55.98 34.82
C GLN R 196 59.89 55.30 33.48
N VAL R 197 60.59 55.97 32.56
CA VAL R 197 60.94 55.42 31.26
C VAL R 197 62.44 55.62 31.04
N THR R 198 63.14 54.53 30.75
CA THR R 198 64.60 54.55 30.59
C THR R 198 64.93 54.19 29.15
N HIS R 199 65.34 55.20 28.38
CA HIS R 199 65.77 54.99 27.00
C HIS R 199 67.28 54.81 26.96
N GLU R 200 67.80 54.53 25.76
CA GLU R 200 69.25 54.39 25.58
C GLU R 200 69.90 55.77 25.68
N GLY R 201 70.60 56.01 26.77
CA GLY R 201 71.21 57.32 27.01
C GLY R 201 70.54 58.05 28.16
N SER R 202 69.83 59.13 27.83
CA SER R 202 69.10 59.87 28.85
C SER R 202 67.73 59.25 29.10
N THR R 203 67.22 59.47 30.30
CA THR R 203 65.92 58.95 30.72
C THR R 203 64.99 60.11 31.08
N VAL R 204 63.69 59.88 30.91
CA VAL R 204 62.67 60.88 31.20
C VAL R 204 61.92 60.45 32.46
N GLU R 205 61.63 61.42 33.32
CA GLU R 205 60.94 61.17 34.58
C GLU R 205 59.66 62.01 34.64
N LYS R 206 58.63 61.44 35.25
CA LYS R 206 57.36 62.13 35.42
C LYS R 206 56.55 61.41 36.49
N THR R 207 56.05 62.16 37.46
CA THR R 207 55.29 61.61 38.57
C THR R 207 53.87 62.19 38.56
N VAL R 208 53.08 61.76 39.54
CA VAL R 208 51.71 62.25 39.70
C VAL R 208 51.54 62.86 41.07
N ALA R 209 50.34 63.33 41.38
CA ALA R 209 50.09 63.92 42.69
C ALA R 209 50.20 62.84 43.77
N PRO R 210 50.81 63.14 44.92
CA PRO R 210 50.97 62.14 45.98
C PRO R 210 49.67 61.90 46.74
N THR R 211 48.63 61.49 46.02
CA THR R 211 47.34 61.21 46.61
C THR R 211 46.59 60.17 45.80
C1 NAG S . -28.71 -64.31 13.98
C2 NAG S . -29.38 -65.23 12.96
C3 NAG S . -28.38 -65.66 11.91
C4 NAG S . -27.76 -64.44 11.25
C5 NAG S . -27.14 -63.54 12.32
C6 NAG S . -26.59 -62.27 11.68
C7 NAG S . -31.19 -66.55 13.92
C8 NAG S . -31.62 -67.94 14.32
N2 NAG S . -29.91 -66.43 13.60
O3 NAG S . -29.05 -66.46 10.92
O4 NAG S . -26.76 -64.85 10.32
O5 NAG S . -28.12 -63.20 13.29
O6 NAG S . -25.74 -62.61 10.59
O7 NAG S . -31.96 -65.62 13.90
C1 NAG T . -5.12 -83.03 36.16
C2 NAG T . -6.12 -83.67 37.09
C3 NAG T . -5.63 -85.06 37.44
C4 NAG T . -5.48 -85.83 36.15
C5 NAG T . -4.51 -85.11 35.24
C6 NAG T . -4.36 -85.87 33.92
C7 NAG T . -7.28 -82.11 38.56
C8 NAG T . -7.90 -82.30 39.91
N2 NAG T . -6.22 -82.87 38.30
O3 NAG T . -6.59 -85.69 38.29
O4 NAG T . -5.00 -87.15 36.42
O5 NAG T . -4.99 -83.81 34.97
O6 NAG T . -5.65 -85.95 33.30
O7 NAG T . -7.72 -81.32 37.75
C1 NAG U . -14.98 -13.68 68.63
C2 NAG U . -14.65 -12.96 69.92
C3 NAG U . -15.34 -13.65 71.07
C4 NAG U . -16.83 -13.64 70.80
C5 NAG U . -17.09 -14.34 69.49
C6 NAG U . -18.57 -14.30 69.15
C7 NAG U . -12.35 -12.13 69.84
C8 NAG U . -11.03 -12.26 70.51
N2 NAG U . -13.23 -13.04 70.18
O3 NAG U . -15.04 -12.95 72.26
O4 NAG U . -17.55 -14.30 71.84
O5 NAG U . -16.38 -13.66 68.47
O6 NAG U . -18.97 -12.93 69.09
O7 NAG U . -12.59 -11.25 69.03
C1 NAG V . -23.64 0.65 50.24
C2 NAG V . -23.05 -0.67 50.68
C3 NAG V . -24.19 -1.64 50.88
C4 NAG V . -25.23 -1.13 51.85
C5 NAG V . -25.73 0.21 51.35
C6 NAG V . -26.65 0.85 52.37
C7 NAG V . -20.93 -1.49 49.86
C8 NAG V . -20.15 -1.88 48.64
N2 NAG V . -22.20 -1.20 49.65
O3 NAG V . -23.67 -2.86 51.41
O4 NAG V . -26.31 -2.05 51.85
O5 NAG V . -24.62 1.09 51.16
O6 NAG V . -25.83 1.43 53.39
O7 NAG V . -20.43 -1.47 50.96
C1 NAG W . 12.06 -78.03 115.35
C2 NAG W . 12.53 -77.99 116.80
C3 NAG W . 11.38 -77.61 117.71
C4 NAG W . 10.80 -76.28 117.26
C5 NAG W . 10.39 -76.37 115.80
C6 NAG W . 9.93 -75.01 115.31
C7 NAG W . 14.37 -79.52 117.20
C8 NAG W . 14.76 -80.96 117.28
N2 NAG W . 13.06 -79.27 117.22
O3 NAG W . 11.87 -77.49 119.06
O4 NAG W . 9.66 -75.96 118.07
O5 NAG W . 11.50 -76.77 115.01
O6 NAG W . 11.05 -74.11 115.35
O7 NAG W . 15.20 -78.62 117.11
C1 NAG X . 12.56 -99.95 91.10
C2 NAG X . 11.92 -101.18 91.74
C3 NAG X . 11.64 -102.21 90.68
C4 NAG X . 10.76 -101.63 89.60
C5 NAG X . 11.44 -100.40 89.04
C6 NAG X . 10.55 -99.74 87.99
C7 NAG X . 12.61 -101.72 93.96
C8 NAG X . 13.82 -101.89 94.83
N2 NAG X . 12.82 -101.81 92.67
O3 NAG X . 10.97 -103.30 91.31
O4 NAG X . 10.56 -102.60 88.58
O5 NAG X . 11.70 -99.48 90.07
O6 NAG X . 9.38 -99.22 88.62
O7 NAG X . 11.50 -101.51 94.40
C1 NAG Y . 17.29 -104.80 70.49
C2 NAG Y . 17.33 -106.31 70.24
C3 NAG Y . 16.92 -106.52 68.80
C4 NAG Y . 15.55 -105.93 68.54
C5 NAG Y . 15.59 -104.44 68.88
C6 NAG Y . 14.22 -103.81 68.72
C7 NAG Y . 19.07 -107.53 71.36
C8 NAG Y . 20.49 -108.02 71.28
N2 NAG Y . 18.67 -106.83 70.31
O3 NAG Y . 16.90 -107.91 68.51
O4 NAG Y . 15.17 -106.12 67.18
O5 NAG Y . 16.00 -104.30 70.23
O6 NAG Y . 13.35 -104.38 69.72
O7 NAG Y . 18.34 -107.74 72.30
C1 NAG Z . 64.06 -30.88 9.38
C2 NAG Z . 65.31 -30.14 8.92
C3 NAG Z . 65.34 -28.78 9.58
C4 NAG Z . 64.06 -28.04 9.23
C5 NAG Z . 62.85 -28.87 9.68
C6 NAG Z . 61.55 -28.16 9.32
C7 NAG Z . 67.11 -31.64 8.31
C8 NAG Z . 67.87 -32.82 8.82
N2 NAG Z . 66.51 -30.88 9.22
O3 NAG Z . 66.46 -28.04 9.12
O4 NAG Z . 64.03 -26.77 9.88
O5 NAG Z . 62.88 -30.15 9.05
O6 NAG Z . 61.45 -28.05 7.91
O7 NAG Z . 67.04 -31.38 7.12
C1 NAG AA . 65.03 -46.07 43.29
C2 NAG AA . 65.63 -47.46 43.15
C3 NAG AA . 66.53 -47.72 44.35
C4 NAG AA . 67.58 -46.62 44.42
C5 NAG AA . 66.90 -45.26 44.51
C6 NAG AA . 67.93 -44.14 44.56
C7 NAG AA . 64.19 -49.01 41.95
C8 NAG AA . 64.63 -50.43 41.72
N2 NAG AA . 64.59 -48.46 43.10
O3 NAG AA . 67.17 -48.98 44.21
O4 NAG AA . 68.41 -46.82 45.57
O5 NAG AA . 66.05 -45.07 43.38
O6 NAG AA . 68.70 -44.17 43.35
O7 NAG AA . 63.51 -48.40 41.13
C1 NAG BA . -0.97 -70.61 11.60
C2 NAG BA . -2.05 -71.60 12.01
C3 NAG BA . -1.46 -73.00 12.09
C4 NAG BA . -0.83 -73.34 10.76
C5 NAG BA . 0.22 -72.29 10.40
C6 NAG BA . 0.82 -72.59 9.03
C7 NAG BA . -3.67 -70.52 13.49
C8 NAG BA . -4.34 -70.67 14.82
N2 NAG BA . -2.58 -71.26 13.32
O3 NAG BA . -2.50 -73.93 12.39
O4 NAG BA . -0.21 -74.64 10.83
O5 NAG BA . -0.38 -71.01 10.38
O6 NAG BA . -0.22 -72.51 8.05
O7 NAG BA . -4.10 -69.79 12.62
C1 NAG CA . -5.01 -54.85 -7.24
C2 NAG CA . -4.24 -55.33 -6.02
C3 NAG CA . -2.99 -56.06 -6.47
C4 NAG CA . -3.32 -57.18 -7.43
C5 NAG CA . -4.12 -56.63 -8.59
C6 NAG CA . -4.57 -57.77 -9.51
C7 NAG CA . -4.25 -54.05 -3.97
C8 NAG CA . -4.24 -52.64 -3.46
N2 NAG CA . -3.83 -54.21 -5.21
O3 NAG CA . -2.32 -56.60 -5.33
O4 NAG CA . -2.10 -57.75 -7.92
O5 NAG CA . -5.27 -55.94 -8.12
O6 NAG CA . -5.51 -58.58 -8.80
O7 NAG CA . -4.62 -54.98 -3.28
C1 NAG DA . 32.12 -112.39 76.61
C2 NAG DA . 31.40 -113.49 77.38
C3 NAG DA . 31.17 -114.71 76.52
C4 NAG DA . 30.42 -114.30 75.27
C5 NAG DA . 31.16 -113.19 74.55
C6 NAG DA . 30.32 -112.70 73.38
C7 NAG DA . 31.77 -113.46 79.78
C8 NAG DA . 32.81 -113.58 80.85
N2 NAG DA . 32.15 -113.85 78.56
O3 NAG DA . 30.39 -115.65 77.25
O4 NAG DA . 30.30 -115.43 74.40
O5 NAG DA . 31.38 -112.09 75.42
O6 NAG DA . 28.99 -112.48 73.86
O7 NAG DA . 30.66 -113.03 80.00
C1 NAG EA . 57.95 -92.76 80.49
C2 NAG EA . 59.12 -93.68 80.73
C3 NAG EA . 60.40 -92.90 80.74
C4 NAG EA . 60.55 -92.16 79.43
C5 NAG EA . 59.34 -91.27 79.23
C6 NAG EA . 59.42 -90.56 77.88
C7 NAG EA . 58.62 -95.51 82.22
C8 NAG EA . 58.18 -95.85 83.61
N2 NAG EA . 59.04 -94.28 82.05
O3 NAG EA . 61.49 -93.82 80.88
O4 NAG EA . 61.74 -91.37 79.45
O5 NAG EA . 58.17 -92.06 79.27
O6 NAG EA . 59.31 -91.52 76.84
O7 NAG EA . 58.59 -96.30 81.30
C1 NAG FA . 65.90 -72.65 81.36
C2 NAG FA . 67.26 -72.57 82.02
C3 NAG FA . 68.00 -71.43 81.38
C4 NAG FA . 68.12 -71.66 79.89
C5 NAG FA . 66.73 -71.78 79.31
C6 NAG FA . 66.77 -72.11 77.83
C7 NAG FA . 67.40 -73.07 84.36
C8 NAG FA . 67.36 -72.51 85.74
N2 NAG FA . 67.15 -72.19 83.40
O3 NAG FA . 69.31 -71.34 81.95
O4 NAG FA . 68.83 -70.57 79.28
O5 NAG FA . 66.05 -72.85 79.97
O6 NAG FA . 67.32 -73.42 77.69
O7 NAG FA . 67.65 -74.23 84.10
C1 NAG GA . 34.65 -119.72 91.63
C2 NAG GA . 33.57 -120.67 92.11
C3 NAG GA . 33.23 -121.65 91.00
C4 NAG GA . 32.83 -120.89 89.75
C5 NAG GA . 33.95 -119.93 89.36
C6 NAG GA . 33.54 -119.10 88.15
C7 NAG GA . 33.58 -121.07 94.49
C8 NAG GA . 34.63 -121.11 95.56
N2 NAG GA . 34.00 -121.40 93.28
O3 NAG GA . 32.14 -122.49 91.42
O4 NAG GA . 32.59 -121.80 88.68
O5 NAG GA . 34.24 -119.06 90.44
O6 NAG GA . 32.47 -118.24 88.50
O7 NAG GA . 32.44 -120.76 94.72
C1 NAG HA . 3.51 -22.87 87.77
C2 NAG HA . 4.52 -22.46 88.82
C3 NAG HA . 4.23 -23.25 90.09
C4 NAG HA . 2.80 -22.99 90.52
C5 NAG HA . 1.85 -23.37 89.39
C6 NAG HA . 0.41 -23.08 89.78
C7 NAG HA . 6.62 -21.81 87.77
C8 NAG HA . 7.25 -20.79 88.68
N2 NAG HA . 5.88 -22.74 88.37
O3 NAG HA . 5.13 -22.83 91.13
O4 NAG HA . 2.50 -23.76 91.69
O5 NAG HA . 2.18 -22.63 88.21
O6 NAG HA . 0.24 -21.66 89.95
O7 NAG HA . 6.78 -21.79 86.57
C1 NAG IA . 59.25 -20.24 34.69
C2 NAG IA . 60.35 -21.24 34.32
C3 NAG IA . 61.35 -21.34 35.45
C4 NAG IA . 61.90 -19.96 35.76
C5 NAG IA . 60.76 -19.01 36.08
C6 NAG IA . 61.30 -17.61 36.32
C7 NAG IA . 59.30 -22.93 32.93
C8 NAG IA . 58.24 -23.99 32.98
N2 NAG IA . 59.78 -22.55 34.10
O3 NAG IA . 62.42 -22.20 35.04
O4 NAG IA . 62.80 -20.02 36.88
O5 NAG IA . 59.82 -18.98 35.00
O6 NAG IA . 61.98 -17.18 35.14
O7 NAG IA . 59.68 -22.44 31.88
C1 NAG JA . 52.15 -2.14 19.11
C2 NAG JA . 51.96 -3.04 20.33
C3 NAG JA . 52.23 -2.24 21.60
C4 NAG JA . 53.60 -1.61 21.55
C5 NAG JA . 53.73 -0.77 20.31
C6 NAG JA . 55.15 -0.21 20.16
C7 NAG JA . 50.30 -4.79 20.22
C8 NAG JA . 48.98 -5.06 19.57
N2 NAG JA . 50.59 -3.51 20.40
O3 NAG JA . 52.14 -3.10 22.72
O4 NAG JA . 53.78 -0.78 22.71
O5 NAG JA . 53.44 -1.55 19.14
O6 NAG JA . 56.04 -1.30 19.89
O7 NAG JA . 51.04 -5.69 20.58
C1 NAG KA . 65.32 -74.58 99.46
C2 NAG KA . 66.16 -75.71 100.03
C3 NAG KA . 67.50 -75.17 100.51
C4 NAG KA . 68.19 -74.43 99.38
C5 NAG KA . 67.27 -73.35 98.83
C6 NAG KA . 67.90 -72.69 97.62
C7 NAG KA . 64.79 -77.51 100.92
C8 NAG KA . 63.81 -77.87 101.99
N2 NAG KA . 65.48 -76.39 101.11
O3 NAG KA . 68.32 -76.27 100.95
O4 NAG KA . 69.40 -73.85 99.85
O5 NAG KA . 66.03 -73.90 98.43
O6 NAG KA . 67.96 -73.67 96.56
O7 NAG KA . 64.94 -78.20 99.92
C1 NAG LA . 36.55 -65.77 112.94
C2 NAG LA . 36.81 -65.71 114.44
C3 NAG LA . 35.58 -65.19 115.15
C4 NAG LA . 35.19 -63.83 114.59
C5 NAG LA . 34.99 -63.95 113.09
C6 NAG LA . 34.68 -62.59 112.48
C7 NAG LA . 38.32 -67.42 115.25
C8 NAG LA . 38.53 -68.91 115.32
N2 NAG LA . 37.08 -67.03 114.97
O3 NAG LA . 35.86 -65.06 116.55
O4 NAG LA . 33.99 -63.38 115.21
O5 NAG LA . 36.17 -64.48 112.48
O6 NAG LA . 35.83 -61.75 112.58
O7 NAG LA . 39.22 -66.62 115.42
C1 NAG MA . 15.51 -61.19 110.72
C2 NAG MA . 15.05 -61.20 112.17
C3 NAG MA . 13.81 -60.32 112.29
C4 NAG MA . 14.13 -58.92 111.79
C5 NAG MA . 14.62 -59.01 110.35
C6 NAG MA . 15.01 -57.62 109.84
C7 NAG MA . 15.53 -63.29 113.30
C8 NAG MA . 15.09 -64.69 113.52
N2 NAG MA . 14.69 -62.53 112.61
O3 NAG MA . 13.43 -60.26 113.67
O4 NAG MA . 12.94 -58.11 111.85
O5 NAG MA . 15.75 -59.85 110.28
O6 NAG MA . 16.17 -57.18 110.53
O7 NAG MA . 16.59 -62.85 113.72
C1 NAG NA . 54.44 -65.39 106.57
C2 NAG NA . 53.60 -64.31 107.25
C3 NAG NA . 53.56 -63.08 106.36
C4 NAG NA . 54.98 -62.63 106.06
C5 NAG NA . 55.76 -63.75 105.43
C6 NAG NA . 57.21 -63.34 105.19
C7 NAG NA . 51.79 -65.06 108.69
C8 NAG NA . 50.56 -64.31 109.11
N2 NAG NA . 52.24 -64.76 107.48
O3 NAG NA . 52.86 -62.03 107.02
O4 NAG NA . 54.95 -61.50 105.17
O5 NAG NA . 55.75 -64.90 106.28
O6 NAG NA . 57.85 -63.13 106.45
O7 NAG NA . 52.32 -65.87 109.42
C1 NAG OA . 66.19 -89.83 108.37
C2 NAG OA . 67.27 -88.79 108.13
C3 NAG OA . 68.34 -89.36 107.22
C4 NAG OA . 68.90 -90.62 107.86
C5 NAG OA . 67.78 -91.61 108.11
C6 NAG OA . 68.29 -92.86 108.82
C7 NAG OA . 66.30 -86.56 108.23
C8 NAG OA . 65.43 -85.57 107.52
N2 NAG OA . 66.71 -87.60 107.51
O3 NAG OA . 69.39 -88.39 107.06
O4 NAG OA . 69.86 -91.21 106.98
O5 NAG OA . 66.78 -91.01 108.93
O6 NAG OA . 68.69 -92.50 110.14
O7 NAG OA . 66.61 -86.42 109.40
C1 NAG PA . -65.17 29.08 -41.00
C2 NAG PA . -65.94 29.69 -42.17
C3 NAG PA . -67.24 28.93 -42.36
C4 NAG PA . -66.94 27.45 -42.56
C5 NAG PA . -66.14 26.92 -41.38
C6 NAG PA . -65.74 25.46 -41.57
C7 NAG PA . -65.49 32.06 -42.45
C8 NAG PA . -65.69 33.41 -41.84
N2 NAG PA . -66.25 31.09 -41.96
O3 NAG PA . -67.94 29.45 -43.48
O4 NAG PA . -68.18 26.74 -42.68
O5 NAG PA . -64.94 27.69 -41.24
O6 NAG PA . -66.90 24.62 -41.54
O7 NAG PA . -64.68 31.87 -43.34
C1 NAG QA . -55.82 65.11 -29.04
C2 NAG QA . -57.30 65.13 -29.38
C3 NAG QA . -57.75 66.55 -29.58
C4 NAG QA . -57.43 67.35 -28.34
C5 NAG QA . -55.95 67.26 -28.04
C6 NAG QA . -55.61 68.02 -26.75
C7 NAG QA . -57.90 63.07 -30.54
C8 NAG QA . -57.85 62.33 -31.84
N2 NAG QA . -57.55 64.36 -30.59
O3 NAG QA . -59.16 66.58 -29.83
O4 NAG QA . -57.80 68.72 -28.52
O5 NAG QA . -55.57 65.89 -27.88
O6 NAG QA . -56.24 67.35 -25.64
O7 NAG QA . -58.23 62.54 -29.49
C1 NAG RA . -33.37 -0.65 -63.27
C2 NAG RA . -32.86 -1.02 -64.67
C3 NAG RA . -33.99 -0.97 -65.67
C4 NAG RA . -35.12 -1.88 -65.22
C5 NAG RA . -35.56 -1.48 -63.82
C6 NAG RA . -36.64 -2.43 -63.32
C7 NAG RA . -30.54 -0.25 -64.81
C8 NAG RA . -29.80 1.01 -64.50
N2 NAG RA . -31.84 -0.09 -65.10
O3 NAG RA . -33.49 -1.41 -66.93
O4 NAG RA . -36.21 -1.81 -66.13
O5 NAG RA . -34.45 -1.52 -62.92
O6 NAG RA . -36.09 -3.74 -63.19
O7 NAG RA . -30.01 -1.34 -64.79
C1 NAG SA . -29.23 -16.13 -44.07
C2 NAG SA . -29.51 -14.78 -44.69
C3 NAG SA . -31.00 -14.54 -44.77
C4 NAG SA . -31.73 -15.69 -45.42
C5 NAG SA . -31.37 -17.00 -44.77
C6 NAG SA . -31.93 -18.16 -45.59
C7 NAG SA . -28.11 -12.85 -44.31
C8 NAG SA . -27.50 -11.94 -43.29
N2 NAG SA . -28.95 -13.76 -43.84
O3 NAG SA . -31.24 -13.36 -45.52
O4 NAG SA . -33.14 -15.48 -45.28
O5 NAG SA . -29.95 -17.16 -44.71
O6 NAG SA . -31.07 -18.37 -46.72
O7 NAG SA . -27.86 -12.73 -45.49
C1 NAG TA . -61.27 85.63 -85.71
C2 NAG TA . -62.54 86.30 -86.20
C3 NAG TA . -63.16 87.11 -85.08
C4 NAG TA . -63.44 86.21 -83.92
C5 NAG TA . -62.15 85.54 -83.48
C6 NAG TA . -62.40 84.58 -82.34
C7 NAG TA . -62.51 86.96 -88.51
C8 NAG TA . -61.74 87.74 -89.53
N2 NAG TA . -62.24 87.24 -87.25
O3 NAG TA . -64.38 87.66 -85.56
O4 NAG TA . -63.98 86.98 -82.84
O5 NAG TA . -61.60 84.83 -84.58
O6 NAG TA . -63.20 83.50 -82.82
O7 NAG TA . -63.31 86.10 -88.81
C1 NAG UA . -55.78 93.58 -66.32
C2 NAG UA . -56.48 94.91 -66.06
C3 NAG UA . -56.64 95.04 -64.57
C4 NAG UA . -57.43 93.86 -64.04
C5 NAG UA . -56.68 92.59 -64.39
C6 NAG UA . -57.46 91.36 -63.90
C7 NAG UA . -55.98 96.65 -67.63
C8 NAG UA . -54.99 97.68 -68.09
N2 NAG UA . -55.70 96.04 -66.50
O3 NAG UA . -57.34 96.26 -64.27
O4 NAG UA . -57.56 93.96 -62.62
O5 NAG UA . -56.53 92.51 -65.78
O6 NAG UA . -58.70 91.32 -64.59
O7 NAG UA . -56.99 96.38 -68.25
C1 NAG VA . -54.09 78.99 -121.83
C2 NAG VA . -53.55 78.95 -123.26
C3 NAG VA . -54.25 77.87 -124.03
C4 NAG VA . -54.08 76.55 -123.31
C5 NAG VA . -54.60 76.67 -121.88
C6 NAG VA . -54.38 75.36 -121.12
C7 NAG VA . -52.89 81.08 -124.20
C8 NAG VA . -53.24 82.52 -123.95
N2 NAG VA . -53.84 80.21 -123.92
O3 NAG VA . -53.66 77.82 -125.33
O4 NAG VA . -54.80 75.53 -124.00
O5 NAG VA . -53.92 77.72 -121.20
O6 NAG VA . -54.95 74.29 -121.87
O7 NAG VA . -51.80 80.75 -124.63
C1 NAG WA . 1.25 80.10 -20.03
C2 NAG WA . 0.93 81.38 -20.78
C3 NAG WA . 1.05 82.55 -19.81
C4 NAG WA . 0.10 82.30 -18.64
C5 NAG WA . 0.45 80.98 -17.97
C6 NAG WA . -0.48 80.66 -16.81
C7 NAG WA . 1.45 81.28 -23.14
C8 NAG WA . 2.52 81.41 -24.18
N2 NAG WA . 1.80 81.62 -21.90
O3 NAG WA . 0.71 83.76 -20.47
O4 NAG WA . 0.21 83.39 -17.71
O5 NAG WA . 0.36 79.94 -18.93
O6 NAG WA . -0.26 81.58 -15.73
O7 NAG WA . 0.33 80.90 -23.41
C1 NAG XA . 34.50 59.85 -20.27
C2 NAG XA . 35.99 60.06 -20.23
C3 NAG XA . 36.62 59.01 -21.12
C4 NAG XA . 36.20 57.64 -20.61
C5 NAG XA . 34.68 57.54 -20.63
C6 NAG XA . 34.24 56.20 -20.10
C7 NAG XA . 36.54 62.36 -19.76
C8 NAG XA . 36.81 63.72 -20.34
N2 NAG XA . 36.35 61.39 -20.64
O3 NAG XA . 38.04 59.14 -21.09
O4 NAG XA . 36.73 56.63 -21.46
O5 NAG XA . 34.13 58.56 -19.80
O6 NAG XA . 34.56 56.15 -18.70
O7 NAG XA . 36.48 62.17 -18.56
C1 NAG YA . 20.45 70.65 -52.76
C2 NAG YA . 20.90 72.04 -52.31
C3 NAG YA . 21.57 72.75 -53.46
C4 NAG YA . 22.74 71.92 -53.95
C5 NAG YA . 22.24 70.54 -54.34
C6 NAG YA . 23.42 69.66 -54.74
C7 NAG YA . 19.40 72.88 -50.64
C8 NAG YA . 18.09 73.53 -50.35
N2 NAG YA . 19.73 72.80 -51.91
O3 NAG YA . 22.04 74.02 -53.02
O4 NAG YA . 23.41 72.55 -55.05
O5 NAG YA . 21.59 69.94 -53.23
O6 NAG YA . 24.32 69.57 -53.63
O7 NAG YA . 20.12 72.43 -49.76
C1 NAG ZA . -40.89 58.34 -6.96
C2 NAG ZA . -42.41 58.43 -7.03
C3 NAG ZA . -42.83 59.87 -7.01
C4 NAG ZA . -42.29 60.53 -5.76
C5 NAG ZA . -40.77 60.38 -5.72
C6 NAG ZA . -40.19 60.95 -4.45
C7 NAG ZA . -43.27 56.64 -8.49
C8 NAG ZA . -44.48 56.48 -9.34
N2 NAG ZA . -42.89 57.90 -8.29
O3 NAG ZA . -44.25 59.91 -7.00
O4 NAG ZA . -42.70 61.90 -5.72
O5 NAG ZA . -40.43 59.00 -5.79
O6 NAG ZA . -40.57 62.32 -4.29
O7 NAG ZA . -42.67 55.69 -8.04
C1 NAG AB . -31.65 43.87 11.53
C2 NAG AB . -31.49 44.61 10.23
C3 NAG AB . -30.87 45.94 10.51
C4 NAG AB . -31.67 46.74 11.50
C5 NAG AB . -31.82 45.93 12.77
C6 NAG AB . -32.77 46.63 13.73
C7 NAG AB . -31.07 43.44 8.15
C8 NAG AB . -30.09 42.64 7.35
N2 NAG AB . -30.63 43.88 9.33
O3 NAG AB . -30.83 46.67 9.28
O4 NAG AB . -30.95 47.94 11.81
O5 NAG AB . -32.38 44.67 12.45
O6 NAG AB . -34.10 46.53 13.21
O7 NAG AB . -32.18 43.67 7.75
C1 NAG BB . -49.12 107.24 -74.73
C2 NAG BB . -50.11 108.16 -75.45
C3 NAG BB . -50.56 109.25 -74.48
C4 NAG BB . -51.17 108.59 -73.26
C5 NAG BB . -50.16 107.66 -72.63
C6 NAG BB . -50.81 106.94 -71.45
C7 NAG BB . -49.78 108.30 -77.84
C8 NAG BB . -49.14 109.05 -78.97
N2 NAG BB . -49.53 108.77 -76.62
O3 NAG BB . -51.54 110.08 -75.13
O4 NAG BB . -51.55 109.60 -72.32
O5 NAG BB . -49.74 106.69 -73.57
O6 NAG BB . -51.97 106.26 -71.94
O7 NAG BB . -50.48 107.32 -78.03
C1 NAG CB . -17.99 104.57 -84.97
C2 NAG CB . -17.73 105.98 -85.48
C3 NAG CB . -16.28 106.11 -85.87
C4 NAG CB . -15.41 105.81 -84.68
C5 NAG CB . -15.74 104.41 -84.19
C6 NAG CB . -14.92 104.06 -82.96
C7 NAG CB . -19.62 106.95 -86.58
C8 NAG CB . -20.52 106.89 -87.79
N2 NAG CB . -18.51 106.24 -86.66
O3 NAG CB . -16.03 107.45 -86.32
O4 NAG CB . -14.04 105.90 -85.05
O5 NAG CB . -17.11 104.34 -83.87
O6 NAG CB . -15.30 104.94 -81.90
O7 NAG CB . -19.88 107.60 -85.60
C1 NAG DB . -0.96 91.59 -88.68
C2 NAG DB . -0.01 92.25 -89.65
C3 NAG DB . 1.38 91.74 -89.33
C4 NAG DB . 1.72 92.06 -87.88
C5 NAG DB . 0.69 91.41 -86.99
C6 NAG DB . 0.96 91.74 -85.54
C7 NAG DB . -0.86 92.76 -91.81
C8 NAG DB . -1.40 92.21 -93.10
N2 NAG DB . -0.28 91.89 -91.01
O3 NAG DB . 2.33 92.38 -90.18
O4 NAG DB . 3.02 91.55 -87.56
O5 NAG DB . -0.59 91.89 -87.34
O6 NAG DB . 0.91 93.17 -85.37
O7 NAG DB . -0.94 93.92 -91.50
C1 NAG EB . -54.75 113.50 -91.51
C2 NAG EB . -55.20 114.17 -90.22
C3 NAG EB . -56.69 113.99 -90.03
C4 NAG EB . -57.44 114.53 -91.24
C5 NAG EB . -56.91 113.84 -92.50
C6 NAG EB . -57.58 114.43 -93.74
C7 NAG EB . -53.39 114.10 -88.58
C8 NAG EB . -52.50 113.14 -87.86
N2 NAG EB . -54.51 113.58 -89.08
O3 NAG EB . -57.11 114.70 -88.86
O4 NAG EB . -58.83 114.28 -91.09
O5 NAG EB . -55.51 114.02 -92.60
O6 NAG EB . -57.09 115.75 -93.95
O7 NAG EB . -53.11 115.28 -88.71
C1 NAG FB . 11.16 18.55 -79.46
C2 NAG FB . 11.18 19.42 -80.71
C3 NAG FB . 12.42 19.08 -81.50
C4 NAG FB . 13.64 19.32 -80.62
C5 NAG FB . 13.53 18.45 -79.37
C6 NAG FB . 14.71 18.67 -78.41
C7 NAG FB . 8.97 20.01 -81.52
C8 NAG FB . 7.73 19.51 -82.21
N2 NAG FB . 10.02 19.19 -81.56
O3 NAG FB . 12.48 19.89 -82.67
O4 NAG FB . 14.82 18.97 -81.36
O5 NAG FB . 12.33 18.79 -78.69
O6 NAG FB . 15.91 18.15 -78.98
O7 NAG FB . 9.01 21.10 -80.97
C1 NAG GB . -9.73 -13.58 -70.89
C2 NAG GB . -9.72 -15.01 -71.42
C3 NAG GB . -10.98 -15.72 -70.95
C4 NAG GB . -11.07 -15.65 -69.43
C5 NAG GB . -11.02 -14.20 -68.98
C6 NAG GB . -11.07 -14.05 -67.47
C7 NAG GB . -8.55 -15.02 -73.56
C8 NAG GB . -7.67 -16.21 -73.39
N2 NAG GB . -9.69 -15.02 -72.85
O3 NAG GB . -10.96 -17.08 -71.37
O4 NAG GB . -12.30 -16.24 -69.00
O5 NAG GB . -9.83 -13.58 -69.47
O6 NAG GB . -9.76 -14.33 -66.94
O7 NAG GB . -8.25 -14.08 -74.28
C1 NAG HB . -27.44 15.45 -84.83
C2 NAG HB . -26.80 14.98 -86.11
C3 NAG HB . -27.79 15.13 -87.25
C4 NAG HB . -29.04 14.33 -86.91
C5 NAG HB . -29.61 14.83 -85.59
C6 NAG HB . -30.83 14.01 -85.19
C7 NAG HB . -24.44 15.44 -86.00
C8 NAG HB . -23.47 16.54 -85.75
N2 NAG HB . -25.65 15.80 -86.40
O3 NAG HB . -27.22 14.62 -88.46
O4 NAG HB . -30.02 14.50 -87.95
O5 NAG HB . -28.62 14.70 -84.58
O6 NAG HB . -30.42 12.67 -84.91
O7 NAG HB . -24.15 14.26 -85.84
C1 NAG IB . 31.07 46.47 -44.70
C2 NAG IB . 31.30 47.88 -44.22
C3 NAG IB . 31.85 48.75 -45.32
C4 NAG IB . 33.14 48.12 -45.80
C5 NAG IB . 32.86 46.69 -46.25
C6 NAG IB . 34.13 46.03 -46.77
C7 NAG IB . 29.88 49.15 -42.73
C8 NAG IB . 29.71 48.43 -41.43
N2 NAG IB . 30.03 48.40 -43.80
O3 NAG IB . 32.11 50.04 -44.79
O4 NAG IB . 33.69 48.93 -46.84
O5 NAG IB . 32.30 45.94 -45.17
O6 NAG IB . 34.75 46.85 -47.77
O7 NAG IB . 29.87 50.37 -42.80
C1 NAG JB . 37.98 28.19 -28.85
C2 NAG JB . 37.08 28.72 -29.95
C3 NAG JB . 37.57 28.17 -31.27
C4 NAG JB . 39.01 28.54 -31.51
C5 NAG JB . 39.85 28.03 -30.36
C6 NAG JB . 41.28 28.51 -30.50
C7 NAG JB . 34.76 29.22 -29.57
C8 NAG JB . 33.43 28.70 -29.14
N2 NAG JB . 35.71 28.33 -29.76
O3 NAG JB . 36.78 28.77 -32.30
O4 NAG JB . 39.47 27.94 -32.72
O5 NAG JB . 39.32 28.54 -29.15
O6 NAG JB . 41.29 29.93 -30.25
O7 NAG JB . 34.96 30.41 -29.73
C1 NAG KB . 13.88 54.16 -75.71
C2 NAG KB . 15.40 54.12 -75.73
C3 NAG KB . 15.93 55.50 -76.02
C4 NAG KB . 15.38 55.96 -77.35
C5 NAG KB . 13.86 55.94 -77.29
C6 NAG KB . 13.25 56.37 -78.62
C7 NAG KB . 16.32 52.37 -74.29
C8 NAG KB . 17.43 52.19 -73.32
N2 NAG KB . 15.89 53.62 -74.45
O3 NAG KB . 17.37 55.46 -76.08
O4 NAG KB . 15.84 57.28 -77.64
O5 NAG KB . 13.41 54.63 -76.98
O6 NAG KB . 13.59 55.40 -79.62
O7 NAG KB . 15.82 51.43 -74.89
C1 NAG LB . -5.84 91.45 -105.43
C2 NAG LB . -5.74 92.77 -106.19
C3 NAG LB . -4.35 92.93 -106.77
C4 NAG LB . -3.34 92.84 -105.64
C5 NAG LB . -3.50 91.51 -104.91
C6 NAG LB . -2.57 91.48 -103.72
C7 NAG LB . -7.85 93.54 -107.10
C8 NAG LB . -8.77 93.55 -108.30
N2 NAG LB . -6.72 92.86 -107.26
O3 NAG LB . -4.25 94.21 -107.40
O4 NAG LB . -2.01 92.91 -106.18
O5 NAG LB . -4.84 91.41 -104.43
O6 NAG LB . -2.87 92.59 -102.86
O7 NAG LB . -8.12 94.13 -106.07
C1 NAG MB . -27.88 68.50 -114.05
C2 NAG MB . -27.80 68.63 -115.55
C3 NAG MB . -28.58 67.53 -116.23
C4 NAG MB . -28.05 66.19 -115.78
C5 NAG MB . -28.13 66.11 -114.27
C6 NAG MB . -27.54 64.81 -113.76
C7 NAG MB . -27.61 70.87 -116.38
C8 NAG MB . -28.25 72.23 -116.41
N2 NAG MB . -28.38 69.88 -115.98
O3 NAG MB . -28.44 67.66 -117.64
O4 NAG MB . -28.84 65.16 -116.37
O5 NAG MB . -27.41 67.19 -113.69
O6 NAG MB . -26.14 64.77 -114.08
O7 NAG MB . -26.46 70.67 -116.73
C1 NAG NB . -42.11 53.52 -107.80
C2 NAG NB . -43.11 53.21 -108.89
C3 NAG NB . -43.62 51.81 -108.66
C4 NAG NB . -42.45 50.85 -108.69
C5 NAG NB . -41.46 51.25 -107.62
C6 NAG NB . -40.25 50.34 -107.63
C7 NAG NB . -44.36 55.05 -109.75
C8 NAG NB . -45.44 56.06 -109.51
N2 NAG NB . -44.25 54.08 -108.85
O3 NAG NB . -44.56 51.47 -109.67
O4 NAG NB . -42.90 49.52 -108.46
O5 NAG NB . -41.04 52.58 -107.86
O6 NAG NB . -39.60 50.46 -108.90
O7 NAG NB . -43.63 55.08 -110.72
C1 NAG OB . -14.94 104.09 -114.52
C2 NAG OB . -15.00 105.57 -114.18
C3 NAG OB . -13.63 106.15 -114.41
C4 NAG OB . -12.61 105.36 -113.60
C5 NAG OB . -12.66 103.88 -113.97
C6 NAG OB . -11.69 103.07 -113.12
C7 NAG OB . -17.06 106.74 -114.67
C8 NAG OB . -17.89 107.39 -115.72
N2 NAG OB . -15.90 106.25 -115.07
O3 NAG OB . -13.61 107.51 -113.97
O4 NAG OB . -11.29 105.86 -113.86
O5 NAG OB . -13.98 103.38 -113.76
O6 NAG OB . -12.12 103.11 -111.75
O7 NAG OB . -17.40 106.68 -113.50
#